data_8V40
#
_entry.id   8V40
#
_cell.length_a   1.00
_cell.length_b   1.00
_cell.length_c   1.00
_cell.angle_alpha   90.00
_cell.angle_beta   90.00
_cell.angle_gamma   90.00
#
_symmetry.space_group_name_H-M   'P 1'
#
loop_
_entity.id
_entity.type
_entity.pdbx_description
1 polymer 'Tube (CD1364)'
2 polymer 'Sheath (CD1363)'
3 polymer 'Collar (CD1362)'
#
loop_
_entity_poly.entity_id
_entity_poly.type
_entity_poly.pdbx_seq_one_letter_code
_entity_poly.pdbx_strand_id
1 'polypeptide(L)'
;MANMEARNVMSGTWGELWLDGNKVAEVKKFQAKMEFTKEDIIIAGQMGTDTKYMGYKGKGSITLYHVSSRMHKLIGEKIK
RGSEPRFVAISKLNDPDSYGAERIAVKNIAFDDLTLADWEVGVKGEIEAPFTFTEYDFLDII
;
h,d,i,k,f,n,l,g,o,J,H,K,m,j,p,c,Y,e
2 'polypeptide(L)'
;MAIGLPSINISFKELATTVKERSARGIIAMVLKDAKALGLNEIHEKEDIPVDLSAENKEYINLALMGNVNTPNKLLVYVI
EGEADIQTALDFLETKEFNYLCMPKAVEADKTAIKNWIIKLRDIDKVKVKAVLGKVVGNHEGIINFTTEDVLVGEKKYSV
DEFTSRVAGLIAGTPLSQSVTYTKLSDVVDIPKMTKVDAESRVNKGELILIKEAGAIRIARGVNSLTELTAEKGEMFQKI
KIVDTLDIIHSDIRKVIIDDYIGKVTNSYDNKCLLIVAIKSYLEELEKSALIESDSTVEIDFEAQKSYLKSKGVDLSYMT
LQEIKEANTGSKVFLKAKIKVLDAMEDIDLSIEI
;
C,F,B,P,U,M,Q,V,N,D,E,A,R,W,O,S,T,L
3 'polypeptide(L)'
;MLKYKEILETIIEILKKNFTESIFIDDESVQGSEGSCFFVSILSVICTPVMLNTNNKDIVISIKYLPKPQSKSIRMYEIS
DELNKLFNRNIKVTDRKLNITKLEQSIKKEESIYVLNFTFTLNYLDSVYEEDVVYENMKEINLNLGE
;
I,Z,a,G,b,X
#
# COMPACT_ATOMS: atom_id res chain seq x y z
N ARG A 7 -11.78 -58.85 -14.20
CA ARG A 7 -11.64 -57.58 -13.49
C ARG A 7 -12.04 -56.42 -14.39
N ASN A 8 -12.87 -55.54 -13.86
CA ASN A 8 -13.38 -54.40 -14.62
C ASN A 8 -13.38 -53.17 -13.73
N VAL A 9 -13.34 -52.00 -14.36
CA VAL A 9 -13.44 -50.74 -13.62
C VAL A 9 -14.82 -50.64 -13.01
N MET A 10 -14.87 -50.24 -11.74
CA MET A 10 -16.13 -50.14 -11.04
C MET A 10 -16.97 -49.00 -11.59
N SER A 11 -18.20 -49.31 -11.97
CA SER A 11 -19.09 -48.30 -12.52
C SER A 11 -19.71 -47.46 -11.41
N GLY A 12 -20.06 -46.23 -11.75
CA GLY A 12 -20.67 -45.34 -10.78
C GLY A 12 -22.14 -45.58 -10.52
N THR A 13 -22.76 -46.48 -11.27
CA THR A 13 -24.18 -46.78 -11.06
C THR A 13 -24.41 -47.35 -9.67
N TRP A 14 -23.54 -48.25 -9.22
CA TRP A 14 -23.74 -48.95 -7.96
C TRP A 14 -23.17 -48.14 -6.79
N GLY A 15 -23.72 -46.95 -6.62
CA GLY A 15 -23.31 -46.04 -5.56
C GLY A 15 -24.42 -45.86 -4.53
N GLU A 16 -24.05 -46.00 -3.25
CA GLU A 16 -24.98 -45.81 -2.15
C GLU A 16 -24.37 -44.83 -1.15
N LEU A 17 -25.21 -43.99 -0.57
CA LEU A 17 -24.77 -42.96 0.36
C LEU A 17 -25.67 -42.94 1.58
N TRP A 18 -25.05 -42.97 2.76
CA TRP A 18 -25.76 -42.83 4.03
C TRP A 18 -25.35 -41.51 4.67
N LEU A 19 -26.33 -40.68 5.00
CA LEU A 19 -26.10 -39.39 5.62
C LEU A 19 -26.69 -39.40 7.02
N ASP A 20 -25.82 -39.30 8.02
CA ASP A 20 -26.23 -39.27 9.43
C ASP A 20 -27.06 -40.51 9.79
N GLY A 21 -26.69 -41.65 9.22
CA GLY A 21 -27.36 -42.90 9.51
C GLY A 21 -28.64 -43.15 8.75
N ASN A 22 -29.04 -42.23 7.88
CA ASN A 22 -30.25 -42.39 7.08
C ASN A 22 -29.86 -42.55 5.62
N LYS A 23 -30.38 -43.59 4.97
CA LYS A 23 -30.02 -43.86 3.59
C LYS A 23 -30.60 -42.80 2.67
N VAL A 24 -29.77 -42.27 1.79
CA VAL A 24 -30.19 -41.24 0.84
C VAL A 24 -30.53 -41.99 -0.45
N ALA A 25 -31.82 -42.31 -0.61
CA ALA A 25 -32.25 -43.11 -1.75
C ALA A 25 -32.03 -42.36 -3.05
N GLU A 26 -32.30 -41.06 -3.08
CA GLU A 26 -32.15 -40.25 -4.28
C GLU A 26 -30.77 -39.61 -4.27
N VAL A 27 -29.94 -39.98 -5.24
CA VAL A 27 -28.58 -39.48 -5.32
C VAL A 27 -28.08 -39.70 -6.74
N LYS A 28 -27.35 -38.71 -7.26
CA LYS A 28 -26.80 -38.78 -8.61
C LYS A 28 -25.28 -38.84 -8.62
N LYS A 29 -24.61 -37.94 -7.90
CA LYS A 29 -23.16 -37.94 -7.81
C LYS A 29 -22.73 -37.74 -6.37
N PHE A 30 -21.56 -38.27 -6.05
CA PHE A 30 -20.89 -38.01 -4.79
C PHE A 30 -19.42 -37.79 -5.06
N GLN A 31 -18.79 -36.93 -4.26
CA GLN A 31 -17.41 -36.55 -4.52
C GLN A 31 -16.79 -36.01 -3.24
N ALA A 32 -15.62 -36.57 -2.89
CA ALA A 32 -14.83 -36.07 -1.77
C ALA A 32 -13.38 -35.99 -2.23
N LYS A 33 -12.69 -34.94 -1.79
CA LYS A 33 -11.37 -34.66 -2.32
C LYS A 33 -10.54 -33.96 -1.26
N MET A 34 -9.23 -33.94 -1.48
CA MET A 34 -8.26 -33.49 -0.48
C MET A 34 -7.17 -32.70 -1.18
N GLU A 35 -7.09 -31.40 -0.90
CA GLU A 35 -6.09 -30.53 -1.50
C GLU A 35 -5.00 -30.24 -0.48
N PHE A 36 -3.75 -30.46 -0.87
CA PHE A 36 -2.62 -30.15 -0.02
C PHE A 36 -2.13 -28.74 -0.28
N THR A 37 -1.66 -28.08 0.78
CA THR A 37 -1.11 -26.75 0.70
C THR A 37 0.41 -26.86 0.67
N LYS A 38 1.03 -26.39 -0.41
CA LYS A 38 2.47 -26.47 -0.59
C LYS A 38 3.05 -25.07 -0.71
N GLU A 39 4.26 -24.91 -0.19
CA GLU A 39 4.95 -23.62 -0.19
C GLU A 39 6.27 -23.77 -0.93
N ASP A 40 6.55 -22.84 -1.84
CA ASP A 40 7.79 -22.89 -2.60
C ASP A 40 8.98 -22.52 -1.73
N ILE A 41 10.02 -23.33 -1.78
CA ILE A 41 11.26 -23.08 -1.05
C ILE A 41 12.42 -23.23 -2.01
N ILE A 42 13.29 -22.22 -2.05
CA ILE A 42 14.45 -22.20 -2.93
C ILE A 42 15.69 -22.45 -2.08
N ILE A 43 16.46 -23.46 -2.44
CA ILE A 43 17.68 -23.83 -1.73
C ILE A 43 18.87 -23.33 -2.51
N ALA A 44 19.83 -22.72 -1.81
CA ALA A 44 21.01 -22.17 -2.46
C ALA A 44 21.79 -23.26 -3.17
N GLY A 45 22.17 -22.98 -4.43
CA GLY A 45 22.95 -23.91 -5.21
C GLY A 45 22.17 -24.93 -6.00
N GLN A 46 20.84 -24.93 -5.90
CA GLN A 46 20.00 -25.88 -6.62
C GLN A 46 19.03 -25.12 -7.52
N MET A 47 19.05 -25.44 -8.81
CA MET A 47 18.10 -24.83 -9.74
C MET A 47 16.67 -25.31 -9.47
N GLY A 48 16.51 -26.58 -9.13
CA GLY A 48 15.18 -27.10 -8.85
C GLY A 48 14.55 -26.41 -7.64
N THR A 49 13.24 -26.22 -7.71
CA THR A 49 12.49 -25.57 -6.65
C THR A 49 11.67 -26.62 -5.93
N ASP A 50 12.06 -26.94 -4.71
CA ASP A 50 11.38 -27.95 -3.91
C ASP A 50 10.29 -27.29 -3.07
N THR A 51 9.35 -28.11 -2.60
CA THR A 51 8.17 -27.62 -1.92
C THR A 51 8.00 -28.31 -0.57
N LYS A 52 7.37 -27.60 0.36
CA LYS A 52 7.13 -28.08 1.71
C LYS A 52 5.64 -28.27 1.93
N TYR A 53 5.27 -29.37 2.56
CA TYR A 53 3.87 -29.69 2.85
C TYR A 53 3.46 -29.03 4.15
N MET A 54 2.40 -28.21 4.10
CA MET A 54 1.98 -27.42 5.25
C MET A 54 0.62 -27.80 5.80
N GLY A 55 -0.18 -28.57 5.07
CA GLY A 55 -1.51 -28.91 5.53
C GLY A 55 -2.39 -29.30 4.36
N TYR A 56 -3.66 -29.52 4.67
CA TYR A 56 -4.63 -29.90 3.65
C TYR A 56 -5.99 -29.29 3.96
N LYS A 57 -6.82 -29.23 2.93
CA LYS A 57 -8.21 -28.80 3.04
C LYS A 57 -9.09 -29.77 2.29
N GLY A 58 -10.29 -30.00 2.81
CA GLY A 58 -11.22 -30.98 2.24
C GLY A 58 -12.38 -30.29 1.55
N LYS A 59 -12.74 -30.80 0.37
CA LYS A 59 -13.84 -30.25 -0.41
C LYS A 59 -14.62 -31.40 -1.06
N GLY A 60 -15.88 -31.13 -1.36
CA GLY A 60 -16.72 -32.13 -2.01
C GLY A 60 -18.10 -31.57 -2.26
N SER A 61 -18.88 -32.34 -3.02
CA SER A 61 -20.24 -31.92 -3.36
C SER A 61 -21.11 -33.15 -3.55
N ILE A 62 -22.42 -32.95 -3.39
CA ILE A 62 -23.42 -33.99 -3.59
C ILE A 62 -24.47 -33.47 -4.55
N THR A 63 -24.93 -34.33 -5.45
CA THR A 63 -25.99 -33.99 -6.39
C THR A 63 -27.10 -35.03 -6.27
N LEU A 64 -28.34 -34.56 -6.14
CA LEU A 64 -29.47 -35.46 -5.95
C LEU A 64 -30.72 -34.83 -6.55
N TYR A 65 -31.67 -35.68 -6.90
CA TYR A 65 -32.94 -35.21 -7.43
C TYR A 65 -33.80 -34.62 -6.32
N HIS A 66 -34.67 -33.69 -6.67
CA HIS A 66 -35.48 -32.98 -5.69
C HIS A 66 -36.79 -33.72 -5.41
N VAL A 67 -36.64 -34.94 -4.88
CA VAL A 67 -37.80 -35.73 -4.53
C VAL A 67 -38.50 -35.16 -3.30
N SER A 68 -37.73 -34.78 -2.28
CA SER A 68 -38.29 -34.30 -1.02
C SER A 68 -37.46 -33.14 -0.51
N SER A 69 -37.99 -32.46 0.50
CA SER A 69 -37.29 -31.35 1.14
C SER A 69 -36.36 -31.88 2.22
N ARG A 70 -35.49 -32.82 1.85
CA ARG A 70 -34.61 -33.45 2.82
C ARG A 70 -33.62 -32.45 3.41
N MET A 71 -33.02 -31.61 2.58
CA MET A 71 -31.96 -30.73 3.04
C MET A 71 -32.48 -29.62 3.95
N HIS A 72 -33.75 -29.23 3.78
CA HIS A 72 -34.30 -28.18 4.64
C HIS A 72 -34.35 -28.62 6.09
N LYS A 73 -34.94 -29.79 6.35
CA LYS A 73 -35.18 -30.22 7.72
C LYS A 73 -33.90 -30.28 8.52
N LEU A 74 -32.76 -30.54 7.87
CA LEU A 74 -31.51 -30.71 8.61
C LEU A 74 -30.98 -29.40 9.16
N ILE A 75 -30.99 -28.34 8.35
CA ILE A 75 -30.18 -27.16 8.70
C ILE A 75 -30.95 -25.85 8.63
N GLY A 76 -32.13 -25.85 8.01
CA GLY A 76 -32.81 -24.58 7.76
C GLY A 76 -33.14 -23.83 9.03
N GLU A 77 -33.71 -24.52 10.02
CA GLU A 77 -34.07 -23.86 11.27
C GLU A 77 -32.83 -23.50 12.08
N LYS A 78 -31.83 -24.39 12.09
CA LYS A 78 -30.65 -24.18 12.94
C LYS A 78 -29.81 -23.02 12.43
N ILE A 79 -29.73 -22.83 11.11
CA ILE A 79 -28.85 -21.81 10.56
C ILE A 79 -29.30 -20.42 11.00
N LYS A 80 -30.60 -20.15 10.92
CA LYS A 80 -31.11 -18.83 11.30
C LYS A 80 -30.85 -18.54 12.78
N ARG A 81 -30.85 -19.57 13.62
CA ARG A 81 -30.61 -19.38 15.04
C ARG A 81 -29.14 -19.10 15.36
N GLY A 82 -28.22 -19.50 14.49
CA GLY A 82 -26.81 -19.23 14.66
C GLY A 82 -25.97 -20.41 15.11
N SER A 83 -26.54 -21.60 15.22
CA SER A 83 -25.80 -22.80 15.59
C SER A 83 -25.57 -23.66 14.36
N GLU A 84 -24.32 -24.00 14.10
CA GLU A 84 -23.97 -24.74 12.89
C GLU A 84 -23.92 -26.23 13.18
N PRO A 85 -24.68 -27.05 12.46
CA PRO A 85 -24.61 -28.50 12.65
C PRO A 85 -23.52 -29.15 11.79
N ARG A 86 -22.96 -30.23 12.33
CA ARG A 86 -21.93 -31.00 11.65
C ARG A 86 -22.41 -32.43 11.47
N PHE A 87 -22.15 -32.99 10.29
CA PHE A 87 -22.73 -34.26 9.89
C PHE A 87 -21.64 -35.27 9.56
N VAL A 88 -22.05 -36.53 9.42
CA VAL A 88 -21.17 -37.62 9.05
C VAL A 88 -21.81 -38.39 7.91
N ALA A 89 -21.04 -38.67 6.86
CA ALA A 89 -21.54 -39.36 5.68
C ALA A 89 -20.70 -40.58 5.38
N ILE A 90 -21.35 -41.61 4.84
CA ILE A 90 -20.70 -42.86 4.45
C ILE A 90 -21.09 -43.17 3.02
N SER A 91 -20.11 -43.49 2.18
CA SER A 91 -20.34 -43.82 0.78
C SER A 91 -19.79 -45.21 0.49
N LYS A 92 -20.62 -46.06 -0.10
CA LYS A 92 -20.24 -47.42 -0.42
C LYS A 92 -20.42 -47.65 -1.92
N LEU A 93 -19.41 -48.21 -2.57
CA LEU A 93 -19.41 -48.45 -4.00
C LEU A 93 -19.15 -49.93 -4.23
N ASN A 94 -20.18 -50.67 -4.63
CA ASN A 94 -20.13 -52.13 -4.73
C ASN A 94 -20.57 -52.53 -6.14
N ASP A 95 -19.60 -52.80 -7.00
CA ASP A 95 -19.88 -53.23 -8.36
C ASP A 95 -19.80 -54.75 -8.44
N PRO A 96 -20.85 -55.45 -8.88
CA PRO A 96 -20.76 -56.91 -8.98
C PRO A 96 -19.64 -57.40 -9.88
N ASP A 97 -19.34 -56.66 -10.95
CA ASP A 97 -18.26 -57.06 -11.84
C ASP A 97 -16.90 -56.87 -11.19
N SER A 98 -16.74 -55.82 -10.39
CA SER A 98 -15.45 -55.48 -9.83
C SER A 98 -14.99 -56.53 -8.81
N TYR A 99 -13.76 -56.37 -8.36
CA TYR A 99 -13.18 -57.33 -7.42
C TYR A 99 -13.83 -57.24 -6.05
N GLY A 100 -14.05 -56.02 -5.55
CA GLY A 100 -14.60 -55.84 -4.23
C GLY A 100 -15.36 -54.54 -4.07
N ALA A 101 -15.71 -54.21 -2.82
CA ALA A 101 -16.44 -52.99 -2.51
C ALA A 101 -15.67 -52.20 -1.46
N GLU A 102 -15.66 -50.89 -1.60
CA GLU A 102 -14.97 -50.01 -0.68
C GLU A 102 -15.96 -49.05 -0.02
N ARG A 103 -15.66 -48.69 1.23
CA ARG A 103 -16.52 -47.81 2.00
C ARG A 103 -15.67 -46.68 2.58
N ILE A 104 -16.21 -45.46 2.53
CA ILE A 104 -15.52 -44.27 3.02
C ILE A 104 -16.38 -43.62 4.09
N ALA A 105 -15.76 -43.28 5.20
CA ALA A 105 -16.43 -42.54 6.27
C ALA A 105 -15.87 -41.13 6.29
N VAL A 106 -16.64 -40.17 5.79
CA VAL A 106 -16.25 -38.77 5.79
C VAL A 106 -16.96 -38.09 6.95
N LYS A 107 -16.18 -37.43 7.80
CA LYS A 107 -16.67 -36.93 9.08
C LYS A 107 -16.53 -35.42 9.17
N ASN A 108 -17.36 -34.83 10.03
CA ASN A 108 -17.36 -33.40 10.30
C ASN A 108 -17.60 -32.60 9.02
N ILE A 109 -18.79 -32.80 8.46
CA ILE A 109 -19.18 -32.18 7.20
C ILE A 109 -19.95 -30.90 7.49
N ALA A 110 -19.57 -29.82 6.79
CA ALA A 110 -20.27 -28.55 6.87
C ALA A 110 -20.69 -28.13 5.47
N PHE A 111 -21.95 -27.74 5.31
CA PHE A 111 -22.49 -27.41 4.00
C PHE A 111 -22.28 -25.94 3.68
N ASP A 112 -22.06 -25.66 2.39
CA ASP A 112 -21.76 -24.31 1.94
C ASP A 112 -23.00 -23.50 1.61
N ASP A 113 -24.10 -24.13 1.20
CA ASP A 113 -25.26 -23.39 0.78
C ASP A 113 -26.52 -24.23 0.98
N LEU A 114 -27.66 -23.54 0.96
CA LEU A 114 -28.97 -24.17 1.07
C LEU A 114 -29.87 -23.63 -0.04
N THR A 115 -30.50 -24.53 -0.78
CA THR A 115 -31.34 -24.16 -1.91
C THR A 115 -32.80 -24.30 -1.49
N LEU A 116 -33.47 -23.16 -1.29
CA LEU A 116 -34.86 -23.19 -0.84
C LEU A 116 -35.78 -23.70 -1.95
N ALA A 117 -35.65 -23.17 -3.16
CA ALA A 117 -36.52 -23.57 -4.25
C ALA A 117 -35.86 -23.24 -5.58
N ASP A 118 -36.00 -24.14 -6.54
CA ASP A 118 -35.45 -23.93 -7.88
C ASP A 118 -36.22 -24.82 -8.84
N TRP A 119 -36.80 -24.23 -9.88
CA TRP A 119 -37.56 -24.99 -10.86
C TRP A 119 -37.65 -24.22 -12.16
N GLU A 120 -37.87 -24.97 -13.24
CA GLU A 120 -38.00 -24.40 -14.57
C GLU A 120 -38.99 -25.24 -15.36
N VAL A 121 -39.70 -24.60 -16.27
CA VAL A 121 -40.77 -25.27 -17.01
C VAL A 121 -40.17 -26.34 -17.91
N GLY A 122 -40.65 -27.57 -17.76
CA GLY A 122 -40.21 -28.67 -18.57
C GLY A 122 -38.95 -29.37 -18.12
N VAL A 123 -38.44 -29.04 -16.93
CA VAL A 123 -37.18 -29.59 -16.44
C VAL A 123 -37.42 -30.22 -15.09
N LYS A 124 -36.97 -31.47 -14.92
CA LYS A 124 -37.07 -32.13 -13.63
C LYS A 124 -36.17 -31.45 -12.60
N GLY A 125 -36.65 -31.38 -11.37
CA GLY A 125 -35.89 -30.73 -10.32
C GLY A 125 -34.59 -31.44 -10.02
N GLU A 126 -33.52 -30.67 -9.91
CA GLU A 126 -32.19 -31.20 -9.59
C GLU A 126 -31.52 -30.26 -8.59
N ILE A 127 -30.95 -30.82 -7.55
CA ILE A 127 -30.36 -30.05 -6.46
C ILE A 127 -28.94 -30.55 -6.21
N GLU A 128 -28.01 -29.61 -6.04
CA GLU A 128 -26.64 -29.94 -5.70
C GLU A 128 -26.18 -29.06 -4.54
N ALA A 129 -25.30 -29.61 -3.71
CA ALA A 129 -24.87 -28.91 -2.51
C ALA A 129 -23.40 -29.18 -2.20
N PRO A 130 -22.53 -28.19 -2.38
CA PRO A 130 -21.12 -28.37 -1.99
C PRO A 130 -20.96 -28.40 -0.48
N PHE A 131 -19.79 -28.87 -0.04
CA PHE A 131 -19.52 -28.98 1.38
C PHE A 131 -18.01 -29.09 1.58
N THR A 132 -17.60 -28.99 2.85
CA THR A 132 -16.21 -29.15 3.26
C THR A 132 -16.14 -30.09 4.46
N PHE A 133 -15.05 -30.83 4.56
CA PHE A 133 -14.85 -31.78 5.65
C PHE A 133 -13.42 -31.69 6.15
N THR A 134 -13.22 -32.15 7.39
CA THR A 134 -11.93 -32.06 8.06
C THR A 134 -11.16 -33.37 8.02
N GLU A 135 -11.76 -34.45 8.52
CA GLU A 135 -11.06 -35.72 8.66
C GLU A 135 -11.91 -36.85 8.11
N TYR A 136 -11.26 -37.99 7.88
CA TYR A 136 -11.92 -39.15 7.28
C TYR A 136 -11.39 -40.41 7.92
N ASP A 137 -12.20 -41.47 7.82
CA ASP A 137 -11.78 -42.81 8.21
C ASP A 137 -12.12 -43.78 7.08
N PHE A 138 -11.31 -44.83 6.97
CA PHE A 138 -11.33 -45.70 5.81
C PHE A 138 -11.72 -47.11 6.21
N LEU A 139 -12.62 -47.72 5.44
CA LEU A 139 -13.14 -49.04 5.75
C LEU A 139 -13.20 -49.88 4.47
N ASP A 140 -13.00 -51.19 4.62
CA ASP A 140 -13.18 -52.16 3.54
C ASP A 140 -12.31 -51.80 2.33
N ILE A 141 -11.00 -51.89 2.55
CA ILE A 141 -10.04 -51.60 1.48
C ILE A 141 -10.21 -52.60 0.34
N ILE A 142 -9.81 -52.19 -0.85
CA ILE A 142 -9.86 -53.05 -2.02
C ILE A 142 -8.49 -53.64 -2.29
N ASN B 3 22.75 -32.41 1.76
CA ASN B 3 22.44 -32.30 3.18
C ASN B 3 21.10 -31.61 3.39
N MET B 4 21.05 -30.32 3.05
CA MET B 4 19.82 -29.56 3.16
C MET B 4 18.72 -30.16 2.30
N GLU B 5 17.53 -30.31 2.89
CA GLU B 5 16.36 -30.72 2.15
C GLU B 5 15.18 -29.89 2.64
N ALA B 6 14.22 -29.63 1.74
CA ALA B 6 13.15 -28.70 2.05
C ALA B 6 12.29 -29.16 3.21
N ARG B 7 12.11 -30.48 3.36
CA ARG B 7 11.21 -30.99 4.39
C ARG B 7 11.68 -30.62 5.79
N ASN B 8 12.99 -30.41 5.97
CA ASN B 8 13.54 -30.20 7.30
C ASN B 8 13.11 -28.87 7.91
N VAL B 9 12.58 -27.93 7.12
CA VAL B 9 12.19 -26.64 7.65
C VAL B 9 10.98 -26.79 8.56
N MET B 10 11.10 -26.29 9.79
CA MET B 10 10.04 -26.47 10.77
C MET B 10 8.81 -25.64 10.40
N SER B 11 7.65 -26.17 10.78
CA SER B 11 6.36 -25.53 10.53
C SER B 11 5.76 -25.04 11.84
N GLY B 12 5.13 -23.87 11.80
CA GLY B 12 4.55 -23.30 13.00
C GLY B 12 3.26 -23.97 13.44
N THR B 13 2.66 -24.82 12.61
CA THR B 13 1.45 -25.52 13.00
C THR B 13 1.69 -26.43 14.20
N TRP B 14 2.92 -26.91 14.36
CA TRP B 14 3.25 -27.88 15.41
C TRP B 14 3.64 -27.25 16.74
N GLY B 15 3.70 -25.92 16.83
CA GLY B 15 4.05 -25.29 18.08
C GLY B 15 2.96 -25.44 19.12
N GLU B 16 3.37 -25.42 20.39
CA GLU B 16 2.43 -25.43 21.50
C GLU B 16 3.02 -24.65 22.65
N LEU B 17 2.14 -24.19 23.55
CA LEU B 17 2.53 -23.26 24.60
C LEU B 17 1.90 -23.65 25.92
N TRP B 18 2.71 -23.58 26.99
CA TRP B 18 2.23 -23.70 28.35
C TRP B 18 2.48 -22.38 29.07
N LEU B 19 1.42 -21.80 29.61
CA LEU B 19 1.51 -20.56 30.38
C LEU B 19 1.12 -20.86 31.82
N ASP B 20 2.05 -20.60 32.74
CA ASP B 20 1.83 -20.84 34.17
C ASP B 20 1.47 -22.29 34.43
N GLY B 21 2.09 -23.20 33.68
CA GLY B 21 1.89 -24.62 33.88
C GLY B 21 0.64 -25.20 33.25
N ASN B 22 -0.16 -24.39 32.57
CA ASN B 22 -1.39 -24.86 31.93
C ASN B 22 -1.23 -24.80 30.41
N LYS B 23 -1.82 -25.78 29.73
CA LYS B 23 -1.71 -25.84 28.28
C LYS B 23 -2.71 -24.87 27.65
N VAL B 24 -2.21 -24.04 26.73
CA VAL B 24 -3.04 -23.09 26.01
C VAL B 24 -3.31 -23.67 24.64
N ALA B 25 -4.53 -24.17 24.43
CA ALA B 25 -4.86 -24.83 23.17
C ALA B 25 -5.12 -23.83 22.05
N GLU B 26 -5.69 -22.67 22.35
CA GLU B 26 -6.08 -21.71 21.32
C GLU B 26 -4.98 -20.69 21.04
N VAL B 27 -3.77 -21.18 20.78
CA VAL B 27 -2.63 -20.31 20.52
C VAL B 27 -2.49 -20.11 19.02
N LYS B 28 -2.16 -18.89 18.62
CA LYS B 28 -1.91 -18.58 17.21
C LYS B 28 -0.42 -18.41 16.91
N LYS B 29 0.27 -17.55 17.64
CA LYS B 29 1.70 -17.35 17.42
C LYS B 29 2.35 -16.91 18.71
N PHE B 30 3.60 -17.34 18.90
CA PHE B 30 4.40 -16.99 20.06
C PHE B 30 5.74 -16.45 19.58
N GLN B 31 6.23 -15.42 20.27
CA GLN B 31 7.46 -14.77 19.85
C GLN B 31 8.20 -14.26 21.07
N ALA B 32 9.50 -14.51 21.12
CA ALA B 32 10.38 -14.00 22.17
C ALA B 32 11.69 -13.56 21.54
N LYS B 33 12.24 -12.47 22.06
CA LYS B 33 13.42 -11.88 21.43
C LYS B 33 14.25 -11.19 22.51
N MET B 34 15.52 -10.96 22.20
CA MET B 34 16.46 -10.32 23.12
C MET B 34 17.24 -9.26 22.37
N GLU B 35 17.09 -8.01 22.78
CA GLU B 35 17.75 -6.89 22.12
C GLU B 35 18.95 -6.44 22.95
N PHE B 36 20.13 -6.43 22.34
CA PHE B 36 21.35 -6.04 23.03
C PHE B 36 21.53 -4.53 22.95
N THR B 37 21.93 -3.94 24.06
CA THR B 37 22.22 -2.52 24.14
C THR B 37 23.71 -2.30 23.89
N LYS B 38 24.03 -1.48 22.89
CA LYS B 38 25.42 -1.24 22.51
C LYS B 38 25.68 0.25 22.40
N GLU B 39 26.92 0.64 22.68
CA GLU B 39 27.34 2.03 22.66
C GLU B 39 28.47 2.19 21.65
N ASP B 40 28.40 3.28 20.88
CA ASP B 40 29.44 3.55 19.89
C ASP B 40 30.70 4.06 20.58
N ILE B 41 31.83 3.50 20.21
CA ILE B 41 33.12 3.88 20.76
C ILE B 41 34.10 4.09 19.61
N ILE B 42 34.77 5.24 19.61
CA ILE B 42 35.71 5.60 18.56
C ILE B 42 37.12 5.50 19.14
N ILE B 43 37.97 4.75 18.45
CA ILE B 43 39.34 4.53 18.89
C ILE B 43 40.28 5.40 18.06
N ALA B 44 41.21 6.06 18.73
CA ALA B 44 42.15 6.92 18.03
C ALA B 44 42.96 6.13 17.01
N GLY B 45 43.09 6.70 15.82
CA GLY B 45 43.86 6.10 14.76
C GLY B 45 43.14 5.07 13.91
N GLN B 46 41.88 4.75 14.22
CA GLN B 46 41.11 3.77 13.48
C GLN B 46 39.91 4.44 12.84
N MET B 47 39.69 4.19 11.55
CA MET B 47 38.50 4.69 10.89
C MET B 47 37.26 3.92 11.30
N GLY B 48 37.36 2.59 11.38
CA GLY B 48 36.23 1.77 11.73
C GLY B 48 35.72 2.05 13.13
N THR B 49 34.42 2.30 13.25
CA THR B 49 33.80 2.57 14.54
C THR B 49 33.40 1.26 15.20
N ASP B 50 33.84 1.08 16.43
CA ASP B 50 33.59 -0.15 17.19
C ASP B 50 32.53 0.12 18.25
N THR B 51 31.95 -0.96 18.76
CA THR B 51 30.87 -0.89 19.72
C THR B 51 31.18 -1.70 20.96
N LYS B 52 30.58 -1.33 22.07
CA LYS B 52 30.70 -2.02 23.34
C LYS B 52 29.33 -2.52 23.76
N TYR B 53 29.25 -3.80 24.13
CA TYR B 53 27.98 -4.41 24.53
C TYR B 53 27.78 -4.22 26.02
N MET B 54 26.63 -3.67 26.39
CA MET B 54 26.40 -3.23 27.76
C MET B 54 25.24 -3.92 28.46
N GLY B 55 24.24 -4.41 27.73
CA GLY B 55 23.14 -5.10 28.36
C GLY B 55 22.17 -5.60 27.31
N TYR B 56 21.14 -6.30 27.78
CA TYR B 56 20.11 -6.82 26.88
C TYR B 56 18.73 -6.56 27.46
N LYS B 57 17.74 -6.45 26.57
CA LYS B 57 16.35 -6.26 26.93
C LYS B 57 15.49 -7.21 26.12
N GLY B 58 14.55 -7.87 26.78
CA GLY B 58 13.73 -8.91 26.15
C GLY B 58 12.31 -8.42 25.91
N LYS B 59 11.76 -8.77 24.74
CA LYS B 59 10.40 -8.42 24.37
C LYS B 59 9.75 -9.58 23.63
N GLY B 60 8.43 -9.63 23.67
CA GLY B 60 7.70 -10.68 23.00
C GLY B 60 6.22 -10.37 22.98
N SER B 61 5.46 -11.27 22.37
CA SER B 61 4.02 -11.11 22.26
C SER B 61 3.36 -12.48 22.12
N ILE B 62 2.08 -12.53 22.46
CA ILE B 62 1.26 -13.73 22.35
C ILE B 62 -0.03 -13.36 21.65
N THR B 63 -0.44 -14.18 20.68
CA THR B 63 -1.71 -14.00 19.98
C THR B 63 -2.54 -15.26 20.12
N LEU B 64 -3.83 -15.08 20.38
CA LEU B 64 -4.71 -16.22 20.68
C LEU B 64 -6.14 -15.85 20.36
N TYR B 65 -6.92 -16.87 19.97
CA TYR B 65 -8.32 -16.66 19.68
C TYR B 65 -9.12 -16.42 20.96
N HIS B 66 -10.24 -15.71 20.82
CA HIS B 66 -11.05 -15.33 21.98
C HIS B 66 -12.04 -16.45 22.33
N VAL B 67 -11.48 -17.63 22.62
CA VAL B 67 -12.31 -18.76 22.99
C VAL B 67 -12.89 -18.57 24.39
N SER B 68 -12.08 -18.11 25.33
CA SER B 68 -12.51 -17.95 26.71
C SER B 68 -11.80 -16.76 27.32
N SER B 69 -12.35 -16.29 28.44
CA SER B 69 -11.80 -15.13 29.14
C SER B 69 -10.67 -15.55 30.09
N ARG B 70 -9.61 -16.10 29.49
CA ARG B 70 -8.48 -16.57 30.27
C ARG B 70 -7.63 -15.43 30.80
N MET B 71 -7.37 -14.42 29.98
CA MET B 71 -6.41 -13.39 30.35
C MET B 71 -6.92 -12.52 31.49
N HIS B 72 -8.23 -12.34 31.61
CA HIS B 72 -8.78 -11.53 32.69
C HIS B 72 -8.47 -12.14 34.05
N LYS B 73 -8.79 -13.42 34.22
CA LYS B 73 -8.67 -14.07 35.52
C LYS B 73 -7.25 -14.00 36.08
N LEU B 74 -6.25 -13.87 35.22
CA LEU B 74 -4.87 -13.87 35.69
C LEU B 74 -4.53 -12.58 36.44
N ILE B 75 -4.85 -11.42 35.86
CA ILE B 75 -4.25 -10.19 36.34
C ILE B 75 -5.24 -9.05 36.56
N GLY B 76 -6.52 -9.26 36.21
CA GLY B 76 -7.46 -8.15 36.22
C GLY B 76 -7.59 -7.49 37.57
N GLU B 77 -7.78 -8.29 38.61
CA GLU B 77 -7.94 -7.73 39.95
C GLU B 77 -6.61 -7.29 40.55
N LYS B 78 -5.55 -8.05 40.28
CA LYS B 78 -4.25 -7.74 40.88
C LYS B 78 -3.69 -6.43 40.34
N ILE B 79 -4.00 -6.06 39.10
CA ILE B 79 -3.57 -4.77 38.58
C ILE B 79 -4.22 -3.63 39.37
N LYS B 80 -5.51 -3.74 39.64
CA LYS B 80 -6.18 -2.74 40.46
C LYS B 80 -5.61 -2.71 41.86
N ARG B 81 -5.34 -3.88 42.44
CA ARG B 81 -4.85 -3.94 43.81
C ARG B 81 -3.46 -3.33 43.95
N GLY B 82 -2.67 -3.33 42.87
CA GLY B 82 -1.33 -2.81 42.92
C GLY B 82 -0.23 -3.85 43.02
N SER B 83 -0.57 -5.14 42.95
CA SER B 83 0.42 -6.20 42.97
C SER B 83 0.57 -6.78 41.57
N GLU B 84 1.78 -6.72 41.03
CA GLU B 84 2.03 -7.15 39.66
C GLU B 84 2.42 -8.62 39.64
N PRO B 85 1.68 -9.48 38.96
CA PRO B 85 2.06 -10.90 38.88
C PRO B 85 3.19 -11.13 37.90
N ARG B 86 3.83 -12.28 38.05
CA ARG B 86 4.88 -12.74 37.16
C ARG B 86 4.58 -14.18 36.76
N PHE B 87 4.88 -14.52 35.50
CA PHE B 87 4.52 -15.81 34.95
C PHE B 87 5.72 -16.46 34.27
N VAL B 88 5.60 -17.76 34.05
CA VAL B 88 6.61 -18.56 33.36
C VAL B 88 5.93 -19.27 32.20
N ALA B 89 6.54 -19.20 31.01
CA ALA B 89 5.96 -19.79 29.81
C ALA B 89 6.96 -20.75 29.19
N ILE B 90 6.44 -21.84 28.61
CA ILE B 90 7.24 -22.87 27.97
C ILE B 90 6.69 -23.10 26.57
N SER B 91 7.56 -23.01 25.57
CA SER B 91 7.18 -23.22 24.17
C SER B 91 7.98 -24.38 23.61
N LYS B 92 7.28 -25.34 23.01
CA LYS B 92 7.90 -26.53 22.44
C LYS B 92 7.47 -26.65 20.98
N LEU B 93 8.46 -26.73 20.09
CA LEU B 93 8.23 -26.83 18.65
C LEU B 93 8.71 -28.19 18.18
N ASN B 94 7.80 -28.99 17.65
CA ASN B 94 8.08 -30.41 17.34
C ASN B 94 7.51 -30.72 15.96
N ASP B 95 8.37 -30.65 14.94
CA ASP B 95 7.97 -30.98 13.57
C ASP B 95 8.49 -32.37 13.23
N PRO B 96 7.62 -33.32 12.85
CA PRO B 96 8.10 -34.69 12.60
C PRO B 96 9.21 -34.78 11.56
N ASP B 97 9.17 -33.95 10.51
CA ASP B 97 10.22 -34.01 9.51
C ASP B 97 11.53 -33.39 10.00
N SER B 98 11.45 -32.49 10.97
CA SER B 98 12.65 -31.83 11.47
C SER B 98 13.53 -32.82 12.22
N TYR B 99 14.76 -32.39 12.51
CA TYR B 99 15.70 -33.25 13.21
C TYR B 99 15.19 -33.60 14.61
N GLY B 100 14.64 -32.63 15.33
CA GLY B 100 14.15 -32.89 16.67
C GLY B 100 13.41 -31.69 17.19
N ALA B 101 12.77 -31.88 18.34
CA ALA B 101 12.02 -30.82 18.98
C ALA B 101 12.95 -29.95 19.81
N GLU B 102 12.53 -28.70 20.00
CA GLU B 102 13.24 -27.75 20.86
C GLU B 102 12.24 -27.14 21.83
N ARG B 103 12.70 -26.87 23.05
CA ARG B 103 11.82 -26.41 24.12
C ARG B 103 12.55 -25.35 24.94
N ILE B 104 12.06 -24.12 24.90
CA ILE B 104 12.69 -23.01 25.59
C ILE B 104 11.72 -22.46 26.63
N ALA B 105 12.21 -22.27 27.84
CA ALA B 105 11.40 -21.76 28.94
C ALA B 105 11.74 -20.29 29.19
N VAL B 106 10.72 -19.45 29.19
CA VAL B 106 10.88 -18.02 29.41
C VAL B 106 10.30 -17.67 30.77
N LYS B 107 11.10 -17.03 31.60
CA LYS B 107 10.75 -16.78 32.99
C LYS B 107 10.61 -15.29 33.26
N ASN B 108 9.89 -14.99 34.35
CA ASN B 108 9.70 -13.61 34.82
C ASN B 108 9.05 -12.75 33.74
N ILE B 109 7.82 -13.11 33.39
CA ILE B 109 7.07 -12.43 32.34
C ILE B 109 6.16 -11.38 32.97
N ALA B 110 6.19 -10.17 32.43
CA ALA B 110 5.31 -9.10 32.85
C ALA B 110 4.58 -8.57 31.62
N PHE B 111 3.25 -8.52 31.70
CA PHE B 111 2.45 -8.13 30.54
C PHE B 111 2.34 -6.63 30.42
N ASP B 112 2.15 -6.16 29.19
CA ASP B 112 2.10 -4.74 28.90
C ASP B 112 0.70 -4.15 28.97
N ASP B 113 -0.33 -4.92 28.62
CA ASP B 113 -1.68 -4.37 28.57
C ASP B 113 -2.70 -5.49 28.69
N LEU B 114 -3.93 -5.09 29.00
CA LEU B 114 -5.04 -6.02 29.14
C LEU B 114 -6.21 -5.52 28.29
N THR B 115 -6.78 -6.43 27.50
CA THR B 115 -7.87 -6.08 26.58
C THR B 115 -9.18 -6.58 27.17
N LEU B 116 -9.99 -5.65 27.67
CA LEU B 116 -11.26 -6.01 28.28
C LEU B 116 -12.24 -6.54 27.24
N ALA B 117 -12.41 -5.82 26.15
CA ALA B 117 -13.37 -6.22 25.11
C ALA B 117 -12.92 -5.67 23.78
N ASP B 118 -12.94 -6.52 22.75
CA ASP B 118 -12.56 -6.11 21.40
C ASP B 118 -13.36 -6.98 20.42
N TRP B 119 -14.48 -6.44 19.95
CA TRP B 119 -15.36 -7.19 19.04
C TRP B 119 -15.94 -6.26 17.99
N GLU B 120 -16.05 -6.77 16.77
CA GLU B 120 -16.63 -6.05 15.65
C GLU B 120 -17.53 -7.00 14.87
N VAL B 121 -18.62 -6.46 14.33
CA VAL B 121 -19.58 -7.30 13.62
C VAL B 121 -18.93 -7.93 12.40
N GLY B 122 -19.25 -9.21 12.17
CA GLY B 122 -18.71 -9.93 11.05
C GLY B 122 -17.23 -10.26 11.13
N VAL B 123 -16.63 -10.15 12.31
CA VAL B 123 -15.20 -10.37 12.50
C VAL B 123 -15.00 -11.31 13.67
N LYS B 124 -14.22 -12.36 13.46
CA LYS B 124 -13.90 -13.28 14.55
C LYS B 124 -13.01 -12.59 15.58
N GLY B 125 -13.18 -12.98 16.84
CA GLY B 125 -12.45 -12.34 17.92
C GLY B 125 -11.03 -12.86 18.03
N GLU B 126 -10.11 -11.95 18.38
CA GLU B 126 -8.72 -12.31 18.63
C GLU B 126 -8.16 -11.40 19.72
N ILE B 127 -7.16 -11.91 20.44
CA ILE B 127 -6.52 -11.17 21.51
C ILE B 127 -5.01 -11.26 21.31
N GLU B 128 -4.33 -10.12 21.42
CA GLU B 128 -2.88 -10.09 21.36
C GLU B 128 -2.35 -9.32 22.57
N ALA B 129 -1.32 -9.87 23.19
CA ALA B 129 -0.76 -9.30 24.41
C ALA B 129 0.76 -9.30 24.32
N PRO B 130 1.41 -8.14 24.31
CA PRO B 130 2.88 -8.10 24.37
C PRO B 130 3.36 -8.11 25.80
N PHE B 131 4.59 -8.60 25.97
CA PHE B 131 5.15 -8.78 27.30
C PHE B 131 6.66 -8.57 27.25
N THR B 132 7.24 -8.34 28.43
CA THR B 132 8.68 -8.21 28.59
C THR B 132 9.17 -9.23 29.61
N PHE B 133 10.31 -9.85 29.32
CA PHE B 133 10.86 -10.89 30.17
C PHE B 133 12.32 -10.57 30.50
N THR B 134 12.87 -11.31 31.43
CA THR B 134 14.22 -11.06 31.94
C THR B 134 15.13 -12.27 31.88
N GLU B 135 14.62 -13.47 32.13
CA GLU B 135 15.45 -14.66 32.25
C GLU B 135 14.89 -15.77 31.37
N TYR B 136 15.78 -16.67 30.94
CA TYR B 136 15.38 -17.82 30.13
C TYR B 136 16.37 -18.95 30.34
N ASP B 137 15.92 -20.17 30.05
CA ASP B 137 16.75 -21.35 30.10
C ASP B 137 16.51 -22.21 28.87
N PHE B 138 17.50 -23.04 28.56
CA PHE B 138 17.47 -23.88 27.37
C PHE B 138 17.14 -25.31 27.75
N LEU B 139 16.34 -25.98 26.92
CA LEU B 139 15.98 -27.37 27.15
C LEU B 139 15.85 -28.08 25.81
N ASP B 140 16.57 -29.20 25.67
CA ASP B 140 16.40 -30.10 24.53
C ASP B 140 16.60 -29.38 23.19
N ILE B 141 17.56 -28.47 23.15
CA ILE B 141 17.86 -27.79 21.89
C ILE B 141 18.61 -28.73 20.96
N ILE B 142 18.38 -28.57 19.66
CA ILE B 142 19.00 -29.43 18.67
C ILE B 142 20.51 -29.19 18.62
N ASN C 3 46.35 -3.31 20.53
CA ASN C 3 46.20 -3.62 21.95
C ASN C 3 44.88 -3.08 22.49
N MET C 4 44.56 -1.85 22.12
CA MET C 4 43.31 -1.24 22.57
C MET C 4 42.12 -1.85 21.84
N GLU C 5 41.07 -2.19 22.58
CA GLU C 5 39.84 -2.71 22.01
C GLU C 5 38.67 -2.08 22.74
N ALA C 6 37.53 -2.00 22.06
CA ALA C 6 36.33 -1.43 22.66
C ALA C 6 35.84 -2.27 23.83
N ARG C 7 36.04 -3.59 23.76
CA ARG C 7 35.58 -4.46 24.84
C ARG C 7 36.29 -4.16 26.15
N ASN C 8 37.52 -3.67 26.09
CA ASN C 8 38.32 -3.47 27.29
C ASN C 8 37.78 -2.35 28.19
N VAL C 9 36.90 -1.50 27.66
CA VAL C 9 36.39 -0.39 28.46
C VAL C 9 35.46 -0.93 29.54
N MET C 10 35.69 -0.52 30.78
CA MET C 10 34.88 -0.99 31.90
C MET C 10 33.47 -0.43 31.83
N SER C 11 32.53 -1.19 32.39
CA SER C 11 31.13 -0.81 32.44
C SER C 11 30.70 -0.62 33.88
N GLY C 12 29.86 0.38 34.12
CA GLY C 12 29.43 0.67 35.47
C GLY C 12 28.39 -0.28 36.01
N THR C 13 27.81 -1.13 35.17
CA THR C 13 26.82 -2.10 35.65
C THR C 13 27.43 -3.08 36.63
N TRP C 14 28.68 -3.47 36.41
CA TRP C 14 29.33 -4.48 37.23
C TRP C 14 29.84 -3.96 38.57
N GLY C 15 29.79 -2.66 38.80
CA GLY C 15 30.29 -2.12 40.06
C GLY C 15 29.43 -2.54 41.23
N GLU C 16 30.08 -2.68 42.38
CA GLU C 16 29.39 -3.02 43.63
C GLU C 16 30.02 -2.24 44.77
N LEU C 17 29.21 -1.99 45.81
CA LEU C 17 29.60 -1.12 46.89
C LEU C 17 29.39 -1.79 48.24
N TRP C 18 30.37 -1.64 49.13
CA TRP C 18 30.27 -2.07 50.51
C TRP C 18 30.33 -0.85 51.41
N LEU C 19 29.29 -0.67 52.23
CA LEU C 19 29.22 0.48 53.14
C LEU C 19 29.17 -0.02 54.57
N ASP C 20 30.10 0.42 55.40
CA ASP C 20 30.17 0.06 56.81
C ASP C 20 30.26 -1.44 57.00
N GLY C 21 30.90 -2.13 56.07
CA GLY C 21 31.03 -3.57 56.14
C GLY C 21 29.80 -4.35 55.71
N ASN C 22 28.74 -3.67 55.30
CA ASN C 22 27.50 -4.31 54.87
C ASN C 22 27.31 -4.07 53.38
N LYS C 23 27.10 -5.15 52.63
CA LYS C 23 26.93 -5.03 51.19
C LYS C 23 25.64 -4.28 50.87
N VAL C 24 25.73 -3.37 49.90
CA VAL C 24 24.60 -2.55 49.47
C VAL C 24 24.32 -2.91 48.02
N ALA C 25 23.29 -3.74 47.80
CA ALA C 25 22.91 -4.11 46.44
C ALA C 25 22.06 -3.05 45.76
N GLU C 26 21.56 -2.07 46.51
CA GLU C 26 20.69 -1.02 45.97
C GLU C 26 21.47 0.21 45.53
N VAL C 27 22.51 0.01 44.73
CA VAL C 27 23.40 1.10 44.34
C VAL C 27 23.13 1.49 42.90
N LYS C 28 23.09 2.79 42.64
CA LYS C 28 22.90 3.33 41.31
C LYS C 28 24.17 3.91 40.73
N LYS C 29 24.87 4.77 41.47
CA LYS C 29 26.13 5.32 41.02
C LYS C 29 26.96 5.72 42.24
N PHE C 30 28.28 5.57 42.11
CA PHE C 30 29.22 5.92 43.15
C PHE C 30 30.34 6.75 42.54
N GLN C 31 30.77 7.77 43.27
CA GLN C 31 31.79 8.68 42.76
C GLN C 31 32.58 9.27 43.91
N ALA C 32 33.89 9.35 43.73
CA ALA C 32 34.77 9.98 44.70
C ALA C 32 35.90 10.67 43.97
N LYS C 33 36.22 11.90 44.39
CA LYS C 33 37.21 12.71 43.71
C LYS C 33 38.03 13.50 44.71
N MET C 34 39.22 13.88 44.30
CA MET C 34 40.15 14.66 45.11
C MET C 34 40.40 16.00 44.44
N GLU C 35 40.24 17.09 45.18
CA GLU C 35 40.44 18.43 44.66
C GLU C 35 41.66 19.05 45.35
N PHE C 36 42.72 19.26 44.58
CA PHE C 36 43.94 19.83 45.15
C PHE C 36 43.80 21.33 45.30
N THR C 37 44.71 21.91 46.09
CA THR C 37 44.75 23.34 46.33
C THR C 37 46.05 23.90 45.78
N LYS C 38 45.96 24.96 44.98
CA LYS C 38 47.12 25.58 44.37
C LYS C 38 47.09 27.08 44.59
N GLU C 39 48.26 27.67 44.74
CA GLU C 39 48.42 29.12 44.86
C GLU C 39 49.30 29.62 43.73
N ASP C 40 48.88 30.72 43.12
CA ASP C 40 49.66 31.31 42.03
C ASP C 40 50.93 31.96 42.57
N ILE C 41 52.06 31.68 41.93
CA ILE C 41 53.33 32.29 42.26
C ILE C 41 53.88 32.94 41.00
N ILE C 42 54.21 34.21 41.09
CA ILE C 42 54.82 34.95 39.99
C ILE C 42 56.29 35.14 40.34
N ILE C 43 57.17 34.61 39.49
CA ILE C 43 58.61 34.67 39.71
C ILE C 43 59.19 35.69 38.75
N ALA C 44 59.92 36.66 39.30
CA ALA C 44 60.50 37.71 38.49
C ALA C 44 61.50 37.14 37.49
N GLY C 45 61.41 37.61 36.25
CA GLY C 45 62.32 37.19 35.20
C GLY C 45 61.75 36.21 34.21
N GLN C 46 60.58 35.64 34.48
CA GLN C 46 59.94 34.71 33.56
C GLN C 46 58.48 35.10 33.36
N MET C 47 58.00 34.88 32.13
CA MET C 47 56.62 35.27 31.81
C MET C 47 55.61 34.32 32.43
N GLY C 48 55.91 33.02 32.45
CA GLY C 48 54.94 32.05 32.91
C GLY C 48 54.64 32.18 34.39
N THR C 49 53.51 31.59 34.78
CA THR C 49 53.06 31.58 36.16
C THR C 49 53.04 30.15 36.67
N ASP C 50 53.67 29.92 37.82
CA ASP C 50 53.78 28.60 38.40
C ASP C 50 52.97 28.54 39.70
N THR C 51 52.39 27.38 39.97
CA THR C 51 51.55 27.18 41.14
C THR C 51 52.30 26.39 42.21
N LYS C 52 51.75 26.43 43.43
CA LYS C 52 52.31 25.74 44.58
C LYS C 52 51.23 24.89 45.22
N TYR C 53 51.56 23.62 45.48
CA TYR C 53 50.60 22.67 46.04
C TYR C 53 50.68 22.70 47.56
N MET C 54 49.53 22.81 48.22
CA MET C 54 49.50 22.90 49.67
C MET C 54 48.59 21.86 50.31
N GLY C 55 47.47 21.53 49.66
CA GLY C 55 46.53 20.63 50.28
C GLY C 55 45.52 20.09 49.28
N TYR C 56 44.62 19.26 49.80
CA TYR C 56 43.60 18.63 48.97
C TYR C 56 42.33 18.43 49.80
N LYS C 57 41.22 18.21 49.09
CA LYS C 57 39.93 17.93 49.69
C LYS C 57 39.37 16.62 49.17
N GLY C 58 38.39 16.10 49.89
CA GLY C 58 37.70 14.90 49.46
C GLY C 58 36.22 15.13 49.21
N LYS C 59 35.74 14.71 48.05
CA LYS C 59 34.34 14.91 47.69
C LYS C 59 33.81 13.66 47.02
N GLY C 60 32.51 13.43 47.18
CA GLY C 60 31.87 12.27 46.57
C GLY C 60 30.39 12.29 46.83
N SER C 61 29.70 11.34 46.20
CA SER C 61 28.26 11.22 46.36
C SER C 61 27.85 9.77 46.14
N ILE C 62 26.74 9.38 46.77
CA ILE C 62 26.16 8.05 46.61
C ILE C 62 24.69 8.23 46.26
N THR C 63 24.25 7.56 45.19
CA THR C 63 22.86 7.58 44.78
C THR C 63 22.32 6.14 44.80
N LEU C 64 21.20 5.94 45.46
CA LEU C 64 20.66 4.62 45.69
C LEU C 64 19.15 4.63 45.53
N TYR C 65 18.60 3.52 45.03
CA TYR C 65 17.16 3.37 44.96
C TYR C 65 16.56 3.31 46.35
N HIS C 66 15.41 3.96 46.53
CA HIS C 66 14.76 4.03 47.83
C HIS C 66 13.98 2.74 48.07
N VAL C 67 14.69 1.73 48.55
CA VAL C 67 14.09 0.44 48.89
C VAL C 67 13.88 0.31 50.39
N SER C 68 14.88 0.68 51.19
CA SER C 68 14.79 0.59 52.64
C SER C 68 15.32 1.87 53.26
N SER C 69 14.94 2.09 54.52
CA SER C 69 15.32 3.31 55.24
C SER C 69 16.64 3.10 55.99
N ARG C 70 17.66 2.70 55.21
CA ARG C 70 18.98 2.44 55.79
C ARG C 70 19.67 3.71 56.23
N MET C 71 19.63 4.75 55.39
CA MET C 71 20.34 5.98 55.69
C MET C 71 19.82 6.63 56.98
N HIS C 72 18.52 6.50 57.24
CA HIS C 72 18.00 6.98 58.52
C HIS C 72 18.58 6.19 59.68
N LYS C 73 18.52 4.85 59.59
CA LYS C 73 19.05 4.02 60.66
C LYS C 73 20.52 4.30 60.92
N LEU C 74 21.24 4.78 59.91
CA LEU C 74 22.67 5.04 60.09
C LEU C 74 22.92 6.18 61.08
N ILE C 75 22.27 7.33 60.87
CA ILE C 75 22.73 8.57 61.49
C ILE C 75 21.62 9.39 62.14
N GLY C 76 20.35 8.95 62.05
CA GLY C 76 19.26 9.83 62.45
C GLY C 76 19.34 10.26 63.91
N GLU C 77 19.55 9.30 64.81
CA GLU C 77 19.62 9.65 66.23
C GLU C 77 20.90 10.38 66.56
N LYS C 78 22.03 9.96 65.99
CA LYS C 78 23.30 10.56 66.32
C LYS C 78 23.39 12.01 65.88
N ILE C 79 22.67 12.39 64.83
CA ILE C 79 22.63 13.81 64.46
C ILE C 79 21.99 14.63 65.57
N LYS C 80 20.85 14.17 66.10
CA LYS C 80 20.20 14.90 67.18
C LYS C 80 21.06 14.93 68.44
N ARG C 81 21.68 13.81 68.79
CA ARG C 81 22.46 13.78 70.02
C ARG C 81 23.64 14.74 69.96
N GLY C 82 24.33 14.79 68.83
CA GLY C 82 25.43 15.72 68.67
C GLY C 82 26.76 15.05 68.42
N SER C 83 26.76 13.75 68.16
CA SER C 83 27.95 13.00 67.83
C SER C 83 27.90 12.60 66.36
N GLU C 84 28.92 13.01 65.60
CA GLU C 84 28.96 12.77 64.17
C GLU C 84 29.70 11.47 63.90
N PRO C 85 29.04 10.42 63.41
CA PRO C 85 29.73 9.16 63.13
C PRO C 85 30.46 9.21 61.79
N ARG C 86 31.34 8.24 61.62
CA ARG C 86 32.11 8.09 60.39
C ARG C 86 31.95 6.67 59.88
N PHE C 87 32.19 6.49 58.58
CA PHE C 87 32.00 5.19 57.94
C PHE C 87 33.13 4.95 56.94
N VAL C 88 33.25 3.69 56.53
CA VAL C 88 34.24 3.26 55.56
C VAL C 88 33.53 2.56 54.42
N ALA C 89 33.81 2.97 53.20
CA ALA C 89 33.17 2.41 52.01
C ALA C 89 34.21 1.76 51.12
N ILE C 90 33.88 0.58 50.60
CA ILE C 90 34.74 -0.16 49.70
C ILE C 90 34.00 -0.36 48.38
N SER C 91 34.60 0.11 47.29
CA SER C 91 34.01 -0.02 45.96
C SER C 91 34.84 -0.99 45.15
N LYS C 92 34.19 -2.06 44.67
CA LYS C 92 34.84 -3.06 43.84
C LYS C 92 34.20 -3.04 42.47
N LEU C 93 35.02 -2.88 41.44
CA LEU C 93 34.56 -2.82 40.06
C LEU C 93 35.27 -3.92 39.26
N ASN C 94 34.54 -4.96 38.90
CA ASN C 94 35.10 -6.12 38.21
C ASN C 94 34.32 -6.36 36.94
N ASP C 95 34.96 -6.13 35.79
CA ASP C 95 34.33 -6.33 34.50
C ASP C 95 34.91 -7.58 33.83
N PRO C 96 34.09 -8.58 33.52
CA PRO C 96 34.63 -9.79 32.88
C PRO C 96 35.34 -9.52 31.57
N ASP C 97 34.89 -8.54 30.79
CA ASP C 97 35.50 -8.30 29.49
C ASP C 97 36.88 -7.67 29.63
N SER C 98 37.04 -6.70 30.52
CA SER C 98 38.32 -6.04 30.71
C SER C 98 39.29 -6.96 31.46
N TYR C 99 40.55 -6.54 31.52
CA TYR C 99 41.57 -7.26 32.25
C TYR C 99 41.75 -6.64 33.63
N GLY C 100 41.72 -7.48 34.66
CA GLY C 100 41.92 -7.01 36.01
C GLY C 100 40.75 -6.21 36.57
N ALA C 101 40.70 -6.10 37.89
CA ALA C 101 39.67 -5.33 38.57
C ALA C 101 40.32 -4.46 39.64
N GLU C 102 39.71 -3.31 39.89
CA GLU C 102 40.23 -2.35 40.87
C GLU C 102 39.27 -2.22 42.04
N ARG C 103 39.80 -2.27 43.25
CA ARG C 103 39.03 -2.10 44.47
C ARG C 103 39.69 -1.02 45.31
N ILE C 104 38.89 -0.08 45.79
CA ILE C 104 39.39 1.04 46.57
C ILE C 104 38.56 1.18 47.84
N ALA C 105 39.24 1.38 48.96
CA ALA C 105 38.59 1.61 50.25
C ALA C 105 38.70 3.08 50.61
N VAL C 106 37.57 3.70 50.93
CA VAL C 106 37.51 5.11 51.29
C VAL C 106 37.17 5.19 52.77
N LYS C 107 37.95 5.94 53.53
CA LYS C 107 37.83 5.99 54.97
C LYS C 107 37.52 7.41 55.44
N ASN C 108 36.98 7.50 56.66
CA ASN C 108 36.63 8.76 57.30
C ASN C 108 35.62 9.54 56.46
N ILE C 109 34.44 8.94 56.31
CA ILE C 109 33.36 9.50 55.50
C ILE C 109 32.35 10.17 56.40
N ALA C 110 31.96 11.39 56.04
CA ALA C 110 30.92 12.13 56.75
C ALA C 110 29.92 12.66 55.74
N PHE C 111 28.63 12.50 56.03
CA PHE C 111 27.59 12.83 55.08
C PHE C 111 27.18 14.30 55.22
N ASP C 112 26.77 14.89 54.08
CA ASP C 112 26.42 16.30 54.03
C ASP C 112 24.95 16.57 54.31
N ASP C 113 24.08 15.59 54.07
CA ASP C 113 22.65 15.80 54.26
C ASP C 113 21.97 14.49 54.60
N LEU C 114 20.75 14.59 55.11
CA LEU C 114 19.91 13.44 55.40
C LEU C 114 18.51 13.72 54.87
N THR C 115 17.95 12.75 54.16
CA THR C 115 16.64 12.91 53.51
C THR C 115 15.61 12.09 54.29
N LEU C 116 14.77 12.78 55.06
CA LEU C 116 13.73 12.10 55.81
C LEU C 116 12.69 11.49 54.88
N ALA C 117 12.16 12.29 53.95
CA ALA C 117 11.12 11.81 53.06
C ALA C 117 11.08 12.68 51.82
N ASP C 118 10.90 12.03 50.66
CA ASP C 118 10.78 12.75 49.39
C ASP C 118 10.08 11.83 48.41
N TRP C 119 8.87 12.18 48.02
CA TRP C 119 8.08 11.34 47.14
C TRP C 119 7.17 12.20 46.28
N GLU C 120 6.98 11.79 45.04
CA GLU C 120 6.11 12.47 44.09
C GLU C 120 5.26 11.45 43.37
N VAL C 121 4.00 11.80 43.12
CA VAL C 121 3.09 10.88 42.44
C VAL C 121 3.57 10.63 41.03
N GLY C 122 3.61 9.37 40.63
CA GLY C 122 4.06 9.00 39.30
C GLY C 122 5.56 8.93 39.13
N VAL C 123 6.33 9.04 40.21
CA VAL C 123 7.78 9.05 40.15
C VAL C 123 8.32 7.99 41.12
N LYS C 124 9.26 7.18 40.66
CA LYS C 124 9.95 6.25 41.55
C LYS C 124 10.95 7.00 42.41
N GLY C 125 11.14 6.50 43.63
CA GLY C 125 11.98 7.21 44.58
C GLY C 125 13.46 6.96 44.37
N GLU C 126 14.26 7.98 44.67
CA GLU C 126 15.71 7.92 44.64
C GLU C 126 16.28 8.76 45.77
N ILE C 127 17.46 8.38 46.24
CA ILE C 127 18.16 9.10 47.30
C ILE C 127 19.59 9.33 46.84
N GLU C 128 20.06 10.58 46.95
CA GLU C 128 21.45 10.92 46.71
C GLU C 128 22.00 11.65 47.92
N ALA C 129 23.17 11.23 48.39
CA ALA C 129 23.78 11.78 49.59
C ALA C 129 25.24 12.12 49.33
N PRO C 130 25.60 13.39 49.29
CA PRO C 130 27.02 13.76 49.17
C PRO C 130 27.77 13.49 50.46
N PHE C 131 29.09 13.43 50.35
CA PHE C 131 29.93 13.16 51.51
C PHE C 131 31.32 13.74 51.27
N THR C 132 32.09 13.83 52.35
CA THR C 132 33.47 14.26 52.30
C THR C 132 34.35 13.20 52.99
N PHE C 133 35.54 12.99 52.45
CA PHE C 133 36.45 11.98 52.98
C PHE C 133 37.85 12.56 53.07
N THR C 134 38.68 11.91 53.89
CA THR C 134 40.03 12.36 54.16
C THR C 134 41.11 11.47 53.57
N GLU C 135 41.03 10.16 53.80
CA GLU C 135 42.08 9.24 53.38
C GLU C 135 41.51 8.10 52.56
N TYR C 136 42.36 7.52 51.72
CA TYR C 136 42.00 6.42 50.84
C TYR C 136 43.09 5.36 50.88
N ASP C 137 42.77 4.17 50.38
CA ASP C 137 43.72 3.09 50.27
C ASP C 137 43.44 2.29 49.00
N PHE C 138 44.49 1.69 48.45
CA PHE C 138 44.39 0.90 47.23
C PHE C 138 44.47 -0.58 47.58
N LEU C 139 43.46 -1.34 47.18
CA LEU C 139 43.41 -2.78 47.42
C LEU C 139 43.25 -3.48 46.08
N ASP C 140 44.34 -4.07 45.58
CA ASP C 140 44.32 -4.89 44.37
C ASP C 140 43.82 -4.08 43.16
N ILE C 141 44.59 -3.04 42.81
CA ILE C 141 44.33 -2.27 41.60
C ILE C 141 44.93 -3.00 40.41
N ILE C 142 44.60 -2.54 39.21
CA ILE C 142 45.15 -3.13 37.98
C ILE C 142 46.67 -3.06 37.96
N ALA D 2 -62.41 -0.91 44.72
CA ALA D 2 -62.69 0.25 43.89
C ALA D 2 -62.08 1.51 44.48
N ILE D 3 -62.87 2.59 44.51
CA ILE D 3 -62.39 3.85 45.06
C ILE D 3 -62.34 3.75 46.58
N GLY D 4 -61.35 4.44 47.17
CA GLY D 4 -61.26 4.56 48.61
C GLY D 4 -60.93 5.98 49.00
N LEU D 5 -60.97 6.24 50.31
CA LEU D 5 -60.55 7.53 50.81
C LEU D 5 -59.04 7.69 50.59
N PRO D 6 -58.57 8.91 50.41
CA PRO D 6 -57.12 9.12 50.34
C PRO D 6 -56.45 8.70 51.63
N SER D 7 -55.67 7.63 51.57
CA SER D 7 -55.10 7.00 52.75
C SER D 7 -53.59 6.96 52.63
N ILE D 8 -52.91 7.42 53.67
CA ILE D 8 -51.44 7.40 53.75
C ILE D 8 -51.06 6.62 54.99
N ASN D 9 -50.13 5.68 54.82
CA ASN D 9 -49.69 4.83 55.93
C ASN D 9 -48.18 4.73 55.91
N ILE D 10 -47.60 4.53 57.09
CA ILE D 10 -46.17 4.38 57.26
C ILE D 10 -45.91 2.99 57.84
N SER D 11 -45.02 2.24 57.19
CA SER D 11 -44.73 0.87 57.59
C SER D 11 -43.42 0.82 58.35
N PHE D 12 -43.44 0.23 59.54
CA PHE D 12 -42.25 0.06 60.37
C PHE D 12 -41.83 -1.39 60.28
N LYS D 13 -40.68 -1.62 59.64
CA LYS D 13 -40.15 -2.96 59.45
C LYS D 13 -38.67 -2.97 59.82
N GLU D 14 -38.26 -4.02 60.53
CA GLU D 14 -36.86 -4.21 60.91
C GLU D 14 -36.32 -5.42 60.16
N LEU D 15 -35.23 -5.23 59.43
CA LEU D 15 -34.62 -6.33 58.71
C LEU D 15 -33.99 -7.32 59.67
N ALA D 16 -34.22 -8.60 59.43
CA ALA D 16 -33.68 -9.68 60.23
C ALA D 16 -32.85 -10.61 59.36
N THR D 17 -31.87 -11.25 59.98
CA THR D 17 -31.03 -12.20 59.26
C THR D 17 -31.87 -13.38 58.78
N THR D 18 -32.05 -13.49 57.47
CA THR D 18 -32.91 -14.52 56.87
C THR D 18 -32.03 -15.57 56.23
N VAL D 19 -32.03 -16.78 56.81
CA VAL D 19 -31.35 -17.93 56.26
C VAL D 19 -32.35 -19.08 56.22
N LYS D 20 -32.49 -19.70 55.04
CA LYS D 20 -33.41 -20.82 54.90
C LYS D 20 -32.97 -21.95 55.82
N GLU D 21 -33.91 -22.45 56.61
CA GLU D 21 -33.61 -23.43 57.65
C GLU D 21 -33.98 -24.82 57.16
N ARG D 22 -32.98 -25.68 57.04
CA ARG D 22 -33.15 -27.04 56.58
C ARG D 22 -33.27 -27.98 57.78
N SER D 23 -33.19 -29.29 57.52
CA SER D 23 -33.36 -30.28 58.58
C SER D 23 -32.35 -30.05 59.71
N ALA D 24 -32.85 -30.16 60.94
CA ALA D 24 -32.03 -29.91 62.12
C ALA D 24 -31.19 -31.13 62.45
N ARG D 25 -29.90 -30.92 62.70
CA ARG D 25 -28.96 -31.97 63.01
C ARG D 25 -28.58 -31.91 64.48
N GLY D 26 -28.03 -33.01 64.98
CA GLY D 26 -27.64 -33.10 66.38
C GLY D 26 -28.74 -33.51 67.32
N ILE D 27 -29.92 -33.84 66.82
CA ILE D 27 -31.02 -34.26 67.67
C ILE D 27 -30.80 -35.69 68.11
N ILE D 28 -31.20 -35.99 69.34
CA ILE D 28 -31.07 -37.33 69.92
C ILE D 28 -32.45 -37.78 70.37
N ALA D 29 -32.89 -38.93 69.87
CA ALA D 29 -34.10 -39.57 70.33
C ALA D 29 -33.73 -40.64 71.34
N MET D 30 -34.03 -40.40 72.61
CA MET D 30 -33.71 -41.33 73.68
C MET D 30 -34.98 -42.03 74.12
N VAL D 31 -34.95 -43.35 74.13
CA VAL D 31 -36.09 -44.16 74.50
C VAL D 31 -35.70 -45.06 75.66
N LEU D 32 -36.60 -45.21 76.62
CA LEU D 32 -36.33 -45.98 77.83
C LEU D 32 -37.66 -46.37 78.45
N LYS D 33 -37.61 -47.34 79.35
CA LYS D 33 -38.81 -47.86 80.00
C LYS D 33 -38.81 -47.52 81.48
N ASP D 34 -39.96 -47.07 81.97
CA ASP D 34 -40.15 -46.73 83.38
C ASP D 34 -41.64 -46.71 83.68
N ALA D 35 -41.96 -46.71 84.97
CA ALA D 35 -43.34 -46.63 85.42
C ALA D 35 -43.79 -45.21 85.73
N LYS D 36 -42.88 -44.23 85.67
CA LYS D 36 -43.19 -42.84 86.00
C LYS D 36 -42.96 -41.96 84.79
N ALA D 37 -43.75 -40.89 84.70
CA ALA D 37 -43.66 -39.90 83.63
C ALA D 37 -43.77 -40.57 82.25
N LEU D 38 -44.87 -41.28 82.06
CA LEU D 38 -45.08 -42.03 80.83
C LEU D 38 -45.19 -41.09 79.63
N GLY D 39 -44.76 -41.58 78.46
CA GLY D 39 -44.73 -40.78 77.26
C GLY D 39 -43.41 -40.06 77.08
N LEU D 40 -43.34 -39.29 76.01
CA LEU D 40 -42.15 -38.49 75.74
C LEU D 40 -41.96 -37.44 76.82
N ASN D 41 -40.69 -37.14 77.11
CA ASN D 41 -40.35 -36.20 78.17
C ASN D 41 -39.86 -34.85 77.66
N GLU D 42 -39.62 -34.72 76.35
CA GLU D 42 -39.28 -33.47 75.68
C GLU D 42 -38.30 -32.62 76.49
N ILE D 43 -37.15 -33.22 76.79
CA ILE D 43 -36.13 -32.53 77.58
C ILE D 43 -35.30 -31.65 76.65
N HIS D 44 -35.76 -30.41 76.46
CA HIS D 44 -35.06 -29.51 75.55
C HIS D 44 -33.77 -28.98 76.16
N GLU D 45 -33.71 -28.84 77.47
CA GLU D 45 -32.56 -28.30 78.16
C GLU D 45 -31.94 -29.37 79.03
N LYS D 46 -30.60 -29.34 79.14
CA LYS D 46 -29.88 -30.36 79.87
C LYS D 46 -30.20 -30.33 81.36
N GLU D 47 -30.31 -29.13 81.94
CA GLU D 47 -30.41 -29.02 83.40
C GLU D 47 -31.71 -29.60 83.93
N ASP D 48 -32.83 -29.29 83.29
CA ASP D 48 -34.14 -29.63 83.84
C ASP D 48 -34.48 -31.09 83.53
N ILE D 49 -34.72 -31.87 84.58
CA ILE D 49 -35.07 -33.29 84.45
C ILE D 49 -36.28 -33.57 85.34
N PRO D 50 -37.27 -34.34 84.88
CA PRO D 50 -38.36 -34.75 85.77
C PRO D 50 -37.82 -35.54 86.95
N VAL D 51 -38.43 -35.30 88.12
CA VAL D 51 -37.89 -35.87 89.36
C VAL D 51 -38.33 -37.32 89.56
N ASP D 52 -39.52 -37.68 89.06
CA ASP D 52 -40.05 -39.02 89.30
C ASP D 52 -39.25 -40.11 88.59
N LEU D 53 -38.37 -39.74 87.67
CA LEU D 53 -37.57 -40.73 86.96
C LEU D 53 -36.62 -41.43 87.91
N SER D 54 -36.28 -42.68 87.57
CA SER D 54 -35.36 -43.46 88.40
C SER D 54 -33.98 -42.84 88.40
N ALA D 55 -33.27 -43.01 89.52
CA ALA D 55 -31.94 -42.43 89.66
C ALA D 55 -30.97 -43.03 88.63
N GLU D 56 -31.08 -44.33 88.37
CA GLU D 56 -30.22 -44.97 87.39
C GLU D 56 -30.46 -44.41 85.99
N ASN D 57 -31.73 -44.30 85.61
CA ASN D 57 -32.05 -43.74 84.29
C ASN D 57 -31.74 -42.25 84.23
N LYS D 58 -31.88 -41.54 85.36
CA LYS D 58 -31.45 -40.14 85.39
C LYS D 58 -29.95 -40.04 85.17
N GLU D 59 -29.18 -40.98 85.74
CA GLU D 59 -27.74 -40.99 85.54
C GLU D 59 -27.39 -41.26 84.07
N TYR D 60 -28.10 -42.21 83.45
CA TYR D 60 -27.87 -42.45 82.03
C TYR D 60 -28.22 -41.24 81.19
N ILE D 61 -29.29 -40.53 81.56
CA ILE D 61 -29.62 -39.27 80.91
C ILE D 61 -28.48 -38.28 81.08
N ASN D 62 -27.86 -38.26 82.26
CA ASN D 62 -26.75 -37.36 82.51
C ASN D 62 -25.56 -37.69 81.60
N LEU D 63 -25.27 -38.97 81.41
CA LEU D 63 -24.26 -39.35 80.42
C LEU D 63 -24.64 -38.84 79.03
N ALA D 64 -25.92 -38.97 78.67
CA ALA D 64 -26.35 -38.50 77.36
C ALA D 64 -26.19 -36.98 77.21
N LEU D 65 -26.39 -36.25 78.31
CA LEU D 65 -26.46 -34.78 78.23
C LEU D 65 -25.10 -34.18 77.90
N MET D 66 -24.05 -34.61 78.60
CA MET D 66 -22.72 -34.07 78.36
C MET D 66 -22.20 -34.50 76.99
N GLY D 67 -21.52 -33.59 76.31
CA GLY D 67 -21.07 -33.82 74.95
C GLY D 67 -19.57 -33.65 74.81
N ASN D 68 -19.01 -34.30 73.79
CA ASN D 68 -17.57 -34.24 73.57
C ASN D 68 -17.12 -32.84 73.16
N VAL D 69 -17.78 -32.24 72.17
CA VAL D 69 -17.44 -30.93 71.67
C VAL D 69 -18.45 -29.88 72.12
N ASN D 70 -19.74 -30.15 71.90
CA ASN D 70 -20.80 -29.25 72.33
C ASN D 70 -21.94 -30.09 72.91
N THR D 71 -22.72 -29.45 73.78
CA THR D 71 -23.91 -30.10 74.31
C THR D 71 -24.89 -30.34 73.16
N PRO D 72 -25.50 -31.52 73.07
CA PRO D 72 -26.44 -31.79 71.98
C PRO D 72 -27.55 -30.76 71.94
N ASN D 73 -27.89 -30.34 70.71
CA ASN D 73 -28.83 -29.23 70.55
C ASN D 73 -30.21 -29.56 71.10
N LYS D 74 -30.68 -30.78 70.83
CA LYS D 74 -32.01 -31.19 71.29
C LYS D 74 -31.96 -32.63 71.77
N LEU D 75 -32.68 -32.89 72.86
CA LEU D 75 -32.83 -34.24 73.40
C LEU D 75 -34.30 -34.56 73.55
N LEU D 76 -34.68 -35.76 73.14
CA LEU D 76 -36.05 -36.24 73.26
C LEU D 76 -36.02 -37.59 73.98
N VAL D 77 -36.52 -37.63 75.20
CA VAL D 77 -36.50 -38.81 76.04
C VAL D 77 -37.92 -39.36 76.13
N TYR D 78 -38.07 -40.64 75.84
CA TYR D 78 -39.37 -41.32 75.87
C TYR D 78 -39.40 -42.36 76.98
N VAL D 79 -40.52 -42.42 77.69
CA VAL D 79 -40.75 -43.40 78.74
C VAL D 79 -41.92 -44.28 78.33
N ILE D 80 -41.72 -45.60 78.45
CA ILE D 80 -42.72 -46.57 78.05
C ILE D 80 -42.91 -47.55 79.20
N GLU D 81 -44.09 -48.17 79.26
CA GLU D 81 -44.36 -49.18 80.27
C GLU D 81 -43.51 -50.42 80.00
N GLY D 82 -43.24 -51.18 81.07
CA GLY D 82 -42.36 -52.32 80.96
C GLY D 82 -42.81 -53.37 79.97
N GLU D 83 -44.12 -53.48 79.75
CA GLU D 83 -44.66 -54.45 78.80
C GLU D 83 -44.81 -53.82 77.42
N ALA D 84 -44.55 -54.61 76.38
CA ALA D 84 -44.60 -54.16 74.99
C ALA D 84 -43.69 -52.96 74.78
N ASP D 85 -42.40 -53.17 75.01
CA ASP D 85 -41.43 -52.08 75.01
C ASP D 85 -41.15 -51.55 73.61
N ILE D 86 -41.53 -52.26 72.56
CA ILE D 86 -40.98 -51.97 71.24
C ILE D 86 -41.99 -51.32 70.31
N GLN D 87 -43.28 -51.62 70.49
CA GLN D 87 -44.31 -51.18 69.54
C GLN D 87 -44.43 -49.66 69.44
N THR D 88 -44.89 -49.02 70.53
CA THR D 88 -45.17 -47.60 70.45
C THR D 88 -43.90 -46.76 70.37
N ALA D 89 -42.76 -47.30 70.81
CA ALA D 89 -41.50 -46.61 70.59
C ALA D 89 -41.24 -46.45 69.09
N LEU D 90 -41.40 -47.54 68.34
CA LEU D 90 -41.28 -47.48 66.89
C LEU D 90 -42.34 -46.57 66.28
N ASP D 91 -43.56 -46.62 66.81
CA ASP D 91 -44.61 -45.76 66.28
C ASP D 91 -44.26 -44.29 66.44
N PHE D 92 -43.76 -43.90 67.62
CA PHE D 92 -43.37 -42.51 67.85
C PHE D 92 -42.14 -42.12 67.05
N LEU D 93 -41.20 -43.05 66.87
CA LEU D 93 -40.05 -42.77 66.02
C LEU D 93 -40.48 -42.51 64.58
N GLU D 94 -41.41 -43.31 64.08
CA GLU D 94 -41.96 -43.07 62.75
C GLU D 94 -42.69 -41.73 62.70
N THR D 95 -43.34 -41.36 63.80
CA THR D 95 -44.10 -40.11 63.83
C THR D 95 -43.20 -38.89 63.69
N LYS D 96 -42.06 -38.88 64.37
CA LYS D 96 -41.26 -37.68 64.51
C LYS D 96 -39.81 -37.95 64.11
N GLU D 97 -39.21 -36.98 63.43
CA GLU D 97 -37.85 -37.13 62.91
C GLU D 97 -36.82 -37.09 64.03
N PHE D 98 -35.69 -37.75 63.80
CA PHE D 98 -34.60 -37.80 64.75
C PHE D 98 -33.34 -38.25 64.03
N ASN D 99 -32.22 -38.22 64.76
CA ASN D 99 -30.92 -38.59 64.19
C ASN D 99 -30.33 -39.83 64.82
N TYR D 100 -30.19 -39.86 66.15
CA TYR D 100 -29.50 -40.94 66.83
C TYR D 100 -30.37 -41.48 67.95
N LEU D 101 -30.12 -42.74 68.32
CA LEU D 101 -30.93 -43.44 69.31
C LEU D 101 -30.11 -44.49 70.01
N CYS D 102 -30.52 -44.84 71.23
CA CYS D 102 -29.87 -45.88 72.00
C CYS D 102 -30.88 -46.51 72.96
N MET D 103 -30.58 -47.74 73.36
CA MET D 103 -31.40 -48.50 74.31
C MET D 103 -30.56 -48.91 75.51
N PRO D 104 -30.57 -48.15 76.61
CA PRO D 104 -29.81 -48.58 77.80
C PRO D 104 -30.25 -49.92 78.34
N LYS D 105 -31.54 -50.23 78.28
CA LYS D 105 -32.09 -51.50 78.76
C LYS D 105 -32.79 -52.17 77.58
N ALA D 106 -32.18 -53.23 77.05
CA ALA D 106 -32.74 -53.93 75.91
C ALA D 106 -32.46 -55.42 76.03
N VAL D 107 -33.42 -56.22 75.56
CA VAL D 107 -33.23 -57.66 75.39
C VAL D 107 -32.73 -57.89 73.98
N GLU D 108 -32.22 -59.10 73.70
CA GLU D 108 -31.69 -59.41 72.37
C GLU D 108 -32.77 -59.27 71.30
N ALA D 109 -33.99 -59.73 71.61
CA ALA D 109 -35.10 -59.54 70.68
C ALA D 109 -35.36 -58.06 70.44
N ASP D 110 -35.21 -57.23 71.47
CA ASP D 110 -35.37 -55.80 71.30
C ASP D 110 -34.35 -55.25 70.31
N LYS D 111 -33.09 -55.67 70.45
CA LYS D 111 -32.05 -55.21 69.53
C LYS D 111 -32.34 -55.65 68.11
N THR D 112 -32.76 -56.91 67.93
CA THR D 112 -33.07 -57.42 66.61
C THR D 112 -34.24 -56.64 65.99
N ALA D 113 -35.27 -56.37 66.79
CA ALA D 113 -36.42 -55.62 66.29
C ALA D 113 -36.00 -54.21 65.86
N ILE D 114 -35.17 -53.55 66.67
CA ILE D 114 -34.71 -52.21 66.33
C ILE D 114 -33.93 -52.23 65.02
N LYS D 115 -33.03 -53.21 64.88
CA LYS D 115 -32.21 -53.29 63.67
C LYS D 115 -33.08 -53.54 62.43
N ASN D 116 -34.01 -54.48 62.53
CA ASN D 116 -34.89 -54.79 61.40
C ASN D 116 -35.75 -53.58 61.04
N TRP D 117 -36.27 -52.88 62.05
CA TRP D 117 -37.08 -51.71 61.78
C TRP D 117 -36.27 -50.62 61.09
N ILE D 118 -35.02 -50.40 61.53
CA ILE D 118 -34.19 -49.39 60.89
C ILE D 118 -33.91 -49.77 59.44
N ILE D 119 -33.58 -51.03 59.19
CA ILE D 119 -33.31 -51.47 57.82
C ILE D 119 -34.55 -51.29 56.94
N LYS D 120 -35.72 -51.65 57.47
CA LYS D 120 -36.95 -51.47 56.71
C LYS D 120 -37.22 -49.99 56.43
N LEU D 121 -37.03 -49.13 57.44
CA LEU D 121 -37.43 -47.74 57.30
C LEU D 121 -36.52 -47.00 56.34
N ARG D 122 -35.19 -47.17 56.47
CA ARG D 122 -34.27 -46.41 55.66
C ARG D 122 -34.45 -46.65 54.17
N ASP D 123 -35.09 -47.76 53.79
CA ASP D 123 -35.36 -48.03 52.38
C ASP D 123 -36.81 -47.74 51.99
N ILE D 124 -37.78 -48.31 52.72
CA ILE D 124 -39.18 -48.15 52.34
C ILE D 124 -39.64 -46.72 52.56
N ASP D 125 -39.33 -46.15 53.72
CA ASP D 125 -39.82 -44.82 54.05
C ASP D 125 -38.94 -43.71 53.49
N LYS D 126 -37.74 -44.05 52.99
CA LYS D 126 -36.78 -43.05 52.50
C LYS D 126 -36.50 -42.00 53.57
N VAL D 127 -36.37 -42.45 54.81
CA VAL D 127 -36.03 -41.59 55.94
C VAL D 127 -34.69 -42.07 56.49
N LYS D 128 -33.73 -41.15 56.61
CA LYS D 128 -32.39 -41.48 57.03
C LYS D 128 -32.27 -41.29 58.54
N VAL D 129 -32.09 -42.40 59.26
CA VAL D 129 -31.91 -42.38 60.70
C VAL D 129 -30.77 -43.32 61.06
N LYS D 130 -30.22 -43.11 62.26
CA LYS D 130 -29.15 -43.96 62.78
C LYS D 130 -29.41 -44.21 64.26
N ALA D 131 -28.83 -45.29 64.76
CA ALA D 131 -28.97 -45.63 66.17
C ALA D 131 -27.74 -46.41 66.62
N VAL D 132 -27.52 -46.40 67.94
CA VAL D 132 -26.41 -47.10 68.57
C VAL D 132 -26.99 -48.22 69.42
N LEU D 133 -26.45 -49.43 69.26
CA LEU D 133 -26.93 -50.59 69.99
C LEU D 133 -25.77 -51.27 70.70
N GLY D 134 -26.09 -51.98 71.78
CA GLY D 134 -25.04 -52.55 72.61
C GLY D 134 -24.26 -53.66 71.93
N LYS D 135 -24.95 -54.55 71.22
CA LYS D 135 -24.28 -55.69 70.60
C LYS D 135 -25.11 -56.15 69.40
N VAL D 136 -24.63 -55.84 68.20
CA VAL D 136 -25.29 -56.24 66.97
C VAL D 136 -24.23 -56.70 65.97
N VAL D 137 -24.68 -57.42 64.95
CA VAL D 137 -23.82 -57.92 63.89
C VAL D 137 -24.34 -57.49 62.51
N GLY D 138 -25.14 -56.43 62.46
CA GLY D 138 -25.73 -56.00 61.23
C GLY D 138 -24.71 -55.50 60.22
N ASN D 139 -25.12 -55.49 58.96
CA ASN D 139 -24.28 -55.06 57.85
C ASN D 139 -24.71 -53.72 57.28
N HIS D 140 -25.64 -53.02 57.92
CA HIS D 140 -26.17 -51.78 57.36
C HIS D 140 -25.33 -50.59 57.80
N GLU D 141 -25.47 -49.49 57.05
CA GLU D 141 -24.73 -48.27 57.36
C GLU D 141 -25.32 -47.54 58.56
N GLY D 142 -26.63 -47.62 58.76
CA GLY D 142 -27.29 -46.88 59.82
C GLY D 142 -27.19 -47.49 61.20
N ILE D 143 -26.54 -48.63 61.33
CA ILE D 143 -26.40 -49.32 62.61
C ILE D 143 -24.94 -49.25 63.04
N ILE D 144 -24.71 -48.89 64.30
CA ILE D 144 -23.38 -48.76 64.87
C ILE D 144 -23.19 -49.84 65.92
N ASN D 145 -22.12 -50.63 65.77
CA ASN D 145 -21.82 -51.72 66.69
C ASN D 145 -20.68 -51.28 67.60
N PHE D 146 -21.02 -50.84 68.80
CA PHE D 146 -20.04 -50.50 69.83
C PHE D 146 -19.97 -51.62 70.85
N THR D 147 -18.75 -52.05 71.17
CA THR D 147 -18.58 -53.21 72.06
C THR D 147 -17.28 -53.04 72.84
N THR D 148 -17.39 -52.56 74.07
CA THR D 148 -16.26 -52.48 74.99
C THR D 148 -16.73 -52.94 76.36
N GLU D 149 -16.09 -53.98 76.89
CA GLU D 149 -16.56 -54.65 78.10
C GLU D 149 -15.99 -54.00 79.35
N ASP D 150 -16.75 -54.13 80.45
CA ASP D 150 -16.30 -53.74 81.79
C ASP D 150 -15.85 -52.28 81.85
N VAL D 151 -16.65 -51.40 81.25
CA VAL D 151 -16.35 -49.97 81.32
C VAL D 151 -16.57 -49.49 82.75
N LEU D 152 -15.58 -48.81 83.30
CA LEU D 152 -15.62 -48.35 84.70
C LEU D 152 -15.54 -46.83 84.71
N VAL D 153 -16.68 -46.18 84.90
CA VAL D 153 -16.78 -44.72 84.97
C VAL D 153 -17.51 -44.35 86.24
N GLY D 154 -16.97 -43.37 86.96
CA GLY D 154 -17.57 -42.94 88.21
C GLY D 154 -17.61 -44.05 89.24
N GLU D 155 -16.47 -44.74 89.40
CA GLU D 155 -16.30 -45.91 90.26
C GLU D 155 -17.51 -46.84 90.18
N LYS D 156 -18.04 -47.04 88.97
CA LYS D 156 -19.21 -47.86 88.75
C LYS D 156 -18.92 -48.86 87.63
N LYS D 157 -19.48 -50.06 87.76
CA LYS D 157 -19.29 -51.11 86.77
C LYS D 157 -20.38 -50.98 85.71
N TYR D 158 -19.98 -50.52 84.52
CA TYR D 158 -20.92 -50.30 83.42
C TYR D 158 -20.77 -51.42 82.40
N SER D 159 -21.89 -52.04 82.04
CA SER D 159 -21.87 -53.09 81.04
C SER D 159 -21.81 -52.48 79.63
N VAL D 160 -21.58 -53.36 78.65
CA VAL D 160 -21.38 -52.91 77.28
C VAL D 160 -22.63 -52.21 76.75
N ASP D 161 -23.81 -52.71 77.12
CA ASP D 161 -25.05 -52.15 76.57
C ASP D 161 -25.38 -50.80 77.18
N GLU D 162 -24.99 -50.56 78.43
CA GLU D 162 -25.39 -49.34 79.12
C GLU D 162 -24.63 -48.12 78.60
N PHE D 163 -23.32 -48.26 78.38
CA PHE D 163 -22.50 -47.11 78.03
C PHE D 163 -22.79 -46.59 76.63
N THR D 164 -23.55 -47.34 75.82
CA THR D 164 -23.88 -46.89 74.47
C THR D 164 -24.65 -45.58 74.47
N SER D 165 -25.34 -45.24 75.57
CA SER D 165 -25.99 -43.94 75.65
C SER D 165 -24.97 -42.82 75.58
N ARG D 166 -23.88 -42.94 76.34
CA ARG D 166 -22.81 -41.94 76.29
C ARG D 166 -22.15 -41.94 74.92
N VAL D 167 -22.01 -43.10 74.30
CA VAL D 167 -21.42 -43.18 72.97
C VAL D 167 -22.28 -42.39 71.97
N ALA D 168 -23.59 -42.61 72.01
CA ALA D 168 -24.49 -41.91 71.10
C ALA D 168 -24.48 -40.41 71.37
N GLY D 169 -24.49 -40.01 72.65
CA GLY D 169 -24.41 -38.60 72.97
C GLY D 169 -23.14 -37.95 72.46
N LEU D 170 -22.01 -38.66 72.61
CA LEU D 170 -20.74 -38.15 72.13
C LEU D 170 -20.73 -38.02 70.62
N ILE D 171 -21.29 -39.01 69.91
CA ILE D 171 -21.33 -38.96 68.46
C ILE D 171 -22.19 -37.80 67.99
N ALA D 172 -23.35 -37.61 68.61
CA ALA D 172 -24.26 -36.56 68.17
C ALA D 172 -23.75 -35.17 68.57
N GLY D 173 -22.98 -35.08 69.65
CA GLY D 173 -22.51 -33.77 70.10
C GLY D 173 -21.53 -33.13 69.14
N THR D 174 -20.65 -33.93 68.53
CA THR D 174 -19.61 -33.37 67.69
C THR D 174 -20.22 -32.82 66.39
N PRO D 175 -19.61 -31.78 65.83
CA PRO D 175 -20.11 -31.23 64.56
C PRO D 175 -19.78 -32.13 63.38
N LEU D 176 -20.35 -31.79 62.24
CA LEU D 176 -20.15 -32.58 61.02
C LEU D 176 -18.69 -32.51 60.56
N SER D 177 -18.07 -31.34 60.65
CA SER D 177 -16.73 -31.17 60.10
C SER D 177 -15.71 -32.07 60.80
N GLN D 178 -15.79 -32.17 62.13
CA GLN D 178 -14.84 -32.96 62.89
C GLN D 178 -15.23 -34.44 62.84
N SER D 179 -14.38 -35.27 63.44
CA SER D 179 -14.61 -36.71 63.49
C SER D 179 -14.38 -37.21 64.91
N VAL D 180 -14.87 -38.43 65.17
CA VAL D 180 -14.78 -39.02 66.50
C VAL D 180 -13.46 -39.74 66.77
N THR D 181 -12.63 -39.94 65.74
CA THR D 181 -11.40 -40.69 65.92
C THR D 181 -10.45 -39.95 66.85
N TYR D 182 -9.87 -40.69 67.80
CA TYR D 182 -8.98 -40.13 68.83
C TYR D 182 -9.64 -38.96 69.54
N THR D 183 -10.76 -39.23 70.18
CA THR D 183 -11.44 -38.29 71.07
C THR D 183 -11.35 -38.84 72.49
N LYS D 184 -10.81 -38.02 73.39
CA LYS D 184 -10.52 -38.49 74.75
C LYS D 184 -11.71 -38.32 75.66
N LEU D 185 -11.95 -39.33 76.50
CA LEU D 185 -13.01 -39.32 77.49
C LEU D 185 -12.36 -39.30 78.86
N SER D 186 -12.38 -38.14 79.52
CA SER D 186 -11.77 -38.03 80.84
C SER D 186 -12.50 -38.87 81.87
N ASP D 187 -13.81 -39.09 81.67
CA ASP D 187 -14.60 -39.82 82.65
C ASP D 187 -14.18 -41.29 82.73
N VAL D 188 -13.89 -41.90 81.60
CA VAL D 188 -13.45 -43.30 81.59
C VAL D 188 -12.07 -43.39 82.21
N VAL D 189 -11.91 -44.31 83.16
CA VAL D 189 -10.68 -44.37 83.94
C VAL D 189 -10.00 -45.73 83.79
N ASP D 190 -10.78 -46.77 83.50
CA ASP D 190 -10.23 -48.12 83.42
C ASP D 190 -10.89 -48.89 82.30
N ILE D 191 -10.10 -49.70 81.60
CA ILE D 191 -10.57 -50.60 80.56
C ILE D 191 -9.81 -51.92 80.73
N PRO D 192 -10.45 -53.07 80.53
CA PRO D 192 -9.69 -54.32 80.50
C PRO D 192 -8.61 -54.27 79.44
N LYS D 193 -7.43 -54.78 79.78
CA LYS D 193 -6.31 -54.73 78.85
C LYS D 193 -6.57 -55.64 77.66
N MET D 194 -6.25 -55.13 76.47
CA MET D 194 -6.45 -55.88 75.24
C MET D 194 -5.26 -55.67 74.33
N THR D 195 -4.80 -56.74 73.68
CA THR D 195 -3.64 -56.64 72.81
C THR D 195 -3.99 -55.83 71.56
N LYS D 196 -2.96 -55.23 70.97
CA LYS D 196 -3.17 -54.31 69.86
C LYS D 196 -3.61 -55.04 68.59
N VAL D 197 -3.02 -56.21 68.31
CA VAL D 197 -3.29 -56.90 67.06
C VAL D 197 -4.73 -57.43 67.04
N ASP D 198 -5.19 -58.00 68.15
CA ASP D 198 -6.55 -58.52 68.17
C ASP D 198 -7.58 -57.39 68.26
N ALA D 199 -7.23 -56.27 68.91
CA ALA D 199 -8.10 -55.11 68.86
C ALA D 199 -8.23 -54.58 67.43
N GLU D 200 -7.12 -54.60 66.69
CA GLU D 200 -7.17 -54.23 65.28
C GLU D 200 -8.04 -55.18 64.48
N SER D 201 -7.94 -56.48 64.77
CA SER D 201 -8.82 -57.44 64.11
C SER D 201 -10.28 -57.14 64.43
N ARG D 202 -10.57 -56.81 65.69
CA ARG D 202 -11.93 -56.45 66.08
C ARG D 202 -12.42 -55.24 65.30
N VAL D 203 -11.58 -54.21 65.17
CA VAL D 203 -11.95 -53.05 64.36
C VAL D 203 -12.21 -53.48 62.92
N ASN D 204 -11.39 -54.40 62.41
CA ASN D 204 -11.58 -54.90 61.05
C ASN D 204 -12.90 -55.64 60.88
N LYS D 205 -13.48 -56.15 61.97
CA LYS D 205 -14.76 -56.86 61.93
C LYS D 205 -15.94 -55.92 61.72
N GLY D 206 -15.71 -54.62 61.46
CA GLY D 206 -16.78 -53.65 61.48
C GLY D 206 -17.17 -53.20 62.87
N GLU D 207 -16.47 -53.65 63.90
CA GLU D 207 -16.82 -53.40 65.28
C GLU D 207 -16.14 -52.14 65.79
N LEU D 208 -16.86 -51.38 66.60
CA LEU D 208 -16.32 -50.19 67.25
C LEU D 208 -15.92 -50.54 68.67
N ILE D 209 -14.68 -50.24 69.03
CA ILE D 209 -14.13 -50.54 70.34
C ILE D 209 -13.44 -49.30 70.89
N LEU D 210 -13.30 -49.27 72.21
CA LEU D 210 -12.57 -48.22 72.90
C LEU D 210 -11.18 -48.74 73.27
N ILE D 211 -10.15 -48.00 72.88
CA ILE D 211 -8.77 -48.43 73.06
C ILE D 211 -7.99 -47.32 73.74
N LYS D 212 -6.88 -47.69 74.36
CA LYS D 212 -6.02 -46.76 75.08
C LYS D 212 -4.68 -46.62 74.39
N GLU D 213 -4.18 -45.40 74.33
CA GLU D 213 -2.87 -45.11 73.77
C GLU D 213 -2.48 -43.69 74.17
N ALA D 214 -1.17 -43.49 74.33
CA ALA D 214 -0.60 -42.19 74.76
C ALA D 214 -1.21 -41.85 76.12
N GLY D 215 -1.55 -40.58 76.37
CA GLY D 215 -1.88 -40.14 77.71
C GLY D 215 -3.32 -40.36 78.14
N ALA D 216 -4.24 -40.56 77.20
CA ALA D 216 -5.66 -40.61 77.52
C ALA D 216 -6.32 -41.78 76.82
N ILE D 217 -7.61 -41.97 77.13
CA ILE D 217 -8.42 -43.01 76.52
C ILE D 217 -9.18 -42.39 75.35
N ARG D 218 -9.00 -42.94 74.15
CA ARG D 218 -9.55 -42.31 72.95
C ARG D 218 -10.21 -43.34 72.05
N ILE D 219 -11.26 -42.89 71.37
CA ILE D 219 -12.00 -43.73 70.42
C ILE D 219 -11.10 -44.06 69.24
N ALA D 220 -11.28 -45.25 68.67
CA ALA D 220 -10.45 -45.71 67.56
C ALA D 220 -11.33 -45.86 66.32
N ARG D 221 -11.28 -44.86 65.44
CA ARG D 221 -11.90 -44.91 64.10
C ARG D 221 -13.35 -45.36 64.16
N GLY D 222 -14.19 -44.45 64.62
CA GLY D 222 -15.62 -44.68 64.59
C GLY D 222 -16.08 -45.04 63.19
N VAL D 223 -16.55 -46.27 63.04
CA VAL D 223 -17.00 -46.79 61.76
C VAL D 223 -18.33 -47.49 61.96
N ASN D 224 -19.05 -47.68 60.86
CA ASN D 224 -20.37 -48.31 60.91
C ASN D 224 -20.19 -49.81 61.09
N SER D 225 -21.31 -50.52 61.11
CA SER D 225 -21.31 -51.97 61.24
C SER D 225 -21.09 -52.69 59.91
N LEU D 226 -20.93 -51.94 58.82
CA LEU D 226 -20.74 -52.54 57.51
C LEU D 226 -19.49 -53.40 57.49
N THR D 227 -19.60 -54.60 56.93
CA THR D 227 -18.48 -55.53 56.84
C THR D 227 -18.20 -55.98 55.42
N GLU D 228 -19.23 -56.29 54.63
CA GLU D 228 -19.08 -56.74 53.26
C GLU D 228 -19.31 -55.58 52.31
N LEU D 229 -18.42 -55.43 51.34
CA LEU D 229 -18.46 -54.32 50.41
C LEU D 229 -18.96 -54.82 49.06
N THR D 230 -20.12 -54.31 48.63
CA THR D 230 -20.64 -54.61 47.31
C THR D 230 -20.07 -53.64 46.28
N ALA D 231 -20.26 -53.98 45.00
CA ALA D 231 -19.73 -53.13 43.94
C ALA D 231 -20.39 -51.76 43.93
N GLU D 232 -21.71 -51.71 44.12
CA GLU D 232 -22.42 -50.43 44.04
C GLU D 232 -22.06 -49.51 45.20
N LYS D 233 -22.03 -50.04 46.41
CA LYS D 233 -21.74 -49.23 47.59
C LYS D 233 -20.24 -49.06 47.76
N GLY D 234 -19.85 -47.96 48.40
CA GLY D 234 -18.46 -47.58 48.50
C GLY D 234 -17.77 -48.08 49.76
N GLU D 235 -16.45 -48.20 49.67
CA GLU D 235 -15.65 -48.44 50.86
C GLU D 235 -15.80 -47.28 51.84
N MET D 236 -15.91 -46.06 51.32
CA MET D 236 -16.10 -44.89 52.15
C MET D 236 -17.46 -44.88 52.86
N PHE D 237 -18.38 -45.76 52.46
CA PHE D 237 -19.67 -45.82 53.13
C PHE D 237 -19.53 -46.23 54.59
N GLN D 238 -18.65 -47.20 54.87
CA GLN D 238 -18.51 -47.69 56.24
C GLN D 238 -17.84 -46.70 57.17
N LYS D 239 -17.57 -45.46 56.72
CA LYS D 239 -17.18 -44.39 57.61
C LYS D 239 -18.42 -43.66 58.11
N ILE D 240 -18.33 -43.09 59.31
CA ILE D 240 -19.51 -42.48 59.91
C ILE D 240 -19.77 -41.08 59.32
N LYS D 241 -18.75 -40.23 59.32
CA LYS D 241 -18.94 -38.84 58.91
C LYS D 241 -19.53 -38.73 57.52
N ILE D 242 -19.09 -39.62 56.62
CA ILE D 242 -19.59 -39.61 55.25
C ILE D 242 -21.07 -39.94 55.22
N VAL D 243 -21.48 -40.97 55.98
CA VAL D 243 -22.90 -41.31 56.03
C VAL D 243 -23.70 -40.16 56.61
N ASP D 244 -23.17 -39.51 57.63
CA ASP D 244 -23.90 -38.40 58.27
C ASP D 244 -24.13 -37.26 57.28
N THR D 245 -23.07 -36.86 56.57
CA THR D 245 -23.24 -35.76 55.63
C THR D 245 -24.12 -36.15 54.44
N LEU D 246 -24.04 -37.42 54.00
CA LEU D 246 -24.94 -37.86 52.93
C LEU D 246 -26.39 -37.81 53.38
N ASP D 247 -26.66 -38.22 54.63
CA ASP D 247 -28.02 -38.15 55.14
C ASP D 247 -28.50 -36.71 55.21
N ILE D 248 -27.63 -35.80 55.65
CA ILE D 248 -28.01 -34.38 55.71
C ILE D 248 -28.37 -33.87 54.33
N ILE D 249 -27.52 -34.18 53.33
CA ILE D 249 -27.77 -33.73 51.96
C ILE D 249 -29.10 -34.29 51.45
N HIS D 250 -29.32 -35.59 51.68
CA HIS D 250 -30.55 -36.23 51.23
C HIS D 250 -31.77 -35.56 51.83
N SER D 251 -31.76 -35.36 53.15
CA SER D 251 -32.91 -34.75 53.81
C SER D 251 -33.16 -33.33 53.30
N ASP D 252 -32.10 -32.54 53.15
CA ASP D 252 -32.27 -31.16 52.72
C ASP D 252 -32.85 -31.09 51.31
N ILE D 253 -32.28 -31.88 50.38
CA ILE D 253 -32.78 -31.84 49.01
C ILE D 253 -34.21 -32.34 48.94
N ARG D 254 -34.54 -33.40 49.68
CA ARG D 254 -35.91 -33.90 49.66
C ARG D 254 -36.88 -32.85 50.18
N LYS D 255 -36.54 -32.18 51.28
CA LYS D 255 -37.42 -31.16 51.83
C LYS D 255 -37.61 -30.01 50.85
N VAL D 256 -36.52 -29.54 50.23
CA VAL D 256 -36.62 -28.43 49.29
C VAL D 256 -37.51 -28.82 48.11
N ILE D 257 -37.27 -30.00 47.55
CA ILE D 257 -38.03 -30.45 46.38
C ILE D 257 -39.51 -30.54 46.72
N ILE D 258 -39.83 -31.21 47.83
CA ILE D 258 -41.23 -31.40 48.21
C ILE D 258 -41.90 -30.06 48.45
N ASP D 259 -41.22 -29.14 49.14
CA ASP D 259 -41.85 -27.88 49.50
C ASP D 259 -42.06 -26.99 48.27
N ASP D 260 -41.13 -27.00 47.32
CA ASP D 260 -41.16 -26.02 46.24
C ASP D 260 -41.58 -26.59 44.90
N TYR D 261 -40.88 -27.61 44.39
CA TYR D 261 -40.93 -27.93 42.97
C TYR D 261 -41.91 -29.02 42.59
N ILE D 262 -42.68 -29.56 43.53
CA ILE D 262 -43.60 -30.65 43.24
C ILE D 262 -44.99 -30.07 43.05
N GLY D 263 -45.52 -30.23 41.84
CA GLY D 263 -46.89 -29.86 41.55
C GLY D 263 -47.16 -28.40 41.30
N LYS D 264 -46.14 -27.54 41.39
CA LYS D 264 -46.34 -26.11 41.27
C LYS D 264 -45.92 -25.54 39.92
N VAL D 265 -45.03 -26.22 39.20
CA VAL D 265 -44.55 -25.73 37.91
C VAL D 265 -44.60 -26.85 36.88
N THR D 266 -44.69 -26.47 35.61
CA THR D 266 -44.77 -27.43 34.53
C THR D 266 -43.42 -28.11 34.31
N ASN D 267 -43.45 -29.22 33.58
CA ASN D 267 -42.25 -29.97 33.24
C ASN D 267 -41.82 -29.56 31.84
N SER D 268 -40.77 -28.75 31.75
CA SER D 268 -40.20 -28.34 30.48
C SER D 268 -38.69 -28.26 30.63
N TYR D 269 -38.02 -28.03 29.50
CA TYR D 269 -36.56 -27.96 29.53
C TYR D 269 -36.08 -26.80 30.39
N ASP D 270 -36.75 -25.65 30.28
CA ASP D 270 -36.38 -24.49 31.08
C ASP D 270 -36.59 -24.74 32.57
N ASN D 271 -37.70 -25.38 32.94
CA ASN D 271 -37.93 -25.70 34.34
C ASN D 271 -36.90 -26.69 34.86
N LYS D 272 -36.52 -27.66 34.03
CA LYS D 272 -35.44 -28.58 34.42
C LYS D 272 -34.14 -27.83 34.65
N CYS D 273 -33.83 -26.86 33.77
CA CYS D 273 -32.62 -26.07 33.95
C CYS D 273 -32.68 -25.28 35.26
N LEU D 274 -33.84 -24.69 35.56
CA LEU D 274 -33.97 -23.93 36.80
C LEU D 274 -33.80 -24.83 38.02
N LEU D 275 -34.38 -26.02 37.99
CA LEU D 275 -34.20 -26.96 39.09
C LEU D 275 -32.74 -27.34 39.26
N ILE D 276 -32.05 -27.58 38.14
CA ILE D 276 -30.62 -27.90 38.20
C ILE D 276 -29.85 -26.75 38.82
N VAL D 277 -30.18 -25.52 38.43
CA VAL D 277 -29.49 -24.35 38.99
C VAL D 277 -29.73 -24.25 40.49
N ALA D 278 -30.97 -24.50 40.92
CA ALA D 278 -31.26 -24.44 42.36
C ALA D 278 -30.48 -25.49 43.13
N ILE D 279 -30.41 -26.72 42.60
CA ILE D 279 -29.65 -27.78 43.27
C ILE D 279 -28.17 -27.42 43.32
N LYS D 280 -27.65 -26.86 42.23
CA LYS D 280 -26.25 -26.45 42.20
C LYS D 280 -25.98 -25.34 43.20
N SER D 281 -26.93 -24.41 43.35
CA SER D 281 -26.79 -23.35 44.34
C SER D 281 -26.77 -23.93 45.76
N TYR D 282 -27.62 -24.93 46.03
CA TYR D 282 -27.59 -25.56 47.34
C TYR D 282 -26.26 -26.25 47.59
N LEU D 283 -25.72 -26.93 46.58
CA LEU D 283 -24.42 -27.57 46.74
C LEU D 283 -23.32 -26.53 46.98
N GLU D 284 -23.38 -25.40 46.28
CA GLU D 284 -22.42 -24.32 46.51
C GLU D 284 -22.53 -23.80 47.95
N GLU D 285 -23.76 -23.66 48.45
CA GLU D 285 -23.96 -23.26 49.83
C GLU D 285 -23.31 -24.25 50.78
N LEU D 286 -23.50 -25.55 50.53
CA LEU D 286 -22.88 -26.56 51.38
C LEU D 286 -21.37 -26.55 51.28
N GLU D 287 -20.83 -26.09 50.16
CA GLU D 287 -19.39 -26.11 49.95
C GLU D 287 -18.65 -25.28 51.01
N LYS D 288 -19.18 -24.09 51.31
CA LYS D 288 -18.46 -23.18 52.21
C LYS D 288 -18.28 -23.76 53.61
N SER D 289 -19.10 -24.73 53.99
CA SER D 289 -18.91 -25.43 55.25
C SER D 289 -17.79 -26.47 55.19
N ALA D 290 -17.03 -26.51 54.09
CA ALA D 290 -15.90 -27.40 53.91
C ALA D 290 -16.29 -28.88 53.97
N LEU D 291 -17.59 -29.17 53.84
CA LEU D 291 -18.03 -30.57 53.86
C LEU D 291 -17.66 -31.28 52.55
N ILE D 292 -17.91 -30.64 51.41
CA ILE D 292 -17.65 -31.21 50.10
C ILE D 292 -16.97 -30.18 49.23
N GLU D 293 -16.50 -30.62 48.07
CA GLU D 293 -15.81 -29.77 47.11
C GLU D 293 -16.81 -29.12 46.16
N SER D 294 -16.42 -27.96 45.62
CA SER D 294 -17.26 -27.18 44.74
C SER D 294 -17.22 -27.65 43.28
N ASP D 295 -16.41 -28.65 42.96
CA ASP D 295 -16.35 -29.16 41.60
C ASP D 295 -17.60 -29.91 41.19
N SER D 296 -18.51 -30.18 42.12
CA SER D 296 -19.70 -30.97 41.84
C SER D 296 -20.55 -30.33 40.75
N THR D 297 -21.08 -31.16 39.85
CA THR D 297 -21.91 -30.71 38.75
C THR D 297 -23.19 -31.51 38.72
N VAL D 298 -24.26 -30.86 38.25
CA VAL D 298 -25.57 -31.48 38.10
C VAL D 298 -26.02 -31.31 36.65
N GLU D 299 -26.48 -32.40 36.04
CA GLU D 299 -26.86 -32.35 34.63
C GLU D 299 -27.95 -33.38 34.37
N ILE D 300 -28.63 -33.21 33.23
CA ILE D 300 -29.66 -34.15 32.82
C ILE D 300 -29.03 -35.51 32.55
N ASP D 301 -29.66 -36.56 33.09
CA ASP D 301 -29.20 -37.92 32.83
C ASP D 301 -29.72 -38.35 31.48
N PHE D 302 -28.82 -38.41 30.48
CA PHE D 302 -29.25 -38.70 29.12
C PHE D 302 -29.68 -40.15 28.97
N GLU D 303 -29.01 -41.07 29.67
CA GLU D 303 -29.34 -42.48 29.55
C GLU D 303 -30.75 -42.76 30.03
N ALA D 304 -31.14 -42.17 31.15
CA ALA D 304 -32.50 -42.39 31.66
C ALA D 304 -33.55 -41.85 30.70
N GLN D 305 -33.29 -40.68 30.12
CA GLN D 305 -34.22 -40.12 29.15
C GLN D 305 -34.33 -41.00 27.92
N LYS D 306 -33.20 -41.53 27.44
CA LYS D 306 -33.24 -42.45 26.31
C LYS D 306 -34.04 -43.70 26.64
N SER D 307 -33.85 -44.23 27.84
CA SER D 307 -34.62 -45.40 28.26
C SER D 307 -36.11 -45.10 28.31
N TYR D 308 -36.47 -43.92 28.82
CA TYR D 308 -37.88 -43.55 28.89
C TYR D 308 -38.49 -43.45 27.49
N LEU D 309 -37.77 -42.80 26.57
CA LEU D 309 -38.29 -42.65 25.20
C LEU D 309 -38.40 -44.00 24.51
N LYS D 310 -37.42 -44.89 24.68
CA LYS D 310 -37.52 -46.20 24.04
C LYS D 310 -38.63 -47.03 24.67
N SER D 311 -38.89 -46.83 25.97
CA SER D 311 -40.04 -47.48 26.59
C SER D 311 -41.34 -46.97 25.98
N LYS D 312 -41.41 -45.67 25.69
CA LYS D 312 -42.56 -45.15 24.97
C LYS D 312 -42.68 -45.76 23.57
N GLY D 313 -41.54 -46.00 22.92
CA GLY D 313 -41.54 -46.65 21.63
C GLY D 313 -41.35 -45.74 20.44
N VAL D 314 -41.11 -44.45 20.65
CA VAL D 314 -40.89 -43.55 19.53
C VAL D 314 -39.52 -43.81 18.90
N ASP D 315 -39.38 -43.40 17.64
CA ASP D 315 -38.13 -43.56 16.90
C ASP D 315 -37.34 -42.27 16.99
N LEU D 316 -36.20 -42.33 17.68
CA LEU D 316 -35.37 -41.17 17.94
C LEU D 316 -34.20 -41.05 16.96
N SER D 317 -34.17 -41.87 15.91
CA SER D 317 -33.07 -41.82 14.95
C SER D 317 -33.03 -40.49 14.23
N TYR D 318 -34.19 -39.96 13.82
CA TYR D 318 -34.21 -38.70 13.09
C TYR D 318 -33.78 -37.53 13.95
N MET D 319 -34.18 -37.52 15.22
CA MET D 319 -33.87 -36.39 16.09
C MET D 319 -32.37 -36.32 16.38
N THR D 320 -31.85 -35.10 16.44
CA THR D 320 -30.46 -34.87 16.79
C THR D 320 -30.23 -35.21 18.26
N LEU D 321 -28.98 -35.55 18.58
CA LEU D 321 -28.64 -35.96 19.94
C LEU D 321 -28.97 -34.86 20.95
N GLN D 322 -28.68 -33.60 20.59
CA GLN D 322 -29.06 -32.49 21.46
C GLN D 322 -30.56 -32.39 21.61
N GLU D 323 -31.31 -32.67 20.54
CA GLU D 323 -32.76 -32.58 20.61
C GLU D 323 -33.35 -33.60 21.57
N ILE D 324 -32.74 -34.78 21.67
CA ILE D 324 -33.26 -35.83 22.53
C ILE D 324 -33.31 -35.37 23.99
N LYS D 325 -32.29 -34.62 24.41
CA LYS D 325 -32.27 -34.11 25.78
C LYS D 325 -33.43 -33.16 26.02
N GLU D 326 -33.76 -32.34 25.03
CA GLU D 326 -34.85 -31.37 25.16
C GLU D 326 -36.23 -31.99 24.93
N ALA D 327 -36.29 -33.27 24.56
CA ALA D 327 -37.57 -33.91 24.28
C ALA D 327 -38.43 -33.99 25.54
N ASN D 328 -39.75 -34.00 25.33
CA ASN D 328 -40.68 -34.07 26.45
C ASN D 328 -40.57 -35.41 27.16
N THR D 329 -40.64 -35.37 28.50
CA THR D 329 -40.49 -36.56 29.33
C THR D 329 -41.70 -36.84 30.19
N GLY D 330 -42.84 -36.19 29.92
CA GLY D 330 -44.03 -36.43 30.72
C GLY D 330 -43.84 -35.98 32.15
N SER D 331 -44.40 -36.77 33.08
CA SER D 331 -44.31 -36.42 34.49
C SER D 331 -42.91 -36.63 35.04
N LYS D 332 -42.20 -37.64 34.55
CA LYS D 332 -40.91 -38.01 35.13
C LYS D 332 -39.86 -36.93 34.86
N VAL D 333 -38.92 -36.82 35.79
CA VAL D 333 -37.74 -35.97 35.64
C VAL D 333 -36.53 -36.77 36.09
N PHE D 334 -35.46 -36.75 35.29
CA PHE D 334 -34.25 -37.50 35.58
C PHE D 334 -33.07 -36.55 35.64
N LEU D 335 -32.25 -36.71 36.67
CA LEU D 335 -31.07 -35.87 36.88
C LEU D 335 -29.88 -36.75 37.25
N LYS D 336 -28.69 -36.22 37.01
CA LYS D 336 -27.45 -36.91 37.32
C LYS D 336 -26.46 -35.92 37.92
N ALA D 337 -25.77 -36.35 38.98
CA ALA D 337 -24.83 -35.47 39.65
C ALA D 337 -23.65 -36.28 40.16
N LYS D 338 -22.52 -35.60 40.34
CA LYS D 338 -21.32 -36.20 40.91
C LYS D 338 -20.73 -35.24 41.93
N ILE D 339 -20.32 -35.79 43.08
CA ILE D 339 -19.75 -35.00 44.17
C ILE D 339 -18.56 -35.77 44.74
N LYS D 340 -17.82 -35.10 45.61
CA LYS D 340 -16.75 -35.72 46.37
C LYS D 340 -16.87 -35.29 47.82
N VAL D 341 -16.79 -36.25 48.74
CA VAL D 341 -17.00 -36.02 50.16
C VAL D 341 -15.65 -35.95 50.86
N LEU D 342 -15.43 -34.88 51.60
CA LEU D 342 -14.18 -34.70 52.33
C LEU D 342 -14.20 -35.51 53.62
N ASP D 343 -13.04 -35.58 54.27
CA ASP D 343 -12.88 -36.30 55.51
C ASP D 343 -11.76 -35.66 56.31
N ALA D 344 -11.68 -36.01 57.60
CA ALA D 344 -10.61 -35.51 58.44
C ALA D 344 -9.35 -36.34 58.27
N MET D 345 -8.20 -35.70 58.47
CA MET D 345 -6.93 -36.40 58.35
C MET D 345 -6.78 -37.42 59.46
N GLU D 346 -6.47 -38.66 59.10
CA GLU D 346 -6.40 -39.74 60.07
C GLU D 346 -5.08 -40.51 59.96
N ASP D 347 -4.51 -40.56 58.76
CA ASP D 347 -3.26 -41.27 58.54
C ASP D 347 -2.27 -40.31 57.88
N ILE D 348 -1.08 -40.20 58.48
CA ILE D 348 -0.06 -39.26 58.03
C ILE D 348 1.25 -40.00 57.87
N ASP D 349 1.90 -39.84 56.72
CA ASP D 349 3.20 -40.40 56.44
C ASP D 349 4.19 -39.26 56.19
N LEU D 350 5.30 -39.25 56.93
CA LEU D 350 6.29 -38.20 56.83
C LEU D 350 7.67 -38.83 56.74
N SER D 351 8.44 -38.41 55.73
CA SER D 351 9.79 -38.92 55.50
C SER D 351 10.74 -37.73 55.41
N ILE D 352 11.86 -37.82 56.11
CA ILE D 352 12.88 -36.77 56.12
C ILE D 352 14.19 -37.36 55.61
N GLU D 353 14.94 -36.53 54.88
CA GLU D 353 16.23 -36.92 54.33
C GLU D 353 17.33 -36.23 55.12
N ILE D 354 18.21 -37.03 55.72
CA ILE D 354 19.29 -36.49 56.54
C ILE D 354 20.38 -35.91 55.63
N ALA E 2 -77.53 10.51 3.55
CA ALA E 2 -76.84 11.27 2.52
C ALA E 2 -76.18 12.51 3.10
N ILE E 3 -76.39 13.65 2.45
CA ILE E 3 -75.80 14.89 2.91
C ILE E 3 -76.49 15.36 4.19
N GLY E 4 -75.69 15.64 5.21
CA GLY E 4 -76.19 16.18 6.46
C GLY E 4 -75.43 17.43 6.87
N LEU E 5 -75.78 17.95 8.03
CA LEU E 5 -75.11 19.13 8.54
C LEU E 5 -73.66 18.80 8.86
N PRO E 6 -72.73 19.73 8.60
CA PRO E 6 -71.34 19.48 9.01
C PRO E 6 -71.23 19.33 10.51
N SER E 7 -70.36 18.44 10.94
CA SER E 7 -70.26 18.11 12.36
C SER E 7 -68.85 17.69 12.70
N ILE E 8 -68.43 18.05 13.92
CA ILE E 8 -67.13 17.68 14.46
C ILE E 8 -67.36 16.97 15.78
N ASN E 9 -66.83 15.77 15.92
CA ASN E 9 -67.03 14.95 17.11
C ASN E 9 -65.69 14.54 17.69
N ILE E 10 -65.60 14.59 19.02
CA ILE E 10 -64.40 14.21 19.76
C ILE E 10 -64.78 13.07 20.70
N SER E 11 -63.97 12.02 20.71
CA SER E 11 -64.26 10.83 21.50
C SER E 11 -63.13 10.56 22.48
N PHE E 12 -63.51 10.22 23.71
CA PHE E 12 -62.56 9.80 24.74
C PHE E 12 -62.99 8.41 25.24
N LYS E 13 -62.04 7.48 25.29
CA LYS E 13 -62.33 6.14 25.76
C LYS E 13 -61.12 5.58 26.50
N GLU E 14 -61.38 4.62 27.38
CA GLU E 14 -60.31 3.99 28.15
C GLU E 14 -59.44 3.15 27.23
N LEU E 15 -58.21 2.89 27.69
CA LEU E 15 -57.33 1.97 27.01
C LEU E 15 -57.97 0.58 26.95
N ALA E 16 -57.82 -0.08 25.80
CA ALA E 16 -58.37 -1.41 25.64
C ALA E 16 -57.67 -2.41 26.55
N THR E 17 -58.44 -3.36 27.09
CA THR E 17 -57.85 -4.40 27.93
C THR E 17 -56.93 -5.30 27.11
N THR E 18 -57.21 -5.46 25.82
CA THR E 18 -56.40 -6.26 24.90
C THR E 18 -56.27 -7.72 25.36
N VAL E 19 -57.32 -8.26 25.96
CA VAL E 19 -57.39 -9.69 26.28
C VAL E 19 -58.63 -10.26 25.60
N LYS E 20 -58.42 -11.33 24.83
CA LYS E 20 -59.52 -11.91 24.03
C LYS E 20 -60.58 -12.51 24.95
N GLU E 21 -60.14 -13.28 25.94
CA GLU E 21 -60.89 -13.94 27.00
C GLU E 21 -61.71 -15.13 26.52
N ARG E 22 -62.07 -15.16 25.23
CA ARG E 22 -62.63 -16.34 24.53
C ARG E 22 -63.62 -17.05 25.46
N SER E 23 -63.56 -18.37 25.59
CA SER E 23 -64.44 -19.09 26.50
C SER E 23 -64.01 -18.89 27.95
N ALA E 24 -64.97 -18.99 28.86
CA ALA E 24 -64.69 -18.85 30.28
C ALA E 24 -63.80 -20.00 30.77
N ARG E 25 -62.84 -19.66 31.63
CA ARG E 25 -61.90 -20.64 32.17
C ARG E 25 -62.38 -21.22 33.50
N GLY E 26 -62.75 -20.35 34.45
CA GLY E 26 -63.13 -20.82 35.77
C GLY E 26 -64.55 -20.47 36.15
N ILE E 27 -65.40 -21.47 36.30
CA ILE E 27 -66.80 -21.29 36.67
C ILE E 27 -67.30 -22.58 37.25
N ILE E 28 -68.07 -22.47 38.34
CA ILE E 28 -68.53 -23.63 39.10
C ILE E 28 -70.05 -23.65 39.11
N ALA E 29 -70.62 -24.85 39.02
CA ALA E 29 -72.06 -25.06 39.15
C ALA E 29 -72.31 -26.07 40.26
N MET E 30 -73.32 -25.79 41.08
CA MET E 30 -73.68 -26.68 42.18
C MET E 30 -75.19 -26.69 42.34
N VAL E 31 -75.76 -27.88 42.54
CA VAL E 31 -77.19 -28.05 42.78
C VAL E 31 -77.39 -28.64 44.17
N LEU E 32 -78.39 -28.15 44.87
CA LEU E 32 -78.72 -28.54 46.24
C LEU E 32 -80.21 -28.43 46.43
N LYS E 33 -80.78 -29.30 47.25
CA LYS E 33 -82.23 -29.38 47.40
C LYS E 33 -82.66 -28.83 48.75
N ASP E 34 -83.48 -27.78 48.72
CA ASP E 34 -84.10 -27.20 49.90
C ASP E 34 -85.31 -26.39 49.47
N ALA E 35 -86.14 -26.04 50.45
CA ALA E 35 -87.43 -25.42 50.16
C ALA E 35 -87.29 -23.98 49.66
N LYS E 36 -86.37 -23.22 50.23
CA LYS E 36 -86.36 -21.77 50.04
C LYS E 36 -85.49 -21.36 48.85
N ALA E 37 -85.62 -20.08 48.47
CA ALA E 37 -84.77 -19.44 47.47
C ALA E 37 -84.83 -20.16 46.13
N LEU E 38 -86.04 -20.54 45.71
CA LEU E 38 -86.21 -21.38 44.54
C LEU E 38 -85.65 -20.70 43.29
N GLY E 39 -84.92 -21.46 42.48
CA GLY E 39 -84.31 -20.96 41.26
C GLY E 39 -82.83 -20.71 41.42
N LEU E 40 -82.22 -20.24 40.32
CA LEU E 40 -80.80 -19.93 40.32
C LEU E 40 -80.51 -18.74 41.21
N ASN E 41 -79.46 -18.86 42.03
CA ASN E 41 -78.92 -17.76 42.82
C ASN E 41 -77.40 -17.78 42.65
N GLU E 42 -76.91 -17.07 41.64
CA GLU E 42 -75.47 -16.98 41.43
C GLU E 42 -74.85 -16.14 42.54
N ILE E 43 -73.75 -16.64 43.11
CA ILE E 43 -73.10 -16.01 44.25
C ILE E 43 -71.83 -15.35 43.75
N HIS E 44 -71.79 -14.02 43.81
CA HIS E 44 -70.62 -13.28 43.35
C HIS E 44 -69.46 -13.39 44.33
N GLU E 45 -69.75 -13.37 45.63
CA GLU E 45 -68.71 -13.39 46.65
C GLU E 45 -69.31 -13.95 47.94
N LYS E 46 -68.46 -14.05 48.96
CA LYS E 46 -68.85 -14.71 50.21
C LYS E 46 -69.82 -13.85 51.02
N GLU E 47 -69.67 -12.53 50.98
CA GLU E 47 -70.41 -11.67 51.91
C GLU E 47 -71.92 -11.76 51.70
N ASP E 48 -72.36 -11.86 50.44
CA ASP E 48 -73.79 -11.88 50.13
C ASP E 48 -74.24 -13.33 49.95
N ILE E 49 -74.90 -13.86 50.97
CA ILE E 49 -75.53 -15.17 50.91
C ILE E 49 -76.99 -15.00 51.29
N PRO E 50 -77.94 -15.46 50.48
CA PRO E 50 -79.36 -15.34 50.85
C PRO E 50 -79.65 -16.06 52.15
N VAL E 51 -80.35 -15.36 53.06
CA VAL E 51 -80.59 -15.89 54.39
C VAL E 51 -81.59 -17.04 54.38
N ASP E 52 -82.44 -17.13 53.34
CA ASP E 52 -83.43 -18.19 53.30
C ASP E 52 -82.82 -19.58 53.17
N LEU E 53 -81.55 -19.66 52.77
CA LEU E 53 -80.88 -20.96 52.72
C LEU E 53 -80.74 -21.55 54.11
N SER E 54 -80.80 -22.87 54.19
CA SER E 54 -80.69 -23.57 55.46
C SER E 54 -79.24 -23.58 55.95
N ALA E 55 -79.08 -23.96 57.23
CA ALA E 55 -77.75 -23.97 57.83
C ALA E 55 -76.84 -24.99 57.15
N GLU E 56 -77.34 -26.19 56.89
CA GLU E 56 -76.54 -27.21 56.23
C GLU E 56 -76.16 -26.77 54.82
N ASN E 57 -77.10 -26.15 54.11
CA ASN E 57 -76.79 -25.58 52.80
C ASN E 57 -75.77 -24.46 52.91
N LYS E 58 -75.82 -23.68 53.99
CA LYS E 58 -74.81 -22.64 54.19
C LYS E 58 -73.43 -23.25 54.39
N GLU E 59 -73.35 -24.34 55.15
CA GLU E 59 -72.07 -25.02 55.32
C GLU E 59 -71.58 -25.60 53.99
N TYR E 60 -72.51 -26.09 53.16
CA TYR E 60 -72.11 -26.58 51.85
C TYR E 60 -71.56 -25.46 50.98
N ILE E 61 -72.20 -24.30 51.02
CA ILE E 61 -71.67 -23.11 50.34
C ILE E 61 -70.27 -22.79 50.85
N ASN E 62 -70.09 -22.82 52.16
CA ASN E 62 -68.80 -22.50 52.75
C ASN E 62 -67.72 -23.48 52.27
N LEU E 63 -68.06 -24.77 52.22
CA LEU E 63 -67.12 -25.75 51.69
C LEU E 63 -66.79 -25.45 50.24
N ALA E 64 -67.79 -25.07 49.44
CA ALA E 64 -67.54 -24.77 48.04
C ALA E 64 -66.84 -23.43 47.83
N LEU E 65 -66.71 -22.60 48.86
CA LEU E 65 -66.21 -21.25 48.66
C LEU E 65 -64.71 -21.22 48.38
N MET E 66 -63.90 -21.66 49.35
CA MET E 66 -62.46 -21.44 49.25
C MET E 66 -61.85 -22.23 48.11
N GLY E 67 -60.94 -21.58 47.38
CA GLY E 67 -60.21 -22.22 46.31
C GLY E 67 -58.79 -22.55 46.72
N ASN E 68 -58.16 -23.45 45.97
CA ASN E 68 -56.83 -23.93 46.33
C ASN E 68 -55.81 -22.80 46.32
N VAL E 69 -55.73 -22.07 45.20
CA VAL E 69 -54.75 -21.01 45.02
C VAL E 69 -55.42 -19.65 44.90
N ASN E 70 -56.51 -19.57 44.14
CA ASN E 70 -57.24 -18.34 43.95
C ASN E 70 -58.72 -18.58 44.21
N THR E 71 -59.42 -17.52 44.58
CA THR E 71 -60.87 -17.61 44.74
C THR E 71 -61.51 -17.91 43.40
N PRO E 72 -62.60 -18.69 43.39
CA PRO E 72 -63.25 -19.01 42.12
C PRO E 72 -63.70 -17.76 41.37
N ASN E 73 -63.53 -17.78 40.06
CA ASN E 73 -63.90 -16.62 39.24
C ASN E 73 -65.40 -16.40 39.25
N LYS E 74 -66.17 -17.46 39.01
CA LYS E 74 -67.61 -17.37 38.95
C LYS E 74 -68.22 -18.58 39.63
N LEU E 75 -69.27 -18.34 40.41
CA LEU E 75 -70.00 -19.42 41.08
C LEU E 75 -71.46 -19.33 40.68
N LEU E 76 -71.99 -20.41 40.11
CA LEU E 76 -73.40 -20.51 39.76
C LEU E 76 -74.02 -21.57 40.64
N VAL E 77 -75.06 -21.19 41.39
CA VAL E 77 -75.75 -22.09 42.30
C VAL E 77 -77.19 -22.21 41.84
N TYR E 78 -77.65 -23.45 41.66
CA TYR E 78 -79.05 -23.72 41.34
C TYR E 78 -79.73 -24.27 42.57
N VAL E 79 -80.84 -23.67 42.94
CA VAL E 79 -81.64 -24.13 44.07
C VAL E 79 -82.79 -24.99 43.55
N ILE E 80 -82.82 -26.25 43.97
CA ILE E 80 -83.87 -27.19 43.60
C ILE E 80 -84.64 -27.54 44.86
N GLU E 81 -85.93 -27.83 44.71
CA GLU E 81 -86.74 -28.13 45.87
C GLU E 81 -86.30 -29.45 46.51
N GLY E 82 -86.60 -29.58 47.80
CA GLY E 82 -86.15 -30.74 48.53
C GLY E 82 -86.67 -32.04 47.95
N GLU E 83 -87.94 -32.05 47.54
CA GLU E 83 -88.56 -33.23 46.94
C GLU E 83 -88.50 -33.18 45.41
N ALA E 84 -87.92 -32.12 44.85
CA ALA E 84 -88.03 -31.86 43.43
C ALA E 84 -87.31 -32.92 42.60
N ASP E 85 -87.81 -33.09 41.38
CA ASP E 85 -87.31 -34.14 40.49
C ASP E 85 -85.84 -33.92 40.16
N ILE E 86 -85.14 -35.03 39.95
CA ILE E 86 -83.72 -34.98 39.60
C ILE E 86 -83.52 -34.26 38.27
N GLN E 87 -84.44 -34.46 37.32
CA GLN E 87 -84.17 -34.09 35.93
C GLN E 87 -84.15 -32.58 35.70
N THR E 88 -85.10 -31.85 36.31
CA THR E 88 -85.38 -30.49 35.87
C THR E 88 -84.19 -29.55 36.05
N ALA E 89 -83.48 -29.69 37.17
CA ALA E 89 -82.34 -28.83 37.45
C ALA E 89 -81.30 -28.94 36.34
N LEU E 90 -81.00 -30.18 35.95
CA LEU E 90 -80.02 -30.45 34.91
C LEU E 90 -80.41 -29.78 33.60
N ASP E 91 -81.64 -30.00 33.18
CA ASP E 91 -82.13 -29.41 31.94
C ASP E 91 -82.03 -27.90 31.98
N PHE E 92 -82.39 -27.29 33.11
CA PHE E 92 -82.26 -25.84 33.22
C PHE E 92 -80.81 -25.40 33.11
N LEU E 93 -79.90 -26.14 33.76
CA LEU E 93 -78.48 -25.78 33.70
C LEU E 93 -77.92 -25.91 32.29
N GLU E 94 -78.46 -26.84 31.50
CA GLU E 94 -78.02 -26.99 30.12
C GLU E 94 -77.95 -25.67 29.36
N THR E 95 -78.91 -24.77 29.58
CA THR E 95 -78.88 -23.48 28.91
C THR E 95 -77.63 -22.69 29.27
N LYS E 96 -77.30 -22.65 30.55
CA LYS E 96 -76.11 -21.94 31.00
C LYS E 96 -74.85 -22.72 30.65
N GLU E 97 -73.74 -22.02 30.58
CA GLU E 97 -72.43 -22.64 30.40
C GLU E 97 -71.71 -22.70 31.74
N PHE E 98 -71.05 -23.82 31.99
CA PHE E 98 -70.31 -24.02 33.23
C PHE E 98 -69.17 -24.99 32.99
N ASN E 99 -68.22 -25.01 33.92
CA ASN E 99 -67.04 -25.85 33.81
C ASN E 99 -67.07 -27.05 34.74
N TYR E 100 -67.53 -26.88 35.98
CA TYR E 100 -67.51 -27.94 36.98
C TYR E 100 -68.86 -28.03 37.67
N LEU E 101 -69.27 -29.27 37.96
CA LEU E 101 -70.54 -29.53 38.64
C LEU E 101 -70.30 -30.42 39.84
N CYS E 102 -70.85 -30.02 40.99
CA CYS E 102 -70.79 -30.80 42.21
C CYS E 102 -72.16 -30.81 42.87
N MET E 103 -72.60 -31.99 43.32
CA MET E 103 -73.89 -32.12 43.98
C MET E 103 -73.64 -32.62 45.40
N PRO E 104 -73.72 -31.74 46.40
CA PRO E 104 -73.23 -32.12 47.74
C PRO E 104 -73.93 -33.31 48.38
N LYS E 105 -75.22 -33.50 48.13
CA LYS E 105 -75.88 -34.71 48.64
C LYS E 105 -75.28 -35.97 48.04
N ALA E 106 -74.99 -35.94 46.74
CA ALA E 106 -74.40 -37.06 46.02
C ALA E 106 -75.18 -38.35 46.27
N VAL E 107 -76.51 -38.26 46.23
CA VAL E 107 -77.34 -39.42 46.44
C VAL E 107 -77.11 -40.43 45.32
N GLU E 108 -77.19 -41.72 45.66
CA GLU E 108 -76.92 -42.77 44.70
C GLU E 108 -77.89 -42.74 43.52
N ALA E 109 -79.08 -42.18 43.73
CA ALA E 109 -80.01 -42.02 42.62
C ALA E 109 -79.48 -41.05 41.57
N ASP E 110 -78.86 -39.95 42.01
CA ASP E 110 -78.42 -38.90 41.10
C ASP E 110 -77.19 -39.29 40.28
N LYS E 111 -76.40 -40.24 40.77
CA LYS E 111 -75.11 -40.52 40.14
C LYS E 111 -75.28 -41.05 38.72
N THR E 112 -76.24 -41.96 38.51
CA THR E 112 -76.41 -42.55 37.20
C THR E 112 -76.86 -41.53 36.18
N ALA E 113 -77.87 -40.72 36.53
CA ALA E 113 -78.36 -39.70 35.60
C ALA E 113 -77.30 -38.65 35.32
N ILE E 114 -76.55 -38.23 36.35
CA ILE E 114 -75.50 -37.23 36.13
C ILE E 114 -74.43 -37.79 35.19
N LYS E 115 -74.01 -39.03 35.43
CA LYS E 115 -73.01 -39.66 34.56
C LYS E 115 -73.50 -39.74 33.13
N ASN E 116 -74.74 -40.21 32.94
CA ASN E 116 -75.27 -40.37 31.59
C ASN E 116 -75.40 -39.03 30.88
N TRP E 117 -75.86 -38.01 31.60
CA TRP E 117 -76.01 -36.69 30.99
C TRP E 117 -74.66 -36.10 30.61
N ILE E 118 -73.65 -36.27 31.48
CA ILE E 118 -72.31 -35.80 31.17
C ILE E 118 -71.79 -36.49 29.92
N ILE E 119 -71.97 -37.80 29.85
CA ILE E 119 -71.54 -38.54 28.66
C ILE E 119 -72.27 -38.04 27.43
N LYS E 120 -73.57 -37.79 27.55
CA LYS E 120 -74.36 -37.37 26.39
C LYS E 120 -73.89 -36.02 25.86
N LEU E 121 -73.63 -35.06 26.74
CA LEU E 121 -73.08 -33.80 26.25
C LEU E 121 -71.69 -33.97 25.67
N ARG E 122 -70.83 -34.72 26.37
CA ARG E 122 -69.43 -34.78 25.98
C ARG E 122 -69.24 -35.52 24.66
N ASP E 123 -70.15 -36.44 24.33
CA ASP E 123 -70.05 -37.19 23.09
C ASP E 123 -70.99 -36.68 22.01
N ILE E 124 -72.30 -36.64 22.31
CA ILE E 124 -73.29 -36.34 21.27
C ILE E 124 -73.26 -34.86 20.91
N ASP E 125 -73.30 -33.98 21.91
CA ASP E 125 -73.42 -32.55 21.66
C ASP E 125 -72.07 -31.84 21.60
N LYS E 126 -70.97 -32.57 21.79
CA LYS E 126 -69.62 -32.00 21.73
C LYS E 126 -69.47 -30.84 22.71
N VAL E 127 -70.02 -31.00 23.90
CA VAL E 127 -69.91 -30.01 24.97
C VAL E 127 -69.04 -30.60 26.07
N LYS E 128 -67.93 -29.93 26.37
CA LYS E 128 -66.96 -30.44 27.34
C LYS E 128 -67.33 -29.92 28.72
N VAL E 129 -67.82 -30.83 29.58
CA VAL E 129 -68.19 -30.51 30.94
C VAL E 129 -67.69 -31.62 31.85
N LYS E 130 -67.58 -31.30 33.15
CA LYS E 130 -67.06 -32.23 34.13
C LYS E 130 -67.92 -32.22 35.36
N ALA E 131 -68.12 -33.40 35.96
CA ALA E 131 -68.89 -33.54 37.18
C ALA E 131 -68.12 -34.41 38.18
N VAL E 132 -68.19 -34.06 39.46
CA VAL E 132 -67.47 -34.75 40.51
C VAL E 132 -68.49 -35.41 41.42
N LEU E 133 -68.36 -36.73 41.59
CA LEU E 133 -69.26 -37.50 42.43
C LEU E 133 -68.46 -38.50 43.24
N GLY E 134 -69.05 -38.94 44.36
CA GLY E 134 -68.34 -39.76 45.32
C GLY E 134 -68.01 -41.17 44.88
N LYS E 135 -69.02 -42.02 44.74
CA LYS E 135 -68.82 -43.46 44.53
C LYS E 135 -69.12 -43.91 43.11
N VAL E 136 -69.10 -42.99 42.15
CA VAL E 136 -69.32 -43.39 40.76
C VAL E 136 -68.14 -44.22 40.27
N VAL E 137 -68.44 -45.29 39.56
CA VAL E 137 -67.40 -46.17 39.02
C VAL E 137 -67.12 -45.90 37.55
N GLY E 138 -68.01 -45.20 36.85
CA GLY E 138 -67.81 -44.89 35.44
C GLY E 138 -66.52 -44.16 35.20
N ASN E 139 -65.65 -44.73 34.37
CA ASN E 139 -64.30 -44.24 34.16
C ASN E 139 -64.18 -43.39 32.91
N HIS E 140 -65.24 -42.69 32.52
CA HIS E 140 -65.14 -41.76 31.41
C HIS E 140 -64.27 -40.56 31.83
N GLU E 141 -63.57 -39.99 30.85
CA GLU E 141 -62.67 -38.88 31.15
C GLU E 141 -63.40 -37.68 31.71
N GLY E 142 -64.67 -37.50 31.33
CA GLY E 142 -65.44 -36.40 31.87
C GLY E 142 -65.75 -36.56 33.35
N ILE E 143 -65.98 -37.79 33.79
CA ILE E 143 -66.37 -38.05 35.17
C ILE E 143 -65.14 -38.03 36.07
N ILE E 144 -65.20 -37.22 37.13
CA ILE E 144 -64.19 -37.22 38.19
C ILE E 144 -64.83 -37.86 39.42
N ASN E 145 -64.13 -38.84 39.99
CA ASN E 145 -64.64 -39.60 41.11
C ASN E 145 -63.67 -39.51 42.29
N PHE E 146 -64.22 -39.27 43.48
CA PHE E 146 -63.42 -38.99 44.67
C PHE E 146 -64.01 -39.73 45.86
N THR E 147 -63.13 -40.28 46.72
CA THR E 147 -63.58 -41.07 47.87
C THR E 147 -62.65 -40.81 49.04
N THR E 148 -63.22 -40.37 50.16
CA THR E 148 -62.50 -40.28 51.43
C THR E 148 -63.52 -40.29 52.55
N GLU E 149 -63.40 -41.24 53.47
CA GLU E 149 -64.43 -41.47 54.47
C GLU E 149 -64.32 -40.50 55.63
N ASP E 150 -65.46 -40.26 56.30
CA ASP E 150 -65.62 -39.63 57.60
C ASP E 150 -64.60 -38.53 57.90
N VAL E 151 -64.43 -37.60 56.96
CA VAL E 151 -63.49 -36.51 57.16
C VAL E 151 -64.05 -35.53 58.18
N LEU E 152 -63.25 -35.21 59.19
CA LEU E 152 -63.64 -34.29 60.25
C LEU E 152 -62.90 -32.96 60.04
N VAL E 153 -63.65 -31.92 59.73
CA VAL E 153 -63.10 -30.59 59.48
C VAL E 153 -63.77 -29.61 60.43
N GLY E 154 -62.96 -28.79 61.10
CA GLY E 154 -63.49 -27.78 62.00
C GLY E 154 -64.29 -28.36 63.15
N GLU E 155 -63.66 -29.28 63.89
CA GLU E 155 -64.25 -29.94 65.07
C GLU E 155 -65.67 -30.44 64.82
N LYS E 156 -65.96 -30.81 63.57
CA LYS E 156 -67.24 -31.42 63.22
C LYS E 156 -67.01 -32.42 62.11
N LYS E 157 -67.86 -33.45 62.07
CA LYS E 157 -67.70 -34.54 61.13
C LYS E 157 -68.43 -34.22 59.83
N TYR E 158 -67.74 -34.43 58.70
CA TYR E 158 -68.31 -34.27 57.38
C TYR E 158 -68.35 -35.62 56.67
N SER E 159 -69.41 -35.86 55.92
CA SER E 159 -69.51 -37.07 55.13
C SER E 159 -68.71 -36.92 53.83
N VAL E 160 -68.55 -38.05 53.14
CA VAL E 160 -67.83 -38.05 51.85
C VAL E 160 -68.56 -37.16 50.85
N ASP E 161 -69.88 -37.29 50.78
CA ASP E 161 -70.66 -36.62 49.75
C ASP E 161 -70.57 -35.11 49.88
N GLU E 162 -70.71 -34.59 51.11
CA GLU E 162 -70.61 -33.15 51.30
C GLU E 162 -69.18 -32.66 51.12
N PHE E 163 -68.19 -33.51 51.40
CA PHE E 163 -66.80 -33.13 51.19
C PHE E 163 -66.44 -33.10 49.71
N THR E 164 -67.21 -33.80 48.87
CA THR E 164 -66.99 -33.70 47.43
C THR E 164 -67.16 -32.26 46.94
N SER E 165 -68.02 -31.47 47.59
CA SER E 165 -68.16 -30.08 47.22
C SER E 165 -66.88 -29.30 47.48
N ARG E 166 -66.25 -29.50 48.65
CA ARG E 166 -64.99 -28.85 48.93
C ARG E 166 -63.91 -29.32 47.97
N VAL E 167 -63.92 -30.61 47.62
CA VAL E 167 -62.95 -31.12 46.65
C VAL E 167 -63.13 -30.45 45.30
N ALA E 168 -64.38 -30.30 44.86
CA ALA E 168 -64.64 -29.66 43.57
C ALA E 168 -64.22 -28.20 43.58
N GLY E 169 -64.48 -27.49 44.69
CA GLY E 169 -64.00 -26.13 44.81
C GLY E 169 -62.48 -26.04 44.77
N LEU E 170 -61.82 -26.99 45.44
CA LEU E 170 -60.36 -27.06 45.42
C LEU E 170 -59.85 -27.23 43.99
N ILE E 171 -60.47 -28.14 43.24
CA ILE E 171 -60.06 -28.37 41.87
C ILE E 171 -60.27 -27.12 41.02
N ALA E 172 -61.43 -26.48 41.17
CA ALA E 172 -61.77 -25.35 40.32
C ALA E 172 -60.90 -24.13 40.62
N GLY E 173 -60.48 -23.96 41.87
CA GLY E 173 -59.68 -22.79 42.20
C GLY E 173 -58.32 -22.77 41.52
N THR E 174 -57.74 -23.94 41.29
CA THR E 174 -56.37 -24.02 40.79
C THR E 174 -56.27 -23.48 39.36
N PRO E 175 -55.26 -22.69 39.07
CA PRO E 175 -55.06 -22.22 37.68
C PRO E 175 -54.65 -23.36 36.75
N LEU E 176 -54.82 -23.12 35.46
CA LEU E 176 -54.51 -24.14 34.45
C LEU E 176 -53.02 -24.43 34.37
N SER E 177 -52.17 -23.44 34.68
CA SER E 177 -50.73 -23.63 34.51
C SER E 177 -50.20 -24.75 35.40
N GLN E 178 -50.63 -24.79 36.65
CA GLN E 178 -50.22 -25.82 37.59
C GLN E 178 -51.36 -26.82 37.79
N SER E 179 -51.11 -27.83 38.62
CA SER E 179 -52.07 -28.90 38.84
C SER E 179 -52.37 -29.04 40.32
N VAL E 180 -53.51 -29.66 40.62
CA VAL E 180 -53.97 -29.86 41.99
C VAL E 180 -53.19 -31.00 42.63
N THR E 181 -52.34 -31.65 41.85
CA THR E 181 -51.64 -32.83 42.33
C THR E 181 -50.71 -32.48 43.49
N TYR E 182 -50.93 -33.14 44.62
CA TYR E 182 -50.05 -33.05 45.79
C TYR E 182 -49.95 -31.62 46.29
N THR E 183 -51.09 -31.10 46.75
CA THR E 183 -51.19 -29.76 47.31
C THR E 183 -51.73 -29.83 48.73
N LYS E 184 -51.33 -28.87 49.55
CA LYS E 184 -51.69 -28.86 50.97
C LYS E 184 -52.89 -27.97 51.21
N LEU E 185 -53.88 -28.50 51.94
CA LEU E 185 -55.05 -27.75 52.38
C LEU E 185 -55.07 -27.76 53.90
N SER E 186 -55.17 -26.59 54.51
CA SER E 186 -55.04 -26.45 55.95
C SER E 186 -56.35 -26.59 56.71
N ASP E 187 -57.49 -26.50 56.02
CA ASP E 187 -58.78 -26.54 56.71
C ASP E 187 -59.03 -27.91 57.34
N VAL E 188 -58.60 -28.98 56.68
CA VAL E 188 -58.87 -30.34 57.15
C VAL E 188 -57.88 -30.62 58.28
N VAL E 189 -58.35 -30.55 59.52
CA VAL E 189 -57.47 -30.76 60.66
C VAL E 189 -57.10 -32.22 60.84
N ASP E 190 -58.06 -33.13 60.61
CA ASP E 190 -57.85 -34.54 60.92
C ASP E 190 -58.45 -35.39 59.81
N ILE E 191 -57.84 -36.54 59.57
CA ILE E 191 -58.31 -37.50 58.57
C ILE E 191 -58.25 -38.90 59.15
N PRO E 192 -59.07 -39.82 58.63
CA PRO E 192 -58.95 -41.22 59.05
C PRO E 192 -57.59 -41.80 58.70
N LYS E 193 -57.08 -42.64 59.60
CA LYS E 193 -55.77 -43.26 59.39
C LYS E 193 -55.85 -44.32 58.31
N MET E 194 -54.87 -44.32 57.41
CA MET E 194 -54.80 -45.29 56.33
C MET E 194 -53.37 -45.35 55.81
N THR E 195 -52.90 -46.57 55.57
CA THR E 195 -51.50 -46.78 55.23
C THR E 195 -51.21 -46.36 53.79
N LYS E 196 -49.91 -46.31 53.46
CA LYS E 196 -49.48 -45.94 52.12
C LYS E 196 -49.85 -47.00 51.10
N VAL E 197 -49.75 -48.28 51.47
CA VAL E 197 -50.05 -49.35 50.53
C VAL E 197 -51.51 -49.32 50.12
N ASP E 198 -52.41 -49.02 51.06
CA ASP E 198 -53.83 -48.89 50.74
C ASP E 198 -54.05 -47.74 49.77
N ALA E 199 -53.38 -46.61 50.00
CA ALA E 199 -53.52 -45.47 49.10
C ALA E 199 -53.03 -45.81 47.70
N GLU E 200 -51.91 -46.51 47.61
CA GLU E 200 -51.40 -46.92 46.29
C GLU E 200 -52.39 -47.85 45.59
N SER E 201 -52.93 -48.83 46.33
CA SER E 201 -53.86 -49.78 45.73
C SER E 201 -55.12 -49.07 45.24
N ARG E 202 -55.58 -48.06 45.98
CA ARG E 202 -56.77 -47.33 45.55
C ARG E 202 -56.47 -46.44 44.36
N VAL E 203 -55.34 -45.72 44.38
CA VAL E 203 -55.03 -44.78 43.30
C VAL E 203 -54.76 -45.52 42.00
N ASN E 204 -54.09 -46.68 42.07
CA ASN E 204 -53.73 -47.40 40.85
C ASN E 204 -54.96 -47.82 40.06
N LYS E 205 -56.08 -48.05 40.73
CA LYS E 205 -57.31 -48.46 40.06
C LYS E 205 -58.46 -47.50 40.27
N GLY E 206 -58.73 -47.10 41.50
CA GLY E 206 -59.93 -46.37 41.86
C GLY E 206 -59.77 -44.88 41.89
N GLU E 207 -60.50 -44.24 42.80
CA GLU E 207 -60.64 -42.79 42.85
C GLU E 207 -59.42 -42.15 43.50
N LEU E 208 -59.29 -40.84 43.29
CA LEU E 208 -58.28 -40.07 44.01
C LEU E 208 -58.69 -39.90 45.46
N ILE E 209 -57.71 -40.00 46.36
CA ILE E 209 -57.95 -40.04 47.80
C ILE E 209 -56.97 -39.12 48.49
N LEU E 210 -57.26 -38.83 49.77
CA LEU E 210 -56.40 -37.99 50.58
C LEU E 210 -55.42 -38.85 51.38
N ILE E 211 -54.18 -38.37 51.48
CA ILE E 211 -53.14 -39.05 52.24
C ILE E 211 -52.40 -38.01 53.09
N LYS E 212 -51.73 -38.49 54.12
CA LYS E 212 -50.93 -37.65 54.99
C LYS E 212 -49.46 -38.09 54.91
N GLU E 213 -48.58 -37.12 54.65
CA GLU E 213 -47.15 -37.38 54.59
C GLU E 213 -46.40 -36.09 54.90
N ALA E 214 -45.24 -36.24 55.51
CA ALA E 214 -44.34 -35.12 55.84
C ALA E 214 -45.11 -34.13 56.72
N GLY E 215 -44.98 -32.84 56.48
CA GLY E 215 -45.51 -31.86 57.42
C GLY E 215 -47.03 -31.84 57.50
N ALA E 216 -47.70 -31.87 56.35
CA ALA E 216 -49.13 -31.61 56.29
C ALA E 216 -49.85 -32.65 55.45
N ILE E 217 -51.16 -32.72 55.66
CA ILE E 217 -52.02 -33.60 54.87
C ILE E 217 -52.22 -32.99 53.49
N ARG E 218 -51.98 -33.77 52.44
CA ARG E 218 -51.95 -33.25 51.09
C ARG E 218 -52.60 -34.22 50.13
N ILE E 219 -52.92 -33.70 48.93
CA ILE E 219 -53.48 -34.55 47.88
C ILE E 219 -52.44 -35.59 47.47
N ALA E 220 -52.93 -36.73 46.98
CA ALA E 220 -52.07 -37.84 46.58
C ALA E 220 -52.35 -38.18 45.11
N ARG E 221 -51.50 -37.69 44.22
CA ARG E 221 -51.54 -38.03 42.80
C ARG E 221 -52.94 -37.79 42.24
N GLY E 222 -53.44 -36.57 42.43
CA GLY E 222 -54.78 -36.23 42.00
C GLY E 222 -54.99 -36.42 40.52
N VAL E 223 -55.72 -37.48 40.15
CA VAL E 223 -55.96 -37.83 38.76
C VAL E 223 -57.38 -38.35 38.62
N ASN E 224 -57.97 -38.08 37.46
CA ASN E 224 -59.23 -38.72 37.11
C ASN E 224 -59.00 -40.22 36.92
N SER E 225 -60.03 -41.00 37.26
CA SER E 225 -59.96 -42.46 37.17
C SER E 225 -60.53 -42.91 35.83
N LEU E 226 -59.64 -43.28 34.91
CA LEU E 226 -60.01 -43.87 33.62
C LEU E 226 -59.17 -45.14 33.48
N THR E 227 -59.68 -46.24 34.05
CA THR E 227 -58.89 -47.46 34.13
C THR E 227 -58.82 -48.22 32.82
N GLU E 228 -59.88 -48.16 32.00
CA GLU E 228 -59.82 -48.79 30.70
C GLU E 228 -58.87 -48.02 29.78
N LEU E 229 -58.26 -48.74 28.84
CA LEU E 229 -57.27 -48.15 27.97
C LEU E 229 -57.65 -48.42 26.51
N THR E 230 -57.62 -47.37 25.70
CA THR E 230 -57.87 -47.46 24.26
C THR E 230 -56.71 -46.82 23.52
N ALA E 231 -56.48 -47.28 22.29
CA ALA E 231 -55.36 -46.77 21.51
C ALA E 231 -55.50 -45.28 21.22
N GLU E 232 -56.73 -44.83 20.94
CA GLU E 232 -56.94 -43.43 20.60
C GLU E 232 -56.79 -42.52 21.81
N LYS E 233 -57.39 -42.89 22.94
CA LYS E 233 -57.34 -42.04 24.12
C LYS E 233 -55.94 -42.03 24.74
N GLY E 234 -55.34 -43.20 24.90
CA GLY E 234 -54.01 -43.30 25.47
C GLY E 234 -54.01 -43.10 26.98
N GLU E 235 -52.80 -43.12 27.54
CA GLU E 235 -52.63 -42.95 28.98
C GLU E 235 -52.80 -41.51 29.41
N MET E 236 -52.38 -40.55 28.58
CA MET E 236 -52.38 -39.15 28.97
C MET E 236 -53.78 -38.63 29.28
N PHE E 237 -54.83 -39.28 28.76
CA PHE E 237 -56.19 -38.84 29.03
C PHE E 237 -56.59 -39.09 30.47
N GLN E 238 -55.85 -39.91 31.20
CA GLN E 238 -56.21 -40.23 32.57
C GLN E 238 -55.91 -39.09 33.54
N LYS E 239 -54.89 -38.29 33.25
CA LYS E 239 -54.54 -37.17 34.11
C LYS E 239 -55.58 -36.06 33.98
N ILE E 240 -55.92 -35.44 35.11
CA ILE E 240 -57.00 -34.45 35.13
C ILE E 240 -56.58 -33.17 34.43
N LYS E 241 -55.34 -32.71 34.63
CA LYS E 241 -54.92 -31.45 34.05
C LYS E 241 -54.92 -31.51 32.52
N ILE E 242 -54.46 -32.63 31.96
CA ILE E 242 -54.38 -32.76 30.51
C ILE E 242 -55.77 -32.69 29.90
N VAL E 243 -56.71 -33.45 30.46
CA VAL E 243 -58.06 -33.46 29.90
C VAL E 243 -58.75 -32.13 30.11
N ASP E 244 -58.49 -31.45 31.23
CA ASP E 244 -59.07 -30.13 31.44
C ASP E 244 -58.56 -29.14 30.38
N THR E 245 -57.24 -29.17 30.12
CA THR E 245 -56.69 -28.28 29.10
C THR E 245 -57.27 -28.61 27.73
N LEU E 246 -57.41 -29.90 27.41
CA LEU E 246 -57.99 -30.30 26.14
C LEU E 246 -59.42 -29.80 26.00
N ASP E 247 -60.21 -29.91 27.08
CA ASP E 247 -61.58 -29.45 27.05
C ASP E 247 -61.65 -27.94 26.86
N ILE E 248 -60.77 -27.19 27.53
CA ILE E 248 -60.71 -25.75 27.34
C ILE E 248 -60.41 -25.42 25.88
N ILE E 249 -59.42 -26.12 25.31
CA ILE E 249 -59.04 -25.88 23.93
C ILE E 249 -60.21 -26.18 22.99
N HIS E 250 -60.90 -27.29 23.24
CA HIS E 250 -62.00 -27.69 22.37
C HIS E 250 -63.13 -26.67 22.42
N SER E 251 -63.53 -26.25 23.63
CA SER E 251 -64.62 -25.28 23.74
C SER E 251 -64.24 -23.95 23.11
N ASP E 252 -63.00 -23.50 23.35
CA ASP E 252 -62.56 -22.23 22.78
C ASP E 252 -62.51 -22.29 21.26
N ILE E 253 -61.99 -23.38 20.69
CA ILE E 253 -61.93 -23.47 19.23
C ILE E 253 -63.33 -23.62 18.66
N ARG E 254 -64.25 -24.26 19.40
CA ARG E 254 -65.64 -24.31 18.94
C ARG E 254 -66.25 -22.93 18.86
N LYS E 255 -65.99 -22.10 19.89
CA LYS E 255 -66.47 -20.72 19.85
C LYS E 255 -65.88 -19.96 18.67
N VAL E 256 -64.56 -20.10 18.48
CA VAL E 256 -63.90 -19.39 17.39
C VAL E 256 -64.46 -19.81 16.03
N ILE E 257 -64.66 -21.11 15.85
CA ILE E 257 -65.22 -21.62 14.60
C ILE E 257 -66.62 -21.09 14.38
N ILE E 258 -67.49 -21.22 15.39
CA ILE E 258 -68.88 -20.82 15.23
C ILE E 258 -69.00 -19.31 15.04
N ASP E 259 -68.00 -18.54 15.45
CA ASP E 259 -68.08 -17.10 15.26
C ASP E 259 -68.05 -16.72 13.78
N ASP E 260 -67.09 -17.25 13.03
CA ASP E 260 -66.88 -16.71 11.70
C ASP E 260 -66.92 -17.73 10.57
N TYR E 261 -66.35 -18.93 10.78
CA TYR E 261 -66.08 -19.85 9.69
C TYR E 261 -67.18 -20.87 9.46
N ILE E 262 -68.45 -20.51 9.68
CA ILE E 262 -69.57 -21.37 9.37
C ILE E 262 -70.60 -20.59 8.57
N GLY E 263 -70.98 -21.14 7.41
CA GLY E 263 -72.01 -20.54 6.60
C GLY E 263 -71.64 -19.26 5.89
N LYS E 264 -70.58 -18.59 6.37
CA LYS E 264 -70.23 -17.30 5.83
C LYS E 264 -69.54 -17.41 4.47
N VAL E 265 -68.64 -18.38 4.31
CA VAL E 265 -67.85 -18.49 3.09
C VAL E 265 -67.93 -19.91 2.55
N THR E 266 -67.74 -20.04 1.24
CA THR E 266 -67.73 -21.33 0.58
C THR E 266 -66.49 -22.12 1.00
N ASN E 267 -66.63 -23.45 1.01
CA ASN E 267 -65.53 -24.32 1.38
C ASN E 267 -64.76 -24.75 0.13
N SER E 268 -63.48 -24.40 0.10
CA SER E 268 -62.55 -24.86 -0.91
C SER E 268 -61.26 -25.25 -0.22
N TYR E 269 -60.34 -25.84 -0.98
CA TYR E 269 -59.07 -26.25 -0.39
C TYR E 269 -58.31 -25.03 0.13
N ASP E 270 -58.40 -23.91 -0.58
CA ASP E 270 -57.77 -22.67 -0.11
C ASP E 270 -58.42 -22.18 1.18
N ASN E 271 -59.74 -22.25 1.26
CA ASN E 271 -60.42 -21.86 2.49
C ASN E 271 -60.04 -22.76 3.65
N LYS E 272 -59.90 -24.06 3.37
CA LYS E 272 -59.43 -24.98 4.40
C LYS E 272 -58.02 -24.61 4.85
N CYS E 273 -57.15 -24.24 3.91
CA CYS E 273 -55.80 -23.82 4.29
C CYS E 273 -55.83 -22.58 5.16
N LEU E 274 -56.69 -21.61 4.83
CA LEU E 274 -56.81 -20.41 5.66
C LEU E 274 -57.32 -20.76 7.06
N LEU E 275 -58.28 -21.68 7.15
CA LEU E 275 -58.76 -22.11 8.45
C LEU E 275 -57.64 -22.77 9.26
N ILE E 276 -56.85 -23.61 8.61
CA ILE E 276 -55.73 -24.25 9.29
C ILE E 276 -54.73 -23.21 9.78
N VAL E 277 -54.49 -22.17 8.98
CA VAL E 277 -53.57 -21.12 9.39
C VAL E 277 -54.10 -20.39 10.62
N ALA E 278 -55.41 -20.10 10.64
CA ALA E 278 -56.00 -19.43 11.79
C ALA E 278 -55.87 -20.29 13.05
N ILE E 279 -56.16 -21.59 12.92
CA ILE E 279 -56.05 -22.47 14.09
C ILE E 279 -54.60 -22.58 14.53
N LYS E 280 -53.67 -22.59 13.57
CA LYS E 280 -52.25 -22.64 13.90
C LYS E 280 -51.82 -21.41 14.68
N SER E 281 -52.29 -20.23 14.27
CA SER E 281 -51.98 -19.01 15.00
C SER E 281 -52.55 -19.06 16.42
N TYR E 282 -53.79 -19.56 16.55
CA TYR E 282 -54.37 -19.70 17.88
C TYR E 282 -53.55 -20.64 18.75
N LEU E 283 -53.10 -21.75 18.19
CA LEU E 283 -52.29 -22.71 18.96
C LEU E 283 -50.95 -22.09 19.34
N GLU E 284 -50.36 -21.29 18.45
CA GLU E 284 -49.13 -20.59 18.79
C GLU E 284 -49.35 -19.63 19.95
N GLU E 285 -50.47 -18.91 19.94
CA GLU E 285 -50.77 -18.01 21.05
C GLU E 285 -50.95 -18.78 22.36
N LEU E 286 -51.61 -19.95 22.29
CA LEU E 286 -51.71 -20.80 23.49
C LEU E 286 -50.34 -21.24 23.96
N GLU E 287 -49.46 -21.59 23.02
CA GLU E 287 -48.09 -21.97 23.37
C GLU E 287 -47.36 -20.84 24.08
N LYS E 288 -47.60 -19.60 23.64
CA LYS E 288 -46.89 -18.46 24.22
C LYS E 288 -47.03 -18.41 25.74
N SER E 289 -48.16 -18.86 26.26
CA SER E 289 -48.37 -18.94 27.71
C SER E 289 -47.94 -20.27 28.29
N ALA E 290 -47.29 -21.13 27.50
CA ALA E 290 -46.74 -22.40 27.96
C ALA E 290 -47.81 -23.35 28.48
N LEU E 291 -49.03 -23.25 27.96
CA LEU E 291 -50.05 -24.22 28.31
C LEU E 291 -49.84 -25.54 27.61
N ILE E 292 -49.37 -25.51 26.36
CA ILE E 292 -49.16 -26.70 25.55
C ILE E 292 -47.74 -26.70 25.00
N GLU E 293 -47.43 -27.69 24.16
CA GLU E 293 -46.13 -27.73 23.51
C GLU E 293 -46.12 -26.79 22.30
N SER E 294 -44.92 -26.37 21.92
CA SER E 294 -44.76 -25.37 20.86
C SER E 294 -45.03 -25.94 19.47
N ASP E 295 -44.55 -27.15 19.19
CA ASP E 295 -44.49 -27.69 17.84
C ASP E 295 -45.73 -28.48 17.44
N SER E 296 -46.89 -28.14 17.99
CA SER E 296 -48.12 -28.81 17.58
C SER E 296 -48.42 -28.56 16.12
N THR E 297 -48.98 -29.57 15.46
CA THR E 297 -49.29 -29.51 14.03
C THR E 297 -50.75 -29.87 13.79
N VAL E 298 -51.35 -29.21 12.79
CA VAL E 298 -52.72 -29.44 12.40
C VAL E 298 -52.76 -29.69 10.90
N GLU E 299 -53.44 -30.75 10.49
CA GLU E 299 -53.54 -31.10 9.08
C GLU E 299 -54.90 -31.77 8.83
N ILE E 300 -55.23 -31.90 7.55
CA ILE E 300 -56.51 -32.51 7.17
C ILE E 300 -56.55 -33.95 7.62
N ASP E 301 -57.68 -34.34 8.20
CA ASP E 301 -57.87 -35.73 8.66
C ASP E 301 -58.06 -36.62 7.44
N PHE E 302 -57.03 -37.38 7.09
CA PHE E 302 -57.12 -38.28 5.95
C PHE E 302 -58.12 -39.41 6.21
N GLU E 303 -58.12 -39.97 7.42
CA GLU E 303 -58.95 -41.13 7.70
C GLU E 303 -60.44 -40.76 7.67
N ALA E 304 -60.81 -39.64 8.29
CA ALA E 304 -62.22 -39.25 8.32
C ALA E 304 -62.72 -38.92 6.92
N GLN E 305 -61.92 -38.20 6.14
CA GLN E 305 -62.33 -37.89 4.77
C GLN E 305 -62.42 -39.14 3.93
N LYS E 306 -61.50 -40.09 4.13
CA LYS E 306 -61.58 -41.35 3.41
C LYS E 306 -62.86 -42.08 3.73
N SER E 307 -63.24 -42.12 5.01
CA SER E 307 -64.48 -42.76 5.41
C SER E 307 -65.69 -42.05 4.79
N TYR E 308 -65.69 -40.73 4.80
CA TYR E 308 -66.81 -39.98 4.24
C TYR E 308 -66.94 -40.23 2.74
N LEU E 309 -65.82 -40.20 2.02
CA LEU E 309 -65.84 -40.47 0.59
C LEU E 309 -66.29 -41.90 0.31
N LYS E 310 -65.90 -42.84 1.17
CA LYS E 310 -66.39 -44.22 1.04
C LYS E 310 -67.90 -44.28 1.22
N SER E 311 -68.43 -43.49 2.15
CA SER E 311 -69.88 -43.47 2.35
C SER E 311 -70.61 -42.94 1.12
N LYS E 312 -69.97 -42.03 0.37
CA LYS E 312 -70.61 -41.43 -0.80
C LYS E 312 -70.58 -42.31 -2.03
N GLY E 313 -69.91 -43.45 -1.99
CA GLY E 313 -69.86 -44.34 -3.13
C GLY E 313 -68.86 -43.96 -4.19
N VAL E 314 -67.81 -43.21 -3.84
CA VAL E 314 -66.79 -42.85 -4.81
C VAL E 314 -66.02 -44.08 -5.26
N ASP E 315 -65.84 -45.05 -4.38
CA ASP E 315 -65.10 -46.29 -4.67
C ASP E 315 -63.65 -45.96 -5.04
N LEU E 316 -62.95 -45.38 -4.07
CA LEU E 316 -61.55 -45.00 -4.21
C LEU E 316 -60.61 -46.15 -3.85
N SER E 317 -60.86 -47.31 -4.46
CA SER E 317 -59.99 -48.47 -4.22
C SER E 317 -58.54 -48.15 -4.56
N TYR E 318 -58.33 -47.46 -5.68
CA TYR E 318 -57.05 -46.83 -5.98
C TYR E 318 -57.30 -45.35 -6.25
N MET E 319 -56.50 -44.49 -5.62
CA MET E 319 -56.57 -43.04 -5.74
C MET E 319 -55.30 -42.44 -5.16
N THR E 320 -54.92 -41.28 -5.68
CA THR E 320 -53.75 -40.56 -5.17
C THR E 320 -54.06 -39.89 -3.84
N LEU E 321 -53.07 -39.88 -2.94
CA LEU E 321 -53.26 -39.30 -1.62
C LEU E 321 -53.57 -37.81 -1.71
N GLN E 322 -52.82 -37.08 -2.55
CA GLN E 322 -53.03 -35.64 -2.67
C GLN E 322 -54.41 -35.33 -3.20
N GLU E 323 -54.90 -36.14 -4.15
CA GLU E 323 -56.25 -35.94 -4.66
C GLU E 323 -57.30 -36.17 -3.59
N ILE E 324 -57.10 -37.17 -2.73
CA ILE E 324 -58.02 -37.40 -1.62
C ILE E 324 -58.01 -36.19 -0.68
N LYS E 325 -56.82 -35.68 -0.35
CA LYS E 325 -56.74 -34.55 0.57
C LYS E 325 -57.39 -33.29 0.00
N GLU E 326 -57.54 -33.20 -1.31
CA GLU E 326 -58.17 -32.04 -1.95
C GLU E 326 -59.46 -32.42 -2.68
N ALA E 327 -60.05 -33.56 -2.34
CA ALA E 327 -61.26 -34.00 -3.01
C ALA E 327 -62.44 -33.09 -2.65
N ASN E 328 -63.55 -33.31 -3.34
CA ASN E 328 -64.76 -32.50 -3.15
C ASN E 328 -65.55 -33.07 -1.98
N THR E 329 -65.26 -32.57 -0.78
CA THR E 329 -65.97 -33.03 0.41
C THR E 329 -67.42 -32.59 0.39
N GLY E 330 -67.67 -31.32 0.05
CA GLY E 330 -69.02 -30.81 -0.02
C GLY E 330 -69.38 -29.87 1.11
N SER E 331 -70.38 -30.26 1.91
CA SER E 331 -70.87 -29.41 2.99
C SER E 331 -69.94 -29.41 4.20
N LYS E 332 -69.28 -30.53 4.48
CA LYS E 332 -68.53 -30.71 5.71
C LYS E 332 -67.04 -30.48 5.49
N VAL E 333 -66.34 -30.22 6.59
CA VAL E 333 -64.88 -30.08 6.61
C VAL E 333 -64.36 -30.90 7.77
N PHE E 334 -63.34 -31.73 7.53
CA PHE E 334 -62.79 -32.62 8.54
C PHE E 334 -61.35 -32.22 8.82
N LEU E 335 -61.02 -32.10 10.10
CA LEU E 335 -59.68 -31.73 10.51
C LEU E 335 -59.21 -32.62 11.65
N LYS E 336 -57.89 -32.81 11.73
CA LYS E 336 -57.27 -33.56 12.81
C LYS E 336 -56.06 -32.79 13.31
N ALA E 337 -55.92 -32.71 14.63
CA ALA E 337 -54.82 -31.98 15.24
C ALA E 337 -54.12 -32.86 16.26
N LYS E 338 -52.79 -32.82 16.26
CA LYS E 338 -51.98 -33.49 17.27
C LYS E 338 -51.24 -32.43 18.07
N ILE E 339 -51.45 -32.45 19.39
CA ILE E 339 -50.82 -31.50 20.29
C ILE E 339 -50.26 -32.27 21.48
N LYS E 340 -49.36 -31.61 22.19
CA LYS E 340 -48.74 -32.17 23.39
C LYS E 340 -49.00 -31.23 24.56
N VAL E 341 -49.49 -31.78 25.66
CA VAL E 341 -49.89 -31.00 26.83
C VAL E 341 -48.82 -31.16 27.90
N LEU E 342 -48.29 -30.04 28.36
CA LEU E 342 -47.28 -30.08 29.42
C LEU E 342 -47.92 -30.47 30.74
N ASP E 343 -47.20 -31.29 31.51
CA ASP E 343 -47.67 -31.78 32.80
C ASP E 343 -46.75 -31.29 33.89
N ALA E 344 -47.33 -30.90 35.03
CA ALA E 344 -46.53 -30.47 36.16
C ALA E 344 -45.65 -31.62 36.65
N MET E 345 -44.45 -31.27 37.11
CA MET E 345 -43.53 -32.28 37.61
C MET E 345 -44.13 -32.98 38.84
N GLU E 346 -44.11 -34.31 38.83
CA GLU E 346 -44.71 -35.06 39.92
C GLU E 346 -43.73 -36.10 40.48
N ASP E 347 -42.85 -36.61 39.63
CA ASP E 347 -41.88 -37.63 40.04
C ASP E 347 -40.50 -37.23 39.55
N ILE E 348 -39.53 -37.24 40.46
CA ILE E 348 -38.17 -36.78 40.18
C ILE E 348 -37.20 -37.87 40.59
N ASP E 349 -36.24 -38.17 39.72
CA ASP E 349 -35.20 -39.16 39.98
C ASP E 349 -33.85 -38.48 39.91
N LEU E 350 -32.98 -38.77 40.87
CA LEU E 350 -31.66 -38.14 40.93
C LEU E 350 -30.66 -39.13 41.50
N SER E 351 -29.50 -39.24 40.87
CA SER E 351 -28.45 -40.16 41.27
C SER E 351 -27.14 -39.39 41.49
N ILE E 352 -26.43 -39.75 42.55
CA ILE E 352 -25.19 -39.08 42.94
C ILE E 352 -24.10 -40.13 43.09
N GLU E 353 -22.91 -39.82 42.59
CA GLU E 353 -21.73 -40.67 42.74
C GLU E 353 -20.78 -40.02 43.74
N ILE E 354 -20.34 -40.78 44.73
CA ILE E 354 -19.42 -40.28 45.74
C ILE E 354 -18.04 -40.05 45.14
N MET F 1 -60.50 -23.71 -28.12
CA MET F 1 -59.36 -22.87 -28.48
C MET F 1 -59.52 -22.28 -29.87
N LEU F 2 -58.43 -22.31 -30.64
CA LEU F 2 -58.40 -21.82 -32.01
C LEU F 2 -58.35 -23.04 -32.92
N LYS F 3 -59.50 -23.41 -33.46
CA LYS F 3 -59.60 -24.62 -34.27
C LYS F 3 -58.83 -24.47 -35.57
N TYR F 4 -58.26 -25.59 -36.04
CA TYR F 4 -57.48 -25.56 -37.28
C TYR F 4 -58.38 -25.33 -38.49
N LYS F 5 -59.62 -25.83 -38.44
CA LYS F 5 -60.54 -25.65 -39.55
C LYS F 5 -60.74 -24.19 -39.89
N GLU F 6 -60.77 -23.32 -38.88
CA GLU F 6 -60.95 -21.89 -39.13
C GLU F 6 -59.78 -21.33 -39.94
N ILE F 7 -58.55 -21.69 -39.57
CA ILE F 7 -57.38 -21.22 -40.31
C ILE F 7 -57.42 -21.73 -41.74
N LEU F 8 -57.73 -23.03 -41.90
CA LEU F 8 -57.76 -23.60 -43.24
C LEU F 8 -58.81 -22.92 -44.10
N GLU F 9 -60.00 -22.69 -43.54
CA GLU F 9 -61.06 -22.04 -44.30
C GLU F 9 -60.70 -20.60 -44.64
N THR F 10 -60.02 -19.89 -43.73
CA THR F 10 -59.59 -18.53 -44.05
C THR F 10 -58.62 -18.53 -45.23
N ILE F 11 -57.67 -19.46 -45.25
CA ILE F 11 -56.72 -19.51 -46.35
C ILE F 11 -57.44 -19.86 -47.65
N ILE F 12 -58.37 -20.82 -47.60
CA ILE F 12 -59.12 -21.17 -48.81
C ILE F 12 -59.93 -19.98 -49.29
N GLU F 13 -60.52 -19.21 -48.37
CA GLU F 13 -61.29 -18.04 -48.77
C GLU F 13 -60.41 -17.01 -49.47
N ILE F 14 -59.22 -16.75 -48.93
CA ILE F 14 -58.31 -15.80 -49.56
C ILE F 14 -57.95 -16.27 -50.97
N LEU F 15 -57.57 -17.54 -51.10
CA LEU F 15 -57.17 -18.05 -52.41
C LEU F 15 -58.34 -18.06 -53.38
N LYS F 16 -59.55 -18.29 -52.89
CA LYS F 16 -60.73 -18.25 -53.75
C LYS F 16 -61.00 -16.84 -54.25
N LYS F 17 -60.85 -15.84 -53.38
CA LYS F 17 -61.03 -14.46 -53.82
C LYS F 17 -60.00 -14.07 -54.86
N ASN F 18 -58.74 -14.45 -54.66
CA ASN F 18 -57.70 -13.91 -55.52
C ASN F 18 -57.59 -14.64 -56.86
N PHE F 19 -57.69 -15.96 -56.87
CA PHE F 19 -57.44 -16.76 -58.07
C PHE F 19 -58.70 -17.44 -58.56
N THR F 20 -58.83 -17.53 -59.89
CA THR F 20 -60.00 -18.14 -60.51
C THR F 20 -59.93 -19.66 -60.52
N GLU F 21 -58.74 -20.24 -60.56
CA GLU F 21 -58.61 -21.68 -60.62
C GLU F 21 -59.16 -22.33 -59.35
N SER F 22 -59.66 -23.56 -59.49
CA SER F 22 -60.27 -24.25 -58.37
C SER F 22 -59.23 -24.65 -57.33
N ILE F 23 -59.68 -24.77 -56.09
CA ILE F 23 -58.84 -25.17 -54.96
C ILE F 23 -59.42 -26.45 -54.37
N PHE F 24 -58.56 -27.46 -54.19
CA PHE F 24 -58.98 -28.75 -53.70
C PHE F 24 -58.14 -29.15 -52.51
N ILE F 25 -58.72 -29.99 -51.64
CA ILE F 25 -58.03 -30.49 -50.48
C ILE F 25 -57.72 -31.97 -50.57
N ASP F 26 -58.55 -32.76 -51.24
CA ASP F 26 -58.36 -34.20 -51.34
C ASP F 26 -57.70 -34.58 -52.65
N ASP F 27 -57.11 -35.79 -52.66
CA ASP F 27 -56.25 -36.21 -53.75
C ASP F 27 -57.06 -36.58 -54.99
N GLU F 28 -58.25 -37.16 -54.80
CA GLU F 28 -59.06 -37.57 -55.94
C GLU F 28 -59.43 -36.39 -56.82
N SER F 29 -59.66 -35.21 -56.22
CA SER F 29 -60.02 -34.04 -57.02
C SER F 29 -58.84 -33.59 -57.88
N VAL F 30 -57.64 -33.54 -57.30
CA VAL F 30 -56.49 -33.07 -58.08
C VAL F 30 -56.13 -34.09 -59.16
N GLN F 31 -56.40 -35.37 -58.92
CA GLN F 31 -56.21 -36.34 -60.00
C GLN F 31 -57.27 -36.18 -61.09
N GLY F 32 -58.52 -35.94 -60.69
CA GLY F 32 -59.61 -35.87 -61.65
C GLY F 32 -59.73 -34.55 -62.38
N SER F 33 -59.18 -33.47 -61.82
CA SER F 33 -59.31 -32.17 -62.46
C SER F 33 -58.63 -32.17 -63.82
N GLU F 34 -59.26 -31.50 -64.79
CA GLU F 34 -58.75 -31.44 -66.14
C GLU F 34 -57.85 -30.24 -66.40
N GLY F 35 -57.70 -29.35 -65.41
CA GLY F 35 -56.84 -28.21 -65.54
C GLY F 35 -56.00 -28.01 -64.29
N SER F 36 -55.21 -26.94 -64.31
CA SER F 36 -54.39 -26.61 -63.15
C SER F 36 -55.26 -26.28 -61.95
N CYS F 37 -54.87 -26.79 -60.79
CA CYS F 37 -55.63 -26.59 -59.57
C CYS F 37 -54.69 -26.51 -58.39
N PHE F 38 -55.06 -25.69 -57.41
CA PHE F 38 -54.27 -25.55 -56.19
C PHE F 38 -54.52 -26.73 -55.25
N PHE F 39 -53.59 -26.90 -54.32
CA PHE F 39 -53.73 -27.89 -53.26
C PHE F 39 -53.25 -27.25 -51.96
N VAL F 40 -54.11 -27.27 -50.94
CA VAL F 40 -53.83 -26.60 -49.68
C VAL F 40 -54.02 -27.59 -48.54
N SER F 41 -53.04 -27.68 -47.65
CA SER F 41 -53.13 -28.56 -46.49
C SER F 41 -52.18 -28.06 -45.42
N ILE F 42 -52.40 -28.54 -44.19
CA ILE F 42 -51.53 -28.24 -43.07
C ILE F 42 -50.48 -29.34 -43.00
N LEU F 43 -49.20 -28.96 -43.04
CA LEU F 43 -48.13 -29.95 -43.12
C LEU F 43 -47.81 -30.53 -41.75
N SER F 44 -47.39 -29.69 -40.81
CA SER F 44 -46.98 -30.18 -39.51
C SER F 44 -47.36 -29.17 -38.44
N VAL F 45 -47.60 -29.68 -37.24
CA VAL F 45 -47.92 -28.86 -36.06
C VAL F 45 -47.09 -29.38 -34.90
N ILE F 46 -46.38 -28.47 -34.23
CA ILE F 46 -45.52 -28.82 -33.10
C ILE F 46 -45.99 -28.00 -31.90
N CYS F 47 -46.32 -28.70 -30.82
CA CYS F 47 -46.81 -28.06 -29.60
C CYS F 47 -45.79 -28.25 -28.48
N THR F 48 -45.46 -27.16 -27.80
CA THR F 48 -44.47 -27.18 -26.73
C THR F 48 -45.04 -26.42 -25.53
N PRO F 49 -45.00 -27.01 -24.34
CA PRO F 49 -45.51 -26.31 -23.15
C PRO F 49 -44.48 -25.31 -22.64
N VAL F 50 -44.88 -24.03 -22.57
CA VAL F 50 -44.01 -22.98 -22.05
C VAL F 50 -44.55 -22.37 -20.77
N MET F 51 -45.78 -22.69 -20.37
CA MET F 51 -46.39 -22.13 -19.17
C MET F 51 -47.24 -23.21 -18.53
N LEU F 52 -47.76 -22.92 -17.34
CA LEU F 52 -48.66 -23.85 -16.68
C LEU F 52 -49.93 -24.04 -17.49
N ASN F 53 -50.38 -22.99 -18.18
CA ASN F 53 -51.64 -23.04 -18.92
C ASN F 53 -51.51 -22.85 -20.42
N THR F 54 -50.42 -22.26 -20.90
CA THR F 54 -50.31 -21.92 -22.31
C THR F 54 -49.34 -22.87 -23.01
N ASN F 55 -49.50 -22.96 -24.33
CA ASN F 55 -48.65 -23.78 -25.17
C ASN F 55 -48.12 -22.94 -26.33
N ASN F 56 -46.93 -23.27 -26.79
CA ASN F 56 -46.33 -22.63 -27.96
C ASN F 56 -46.53 -23.56 -29.15
N LYS F 57 -47.18 -23.05 -30.19
CA LYS F 57 -47.54 -23.85 -31.35
C LYS F 57 -46.92 -23.28 -32.61
N ASP F 58 -46.35 -24.16 -33.43
CA ASP F 58 -45.80 -23.80 -34.73
C ASP F 58 -46.57 -24.57 -35.79
N ILE F 59 -47.05 -23.86 -36.81
CA ILE F 59 -47.85 -24.44 -37.88
C ILE F 59 -47.15 -24.18 -39.20
N VAL F 60 -46.98 -25.22 -39.99
CA VAL F 60 -46.40 -25.12 -41.34
C VAL F 60 -47.50 -25.43 -42.33
N ILE F 61 -47.70 -24.53 -43.29
CA ILE F 61 -48.80 -24.60 -44.23
C ILE F 61 -48.24 -24.69 -45.64
N SER F 62 -48.73 -25.65 -46.41
CA SER F 62 -48.21 -25.95 -47.74
C SER F 62 -49.26 -25.64 -48.79
N ILE F 63 -48.84 -24.91 -49.84
CA ILE F 63 -49.68 -24.60 -50.98
C ILE F 63 -48.98 -25.09 -52.23
N LYS F 64 -49.68 -25.88 -53.04
CA LYS F 64 -49.11 -26.48 -54.24
C LYS F 64 -49.90 -26.04 -55.46
N TYR F 65 -49.20 -25.87 -56.57
CA TYR F 65 -49.80 -25.57 -57.86
C TYR F 65 -49.37 -26.62 -58.87
N LEU F 66 -50.34 -27.28 -59.49
CA LEU F 66 -50.08 -28.39 -60.40
C LEU F 66 -50.63 -28.06 -61.79
N PRO F 67 -49.79 -27.60 -62.71
CA PRO F 67 -50.26 -27.26 -64.06
C PRO F 67 -50.37 -28.51 -64.93
N LYS F 68 -51.61 -28.86 -65.28
CA LYS F 68 -51.87 -30.09 -66.03
C LYS F 68 -51.55 -29.96 -67.53
N PRO F 69 -51.90 -28.85 -68.20
CA PRO F 69 -51.47 -28.73 -69.60
C PRO F 69 -49.97 -28.75 -69.76
N GLN F 70 -49.23 -28.34 -68.74
CA GLN F 70 -47.78 -28.47 -68.61
C GLN F 70 -47.02 -27.59 -69.60
N SER F 71 -47.72 -26.88 -70.49
CA SER F 71 -47.11 -25.91 -71.38
C SER F 71 -47.19 -24.49 -70.83
N LYS F 72 -47.68 -24.32 -69.59
CA LYS F 72 -47.93 -23.02 -68.99
C LYS F 72 -46.95 -22.75 -67.84
N SER F 73 -45.68 -23.09 -68.03
CA SER F 73 -44.71 -23.00 -66.94
C SER F 73 -44.49 -21.57 -66.48
N ILE F 74 -44.58 -20.60 -67.39
CA ILE F 74 -44.42 -19.20 -67.00
C ILE F 74 -45.53 -18.77 -66.06
N ARG F 75 -46.72 -19.35 -66.23
CA ARG F 75 -47.83 -19.07 -65.32
C ARG F 75 -47.48 -19.47 -63.89
N MET F 76 -46.60 -20.46 -63.72
CA MET F 76 -46.16 -20.83 -62.38
C MET F 76 -45.43 -19.69 -61.69
N TYR F 77 -44.50 -19.06 -62.40
CA TYR F 77 -43.78 -17.92 -61.82
C TYR F 77 -44.71 -16.73 -61.61
N GLU F 78 -45.66 -16.53 -62.53
CA GLU F 78 -46.65 -15.48 -62.33
C GLU F 78 -47.43 -15.71 -61.04
N ILE F 79 -47.87 -16.95 -60.82
CA ILE F 79 -48.65 -17.25 -59.63
C ILE F 79 -47.80 -17.12 -58.38
N SER F 80 -46.52 -17.49 -58.46
CA SER F 80 -45.63 -17.31 -57.32
C SER F 80 -45.51 -15.84 -56.93
N ASP F 81 -45.27 -14.97 -57.91
CA ASP F 81 -45.10 -13.56 -57.59
C ASP F 81 -46.40 -12.94 -57.09
N GLU F 82 -47.54 -13.39 -57.63
CA GLU F 82 -48.81 -12.93 -57.10
C GLU F 82 -49.02 -13.39 -55.66
N LEU F 83 -48.66 -14.65 -55.37
CA LEU F 83 -48.84 -15.20 -54.03
C LEU F 83 -48.00 -14.46 -53.01
N ASN F 84 -46.80 -14.03 -53.41
CA ASN F 84 -45.89 -13.43 -52.44
C ASN F 84 -46.48 -12.20 -51.76
N LYS F 85 -47.41 -11.50 -52.41
CA LYS F 85 -47.95 -10.27 -51.85
C LYS F 85 -48.97 -10.53 -50.75
N LEU F 86 -49.78 -11.59 -50.89
CA LEU F 86 -50.91 -11.79 -49.98
C LEU F 86 -50.46 -12.13 -48.56
N PHE F 87 -49.31 -12.79 -48.42
CA PHE F 87 -48.90 -13.33 -47.14
C PHE F 87 -47.63 -12.66 -46.62
N ASN F 88 -47.58 -11.34 -46.68
CA ASN F 88 -46.38 -10.59 -46.31
C ASN F 88 -46.00 -10.80 -44.85
N ARG F 89 -46.85 -10.35 -43.92
CA ARG F 89 -46.48 -10.31 -42.51
C ARG F 89 -47.34 -11.21 -41.64
N ASN F 90 -48.65 -11.12 -41.75
CA ASN F 90 -49.54 -11.91 -40.90
C ASN F 90 -50.88 -12.11 -41.59
N ILE F 91 -51.63 -13.09 -41.09
CA ILE F 91 -52.97 -13.36 -41.55
C ILE F 91 -53.91 -13.26 -40.35
N LYS F 92 -55.18 -12.96 -40.65
CA LYS F 92 -56.15 -12.59 -39.63
C LYS F 92 -57.24 -13.65 -39.59
N VAL F 93 -57.34 -14.35 -38.46
CA VAL F 93 -58.35 -15.39 -38.27
C VAL F 93 -58.96 -15.24 -36.89
N THR F 94 -60.30 -15.21 -36.83
CA THR F 94 -61.05 -15.04 -35.57
C THR F 94 -60.52 -13.80 -34.83
N ASP F 95 -60.08 -12.82 -35.60
CA ASP F 95 -59.39 -11.63 -35.10
C ASP F 95 -58.28 -11.99 -34.12
N ARG F 96 -57.30 -12.75 -34.60
CA ARG F 96 -56.07 -12.96 -33.85
C ARG F 96 -54.96 -13.03 -34.89
N LYS F 97 -54.19 -11.94 -35.02
CA LYS F 97 -53.21 -11.85 -36.08
C LYS F 97 -52.00 -12.71 -35.73
N LEU F 98 -51.68 -13.65 -36.61
CA LEU F 98 -50.65 -14.65 -36.36
C LEU F 98 -49.42 -14.30 -37.18
N ASN F 99 -48.29 -14.11 -36.49
CA ASN F 99 -47.06 -13.71 -37.17
C ASN F 99 -46.58 -14.80 -38.10
N ILE F 100 -46.07 -14.39 -39.27
CA ILE F 100 -45.48 -15.31 -40.24
C ILE F 100 -43.97 -15.18 -40.11
N THR F 101 -43.34 -16.20 -39.53
CA THR F 101 -41.90 -16.10 -39.25
C THR F 101 -41.04 -16.31 -40.49
N LYS F 102 -41.48 -17.12 -41.44
CA LYS F 102 -40.61 -17.46 -42.56
C LYS F 102 -41.44 -17.85 -43.77
N LEU F 103 -40.90 -17.57 -44.95
CA LEU F 103 -41.49 -17.93 -46.23
C LEU F 103 -40.48 -18.75 -47.02
N GLU F 104 -40.90 -19.92 -47.48
CA GLU F 104 -40.03 -20.79 -48.26
C GLU F 104 -40.82 -21.42 -49.39
N GLN F 105 -40.25 -21.42 -50.59
CA GLN F 105 -40.84 -22.07 -51.74
C GLN F 105 -39.75 -22.74 -52.56
N SER F 106 -40.16 -23.74 -53.34
CA SER F 106 -39.21 -24.46 -54.17
C SER F 106 -39.96 -25.12 -55.32
N ILE F 107 -39.27 -25.28 -56.44
CA ILE F 107 -39.80 -25.95 -57.62
C ILE F 107 -39.01 -27.23 -57.82
N LYS F 108 -39.68 -28.37 -57.70
CA LYS F 108 -39.05 -29.66 -57.84
C LYS F 108 -39.81 -30.50 -58.86
N LYS F 109 -39.19 -31.60 -59.28
CA LYS F 109 -39.80 -32.52 -60.22
C LYS F 109 -40.49 -33.64 -59.45
N GLU F 110 -41.80 -33.74 -59.61
CA GLU F 110 -42.60 -34.79 -59.01
C GLU F 110 -43.25 -35.61 -60.12
N GLU F 111 -43.06 -36.92 -60.08
CA GLU F 111 -43.56 -37.84 -61.11
C GLU F 111 -42.96 -37.39 -62.44
N SER F 112 -43.76 -37.10 -63.47
CA SER F 112 -43.24 -36.65 -64.76
C SER F 112 -43.48 -35.17 -65.00
N ILE F 113 -43.88 -34.41 -63.98
CA ILE F 113 -44.24 -33.00 -64.15
C ILE F 113 -43.48 -32.17 -63.14
N TYR F 114 -43.51 -30.85 -63.35
CA TYR F 114 -42.92 -29.87 -62.44
C TYR F 114 -44.03 -29.11 -61.74
N VAL F 115 -43.94 -29.00 -60.42
CA VAL F 115 -44.95 -28.34 -59.62
C VAL F 115 -44.28 -27.32 -58.72
N LEU F 116 -45.09 -26.38 -58.23
CA LEU F 116 -44.63 -25.33 -57.33
C LEU F 116 -45.14 -25.61 -55.92
N ASN F 117 -44.23 -25.57 -54.95
CA ASN F 117 -44.57 -25.77 -53.55
C ASN F 117 -44.27 -24.49 -52.79
N PHE F 118 -45.26 -24.00 -52.06
CA PHE F 118 -45.15 -22.74 -51.33
C PHE F 118 -45.51 -22.99 -49.88
N THR F 119 -44.60 -22.62 -48.97
CA THR F 119 -44.77 -22.90 -47.55
C THR F 119 -44.51 -21.64 -46.73
N PHE F 120 -45.17 -21.55 -45.59
CA PHE F 120 -44.88 -20.53 -44.60
C PHE F 120 -45.22 -21.06 -43.22
N THR F 121 -44.66 -20.43 -42.20
CA THR F 121 -44.79 -20.89 -40.83
C THR F 121 -45.49 -19.83 -39.98
N LEU F 122 -46.48 -20.25 -39.21
CA LEU F 122 -47.16 -19.40 -38.25
C LEU F 122 -46.72 -19.74 -36.83
N ASN F 123 -46.74 -18.73 -35.97
CA ASN F 123 -46.31 -18.92 -34.58
C ASN F 123 -47.20 -18.10 -33.67
N TYR F 124 -47.78 -18.75 -32.67
CA TYR F 124 -48.65 -18.08 -31.71
C TYR F 124 -48.75 -18.93 -30.45
N LEU F 125 -49.21 -18.29 -29.38
CA LEU F 125 -49.41 -18.96 -28.10
C LEU F 125 -50.90 -19.20 -27.87
N ASP F 126 -51.24 -20.43 -27.49
CA ASP F 126 -52.61 -20.82 -27.23
C ASP F 126 -52.67 -21.55 -25.90
N SER F 127 -53.76 -21.37 -25.18
CA SER F 127 -53.87 -21.87 -23.82
C SER F 127 -55.23 -22.53 -23.60
N VAL F 128 -55.28 -23.40 -22.61
CA VAL F 128 -56.51 -24.05 -22.16
C VAL F 128 -56.88 -23.48 -20.80
N TYR F 129 -58.16 -23.19 -20.62
CA TYR F 129 -58.69 -22.71 -19.36
C TYR F 129 -59.68 -23.74 -18.83
N GLU F 130 -59.38 -24.33 -17.68
CA GLU F 130 -60.21 -25.38 -17.13
C GLU F 130 -61.49 -24.79 -16.54
N GLU F 131 -62.51 -25.64 -16.45
CA GLU F 131 -63.79 -25.22 -15.90
C GLU F 131 -63.66 -24.96 -14.40
N ASP F 132 -64.46 -24.02 -13.91
CA ASP F 132 -64.51 -23.68 -12.50
C ASP F 132 -65.80 -24.24 -11.90
N VAL F 133 -65.67 -24.94 -10.79
CA VAL F 133 -66.80 -25.59 -10.13
C VAL F 133 -67.22 -24.76 -8.93
N VAL F 134 -68.52 -24.76 -8.66
CA VAL F 134 -69.08 -24.01 -7.55
C VAL F 134 -69.15 -24.90 -6.32
N TYR F 135 -68.66 -24.38 -5.20
CA TYR F 135 -68.58 -25.14 -3.96
C TYR F 135 -69.70 -24.73 -3.01
N GLU F 136 -70.15 -25.69 -2.22
CA GLU F 136 -71.16 -25.42 -1.21
C GLU F 136 -70.56 -24.60 -0.07
N ASN F 137 -71.44 -23.96 0.70
CA ASN F 137 -71.02 -23.32 1.94
C ASN F 137 -70.74 -24.38 2.99
N MET F 138 -69.83 -24.05 3.91
CA MET F 138 -69.35 -25.02 4.89
C MET F 138 -70.05 -24.83 6.22
N LYS F 139 -70.54 -25.94 6.78
CA LYS F 139 -71.17 -25.97 8.08
C LYS F 139 -70.95 -27.33 8.71
N GLU F 140 -71.06 -27.38 10.03
CA GLU F 140 -70.78 -28.59 10.80
C GLU F 140 -69.36 -29.09 10.51
N ILE F 141 -68.39 -28.25 10.86
CA ILE F 141 -66.99 -28.56 10.64
C ILE F 141 -66.40 -28.97 11.99
N ASN F 142 -66.00 -30.23 12.09
CA ASN F 142 -65.56 -30.81 13.35
C ASN F 142 -64.11 -31.26 13.27
N LEU F 143 -63.44 -31.24 14.42
CA LEU F 143 -62.06 -31.68 14.53
C LEU F 143 -61.94 -32.70 15.64
N ASN F 144 -61.08 -33.69 15.44
CA ASN F 144 -60.78 -34.69 16.45
C ASN F 144 -59.32 -34.56 16.86
N LEU F 145 -59.07 -34.72 18.15
CA LEU F 145 -57.72 -34.61 18.71
C LEU F 145 -57.24 -36.02 19.02
N GLY F 146 -56.60 -36.66 18.03
CA GLY F 146 -56.05 -37.98 18.25
C GLY F 146 -54.96 -37.98 19.30
N GLU F 147 -54.19 -36.91 19.38
CA GLU F 147 -53.19 -36.76 20.43
C GLU F 147 -53.08 -35.30 20.86
N ALA G 2 -33.57 -13.31 75.06
CA ALA G 2 -34.00 -12.96 76.40
C ALA G 2 -33.28 -11.73 76.91
N ILE G 3 -34.06 -10.71 77.28
CA ILE G 3 -33.50 -9.45 77.77
C ILE G 3 -33.12 -9.62 79.24
N GLY G 4 -31.88 -9.28 79.57
CA GLY G 4 -31.39 -9.33 80.93
C GLY G 4 -31.19 -7.95 81.50
N LEU G 5 -31.28 -7.84 82.82
CA LEU G 5 -31.08 -6.56 83.47
C LEU G 5 -29.65 -6.08 83.23
N PRO G 6 -29.45 -4.82 82.89
CA PRO G 6 -28.11 -4.37 82.49
C PRO G 6 -27.13 -4.43 83.64
N SER G 7 -25.87 -4.70 83.31
CA SER G 7 -24.85 -4.90 84.32
C SER G 7 -23.50 -4.47 83.76
N ILE G 8 -22.58 -4.17 84.66
CA ILE G 8 -21.19 -3.87 84.33
C ILE G 8 -20.34 -5.05 84.79
N ASN G 9 -19.43 -5.49 83.94
CA ASN G 9 -18.54 -6.59 84.25
C ASN G 9 -17.09 -6.16 84.10
N ILE G 10 -16.27 -6.51 85.08
CA ILE G 10 -14.84 -6.19 85.08
C ILE G 10 -14.08 -7.50 85.13
N SER G 11 -13.24 -7.74 84.14
CA SER G 11 -12.49 -8.98 84.03
C SER G 11 -11.00 -8.67 84.20
N PHE G 12 -10.35 -9.44 85.06
CA PHE G 12 -8.92 -9.31 85.31
C PHE G 12 -8.22 -10.54 84.76
N LYS G 13 -7.28 -10.32 83.84
CA LYS G 13 -6.53 -11.39 83.22
C LYS G 13 -5.07 -10.99 83.13
N GLU G 14 -4.19 -11.99 83.14
CA GLU G 14 -2.76 -11.78 83.03
C GLU G 14 -2.26 -12.42 81.75
N LEU G 15 -1.62 -11.62 80.89
CA LEU G 15 -1.02 -12.16 79.69
C LEU G 15 0.15 -13.05 80.05
N ALA G 16 0.17 -14.26 79.47
CA ALA G 16 1.19 -15.26 79.78
C ALA G 16 1.95 -15.61 78.52
N THR G 17 3.28 -15.52 78.58
CA THR G 17 4.11 -15.94 77.46
C THR G 17 3.92 -17.43 77.22
N THR G 18 3.66 -17.79 75.96
CA THR G 18 3.32 -19.15 75.60
C THR G 18 4.46 -19.76 74.79
N VAL G 19 5.03 -20.85 75.31
CA VAL G 19 6.00 -21.67 74.60
C VAL G 19 5.44 -23.08 74.55
N LYS G 20 5.22 -23.61 73.35
CA LYS G 20 4.65 -24.94 73.20
C LYS G 20 5.52 -25.96 73.92
N GLU G 21 4.88 -26.89 74.62
CA GLU G 21 5.58 -27.84 75.47
C GLU G 21 6.02 -29.05 74.64
N ARG G 22 7.31 -29.35 74.71
CA ARG G 22 7.89 -30.49 73.99
C ARG G 22 8.12 -31.64 74.96
N SER G 23 8.40 -32.81 74.38
CA SER G 23 8.69 -33.99 75.19
C SER G 23 9.90 -33.72 76.07
N ALA G 24 9.77 -34.04 77.36
CA ALA G 24 10.84 -33.81 78.31
C ALA G 24 12.05 -34.66 77.95
N ARG G 25 13.22 -34.02 77.91
CA ARG G 25 14.47 -34.70 77.60
C ARG G 25 15.45 -34.48 78.72
N GLY G 26 16.26 -35.50 79.00
CA GLY G 26 17.16 -35.48 80.13
C GLY G 26 16.72 -36.28 81.33
N ILE G 27 15.63 -37.04 81.22
CA ILE G 27 15.13 -37.85 82.31
C ILE G 27 15.84 -39.20 82.30
N ILE G 28 15.95 -39.82 83.47
CA ILE G 28 16.59 -41.12 83.63
C ILE G 28 15.64 -42.04 84.37
N ALA G 29 15.48 -43.26 83.86
CA ALA G 29 14.73 -44.31 84.54
C ALA G 29 15.70 -45.43 84.87
N MET G 30 15.84 -45.72 86.17
CA MET G 30 16.71 -46.79 86.64
C MET G 30 15.86 -47.83 87.34
N VAL G 31 16.11 -49.10 87.03
CA VAL G 31 15.40 -50.22 87.63
C VAL G 31 16.39 -51.06 88.43
N LEU G 32 15.96 -51.49 89.62
CA LEU G 32 16.81 -52.27 90.50
C LEU G 32 15.93 -53.20 91.32
N LYS G 33 16.53 -54.28 91.82
CA LYS G 33 15.81 -55.26 92.61
C LYS G 33 16.19 -55.11 94.09
N ASP G 34 15.18 -55.02 94.95
CA ASP G 34 15.37 -54.82 96.37
C ASP G 34 14.16 -55.35 97.12
N ALA G 35 14.33 -55.53 98.43
CA ALA G 35 13.25 -55.97 99.30
C ALA G 35 12.55 -54.82 100.01
N LYS G 36 12.93 -53.58 99.75
CA LYS G 36 12.37 -52.42 100.43
C LYS G 36 11.93 -51.38 99.42
N ALA G 37 10.88 -50.64 99.78
CA ALA G 37 10.33 -49.56 98.95
C ALA G 37 10.05 -50.05 97.53
N LEU G 38 9.36 -51.19 97.44
CA LEU G 38 9.12 -51.80 96.15
C LEU G 38 8.27 -50.88 95.26
N GLY G 39 8.53 -50.95 93.96
CA GLY G 39 7.93 -50.04 93.02
C GLY G 39 8.80 -48.83 92.76
N LEU G 40 8.20 -47.83 92.14
CA LEU G 40 8.92 -46.59 91.87
C LEU G 40 9.16 -45.81 93.15
N ASN G 41 10.27 -45.07 93.18
CA ASN G 41 10.61 -44.24 94.32
C ASN G 41 10.43 -42.75 94.06
N GLU G 42 10.42 -42.33 92.78
CA GLU G 42 10.19 -40.94 92.40
C GLU G 42 11.23 -40.02 93.05
N ILE G 43 12.50 -40.26 92.71
CA ILE G 43 13.60 -39.44 93.23
C ILE G 43 13.78 -38.28 92.25
N HIS G 44 12.93 -37.27 92.42
CA HIS G 44 13.02 -36.08 91.57
C HIS G 44 14.21 -35.22 91.96
N GLU G 45 14.50 -35.14 93.26
CA GLU G 45 15.57 -34.30 93.78
C GLU G 45 16.76 -35.17 94.15
N LYS G 46 17.96 -34.66 93.86
CA LYS G 46 19.18 -35.38 94.18
C LYS G 46 19.34 -35.62 95.68
N GLU G 47 18.87 -34.68 96.51
CA GLU G 47 19.15 -34.76 97.93
C GLU G 47 18.30 -35.83 98.61
N ASP G 48 17.02 -35.93 98.24
CA ASP G 48 16.09 -36.80 98.95
C ASP G 48 16.30 -38.24 98.51
N ILE G 49 16.65 -39.11 99.46
CA ILE G 49 16.89 -40.53 99.18
C ILE G 49 16.12 -41.37 100.20
N PRO G 50 15.42 -42.41 99.76
CA PRO G 50 14.78 -43.32 100.73
C PRO G 50 15.81 -43.98 101.63
N VAL G 51 15.41 -44.21 102.89
CA VAL G 51 16.35 -44.72 103.88
C VAL G 51 16.47 -46.24 103.83
N ASP G 52 15.39 -46.94 103.44
CA ASP G 52 15.37 -48.39 103.55
C ASP G 52 16.26 -49.08 102.51
N LEU G 53 16.57 -48.42 101.40
CA LEU G 53 17.33 -49.05 100.34
C LEU G 53 18.77 -49.32 100.80
N SER G 54 19.40 -50.29 100.13
CA SER G 54 20.72 -50.74 100.53
C SER G 54 21.78 -49.67 100.31
N ALA G 55 22.79 -49.68 101.18
CA ALA G 55 23.86 -48.69 101.08
C ALA G 55 24.63 -48.82 99.78
N GLU G 56 24.84 -50.05 99.32
CA GLU G 56 25.49 -50.26 98.02
C GLU G 56 24.62 -49.69 96.90
N ASN G 57 23.32 -49.93 96.97
CA ASN G 57 22.42 -49.32 95.99
C ASN G 57 22.36 -47.82 96.16
N LYS G 58 22.52 -47.32 97.38
CA LYS G 58 22.64 -45.86 97.57
C LYS G 58 23.87 -45.33 96.86
N GLU G 59 24.98 -46.08 96.91
CA GLU G 59 26.19 -45.69 96.20
C GLU G 59 25.97 -45.67 94.69
N TYR G 60 25.27 -46.69 94.18
CA TYR G 60 24.92 -46.69 92.76
C TYR G 60 24.06 -45.49 92.40
N ILE G 61 23.09 -45.16 93.25
CA ILE G 61 22.29 -43.96 93.05
C ILE G 61 23.20 -42.74 92.98
N ASN G 62 24.15 -42.64 93.91
CA ASN G 62 25.04 -41.49 93.96
C ASN G 62 25.83 -41.33 92.68
N LEU G 63 26.33 -42.45 92.14
CA LEU G 63 26.99 -42.38 90.83
C LEU G 63 26.02 -41.95 89.74
N ALA G 64 24.78 -42.43 89.78
CA ALA G 64 23.79 -41.99 88.81
C ALA G 64 23.41 -40.53 88.99
N LEU G 65 23.70 -39.94 90.15
CA LEU G 65 23.30 -38.57 90.41
C LEU G 65 24.18 -37.57 89.68
N MET G 66 25.50 -37.70 89.84
CA MET G 66 26.42 -36.66 89.42
C MET G 66 26.32 -36.46 87.91
N GLY G 67 25.96 -35.25 87.50
CA GLY G 67 25.78 -34.93 86.09
C GLY G 67 27.11 -34.52 85.47
N ASN G 68 27.30 -34.95 84.21
CA ASN G 68 28.54 -34.62 83.51
C ASN G 68 28.72 -33.12 83.38
N VAL G 69 27.70 -32.43 82.88
CA VAL G 69 27.71 -30.99 82.75
C VAL G 69 26.69 -30.34 83.68
N ASN G 70 25.49 -30.91 83.75
CA ASN G 70 24.41 -30.37 84.58
C ASN G 70 23.70 -31.52 85.28
N THR G 71 22.97 -31.17 86.33
CA THR G 71 22.16 -32.17 87.04
C THR G 71 21.12 -32.76 86.10
N PRO G 72 20.92 -34.08 86.14
CA PRO G 72 19.80 -34.66 85.41
C PRO G 72 18.48 -34.04 85.86
N ASN G 73 17.61 -33.78 84.88
CA ASN G 73 16.36 -33.08 85.20
C ASN G 73 15.49 -33.89 86.15
N LYS G 74 15.43 -35.20 85.93
CA LYS G 74 14.60 -36.05 86.77
C LYS G 74 15.12 -37.48 86.70
N LEU G 75 15.06 -38.19 87.82
CA LEU G 75 15.49 -39.57 87.91
C LEU G 75 14.34 -40.42 88.44
N LEU G 76 14.08 -41.54 87.77
CA LEU G 76 13.06 -42.49 88.19
C LEU G 76 13.75 -43.77 88.62
N VAL G 77 13.48 -44.21 89.84
CA VAL G 77 14.06 -45.43 90.39
C VAL G 77 12.92 -46.38 90.72
N TYR G 78 12.92 -47.54 90.07
CA TYR G 78 11.91 -48.57 90.27
C TYR G 78 12.53 -49.73 91.03
N VAL G 79 11.87 -50.17 92.08
CA VAL G 79 12.31 -51.30 92.88
C VAL G 79 11.46 -52.50 92.53
N ILE G 80 12.12 -53.61 92.18
CA ILE G 80 11.45 -54.81 91.71
C ILE G 80 11.83 -55.96 92.65
N GLU G 81 10.97 -56.96 92.70
CA GLU G 81 11.24 -58.12 93.54
C GLU G 81 12.27 -59.03 92.89
N GLY G 82 13.06 -59.69 93.73
CA GLY G 82 14.03 -60.64 93.22
C GLY G 82 13.35 -61.76 92.46
N GLU G 83 13.96 -62.12 91.32
CA GLU G 83 13.50 -63.17 90.41
C GLU G 83 12.18 -62.83 89.74
N ALA G 84 11.69 -61.59 89.87
CA ALA G 84 10.51 -61.18 89.15
C ALA G 84 10.74 -61.06 87.65
N ASP G 85 11.99 -61.14 87.21
CA ASP G 85 12.38 -61.11 85.81
C ASP G 85 12.12 -59.72 85.23
N ILE G 86 12.19 -59.59 83.90
CA ILE G 86 12.23 -58.27 83.29
C ILE G 86 10.83 -57.74 82.98
N GLN G 87 9.90 -58.62 82.58
CA GLN G 87 8.63 -58.16 82.01
C GLN G 87 7.80 -57.36 83.01
N THR G 88 7.88 -57.70 84.30
CA THR G 88 7.11 -56.96 85.30
C THR G 88 7.56 -55.51 85.37
N ALA G 89 8.86 -55.26 85.32
CA ALA G 89 9.35 -53.89 85.24
C ALA G 89 9.12 -53.30 83.86
N LEU G 90 9.07 -54.14 82.83
CA LEU G 90 8.85 -53.65 81.48
C LEU G 90 7.47 -53.03 81.34
N ASP G 91 6.46 -53.64 81.97
CA ASP G 91 5.13 -53.05 81.97
C ASP G 91 5.15 -51.66 82.58
N PHE G 92 5.83 -51.51 83.73
CA PHE G 92 5.95 -50.22 84.38
C PHE G 92 6.63 -49.20 83.46
N LEU G 93 7.75 -49.61 82.85
CA LEU G 93 8.49 -48.70 81.99
C LEU G 93 7.68 -48.30 80.76
N GLU G 94 6.92 -49.24 80.20
CA GLU G 94 6.04 -48.91 79.09
C GLU G 94 4.96 -47.93 79.51
N THR G 95 4.49 -48.04 80.76
CA THR G 95 3.42 -47.16 81.22
C THR G 95 3.84 -45.69 81.25
N LYS G 96 5.08 -45.42 81.67
CA LYS G 96 5.55 -44.07 81.89
C LYS G 96 6.65 -43.69 80.90
N GLU G 97 6.75 -42.39 80.63
CA GLU G 97 7.78 -41.88 79.73
C GLU G 97 9.16 -41.93 80.39
N PHE G 98 10.17 -42.16 79.57
CA PHE G 98 11.55 -42.17 80.04
C PHE G 98 12.47 -42.00 78.83
N ASN G 99 13.74 -41.74 79.12
CA ASN G 99 14.74 -41.51 78.08
C ASN G 99 15.85 -42.55 78.09
N TYR G 100 16.48 -42.77 79.23
CA TYR G 100 17.61 -43.70 79.34
C TYR G 100 17.33 -44.70 80.45
N LEU G 101 17.68 -45.95 80.20
CA LEU G 101 17.45 -47.04 81.13
C LEU G 101 18.76 -47.73 81.46
N CYS G 102 18.97 -48.02 82.74
CA CYS G 102 20.16 -48.73 83.19
C CYS G 102 19.83 -49.50 84.46
N MET G 103 20.61 -50.54 84.72
CA MET G 103 20.44 -51.33 85.92
C MET G 103 21.77 -51.96 86.30
N PRO G 104 22.19 -51.81 87.56
CA PRO G 104 23.50 -52.33 87.97
C PRO G 104 23.60 -53.84 87.94
N LYS G 105 22.66 -54.53 88.56
CA LYS G 105 22.70 -55.98 88.71
C LYS G 105 21.81 -56.64 87.67
N ALA G 106 22.38 -57.58 86.93
CA ALA G 106 21.62 -58.33 85.94
C ALA G 106 22.37 -59.60 85.57
N VAL G 107 21.62 -60.60 85.11
CA VAL G 107 22.20 -61.77 84.47
C VAL G 107 22.26 -61.50 82.98
N GLU G 108 23.05 -62.29 82.25
CA GLU G 108 23.20 -62.08 80.82
C GLU G 108 21.88 -62.28 80.08
N ALA G 109 21.09 -63.27 80.51
CA ALA G 109 19.77 -63.47 79.91
C ALA G 109 18.88 -62.25 80.12
N ASP G 110 19.02 -61.59 81.27
CA ASP G 110 18.27 -60.35 81.50
C ASP G 110 18.69 -59.28 80.51
N LYS G 111 19.99 -59.16 80.24
CA LYS G 111 20.46 -58.19 79.25
C LYS G 111 19.92 -58.52 77.86
N THR G 112 19.91 -59.80 77.49
CA THR G 112 19.36 -60.19 76.20
C THR G 112 17.88 -59.86 76.10
N ALA G 113 17.13 -60.12 77.18
CA ALA G 113 15.71 -59.77 77.19
C ALA G 113 15.50 -58.27 77.06
N ILE G 114 16.33 -57.48 77.75
CA ILE G 114 16.24 -56.03 77.63
C ILE G 114 16.49 -55.60 76.18
N LYS G 115 17.53 -56.16 75.56
CA LYS G 115 17.85 -55.83 74.18
C LYS G 115 16.67 -56.14 73.26
N ASN G 116 16.13 -57.36 73.37
CA ASN G 116 15.02 -57.75 72.50
C ASN G 116 13.81 -56.86 72.73
N TRP G 117 13.50 -56.56 73.99
CA TRP G 117 12.32 -55.74 74.29
C TRP G 117 12.49 -54.34 73.72
N ILE G 118 13.67 -53.74 73.87
CA ILE G 118 13.89 -52.39 73.35
C ILE G 118 13.79 -52.39 71.83
N ILE G 119 14.42 -53.37 71.17
CA ILE G 119 14.37 -53.41 69.71
C ILE G 119 12.92 -53.58 69.23
N LYS G 120 12.16 -54.45 69.89
CA LYS G 120 10.77 -54.64 69.51
C LYS G 120 9.94 -53.39 69.77
N LEU G 121 10.19 -52.70 70.88
CA LEU G 121 9.35 -51.58 71.26
C LEU G 121 9.62 -50.35 70.38
N ARG G 122 10.89 -50.10 70.04
CA ARG G 122 11.20 -48.92 69.23
C ARG G 122 10.53 -48.98 67.87
N ASP G 123 10.29 -50.18 67.34
CA ASP G 123 9.67 -50.34 66.03
C ASP G 123 8.16 -50.53 66.12
N ILE G 124 7.70 -51.40 67.03
CA ILE G 124 6.26 -51.66 67.13
C ILE G 124 5.53 -50.44 67.68
N ASP G 125 6.05 -49.87 68.75
CA ASP G 125 5.34 -48.82 69.47
C ASP G 125 5.70 -47.41 69.02
N LYS G 126 6.65 -47.27 68.10
CA LYS G 126 7.11 -45.96 67.63
C LYS G 126 7.54 -45.08 68.81
N VAL G 127 8.27 -45.68 69.75
CA VAL G 127 8.79 -44.98 70.92
C VAL G 127 10.30 -45.06 70.89
N LYS G 128 10.96 -43.91 70.98
CA LYS G 128 12.42 -43.83 70.92
C LYS G 128 12.98 -43.76 72.33
N VAL G 129 13.53 -44.88 72.79
CA VAL G 129 14.19 -44.96 74.09
C VAL G 129 15.51 -45.68 73.92
N LYS G 130 16.46 -45.41 74.82
CA LYS G 130 17.80 -45.97 74.75
C LYS G 130 18.21 -46.47 76.11
N ALA G 131 19.17 -47.40 76.11
CA ALA G 131 19.68 -47.98 77.34
C ALA G 131 21.16 -48.28 77.19
N VAL G 132 21.84 -48.37 78.33
CA VAL G 132 23.26 -48.71 78.39
C VAL G 132 23.39 -50.07 79.07
N LEU G 133 24.05 -51.00 78.39
CA LEU G 133 24.15 -52.37 78.85
C LEU G 133 25.60 -52.73 79.16
N GLY G 134 25.78 -53.62 80.13
CA GLY G 134 27.13 -53.92 80.60
C GLY G 134 28.00 -54.58 79.56
N LYS G 135 27.46 -55.60 78.87
CA LYS G 135 28.23 -56.29 77.85
C LYS G 135 27.26 -56.96 76.89
N VAL G 136 27.05 -56.36 75.73
CA VAL G 136 26.19 -56.91 74.69
C VAL G 136 26.83 -56.66 73.33
N VAL G 137 26.32 -57.36 72.33
CA VAL G 137 26.81 -57.22 70.96
C VAL G 137 25.65 -56.75 70.10
N GLY G 138 24.69 -56.07 70.73
CA GLY G 138 23.52 -55.59 69.99
C GLY G 138 23.91 -54.65 68.88
N ASN G 139 23.27 -54.84 67.71
CA ASN G 139 23.56 -54.07 66.51
C ASN G 139 22.48 -53.01 66.24
N HIS G 140 21.93 -52.42 67.29
CA HIS G 140 20.86 -51.44 67.14
C HIS G 140 21.28 -50.10 67.72
N GLU G 141 20.69 -49.03 67.20
CA GLU G 141 21.04 -47.69 67.65
C GLU G 141 20.61 -47.44 69.09
N GLY G 142 19.61 -48.16 69.57
CA GLY G 142 19.03 -47.89 70.87
C GLY G 142 19.80 -48.43 72.05
N ILE G 143 20.93 -49.11 71.83
CA ILE G 143 21.73 -49.68 72.90
C ILE G 143 23.14 -49.12 72.80
N ILE G 144 23.68 -48.67 73.93
CA ILE G 144 25.05 -48.19 74.01
C ILE G 144 25.85 -49.22 74.81
N ASN G 145 26.81 -49.85 74.15
CA ASN G 145 27.58 -50.94 74.74
C ASN G 145 28.84 -50.36 75.37
N PHE G 146 28.77 -50.07 76.66
CA PHE G 146 29.94 -49.65 77.42
C PHE G 146 30.61 -50.87 78.04
N THR G 147 31.94 -50.94 77.90
CA THR G 147 32.68 -52.09 78.43
C THR G 147 34.06 -51.62 78.88
N THR G 148 34.26 -51.56 80.19
CA THR G 148 35.57 -51.28 80.77
C THR G 148 35.68 -52.01 82.10
N GLU G 149 36.76 -52.74 82.28
CA GLU G 149 36.91 -53.63 83.42
C GLU G 149 37.80 -53.01 84.51
N ASP G 150 37.54 -53.42 85.75
CA ASP G 150 38.37 -53.04 86.90
C ASP G 150 38.44 -51.52 87.06
N VAL G 151 37.28 -50.89 87.09
CA VAL G 151 37.21 -49.44 87.26
C VAL G 151 37.34 -49.12 88.75
N LEU G 152 38.25 -48.22 89.09
CA LEU G 152 38.51 -47.83 90.47
C LEU G 152 37.90 -46.46 90.71
N VAL G 153 36.78 -46.42 91.43
CA VAL G 153 36.16 -45.17 91.85
C VAL G 153 35.96 -45.23 93.36
N GLY G 154 36.47 -44.20 94.06
CA GLY G 154 36.34 -44.13 95.50
C GLY G 154 36.89 -45.35 96.22
N GLU G 155 38.20 -45.60 96.07
CA GLU G 155 38.92 -46.73 96.65
C GLU G 155 38.09 -48.02 96.62
N LYS G 156 37.43 -48.27 95.49
CA LYS G 156 36.53 -49.40 95.36
C LYS G 156 36.61 -49.96 93.96
N LYS G 157 36.44 -51.28 93.85
CA LYS G 157 36.36 -51.96 92.56
C LYS G 157 34.91 -52.02 92.10
N TYR G 158 34.71 -51.78 90.81
CA TYR G 158 33.38 -51.83 90.21
C TYR G 158 33.42 -52.67 88.96
N SER G 159 32.38 -53.48 88.75
CA SER G 159 32.24 -54.19 87.51
C SER G 159 31.73 -53.25 86.42
N VAL G 160 31.76 -53.72 85.17
CA VAL G 160 31.25 -52.91 84.08
C VAL G 160 29.75 -52.66 84.25
N ASP G 161 29.01 -53.68 84.70
CA ASP G 161 27.58 -53.53 84.89
C ASP G 161 27.27 -52.48 85.95
N GLU G 162 28.02 -52.49 87.05
CA GLU G 162 27.80 -51.50 88.11
C GLU G 162 28.09 -50.09 87.61
N PHE G 163 29.15 -49.92 86.83
CA PHE G 163 29.54 -48.60 86.36
C PHE G 163 28.70 -48.12 85.18
N THR G 164 27.92 -49.01 84.55
CA THR G 164 27.00 -48.56 83.51
C THR G 164 26.00 -47.56 84.05
N SER G 165 25.65 -47.65 85.33
CA SER G 165 24.76 -46.66 85.93
C SER G 165 25.39 -45.26 85.87
N ARG G 166 26.66 -45.15 86.28
CA ARG G 166 27.35 -43.87 86.21
C ARG G 166 27.50 -43.40 84.77
N VAL G 167 27.78 -44.34 83.86
CA VAL G 167 27.92 -43.98 82.45
C VAL G 167 26.61 -43.40 81.90
N ALA G 168 25.50 -44.05 82.22
CA ALA G 168 24.19 -43.57 81.75
C ALA G 168 23.85 -42.23 82.37
N GLY G 169 24.14 -42.05 83.66
CA GLY G 169 23.91 -40.75 84.28
C GLY G 169 24.74 -39.66 83.63
N LEU G 170 26.00 -39.96 83.31
CA LEU G 170 26.85 -39.01 82.61
C LEU G 170 26.28 -38.67 81.23
N ILE G 171 25.80 -39.69 80.51
CA ILE G 171 25.24 -39.45 79.18
C ILE G 171 24.01 -38.57 79.26
N ALA G 172 23.12 -38.84 80.22
CA ALA G 172 21.91 -38.05 80.34
C ALA G 172 22.19 -36.64 80.87
N GLY G 173 23.27 -36.48 81.62
CA GLY G 173 23.57 -35.17 82.19
C GLY G 173 23.93 -34.13 81.15
N THR G 174 24.65 -34.54 80.10
CA THR G 174 25.15 -33.59 79.13
C THR G 174 24.00 -33.02 78.29
N PRO G 175 24.12 -31.77 77.85
CA PRO G 175 23.08 -31.18 76.98
C PRO G 175 23.13 -31.72 75.57
N LEU G 176 22.19 -31.29 74.73
CA LEU G 176 22.18 -31.73 73.34
C LEU G 176 23.26 -31.04 72.52
N SER G 177 23.59 -29.79 72.85
CA SER G 177 24.53 -29.03 72.04
C SER G 177 25.91 -29.67 72.03
N GLN G 178 26.44 -30.01 73.21
CA GLN G 178 27.77 -30.58 73.32
C GLN G 178 27.70 -32.10 73.26
N SER G 179 28.75 -32.71 72.74
CA SER G 179 28.85 -34.15 72.60
C SER G 179 29.67 -34.75 73.73
N VAL G 180 29.37 -36.01 74.04
CA VAL G 180 30.06 -36.70 75.13
C VAL G 180 31.52 -37.02 74.81
N THR G 181 31.94 -36.79 73.57
CA THR G 181 33.31 -37.10 73.18
C THR G 181 34.31 -36.24 73.95
N TYR G 182 35.33 -36.90 74.50
CA TYR G 182 36.43 -36.23 75.20
C TYR G 182 35.92 -35.38 76.37
N THR G 183 35.33 -36.06 77.35
CA THR G 183 34.89 -35.44 78.59
C THR G 183 35.54 -36.17 79.76
N LYS G 184 36.12 -35.42 80.68
CA LYS G 184 36.93 -35.98 81.75
C LYS G 184 36.07 -36.36 82.95
N LEU G 185 36.49 -37.43 83.63
CA LEU G 185 35.85 -37.91 84.84
C LEU G 185 36.89 -37.86 85.97
N SER G 186 36.76 -36.84 86.82
CA SER G 186 37.69 -36.69 87.95
C SER G 186 37.50 -37.75 89.02
N ASP G 187 36.39 -38.50 88.97
CA ASP G 187 36.14 -39.51 89.99
C ASP G 187 37.06 -40.71 89.83
N VAL G 188 37.22 -41.21 88.60
CA VAL G 188 38.07 -42.35 88.36
C VAL G 188 39.53 -41.95 88.51
N VAL G 189 40.35 -42.88 89.01
CA VAL G 189 41.76 -42.58 89.25
C VAL G 189 42.65 -43.51 88.44
N ASP G 190 42.18 -44.70 88.12
CA ASP G 190 43.04 -45.68 87.45
C ASP G 190 42.19 -46.66 86.65
N ILE G 191 42.73 -47.09 85.52
CA ILE G 191 42.14 -48.11 84.66
C ILE G 191 43.27 -49.05 84.25
N PRO G 192 43.02 -50.35 84.09
CA PRO G 192 44.07 -51.24 83.59
C PRO G 192 44.65 -50.76 82.27
N LYS G 193 45.97 -50.82 82.16
CA LYS G 193 46.66 -50.25 81.02
C LYS G 193 46.42 -51.07 79.76
N MET G 194 46.39 -50.39 78.61
CA MET G 194 46.06 -51.02 77.35
C MET G 194 46.56 -50.13 76.22
N THR G 195 47.09 -50.75 75.16
CA THR G 195 47.74 -50.02 74.09
C THR G 195 46.73 -49.33 73.19
N LYS G 196 47.21 -48.30 72.47
CA LYS G 196 46.32 -47.47 71.68
C LYS G 196 45.76 -48.22 70.48
N VAL G 197 46.55 -49.10 69.87
CA VAL G 197 46.05 -49.86 68.72
C VAL G 197 44.91 -50.78 69.14
N ASP G 198 44.99 -51.33 70.36
CA ASP G 198 43.89 -52.13 70.88
C ASP G 198 42.64 -51.28 71.05
N ALA G 199 42.80 -50.05 71.56
CA ALA G 199 41.65 -49.16 71.70
C ALA G 199 41.04 -48.83 70.35
N GLU G 200 41.87 -48.61 69.34
CA GLU G 200 41.36 -48.40 67.99
C GLU G 200 40.57 -49.62 67.52
N SER G 201 41.07 -50.82 67.82
CA SER G 201 40.37 -52.04 67.44
C SER G 201 38.99 -52.11 68.09
N ARG G 202 38.92 -51.88 69.41
CA ARG G 202 37.63 -51.94 70.09
C ARG G 202 36.68 -50.86 69.58
N VAL G 203 37.19 -49.65 69.34
CA VAL G 203 36.35 -48.60 68.79
C VAL G 203 35.81 -49.00 67.43
N ASN G 204 36.63 -49.66 66.62
CA ASN G 204 36.17 -50.17 65.34
C ASN G 204 35.08 -51.22 65.51
N LYS G 205 35.13 -51.97 66.62
CA LYS G 205 34.10 -52.98 66.89
C LYS G 205 32.76 -52.37 67.27
N GLY G 206 32.70 -51.07 67.49
CA GLY G 206 31.52 -50.44 68.05
C GLY G 206 31.47 -50.45 69.56
N GLU G 207 32.46 -51.05 70.21
CA GLU G 207 32.52 -51.10 71.66
C GLU G 207 32.94 -49.75 72.22
N LEU G 208 32.21 -49.27 73.22
CA LEU G 208 32.55 -48.03 73.90
C LEU G 208 33.45 -48.35 75.10
N ILE G 209 34.65 -47.80 75.11
CA ILE G 209 35.63 -48.08 76.15
C ILE G 209 36.19 -46.77 76.68
N LEU G 210 36.77 -46.84 77.87
CA LEU G 210 37.39 -45.69 78.51
C LEU G 210 38.88 -45.70 78.23
N ILE G 211 39.41 -44.58 77.75
CA ILE G 211 40.80 -44.47 77.33
C ILE G 211 41.47 -43.39 78.18
N LYS G 212 42.80 -43.46 78.23
CA LYS G 212 43.62 -42.47 78.93
C LYS G 212 44.42 -41.68 77.91
N GLU G 213 44.26 -40.36 77.93
CA GLU G 213 45.05 -39.44 77.13
C GLU G 213 45.16 -38.11 77.87
N ALA G 214 46.18 -37.35 77.50
CA ALA G 214 46.42 -36.01 78.06
C ALA G 214 46.53 -36.13 79.58
N GLY G 215 46.09 -35.11 80.30
CA GLY G 215 46.21 -35.09 81.75
C GLY G 215 45.13 -35.86 82.48
N ALA G 216 43.91 -35.86 81.94
CA ALA G 216 42.76 -36.43 82.63
C ALA G 216 42.17 -37.58 81.84
N ILE G 217 41.50 -38.47 82.56
CA ILE G 217 40.88 -39.64 81.95
C ILE G 217 39.59 -39.22 81.27
N ARG G 218 39.44 -39.56 79.99
CA ARG G 218 38.27 -39.12 79.23
C ARG G 218 37.69 -40.26 78.43
N ILE G 219 36.37 -40.21 78.25
CA ILE G 219 35.70 -41.06 77.26
C ILE G 219 36.06 -40.56 75.86
N ALA G 220 36.20 -41.49 74.92
CA ALA G 220 36.65 -41.17 73.58
C ALA G 220 35.59 -41.56 72.55
N ARG G 221 34.97 -40.55 71.95
CA ARG G 221 34.13 -40.70 70.76
C ARG G 221 33.07 -41.78 70.94
N GLY G 222 32.16 -41.50 71.87
CA GLY G 222 31.04 -42.39 72.10
C GLY G 222 30.24 -42.62 70.83
N VAL G 223 30.04 -43.89 70.48
CA VAL G 223 29.39 -44.26 69.23
C VAL G 223 28.29 -45.27 69.53
N ASN G 224 27.37 -45.40 68.58
CA ASN G 224 26.30 -46.37 68.71
C ASN G 224 26.83 -47.79 68.56
N SER G 225 26.09 -48.74 69.12
CA SER G 225 26.60 -50.11 69.21
C SER G 225 26.65 -50.81 67.86
N LEU G 226 25.84 -50.38 66.90
CA LEU G 226 25.79 -51.11 65.64
C LEU G 226 27.08 -50.95 64.86
N THR G 227 27.52 -52.04 64.23
CA THR G 227 28.69 -52.04 63.38
C THR G 227 28.36 -52.31 61.92
N GLU G 228 27.27 -53.01 61.63
CA GLU G 228 26.86 -53.29 60.26
C GLU G 228 26.08 -52.11 59.71
N LEU G 229 26.53 -51.58 58.57
CA LEU G 229 25.91 -50.44 57.92
C LEU G 229 25.17 -50.93 56.68
N THR G 230 23.87 -50.72 56.65
CA THR G 230 23.05 -51.07 55.50
C THR G 230 22.94 -49.88 54.55
N ALA G 231 22.30 -50.12 53.41
CA ALA G 231 22.13 -49.06 52.42
C ALA G 231 21.28 -47.92 52.98
N GLU G 232 20.19 -48.25 53.68
CA GLU G 232 19.31 -47.23 54.22
C GLU G 232 19.93 -46.57 55.45
N LYS G 233 20.59 -47.34 56.30
CA LYS G 233 21.19 -46.80 57.51
C LYS G 233 22.52 -46.13 57.16
N GLY G 234 22.55 -44.81 57.22
CA GLY G 234 23.75 -44.08 56.85
C GLY G 234 24.81 -44.08 57.94
N GLU G 235 25.96 -43.50 57.59
CA GLU G 235 27.07 -43.40 58.53
C GLU G 235 26.70 -42.54 59.73
N MET G 236 25.97 -41.45 59.49
CA MET G 236 25.64 -40.52 60.57
C MET G 236 24.75 -41.15 61.64
N PHE G 237 24.05 -42.23 61.31
CA PHE G 237 23.23 -42.91 62.32
C PHE G 237 24.09 -43.50 63.43
N GLN G 238 25.40 -43.63 63.23
CA GLN G 238 26.27 -44.28 64.18
C GLN G 238 26.68 -43.38 65.34
N LYS G 239 26.38 -42.08 65.26
CA LYS G 239 26.74 -41.14 66.32
C LYS G 239 25.61 -41.02 67.34
N ILE G 240 25.99 -40.86 68.61
CA ILE G 240 25.00 -40.76 69.68
C ILE G 240 24.24 -39.45 69.59
N LYS G 241 24.94 -38.34 69.34
CA LYS G 241 24.28 -37.05 69.30
C LYS G 241 23.23 -37.00 68.19
N ILE G 242 23.56 -37.52 67.01
CA ILE G 242 22.66 -37.46 65.87
C ILE G 242 21.41 -38.30 66.15
N VAL G 243 21.58 -39.52 66.63
CA VAL G 243 20.41 -40.36 66.90
C VAL G 243 19.57 -39.76 68.01
N ASP G 244 20.21 -39.14 69.01
CA ASP G 244 19.47 -38.54 70.11
C ASP G 244 18.61 -37.37 69.62
N THR G 245 19.19 -36.48 68.82
CA THR G 245 18.40 -35.35 68.33
C THR G 245 17.32 -35.82 67.36
N LEU G 246 17.59 -36.85 66.56
CA LEU G 246 16.54 -37.38 65.70
C LEU G 246 15.39 -37.95 66.53
N ASP G 247 15.71 -38.66 67.62
CA ASP G 247 14.67 -39.22 68.47
C ASP G 247 13.83 -38.13 69.11
N ILE G 248 14.47 -37.06 69.60
CA ILE G 248 13.69 -35.99 70.23
C ILE G 248 12.82 -35.29 69.20
N ILE G 249 13.34 -35.13 67.97
CA ILE G 249 12.54 -34.56 66.90
C ILE G 249 11.31 -35.41 66.64
N HIS G 250 11.52 -36.73 66.54
CA HIS G 250 10.42 -37.65 66.29
C HIS G 250 9.36 -37.54 67.39
N SER G 251 9.80 -37.55 68.65
CA SER G 251 8.86 -37.49 69.77
C SER G 251 8.05 -36.20 69.74
N ASP G 252 8.72 -35.06 69.54
CA ASP G 252 8.02 -33.79 69.54
C ASP G 252 7.02 -33.71 68.40
N ILE G 253 7.43 -34.11 67.20
CA ILE G 253 6.55 -34.04 66.04
C ILE G 253 5.34 -34.94 66.24
N ARG G 254 5.56 -36.17 66.71
CA ARG G 254 4.46 -37.08 66.92
C ARG G 254 3.48 -36.53 67.95
N LYS G 255 3.99 -36.00 69.06
CA LYS G 255 3.09 -35.46 70.08
C LYS G 255 2.28 -34.30 69.54
N VAL G 256 2.92 -33.39 68.79
CA VAL G 256 2.20 -32.23 68.26
C VAL G 256 1.10 -32.69 67.30
N ILE G 257 1.44 -33.62 66.40
CA ILE G 257 0.46 -34.08 65.41
C ILE G 257 -0.71 -34.76 66.11
N ILE G 258 -0.43 -35.66 67.06
CA ILE G 258 -1.51 -36.39 67.70
C ILE G 258 -2.37 -35.46 68.56
N ASP G 259 -1.77 -34.42 69.13
CA ASP G 259 -2.56 -33.52 69.97
C ASP G 259 -3.44 -32.60 69.14
N ASP G 260 -2.92 -32.07 68.03
CA ASP G 260 -3.59 -30.96 67.35
C ASP G 260 -4.35 -31.38 66.10
N TYR G 261 -3.68 -32.01 65.13
CA TYR G 261 -4.20 -32.15 63.78
C TYR G 261 -4.75 -33.54 63.49
N ILE G 262 -5.25 -34.25 64.50
CA ILE G 262 -5.83 -35.58 64.31
C ILE G 262 -7.33 -35.51 64.47
N GLY G 263 -8.06 -35.85 63.42
CA GLY G 263 -9.49 -36.02 63.49
C GLY G 263 -10.29 -34.77 63.80
N LYS G 264 -9.64 -33.60 63.72
CA LYS G 264 -10.29 -32.34 63.99
C LYS G 264 -10.39 -31.41 62.79
N VAL G 265 -9.59 -31.63 61.76
CA VAL G 265 -9.54 -30.76 60.59
C VAL G 265 -9.70 -31.61 59.34
N THR G 266 -10.49 -31.11 58.39
CA THR G 266 -10.78 -31.86 57.18
C THR G 266 -9.54 -31.98 56.29
N ASN G 267 -9.44 -33.10 55.59
CA ASN G 267 -8.33 -33.34 54.68
C ASN G 267 -8.56 -32.54 53.40
N SER G 268 -7.76 -31.48 53.22
CA SER G 268 -7.87 -30.63 52.04
C SER G 268 -6.51 -29.98 51.80
N TYR G 269 -6.36 -29.42 50.60
CA TYR G 269 -5.08 -28.84 50.21
C TYR G 269 -4.68 -27.70 51.14
N ASP G 270 -5.64 -26.85 51.52
CA ASP G 270 -5.34 -25.75 52.42
C ASP G 270 -4.91 -26.25 53.79
N ASN G 271 -5.58 -27.28 54.30
CA ASN G 271 -5.18 -27.85 55.58
C ASN G 271 -3.78 -28.46 55.50
N LYS G 272 -3.46 -29.10 54.37
CA LYS G 272 -2.11 -29.63 54.18
C LYS G 272 -1.08 -28.50 54.18
N CYS G 273 -1.40 -27.38 53.53
CA CYS G 273 -0.50 -26.24 53.55
C CYS G 273 -0.30 -25.71 54.96
N LEU G 274 -1.38 -25.65 55.75
CA LEU G 274 -1.26 -25.20 57.14
C LEU G 274 -0.39 -26.14 57.95
N LEU G 275 -0.54 -27.46 57.73
CA LEU G 275 0.29 -28.43 58.42
C LEU G 275 1.76 -28.25 58.04
N ILE G 276 2.03 -28.00 56.75
CA ILE G 276 3.40 -27.74 56.32
C ILE G 276 3.95 -26.51 57.01
N VAL G 277 3.13 -25.47 57.14
CA VAL G 277 3.57 -24.25 57.82
C VAL G 277 3.91 -24.54 59.27
N ALA G 278 3.08 -25.34 59.94
CA ALA G 278 3.35 -25.67 61.35
C ALA G 278 4.65 -26.44 61.50
N ILE G 279 4.86 -27.44 60.64
CA ILE G 279 6.09 -28.23 60.72
C ILE G 279 7.30 -27.35 60.43
N LYS G 280 7.18 -26.47 59.45
CA LYS G 280 8.29 -25.57 59.13
C LYS G 280 8.58 -24.62 60.29
N SER G 281 7.54 -24.16 60.98
CA SER G 281 7.75 -23.31 62.15
C SER G 281 8.50 -24.06 63.25
N TYR G 282 8.11 -25.31 63.49
CA TYR G 282 8.83 -26.10 64.49
C TYR G 282 10.28 -26.31 64.08
N LEU G 283 10.53 -26.58 62.80
CA LEU G 283 11.90 -26.78 62.34
C LEU G 283 12.71 -25.50 62.45
N GLU G 284 12.09 -24.35 62.20
CA GLU G 284 12.76 -23.07 62.40
C GLU G 284 13.11 -22.86 63.87
N GLU G 285 12.19 -23.24 64.77
CA GLU G 285 12.49 -23.14 66.19
C GLU G 285 13.69 -24.00 66.56
N LEU G 286 13.74 -25.22 66.03
CA LEU G 286 14.91 -26.08 66.27
C LEU G 286 16.17 -25.50 65.65
N GLU G 287 16.02 -24.80 64.53
CA GLU G 287 17.17 -24.12 63.92
C GLU G 287 17.72 -23.04 64.86
N LYS G 288 16.82 -22.30 65.52
CA LYS G 288 17.28 -21.31 66.49
C LYS G 288 18.07 -21.96 67.61
N SER G 289 17.75 -23.20 67.97
CA SER G 289 18.52 -23.94 68.95
C SER G 289 19.89 -24.35 68.45
N ALA G 290 20.16 -24.19 67.15
CA ALA G 290 21.45 -24.46 66.52
C ALA G 290 21.81 -25.95 66.54
N LEU G 291 20.82 -26.83 66.62
CA LEU G 291 21.11 -28.27 66.54
C LEU G 291 21.19 -28.76 65.09
N ILE G 292 20.43 -28.15 64.19
CA ILE G 292 20.40 -28.59 62.79
C ILE G 292 20.83 -27.43 61.88
N GLU G 293 20.90 -27.71 60.59
CA GLU G 293 21.29 -26.71 59.61
C GLU G 293 20.20 -25.66 59.46
N SER G 294 20.59 -24.49 58.95
CA SER G 294 19.67 -23.37 58.85
C SER G 294 18.58 -23.62 57.81
N ASP G 295 18.96 -24.06 56.62
CA ASP G 295 18.05 -24.15 55.49
C ASP G 295 17.37 -25.52 55.48
N SER G 296 16.05 -25.52 55.62
CA SER G 296 15.26 -26.75 55.60
C SER G 296 14.06 -26.56 54.68
N THR G 297 13.69 -27.61 53.96
CA THR G 297 12.57 -27.58 53.03
C THR G 297 11.62 -28.73 53.35
N VAL G 298 10.35 -28.42 53.54
CA VAL G 298 9.30 -29.41 53.76
C VAL G 298 8.21 -29.17 52.72
N GLU G 299 7.84 -30.23 52.01
CA GLU G 299 6.83 -30.12 50.96
C GLU G 299 6.07 -31.42 50.85
N ILE G 300 4.90 -31.35 50.23
CA ILE G 300 4.10 -32.54 50.00
C ILE G 300 4.85 -33.48 49.07
N ASP G 301 4.74 -34.78 49.33
CA ASP G 301 5.42 -35.78 48.53
C ASP G 301 4.58 -36.11 47.30
N PHE G 302 5.19 -36.03 46.13
CA PHE G 302 4.48 -36.28 44.89
C PHE G 302 4.51 -37.74 44.45
N GLU G 303 5.64 -38.43 44.67
CA GLU G 303 5.76 -39.81 44.23
C GLU G 303 4.77 -40.70 44.96
N ALA G 304 4.71 -40.59 46.28
CA ALA G 304 3.80 -41.42 47.06
C ALA G 304 2.35 -41.10 46.73
N GLN G 305 2.02 -39.81 46.54
CA GLN G 305 0.66 -39.46 46.18
C GLN G 305 0.28 -40.02 44.82
N LYS G 306 1.20 -39.95 43.85
CA LYS G 306 0.93 -40.54 42.54
C LYS G 306 0.71 -42.04 42.65
N SER G 307 1.53 -42.72 43.44
CA SER G 307 1.36 -44.16 43.61
C SER G 307 0.01 -44.48 44.25
N TYR G 308 -0.38 -43.71 45.26
CA TYR G 308 -1.65 -43.95 45.94
C TYR G 308 -2.82 -43.71 45.01
N LEU G 309 -2.77 -42.64 44.21
CA LEU G 309 -3.84 -42.38 43.25
C LEU G 309 -3.91 -43.49 42.20
N LYS G 310 -2.76 -43.96 41.72
CA LYS G 310 -2.75 -45.05 40.76
C LYS G 310 -3.31 -46.33 41.36
N SER G 311 -3.06 -46.57 42.65
CA SER G 311 -3.53 -47.79 43.30
C SER G 311 -5.06 -47.88 43.28
N LYS G 312 -5.75 -46.75 43.26
CA LYS G 312 -7.19 -46.72 43.15
C LYS G 312 -7.67 -46.71 41.70
N GLY G 313 -6.75 -46.72 40.74
CA GLY G 313 -7.11 -46.83 39.34
C GLY G 313 -7.57 -45.56 38.67
N VAL G 314 -7.34 -44.40 39.29
CA VAL G 314 -7.74 -43.14 38.68
C VAL G 314 -6.89 -42.89 37.44
N ASP G 315 -7.46 -42.15 36.49
CA ASP G 315 -6.76 -41.76 35.27
C ASP G 315 -6.08 -40.42 35.52
N LEU G 316 -4.81 -40.45 35.91
CA LEU G 316 -4.05 -39.26 36.21
C LEU G 316 -3.11 -38.85 35.07
N SER G 317 -3.28 -39.44 33.89
CA SER G 317 -2.37 -39.17 32.79
C SER G 317 -2.43 -37.71 32.35
N TYR G 318 -3.63 -37.14 32.29
CA TYR G 318 -3.81 -35.82 31.70
C TYR G 318 -3.83 -34.68 32.71
N MET G 319 -3.82 -34.96 34.00
CA MET G 319 -3.83 -33.89 34.99
C MET G 319 -2.41 -33.36 35.20
N THR G 320 -2.33 -32.06 35.47
CA THR G 320 -1.06 -31.39 35.68
C THR G 320 -0.46 -31.81 37.02
N LEU G 321 0.85 -31.59 37.16
CA LEU G 321 1.53 -31.83 38.43
C LEU G 321 0.83 -31.11 39.57
N GLN G 322 0.51 -29.83 39.37
CA GLN G 322 -0.24 -29.09 40.38
C GLN G 322 -1.61 -29.71 40.58
N GLU G 323 -2.27 -30.15 39.50
CA GLU G 323 -3.56 -30.80 39.63
C GLU G 323 -3.45 -32.09 40.43
N ILE G 324 -2.37 -32.85 40.22
CA ILE G 324 -2.17 -34.07 40.99
C ILE G 324 -1.98 -33.74 42.46
N LYS G 325 -1.20 -32.70 42.76
CA LYS G 325 -1.00 -32.31 44.15
C LYS G 325 -2.31 -31.87 44.79
N GLU G 326 -3.14 -31.13 44.06
CA GLU G 326 -4.42 -30.67 44.58
C GLU G 326 -5.49 -31.75 44.62
N ALA G 327 -5.22 -32.93 44.04
CA ALA G 327 -6.23 -33.98 43.99
C ALA G 327 -6.51 -34.53 45.39
N ASN G 328 -7.75 -34.98 45.58
CA ASN G 328 -8.15 -35.55 46.86
C ASN G 328 -7.51 -36.92 47.04
N THR G 329 -7.02 -37.19 48.25
CA THR G 329 -6.30 -38.42 48.55
C THR G 329 -6.94 -39.24 49.66
N GLY G 330 -8.13 -38.86 50.11
CA GLY G 330 -8.76 -39.59 51.21
C GLY G 330 -8.12 -39.23 52.55
N SER G 331 -8.19 -40.19 53.48
CA SER G 331 -7.66 -39.96 54.81
C SER G 331 -6.14 -39.83 54.82
N LYS G 332 -5.46 -40.52 53.92
CA LYS G 332 -4.00 -40.55 53.92
C LYS G 332 -3.42 -39.17 53.63
N VAL G 333 -2.29 -38.88 54.26
CA VAL G 333 -1.55 -37.64 54.03
C VAL G 333 -0.08 -37.99 53.84
N PHE G 334 0.52 -37.46 52.77
CA PHE G 334 1.91 -37.75 52.42
C PHE G 334 2.72 -36.46 52.48
N LEU G 335 3.92 -36.55 53.05
CA LEU G 335 4.78 -35.37 53.20
C LEU G 335 6.23 -35.76 53.01
N LYS G 336 7.05 -34.77 52.67
CA LYS G 336 8.47 -34.96 52.46
C LYS G 336 9.22 -33.78 53.07
N ALA G 337 10.42 -34.05 53.58
CA ALA G 337 11.23 -33.02 54.18
C ALA G 337 12.70 -33.40 54.08
N LYS G 338 13.57 -32.41 54.26
CA LYS G 338 15.01 -32.67 54.28
C LYS G 338 15.67 -31.69 55.25
N ILE G 339 16.57 -32.22 56.08
CA ILE G 339 17.29 -31.42 57.07
C ILE G 339 18.68 -32.01 57.23
N LYS G 340 19.60 -31.20 57.73
CA LYS G 340 20.99 -31.60 57.94
C LYS G 340 21.30 -31.46 59.43
N VAL G 341 21.90 -32.50 60.00
CA VAL G 341 22.19 -32.55 61.44
C VAL G 341 23.64 -32.16 61.67
N LEU G 342 23.84 -31.17 62.53
CA LEU G 342 25.19 -30.74 62.88
C LEU G 342 25.82 -31.70 63.89
N ASP G 343 27.14 -31.61 64.03
CA ASP G 343 27.87 -32.46 64.94
C ASP G 343 28.99 -31.65 65.59
N ALA G 344 29.35 -32.05 66.80
CA ALA G 344 30.45 -31.41 67.52
C ALA G 344 31.78 -31.77 66.87
N MET G 345 32.76 -30.89 67.09
CA MET G 345 34.07 -31.06 66.45
C MET G 345 34.77 -32.29 67.03
N GLU G 346 35.27 -33.15 66.15
CA GLU G 346 35.98 -34.37 66.55
C GLU G 346 37.42 -34.39 66.10
N ASP G 347 37.68 -34.18 64.82
CA ASP G 347 39.03 -34.21 64.27
C ASP G 347 39.37 -32.85 63.68
N ILE G 348 40.55 -32.35 64.01
CA ILE G 348 41.03 -31.05 63.56
C ILE G 348 42.33 -31.26 62.80
N ASP G 349 42.40 -30.70 61.60
CA ASP G 349 43.60 -30.76 60.77
C ASP G 349 44.16 -29.36 60.60
N LEU G 350 45.40 -29.16 61.02
CA LEU G 350 46.08 -27.89 60.88
C LEU G 350 47.45 -28.12 60.27
N SER G 351 47.75 -27.41 59.20
CA SER G 351 49.04 -27.47 58.53
C SER G 351 49.63 -26.07 58.48
N ILE G 352 50.85 -25.93 59.00
CA ILE G 352 51.55 -24.65 59.02
C ILE G 352 52.72 -24.72 58.06
N GLU G 353 52.98 -23.62 57.36
CA GLU G 353 54.00 -23.55 56.33
C GLU G 353 55.08 -22.58 56.74
N ILE G 354 56.33 -23.04 56.74
CA ILE G 354 57.47 -22.21 57.11
C ILE G 354 57.72 -21.17 56.03
N ARG H 7 10.04 -45.43 -40.56
CA ARG H 7 10.00 -44.59 -39.36
C ARG H 7 8.65 -43.92 -39.19
N ASN H 8 8.09 -44.02 -37.99
CA ASN H 8 6.77 -43.48 -37.71
C ASN H 8 6.80 -42.79 -36.36
N VAL H 9 5.87 -41.86 -36.17
CA VAL H 9 5.73 -41.21 -34.88
C VAL H 9 5.27 -42.22 -33.84
N MET H 10 5.94 -42.24 -32.70
CA MET H 10 5.64 -43.22 -31.67
C MET H 10 4.28 -42.93 -31.03
N SER H 11 3.44 -43.96 -30.98
CA SER H 11 2.08 -43.79 -30.47
C SER H 11 2.06 -43.90 -28.95
N GLY H 12 1.05 -43.26 -28.35
CA GLY H 12 0.92 -43.29 -26.91
C GLY H 12 0.29 -44.55 -26.35
N THR H 13 -0.19 -45.45 -27.21
CA THR H 13 -0.77 -46.69 -26.73
C THR H 13 0.26 -47.52 -25.96
N TRP H 14 1.48 -47.60 -26.47
CA TRP H 14 2.51 -48.46 -25.89
C TRP H 14 3.27 -47.72 -24.78
N GLY H 15 2.52 -47.33 -23.75
CA GLY H 15 3.07 -46.63 -22.62
C GLY H 15 2.99 -47.50 -21.36
N GLU H 16 4.11 -47.58 -20.65
CA GLU H 16 4.21 -48.32 -19.40
C GLU H 16 4.78 -47.42 -18.32
N LEU H 17 4.29 -47.57 -17.10
CA LEU H 17 4.69 -46.72 -15.99
C LEU H 17 4.95 -47.57 -14.76
N TRP H 18 6.11 -47.38 -14.14
CA TRP H 18 6.46 -48.02 -12.88
C TRP H 18 6.55 -46.97 -11.79
N LEU H 19 5.80 -47.17 -10.72
CA LEU H 19 5.77 -46.24 -9.60
C LEU H 19 6.34 -46.94 -8.37
N ASP H 20 7.48 -46.44 -7.89
CA ASP H 20 8.16 -46.99 -6.71
C ASP H 20 8.45 -48.48 -6.87
N GLY H 21 8.82 -48.88 -8.09
CA GLY H 21 9.17 -50.26 -8.37
C GLY H 21 8.01 -51.19 -8.60
N ASN H 22 6.78 -50.70 -8.56
CA ASN H 22 5.60 -51.52 -8.80
C ASN H 22 4.93 -51.08 -10.10
N LYS H 23 4.66 -52.04 -10.98
CA LYS H 23 4.10 -51.70 -12.26
C LYS H 23 2.66 -51.23 -12.10
N VAL H 24 2.34 -50.10 -12.75
CA VAL H 24 1.00 -49.53 -12.70
C VAL H 24 0.28 -50.05 -13.94
N ALA H 25 -0.46 -51.14 -13.77
CA ALA H 25 -1.12 -51.78 -14.91
C ALA H 25 -2.18 -50.87 -15.51
N GLU H 26 -2.95 -50.18 -14.67
CA GLU H 26 -4.01 -49.31 -15.12
C GLU H 26 -3.46 -47.88 -15.23
N VAL H 27 -3.43 -47.36 -16.46
CA VAL H 27 -2.90 -46.02 -16.71
C VAL H 27 -3.45 -45.54 -18.04
N LYS H 28 -3.79 -44.25 -18.10
CA LYS H 28 -4.33 -43.65 -19.31
C LYS H 28 -3.40 -42.60 -19.89
N LYS H 29 -2.93 -41.66 -19.09
CA LYS H 29 -2.00 -40.63 -19.54
C LYS H 29 -0.87 -40.47 -18.54
N PHE H 30 0.28 -40.05 -19.04
CA PHE H 30 1.40 -39.64 -18.21
C PHE H 30 2.01 -38.38 -18.82
N GLN H 31 2.52 -37.51 -17.97
CA GLN H 31 3.01 -36.22 -18.43
C GLN H 31 3.99 -35.65 -17.42
N ALA H 32 5.16 -35.26 -17.89
CA ALA H 32 6.16 -34.57 -17.08
C ALA H 32 6.68 -33.39 -17.88
N LYS H 33 6.91 -32.27 -17.20
CA LYS H 33 7.23 -31.03 -17.90
C LYS H 33 8.10 -30.17 -17.01
N MET H 34 8.76 -29.19 -17.64
CA MET H 34 9.79 -28.40 -17.00
C MET H 34 9.64 -26.95 -17.43
N GLU H 35 9.28 -26.07 -16.50
CA GLU H 35 9.09 -24.66 -16.79
C GLU H 35 10.28 -23.87 -16.27
N PHE H 36 10.88 -23.05 -17.14
CA PHE H 36 11.99 -22.20 -16.74
C PHE H 36 11.47 -20.84 -16.28
N THR H 37 12.15 -20.28 -15.29
CA THR H 37 11.82 -18.96 -14.78
C THR H 37 12.77 -17.95 -15.40
N LYS H 38 12.22 -16.99 -16.13
CA LYS H 38 13.01 -15.98 -16.83
C LYS H 38 12.65 -14.60 -16.30
N GLU H 39 13.64 -13.72 -16.27
CA GLU H 39 13.48 -12.36 -15.77
C GLU H 39 13.84 -11.38 -16.88
N ASP H 40 12.99 -10.37 -17.08
CA ASP H 40 13.25 -9.38 -18.12
C ASP H 40 14.37 -8.45 -17.69
N ILE H 41 15.33 -8.24 -18.59
CA ILE H 41 16.44 -7.33 -18.35
C ILE H 41 16.57 -6.41 -19.56
N ILE H 42 16.61 -5.11 -19.30
CA ILE H 42 16.71 -4.09 -20.35
C ILE H 42 18.13 -3.54 -20.32
N ILE H 43 18.81 -3.60 -21.46
CA ILE H 43 20.18 -3.13 -21.60
C ILE H 43 20.17 -1.79 -22.31
N ALA H 44 20.94 -0.83 -21.80
CA ALA H 44 20.96 0.51 -22.36
C ALA H 44 21.43 0.47 -23.81
N GLY H 45 20.71 1.17 -24.68
CA GLY H 45 21.06 1.26 -26.07
C GLY H 45 20.51 0.16 -26.96
N GLN H 46 19.77 -0.79 -26.41
CA GLN H 46 19.21 -1.89 -27.18
C GLN H 46 17.69 -1.92 -27.02
N MET H 47 16.98 -1.86 -28.15
CA MET H 47 15.53 -2.01 -28.11
C MET H 47 15.10 -3.41 -27.69
N GLY H 48 15.82 -4.43 -28.15
CA GLY H 48 15.48 -5.78 -27.77
C GLY H 48 15.60 -6.00 -26.28
N THR H 49 14.66 -6.78 -25.73
CA THR H 49 14.61 -7.05 -24.31
C THR H 49 15.06 -8.50 -24.08
N ASP H 50 16.26 -8.66 -23.54
CA ASP H 50 16.82 -9.98 -23.31
C ASP H 50 16.43 -10.48 -21.93
N THR H 51 16.53 -11.79 -21.73
CA THR H 51 16.05 -12.43 -20.52
C THR H 51 17.15 -13.28 -19.90
N LYS H 52 17.07 -13.41 -18.58
CA LYS H 52 18.03 -14.17 -17.79
C LYS H 52 17.37 -15.40 -17.20
N TYR H 53 18.06 -16.53 -17.27
CA TYR H 53 17.56 -17.79 -16.75
C TYR H 53 17.88 -17.88 -15.26
N MET H 54 16.85 -18.10 -14.44
CA MET H 54 17.00 -18.09 -12.99
C MET H 54 16.71 -19.42 -12.31
N GLY H 55 16.10 -20.37 -13.01
CA GLY H 55 15.76 -21.64 -12.40
C GLY H 55 14.63 -22.30 -13.15
N TYR H 56 14.17 -23.41 -12.59
CA TYR H 56 13.08 -24.17 -13.20
C TYR H 56 12.21 -24.79 -12.13
N LYS H 57 10.99 -25.15 -12.53
CA LYS H 57 10.04 -25.86 -11.70
C LYS H 57 9.44 -27.01 -12.49
N GLY H 58 9.19 -28.13 -11.82
CA GLY H 58 8.69 -29.34 -12.47
C GLY H 58 7.22 -29.57 -12.14
N LYS H 59 6.47 -29.97 -13.17
CA LYS H 59 5.04 -30.23 -13.03
C LYS H 59 4.66 -31.42 -13.89
N GLY H 60 3.58 -32.08 -13.51
CA GLY H 60 3.09 -33.22 -14.27
C GLY H 60 1.83 -33.78 -13.63
N SER H 61 1.22 -34.72 -14.34
CA SER H 61 0.00 -35.35 -13.85
C SER H 61 -0.09 -36.77 -14.39
N ILE H 62 -0.85 -37.60 -13.69
CA ILE H 62 -1.11 -38.98 -14.08
C ILE H 62 -2.62 -39.20 -14.09
N THR H 63 -3.10 -39.94 -15.08
CA THR H 63 -4.51 -40.29 -15.18
C THR H 63 -4.63 -41.80 -15.30
N LEU H 64 -5.50 -42.39 -14.49
CA LEU H 64 -5.65 -43.84 -14.47
C LEU H 64 -7.09 -44.19 -14.09
N TYR H 65 -7.50 -45.38 -14.51
CA TYR H 65 -8.83 -45.87 -14.16
C TYR H 65 -8.87 -46.30 -12.70
N HIS H 66 -10.05 -46.22 -12.10
CA HIS H 66 -10.20 -46.51 -10.66
C HIS H 66 -10.47 -47.99 -10.43
N VAL H 67 -9.48 -48.80 -10.81
CA VAL H 67 -9.59 -50.24 -10.60
C VAL H 67 -9.46 -50.58 -9.12
N SER H 68 -8.50 -49.96 -8.43
CA SER H 68 -8.21 -50.28 -7.04
C SER H 68 -7.91 -49.00 -6.28
N SER H 69 -7.87 -49.12 -4.96
CA SER H 69 -7.52 -47.99 -4.10
C SER H 69 -6.01 -47.88 -3.96
N ARG H 70 -5.31 -47.82 -5.10
CA ARG H 70 -3.85 -47.80 -5.08
C ARG H 70 -3.33 -46.53 -4.42
N MET H 71 -3.90 -45.37 -4.75
CA MET H 71 -3.35 -44.11 -4.28
C MET H 71 -3.55 -43.91 -2.80
N HIS H 72 -4.60 -44.52 -2.22
CA HIS H 72 -4.85 -44.36 -0.79
C HIS H 72 -3.71 -44.97 0.02
N LYS H 73 -3.37 -46.24 -0.26
CA LYS H 73 -2.42 -46.95 0.57
C LYS H 73 -1.08 -46.24 0.67
N LEU H 74 -0.72 -45.47 -0.36
CA LEU H 74 0.59 -44.84 -0.39
C LEU H 74 0.68 -43.67 0.60
N ILE H 75 -0.32 -42.81 0.63
CA ILE H 75 -0.15 -41.52 1.27
C ILE H 75 -1.25 -41.17 2.27
N GLY H 76 -2.37 -41.90 2.26
CA GLY H 76 -3.50 -41.47 3.06
C GLY H 76 -3.20 -41.44 4.54
N GLU H 77 -2.58 -42.50 5.06
CA GLU H 77 -2.26 -42.55 6.48
C GLU H 77 -1.14 -41.58 6.84
N LYS H 78 -0.15 -41.46 5.96
CA LYS H 78 1.02 -40.64 6.27
C LYS H 78 0.68 -39.16 6.28
N ILE H 79 -0.23 -38.72 5.40
CA ILE H 79 -0.52 -37.30 5.29
C ILE H 79 -1.13 -36.77 6.58
N LYS H 80 -2.09 -37.51 7.15
CA LYS H 80 -2.73 -37.04 8.37
C LYS H 80 -1.73 -36.93 9.52
N ARG H 81 -0.71 -37.78 9.54
CA ARG H 81 0.29 -37.75 10.60
C ARG H 81 1.24 -36.57 10.46
N GLY H 82 1.39 -36.01 9.26
CA GLY H 82 2.24 -34.85 9.05
C GLY H 82 3.57 -35.14 8.37
N SER H 83 3.83 -36.37 7.95
CA SER H 83 5.06 -36.72 7.26
C SER H 83 4.77 -36.92 5.78
N GLU H 84 5.50 -36.21 4.94
CA GLU H 84 5.25 -36.23 3.51
C GLU H 84 6.15 -37.26 2.83
N PRO H 85 5.59 -38.21 2.09
CA PRO H 85 6.40 -39.17 1.35
C PRO H 85 6.78 -38.68 -0.03
N ARG H 86 7.96 -39.10 -0.48
CA ARG H 86 8.48 -38.76 -1.80
C ARG H 86 8.72 -40.03 -2.60
N PHE H 87 8.35 -40.01 -3.87
CA PHE H 87 8.30 -41.20 -4.70
C PHE H 87 9.21 -41.03 -5.92
N VAL H 88 9.43 -42.16 -6.60
CA VAL H 88 10.21 -42.20 -7.83
C VAL H 88 9.41 -42.96 -8.88
N ALA H 89 9.32 -42.40 -10.09
CA ALA H 89 8.55 -42.99 -11.16
C ALA H 89 9.41 -43.16 -12.40
N ILE H 90 9.13 -44.22 -13.16
CA ILE H 90 9.82 -44.52 -14.42
C ILE H 90 8.77 -44.74 -15.49
N SER H 91 8.95 -44.10 -16.64
CA SER H 91 8.04 -44.23 -17.77
C SER H 91 8.80 -44.73 -18.98
N LYS H 92 8.31 -45.81 -19.59
CA LYS H 92 8.92 -46.39 -20.77
C LYS H 92 7.90 -46.41 -21.89
N LEU H 93 8.30 -45.93 -23.07
CA LEU H 93 7.43 -45.82 -24.22
C LEU H 93 8.09 -46.54 -25.39
N ASN H 94 7.59 -47.72 -25.74
CA ASN H 94 8.24 -48.60 -26.71
C ASN H 94 7.23 -48.93 -27.80
N ASP H 95 7.36 -48.27 -28.95
CA ASP H 95 6.49 -48.50 -30.09
C ASP H 95 7.17 -49.45 -31.06
N PRO H 96 6.57 -50.58 -31.42
CA PRO H 96 7.23 -51.48 -32.37
C PRO H 96 7.51 -50.84 -33.72
N ASP H 97 6.65 -49.92 -34.17
CA ASP H 97 6.89 -49.25 -35.45
C ASP H 97 8.05 -48.27 -35.34
N SER H 98 8.19 -47.60 -34.21
CA SER H 98 9.20 -46.55 -34.05
C SER H 98 10.60 -47.14 -34.09
N TYR H 99 11.59 -46.23 -34.12
CA TYR H 99 12.98 -46.64 -34.21
C TYR H 99 13.45 -47.31 -32.94
N GLY H 100 13.10 -46.75 -31.78
CA GLY H 100 13.56 -47.28 -30.51
C GLY H 100 12.63 -46.97 -29.35
N ALA H 101 13.09 -47.24 -28.14
CA ALA H 101 12.32 -47.01 -26.93
C ALA H 101 13.12 -46.13 -25.98
N GLU H 102 12.42 -45.21 -25.31
CA GLU H 102 13.06 -44.29 -24.38
C GLU H 102 12.47 -44.47 -22.99
N ARG H 103 13.31 -44.25 -21.98
CA ARG H 103 12.92 -44.40 -20.59
C ARG H 103 13.30 -43.15 -19.81
N ILE H 104 12.40 -42.69 -18.95
CA ILE H 104 12.60 -41.49 -18.16
C ILE H 104 12.49 -41.86 -16.69
N ALA H 105 13.45 -41.40 -15.89
CA ALA H 105 13.41 -41.58 -14.44
C ALA H 105 13.14 -40.23 -13.81
N VAL H 106 11.91 -40.04 -13.35
CA VAL H 106 11.51 -38.81 -12.68
C VAL H 106 11.54 -39.07 -11.18
N LYS H 107 12.29 -38.23 -10.46
CA LYS H 107 12.61 -38.50 -9.06
C LYS H 107 12.09 -37.40 -8.16
N ASN H 108 11.90 -37.77 -6.89
CA ASN H 108 11.44 -36.85 -5.84
C ASN H 108 10.08 -36.26 -6.20
N ILE H 109 9.09 -37.13 -6.31
CA ILE H 109 7.74 -36.76 -6.72
C ILE H 109 6.89 -36.50 -5.48
N ALA H 110 6.17 -35.38 -5.48
CA ALA H 110 5.23 -35.05 -4.43
C ALA H 110 3.87 -34.79 -5.05
N PHE H 111 2.83 -35.40 -4.48
CA PHE H 111 1.49 -35.31 -5.04
C PHE H 111 0.73 -34.11 -4.50
N ASP H 112 -0.10 -33.51 -5.35
CA ASP H 112 -0.83 -32.31 -4.99
C ASP H 112 -2.17 -32.58 -4.31
N ASP H 113 -2.80 -33.71 -4.59
CA ASP H 113 -4.13 -33.97 -4.04
C ASP H 113 -4.37 -35.46 -3.92
N LEU H 114 -5.37 -35.82 -3.13
CA LEU H 114 -5.81 -37.20 -2.95
C LEU H 114 -7.32 -37.26 -3.11
N THR H 115 -7.79 -38.17 -3.95
CA THR H 115 -9.20 -38.32 -4.26
C THR H 115 -9.75 -39.52 -3.51
N LEU H 116 -10.52 -39.27 -2.46
CA LEU H 116 -11.05 -40.37 -1.65
C LEU H 116 -12.10 -41.16 -2.41
N ALA H 117 -13.07 -40.48 -3.02
CA ALA H 117 -14.14 -41.16 -3.72
C ALA H 117 -14.77 -40.21 -4.73
N ASP H 118 -15.09 -40.74 -5.91
CA ASP H 118 -15.74 -39.96 -6.96
C ASP H 118 -16.44 -40.94 -7.90
N TRP H 119 -17.74 -40.75 -8.10
CA TRP H 119 -18.49 -41.62 -8.98
C TRP H 119 -19.75 -40.91 -9.45
N GLU H 120 -20.27 -41.37 -10.59
CA GLU H 120 -21.47 -40.82 -11.18
C GLU H 120 -22.21 -41.94 -11.89
N VAL H 121 -23.55 -41.84 -11.93
CA VAL H 121 -24.36 -42.91 -12.47
C VAL H 121 -24.11 -43.06 -13.96
N GLY H 122 -23.75 -44.26 -14.39
CA GLY H 122 -23.52 -44.54 -15.79
C GLY H 122 -22.15 -44.19 -16.33
N VAL H 123 -21.20 -43.84 -15.46
CA VAL H 123 -19.87 -43.40 -15.87
C VAL H 123 -18.82 -44.26 -15.18
N LYS H 124 -17.89 -44.80 -15.95
CA LYS H 124 -16.80 -45.56 -15.38
C LYS H 124 -15.89 -44.64 -14.55
N GLY H 125 -15.39 -45.17 -13.44
CA GLY H 125 -14.55 -44.38 -12.56
C GLY H 125 -13.24 -44.00 -13.23
N GLU H 126 -12.87 -42.73 -13.08
CA GLU H 126 -11.63 -42.21 -13.63
C GLU H 126 -10.99 -41.29 -12.60
N ILE H 127 -9.68 -41.46 -12.38
CA ILE H 127 -8.96 -40.72 -11.36
C ILE H 127 -7.72 -40.09 -11.99
N GLU H 128 -7.47 -38.83 -11.66
CA GLU H 128 -6.28 -38.13 -12.10
C GLU H 128 -5.63 -37.43 -10.91
N ALA H 129 -4.30 -37.33 -10.95
CA ALA H 129 -3.57 -36.78 -9.82
C ALA H 129 -2.37 -35.97 -10.27
N PRO H 130 -2.41 -34.65 -10.14
CA PRO H 130 -1.23 -33.83 -10.46
C PRO H 130 -0.13 -34.03 -9.44
N PHE H 131 1.07 -33.59 -9.80
CA PHE H 131 2.23 -33.74 -8.94
C PHE H 131 3.32 -32.78 -9.39
N THR H 132 4.36 -32.67 -8.56
CA THR H 132 5.54 -31.87 -8.86
C THR H 132 6.79 -32.67 -8.56
N PHE H 133 7.85 -32.40 -9.32
CA PHE H 133 9.12 -33.11 -9.16
C PHE H 133 10.26 -32.12 -9.25
N THR H 134 11.42 -32.51 -8.71
CA THR H 134 12.59 -31.64 -8.65
C THR H 134 13.62 -31.98 -9.72
N GLU H 135 14.07 -33.22 -9.78
CA GLU H 135 15.16 -33.61 -10.66
C GLU H 135 14.79 -34.88 -11.41
N TYR H 136 15.54 -35.14 -12.48
CA TYR H 136 15.28 -36.27 -13.35
C TYR H 136 16.59 -36.88 -13.83
N ASP H 137 16.53 -38.14 -14.22
CA ASP H 137 17.62 -38.83 -14.88
C ASP H 137 17.11 -39.50 -16.15
N PHE H 138 17.98 -39.60 -17.14
CA PHE H 138 17.60 -39.99 -18.48
C PHE H 138 18.26 -41.31 -18.87
N LEU H 139 17.48 -42.20 -19.47
CA LEU H 139 17.96 -43.53 -19.83
C LEU H 139 17.47 -43.89 -21.22
N ASP H 140 18.28 -44.66 -21.95
CA ASP H 140 17.90 -45.23 -23.24
C ASP H 140 17.46 -44.14 -24.22
N ILE H 141 18.42 -43.30 -24.58
CA ILE H 141 18.17 -42.23 -25.53
C ILE H 141 17.77 -42.82 -26.89
N ILE H 142 17.03 -42.03 -27.66
CA ILE H 142 16.63 -42.43 -29.00
C ILE H 142 17.51 -41.75 -30.04
N ASN I 3 29.38 -5.92 -25.91
CA ASN I 3 30.09 -6.35 -24.70
C ASN I 3 29.12 -6.87 -23.67
N MET I 4 28.28 -5.99 -23.14
CA MET I 4 27.26 -6.38 -22.18
C MET I 4 26.31 -7.41 -22.77
N GLU I 5 26.05 -8.47 -21.99
CA GLU I 5 25.05 -9.46 -22.35
C GLU I 5 24.29 -9.83 -21.08
N ALA I 6 23.01 -10.16 -21.24
CA ALA I 6 22.15 -10.35 -20.07
C ALA I 6 22.61 -11.50 -19.19
N ARG I 7 23.18 -12.55 -19.79
CA ARG I 7 23.57 -13.73 -19.02
C ARG I 7 24.61 -13.41 -17.97
N ASN I 8 25.42 -12.37 -18.18
CA ASN I 8 26.54 -12.09 -17.28
C ASN I 8 26.09 -11.62 -15.91
N VAL I 9 24.83 -11.22 -15.75
CA VAL I 9 24.37 -10.71 -14.46
C VAL I 9 24.32 -11.84 -13.45
N MET I 10 24.92 -11.62 -12.29
CA MET I 10 25.01 -12.65 -11.27
C MET I 10 23.65 -12.95 -10.67
N SER I 11 23.46 -14.21 -10.28
CA SER I 11 22.24 -14.66 -9.64
C SER I 11 22.53 -15.01 -8.18
N GLY I 12 21.59 -14.66 -7.30
CA GLY I 12 21.79 -14.92 -5.89
C GLY I 12 21.62 -16.37 -5.48
N THR I 13 21.10 -17.21 -6.37
CA THR I 13 20.94 -18.63 -6.04
C THR I 13 22.29 -19.29 -5.79
N TRP I 14 23.35 -18.77 -6.40
CA TRP I 14 24.67 -19.40 -6.34
C TRP I 14 25.49 -18.96 -5.15
N GLY I 15 25.02 -18.02 -4.32
CA GLY I 15 25.79 -17.59 -3.18
C GLY I 15 25.87 -18.67 -2.12
N GLU I 16 26.94 -18.59 -1.31
CA GLU I 16 27.11 -19.49 -0.18
C GLU I 16 27.87 -18.75 0.91
N LEU I 17 27.72 -19.23 2.15
CA LEU I 17 28.22 -18.53 3.31
C LEU I 17 28.91 -19.49 4.28
N TRP I 18 30.06 -19.08 4.78
CA TRP I 18 30.74 -19.76 5.88
C TRP I 18 30.76 -18.82 7.09
N LEU I 19 30.23 -19.29 8.21
CA LEU I 19 30.24 -18.54 9.44
C LEU I 19 31.08 -19.28 10.47
N ASP I 20 32.13 -18.62 10.96
CA ASP I 20 33.05 -19.21 11.94
C ASP I 20 33.66 -20.50 11.40
N GLY I 21 33.95 -20.53 10.11
CA GLY I 21 34.60 -21.67 9.50
C GLY I 21 33.69 -22.84 9.15
N ASN I 22 32.39 -22.74 9.40
CA ASN I 22 31.45 -23.80 9.11
C ASN I 22 30.53 -23.37 7.99
N LYS I 23 30.16 -24.31 7.12
CA LYS I 23 29.29 -24.01 6.00
C LYS I 23 27.85 -23.94 6.47
N VAL I 24 27.14 -22.88 6.07
CA VAL I 24 25.75 -22.69 6.41
C VAL I 24 24.93 -23.03 5.17
N ALA I 25 24.27 -24.17 5.18
CA ALA I 25 23.51 -24.60 4.02
C ALA I 25 22.18 -23.88 3.89
N GLU I 26 21.54 -23.55 5.01
CA GLU I 26 20.20 -22.96 4.99
C GLU I 26 20.24 -21.44 4.96
N VAL I 27 21.01 -20.87 4.04
CA VAL I 27 21.13 -19.42 3.94
C VAL I 27 20.12 -18.91 2.92
N LYS I 28 19.50 -17.77 3.22
CA LYS I 28 18.58 -17.13 2.30
C LYS I 28 19.17 -15.89 1.63
N LYS I 29 19.70 -14.95 2.42
CA LYS I 29 20.33 -13.77 1.87
C LYS I 29 21.38 -13.24 2.84
N PHE I 30 22.45 -12.70 2.27
CA PHE I 30 23.54 -12.11 3.03
C PHE I 30 23.79 -10.70 2.51
N GLN I 31 24.08 -9.78 3.42
CA GLN I 31 24.24 -8.39 3.06
C GLN I 31 25.26 -7.74 3.98
N ALA I 32 26.18 -6.97 3.40
CA ALA I 32 27.17 -6.21 4.15
C ALA I 32 27.35 -4.87 3.48
N LYS I 33 27.53 -3.82 4.28
CA LYS I 33 27.58 -2.47 3.77
C LYS I 33 28.47 -1.62 4.66
N MET I 34 28.95 -0.51 4.11
CA MET I 34 29.80 0.42 4.84
C MET I 34 29.28 1.83 4.61
N GLU I 35 28.91 2.51 5.69
CA GLU I 35 28.35 3.85 5.63
C GLU I 35 29.41 4.85 6.06
N PHE I 36 29.72 5.80 5.17
CA PHE I 36 30.73 6.81 5.46
C PHE I 36 30.10 7.98 6.22
N THR I 37 30.81 8.44 7.24
CA THR I 37 30.39 9.60 8.02
C THR I 37 31.03 10.85 7.43
N LYS I 38 30.20 11.83 7.06
CA LYS I 38 30.67 13.05 6.43
C LYS I 38 30.09 14.27 7.14
N GLU I 39 30.85 15.36 7.12
CA GLU I 39 30.47 16.61 7.76
C GLU I 39 30.39 17.71 6.73
N ASP I 40 29.35 18.53 6.82
CA ASP I 40 29.20 19.65 5.90
C ASP I 40 30.19 20.75 6.24
N ILE I 41 30.88 21.25 5.23
CA ILE I 41 31.85 22.33 5.39
C ILE I 41 31.58 23.39 4.33
N ILE I 42 31.47 24.63 4.76
CA ILE I 42 31.18 25.76 3.87
C ILE I 42 32.45 26.58 3.72
N ILE I 43 32.85 26.81 2.47
CA ILE I 43 34.05 27.56 2.16
C ILE I 43 33.65 28.97 1.72
N ALA I 44 34.36 29.97 2.24
CA ALA I 44 34.06 31.36 1.92
C ALA I 44 34.21 31.60 0.43
N GLY I 45 33.25 32.32 -0.14
CA GLY I 45 33.28 32.67 -1.55
C GLY I 45 32.72 31.62 -2.49
N GLN I 46 32.31 30.46 -1.99
CA GLN I 46 31.76 29.40 -2.82
C GLN I 46 30.32 29.12 -2.44
N MET I 47 29.45 29.02 -3.44
CA MET I 47 28.10 28.52 -3.20
C MET I 47 28.09 27.03 -2.94
N GLY I 48 28.88 26.27 -3.69
CA GLY I 48 28.87 24.82 -3.54
C GLY I 48 29.31 24.37 -2.17
N THR I 49 28.47 23.60 -1.50
CA THR I 49 28.77 23.11 -0.17
C THR I 49 29.54 21.80 -0.27
N ASP I 50 30.71 21.76 0.36
CA ASP I 50 31.60 20.61 0.29
C ASP I 50 31.55 19.83 1.60
N THR I 51 32.02 18.59 1.54
CA THR I 51 31.95 17.68 2.68
C THR I 51 33.34 17.12 2.99
N LYS I 52 33.53 16.75 4.25
CA LYS I 52 34.76 16.14 4.72
C LYS I 52 34.43 14.74 5.23
N TYR I 53 35.19 13.75 4.79
CA TYR I 53 34.97 12.37 5.18
C TYR I 53 35.76 12.07 6.45
N MET I 54 35.07 11.54 7.46
CA MET I 54 35.66 11.40 8.79
C MET I 54 35.73 9.97 9.29
N GLY I 55 34.87 9.08 8.82
CA GLY I 55 34.91 7.70 9.26
C GLY I 55 33.86 6.89 8.54
N TYR I 56 33.85 5.59 8.83
CA TYR I 56 32.88 4.69 8.24
C TYR I 56 32.33 3.74 9.30
N LYS I 57 31.11 3.28 9.08
CA LYS I 57 30.42 2.36 9.96
C LYS I 57 29.79 1.25 9.13
N GLY I 58 29.95 0.01 9.56
CA GLY I 58 29.51 -1.15 8.81
C GLY I 58 28.28 -1.79 9.43
N LYS I 59 27.34 -2.19 8.58
CA LYS I 59 26.12 -2.86 9.01
C LYS I 59 25.77 -3.96 8.02
N GLY I 60 25.01 -4.94 8.51
CA GLY I 60 24.60 -6.05 7.66
C GLY I 60 23.56 -6.89 8.36
N SER I 61 23.10 -7.93 7.66
CA SER I 61 22.11 -8.83 8.20
C SER I 61 22.24 -10.20 7.54
N ILE I 62 21.71 -11.21 8.23
CA ILE I 62 21.70 -12.58 7.73
C ILE I 62 20.29 -13.13 7.91
N THR I 63 19.77 -13.78 6.87
CA THR I 63 18.47 -14.43 6.92
C THR I 63 18.63 -15.90 6.58
N LEU I 64 17.94 -16.76 7.33
CA LEU I 64 18.13 -18.18 7.20
C LEU I 64 16.89 -18.92 7.70
N TYR I 65 16.63 -20.08 7.10
CA TYR I 65 15.50 -20.89 7.52
C TYR I 65 15.77 -21.53 8.87
N HIS I 66 14.69 -21.83 9.59
CA HIS I 66 14.80 -22.37 10.95
C HIS I 66 14.95 -23.90 10.91
N VAL I 67 16.00 -24.34 10.23
CA VAL I 67 16.26 -25.78 10.14
C VAL I 67 16.75 -26.33 11.47
N SER I 68 17.66 -25.62 12.13
CA SER I 68 18.23 -26.08 13.38
C SER I 68 18.53 -24.88 14.27
N SER I 69 18.72 -25.16 15.56
CA SER I 69 19.00 -24.12 16.55
C SER I 69 20.49 -23.78 16.56
N ARG I 70 20.97 -23.27 15.44
CA ARG I 70 22.39 -22.94 15.32
C ARG I 70 22.73 -21.66 16.07
N MET I 71 21.88 -20.64 15.97
CA MET I 71 22.24 -19.32 16.52
C MET I 71 22.30 -19.34 18.04
N HIS I 72 21.50 -20.19 18.69
CA HIS I 72 21.51 -20.23 20.15
C HIS I 72 22.88 -20.68 20.66
N LYS I 73 23.37 -21.80 20.14
CA LYS I 73 24.60 -22.40 20.66
C LYS I 73 25.79 -21.45 20.60
N LEU I 74 25.76 -20.47 19.69
CA LEU I 74 26.91 -19.58 19.53
C LEU I 74 27.02 -18.61 20.71
N ILE I 75 25.93 -17.95 21.08
CA ILE I 75 26.04 -16.77 21.94
C ILE I 75 25.08 -16.77 23.12
N GLY I 76 24.18 -17.76 23.21
CA GLY I 76 23.12 -17.68 24.20
C GLY I 76 23.64 -17.59 25.62
N GLU I 77 24.58 -18.47 25.98
CA GLU I 77 25.11 -18.45 27.34
C GLU I 77 26.10 -17.31 27.54
N LYS I 78 26.92 -17.02 26.52
CA LYS I 78 27.94 -15.99 26.67
C LYS I 78 27.33 -14.61 26.85
N ILE I 79 26.17 -14.35 26.27
CA ILE I 79 25.50 -13.07 26.50
C ILE I 79 25.13 -12.91 27.96
N LYS I 80 24.57 -13.96 28.56
CA LYS I 80 24.26 -13.92 29.99
C LYS I 80 25.52 -13.76 30.82
N ARG I 81 26.59 -14.46 30.45
CA ARG I 81 27.82 -14.41 31.24
C ARG I 81 28.47 -13.04 31.19
N GLY I 82 28.23 -12.27 30.14
CA GLY I 82 28.82 -10.97 30.00
C GLY I 82 30.01 -10.89 29.07
N SER I 83 30.34 -11.98 28.38
CA SER I 83 31.43 -12.01 27.41
C SER I 83 30.84 -12.02 26.01
N GLU I 84 31.19 -11.01 25.21
CA GLU I 84 30.63 -10.87 23.87
C GLU I 84 31.51 -11.58 22.86
N PRO I 85 31.00 -12.56 22.12
CA PRO I 85 31.82 -13.23 21.11
C PRO I 85 31.96 -12.40 19.84
N ARG I 86 32.97 -12.75 19.04
CA ARG I 86 33.21 -12.14 17.75
C ARG I 86 33.41 -13.24 16.73
N PHE I 87 32.92 -13.01 15.51
CA PHE I 87 32.93 -14.03 14.47
C PHE I 87 33.48 -13.48 13.17
N VAL I 88 33.85 -14.41 12.28
CA VAL I 88 34.35 -14.09 10.95
C VAL I 88 33.48 -14.83 9.94
N ALA I 89 33.03 -14.12 8.90
CA ALA I 89 32.16 -14.70 7.89
C ALA I 89 32.80 -14.54 6.52
N ILE I 90 32.59 -15.53 5.66
CA ILE I 90 33.11 -15.54 4.30
C ILE I 90 31.97 -15.82 3.34
N SER I 91 31.79 -14.96 2.35
CA SER I 91 30.74 -15.11 1.36
C SER I 91 31.36 -15.22 -0.03
N LYS I 92 30.97 -16.25 -0.77
CA LYS I 92 31.50 -16.50 -2.11
C LYS I 92 30.34 -16.60 -3.08
N LEU I 93 30.38 -15.79 -4.13
CA LEU I 93 29.34 -15.75 -5.14
C LEU I 93 29.93 -16.22 -6.46
N ASN I 94 29.39 -17.31 -6.99
CA ASN I 94 29.99 -18.00 -8.14
C ASN I 94 28.88 -18.36 -9.13
N ASP I 95 28.69 -17.53 -10.14
CA ASP I 95 27.70 -17.77 -11.17
C ASP I 95 28.40 -18.27 -12.43
N PRO I 96 28.05 -19.46 -12.94
CA PRO I 96 28.79 -20.00 -14.10
C PRO I 96 28.81 -19.08 -15.31
N ASP I 97 27.73 -18.35 -15.57
CA ASP I 97 27.73 -17.46 -16.73
C ASP I 97 28.55 -16.20 -16.48
N SER I 98 28.74 -15.82 -15.23
CA SER I 98 29.48 -14.60 -14.91
C SER I 98 30.96 -14.78 -15.26
N TYR I 99 31.69 -13.67 -15.23
CA TYR I 99 33.12 -13.71 -15.56
C TYR I 99 33.88 -14.58 -14.57
N GLY I 100 33.60 -14.45 -13.28
CA GLY I 100 34.31 -15.23 -12.28
C GLY I 100 33.68 -15.05 -10.93
N ALA I 101 34.15 -15.86 -9.99
CA ALA I 101 33.65 -15.80 -8.62
C ALA I 101 34.36 -14.70 -7.84
N GLU I 102 33.67 -14.19 -6.81
CA GLU I 102 34.23 -13.21 -5.89
C GLU I 102 34.00 -13.70 -4.48
N ARG I 103 34.95 -13.42 -3.59
CA ARG I 103 34.92 -13.94 -2.23
C ARG I 103 35.43 -12.86 -1.28
N ILE I 104 34.56 -12.37 -0.42
CA ILE I 104 34.88 -11.29 0.51
C ILE I 104 34.74 -11.81 1.93
N ALA I 105 35.75 -11.55 2.75
CA ALA I 105 35.76 -12.00 4.15
C ALA I 105 35.48 -10.81 5.06
N VAL I 106 34.49 -10.97 5.93
CA VAL I 106 34.08 -9.94 6.87
C VAL I 106 34.49 -10.39 8.26
N LYS I 107 35.25 -9.56 8.96
CA LYS I 107 35.82 -9.92 10.25
C LYS I 107 35.25 -9.04 11.36
N ASN I 108 35.38 -9.55 12.59
CA ASN I 108 34.95 -8.84 13.79
C ASN I 108 33.46 -8.51 13.73
N ILE I 109 32.65 -9.56 13.72
CA ILE I 109 31.20 -9.44 13.63
C ILE I 109 30.60 -9.49 15.02
N ALA I 110 29.71 -8.55 15.31
CA ALA I 110 28.97 -8.52 16.57
C ALA I 110 27.48 -8.47 16.26
N PHE I 111 26.72 -9.40 16.82
CA PHE I 111 25.31 -9.53 16.51
C PHE I 111 24.48 -8.56 17.36
N ASP I 112 23.34 -8.16 16.82
CA ASP I 112 22.48 -7.17 17.46
C ASP I 112 21.43 -7.79 18.36
N ASP I 113 20.92 -8.98 18.03
CA ASP I 113 19.84 -9.56 18.80
C ASP I 113 19.79 -11.06 18.59
N LEU I 114 19.09 -11.75 19.49
CA LEU I 114 18.93 -13.19 19.43
C LEU I 114 17.46 -13.53 19.52
N THR I 115 16.99 -14.40 18.63
CA THR I 115 15.58 -14.77 18.54
C THR I 115 15.41 -16.15 19.16
N LEU I 116 14.84 -16.18 20.37
CA LEU I 116 14.65 -17.46 21.05
C LEU I 116 13.61 -18.32 20.35
N ALA I 117 12.45 -17.75 20.03
CA ALA I 117 11.38 -18.50 19.39
C ALA I 117 10.51 -17.55 18.59
N ASP I 118 10.20 -17.94 17.35
CA ASP I 118 9.34 -17.15 16.47
C ASP I 118 8.62 -18.12 15.54
N TRP I 119 7.39 -18.47 15.91
CA TRP I 119 6.61 -19.43 15.14
C TRP I 119 5.15 -19.02 15.12
N GLU I 120 4.51 -19.20 13.97
CA GLU I 120 3.09 -18.92 13.80
C GLU I 120 2.47 -20.06 12.99
N VAL I 121 1.21 -20.37 13.30
CA VAL I 121 0.54 -21.49 12.64
C VAL I 121 0.41 -21.21 11.15
N GLY I 122 0.63 -22.25 10.36
CA GLY I 122 0.53 -22.13 8.91
C GLY I 122 1.62 -21.31 8.26
N VAL I 123 2.71 -21.03 8.97
CA VAL I 123 3.79 -20.20 8.46
C VAL I 123 5.11 -20.92 8.69
N LYS I 124 5.92 -21.05 7.64
CA LYS I 124 7.24 -21.64 7.78
C LYS I 124 8.14 -20.74 8.62
N GLY I 125 9.04 -21.37 9.36
CA GLY I 125 9.90 -20.61 10.26
C GLY I 125 11.08 -19.96 9.53
N GLU I 126 11.43 -18.77 9.99
CA GLU I 126 12.59 -18.06 9.45
C GLU I 126 13.23 -17.25 10.58
N ILE I 127 14.54 -17.02 10.44
CA ILE I 127 15.31 -16.25 11.41
C ILE I 127 16.11 -15.20 10.66
N GLU I 128 16.10 -13.97 11.17
CA GLU I 128 16.91 -12.89 10.61
C GLU I 128 17.69 -12.25 11.75
N ALA I 129 18.98 -12.00 11.52
CA ALA I 129 19.87 -11.45 12.53
C ALA I 129 20.71 -10.35 11.92
N PRO I 130 20.57 -9.10 12.36
CA PRO I 130 21.46 -8.04 11.91
C PRO I 130 22.72 -7.96 12.76
N PHE I 131 23.78 -7.44 12.16
CA PHE I 131 25.08 -7.41 12.82
C PHE I 131 25.85 -6.18 12.36
N THR I 132 26.88 -5.85 13.13
CA THR I 132 27.79 -4.75 12.81
C THR I 132 29.21 -5.29 12.77
N PHE I 133 29.99 -4.82 11.79
CA PHE I 133 31.35 -5.29 11.59
C PHE I 133 32.29 -4.10 11.49
N THR I 134 33.58 -4.39 11.54
CA THR I 134 34.61 -3.35 11.56
C THR I 134 35.67 -3.51 10.48
N GLU I 135 36.08 -4.72 10.16
CA GLU I 135 37.18 -4.95 9.24
C GLU I 135 36.76 -5.92 8.15
N TYR I 136 37.40 -5.81 6.99
CA TYR I 136 37.14 -6.69 5.87
C TYR I 136 38.39 -6.81 5.00
N ASP I 137 38.46 -7.88 4.23
CA ASP I 137 39.55 -8.10 3.28
C ASP I 137 38.99 -8.63 1.98
N PHE I 138 39.75 -8.42 0.90
CA PHE I 138 39.32 -8.79 -0.44
C PHE I 138 40.03 -10.07 -0.87
N LEU I 139 39.30 -10.94 -1.58
CA LEU I 139 39.86 -12.18 -2.10
C LEU I 139 39.22 -12.50 -3.44
N ASP I 140 40.05 -12.72 -4.45
CA ASP I 140 39.59 -13.23 -5.75
C ASP I 140 38.51 -12.35 -6.37
N ILE I 141 38.63 -11.04 -6.22
CA ILE I 141 37.68 -10.12 -6.84
C ILE I 141 37.98 -10.04 -8.33
N ILE I 142 36.93 -9.83 -9.12
CA ILE I 142 37.07 -9.77 -10.56
C ILE I 142 37.80 -8.49 -10.97
N ASN J 3 42.86 26.97 -3.75
CA ASN J 3 43.85 26.39 -2.85
C ASN J 3 43.17 25.71 -1.67
N MET J 4 42.17 26.38 -1.09
CA MET J 4 41.45 25.81 0.04
C MET J 4 40.54 24.69 -0.43
N GLU J 5 40.56 23.58 0.30
CA GLU J 5 39.67 22.45 0.03
C GLU J 5 39.16 21.90 1.35
N ALA J 6 37.99 21.27 1.30
CA ALA J 6 37.42 20.69 2.50
C ALA J 6 38.27 19.55 3.04
N ARG J 7 38.93 18.80 2.15
CA ARG J 7 39.77 17.69 2.58
C ARG J 7 40.92 18.16 3.46
N ASN J 8 41.39 19.39 3.26
CA ASN J 8 42.57 19.85 3.96
C ASN J 8 42.34 20.05 5.45
N VAL J 9 41.09 20.09 5.90
CA VAL J 9 40.80 20.32 7.32
C VAL J 9 41.20 19.08 8.11
N MET J 10 41.95 19.28 9.18
CA MET J 10 42.40 18.18 10.01
C MET J 10 41.25 17.56 10.78
N SER J 11 41.38 16.27 11.08
CA SER J 11 40.41 15.53 11.86
C SER J 11 41.03 15.07 13.16
N GLY J 12 40.27 15.13 14.24
CA GLY J 12 40.79 14.75 15.55
C GLY J 12 40.96 13.26 15.75
N THR J 13 40.43 12.44 14.85
CA THR J 13 40.58 10.99 14.99
C THR J 13 42.04 10.58 14.89
N TRP J 14 42.82 11.26 14.06
CA TRP J 14 44.21 10.89 13.82
C TRP J 14 45.16 11.35 14.92
N GLY J 15 44.69 12.14 15.88
CA GLY J 15 45.58 12.61 16.93
C GLY J 15 46.04 11.49 17.83
N GLU J 16 47.26 11.63 18.35
CA GLU J 16 47.82 10.68 19.30
C GLU J 16 48.60 11.45 20.36
N LEU J 17 48.70 10.85 21.55
CA LEU J 17 49.26 11.51 22.71
C LEU J 17 50.33 10.65 23.36
N TRP J 18 51.44 11.29 23.74
CA TRP J 18 52.49 10.66 24.53
C TRP J 18 52.56 11.36 25.88
N LEU J 19 52.39 10.60 26.95
CA LEU J 19 52.44 11.15 28.30
C LEU J 19 53.57 10.48 29.07
N ASP J 20 54.48 11.31 29.60
CA ASP J 20 55.63 10.83 30.38
C ASP J 20 56.47 9.83 29.61
N GLY J 21 56.56 10.01 28.30
CA GLY J 21 57.32 9.11 27.46
C GLY J 21 56.65 7.80 27.14
N ASN J 22 55.43 7.58 27.61
CA ASN J 22 54.70 6.35 27.38
C ASN J 22 53.48 6.66 26.52
N LYS J 23 53.34 5.93 25.41
CA LYS J 23 52.22 6.15 24.50
C LYS J 23 50.90 5.80 25.17
N VAL J 24 49.90 6.64 24.97
CA VAL J 24 48.57 6.45 25.54
C VAL J 24 47.61 6.29 24.37
N ALA J 25 47.22 5.05 24.08
CA ALA J 25 46.27 4.78 23.01
C ALA J 25 44.82 5.00 23.43
N GLU J 26 44.56 5.14 24.73
CA GLU J 26 43.21 5.29 25.25
C GLU J 26 42.81 6.76 25.38
N VAL J 27 43.01 7.55 24.32
CA VAL J 27 42.82 8.99 24.38
C VAL J 27 41.53 9.36 23.65
N LYS J 28 40.76 10.26 24.25
CA LYS J 28 39.53 10.76 23.67
C LYS J 28 39.66 12.18 23.14
N LYS J 29 40.17 13.11 23.95
CA LYS J 29 40.39 14.47 23.50
C LYS J 29 41.52 15.09 24.32
N PHE J 30 42.28 15.96 23.66
CA PHE J 30 43.39 16.67 24.27
C PHE J 30 43.29 18.14 23.90
N GLN J 31 43.57 19.02 24.87
CA GLN J 31 43.43 20.45 24.65
C GLN J 31 44.41 21.19 25.55
N ALA J 32 45.05 22.22 24.99
CA ALA J 32 45.93 23.10 25.75
C ALA J 32 45.79 24.51 25.22
N LYS J 33 45.70 25.48 26.13
CA LYS J 33 45.47 26.86 25.75
C LYS J 33 46.27 27.79 26.66
N MET J 34 46.53 28.99 26.15
CA MET J 34 47.28 30.01 26.86
C MET J 34 46.39 31.22 27.07
N GLU J 35 46.30 31.70 28.31
CA GLU J 35 45.47 32.86 28.64
C GLU J 35 46.39 34.00 29.06
N PHE J 36 46.45 35.04 28.22
CA PHE J 36 47.30 36.19 28.53
C PHE J 36 46.64 37.08 29.57
N THR J 37 47.44 37.97 30.15
CA THR J 37 46.98 38.92 31.15
C THR J 37 47.14 40.32 30.60
N LYS J 38 46.07 41.12 30.69
CA LYS J 38 46.09 42.48 30.18
C LYS J 38 45.54 43.43 31.23
N GLU J 39 46.07 44.65 31.25
CA GLU J 39 45.59 45.70 32.14
C GLU J 39 45.13 46.89 31.30
N ASP J 40 43.99 47.46 31.66
CA ASP J 40 43.47 48.61 30.94
C ASP J 40 44.31 49.85 31.25
N ILE J 41 44.69 50.58 30.21
CA ILE J 41 45.39 51.85 30.35
C ILE J 41 44.60 52.91 29.61
N ILE J 42 44.27 54.00 30.31
CA ILE J 42 43.59 55.15 29.72
C ILE J 42 44.62 56.25 29.55
N ILE J 43 44.82 56.69 28.31
CA ILE J 43 45.80 57.70 27.98
C ILE J 43 45.07 58.99 27.66
N ALA J 44 45.43 60.06 28.38
CA ALA J 44 44.76 61.34 28.19
C ALA J 44 44.96 61.85 26.77
N GLY J 45 43.88 62.36 26.17
CA GLY J 45 43.93 62.91 24.84
C GLY J 45 43.36 62.03 23.75
N GLN J 46 43.08 60.77 24.04
CA GLN J 46 42.51 59.87 23.05
C GLN J 46 41.32 59.13 23.66
N MET J 47 40.32 58.85 22.83
CA MET J 47 39.11 58.18 23.31
C MET J 47 39.35 56.71 23.57
N GLY J 48 40.14 56.05 22.73
CA GLY J 48 40.31 54.61 22.83
C GLY J 48 41.03 54.21 24.11
N THR J 49 40.87 52.93 24.46
CA THR J 49 41.52 52.34 25.61
C THR J 49 42.48 51.27 25.15
N ASP J 50 43.73 51.34 25.62
CA ASP J 50 44.77 50.41 25.23
C ASP J 50 45.17 49.56 26.43
N THR J 51 45.52 48.30 26.15
CA THR J 51 45.88 47.35 27.18
C THR J 51 47.39 47.15 27.23
N LYS J 52 47.84 46.55 28.33
CA LYS J 52 49.26 46.28 28.56
C LYS J 52 49.42 44.80 28.91
N TYR J 53 50.35 44.14 28.24
CA TYR J 53 50.58 42.71 28.43
C TYR J 53 51.62 42.49 29.54
N MET J 54 51.29 41.63 30.48
CA MET J 54 52.20 41.40 31.61
C MET J 54 52.54 39.93 31.81
N GLY J 55 51.59 39.04 31.55
CA GLY J 55 51.84 37.62 31.80
C GLY J 55 50.84 36.74 31.12
N TYR J 56 51.00 35.43 31.34
CA TYR J 56 50.14 34.43 30.74
C TYR J 56 50.00 33.24 31.68
N LYS J 57 48.98 32.44 31.43
CA LYS J 57 48.72 31.21 32.17
C LYS J 57 48.63 30.03 31.22
N GLY J 58 48.76 28.83 31.79
CA GLY J 58 48.60 27.61 31.02
C GLY J 58 47.46 26.76 31.52
N LYS J 59 46.58 26.35 30.60
CA LYS J 59 45.42 25.55 30.97
C LYS J 59 45.22 24.44 29.94
N GLY J 60 44.64 23.33 30.39
CA GLY J 60 44.39 22.21 29.50
C GLY J 60 43.66 21.12 30.23
N SER J 61 43.26 20.10 29.47
CA SER J 61 42.55 18.97 30.02
C SER J 61 42.81 17.74 29.17
N ILE J 62 42.72 16.57 29.79
CA ILE J 62 42.86 15.28 29.12
C ILE J 62 41.68 14.41 29.49
N THR J 63 41.01 13.84 28.48
CA THR J 63 39.91 12.93 28.69
C THR J 63 40.24 11.59 28.06
N LEU J 64 40.09 10.51 28.82
CA LEU J 64 40.51 9.20 28.39
C LEU J 64 39.50 8.15 28.85
N TYR J 65 39.33 7.11 28.05
CA TYR J 65 38.46 6.00 28.44
C TYR J 65 39.06 5.26 29.63
N HIS J 66 38.19 4.85 30.55
CA HIS J 66 38.64 4.17 31.77
C HIS J 66 38.90 2.70 31.46
N VAL J 67 40.10 2.43 30.97
CA VAL J 67 40.54 1.07 30.70
C VAL J 67 41.48 0.56 31.78
N SER J 68 42.44 1.38 32.19
CA SER J 68 43.41 0.98 33.22
C SER J 68 43.56 2.11 34.23
N SER J 69 44.06 1.76 35.41
CA SER J 69 44.22 2.72 36.50
C SER J 69 45.59 3.39 36.45
N ARG J 70 45.87 4.00 35.29
CA ARG J 70 47.16 4.64 35.08
C ARG J 70 47.29 5.92 35.89
N MET J 71 46.25 6.75 35.90
CA MET J 71 46.31 8.03 36.59
C MET J 71 46.55 7.84 38.09
N HIS J 72 46.02 6.77 38.68
CA HIS J 72 46.33 6.48 40.07
C HIS J 72 47.79 6.14 40.24
N LYS J 73 48.31 5.21 39.41
CA LYS J 73 49.71 4.83 39.52
C LYS J 73 50.64 6.02 39.35
N LEU J 74 50.19 7.05 38.63
CA LEU J 74 51.05 8.20 38.40
C LEU J 74 51.34 8.97 39.69
N ILE J 75 50.29 9.33 40.45
CA ILE J 75 50.42 10.37 41.46
C ILE J 75 49.80 10.00 42.81
N GLY J 76 49.18 8.83 42.95
CA GLY J 76 48.40 8.56 44.15
C GLY J 76 49.22 8.64 45.43
N GLU J 77 50.38 7.98 45.45
CA GLU J 77 51.19 7.97 46.64
C GLU J 77 51.85 9.34 46.87
N LYS J 78 52.34 9.95 45.79
CA LYS J 78 53.06 11.21 45.93
C LYS J 78 52.16 12.34 46.43
N ILE J 79 50.86 12.27 46.14
CA ILE J 79 49.95 13.26 46.73
C ILE J 79 49.94 13.16 48.24
N LYS J 80 49.81 11.93 48.77
CA LYS J 80 49.82 11.75 50.21
C LYS J 80 51.15 12.16 50.83
N ARG J 81 52.26 11.77 50.20
CA ARG J 81 53.56 12.08 50.80
C ARG J 81 53.79 13.58 50.89
N GLY J 82 53.44 14.32 49.85
CA GLY J 82 53.57 15.76 49.88
C GLY J 82 54.51 16.32 48.82
N SER J 83 54.91 15.48 47.88
CA SER J 83 55.75 15.89 46.76
C SER J 83 54.92 15.88 45.49
N GLU J 84 54.86 17.01 44.81
CA GLU J 84 54.03 17.15 43.62
C GLU J 84 54.89 16.85 42.39
N PRO J 85 54.63 15.77 41.67
CA PRO J 85 55.43 15.47 40.47
C PRO J 85 54.97 16.27 39.27
N ARG J 86 55.82 16.29 38.25
CA ARG J 86 55.55 16.96 36.99
C ARG J 86 55.74 15.98 35.85
N PHE J 87 55.11 16.27 34.72
CA PHE J 87 55.16 15.38 33.56
C PHE J 87 55.28 16.21 32.29
N VAL J 88 55.65 15.52 31.21
CA VAL J 88 55.79 16.14 29.89
C VAL J 88 54.94 15.36 28.91
N ALA J 89 54.11 16.07 28.16
CA ALA J 89 53.20 15.46 27.20
C ALA J 89 53.52 15.94 25.79
N ILE J 90 53.51 15.01 24.84
CA ILE J 90 53.77 15.30 23.44
C ILE J 90 52.55 14.89 22.64
N SER J 91 51.97 15.84 21.91
CA SER J 91 50.79 15.59 21.09
C SER J 91 51.18 15.68 19.61
N LYS J 92 50.96 14.59 18.89
CA LYS J 92 51.26 14.53 17.47
C LYS J 92 49.96 14.34 16.71
N LEU J 93 49.69 15.22 15.75
CA LEU J 93 48.47 15.20 14.95
C LEU J 93 48.87 15.11 13.48
N ASN J 94 48.66 13.95 12.87
CA ASN J 94 49.06 13.71 11.49
C ASN J 94 47.86 13.23 10.71
N ASP J 95 47.39 14.05 9.78
CA ASP J 95 46.24 13.72 8.94
C ASP J 95 46.71 13.42 7.53
N PRO J 96 46.46 12.22 7.00
CA PRO J 96 46.92 11.91 5.63
C PRO J 96 46.35 12.84 4.58
N ASP J 97 45.12 13.32 4.76
CA ASP J 97 44.51 14.17 3.75
C ASP J 97 45.16 15.56 3.70
N SER J 98 45.40 16.15 4.88
CA SER J 98 45.99 17.48 4.92
C SER J 98 47.48 17.41 4.60
N TYR J 99 48.08 18.58 4.42
CA TYR J 99 49.51 18.68 4.15
C TYR J 99 50.25 18.98 5.46
N GLY J 100 51.29 18.18 5.73
CA GLY J 100 52.10 18.39 6.91
C GLY J 100 51.41 17.99 8.20
N ALA J 101 52.20 17.79 9.25
CA ALA J 101 51.69 17.44 10.56
C ALA J 101 52.39 18.30 11.60
N GLU J 102 51.68 18.59 12.70
CA GLU J 102 52.20 19.42 13.76
C GLU J 102 52.34 18.59 15.04
N ARG J 103 53.49 18.72 15.70
CA ARG J 103 53.76 18.04 16.96
C ARG J 103 54.23 19.08 17.97
N ILE J 104 53.65 19.06 19.16
CA ILE J 104 53.96 20.02 20.20
C ILE J 104 54.24 19.27 21.50
N ALA J 105 55.29 19.67 22.20
CA ALA J 105 55.65 19.12 23.50
C ALA J 105 55.29 20.13 24.58
N VAL J 106 54.54 19.69 25.57
CA VAL J 106 54.11 20.52 26.68
C VAL J 106 54.85 20.05 27.94
N LYS J 107 55.47 20.98 28.65
CA LYS J 107 56.32 20.65 29.77
C LYS J 107 55.81 21.30 31.05
N ASN J 108 56.27 20.75 32.18
CA ASN J 108 55.90 21.22 33.52
C ASN J 108 54.39 21.18 33.72
N ILE J 109 53.86 19.96 33.69
CA ILE J 109 52.43 19.71 33.82
C ILE J 109 52.11 19.27 35.24
N ALA J 110 51.09 19.88 35.83
CA ALA J 110 50.60 19.50 37.15
C ALA J 110 49.09 19.34 37.09
N PHE J 111 48.59 18.26 37.66
CA PHE J 111 47.17 17.92 37.56
C PHE J 111 46.36 18.59 38.66
N ASP J 112 45.11 18.91 38.33
CA ASP J 112 44.24 19.63 39.25
C ASP J 112 43.41 18.71 40.13
N ASP J 113 43.17 17.47 39.71
CA ASP J 113 42.34 16.56 40.48
C ASP J 113 42.73 15.12 40.21
N LEU J 114 42.29 14.22 41.08
CA LEU J 114 42.49 12.80 40.92
C LEU J 114 41.19 12.08 41.20
N THR J 115 40.80 11.16 40.32
CA THR J 115 39.53 10.46 40.41
C THR J 115 39.79 9.03 40.86
N LEU J 116 39.49 8.74 42.13
CA LEU J 116 39.68 7.40 42.65
C LEU J 116 38.71 6.42 41.98
N ALA J 117 37.42 6.75 41.97
CA ALA J 117 36.42 5.85 41.41
C ALA J 117 35.18 6.65 41.04
N ASP J 118 34.60 6.31 39.88
CA ASP J 118 33.37 6.94 39.44
C ASP J 118 32.72 6.00 38.43
N TRP J 119 31.57 5.45 38.79
CA TRP J 119 30.88 4.48 37.94
C TRP J 119 29.38 4.59 38.15
N GLU J 120 28.64 4.42 37.07
CA GLU J 120 27.18 4.43 37.10
C GLU J 120 26.65 3.27 36.28
N VAL J 121 25.57 2.65 36.76
CA VAL J 121 25.00 1.51 36.06
C VAL J 121 24.47 1.96 34.71
N GLY J 122 24.79 1.21 33.67
CA GLY J 122 24.35 1.53 32.32
C GLY J 122 25.17 2.59 31.62
N VAL J 123 26.29 3.02 32.20
CA VAL J 123 27.12 4.07 31.63
C VAL J 123 28.56 3.56 31.53
N LYS J 124 29.18 3.76 30.38
CA LYS J 124 30.60 3.45 30.22
C LYS J 124 31.43 4.52 30.94
N GLY J 125 32.58 4.09 31.46
CA GLY J 125 33.40 4.97 32.26
C GLY J 125 34.25 5.91 31.42
N GLU J 126 34.46 7.11 31.96
CA GLU J 126 35.34 8.11 31.36
C GLU J 126 36.04 8.88 32.48
N ILE J 127 37.24 9.37 32.17
CA ILE J 127 38.03 10.16 33.11
C ILE J 127 38.50 11.42 32.41
N GLU J 128 38.29 12.57 33.04
CA GLU J 128 38.81 13.84 32.56
C GLU J 128 39.61 14.49 33.67
N ALA J 129 40.81 14.96 33.34
CA ALA J 129 41.73 15.53 34.32
C ALA J 129 42.29 16.85 33.80
N PRO J 130 41.90 17.98 34.38
CA PRO J 130 42.51 19.26 34.00
C PRO J 130 43.94 19.37 34.52
N PHE J 131 44.69 20.29 33.92
CA PHE J 131 46.08 20.48 34.30
C PHE J 131 46.50 21.91 33.96
N THR J 132 47.64 22.32 34.53
CA THR J 132 48.24 23.60 34.24
C THR J 132 49.69 23.38 33.82
N PHE J 133 50.14 24.20 32.86
CA PHE J 133 51.48 24.08 32.32
C PHE J 133 52.13 25.45 32.22
N THR J 134 53.46 25.44 32.13
CA THR J 134 54.25 26.66 32.11
C THR J 134 54.90 26.94 30.76
N GLU J 135 55.61 25.97 30.20
CA GLU J 135 56.37 26.18 28.98
C GLU J 135 56.00 25.15 27.92
N TYR J 136 56.21 25.53 26.67
CA TYR J 136 55.92 24.69 25.51
C TYR J 136 57.09 24.74 24.54
N ASP J 137 57.09 23.81 23.59
CA ASP J 137 58.08 23.77 22.53
C ASP J 137 57.43 23.28 21.24
N PHE J 138 57.96 23.73 20.11
CA PHE J 138 57.45 23.37 18.80
C PHE J 138 58.40 22.36 18.15
N LEU J 139 57.86 21.20 17.79
CA LEU J 139 58.64 20.15 17.13
C LEU J 139 57.97 19.82 15.81
N ASP J 140 58.56 20.29 14.71
CA ASP J 140 58.11 19.95 13.36
C ASP J 140 56.66 20.36 13.14
N ILE J 141 56.42 21.68 13.22
CA ILE J 141 55.12 22.24 12.88
C ILE J 141 55.03 22.41 11.37
N ILE J 142 53.84 22.71 10.87
CA ILE J 142 53.64 22.94 9.45
C ILE J 142 54.54 24.07 8.94
N ALA K 2 -7.47 -53.70 54.33
CA ALA K 2 -8.66 -52.89 54.55
C ALA K 2 -8.39 -51.76 55.53
N ILE K 3 -9.25 -51.64 56.54
CA ILE K 3 -9.11 -50.58 57.52
C ILE K 3 -8.03 -50.92 58.52
N GLY K 4 -7.26 -49.89 58.93
CA GLY K 4 -6.28 -50.04 59.99
C GLY K 4 -6.36 -48.86 60.93
N LEU K 5 -5.72 -49.02 62.09
CA LEU K 5 -5.77 -47.97 63.10
C LEU K 5 -5.08 -46.72 62.58
N PRO K 6 -5.50 -45.53 63.02
CA PRO K 6 -4.86 -44.31 62.55
C PRO K 6 -3.39 -44.33 62.90
N SER K 7 -2.56 -44.46 61.88
CA SER K 7 -1.13 -44.70 62.05
C SER K 7 -0.36 -43.55 61.46
N ILE K 8 0.47 -42.92 62.29
CA ILE K 8 1.38 -41.87 61.85
C ILE K 8 2.79 -42.33 62.16
N ASN K 9 3.66 -42.29 61.17
CA ASN K 9 5.02 -42.78 61.32
C ASN K 9 5.97 -41.78 60.68
N ILE K 10 7.17 -41.70 61.25
CA ILE K 10 8.21 -40.82 60.78
C ILE K 10 9.37 -41.68 60.29
N SER K 11 9.79 -41.45 59.06
CA SER K 11 10.84 -42.25 58.44
C SER K 11 12.16 -41.49 58.48
N PHE K 12 13.19 -42.13 59.02
CA PHE K 12 14.52 -41.55 59.10
C PHE K 12 15.38 -42.21 58.02
N LYS K 13 15.74 -41.42 57.00
CA LYS K 13 16.54 -41.91 55.90
C LYS K 13 17.67 -40.93 55.61
N GLU K 14 18.86 -41.47 55.38
CA GLU K 14 20.03 -40.67 55.04
C GLU K 14 20.41 -40.97 53.59
N LEU K 15 20.49 -39.92 52.79
CA LEU K 15 20.87 -40.09 51.39
C LEU K 15 22.33 -40.50 51.28
N ALA K 16 22.59 -41.49 50.44
CA ALA K 16 23.94 -41.98 50.20
C ALA K 16 24.28 -41.84 48.72
N THR K 17 25.57 -41.70 48.43
CA THR K 17 26.02 -41.60 47.05
C THR K 17 25.73 -42.90 46.32
N THR K 18 24.81 -42.86 45.36
CA THR K 18 24.36 -44.04 44.65
C THR K 18 24.94 -44.01 43.24
N VAL K 19 25.87 -44.92 42.96
CA VAL K 19 26.43 -45.12 41.64
C VAL K 19 26.32 -46.59 41.29
N LYS K 20 25.74 -46.89 40.13
CA LYS K 20 25.61 -48.27 39.70
C LYS K 20 26.98 -48.90 39.55
N GLU K 21 27.17 -50.06 40.17
CA GLU K 21 28.48 -50.70 40.24
C GLU K 21 28.55 -51.81 39.20
N ARG K 22 29.46 -51.66 38.25
CA ARG K 22 29.67 -52.61 37.18
C ARG K 22 30.81 -53.56 37.54
N SER K 23 31.28 -54.33 36.57
CA SER K 23 32.32 -55.31 36.81
C SER K 23 33.57 -54.66 37.40
N ALA K 24 34.14 -55.32 38.41
CA ALA K 24 35.30 -54.79 39.12
C ALA K 24 36.58 -55.07 38.33
N ARG K 25 37.41 -54.05 38.18
CA ARG K 25 38.67 -54.15 37.46
C ARG K 25 39.83 -54.11 38.43
N GLY K 26 40.99 -54.55 37.95
CA GLY K 26 42.18 -54.61 38.76
C GLY K 26 42.34 -55.85 39.60
N ILE K 27 41.43 -56.82 39.48
CA ILE K 27 41.52 -58.05 40.24
C ILE K 27 42.59 -58.94 39.65
N ILE K 28 43.30 -59.66 40.52
CA ILE K 28 44.36 -60.58 40.11
C ILE K 28 44.04 -61.96 40.67
N ALA K 29 43.96 -62.95 39.78
CA ALA K 29 43.83 -64.33 40.19
C ALA K 29 45.21 -64.98 40.15
N MET K 30 45.76 -65.27 41.32
CA MET K 30 47.09 -65.87 41.44
C MET K 30 46.91 -67.34 41.80
N VAL K 31 47.53 -68.20 41.02
CA VAL K 31 47.44 -69.64 41.22
C VAL K 31 48.85 -70.21 41.36
N LEU K 32 49.02 -71.11 42.32
CA LEU K 32 50.33 -71.67 42.64
C LEU K 32 50.12 -73.00 43.35
N LYS K 33 51.18 -73.79 43.43
CA LYS K 33 51.12 -75.11 44.03
C LYS K 33 51.95 -75.15 45.32
N ASP K 34 51.38 -75.76 46.35
CA ASP K 34 52.03 -75.93 47.64
C ASP K 34 51.34 -77.03 48.40
N ALA K 35 52.01 -77.51 49.45
CA ALA K 35 51.44 -78.53 50.32
C ALA K 35 50.73 -77.95 51.54
N LYS K 36 50.80 -76.64 51.75
CA LYS K 36 50.21 -75.99 52.91
C LYS K 36 49.14 -75.00 52.47
N ALA K 37 48.13 -74.83 53.32
CA ALA K 37 47.02 -73.89 53.08
C ALA K 37 46.35 -74.15 51.73
N LEU K 38 45.88 -75.38 51.57
CA LEU K 38 45.28 -75.80 50.31
C LEU K 38 44.00 -75.01 50.03
N GLY K 39 43.72 -74.80 48.75
CA GLY K 39 42.58 -74.02 48.33
C GLY K 39 42.92 -72.56 48.15
N LEU K 40 41.89 -71.79 47.80
CA LEU K 40 42.06 -70.35 47.63
C LEU K 40 42.40 -69.70 48.97
N ASN K 41 43.22 -68.66 48.91
CA ASN K 41 43.71 -67.99 50.11
C ASN K 41 43.06 -66.63 50.35
N GLU K 42 42.30 -66.12 49.38
CA GLU K 42 41.54 -64.88 49.50
C GLU K 42 42.31 -63.78 50.24
N ILE K 43 43.47 -63.46 49.70
CA ILE K 43 44.30 -62.42 50.31
C ILE K 43 43.78 -61.06 49.87
N HIS K 44 42.82 -60.54 50.64
CA HIS K 44 42.16 -59.29 50.25
C HIS K 44 43.05 -58.09 50.53
N GLU K 45 43.92 -58.18 51.52
CA GLU K 45 44.82 -57.10 51.90
C GLU K 45 46.26 -57.54 51.67
N LYS K 46 47.11 -56.58 51.29
CA LYS K 46 48.50 -56.91 50.96
C LYS K 46 49.27 -57.39 52.18
N GLU K 47 49.05 -56.77 53.35
CA GLU K 47 49.92 -57.04 54.49
C GLU K 47 49.75 -58.47 55.01
N ASP K 48 48.51 -58.94 55.14
CA ASP K 48 48.25 -60.22 55.81
C ASP K 48 48.51 -61.38 54.86
N ILE K 49 49.40 -62.27 55.26
CA ILE K 49 49.76 -63.45 54.47
C ILE K 49 49.74 -64.67 55.37
N PRO K 50 49.18 -65.81 54.94
CA PRO K 50 49.30 -67.03 55.74
C PRO K 50 50.76 -67.42 55.95
N VAL K 51 51.07 -67.90 57.15
CA VAL K 51 52.47 -68.13 57.52
C VAL K 51 52.98 -69.46 56.99
N ASP K 52 52.10 -70.47 56.84
CA ASP K 52 52.54 -71.79 56.41
C ASP K 52 53.04 -71.82 54.98
N LEU K 53 52.80 -70.77 54.20
CA LEU K 53 53.26 -70.73 52.82
C LEU K 53 54.78 -70.70 52.75
N SER K 54 55.32 -71.24 51.66
CA SER K 54 56.76 -71.26 51.48
C SER K 54 57.32 -69.85 51.33
N ALA K 55 58.56 -69.68 51.80
CA ALA K 55 59.19 -68.36 51.75
C ALA K 55 59.35 -67.88 50.31
N GLU K 56 59.71 -68.79 49.40
CA GLU K 56 59.87 -68.41 48.00
C GLU K 56 58.54 -67.95 47.40
N ASN K 57 57.47 -68.71 47.64
CA ASN K 57 56.16 -68.31 47.13
C ASN K 57 55.64 -67.07 47.84
N LYS K 58 55.97 -66.91 49.13
CA LYS K 58 55.63 -65.67 49.82
C LYS K 58 56.33 -64.48 49.18
N GLU K 59 57.59 -64.67 48.77
CA GLU K 59 58.33 -63.61 48.10
C GLU K 59 57.69 -63.27 46.75
N TYR K 60 57.29 -64.29 46.00
CA TYR K 60 56.59 -64.03 44.73
C TYR K 60 55.28 -63.29 44.97
N ILE K 61 54.56 -63.66 46.03
CA ILE K 61 53.37 -62.92 46.41
C ILE K 61 53.72 -61.47 46.71
N ASN K 62 54.86 -61.25 47.36
CA ASN K 62 55.30 -59.88 47.66
C ASN K 62 55.55 -59.09 46.38
N LEU K 63 56.18 -59.71 45.39
CA LEU K 63 56.30 -59.06 44.08
C LEU K 63 54.93 -58.72 43.51
N ALA K 64 53.97 -59.65 43.64
CA ALA K 64 52.63 -59.41 43.11
C ALA K 64 51.95 -58.24 43.83
N LEU K 65 52.22 -58.08 45.14
CA LEU K 65 51.47 -57.13 45.95
C LEU K 65 51.81 -55.70 45.58
N MET K 66 53.09 -55.37 45.46
CA MET K 66 53.48 -54.01 45.13
C MET K 66 53.08 -53.68 43.69
N GLY K 67 52.65 -52.43 43.48
CA GLY K 67 52.11 -52.01 42.21
C GLY K 67 52.85 -50.79 41.66
N ASN K 68 52.80 -50.64 40.34
CA ASN K 68 53.49 -49.54 39.68
C ASN K 68 52.86 -48.19 40.05
N VAL K 69 51.53 -48.09 39.92
CA VAL K 69 50.81 -46.86 40.20
C VAL K 69 50.03 -46.96 41.51
N ASN K 70 49.24 -48.01 41.65
CA ASN K 70 48.48 -48.25 42.88
C ASN K 70 48.56 -49.73 43.22
N THR K 71 48.39 -50.02 44.50
CA THR K 71 48.31 -51.41 44.94
C THR K 71 47.08 -52.05 44.32
N PRO K 72 47.19 -53.27 43.78
CA PRO K 72 46.01 -53.91 43.16
C PRO K 72 44.86 -54.00 44.13
N ASN K 73 43.65 -53.73 43.62
CA ASN K 73 42.49 -53.62 44.49
C ASN K 73 42.17 -54.94 45.18
N LYS K 74 42.26 -56.05 44.44
CA LYS K 74 41.95 -57.35 45.00
C LYS K 74 42.94 -58.38 44.50
N LEU K 75 43.34 -59.29 45.40
CA LEU K 75 44.22 -60.39 45.07
C LEU K 75 43.59 -61.70 45.52
N LEU K 76 43.62 -62.69 44.65
CA LEU K 76 43.10 -64.02 44.96
C LEU K 76 44.20 -65.04 44.67
N VAL K 77 44.73 -65.66 45.73
CA VAL K 77 45.82 -66.61 45.62
C VAL K 77 45.28 -68.00 45.88
N TYR K 78 45.57 -68.93 44.97
CA TYR K 78 45.11 -70.30 45.06
C TYR K 78 46.29 -71.24 45.28
N VAL K 79 46.12 -72.22 46.16
CA VAL K 79 47.12 -73.23 46.45
C VAL K 79 46.56 -74.59 46.05
N ILE K 80 47.34 -75.36 45.29
CA ILE K 80 46.92 -76.66 44.79
C ILE K 80 48.00 -77.67 45.13
N GLU K 81 47.60 -78.93 45.24
CA GLU K 81 48.56 -80.00 45.49
C GLU K 81 49.44 -80.21 44.26
N GLY K 82 50.64 -80.76 44.50
CA GLY K 82 51.63 -80.87 43.44
C GLY K 82 51.17 -81.69 42.25
N GLU K 83 50.31 -82.68 42.48
CA GLU K 83 49.79 -83.52 41.41
C GLU K 83 48.50 -82.93 40.84
N ALA K 84 48.32 -83.08 39.53
CA ALA K 84 47.17 -82.55 38.80
C ALA K 84 47.03 -81.04 39.04
N ASP K 85 48.06 -80.31 38.61
CA ASP K 85 48.15 -78.88 38.89
C ASP K 85 47.16 -78.05 38.09
N ILE K 86 46.56 -78.60 37.04
CA ILE K 86 45.89 -77.77 36.06
C ILE K 86 44.36 -77.89 36.12
N GLN K 87 43.84 -79.04 36.54
CA GLN K 87 42.41 -79.29 36.48
C GLN K 87 41.59 -78.34 37.35
N THR K 88 41.74 -78.44 38.67
CA THR K 88 40.88 -77.67 39.56
C THR K 88 41.22 -76.18 39.53
N ALA K 89 42.43 -75.82 39.13
CA ALA K 89 42.73 -74.41 38.91
C ALA K 89 41.82 -73.84 37.83
N LEU K 90 41.72 -74.54 36.69
CA LEU K 90 40.80 -74.13 35.64
C LEU K 90 39.36 -74.17 36.11
N ASP K 91 38.99 -75.17 36.90
CA ASP K 91 37.62 -75.24 37.41
C ASP K 91 37.28 -74.01 38.25
N PHE K 92 38.20 -73.63 39.15
CA PHE K 92 37.94 -72.47 40.00
C PHE K 92 37.98 -71.17 39.20
N LEU K 93 38.85 -71.09 38.19
CA LEU K 93 38.85 -69.91 37.33
C LEU K 93 37.53 -69.77 36.58
N GLU K 94 36.99 -70.89 36.08
CA GLU K 94 35.67 -70.86 35.46
C GLU K 94 34.60 -70.47 36.47
N THR K 95 34.77 -70.89 37.72
CA THR K 95 33.78 -70.61 38.75
C THR K 95 33.67 -69.11 39.03
N LYS K 96 34.81 -68.42 39.13
CA LYS K 96 34.83 -67.05 39.64
C LYS K 96 35.56 -66.13 38.68
N GLU K 97 35.03 -64.92 38.52
CA GLU K 97 35.57 -63.96 37.57
C GLU K 97 36.92 -63.41 38.03
N PHE K 98 37.74 -63.00 37.07
CA PHE K 98 39.05 -62.44 37.34
C PHE K 98 39.53 -61.71 36.09
N ASN K 99 40.66 -61.02 36.23
CA ASN K 99 41.23 -60.23 35.14
C ASN K 99 42.57 -60.76 34.66
N TYR K 100 43.54 -60.93 35.55
CA TYR K 100 44.89 -61.31 35.17
C TYR K 100 45.36 -62.51 35.98
N LEU K 101 46.31 -63.24 35.42
CA LEU K 101 46.78 -64.48 36.02
C LEU K 101 48.23 -64.74 35.61
N CYS K 102 48.94 -65.49 36.45
CA CYS K 102 50.31 -65.89 36.15
C CYS K 102 50.62 -67.20 36.87
N MET K 103 51.61 -67.92 36.34
CA MET K 103 52.10 -69.17 36.92
C MET K 103 53.58 -69.06 37.23
N PRO K 104 53.97 -68.76 38.47
CA PRO K 104 55.41 -68.74 38.80
C PRO K 104 56.10 -70.06 38.55
N LYS K 105 55.42 -71.17 38.80
CA LYS K 105 55.98 -72.51 38.59
C LYS K 105 55.08 -73.25 37.60
N ALA K 106 55.56 -73.41 36.37
CA ALA K 106 54.77 -74.08 35.34
C ALA K 106 55.70 -74.89 34.44
N VAL K 107 55.18 -76.03 33.98
CA VAL K 107 55.84 -76.82 32.94
C VAL K 107 55.30 -76.37 31.59
N GLU K 108 55.98 -76.77 30.52
CA GLU K 108 55.55 -76.36 29.18
C GLU K 108 54.15 -76.84 28.87
N ALA K 109 53.82 -78.07 29.27
CA ALA K 109 52.45 -78.57 29.10
C ALA K 109 51.47 -77.71 29.88
N ASP K 110 51.87 -77.24 31.06
CA ASP K 110 51.01 -76.35 31.84
C ASP K 110 50.72 -75.06 31.07
N LYS K 111 51.76 -74.47 30.47
CA LYS K 111 51.58 -73.25 29.70
C LYS K 111 50.66 -73.49 28.52
N THR K 112 50.86 -74.61 27.81
CA THR K 112 50.01 -74.92 26.66
C THR K 112 48.57 -75.12 27.08
N ALA K 113 48.35 -75.81 28.19
CA ALA K 113 46.98 -76.03 28.68
C ALA K 113 46.32 -74.71 29.05
N ILE K 114 47.06 -73.82 29.73
CA ILE K 114 46.50 -72.52 30.10
C ILE K 114 46.13 -71.73 28.85
N LYS K 115 47.01 -71.72 27.85
CA LYS K 115 46.73 -70.97 26.63
C LYS K 115 45.51 -71.52 25.90
N ASN K 116 45.45 -72.84 25.75
CA ASN K 116 44.31 -73.45 25.06
C ASN K 116 43.01 -73.19 25.82
N TRP K 117 43.05 -73.28 27.15
CA TRP K 117 41.85 -73.02 27.94
C TRP K 117 41.39 -71.57 27.78
N ILE K 118 42.34 -70.62 27.78
CA ILE K 118 41.97 -69.22 27.60
C ILE K 118 41.34 -69.00 26.24
N ILE K 119 41.93 -69.58 25.18
CA ILE K 119 41.39 -69.42 23.84
C ILE K 119 39.98 -70.01 23.76
N LYS K 120 39.79 -71.19 24.35
CA LYS K 120 38.47 -71.80 24.35
C LYS K 120 37.46 -70.95 25.11
N LEU K 121 37.86 -70.43 26.26
CA LEU K 121 36.90 -69.75 27.14
C LEU K 121 36.47 -68.41 26.55
N ARG K 122 37.43 -67.62 26.06
CA ARG K 122 37.11 -66.28 25.59
C ARG K 122 36.12 -66.29 24.43
N ASP K 123 35.97 -67.43 23.74
CA ASP K 123 35.01 -67.54 22.65
C ASP K 123 33.76 -68.31 23.05
N ILE K 124 33.92 -69.52 23.60
CA ILE K 124 32.75 -70.34 23.91
C ILE K 124 31.97 -69.74 25.09
N ASP K 125 32.68 -69.36 26.15
CA ASP K 125 32.00 -68.86 27.34
C ASP K 125 31.66 -67.39 27.27
N LYS K 126 32.20 -66.67 26.27
CA LYS K 126 32.01 -65.23 26.16
C LYS K 126 32.40 -64.51 27.45
N VAL K 127 33.50 -64.95 28.05
CA VAL K 127 34.06 -64.34 29.24
C VAL K 127 35.44 -63.82 28.88
N LYS K 128 35.68 -62.54 29.16
CA LYS K 128 36.92 -61.88 28.78
C LYS K 128 37.91 -61.95 29.95
N VAL K 129 38.99 -62.71 29.76
CA VAL K 129 40.04 -62.83 30.76
C VAL K 129 41.38 -62.73 30.06
N LYS K 130 42.42 -62.41 30.84
CA LYS K 130 43.77 -62.33 30.34
C LYS K 130 44.72 -62.95 31.36
N ALA K 131 45.89 -63.37 30.88
CA ALA K 131 46.89 -63.95 31.76
C ALA K 131 48.27 -63.69 31.19
N VAL K 132 49.26 -63.78 32.07
CA VAL K 132 50.67 -63.57 31.71
C VAL K 132 51.39 -64.91 31.88
N LEU K 133 52.14 -65.31 30.87
CA LEU K 133 52.86 -66.57 30.90
C LEU K 133 54.34 -66.33 30.59
N GLY K 134 55.17 -67.24 31.08
CA GLY K 134 56.62 -67.04 30.98
C GLY K 134 57.14 -67.10 29.55
N LYS K 135 56.65 -68.06 28.75
CA LYS K 135 57.17 -68.22 27.39
C LYS K 135 56.07 -68.90 26.56
N VAL K 136 55.42 -68.12 25.70
CA VAL K 136 54.39 -68.63 24.80
C VAL K 136 54.57 -68.00 23.43
N VAL K 137 53.95 -68.61 22.43
CA VAL K 137 54.00 -68.14 21.05
C VAL K 137 52.59 -67.97 20.48
N GLY K 138 51.59 -67.80 21.37
CA GLY K 138 50.22 -67.71 20.93
C GLY K 138 49.94 -66.45 20.13
N ASN K 139 48.87 -66.50 19.36
CA ASN K 139 48.44 -65.40 18.51
C ASN K 139 47.20 -64.69 19.04
N HIS K 140 46.76 -65.00 20.25
CA HIS K 140 45.51 -64.45 20.76
C HIS K 140 45.77 -63.13 21.48
N GLU K 141 44.69 -62.35 21.62
CA GLU K 141 44.80 -61.06 22.29
C GLU K 141 44.91 -61.21 23.80
N GLY K 142 44.29 -62.23 24.37
CA GLY K 142 44.26 -62.41 25.81
C GLY K 142 45.50 -63.01 26.42
N ILE K 143 46.50 -63.34 25.61
CA ILE K 143 47.74 -63.95 26.09
C ILE K 143 48.87 -62.94 25.92
N ILE K 144 49.68 -62.77 26.97
CA ILE K 144 50.80 -61.83 26.97
C ILE K 144 52.09 -62.63 27.03
N ASN K 145 52.98 -62.37 26.08
CA ASN K 145 54.27 -63.06 25.98
C ASN K 145 55.36 -62.11 26.49
N PHE K 146 55.75 -62.30 27.75
CA PHE K 146 56.85 -61.55 28.34
C PHE K 146 58.08 -62.46 28.41
N THR K 147 59.22 -61.95 27.93
CA THR K 147 60.42 -62.78 27.85
C THR K 147 61.63 -61.87 28.04
N THR K 148 62.18 -61.86 29.25
CA THR K 148 63.43 -61.17 29.56
C THR K 148 64.26 -62.08 30.45
N GLU K 149 65.45 -62.44 29.98
CA GLU K 149 66.28 -63.42 30.65
C GLU K 149 67.17 -62.79 31.71
N ASP K 150 67.51 -63.60 32.72
CA ASP K 150 68.48 -63.23 33.76
C ASP K 150 68.09 -61.92 34.44
N VAL K 151 66.83 -61.84 34.87
CA VAL K 151 66.40 -60.70 35.68
C VAL K 151 67.01 -60.82 37.07
N LEU K 152 67.66 -59.74 37.51
CA LEU K 152 68.36 -59.73 38.79
C LEU K 152 67.74 -58.66 39.68
N VAL K 153 66.88 -59.08 40.60
CA VAL K 153 66.21 -58.18 41.54
C VAL K 153 66.44 -58.70 42.96
N GLY K 154 66.80 -57.79 43.87
CA GLY K 154 67.08 -58.17 45.23
C GLY K 154 68.23 -59.14 45.33
N GLU K 155 69.32 -58.82 44.62
CA GLU K 155 70.53 -59.66 44.50
C GLU K 155 70.17 -61.13 44.34
N LYS K 156 69.16 -61.42 43.51
CA LYS K 156 68.68 -62.78 43.32
C LYS K 156 68.58 -63.07 41.83
N LYS K 157 68.84 -64.32 41.47
CA LYS K 157 68.78 -64.78 40.08
C LYS K 157 67.34 -65.20 39.77
N TYR K 158 66.62 -64.37 39.03
CA TYR K 158 65.23 -64.63 38.67
C TYR K 158 65.15 -65.08 37.21
N SER K 159 64.51 -66.21 36.98
CA SER K 159 64.34 -66.71 35.63
C SER K 159 63.18 -65.99 34.93
N VAL K 160 63.05 -66.24 33.63
CA VAL K 160 62.05 -65.54 32.83
C VAL K 160 60.64 -65.86 33.30
N ASP K 161 60.41 -67.12 33.71
CA ASP K 161 59.06 -67.53 34.07
C ASP K 161 58.64 -66.96 35.43
N GLU K 162 59.61 -66.76 36.34
CA GLU K 162 59.25 -66.36 37.69
C GLU K 162 58.82 -64.90 37.76
N PHE K 163 59.52 -64.02 37.05
CA PHE K 163 59.28 -62.58 37.16
C PHE K 163 57.94 -62.17 36.56
N THR K 164 57.28 -63.06 35.82
CA THR K 164 55.99 -62.74 35.22
C THR K 164 54.94 -62.41 36.26
N SER K 165 55.10 -62.88 37.50
CA SER K 165 54.18 -62.49 38.57
C SER K 165 54.24 -60.98 38.80
N ARG K 166 55.45 -60.44 38.90
CA ARG K 166 55.60 -59.00 39.05
C ARG K 166 55.10 -58.25 37.82
N VAL K 167 55.30 -58.82 36.63
CA VAL K 167 54.80 -58.20 35.41
C VAL K 167 53.27 -58.09 35.46
N ALA K 168 52.61 -59.18 35.83
CA ALA K 168 51.15 -59.18 35.91
C ALA K 168 50.66 -58.22 36.99
N GLY K 169 51.32 -58.20 38.13
CA GLY K 169 50.94 -57.25 39.17
C GLY K 169 51.08 -55.81 38.73
N LEU K 170 52.18 -55.51 38.01
CA LEU K 170 52.39 -54.16 37.51
C LEU K 170 51.34 -53.78 36.47
N ILE K 171 50.99 -54.72 35.59
CA ILE K 171 49.98 -54.44 34.57
C ILE K 171 48.62 -54.19 35.23
N ALA K 172 48.25 -55.01 36.21
CA ALA K 172 46.94 -54.86 36.83
C ALA K 172 46.89 -53.64 37.74
N GLY K 173 48.02 -53.23 38.31
CA GLY K 173 48.01 -52.10 39.23
C GLY K 173 47.68 -50.78 38.55
N THR K 174 48.17 -50.59 37.34
CA THR K 174 47.99 -49.31 36.66
C THR K 174 46.52 -49.11 36.26
N PRO K 175 46.05 -47.88 36.23
CA PRO K 175 44.66 -47.62 35.81
C PRO K 175 44.50 -47.77 34.31
N LEU K 176 43.23 -47.74 33.89
CA LEU K 176 42.92 -47.90 32.47
C LEU K 176 43.45 -46.72 31.64
N SER K 177 43.35 -45.50 32.19
CA SER K 177 43.72 -44.32 31.40
C SER K 177 45.19 -44.33 31.02
N GLN K 178 46.07 -44.70 31.95
CA GLN K 178 47.49 -44.70 31.69
C GLN K 178 47.90 -45.97 30.93
N SER K 179 49.18 -46.04 30.57
CA SER K 179 49.72 -47.18 29.84
C SER K 179 51.02 -47.63 30.51
N VAL K 180 51.45 -48.85 30.16
CA VAL K 180 52.65 -49.43 30.75
C VAL K 180 53.93 -49.03 30.05
N THR K 181 53.84 -48.38 28.89
CA THR K 181 55.04 -48.04 28.13
C THR K 181 55.89 -47.03 28.90
N TYR K 182 57.20 -47.30 28.94
CA TYR K 182 58.16 -46.49 29.70
C TYR K 182 57.71 -46.29 31.14
N THR K 183 57.58 -47.41 31.85
CA THR K 183 57.34 -47.42 33.28
C THR K 183 58.58 -47.99 33.97
N LYS K 184 59.13 -47.24 34.90
CA LYS K 184 60.41 -47.58 35.51
C LYS K 184 60.21 -48.50 36.71
N LEU K 185 61.09 -49.51 36.80
CA LEU K 185 61.10 -50.45 37.92
C LEU K 185 62.39 -50.24 38.68
N SER K 186 62.29 -49.58 39.84
CA SER K 186 63.48 -49.33 40.66
C SER K 186 64.10 -50.62 41.17
N ASP K 187 63.28 -51.65 41.38
CA ASP K 187 63.78 -52.90 41.94
C ASP K 187 64.75 -53.60 41.00
N VAL K 188 64.44 -53.60 39.70
CA VAL K 188 65.33 -54.23 38.73
C VAL K 188 66.61 -53.42 38.62
N VAL K 189 67.76 -54.10 38.72
CA VAL K 189 69.03 -53.40 38.80
C VAL K 189 69.95 -53.81 37.65
N ASP K 190 69.76 -55.02 37.12
CA ASP K 190 70.64 -55.52 36.07
C ASP K 190 69.86 -56.31 35.04
N ILE K 191 70.24 -56.15 33.78
CA ILE K 191 69.67 -56.90 32.66
C ILE K 191 70.84 -57.26 31.75
N PRO K 192 70.84 -58.45 31.13
CA PRO K 192 71.84 -58.74 30.11
C PRO K 192 71.77 -57.71 28.99
N LYS K 193 72.94 -57.29 28.51
CA LYS K 193 72.98 -56.29 27.45
C LYS K 193 72.45 -56.87 26.16
N MET K 194 71.61 -56.08 25.48
CA MET K 194 71.01 -56.50 24.22
C MET K 194 71.04 -55.33 23.25
N THR K 195 71.37 -55.61 21.99
CA THR K 195 71.44 -54.55 21.01
C THR K 195 70.04 -54.01 20.69
N LYS K 196 70.00 -52.76 20.25
CA LYS K 196 68.72 -52.09 20.04
C LYS K 196 67.95 -52.66 18.86
N VAL K 197 68.64 -52.97 17.76
CA VAL K 197 67.96 -53.40 16.55
C VAL K 197 67.32 -54.77 16.74
N ASP K 198 68.04 -55.70 17.38
CA ASP K 198 67.47 -57.03 17.58
C ASP K 198 66.40 -57.01 18.68
N ALA K 199 66.54 -56.13 19.68
CA ALA K 199 65.46 -55.96 20.64
C ALA K 199 64.20 -55.42 19.97
N GLU K 200 64.38 -54.50 19.01
CA GLU K 200 63.26 -54.02 18.22
C GLU K 200 62.64 -55.14 17.40
N SER K 201 63.47 -56.00 16.81
CA SER K 201 62.94 -57.15 16.09
C SER K 201 62.14 -58.05 17.01
N ARG K 202 62.65 -58.27 18.24
CA ARG K 202 61.93 -59.07 19.22
C ARG K 202 60.57 -58.47 19.54
N VAL K 203 60.53 -57.14 19.74
CA VAL K 203 59.25 -56.47 19.96
C VAL K 203 58.33 -56.67 18.77
N ASN K 204 58.89 -56.61 17.56
CA ASN K 204 58.11 -56.83 16.35
C ASN K 204 57.54 -58.24 16.27
N LYS K 205 58.15 -59.20 16.96
CA LYS K 205 57.67 -60.58 16.99
C LYS K 205 56.40 -60.75 17.81
N GLY K 206 55.79 -59.67 18.29
CA GLY K 206 54.72 -59.77 19.26
C GLY K 206 55.19 -60.01 20.67
N GLU K 207 56.50 -60.01 20.90
CA GLU K 207 57.08 -60.36 22.18
C GLU K 207 57.26 -59.12 23.04
N LEU K 208 57.02 -59.27 24.34
CA LEU K 208 57.24 -58.21 25.31
C LEU K 208 58.58 -58.43 25.99
N ILE K 209 59.42 -57.39 25.98
CA ILE K 209 60.76 -57.48 26.56
C ILE K 209 60.98 -56.25 27.44
N LEU K 210 61.93 -56.38 28.36
CA LEU K 210 62.35 -55.27 29.21
C LEU K 210 63.65 -54.71 28.67
N ILE K 211 63.68 -53.39 28.46
CA ILE K 211 64.82 -52.73 27.84
C ILE K 211 65.24 -51.56 28.71
N LYS K 212 66.49 -51.13 28.54
CA LYS K 212 67.05 -50.03 29.30
C LYS K 212 67.34 -48.85 28.39
N GLU K 213 67.05 -47.65 28.88
CA GLU K 213 67.33 -46.42 28.18
C GLU K 213 67.20 -45.25 29.15
N ALA K 214 67.99 -44.21 28.91
CA ALA K 214 68.04 -43.01 29.78
C ALA K 214 68.43 -43.48 31.19
N GLY K 215 67.82 -42.91 32.24
CA GLY K 215 68.32 -43.11 33.59
C GLY K 215 67.82 -44.35 34.29
N ALA K 216 66.75 -44.97 33.81
CA ALA K 216 66.12 -46.07 34.53
C ALA K 216 65.80 -47.22 33.57
N ILE K 217 65.30 -48.31 34.15
CA ILE K 217 64.88 -49.48 33.40
C ILE K 217 63.37 -49.37 33.18
N ARG K 218 62.93 -49.39 31.93
CA ARG K 218 61.53 -49.14 31.63
C ARG K 218 61.00 -50.13 30.61
N ILE K 219 59.71 -50.45 30.75
CA ILE K 219 59.03 -51.36 29.84
C ILE K 219 58.93 -50.72 28.46
N ALA K 220 58.98 -51.54 27.42
CA ALA K 220 58.96 -51.05 26.04
C ALA K 220 57.69 -51.54 25.36
N ARG K 221 56.68 -50.67 25.28
CA ARG K 221 55.45 -50.89 24.51
C ARG K 221 54.81 -52.24 24.81
N GLY K 222 54.20 -52.31 25.99
CA GLY K 222 53.43 -53.48 26.35
C GLY K 222 52.39 -53.80 25.29
N VAL K 223 52.55 -54.92 24.62
CA VAL K 223 51.68 -55.36 23.55
C VAL K 223 51.33 -56.82 23.77
N ASN K 224 50.25 -57.26 23.13
CA ASN K 224 49.79 -58.63 23.27
C ASN K 224 50.68 -59.55 22.45
N SER K 225 50.33 -60.84 22.45
CA SER K 225 51.08 -61.83 21.70
C SER K 225 50.66 -61.91 20.24
N LEU K 226 49.70 -61.09 19.83
CA LEU K 226 49.21 -61.11 18.46
C LEU K 226 50.33 -60.78 17.48
N THR K 227 50.44 -61.58 16.43
CA THR K 227 51.47 -61.38 15.41
C THR K 227 50.90 -61.22 14.01
N GLU K 228 49.90 -62.02 13.63
CA GLU K 228 49.30 -61.95 12.31
C GLU K 228 48.01 -61.15 12.38
N LEU K 229 47.83 -60.23 11.44
CA LEU K 229 46.68 -59.33 11.44
C LEU K 229 45.71 -59.77 10.34
N THR K 230 44.51 -60.17 10.75
CA THR K 230 43.46 -60.50 9.80
C THR K 230 42.69 -59.24 9.41
N ALA K 231 41.88 -59.37 8.36
CA ALA K 231 41.11 -58.23 7.89
C ALA K 231 40.10 -57.76 8.93
N GLU K 232 39.41 -58.71 9.57
CA GLU K 232 38.36 -58.34 10.51
C GLU K 232 38.92 -57.69 11.77
N LYS K 233 39.99 -58.24 12.32
CA LYS K 233 40.57 -57.71 13.54
C LYS K 233 41.51 -56.55 13.23
N GLY K 234 41.66 -55.66 14.21
CA GLY K 234 42.39 -54.43 14.00
C GLY K 234 43.85 -54.51 14.37
N GLU K 235 44.64 -53.63 13.76
CA GLU K 235 46.03 -53.45 14.19
C GLU K 235 46.07 -52.98 15.64
N MET K 236 45.12 -52.13 16.02
CA MET K 236 45.05 -51.65 17.39
C MET K 236 44.69 -52.75 18.39
N PHE K 237 44.26 -53.92 17.92
CA PHE K 237 43.95 -55.02 18.83
C PHE K 237 45.18 -55.47 19.59
N GLN K 238 46.33 -55.55 18.92
CA GLN K 238 47.54 -56.03 19.58
C GLN K 238 48.11 -55.05 20.59
N LYS K 239 47.41 -53.94 20.88
CA LYS K 239 47.75 -53.10 22.02
C LYS K 239 46.99 -53.58 23.25
N ILE K 240 47.59 -53.36 24.43
CA ILE K 240 47.00 -53.90 25.66
C ILE K 240 45.84 -53.04 26.13
N LYS K 241 46.06 -51.72 26.26
CA LYS K 241 45.05 -50.84 26.86
C LYS K 241 43.72 -50.93 26.10
N ILE K 242 43.79 -51.05 24.78
CA ILE K 242 42.58 -51.14 23.97
C ILE K 242 41.83 -52.42 24.29
N VAL K 243 42.54 -53.54 24.38
CA VAL K 243 41.88 -54.81 24.74
C VAL K 243 41.25 -54.70 26.12
N ASP K 244 41.96 -54.08 27.05
CA ASP K 244 41.45 -53.98 28.42
C ASP K 244 40.15 -53.18 28.45
N THR K 245 40.13 -52.02 27.78
CA THR K 245 38.91 -51.22 27.81
C THR K 245 37.78 -51.89 27.04
N LEU K 246 38.10 -52.60 25.94
CA LEU K 246 37.06 -53.34 25.23
C LEU K 246 36.46 -54.43 26.12
N ASP K 247 37.30 -55.13 26.88
CA ASP K 247 36.79 -56.15 27.79
C ASP K 247 35.91 -55.53 28.86
N ILE K 248 36.30 -54.38 29.39
CA ILE K 248 35.49 -53.71 30.40
C ILE K 248 34.12 -53.35 29.82
N ILE K 249 34.11 -52.78 28.61
CA ILE K 249 32.85 -52.40 27.97
C ILE K 249 31.97 -53.62 27.75
N HIS K 250 32.58 -54.70 27.24
CA HIS K 250 31.83 -55.93 26.99
C HIS K 250 31.19 -56.46 28.25
N SER K 251 31.97 -56.56 29.34
CA SER K 251 31.45 -57.10 30.57
C SER K 251 30.33 -56.24 31.13
N ASP K 252 30.51 -54.91 31.09
CA ASP K 252 29.50 -54.03 31.66
C ASP K 252 28.19 -54.12 30.87
N ILE K 253 28.27 -54.08 29.54
CA ILE K 253 27.05 -54.13 28.74
C ILE K 253 26.36 -55.48 28.93
N ARG K 254 27.14 -56.57 28.95
CA ARG K 254 26.53 -57.89 29.14
C ARG K 254 25.81 -57.98 30.48
N LYS K 255 26.45 -57.48 31.56
CA LYS K 255 25.81 -57.53 32.86
C LYS K 255 24.54 -56.71 32.89
N VAL K 256 24.57 -55.49 32.33
CA VAL K 256 23.39 -54.64 32.34
C VAL K 256 22.26 -55.31 31.56
N ILE K 257 22.56 -55.83 30.38
CA ILE K 257 21.53 -56.46 29.55
C ILE K 257 20.91 -57.64 30.27
N ILE K 258 21.75 -58.53 30.80
CA ILE K 258 21.24 -59.72 31.47
C ILE K 258 20.40 -59.35 32.67
N ASP K 259 20.85 -58.37 33.46
CA ASP K 259 20.12 -58.04 34.68
C ASP K 259 18.80 -57.35 34.39
N ASP K 260 18.74 -56.51 33.36
CA ASP K 260 17.57 -55.67 33.15
C ASP K 260 16.69 -56.09 31.99
N TYR K 261 17.23 -56.20 30.78
CA TYR K 261 16.40 -56.17 29.58
C TYR K 261 16.05 -57.54 29.01
N ILE K 262 16.46 -58.64 29.67
CA ILE K 262 16.21 -59.97 29.15
C ILE K 262 14.98 -60.54 29.86
N GLY K 263 13.92 -60.80 29.08
CA GLY K 263 12.75 -61.48 29.58
C GLY K 263 11.77 -60.63 30.35
N LYS K 264 12.06 -59.35 30.55
CA LYS K 264 11.20 -58.50 31.37
C LYS K 264 10.31 -57.57 30.58
N VAL K 265 10.66 -57.26 29.34
CA VAL K 265 9.88 -56.34 28.51
C VAL K 265 9.68 -56.93 27.12
N THR K 266 8.62 -56.50 26.45
CA THR K 266 8.29 -57.00 25.13
C THR K 266 9.26 -56.45 24.09
N ASN K 267 9.27 -57.08 22.92
CA ASN K 267 10.10 -56.66 21.79
C ASN K 267 9.25 -55.82 20.86
N SER K 268 9.46 -54.50 20.89
CA SER K 268 8.77 -53.58 20.01
C SER K 268 9.74 -52.47 19.62
N TYR K 269 9.30 -51.62 18.69
CA TYR K 269 10.16 -50.54 18.23
C TYR K 269 10.49 -49.58 19.36
N ASP K 270 9.50 -49.26 20.20
CA ASP K 270 9.73 -48.36 21.33
C ASP K 270 10.70 -48.97 22.33
N ASN K 271 10.56 -50.26 22.62
CA ASN K 271 11.50 -50.91 23.55
C ASN K 271 12.91 -50.94 22.96
N LYS K 272 13.02 -51.16 21.65
CA LYS K 272 14.33 -51.08 21.01
C LYS K 272 14.92 -49.70 21.16
N CYS K 273 14.11 -48.66 20.96
CA CYS K 273 14.60 -47.29 21.13
C CYS K 273 15.06 -47.04 22.56
N LEU K 274 14.30 -47.53 23.54
CA LEU K 274 14.69 -47.36 24.94
C LEU K 274 16.01 -48.06 25.24
N LEU K 275 16.18 -49.28 24.71
CA LEU K 275 17.44 -50.00 24.92
C LEU K 275 18.60 -49.25 24.28
N ILE K 276 18.38 -48.70 23.08
CA ILE K 276 19.42 -47.91 22.42
C ILE K 276 19.78 -46.69 23.27
N VAL K 277 18.77 -46.02 23.83
CA VAL K 277 19.02 -44.85 24.66
C VAL K 277 19.82 -45.24 25.90
N ALA K 278 19.49 -46.37 26.52
CA ALA K 278 20.23 -46.81 27.69
C ALA K 278 21.68 -47.11 27.36
N ILE K 279 21.92 -47.79 26.24
CA ILE K 279 23.30 -48.09 25.83
C ILE K 279 24.06 -46.80 25.55
N LYS K 280 23.40 -45.85 24.88
CA LYS K 280 24.04 -44.57 24.60
C LYS K 280 24.37 -43.82 25.89
N SER K 281 23.47 -43.89 26.88
CA SER K 281 23.74 -43.27 28.17
C SER K 281 24.95 -43.91 28.85
N TYR K 282 25.05 -45.23 28.77
CA TYR K 282 26.23 -45.88 29.33
C TYR K 282 27.51 -45.44 28.63
N LEU K 283 27.47 -45.33 27.31
CA LEU K 283 28.65 -44.86 26.58
C LEU K 283 28.99 -43.43 26.97
N GLU K 284 27.99 -42.58 27.14
CA GLU K 284 28.23 -41.21 27.60
C GLU K 284 28.87 -41.20 28.98
N GLU K 285 28.40 -42.09 29.87
CA GLU K 285 29.03 -42.21 31.19
C GLU K 285 30.49 -42.60 31.06
N LEU K 286 30.79 -43.56 30.18
CA LEU K 286 32.18 -43.97 29.98
C LEU K 286 33.01 -42.86 29.38
N GLU K 287 32.38 -41.94 28.63
CA GLU K 287 33.13 -40.89 27.95
C GLU K 287 33.88 -40.01 28.94
N LYS K 288 33.24 -39.64 30.05
CA LYS K 288 33.85 -38.69 30.98
C LYS K 288 35.14 -39.21 31.58
N SER K 289 35.35 -40.53 31.59
CA SER K 289 36.62 -41.10 32.03
C SER K 289 37.71 -40.98 30.98
N ALA K 290 37.45 -40.26 29.89
CA ALA K 290 38.42 -40.02 28.81
C ALA K 290 38.89 -41.31 28.15
N LEU K 291 38.15 -42.41 28.33
CA LEU K 291 38.53 -43.66 27.69
C LEU K 291 38.21 -43.63 26.20
N ILE K 292 37.01 -43.17 25.84
CA ILE K 292 36.57 -43.13 24.45
C ILE K 292 35.92 -41.78 24.18
N GLU K 293 35.64 -41.52 22.91
CA GLU K 293 35.04 -40.28 22.46
C GLU K 293 33.52 -40.37 22.51
N SER K 294 32.87 -39.21 22.66
CA SER K 294 31.42 -39.12 22.78
C SER K 294 30.70 -39.13 21.43
N ASP K 295 31.43 -39.16 20.32
CA ASP K 295 30.80 -39.20 19.00
C ASP K 295 30.11 -40.52 18.72
N SER K 296 30.30 -41.53 19.57
CA SER K 296 29.76 -42.85 19.32
C SER K 296 28.23 -42.82 19.21
N THR K 297 27.70 -43.59 18.27
CA THR K 297 26.27 -43.67 18.03
C THR K 297 25.83 -45.12 18.00
N VAL K 298 24.60 -45.36 18.43
CA VAL K 298 24.00 -46.68 18.43
C VAL K 298 22.69 -46.61 17.65
N GLU K 299 22.49 -47.56 16.73
CA GLU K 299 21.32 -47.55 15.87
C GLU K 299 20.96 -48.97 15.47
N ILE K 300 19.73 -49.12 14.99
CA ILE K 300 19.25 -50.42 14.52
C ILE K 300 20.07 -50.83 13.29
N ASP K 301 20.52 -52.08 13.30
CA ASP K 301 21.24 -52.63 12.15
C ASP K 301 20.23 -53.04 11.09
N PHE K 302 20.14 -52.24 10.02
CA PHE K 302 19.11 -52.48 9.01
C PHE K 302 19.40 -53.74 8.21
N GLU K 303 20.68 -54.01 7.94
CA GLU K 303 21.04 -55.18 7.14
C GLU K 303 20.63 -56.47 7.82
N ALA K 304 20.88 -56.57 9.13
CA ALA K 304 20.50 -57.78 9.86
C ALA K 304 19.00 -57.97 9.86
N GLN K 305 18.23 -56.90 10.03
CA GLN K 305 16.78 -57.00 10.00
C GLN K 305 16.30 -57.44 8.61
N LYS K 306 16.90 -56.90 7.56
CA LYS K 306 16.54 -57.33 6.21
C LYS K 306 16.84 -58.80 6.00
N SER K 307 17.99 -59.26 6.51
CA SER K 307 18.33 -60.68 6.40
C SER K 307 17.34 -61.55 7.15
N TYR K 308 16.92 -61.11 8.35
CA TYR K 308 15.94 -61.87 9.12
C TYR K 308 14.61 -61.97 8.38
N LEU K 309 14.14 -60.85 7.83
CA LEU K 309 12.87 -60.86 7.11
C LEU K 309 12.95 -61.72 5.85
N LYS K 310 14.05 -61.65 5.12
CA LYS K 310 14.15 -62.49 3.92
C LYS K 310 14.29 -63.96 4.30
N SER K 311 14.90 -64.27 5.45
CA SER K 311 14.90 -65.64 5.94
C SER K 311 13.49 -66.10 6.25
N LYS K 312 12.67 -65.22 6.83
CA LYS K 312 11.26 -65.55 7.03
C LYS K 312 10.55 -65.78 5.70
N GLY K 313 10.92 -65.03 4.68
CA GLY K 313 10.36 -65.21 3.35
C GLY K 313 9.28 -64.24 2.95
N VAL K 314 8.99 -63.23 3.76
CA VAL K 314 7.97 -62.25 3.39
C VAL K 314 8.50 -61.34 2.28
N ASP K 315 7.58 -60.71 1.57
CA ASP K 315 7.90 -59.81 0.47
C ASP K 315 7.89 -58.39 1.00
N LEU K 316 9.07 -57.76 1.03
CA LEU K 316 9.25 -56.43 1.59
C LEU K 316 9.22 -55.33 0.55
N SER K 317 8.86 -55.66 -0.70
CA SER K 317 8.83 -54.65 -1.76
C SER K 317 7.80 -53.57 -1.48
N TYR K 318 6.61 -53.96 -1.01
CA TYR K 318 5.53 -52.99 -0.82
C TYR K 318 5.85 -52.03 0.32
N MET K 319 6.36 -52.53 1.44
CA MET K 319 6.58 -51.68 2.60
C MET K 319 7.68 -50.67 2.33
N THR K 320 7.51 -49.47 2.88
CA THR K 320 8.50 -48.42 2.74
C THR K 320 9.76 -48.78 3.53
N LEU K 321 10.89 -48.19 3.11
CA LEU K 321 12.17 -48.49 3.74
C LEU K 321 12.14 -48.17 5.23
N GLN K 322 11.52 -47.05 5.60
CA GLN K 322 11.37 -46.73 7.02
C GLN K 322 10.52 -47.77 7.74
N GLU K 323 9.49 -48.28 7.06
CA GLU K 323 8.62 -49.27 7.70
C GLU K 323 9.36 -50.56 8.00
N ILE K 324 10.32 -50.95 7.15
CA ILE K 324 11.05 -52.19 7.37
C ILE K 324 11.77 -52.17 8.70
N LYS K 325 12.33 -51.02 9.08
CA LYS K 325 13.02 -50.92 10.36
C LYS K 325 12.06 -51.14 11.52
N GLU K 326 10.83 -50.64 11.39
CA GLU K 326 9.82 -50.80 12.44
C GLU K 326 9.13 -52.15 12.41
N ALA K 327 9.43 -52.99 11.43
CA ALA K 327 8.75 -54.28 11.31
C ALA K 327 9.11 -55.19 12.49
N ASN K 328 8.19 -56.10 12.81
CA ASN K 328 8.40 -57.03 13.91
C ASN K 328 9.55 -57.98 13.60
N THR K 329 10.36 -58.26 14.61
CA THR K 329 11.54 -59.11 14.46
C THR K 329 11.51 -60.32 15.37
N GLY K 330 10.36 -60.65 15.96
CA GLY K 330 10.28 -61.81 16.82
C GLY K 330 11.13 -61.66 18.07
N SER K 331 11.77 -62.76 18.47
CA SER K 331 12.60 -62.74 19.67
C SER K 331 13.89 -61.97 19.44
N LYS K 332 14.45 -62.04 18.24
CA LYS K 332 15.76 -61.48 17.97
C LYS K 332 15.73 -59.95 18.03
N VAL K 333 16.86 -59.38 18.44
CA VAL K 333 17.09 -57.93 18.40
C VAL K 333 18.48 -57.70 17.83
N PHE K 334 18.58 -56.78 16.87
CA PHE K 334 19.84 -56.48 16.21
C PHE K 334 20.16 -55.00 16.38
N LEU K 335 21.41 -54.72 16.75
CA LEU K 335 21.88 -53.36 16.96
C LEU K 335 23.22 -53.18 16.28
N LYS K 336 23.54 -51.91 15.99
CA LYS K 336 24.81 -51.55 15.35
C LYS K 336 25.34 -50.30 16.02
N ALA K 337 26.65 -50.28 16.31
CA ALA K 337 27.26 -49.14 16.96
C ALA K 337 28.67 -48.95 16.43
N LYS K 338 29.16 -47.71 16.56
CA LYS K 338 30.52 -47.37 16.18
C LYS K 338 31.12 -46.49 17.27
N ILE K 339 32.37 -46.79 17.66
CA ILE K 339 33.07 -46.05 18.69
C ILE K 339 34.51 -45.83 18.24
N LYS K 340 35.23 -45.00 19.00
CA LYS K 340 36.64 -44.79 18.79
C LYS K 340 37.35 -44.88 20.13
N VAL K 341 38.44 -45.64 20.17
CA VAL K 341 39.15 -45.92 21.42
C VAL K 341 40.39 -45.06 21.49
N LEU K 342 40.54 -44.31 22.58
CA LEU K 342 41.68 -43.44 22.77
C LEU K 342 42.90 -44.23 23.24
N ASP K 343 44.05 -43.55 23.25
CA ASP K 343 45.30 -44.16 23.69
C ASP K 343 46.20 -43.06 24.23
N ALA K 344 47.24 -43.47 24.94
CA ALA K 344 48.22 -42.52 25.45
C ALA K 344 49.25 -42.17 24.39
N MET K 345 49.79 -40.96 24.46
CA MET K 345 50.79 -40.53 23.49
C MET K 345 52.07 -41.31 23.68
N GLU K 346 52.58 -41.88 22.59
CA GLU K 346 53.76 -42.74 22.65
C GLU K 346 54.82 -42.30 21.65
N ASP K 347 54.40 -41.68 20.54
CA ASP K 347 55.31 -41.22 19.51
C ASP K 347 55.05 -39.75 19.24
N ILE K 348 56.10 -38.93 19.31
CA ILE K 348 55.99 -37.49 19.17
C ILE K 348 57.01 -37.03 18.12
N ASP K 349 56.55 -36.23 17.16
CA ASP K 349 57.41 -35.62 16.16
C ASP K 349 57.32 -34.11 16.28
N LEU K 350 58.46 -33.45 16.43
CA LEU K 350 58.53 -32.01 16.61
C LEU K 350 59.57 -31.43 15.67
N SER K 351 59.19 -30.41 14.92
CA SER K 351 60.08 -29.74 13.97
C SER K 351 60.06 -28.25 14.25
N ILE K 352 61.24 -27.64 14.31
CA ILE K 352 61.37 -26.21 14.55
C ILE K 352 62.09 -25.57 13.38
N GLU K 353 61.68 -24.35 13.05
CA GLU K 353 62.27 -23.58 11.96
C GLU K 353 63.15 -22.48 12.54
N ILE K 354 64.43 -22.50 12.20
CA ILE K 354 65.37 -21.53 12.72
C ILE K 354 65.17 -20.18 12.02
N ALA L 2 -48.94 -48.96 36.67
CA ALA L 2 -49.55 -47.76 36.11
C ALA L 2 -49.32 -46.57 37.02
N ILE L 3 -50.38 -45.83 37.30
CA ILE L 3 -50.28 -44.64 38.14
C ILE L 3 -50.06 -45.06 39.59
N GLY L 4 -49.04 -44.49 40.22
CA GLY L 4 -48.76 -44.73 41.62
C GLY L 4 -48.60 -43.42 42.37
N LEU L 5 -48.28 -43.55 43.65
CA LEU L 5 -48.07 -42.36 44.47
C LEU L 5 -46.83 -41.61 43.98
N PRO L 6 -46.85 -40.28 43.99
CA PRO L 6 -45.65 -39.52 43.64
C PRO L 6 -44.53 -39.83 44.61
N SER L 7 -43.31 -39.89 44.08
CA SER L 7 -42.17 -40.31 44.89
C SER L 7 -40.90 -39.64 44.38
N ILE L 8 -40.01 -39.33 45.32
CA ILE L 8 -38.70 -38.75 45.03
C ILE L 8 -37.66 -39.65 45.66
N ASN L 9 -36.70 -40.11 44.86
CA ASN L 9 -35.66 -41.02 45.32
C ASN L 9 -34.29 -40.46 45.02
N ILE L 10 -33.38 -40.61 45.98
CA ILE L 10 -32.00 -40.16 45.86
C ILE L 10 -31.10 -41.37 46.02
N SER L 11 -30.12 -41.52 45.13
CA SER L 11 -29.24 -42.67 45.10
C SER L 11 -27.80 -42.22 45.26
N PHE L 12 -27.05 -42.95 46.08
CA PHE L 12 -25.61 -42.77 46.24
C PHE L 12 -24.92 -44.10 45.95
N LYS L 13 -23.90 -44.05 45.10
CA LYS L 13 -23.16 -45.25 44.75
C LYS L 13 -21.69 -44.91 44.53
N GLU L 14 -20.83 -45.91 44.70
CA GLU L 14 -19.41 -45.72 44.50
C GLU L 14 -19.10 -45.48 43.02
N LEU L 15 -17.95 -44.87 42.78
CA LEU L 15 -17.47 -44.72 41.42
C LEU L 15 -17.26 -46.10 40.79
N ALA L 16 -17.63 -46.22 39.51
CA ALA L 16 -17.47 -47.48 38.82
C ALA L 16 -16.00 -47.82 38.64
N THR L 17 -15.67 -49.11 38.75
CA THR L 17 -14.31 -49.55 38.54
C THR L 17 -13.87 -49.36 37.08
N THR L 18 -14.84 -49.43 36.15
CA THR L 18 -14.59 -49.21 34.73
C THR L 18 -13.56 -50.18 34.15
N VAL L 19 -13.54 -51.41 34.66
CA VAL L 19 -12.74 -52.49 34.09
C VAL L 19 -13.66 -53.63 33.70
N LYS L 20 -13.57 -54.06 32.44
CA LYS L 20 -14.49 -55.07 31.92
C LYS L 20 -14.25 -56.41 32.61
N GLU L 21 -12.99 -56.80 32.71
CA GLU L 21 -12.44 -57.99 33.38
C GLU L 21 -12.71 -59.29 32.63
N ARG L 22 -13.76 -59.31 31.79
CA ARG L 22 -14.03 -60.37 30.80
C ARG L 22 -13.70 -61.74 31.42
N SER L 23 -12.97 -62.60 30.71
CA SER L 23 -12.58 -63.89 31.27
C SER L 23 -11.44 -63.72 32.29
N ALA L 24 -11.39 -64.65 33.24
CA ALA L 24 -10.33 -64.62 34.26
C ALA L 24 -8.97 -64.86 33.63
N ARG L 25 -7.98 -64.10 34.09
CA ARG L 25 -6.62 -64.21 33.57
C ARG L 25 -5.76 -65.18 34.38
N GLY L 26 -5.74 -65.05 35.70
CA GLY L 26 -4.89 -65.88 36.52
C GLY L 26 -5.65 -66.73 37.52
N ILE L 27 -5.60 -68.04 37.34
CA ILE L 27 -6.29 -68.98 38.23
C ILE L 27 -5.61 -70.34 38.08
N ILE L 28 -5.42 -71.01 39.21
CA ILE L 28 -4.67 -72.26 39.25
C ILE L 28 -5.57 -73.37 39.78
N ALA L 29 -5.41 -74.57 39.23
CA ALA L 29 -6.09 -75.76 39.71
C ALA L 29 -5.06 -76.83 40.02
N MET L 30 -5.24 -77.52 41.14
CA MET L 30 -4.32 -78.58 41.56
C MET L 30 -5.12 -79.69 42.22
N VAL L 31 -4.80 -80.93 41.88
CA VAL L 31 -5.42 -82.10 42.48
C VAL L 31 -4.34 -82.92 43.18
N LEU L 32 -4.67 -83.42 44.37
CA LEU L 32 -3.77 -84.19 45.21
C LEU L 32 -4.61 -85.20 45.98
N LYS L 33 -4.02 -86.37 46.26
CA LYS L 33 -4.79 -87.46 46.84
C LYS L 33 -4.41 -87.67 48.31
N ASP L 34 -5.40 -87.55 49.19
CA ASP L 34 -5.25 -87.82 50.62
C ASP L 34 -6.63 -88.06 51.21
N ALA L 35 -6.64 -88.60 52.42
CA ALA L 35 -7.89 -89.05 53.04
C ALA L 35 -8.78 -87.89 53.47
N LYS L 36 -8.20 -86.83 54.01
CA LYS L 36 -8.97 -85.81 54.70
C LYS L 36 -9.43 -84.69 53.78
N ALA L 37 -10.33 -83.85 54.29
CA ALA L 37 -10.76 -82.62 53.63
C ALA L 37 -11.37 -82.89 52.25
N LEU L 38 -12.19 -83.93 52.16
CA LEU L 38 -12.68 -84.40 50.88
C LEU L 38 -13.49 -83.30 50.17
N GLY L 39 -13.24 -83.15 48.87
CA GLY L 39 -13.90 -82.14 48.06
C GLY L 39 -13.02 -80.94 47.79
N LEU L 40 -13.59 -79.99 47.05
CA LEU L 40 -12.88 -78.76 46.72
C LEU L 40 -12.66 -77.92 47.96
N ASN L 41 -11.43 -77.40 48.10
CA ASN L 41 -11.09 -76.42 49.12
C ASN L 41 -10.28 -75.33 48.44
N GLU L 42 -10.96 -74.31 47.95
CA GLU L 42 -10.28 -73.18 47.34
C GLU L 42 -9.55 -72.37 48.40
N ILE L 43 -8.29 -72.03 48.13
CA ILE L 43 -7.43 -71.36 49.09
C ILE L 43 -7.29 -69.91 48.65
N HIS L 44 -7.83 -69.00 49.46
CA HIS L 44 -7.76 -67.58 49.13
C HIS L 44 -6.37 -67.01 49.38
N GLU L 45 -5.70 -67.45 50.43
CA GLU L 45 -4.40 -66.91 50.79
C GLU L 45 -3.65 -67.95 51.62
N LYS L 46 -2.41 -67.61 51.99
CA LYS L 46 -1.54 -68.58 52.65
C LYS L 46 -1.96 -68.85 54.10
N GLU L 47 -2.50 -67.84 54.78
CA GLU L 47 -2.71 -67.96 56.23
C GLU L 47 -3.72 -69.06 56.56
N ASP L 48 -4.77 -69.21 55.76
CA ASP L 48 -5.82 -70.17 56.02
C ASP L 48 -5.57 -71.44 55.22
N ILE L 49 -5.04 -72.47 55.88
CA ILE L 49 -4.87 -73.79 55.29
C ILE L 49 -5.57 -74.79 56.20
N PRO L 50 -6.47 -75.63 55.69
CA PRO L 50 -7.13 -76.62 56.55
C PRO L 50 -6.12 -77.56 57.17
N VAL L 51 -6.26 -77.77 58.48
CA VAL L 51 -5.28 -78.55 59.24
C VAL L 51 -5.37 -80.04 58.91
N ASP L 52 -6.52 -80.50 58.41
CA ASP L 52 -6.68 -81.92 58.11
C ASP L 52 -5.78 -82.40 56.99
N LEU L 53 -5.23 -81.47 56.19
CA LEU L 53 -4.29 -81.85 55.15
C LEU L 53 -3.01 -82.41 55.77
N SER L 54 -2.40 -83.35 55.07
CA SER L 54 -1.18 -83.99 55.55
C SER L 54 0.02 -83.06 55.39
N ALA L 55 1.13 -83.43 56.02
CA ALA L 55 2.33 -82.61 55.98
C ALA L 55 2.89 -82.51 54.57
N GLU L 56 2.97 -83.64 53.86
CA GLU L 56 3.47 -83.62 52.49
C GLU L 56 2.57 -82.78 51.59
N ASN L 57 1.25 -82.91 51.77
CA ASN L 57 0.33 -82.06 51.02
C ASN L 57 0.51 -80.59 51.40
N LYS L 58 0.83 -80.30 52.66
CA LYS L 58 1.10 -78.93 53.06
C LYS L 58 2.33 -78.39 52.35
N GLU L 59 3.39 -79.20 52.22
CA GLU L 59 4.58 -78.78 51.49
C GLU L 59 4.26 -78.56 50.02
N TYR L 60 3.40 -79.40 49.46
CA TYR L 60 2.98 -79.21 48.07
C TYR L 60 2.21 -77.89 47.90
N ILE L 61 1.33 -77.58 48.85
CA ILE L 61 0.66 -76.28 48.86
C ILE L 61 1.69 -75.16 48.90
N ASN L 62 2.67 -75.29 49.78
CA ASN L 62 3.70 -74.25 49.92
C ASN L 62 4.46 -74.05 48.61
N LEU L 63 4.81 -75.15 47.94
CA LEU L 63 5.46 -75.06 46.64
C LEU L 63 4.57 -74.33 45.64
N ALA L 64 3.27 -74.64 45.64
CA ALA L 64 2.36 -74.00 44.72
C ALA L 64 2.02 -72.56 45.09
N LEU L 65 2.40 -72.11 46.28
CA LEU L 65 1.94 -70.80 46.76
C LEU L 65 2.65 -69.65 46.03
N MET L 66 3.96 -69.53 46.21
CA MET L 66 4.65 -68.33 45.75
C MET L 66 4.67 -68.24 44.23
N GLY L 67 4.45 -67.03 43.72
CA GLY L 67 4.48 -66.76 42.30
C GLY L 67 5.76 -66.03 41.90
N ASN L 68 6.04 -66.04 40.60
CA ASN L 68 7.29 -65.48 40.10
C ASN L 68 7.37 -63.98 40.38
N VAL L 69 6.36 -63.23 39.97
CA VAL L 69 6.34 -61.79 40.11
C VAL L 69 5.24 -61.31 41.05
N ASN L 70 4.06 -61.90 40.94
CA ASN L 70 2.93 -61.56 41.79
C ASN L 70 2.33 -62.82 42.36
N THR L 71 1.68 -62.68 43.52
CA THR L 71 0.97 -63.80 44.10
C THR L 71 -0.18 -64.21 43.18
N PRO L 72 -0.49 -65.50 43.11
CA PRO L 72 -1.57 -65.94 42.23
C PRO L 72 -2.90 -65.29 42.59
N ASN L 73 -3.67 -64.93 41.56
CA ASN L 73 -4.94 -64.26 41.77
C ASN L 73 -5.94 -65.19 42.45
N LYS L 74 -6.08 -66.40 41.93
CA LYS L 74 -7.04 -67.36 42.46
C LYS L 74 -6.40 -68.74 42.48
N LEU L 75 -6.62 -69.48 43.55
CA LEU L 75 -6.14 -70.85 43.67
C LEU L 75 -7.31 -71.75 43.98
N LEU L 76 -7.52 -72.75 43.12
CA LEU L 76 -8.55 -73.76 43.31
C LEU L 76 -7.87 -75.09 43.56
N VAL L 77 -8.16 -75.72 44.69
CA VAL L 77 -7.57 -76.99 45.06
C VAL L 77 -8.68 -78.02 45.19
N TYR L 78 -8.53 -79.14 44.50
CA TYR L 78 -9.45 -80.25 44.62
C TYR L 78 -8.80 -81.35 45.43
N VAL L 79 -9.50 -81.81 46.46
CA VAL L 79 -9.02 -82.89 47.30
C VAL L 79 -9.66 -84.19 46.83
N ILE L 80 -8.83 -85.15 46.40
CA ILE L 80 -9.29 -86.46 45.96
C ILE L 80 -8.75 -87.49 46.95
N GLU L 81 -9.50 -88.57 47.13
CA GLU L 81 -9.09 -89.58 48.10
C GLU L 81 -7.81 -90.26 47.62
N GLY L 82 -7.08 -90.82 48.60
CA GLY L 82 -5.80 -91.43 48.29
C GLY L 82 -5.92 -92.56 47.29
N GLU L 83 -6.93 -93.40 47.44
CA GLU L 83 -7.18 -94.51 46.53
C GLU L 83 -8.17 -94.15 45.44
N ALA L 84 -8.67 -92.91 45.44
CA ALA L 84 -9.79 -92.54 44.60
C ALA L 84 -9.44 -92.60 43.12
N ASP L 85 -10.46 -92.83 42.31
CA ASP L 85 -10.27 -93.02 40.88
C ASP L 85 -9.72 -91.76 40.22
N ILE L 86 -8.93 -91.97 39.17
CA ILE L 86 -8.34 -90.86 38.44
C ILE L 86 -9.41 -89.98 37.82
N GLN L 87 -10.51 -90.59 37.35
CA GLN L 87 -11.43 -89.88 36.45
C GLN L 87 -12.25 -88.82 37.17
N THR L 88 -12.74 -89.11 38.37
CA THR L 88 -13.82 -88.30 38.96
C THR L 88 -13.40 -86.85 39.21
N ALA L 89 -12.17 -86.65 39.69
CA ALA L 89 -11.69 -85.31 39.98
C ALA L 89 -11.75 -84.44 38.73
N LEU L 90 -11.27 -84.99 37.62
CA LEU L 90 -11.25 -84.26 36.36
C LEU L 90 -12.64 -83.84 35.93
N ASP L 91 -13.57 -84.80 35.93
CA ASP L 91 -14.95 -84.52 35.56
C ASP L 91 -15.55 -83.43 36.44
N PHE L 92 -15.28 -83.48 37.75
CA PHE L 92 -15.79 -82.44 38.63
C PHE L 92 -15.19 -81.09 38.28
N LEU L 93 -13.88 -81.05 38.00
CA LEU L 93 -13.23 -79.80 37.66
C LEU L 93 -13.77 -79.21 36.35
N GLU L 94 -14.22 -80.07 35.43
CA GLU L 94 -14.78 -79.60 34.18
C GLU L 94 -15.84 -78.52 34.37
N THR L 95 -16.68 -78.65 35.40
CA THR L 95 -17.70 -77.63 35.67
C THR L 95 -17.07 -76.28 35.94
N LYS L 96 -16.04 -76.24 36.78
CA LYS L 96 -15.35 -75.00 37.09
C LYS L 96 -14.47 -74.57 35.92
N GLU L 97 -14.16 -73.27 35.88
CA GLU L 97 -13.22 -72.74 34.92
C GLU L 97 -11.87 -72.52 35.60
N PHE L 98 -10.80 -72.85 34.88
CA PHE L 98 -9.45 -72.69 35.40
C PHE L 98 -8.49 -72.49 34.24
N ASN L 99 -7.29 -72.03 34.56
CA ASN L 99 -6.28 -71.75 33.55
C ASN L 99 -5.16 -72.79 33.51
N TYR L 100 -4.61 -73.15 34.67
CA TYR L 100 -3.48 -74.08 34.75
C TYR L 100 -3.83 -75.24 35.68
N LEU L 101 -3.33 -76.42 35.34
CA LEU L 101 -3.53 -77.62 36.16
C LEU L 101 -2.19 -78.27 36.42
N CYS L 102 -1.93 -78.60 37.68
CA CYS L 102 -0.75 -79.34 38.08
C CYS L 102 -1.14 -80.44 39.05
N MET L 103 -0.62 -81.64 38.84
CA MET L 103 -0.91 -82.78 39.72
C MET L 103 0.42 -83.21 40.34
N PRO L 104 0.69 -82.83 41.59
CA PRO L 104 2.06 -82.97 42.13
C PRO L 104 2.58 -84.40 42.19
N LYS L 105 1.74 -85.40 42.38
CA LYS L 105 2.21 -86.78 42.29
C LYS L 105 2.77 -87.07 40.91
N ALA L 106 2.09 -86.60 39.86
CA ALA L 106 2.50 -86.81 38.47
C ALA L 106 2.77 -88.29 38.21
N VAL L 107 1.88 -89.15 38.72
CA VAL L 107 2.02 -90.58 38.50
C VAL L 107 1.87 -90.88 37.00
N GLU L 108 2.63 -91.88 36.54
CA GLU L 108 2.63 -92.21 35.12
C GLU L 108 1.25 -92.66 34.65
N ALA L 109 0.42 -93.17 35.54
CA ALA L 109 -0.94 -93.53 35.17
C ALA L 109 -1.75 -92.30 34.78
N ASP L 110 -1.60 -91.19 35.52
CA ASP L 110 -2.41 -90.00 35.31
C ASP L 110 -2.03 -89.23 34.06
N LYS L 111 -0.80 -89.39 33.57
CA LYS L 111 -0.32 -88.55 32.48
C LYS L 111 -1.12 -88.76 31.20
N THR L 112 -1.42 -90.02 30.88
CA THR L 112 -2.13 -90.29 29.63
C THR L 112 -3.54 -89.72 29.65
N ALA L 113 -4.28 -89.96 30.74
CA ALA L 113 -5.64 -89.45 30.84
C ALA L 113 -5.66 -87.93 30.87
N ILE L 114 -4.72 -87.30 31.59
CA ILE L 114 -4.69 -85.85 31.64
C ILE L 114 -4.41 -85.28 30.25
N LYS L 115 -3.44 -85.86 29.54
CA LYS L 115 -3.13 -85.40 28.19
C LYS L 115 -4.34 -85.54 27.27
N ASN L 116 -4.99 -86.71 27.30
CA ASN L 116 -6.13 -86.94 26.42
C ASN L 116 -7.28 -86.00 26.73
N TRP L 117 -7.54 -85.77 28.02
CA TRP L 117 -8.63 -84.88 28.41
C TRP L 117 -8.33 -83.44 27.99
N ILE L 118 -7.08 -83.00 28.16
CA ILE L 118 -6.69 -81.67 27.73
C ILE L 118 -6.89 -81.52 26.23
N ILE L 119 -6.46 -82.52 25.46
CA ILE L 119 -6.65 -82.49 24.01
C ILE L 119 -8.13 -82.43 23.68
N LYS L 120 -8.95 -83.22 24.38
CA LYS L 120 -10.38 -83.29 24.08
C LYS L 120 -11.05 -81.94 24.31
N LEU L 121 -10.74 -81.27 25.42
CA LEU L 121 -11.31 -79.93 25.60
C LEU L 121 -10.78 -78.95 24.57
N ARG L 122 -9.46 -78.97 24.33
CA ARG L 122 -8.85 -77.94 23.51
C ARG L 122 -9.27 -78.05 22.05
N ASP L 123 -9.63 -79.26 21.60
CA ASP L 123 -10.04 -79.46 20.22
C ASP L 123 -11.55 -79.59 20.08
N ILE L 124 -12.16 -80.55 20.80
CA ILE L 124 -13.57 -80.86 20.57
C ILE L 124 -14.46 -79.77 21.16
N ASP L 125 -14.23 -79.40 22.43
CA ASP L 125 -15.10 -78.47 23.12
C ASP L 125 -14.66 -77.02 23.01
N LYS L 126 -13.54 -76.76 22.32
CA LYS L 126 -13.02 -75.41 22.12
C LYS L 126 -12.81 -74.69 23.46
N VAL L 127 -12.28 -75.42 24.44
CA VAL L 127 -11.94 -74.87 25.75
C VAL L 127 -10.43 -74.86 25.89
N LYS L 128 -9.87 -73.68 26.08
CA LYS L 128 -8.42 -73.51 26.14
C LYS L 128 -7.95 -73.68 27.59
N VAL L 129 -7.27 -74.80 27.86
CA VAL L 129 -6.73 -75.10 29.17
C VAL L 129 -5.32 -75.65 29.02
N LYS L 130 -4.55 -75.59 30.11
CA LYS L 130 -3.16 -76.02 30.10
C LYS L 130 -2.88 -76.88 31.32
N ALA L 131 -2.08 -77.92 31.13
CA ALA L 131 -1.68 -78.82 32.20
C ALA L 131 -0.18 -79.05 32.12
N VAL L 132 0.47 -79.12 33.28
CA VAL L 132 1.92 -79.27 33.38
C VAL L 132 2.21 -80.62 34.02
N LEU L 133 2.99 -81.45 33.32
CA LEU L 133 3.35 -82.77 33.80
C LEU L 133 4.83 -83.02 33.52
N GLY L 134 5.40 -83.95 34.28
CA GLY L 134 6.83 -84.18 34.25
C GLY L 134 7.38 -84.81 32.98
N LYS L 135 7.06 -86.08 32.74
CA LYS L 135 7.70 -86.86 31.69
C LYS L 135 6.78 -87.11 30.50
N VAL L 136 5.73 -86.30 30.33
CA VAL L 136 4.87 -86.46 29.16
C VAL L 136 5.63 -86.08 27.91
N VAL L 137 5.45 -86.88 26.85
CA VAL L 137 6.12 -86.64 25.58
C VAL L 137 5.19 -85.98 24.57
N GLY L 138 3.88 -86.00 24.79
CA GLY L 138 2.94 -85.39 23.88
C GLY L 138 3.22 -83.91 23.66
N ASN L 139 3.45 -83.54 22.41
CA ASN L 139 3.90 -82.20 22.07
C ASN L 139 2.76 -81.30 21.61
N HIS L 140 1.55 -81.52 22.11
CA HIS L 140 0.46 -80.60 21.83
C HIS L 140 0.72 -79.27 22.52
N GLU L 141 0.24 -78.19 21.88
CA GLU L 141 0.48 -76.85 22.41
C GLU L 141 -0.13 -76.67 23.80
N GLY L 142 -1.23 -77.38 24.08
CA GLY L 142 -1.83 -77.28 25.41
C GLY L 142 -0.97 -77.90 26.49
N ILE L 143 -0.26 -78.97 26.17
CA ILE L 143 0.54 -79.70 27.17
C ILE L 143 1.85 -78.96 27.39
N ILE L 144 2.15 -78.66 28.65
CA ILE L 144 3.46 -78.15 29.06
C ILE L 144 4.18 -79.26 29.80
N ASN L 145 5.41 -79.53 29.40
CA ASN L 145 6.19 -80.63 29.96
C ASN L 145 7.51 -80.09 30.50
N PHE L 146 7.87 -80.54 31.71
CA PHE L 146 9.01 -80.02 32.44
C PHE L 146 9.78 -81.17 33.09
N THR L 147 11.11 -81.07 33.07
CA THR L 147 11.96 -82.13 33.60
C THR L 147 13.18 -81.52 34.28
N THR L 148 13.38 -81.86 35.56
CA THR L 148 14.60 -81.51 36.28
C THR L 148 14.74 -82.46 37.46
N GLU L 149 15.84 -83.19 37.52
CA GLU L 149 16.00 -84.27 38.48
C GLU L 149 16.39 -83.75 39.87
N ASP L 150 16.04 -84.53 40.89
CA ASP L 150 16.52 -84.46 42.27
C ASP L 150 16.83 -83.05 42.77
N VAL L 151 15.91 -82.13 42.56
CA VAL L 151 16.11 -80.75 43.00
C VAL L 151 16.01 -80.70 44.53
N LEU L 152 17.01 -80.09 45.16
CA LEU L 152 17.06 -79.95 46.61
C LEU L 152 16.77 -78.49 46.96
N VAL L 153 15.64 -78.26 47.62
CA VAL L 153 15.21 -76.93 48.01
C VAL L 153 15.00 -76.92 49.51
N GLY L 154 15.55 -75.92 50.19
CA GLY L 154 15.36 -75.79 51.62
C GLY L 154 15.91 -76.96 52.41
N GLU L 155 17.18 -77.28 52.18
CA GLU L 155 17.91 -78.36 52.86
C GLU L 155 17.12 -79.66 52.90
N LYS L 156 16.28 -79.89 51.88
CA LYS L 156 15.56 -81.14 51.74
C LYS L 156 15.42 -81.45 50.26
N LYS L 157 15.34 -82.74 49.95
CA LYS L 157 15.30 -83.19 48.57
C LYS L 157 13.87 -83.24 48.06
N TYR L 158 13.63 -82.69 46.89
CA TYR L 158 12.33 -82.74 46.22
C TYR L 158 12.46 -83.54 44.93
N SER L 159 11.43 -84.32 44.64
CA SER L 159 11.40 -85.05 43.38
C SER L 159 10.96 -84.14 42.24
N VAL L 160 11.10 -84.64 41.02
CA VAL L 160 10.68 -83.89 39.84
C VAL L 160 9.18 -83.61 39.90
N ASP L 161 8.40 -84.63 40.27
CA ASP L 161 6.95 -84.55 40.18
C ASP L 161 6.40 -83.49 41.13
N GLU L 162 6.86 -83.47 42.38
CA GLU L 162 6.39 -82.45 43.32
C GLU L 162 6.92 -81.07 42.96
N PHE L 163 8.08 -81.01 42.31
CA PHE L 163 8.61 -79.72 41.87
C PHE L 163 7.86 -79.17 40.67
N THR L 164 7.09 -80.03 40.01
CA THR L 164 6.26 -79.61 38.89
C THR L 164 5.25 -78.60 39.40
N SER L 165 4.78 -78.80 40.63
CA SER L 165 3.82 -77.88 41.24
C SER L 165 4.43 -76.49 41.41
N ARG L 166 5.67 -76.42 41.90
CA ARG L 166 6.34 -75.13 42.03
C ARG L 166 6.53 -74.49 40.67
N VAL L 167 6.88 -75.30 39.66
CA VAL L 167 7.05 -74.77 38.31
C VAL L 167 5.75 -74.19 37.79
N ALA L 168 4.63 -74.90 38.01
CA ALA L 168 3.33 -74.41 37.55
C ALA L 168 2.95 -73.12 38.27
N GLY L 169 3.20 -73.04 39.58
CA GLY L 169 2.96 -71.80 40.28
C GLY L 169 3.81 -70.66 39.76
N LEU L 170 5.07 -70.94 39.46
CA LEU L 170 5.97 -69.94 38.88
C LEU L 170 5.42 -69.42 37.57
N ILE L 171 4.95 -70.33 36.72
CA ILE L 171 4.38 -69.92 35.43
C ILE L 171 3.13 -69.07 35.65
N ALA L 172 2.27 -69.50 36.58
CA ALA L 172 1.00 -68.81 36.78
C ALA L 172 1.17 -67.42 37.36
N GLY L 173 2.19 -67.22 38.21
CA GLY L 173 2.38 -65.92 38.83
C GLY L 173 2.72 -64.82 37.84
N THR L 174 3.43 -65.16 36.78
CA THR L 174 3.95 -64.15 35.86
C THR L 174 2.81 -63.45 35.11
N PRO L 175 2.86 -62.13 34.98
CA PRO L 175 1.86 -61.43 34.18
C PRO L 175 2.01 -61.72 32.69
N LEU L 176 0.94 -61.43 31.95
CA LEU L 176 0.92 -61.71 30.52
C LEU L 176 1.89 -60.83 29.75
N SER L 177 2.16 -59.62 30.24
CA SER L 177 2.99 -58.68 29.49
C SER L 177 4.40 -59.23 29.29
N GLN L 178 4.99 -59.80 30.34
CA GLN L 178 6.32 -60.39 30.25
C GLN L 178 6.21 -61.90 30.24
N SER L 179 7.37 -62.58 30.15
CA SER L 179 7.41 -64.02 30.03
C SER L 179 8.29 -64.60 31.14
N VAL L 180 8.07 -65.89 31.40
CA VAL L 180 8.79 -66.61 32.45
C VAL L 180 10.20 -66.95 31.96
N THR L 181 10.49 -66.64 30.70
CA THR L 181 11.76 -67.02 30.11
C THR L 181 12.92 -66.34 30.83
N TYR L 182 13.84 -67.15 31.34
CA TYR L 182 15.09 -66.68 31.92
C TYR L 182 14.84 -65.74 33.10
N THR L 183 14.22 -66.29 34.14
CA THR L 183 13.92 -65.56 35.37
C THR L 183 14.58 -66.27 36.55
N LYS L 184 14.94 -65.48 37.56
CA LYS L 184 15.64 -66.00 38.73
C LYS L 184 14.68 -66.31 39.86
N LEU L 185 14.82 -67.51 40.43
CA LEU L 185 14.07 -67.92 41.61
C LEU L 185 15.08 -68.24 42.72
N SER L 186 14.87 -67.63 43.88
CA SER L 186 15.84 -67.72 44.97
C SER L 186 15.62 -68.89 45.90
N ASP L 187 14.44 -69.50 45.88
CA ASP L 187 14.14 -70.58 46.81
C ASP L 187 15.03 -71.80 46.56
N VAL L 188 15.32 -72.10 45.29
CA VAL L 188 16.08 -73.30 44.95
C VAL L 188 17.55 -72.99 45.23
N VAL L 189 18.06 -73.52 46.35
CA VAL L 189 19.43 -73.24 46.75
C VAL L 189 20.43 -74.00 45.88
N ASP L 190 20.11 -75.25 45.52
CA ASP L 190 21.08 -76.11 44.85
C ASP L 190 20.37 -76.90 43.76
N ILE L 191 21.10 -77.21 42.70
CA ILE L 191 20.60 -77.99 41.58
C ILE L 191 21.65 -79.01 41.16
N PRO L 192 21.22 -80.11 40.53
CA PRO L 192 22.20 -81.05 39.98
C PRO L 192 23.05 -80.40 38.90
N LYS L 193 24.32 -80.78 38.86
CA LYS L 193 25.24 -80.23 37.89
C LYS L 193 24.96 -80.80 36.51
N MET L 194 24.95 -79.92 35.50
CA MET L 194 24.73 -80.33 34.12
C MET L 194 25.26 -79.25 33.20
N THR L 195 25.94 -79.68 32.14
CA THR L 195 26.65 -78.75 31.26
C THR L 195 25.68 -77.99 30.35
N LYS L 196 26.23 -76.97 29.69
CA LYS L 196 25.43 -76.16 28.78
C LYS L 196 25.00 -76.95 27.54
N VAL L 197 25.89 -77.80 27.02
CA VAL L 197 25.56 -78.57 25.82
C VAL L 197 24.39 -79.51 26.08
N ASP L 198 24.36 -80.13 27.27
CA ASP L 198 23.24 -80.98 27.61
C ASP L 198 21.93 -80.19 27.66
N ALA L 199 21.98 -78.99 28.25
CA ALA L 199 20.80 -78.15 28.31
C ALA L 199 20.32 -77.77 26.92
N GLU L 200 21.24 -77.42 26.02
CA GLU L 200 20.86 -77.09 24.65
C GLU L 200 20.23 -78.29 23.96
N SER L 201 20.84 -79.47 24.12
CA SER L 201 20.30 -80.66 23.47
C SER L 201 18.91 -81.00 23.98
N ARG L 202 18.67 -80.79 25.28
CA ARG L 202 17.34 -81.06 25.82
C ARG L 202 16.33 -80.02 25.36
N VAL L 203 16.70 -78.74 25.39
CA VAL L 203 15.75 -77.68 25.05
C VAL L 203 15.38 -77.74 23.57
N ASN L 204 16.36 -78.05 22.70
CA ASN L 204 16.09 -78.04 21.27
C ASN L 204 15.02 -79.06 20.88
N LYS L 205 14.88 -80.14 21.65
CA LYS L 205 13.89 -81.17 21.35
C LYS L 205 12.91 -81.38 22.49
N GLY L 206 13.38 -81.52 23.72
CA GLY L 206 12.58 -81.97 24.84
C GLY L 206 12.01 -80.84 25.67
N GLU L 207 11.88 -81.12 26.96
CA GLU L 207 11.18 -80.25 27.90
C GLU L 207 12.06 -79.07 28.32
N LEU L 208 11.41 -78.05 28.89
CA LEU L 208 12.14 -76.95 29.48
C LEU L 208 12.77 -77.40 30.80
N ILE L 209 14.00 -76.94 31.03
CA ILE L 209 14.81 -77.41 32.14
C ILE L 209 15.46 -76.21 32.83
N LEU L 210 15.99 -76.47 34.03
CA LEU L 210 16.67 -75.45 34.80
C LEU L 210 18.17 -75.48 34.52
N ILE L 211 18.77 -74.29 34.43
CA ILE L 211 20.21 -74.15 34.22
C ILE L 211 20.73 -73.08 35.17
N LYS L 212 22.04 -73.13 35.39
CA LYS L 212 22.73 -72.14 36.23
C LYS L 212 23.74 -71.39 35.39
N GLU L 213 23.66 -70.06 35.45
CA GLU L 213 24.60 -69.20 34.74
C GLU L 213 24.67 -67.85 35.44
N ALA L 214 25.84 -67.24 35.38
CA ALA L 214 26.10 -65.90 35.95
C ALA L 214 25.77 -65.95 37.45
N GLY L 215 25.10 -64.93 37.98
CA GLY L 215 24.95 -64.82 39.43
C GLY L 215 24.09 -65.91 40.04
N ALA L 216 22.95 -66.21 39.43
CA ALA L 216 21.94 -67.04 40.06
C ALA L 216 21.43 -68.11 39.11
N ILE L 217 20.79 -69.13 39.70
CA ILE L 217 20.16 -70.18 38.91
C ILE L 217 18.85 -69.66 38.35
N ARG L 218 18.66 -69.82 37.03
CA ARG L 218 17.55 -69.17 36.34
C ARG L 218 16.95 -70.12 35.32
N ILE L 219 15.75 -69.77 34.85
CA ILE L 219 15.09 -70.53 33.80
C ILE L 219 15.91 -70.42 32.52
N ALA L 220 15.80 -71.44 31.67
CA ALA L 220 16.56 -71.50 30.42
C ALA L 220 15.59 -71.66 29.26
N ARG L 221 15.28 -70.55 28.59
CA ARG L 221 14.47 -70.55 27.37
C ARG L 221 13.15 -71.27 27.61
N GLY L 222 12.43 -70.84 28.65
CA GLY L 222 11.19 -71.50 29.02
C GLY L 222 10.17 -71.49 27.91
N VAL L 223 9.96 -72.65 27.28
CA VAL L 223 9.05 -72.79 26.15
C VAL L 223 8.34 -74.13 26.25
N ASN L 224 7.10 -74.15 25.79
CA ASN L 224 6.40 -75.42 25.61
C ASN L 224 7.08 -76.23 24.52
N SER L 225 7.04 -77.55 24.67
CA SER L 225 7.68 -78.47 23.73
C SER L 225 6.65 -78.92 22.70
N LEU L 226 6.75 -78.37 21.49
CA LEU L 226 5.94 -78.78 20.34
C LEU L 226 6.93 -79.02 19.20
N THR L 227 7.49 -80.23 19.15
CA THR L 227 8.58 -80.50 18.21
C THR L 227 8.08 -80.71 16.79
N GLU L 228 6.89 -81.28 16.61
CA GLU L 228 6.35 -81.41 15.27
C GLU L 228 5.96 -80.04 14.71
N LEU L 229 6.03 -79.91 13.39
CA LEU L 229 5.78 -78.64 12.74
C LEU L 229 4.71 -78.82 11.67
N THR L 230 3.72 -77.94 11.68
CA THR L 230 2.67 -77.91 10.67
C THR L 230 2.58 -76.51 10.10
N ALA L 231 2.10 -76.43 8.85
CA ALA L 231 2.04 -75.14 8.17
C ALA L 231 1.08 -74.18 8.89
N GLU L 232 -0.03 -74.70 9.40
CA GLU L 232 -1.02 -73.83 10.04
C GLU L 232 -0.54 -73.34 11.40
N LYS L 233 0.03 -74.24 12.21
CA LYS L 233 0.45 -73.85 13.55
C LYS L 233 1.69 -72.97 13.52
N GLY L 234 2.68 -73.35 12.72
CA GLY L 234 3.90 -72.57 12.59
C GLY L 234 4.81 -72.72 13.80
N GLU L 235 5.91 -71.98 13.76
CA GLU L 235 6.89 -72.02 14.85
C GLU L 235 6.42 -71.24 16.07
N MET L 236 5.70 -70.14 15.86
CA MET L 236 5.32 -69.27 16.98
C MET L 236 4.46 -69.99 18.00
N PHE L 237 3.78 -71.07 17.62
CA PHE L 237 2.94 -71.79 18.57
C PHE L 237 3.76 -72.52 19.62
N GLN L 238 5.06 -72.69 19.40
CA GLN L 238 5.90 -73.43 20.34
C GLN L 238 6.20 -72.62 21.60
N LYS L 239 6.26 -71.29 21.49
CA LYS L 239 6.53 -70.45 22.65
C LYS L 239 5.33 -70.42 23.58
N ILE L 240 5.59 -70.45 24.88
CA ILE L 240 4.52 -70.57 25.86
C ILE L 240 3.72 -69.27 25.95
N LYS L 241 4.40 -68.13 25.92
CA LYS L 241 3.69 -66.86 26.07
C LYS L 241 2.72 -66.61 24.93
N ILE L 242 3.12 -66.92 23.70
CA ILE L 242 2.27 -66.69 22.55
C ILE L 242 0.99 -67.51 22.64
N VAL L 243 1.15 -68.81 22.95
CA VAL L 243 -0.03 -69.67 23.02
C VAL L 243 -0.91 -69.30 24.20
N ASP L 244 -0.28 -68.81 25.27
CA ASP L 244 -1.02 -68.37 26.45
C ASP L 244 -1.91 -67.20 26.08
N THR L 245 -1.33 -66.22 25.38
CA THR L 245 -2.06 -65.04 24.95
C THR L 245 -3.18 -65.42 23.97
N LEU L 246 -2.88 -66.34 23.05
CA LEU L 246 -3.90 -66.79 22.10
C LEU L 246 -5.07 -67.45 22.82
N ASP L 247 -4.77 -68.28 23.82
CA ASP L 247 -5.82 -68.95 24.57
C ASP L 247 -6.67 -67.94 25.34
N ILE L 248 -6.03 -66.94 25.94
CA ILE L 248 -6.78 -65.89 26.64
C ILE L 248 -7.70 -65.16 25.66
N ILE L 249 -7.18 -64.82 24.48
CA ILE L 249 -7.98 -64.13 23.48
C ILE L 249 -9.16 -64.99 23.06
N HIS L 250 -8.92 -66.29 22.83
CA HIS L 250 -9.98 -67.17 22.36
C HIS L 250 -11.08 -67.30 23.41
N SER L 251 -10.71 -67.54 24.67
CA SER L 251 -11.72 -67.68 25.70
C SER L 251 -12.51 -66.39 25.89
N ASP L 252 -11.81 -65.25 25.88
CA ASP L 252 -12.49 -63.97 26.04
C ASP L 252 -13.45 -63.68 24.89
N ILE L 253 -13.01 -63.94 23.66
CA ILE L 253 -13.90 -63.68 22.53
C ILE L 253 -15.05 -64.67 22.53
N ARG L 254 -14.83 -65.89 23.03
CA ARG L 254 -15.93 -66.84 23.15
C ARG L 254 -16.98 -66.33 24.14
N LYS L 255 -16.53 -65.78 25.27
CA LYS L 255 -17.46 -65.19 26.23
C LYS L 255 -18.22 -64.02 25.61
N VAL L 256 -17.51 -63.14 24.90
CA VAL L 256 -18.15 -61.98 24.29
C VAL L 256 -19.18 -62.42 23.26
N ILE L 257 -18.84 -63.42 22.44
CA ILE L 257 -19.77 -63.93 21.44
C ILE L 257 -21.00 -64.52 22.11
N ILE L 258 -20.80 -65.41 23.09
CA ILE L 258 -21.92 -66.10 23.70
C ILE L 258 -22.80 -65.15 24.50
N ASP L 259 -22.27 -63.99 24.88
CA ASP L 259 -23.10 -63.03 25.60
C ASP L 259 -24.22 -62.48 24.74
N ASP L 260 -23.90 -62.01 23.54
CA ASP L 260 -24.90 -61.24 22.81
C ASP L 260 -25.20 -61.75 21.40
N TYR L 261 -24.19 -62.19 20.66
CA TYR L 261 -24.33 -62.41 19.22
C TYR L 261 -24.69 -63.85 18.86
N ILE L 262 -25.46 -64.54 19.69
CA ILE L 262 -25.95 -65.87 19.36
C ILE L 262 -27.45 -65.93 19.60
N GLY L 263 -28.20 -66.35 18.59
CA GLY L 263 -29.63 -66.54 18.72
C GLY L 263 -30.44 -65.26 18.80
N LYS L 264 -29.79 -64.16 19.18
CA LYS L 264 -30.52 -62.92 19.40
C LYS L 264 -30.96 -62.25 18.11
N VAL L 265 -30.10 -62.22 17.10
CA VAL L 265 -30.37 -61.50 15.86
C VAL L 265 -30.13 -62.42 14.67
N THR L 266 -30.83 -62.12 13.57
CA THR L 266 -30.66 -62.86 12.34
C THR L 266 -29.29 -62.60 11.73
N ASN L 267 -28.77 -63.58 11.00
CA ASN L 267 -27.47 -63.46 10.37
C ASN L 267 -27.65 -62.96 8.94
N SER L 268 -27.06 -61.81 8.66
CA SER L 268 -26.96 -61.26 7.32
C SER L 268 -25.56 -60.72 7.13
N TYR L 269 -25.24 -60.33 5.90
CA TYR L 269 -23.91 -59.81 5.63
C TYR L 269 -23.65 -58.54 6.44
N ASP L 270 -24.69 -57.71 6.61
CA ASP L 270 -24.56 -56.52 7.44
C ASP L 270 -24.31 -56.89 8.91
N ASN L 271 -25.02 -57.90 9.41
CA ASN L 271 -24.80 -58.35 10.78
C ASN L 271 -23.39 -58.90 10.95
N LYS L 272 -22.90 -59.63 9.93
CA LYS L 272 -21.53 -60.10 9.97
C LYS L 272 -20.55 -58.94 10.01
N CYS L 273 -20.82 -57.89 9.24
CA CYS L 273 -19.95 -56.72 9.27
C CYS L 273 -19.95 -56.07 10.64
N LEU L 274 -21.12 -55.97 11.28
CA LEU L 274 -21.18 -55.40 12.62
C LEU L 274 -20.40 -56.26 13.61
N LEU L 275 -20.51 -57.58 13.49
CA LEU L 275 -19.74 -58.47 14.35
C LEU L 275 -18.24 -58.27 14.16
N ILE L 276 -17.81 -58.15 12.90
CA ILE L 276 -16.40 -57.90 12.61
C ILE L 276 -15.95 -56.58 13.22
N VAL L 277 -16.80 -55.56 13.16
CA VAL L 277 -16.46 -54.27 13.74
C VAL L 277 -16.28 -54.39 15.26
N ALA L 278 -17.19 -55.13 15.92
CA ALA L 278 -17.08 -55.31 17.35
C ALA L 278 -15.79 -56.04 17.71
N ILE L 279 -15.46 -57.10 16.98
CA ILE L 279 -14.24 -57.85 17.25
C ILE L 279 -13.01 -56.96 16.99
N LYS L 280 -13.09 -56.12 15.96
CA LYS L 280 -11.99 -55.20 15.65
C LYS L 280 -11.78 -54.22 16.79
N SER L 281 -12.86 -53.68 17.35
CA SER L 281 -12.74 -52.77 18.48
C SER L 281 -12.13 -53.48 19.68
N TYR L 282 -12.55 -54.72 19.93
CA TYR L 282 -11.96 -55.49 21.03
C TYR L 282 -10.46 -55.70 20.81
N LEU L 283 -10.06 -56.03 19.59
CA LEU L 283 -8.65 -56.23 19.30
C LEU L 283 -7.86 -54.94 19.46
N GLU L 284 -8.45 -53.81 19.07
CA GLU L 284 -7.81 -52.53 19.28
C GLU L 284 -7.60 -52.24 20.77
N GLU L 285 -8.61 -52.56 21.59
CA GLU L 285 -8.46 -52.38 23.03
C GLU L 285 -7.36 -53.29 23.58
N LEU L 286 -7.27 -54.52 23.09
CA LEU L 286 -6.17 -55.39 23.50
C LEU L 286 -4.82 -54.80 23.08
N GLU L 287 -4.76 -54.22 21.88
CA GLU L 287 -3.53 -53.57 21.41
C GLU L 287 -3.13 -52.43 22.33
N LYS L 288 -4.12 -51.68 22.84
CA LYS L 288 -3.83 -50.52 23.66
C LYS L 288 -2.94 -50.86 24.85
N SER L 289 -3.06 -52.07 25.38
CA SER L 289 -2.21 -52.56 26.46
C SER L 289 -0.95 -53.26 25.94
N ALA L 290 -0.71 -53.22 24.63
CA ALA L 290 0.50 -53.77 24.02
C ALA L 290 0.64 -55.27 24.23
N LEU L 291 -0.49 -55.98 24.34
CA LEU L 291 -0.44 -57.43 24.41
C LEU L 291 -0.18 -58.03 23.03
N ILE L 292 -0.74 -57.44 21.98
CA ILE L 292 -0.61 -57.94 20.63
C ILE L 292 -0.13 -56.82 19.71
N GLU L 293 -0.05 -57.10 18.41
CA GLU L 293 0.31 -56.08 17.44
C GLU L 293 -0.90 -55.21 17.11
N SER L 294 -0.62 -54.00 16.65
CA SER L 294 -1.68 -53.02 16.41
C SER L 294 -2.49 -53.34 15.16
N ASP L 295 -1.84 -53.76 14.09
CA ASP L 295 -2.46 -53.82 12.77
C ASP L 295 -3.09 -55.17 12.45
N SER L 296 -3.59 -55.87 13.46
CA SER L 296 -4.29 -57.13 13.22
C SER L 296 -5.56 -56.89 12.42
N THR L 297 -5.88 -57.85 11.54
CA THR L 297 -7.03 -57.74 10.67
C THR L 297 -7.91 -58.98 10.80
N VAL L 298 -9.22 -58.78 10.67
CA VAL L 298 -10.21 -59.84 10.76
C VAL L 298 -11.11 -59.75 9.54
N GLU L 299 -11.31 -60.89 8.87
CA GLU L 299 -12.15 -60.93 7.67
C GLU L 299 -12.83 -62.29 7.58
N ILE L 300 -13.81 -62.38 6.70
CA ILE L 300 -14.56 -63.63 6.53
C ILE L 300 -13.64 -64.72 6.02
N ASP L 301 -13.76 -65.90 6.61
CA ASP L 301 -12.95 -67.05 6.22
C ASP L 301 -13.46 -67.57 4.88
N PHE L 302 -12.72 -67.28 3.81
CA PHE L 302 -13.13 -67.73 2.49
C PHE L 302 -13.04 -69.25 2.37
N GLU L 303 -11.99 -69.86 2.92
CA GLU L 303 -11.79 -71.30 2.76
C GLU L 303 -12.87 -72.09 3.48
N ALA L 304 -13.18 -71.73 4.72
CA ALA L 304 -14.18 -72.47 5.48
C ALA L 304 -15.56 -72.34 4.84
N GLN L 305 -15.92 -71.13 4.41
CA GLN L 305 -17.20 -70.96 3.74
C GLN L 305 -17.25 -71.71 2.43
N LYS L 306 -16.14 -71.72 1.69
CA LYS L 306 -16.10 -72.49 0.45
C LYS L 306 -16.32 -73.98 0.72
N SER L 307 -15.69 -74.50 1.76
CA SER L 307 -15.89 -75.90 2.12
C SER L 307 -17.34 -76.17 2.52
N TYR L 308 -17.93 -75.27 3.32
CA TYR L 308 -19.32 -75.47 3.74
C TYR L 308 -20.27 -75.45 2.55
N LEU L 309 -20.07 -74.49 1.64
CA LEU L 309 -20.92 -74.42 0.45
C LEU L 309 -20.72 -75.65 -0.43
N LYS L 310 -19.49 -76.17 -0.50
CA LYS L 310 -19.26 -77.41 -1.23
C LYS L 310 -20.01 -78.58 -0.59
N SER L 311 -20.09 -78.59 0.74
CA SER L 311 -20.83 -79.64 1.43
C SER L 311 -22.32 -79.58 1.10
N LYS L 312 -22.84 -78.37 0.85
CA LYS L 312 -24.27 -78.20 0.60
C LYS L 312 -24.67 -78.54 -0.83
N GLY L 313 -23.71 -78.84 -1.71
CA GLY L 313 -24.04 -79.18 -3.08
C GLY L 313 -24.32 -78.01 -3.99
N VAL L 314 -23.80 -76.82 -3.66
CA VAL L 314 -23.98 -75.66 -4.52
C VAL L 314 -23.26 -75.85 -5.85
N ASP L 315 -22.13 -76.55 -5.85
CA ASP L 315 -21.32 -76.79 -7.05
C ASP L 315 -20.84 -75.46 -7.65
N LEU L 316 -20.03 -74.76 -6.86
CA LEU L 316 -19.45 -73.49 -7.27
C LEU L 316 -18.14 -73.67 -8.03
N SER L 317 -18.17 -74.51 -9.05
CA SER L 317 -16.99 -74.72 -9.88
C SER L 317 -16.49 -73.40 -10.45
N TYR L 318 -17.42 -72.56 -10.92
CA TYR L 318 -17.15 -71.17 -11.21
C TYR L 318 -18.13 -70.32 -10.43
N MET L 319 -17.63 -69.28 -9.77
CA MET L 319 -18.45 -68.35 -8.99
C MET L 319 -17.58 -67.18 -8.57
N THR L 320 -18.19 -66.00 -8.48
CA THR L 320 -17.46 -64.79 -8.13
C THR L 320 -17.07 -64.80 -6.66
N LEU L 321 -15.88 -64.27 -6.36
CA LEU L 321 -15.37 -64.25 -4.99
C LEU L 321 -16.28 -63.43 -4.08
N GLN L 322 -16.72 -62.26 -4.55
CA GLN L 322 -17.57 -61.40 -3.73
C GLN L 322 -18.89 -62.09 -3.43
N GLU L 323 -19.44 -62.82 -4.40
CA GLU L 323 -20.68 -63.55 -4.17
C GLU L 323 -20.48 -64.65 -3.13
N ILE L 324 -19.33 -65.32 -3.16
CA ILE L 324 -19.04 -66.33 -2.14
C ILE L 324 -18.96 -65.69 -0.76
N LYS L 325 -18.27 -64.56 -0.66
CA LYS L 325 -18.13 -63.90 0.64
C LYS L 325 -19.46 -63.41 1.19
N GLU L 326 -20.47 -63.21 0.34
CA GLU L 326 -21.79 -62.78 0.78
C GLU L 326 -22.87 -63.81 0.49
N ALA L 327 -22.50 -65.06 0.28
CA ALA L 327 -23.47 -66.10 -0.02
C ALA L 327 -24.34 -66.39 1.19
N ASN L 328 -25.37 -67.20 0.96
CA ASN L 328 -26.33 -67.57 2.01
C ASN L 328 -25.76 -68.73 2.81
N THR L 329 -25.03 -68.42 3.87
CA THR L 329 -24.46 -69.46 4.72
C THR L 329 -25.55 -70.20 5.49
N GLY L 330 -26.49 -69.46 6.08
CA GLY L 330 -27.57 -70.06 6.81
C GLY L 330 -27.46 -69.90 8.31
N SER L 331 -27.36 -71.03 9.02
CA SER L 331 -27.32 -71.00 10.49
C SER L 331 -25.97 -70.57 11.02
N LYS L 332 -24.88 -70.91 10.33
CA LYS L 332 -23.54 -70.71 10.84
C LYS L 332 -22.90 -69.45 10.26
N VAL L 333 -21.88 -68.96 10.95
CA VAL L 333 -21.04 -67.86 10.50
C VAL L 333 -19.59 -68.25 10.71
N PHE L 334 -18.77 -68.05 9.68
CA PHE L 334 -17.37 -68.45 9.70
C PHE L 334 -16.49 -67.21 9.62
N LEU L 335 -15.50 -67.12 10.50
CA LEU L 335 -14.59 -65.99 10.54
C LEU L 335 -13.16 -66.47 10.68
N LYS L 336 -12.23 -65.67 10.16
CA LYS L 336 -10.81 -65.93 10.27
C LYS L 336 -10.10 -64.65 10.65
N ALA L 337 -9.17 -64.74 11.60
CA ALA L 337 -8.44 -63.58 12.09
C ALA L 337 -6.95 -63.87 12.06
N LYS L 338 -6.17 -62.90 11.60
CA LYS L 338 -4.72 -62.95 11.65
C LYS L 338 -4.22 -61.88 12.59
N ILE L 339 -3.46 -62.28 13.61
CA ILE L 339 -2.92 -61.37 14.60
C ILE L 339 -1.45 -61.71 14.81
N LYS L 340 -0.72 -60.75 15.38
CA LYS L 340 0.69 -60.92 15.70
C LYS L 340 0.87 -60.69 17.19
N VAL L 341 1.57 -61.62 17.84
CA VAL L 341 1.75 -61.60 19.29
C VAL L 341 3.17 -61.15 19.59
N LEU L 342 3.29 -60.10 20.39
CA LEU L 342 4.60 -59.60 20.77
C LEU L 342 5.27 -60.58 21.74
N ASP L 343 6.58 -60.77 21.56
CA ASP L 343 7.36 -61.68 22.38
C ASP L 343 8.42 -60.89 23.13
N ALA L 344 8.64 -61.26 24.40
CA ALA L 344 9.68 -60.61 25.18
C ALA L 344 11.05 -60.85 24.55
N MET L 345 11.91 -59.84 24.65
CA MET L 345 13.25 -59.97 24.08
C MET L 345 14.02 -61.08 24.78
N GLU L 346 14.63 -61.96 23.99
CA GLU L 346 15.32 -63.11 24.55
C GLU L 346 16.75 -63.22 24.01
N ASP L 347 16.95 -62.77 22.77
CA ASP L 347 18.25 -62.84 22.12
C ASP L 347 18.58 -61.50 21.50
N ILE L 348 19.77 -60.98 21.80
CA ILE L 348 20.19 -59.65 21.37
C ILE L 348 21.54 -59.77 20.69
N ASP L 349 21.68 -59.12 19.53
CA ASP L 349 22.92 -59.09 18.78
C ASP L 349 23.38 -57.66 18.63
N LEU L 350 24.67 -57.42 18.85
CA LEU L 350 25.22 -56.07 18.79
C LEU L 350 26.64 -56.13 18.27
N SER L 351 26.97 -55.26 17.31
CA SER L 351 28.28 -55.20 16.70
C SER L 351 28.86 -53.80 16.83
N ILE L 352 30.15 -53.72 17.14
CA ILE L 352 30.84 -52.46 17.36
C ILE L 352 32.08 -52.41 16.47
N GLU L 353 32.30 -51.26 15.84
CA GLU L 353 33.50 -51.02 15.05
C GLU L 353 34.43 -50.08 15.80
N ILE L 354 35.70 -50.48 15.91
CA ILE L 354 36.68 -49.67 16.61
C ILE L 354 37.01 -48.42 15.83
N MET M 1 -44.31 -53.91 -12.57
CA MET M 1 -44.19 -52.46 -12.69
C MET M 1 -45.46 -51.87 -13.28
N LEU M 2 -45.29 -50.99 -14.27
CA LEU M 2 -46.39 -50.36 -14.99
C LEU M 2 -46.41 -50.98 -16.38
N LYS M 3 -47.29 -51.96 -16.57
CA LYS M 3 -47.35 -52.69 -17.83
C LYS M 3 -47.82 -51.79 -18.96
N TYR M 4 -47.29 -52.04 -20.16
CA TYR M 4 -47.65 -51.24 -21.32
C TYR M 4 -49.10 -51.49 -21.75
N LYS M 5 -49.59 -52.72 -21.55
CA LYS M 5 -50.96 -53.05 -21.92
C LYS M 5 -51.96 -52.14 -21.24
N GLU M 6 -51.69 -51.76 -19.99
CA GLU M 6 -52.61 -50.88 -19.28
C GLU M 6 -52.70 -49.52 -19.95
N ILE M 7 -51.56 -48.95 -20.33
CA ILE M 7 -51.55 -47.66 -21.03
C ILE M 7 -52.29 -47.77 -22.34
N LEU M 8 -52.00 -48.82 -23.11
CA LEU M 8 -52.64 -48.98 -24.41
C LEU M 8 -54.14 -49.12 -24.25
N GLU M 9 -54.60 -49.91 -23.28
CA GLU M 9 -56.03 -50.08 -23.07
C GLU M 9 -56.68 -48.79 -22.61
N THR M 10 -56.00 -48.01 -21.79
CA THR M 10 -56.55 -46.72 -21.38
C THR M 10 -56.76 -45.81 -22.57
N ILE M 11 -55.77 -45.75 -23.47
CA ILE M 11 -55.91 -44.90 -24.65
C ILE M 11 -57.04 -45.39 -25.54
N ILE M 12 -57.13 -46.71 -25.74
CA ILE M 12 -58.23 -47.27 -26.55
C ILE M 12 -59.57 -46.95 -25.92
N GLU M 13 -59.66 -47.02 -24.59
CA GLU M 13 -60.91 -46.71 -23.91
C GLU M 13 -61.31 -45.26 -24.13
N ILE M 14 -60.35 -44.34 -24.01
CA ILE M 14 -60.66 -42.92 -24.24
C ILE M 14 -61.15 -42.71 -25.67
N LEU M 15 -60.45 -43.28 -26.65
CA LEU M 15 -60.85 -43.09 -28.03
C LEU M 15 -62.19 -43.74 -28.33
N LYS M 16 -62.49 -44.86 -27.65
CA LYS M 16 -63.78 -45.52 -27.84
C LYS M 16 -64.91 -44.67 -27.28
N LYS M 17 -64.69 -44.04 -26.11
CA LYS M 17 -65.72 -43.17 -25.55
C LYS M 17 -65.95 -41.96 -26.46
N ASN M 18 -64.90 -41.36 -26.99
CA ASN M 18 -65.09 -40.09 -27.68
C ASN M 18 -65.58 -40.25 -29.11
N PHE M 19 -65.04 -41.22 -29.86
CA PHE M 19 -65.33 -41.33 -31.28
C PHE M 19 -66.10 -42.61 -31.59
N THR M 20 -67.02 -42.51 -32.56
CA THR M 20 -67.86 -43.64 -32.94
C THR M 20 -67.14 -44.62 -33.87
N GLU M 21 -66.19 -44.15 -34.66
CA GLU M 21 -65.50 -45.02 -35.61
C GLU M 21 -64.69 -46.09 -34.86
N SER M 22 -64.53 -47.24 -35.51
CA SER M 22 -63.84 -48.35 -34.89
C SER M 22 -62.36 -48.07 -34.73
N ILE M 23 -61.75 -48.72 -33.74
CA ILE M 23 -60.33 -48.59 -33.45
C ILE M 23 -59.71 -49.98 -33.57
N PHE M 24 -58.62 -50.08 -34.34
CA PHE M 24 -57.96 -51.36 -34.57
C PHE M 24 -56.48 -51.26 -34.25
N ILE M 25 -55.90 -52.39 -33.90
CA ILE M 25 -54.48 -52.45 -33.60
C ILE M 25 -53.69 -53.22 -34.65
N ASP M 26 -54.28 -54.21 -35.30
CA ASP M 26 -53.58 -55.03 -36.28
C ASP M 26 -53.88 -54.57 -37.71
N ASP M 27 -52.99 -54.95 -38.62
CA ASP M 27 -53.00 -54.41 -39.97
C ASP M 27 -54.14 -55.02 -40.80
N GLU M 28 -54.47 -56.29 -40.56
CA GLU M 28 -55.53 -56.92 -41.34
C GLU M 28 -56.87 -56.22 -41.15
N SER M 29 -57.13 -55.71 -39.95
CA SER M 29 -58.40 -55.03 -39.72
C SER M 29 -58.47 -53.73 -40.50
N VAL M 30 -57.39 -52.94 -40.48
CA VAL M 30 -57.43 -51.67 -41.19
C VAL M 30 -57.47 -51.88 -42.69
N GLN M 31 -56.89 -52.98 -43.19
CA GLN M 31 -57.06 -53.30 -44.60
C GLN M 31 -58.49 -53.75 -44.91
N GLY M 32 -59.08 -54.55 -44.02
CA GLY M 32 -60.40 -55.09 -44.28
C GLY M 32 -61.55 -54.15 -44.02
N SER M 33 -61.35 -53.13 -43.19
CA SER M 33 -62.44 -52.22 -42.84
C SER M 33 -62.92 -51.49 -44.07
N GLU M 34 -64.24 -51.30 -44.16
CA GLU M 34 -64.86 -50.63 -45.30
C GLU M 34 -65.00 -49.13 -45.10
N GLY M 35 -64.66 -48.61 -43.92
CA GLY M 35 -64.76 -47.19 -43.64
C GLY M 35 -63.52 -46.70 -42.92
N SER M 36 -63.54 -45.42 -42.57
CA SER M 36 -62.43 -44.83 -41.84
C SER M 36 -62.31 -45.47 -40.46
N CYS M 37 -61.07 -45.75 -40.06
CA CYS M 37 -60.82 -46.40 -38.78
C CYS M 37 -59.49 -45.89 -38.22
N PHE M 38 -59.45 -45.79 -36.89
CA PHE M 38 -58.23 -45.36 -36.22
C PHE M 38 -57.23 -46.51 -36.14
N PHE M 39 -55.97 -46.14 -35.89
CA PHE M 39 -54.91 -47.10 -35.66
C PHE M 39 -54.06 -46.57 -34.51
N VAL M 40 -53.89 -47.38 -33.47
CA VAL M 40 -53.19 -46.97 -32.26
C VAL M 40 -52.11 -47.99 -31.95
N SER M 41 -50.90 -47.50 -31.70
CA SER M 41 -49.78 -48.39 -31.35
C SER M 41 -48.72 -47.58 -30.62
N ILE M 42 -47.83 -48.28 -29.93
CA ILE M 42 -46.70 -47.67 -29.25
C ILE M 42 -45.53 -47.68 -30.22
N LEU M 43 -44.96 -46.50 -30.49
CA LEU M 43 -43.93 -46.40 -31.51
C LEU M 43 -42.57 -46.83 -30.98
N SER M 44 -42.07 -46.15 -29.95
CA SER M 44 -40.73 -46.44 -29.44
C SER M 44 -40.70 -46.23 -27.94
N VAL M 45 -39.82 -46.97 -27.28
CA VAL M 45 -39.59 -46.86 -25.84
C VAL M 45 -38.10 -46.84 -25.60
N ILE M 46 -37.63 -45.85 -24.84
CA ILE M 46 -36.22 -45.68 -24.53
C ILE M 46 -36.08 -45.70 -23.02
N CYS M 47 -35.25 -46.60 -22.51
CA CYS M 47 -35.02 -46.74 -21.08
C CYS M 47 -33.59 -46.35 -20.74
N THR M 48 -33.43 -45.50 -19.73
CA THR M 48 -32.13 -45.02 -19.32
C THR M 48 -32.01 -45.14 -17.81
N PRO M 49 -30.94 -45.74 -17.30
CA PRO M 49 -30.77 -45.85 -15.84
C PRO M 49 -30.27 -44.54 -15.26
N VAL M 50 -31.04 -43.99 -14.32
CA VAL M 50 -30.66 -42.76 -13.63
C VAL M 50 -30.40 -42.98 -12.15
N MET M 51 -30.72 -44.15 -11.61
CA MET M 51 -30.56 -44.42 -10.19
C MET M 51 -30.15 -45.88 -10.04
N LEU M 52 -29.81 -46.26 -8.81
CA LEU M 52 -29.50 -47.67 -8.55
C LEU M 52 -30.71 -48.55 -8.78
N ASN M 53 -31.91 -48.03 -8.52
CA ASN M 53 -33.13 -48.83 -8.62
C ASN M 53 -34.13 -48.32 -9.65
N THR M 54 -34.08 -47.06 -10.05
CA THR M 54 -35.09 -46.49 -10.92
C THR M 54 -34.54 -46.30 -12.33
N ASN M 55 -35.47 -46.23 -13.28
CA ASN M 55 -35.16 -46.01 -14.68
C ASN M 55 -35.98 -44.85 -15.20
N ASN M 56 -35.42 -44.14 -16.17
CA ASN M 56 -36.12 -43.05 -16.86
C ASN M 56 -36.61 -43.59 -18.20
N LYS M 57 -37.92 -43.52 -18.42
CA LYS M 57 -38.54 -44.10 -19.60
C LYS M 57 -39.25 -43.02 -20.41
N ASP M 58 -39.07 -43.07 -21.72
CA ASP M 58 -39.75 -42.19 -22.66
C ASP M 58 -40.56 -43.04 -23.61
N ILE M 59 -41.85 -42.73 -23.75
CA ILE M 59 -42.77 -43.48 -24.58
C ILE M 59 -43.35 -42.55 -25.64
N VAL M 60 -43.30 -43.00 -26.89
CA VAL M 60 -43.87 -42.26 -28.01
C VAL M 60 -45.06 -43.06 -28.53
N ILE M 61 -46.21 -42.42 -28.63
CA ILE M 61 -47.47 -43.08 -28.95
C ILE M 61 -48.03 -42.46 -30.23
N SER M 62 -48.40 -43.31 -31.18
CA SER M 62 -48.82 -42.88 -32.50
C SER M 62 -50.29 -43.22 -32.70
N ILE M 63 -51.06 -42.24 -33.19
CA ILE M 63 -52.46 -42.42 -33.53
C ILE M 63 -52.65 -42.01 -34.98
N LYS M 64 -53.24 -42.89 -35.77
CA LYS M 64 -53.43 -42.67 -37.19
C LYS M 64 -54.91 -42.71 -37.54
N TYR M 65 -55.30 -41.88 -38.50
CA TYR M 65 -56.65 -41.87 -39.05
C TYR M 65 -56.57 -42.08 -40.55
N LEU M 66 -57.29 -43.08 -41.03
CA LEU M 66 -57.23 -43.48 -42.45
C LEU M 66 -58.61 -43.39 -43.07
N PRO M 67 -58.93 -42.30 -43.76
CA PRO M 67 -60.25 -42.17 -44.37
C PRO M 67 -60.33 -42.92 -45.70
N LYS M 68 -61.15 -43.97 -45.72
CA LYS M 68 -61.25 -44.85 -46.89
C LYS M 68 -62.10 -44.25 -48.01
N PRO M 69 -63.25 -43.63 -47.73
CA PRO M 69 -63.98 -42.97 -48.82
C PRO M 69 -63.16 -41.88 -49.50
N GLN M 70 -62.23 -41.26 -48.77
CA GLN M 70 -61.22 -40.35 -49.28
C GLN M 70 -61.82 -39.02 -49.76
N SER M 71 -63.14 -38.88 -49.74
CA SER M 71 -63.81 -37.61 -50.04
C SER M 71 -64.13 -36.82 -48.77
N LYS M 72 -63.68 -37.30 -47.61
CA LYS M 72 -64.02 -36.71 -46.33
C LYS M 72 -62.80 -36.06 -45.67
N SER M 73 -62.00 -35.34 -46.47
CA SER M 73 -60.74 -34.80 -45.96
C SER M 73 -60.95 -33.75 -44.87
N ILE M 74 -62.05 -32.98 -44.94
CA ILE M 74 -62.31 -32.00 -43.89
C ILE M 74 -62.56 -32.69 -42.56
N ARG M 75 -63.12 -33.90 -42.59
CA ARG M 75 -63.31 -34.66 -41.38
C ARG M 75 -61.98 -34.95 -40.69
N MET M 76 -60.89 -35.03 -41.46
CA MET M 76 -59.57 -35.23 -40.86
C MET M 76 -59.19 -34.07 -39.96
N TYR M 77 -59.39 -32.84 -40.44
CA TYR M 77 -59.08 -31.67 -39.62
C TYR M 77 -60.04 -31.57 -38.43
N GLU M 78 -61.30 -31.93 -38.64
CA GLU M 78 -62.25 -31.97 -37.53
C GLU M 78 -61.76 -32.92 -36.44
N ILE M 79 -61.33 -34.12 -36.84
CA ILE M 79 -60.86 -35.10 -35.87
C ILE M 79 -59.59 -34.63 -35.20
N SER M 80 -58.71 -33.95 -35.93
CA SER M 80 -57.50 -33.41 -35.32
C SER M 80 -57.83 -32.41 -34.23
N ASP M 81 -58.73 -31.46 -34.52
CA ASP M 81 -59.05 -30.45 -33.51
C ASP M 81 -59.77 -31.06 -32.33
N GLU M 82 -60.61 -32.07 -32.56
CA GLU M 82 -61.23 -32.77 -31.45
C GLU M 82 -60.21 -33.51 -30.61
N LEU M 83 -59.22 -34.14 -31.25
CA LEU M 83 -58.20 -34.90 -30.54
C LEU M 83 -57.35 -33.99 -29.67
N ASN M 84 -57.09 -32.77 -30.15
CA ASN M 84 -56.18 -31.89 -29.43
C ASN M 84 -56.63 -31.63 -27.99
N LYS M 85 -57.93 -31.69 -27.72
CA LYS M 85 -58.43 -31.36 -26.40
C LYS M 85 -58.21 -32.48 -25.39
N LEU M 86 -58.31 -33.73 -25.81
CA LEU M 86 -58.29 -34.84 -24.86
C LEU M 86 -56.93 -35.03 -24.21
N PHE M 87 -55.85 -34.69 -24.90
CA PHE M 87 -54.51 -35.00 -24.44
C PHE M 87 -53.70 -33.74 -24.13
N ASN M 88 -54.33 -32.80 -23.42
CA ASN M 88 -53.69 -31.51 -23.13
C ASN M 88 -52.41 -31.65 -22.33
N ARG M 89 -52.51 -32.14 -21.09
CA ARG M 89 -51.37 -32.11 -20.17
C ARG M 89 -50.91 -33.50 -19.75
N ASN M 90 -51.82 -34.36 -19.31
CA ASN M 90 -51.42 -35.68 -18.83
C ASN M 90 -52.58 -36.64 -18.96
N ILE M 91 -52.26 -37.93 -18.91
CA ILE M 91 -53.25 -39.00 -18.92
C ILE M 91 -53.07 -39.81 -17.65
N LYS M 92 -54.15 -40.46 -17.23
CA LYS M 92 -54.23 -41.10 -15.92
C LYS M 92 -54.38 -42.60 -16.11
N VAL M 93 -53.38 -43.36 -15.68
CA VAL M 93 -53.40 -44.82 -15.77
C VAL M 93 -52.92 -45.41 -14.46
N THR M 94 -53.70 -46.35 -13.91
CA THR M 94 -53.40 -47.00 -12.63
C THR M 94 -53.15 -45.93 -11.56
N ASP M 95 -53.84 -44.79 -11.71
CA ASP M 95 -53.61 -43.60 -10.91
C ASP M 95 -52.13 -43.24 -10.81
N ARG M 96 -51.52 -42.96 -11.96
CA ARG M 96 -50.19 -42.36 -12.00
C ARG M 96 -50.18 -41.42 -13.19
N LYS M 97 -50.30 -40.13 -12.93
CA LYS M 97 -50.45 -39.16 -13.99
C LYS M 97 -49.11 -38.95 -14.68
N LEU M 98 -49.07 -39.20 -15.99
CA LEU M 98 -47.84 -39.19 -16.76
C LEU M 98 -47.80 -37.89 -17.58
N ASN M 99 -46.77 -37.10 -17.38
CA ASN M 99 -46.65 -35.82 -18.07
C ASN M 99 -46.49 -36.03 -19.57
N ILE M 100 -47.14 -35.18 -20.35
CA ILE M 100 -47.03 -35.19 -21.80
C ILE M 100 -46.11 -34.05 -22.19
N THR M 101 -44.88 -34.39 -22.59
CA THR M 101 -43.88 -33.36 -22.84
C THR M 101 -44.06 -32.65 -24.17
N LYS M 102 -44.59 -33.33 -25.18
CA LYS M 102 -44.66 -32.72 -26.51
C LYS M 102 -45.79 -33.35 -27.32
N LEU M 103 -46.36 -32.55 -28.20
CA LEU M 103 -47.40 -32.98 -29.13
C LEU M 103 -46.96 -32.66 -30.55
N GLU M 104 -46.99 -33.66 -31.42
CA GLU M 104 -46.58 -33.49 -32.81
C GLU M 104 -47.52 -34.25 -33.72
N GLN M 105 -47.96 -33.61 -34.79
CA GLN M 105 -48.79 -34.25 -35.80
C GLN M 105 -48.37 -33.77 -37.17
N SER M 106 -48.68 -34.58 -38.18
CA SER M 106 -48.34 -34.23 -39.55
C SER M 106 -49.25 -34.99 -40.49
N ILE M 107 -49.50 -34.40 -41.65
CA ILE M 107 -50.30 -35.01 -42.72
C ILE M 107 -49.37 -35.27 -43.89
N LYS M 108 -49.19 -36.54 -44.24
CA LYS M 108 -48.33 -36.94 -45.32
C LYS M 108 -49.09 -37.86 -46.27
N LYS M 109 -48.49 -38.08 -47.44
CA LYS M 109 -49.07 -38.96 -48.44
C LYS M 109 -48.47 -40.36 -48.28
N GLU M 110 -49.33 -41.34 -47.98
CA GLU M 110 -48.93 -42.73 -47.88
C GLU M 110 -49.69 -43.52 -48.94
N GLU M 111 -48.96 -44.30 -49.74
CA GLU M 111 -49.53 -45.06 -50.85
C GLU M 111 -50.24 -44.08 -51.76
N SER M 112 -51.53 -44.26 -52.06
CA SER M 112 -52.28 -43.34 -52.90
C SER M 112 -53.25 -42.46 -52.14
N ILE M 113 -53.16 -42.43 -50.81
CA ILE M 113 -54.11 -41.72 -49.97
C ILE M 113 -53.36 -40.80 -49.01
N TYR M 114 -54.11 -39.89 -48.40
CA TYR M 114 -53.60 -38.99 -47.38
C TYR M 114 -54.15 -39.40 -46.03
N VAL M 115 -53.26 -39.50 -45.04
CA VAL M 115 -53.65 -39.93 -43.70
C VAL M 115 -53.10 -38.93 -42.69
N LEU M 116 -53.69 -38.97 -41.49
CA LEU M 116 -53.30 -38.10 -40.38
C LEU M 116 -52.55 -38.91 -39.34
N ASN M 117 -51.38 -38.43 -38.94
CA ASN M 117 -50.56 -39.07 -37.93
C ASN M 117 -50.46 -38.14 -36.74
N PHE M 118 -50.78 -38.66 -35.55
CA PHE M 118 -50.80 -37.87 -34.32
C PHE M 118 -49.94 -38.56 -33.29
N THR M 119 -48.97 -37.84 -32.74
CA THR M 119 -48.01 -38.41 -31.81
C THR M 119 -47.88 -37.53 -30.57
N PHE M 120 -47.55 -38.17 -29.45
CA PHE M 120 -47.19 -37.46 -28.24
C PHE M 120 -46.25 -38.33 -27.43
N THR M 121 -45.51 -37.70 -26.53
CA THR M 121 -44.47 -38.37 -25.75
C THR M 121 -44.80 -38.30 -24.27
N LEU M 122 -44.69 -39.44 -23.59
CA LEU M 122 -44.86 -39.53 -22.15
C LEU M 122 -43.51 -39.70 -21.48
N ASN M 123 -43.39 -39.21 -20.26
CA ASN M 123 -42.15 -39.28 -19.51
C ASN M 123 -42.45 -39.55 -18.04
N TYR M 124 -41.85 -40.59 -17.48
CA TYR M 124 -42.06 -40.94 -16.09
C TYR M 124 -40.90 -41.82 -15.62
N LEU M 125 -40.77 -41.93 -14.31
CA LEU M 125 -39.73 -42.76 -13.70
C LEU M 125 -40.36 -44.02 -13.13
N ASP M 126 -39.76 -45.16 -13.46
CA ASP M 126 -40.24 -46.46 -13.00
C ASP M 126 -39.06 -47.24 -12.46
N SER M 127 -39.31 -48.02 -11.42
CA SER M 127 -38.25 -48.69 -10.69
C SER M 127 -38.62 -50.14 -10.43
N VAL M 128 -37.58 -50.95 -10.20
CA VAL M 128 -37.74 -52.36 -9.82
C VAL M 128 -37.32 -52.51 -8.37
N TYR M 129 -38.10 -53.27 -7.60
CA TYR M 129 -37.80 -53.56 -6.22
C TYR M 129 -37.59 -55.07 -6.08
N GLU M 130 -36.39 -55.47 -5.70
CA GLU M 130 -36.05 -56.87 -5.61
C GLU M 130 -36.69 -57.51 -4.38
N GLU M 131 -36.88 -58.82 -4.44
CA GLU M 131 -37.46 -59.54 -3.33
C GLU M 131 -36.51 -59.57 -2.14
N ASP M 132 -37.10 -59.59 -0.95
CA ASP M 132 -36.34 -59.66 0.30
C ASP M 132 -36.46 -61.07 0.87
N VAL M 133 -35.33 -61.66 1.22
CA VAL M 133 -35.29 -63.03 1.72
C VAL M 133 -35.12 -63.01 3.23
N VAL M 134 -35.72 -63.99 3.89
CA VAL M 134 -35.67 -64.09 5.34
C VAL M 134 -34.48 -64.97 5.74
N TYR M 135 -33.68 -64.49 6.68
CA TYR M 135 -32.47 -65.17 7.11
C TYR M 135 -32.71 -65.88 8.45
N GLU M 136 -32.02 -67.00 8.62
CA GLU M 136 -32.08 -67.72 9.89
C GLU M 136 -31.34 -66.96 10.97
N ASN M 137 -31.63 -67.31 12.22
CA ASN M 137 -30.85 -66.80 13.33
C ASN M 137 -29.52 -67.52 13.39
N MET M 138 -28.51 -66.83 13.93
CA MET M 138 -27.14 -67.31 13.90
C MET M 138 -26.75 -67.95 15.23
N LYS M 139 -26.18 -69.15 15.15
CA LYS M 139 -25.69 -69.85 16.32
C LYS M 139 -24.53 -70.73 15.89
N GLU M 140 -23.69 -71.09 16.87
CA GLU M 140 -22.48 -71.86 16.62
C GLU M 140 -21.59 -71.14 15.59
N ILE M 141 -21.16 -69.94 15.98
CA ILE M 141 -20.35 -69.11 15.11
C ILE M 141 -18.91 -69.17 15.61
N ASN M 142 -18.04 -69.81 14.84
CA ASN M 142 -16.69 -70.11 15.26
C ASN M 142 -15.66 -69.36 14.42
N LEU M 143 -14.50 -69.09 15.02
CA LEU M 143 -13.40 -68.43 14.35
C LEU M 143 -12.14 -69.25 14.51
N ASN M 144 -11.31 -69.27 13.48
CA ASN M 144 -10.01 -69.91 13.52
C ASN M 144 -8.92 -68.86 13.38
N LEU M 145 -7.84 -69.02 14.14
CA LEU M 145 -6.72 -68.08 14.12
C LEU M 145 -5.58 -68.74 13.35
N GLY M 146 -5.58 -68.54 12.03
CA GLY M 146 -4.50 -69.07 11.21
C GLY M 146 -3.14 -68.50 11.58
N GLU M 147 -3.11 -67.24 11.99
CA GLU M 147 -1.88 -66.62 12.47
C GLU M 147 -2.18 -65.65 13.60
N ALA N 2 35.44 -47.13 58.80
CA ALA N 2 35.93 -47.47 60.13
C ALA N 2 36.13 -46.21 60.97
N ILE N 3 35.45 -46.15 62.11
CA ILE N 3 35.56 -45.00 63.00
C ILE N 3 36.83 -45.12 63.83
N GLY N 4 37.63 -44.06 63.82
CA GLY N 4 38.86 -44.01 64.59
C GLY N 4 38.72 -43.05 65.75
N LEU N 5 39.50 -43.29 66.80
CA LEU N 5 39.48 -42.41 67.96
C LEU N 5 39.96 -41.01 67.55
N PRO N 6 39.29 -39.96 67.99
CA PRO N 6 39.62 -38.62 67.49
C PRO N 6 41.02 -38.19 67.92
N SER N 7 41.65 -37.41 67.05
CA SER N 7 43.03 -36.99 67.29
C SER N 7 43.27 -35.63 66.65
N ILE N 8 44.28 -34.95 67.16
CA ILE N 8 44.76 -33.69 66.58
C ILE N 8 46.10 -33.97 65.93
N ASN N 9 46.28 -33.45 64.73
CA ASN N 9 47.53 -33.61 63.99
C ASN N 9 48.10 -32.26 63.60
N ILE N 10 49.40 -32.10 63.82
CA ILE N 10 50.11 -30.87 63.49
C ILE N 10 51.19 -31.21 62.48
N SER N 11 51.14 -30.58 61.32
CA SER N 11 52.08 -30.85 60.23
C SER N 11 52.95 -29.63 60.00
N PHE N 12 54.26 -29.84 59.94
CA PHE N 12 55.23 -28.78 59.69
C PHE N 12 55.83 -29.00 58.31
N LYS N 13 55.67 -28.01 57.44
CA LYS N 13 56.22 -28.08 56.08
C LYS N 13 56.85 -26.74 55.74
N GLU N 14 57.83 -26.80 54.84
CA GLU N 14 58.52 -25.59 54.36
C GLU N 14 58.25 -25.44 52.87
N LEU N 15 57.72 -24.28 52.50
CA LEU N 15 57.52 -23.98 51.09
C LEU N 15 58.86 -23.83 50.40
N ALA N 16 59.04 -24.51 49.28
CA ALA N 16 60.30 -24.52 48.54
C ALA N 16 60.08 -23.98 47.15
N THR N 17 60.88 -22.98 46.76
CA THR N 17 60.83 -22.46 45.40
C THR N 17 61.23 -23.55 44.43
N THR N 18 60.41 -23.74 43.40
CA THR N 18 60.58 -24.84 42.46
C THR N 18 61.01 -24.29 41.10
N VAL N 19 62.18 -24.70 40.64
CA VAL N 19 62.66 -24.43 39.30
C VAL N 19 62.93 -25.78 38.64
N LYS N 20 62.24 -26.05 37.53
CA LYS N 20 62.40 -27.32 36.86
C LYS N 20 63.85 -27.54 36.46
N GLU N 21 64.34 -28.75 36.65
CA GLU N 21 65.75 -29.05 36.46
C GLU N 21 66.02 -29.40 35.01
N ARG N 22 66.97 -28.70 34.41
CA ARG N 22 67.36 -28.91 33.02
C ARG N 22 68.65 -29.72 32.95
N SER N 23 68.97 -30.18 31.75
CA SER N 23 70.20 -30.92 31.55
C SER N 23 71.40 -30.05 31.90
N ALA N 24 72.31 -30.61 32.70
CA ALA N 24 73.48 -29.86 33.13
C ALA N 24 74.35 -29.50 31.94
N ARG N 25 74.73 -28.23 31.85
CA ARG N 25 75.58 -27.74 30.78
C ARG N 25 76.82 -27.09 31.38
N GLY N 26 77.95 -27.26 30.70
CA GLY N 26 79.23 -26.81 31.19
C GLY N 26 80.12 -27.90 31.77
N ILE N 27 79.73 -29.16 31.63
CA ILE N 27 80.52 -30.28 32.13
C ILE N 27 81.54 -30.68 31.09
N ILE N 28 82.66 -31.23 31.54
CA ILE N 28 83.74 -31.68 30.67
C ILE N 28 84.08 -33.13 31.01
N ALA N 29 84.19 -33.97 30.00
CA ALA N 29 84.68 -35.33 30.15
C ALA N 29 85.96 -35.48 29.33
N MET N 30 87.05 -35.81 30.01
CA MET N 30 88.34 -36.02 29.36
C MET N 30 88.77 -37.45 29.60
N VAL N 31 89.27 -38.11 28.55
CA VAL N 31 89.75 -39.48 28.63
C VAL N 31 91.26 -39.49 28.36
N LEU N 32 91.97 -40.28 29.15
CA LEU N 32 93.42 -40.37 29.03
C LEU N 32 93.86 -41.77 29.41
N LYS N 33 95.03 -42.17 28.92
CA LYS N 33 95.58 -43.49 29.19
C LYS N 33 96.71 -43.39 30.21
N ASP N 34 96.62 -44.21 31.26
CA ASP N 34 97.60 -44.19 32.33
C ASP N 34 97.60 -45.56 33.01
N ALA N 35 98.66 -45.81 33.78
CA ALA N 35 98.79 -47.05 34.54
C ALA N 35 98.31 -46.91 35.98
N LYS N 36 97.82 -45.74 36.39
CA LYS N 36 97.41 -45.51 37.76
C LYS N 36 96.00 -44.92 37.80
N ALA N 37 95.27 -45.25 38.87
CA ALA N 37 93.91 -44.76 39.10
C ALA N 37 93.03 -45.01 37.88
N LEU N 38 93.06 -46.26 37.40
CA LEU N 38 92.33 -46.61 36.19
C LEU N 38 90.83 -46.42 36.39
N GLY N 39 90.16 -46.04 35.32
CA GLY N 39 88.76 -45.68 35.39
C GLY N 39 88.58 -44.19 35.58
N LEU N 40 87.35 -43.82 35.95
CA LEU N 40 87.04 -42.43 36.21
C LEU N 40 87.69 -41.97 37.51
N ASN N 41 88.04 -40.69 37.56
CA ASN N 41 88.61 -40.10 38.76
C ASN N 41 87.66 -39.16 39.49
N GLU N 42 86.64 -38.64 38.81
CA GLU N 42 85.62 -37.79 39.43
C GLU N 42 86.25 -36.56 40.07
N ILE N 43 86.90 -35.75 39.23
CA ILE N 43 87.53 -34.51 39.70
C ILE N 43 86.47 -33.43 39.59
N HIS N 44 85.61 -33.37 40.62
CA HIS N 44 84.57 -32.35 40.65
C HIS N 44 85.16 -30.99 41.01
N GLU N 45 86.15 -30.97 41.90
CA GLU N 45 86.76 -29.74 42.38
C GLU N 45 88.11 -29.54 41.71
N LYS N 46 88.41 -28.29 41.36
CA LYS N 46 89.69 -27.96 40.73
C LYS N 46 90.87 -28.30 41.63
N GLU N 47 90.72 -28.15 42.94
CA GLU N 47 91.87 -28.28 43.84
C GLU N 47 92.30 -29.73 44.02
N ASP N 48 91.32 -30.64 44.15
CA ASP N 48 91.63 -32.03 44.48
C ASP N 48 92.12 -32.77 43.24
N ILE N 49 93.34 -33.28 43.30
CA ILE N 49 93.94 -34.01 42.18
C ILE N 49 94.52 -35.32 42.71
N PRO N 50 94.29 -36.45 42.03
CA PRO N 50 94.95 -37.70 42.44
C PRO N 50 96.46 -37.57 42.33
N VAL N 51 97.16 -38.25 43.24
CA VAL N 51 98.61 -38.11 43.33
C VAL N 51 99.32 -39.05 42.36
N ASP N 52 98.74 -40.21 42.06
CA ASP N 52 99.45 -41.23 41.30
C ASP N 52 99.60 -40.87 39.82
N LEU N 53 98.76 -39.99 39.30
CA LEU N 53 98.80 -39.67 37.87
C LEU N 53 100.09 -38.92 37.53
N SER N 54 100.46 -38.99 36.26
CA SER N 54 101.73 -38.42 35.80
C SER N 54 101.73 -36.91 35.90
N ALA N 55 102.91 -36.34 36.16
CA ALA N 55 103.05 -34.90 36.28
C ALA N 55 102.70 -34.20 34.98
N GLU N 56 103.09 -34.77 33.85
CA GLU N 56 102.70 -34.21 32.56
C GLU N 56 101.18 -34.24 32.39
N ASN N 57 100.55 -35.35 32.77
CA ASN N 57 99.10 -35.41 32.74
C ASN N 57 98.48 -34.47 33.77
N LYS N 58 99.16 -34.26 34.90
CA LYS N 58 98.70 -33.23 35.85
C LYS N 58 98.73 -31.86 35.21
N GLU N 59 99.75 -31.58 34.40
CA GLU N 59 99.84 -30.30 33.71
C GLU N 59 98.73 -30.17 32.68
N TYR N 60 98.42 -31.25 31.96
CA TYR N 60 97.27 -31.23 31.05
C TYR N 60 95.98 -30.97 31.81
N ILE N 61 95.83 -31.60 32.98
CA ILE N 61 94.69 -31.30 33.84
C ILE N 61 94.64 -29.81 34.15
N ASN N 62 95.78 -29.24 34.52
CA ASN N 62 95.83 -27.83 34.91
C ASN N 62 95.38 -26.93 33.76
N LEU N 63 95.83 -27.23 32.54
CA LEU N 63 95.33 -26.48 31.38
C LEU N 63 93.83 -26.67 31.21
N ALA N 64 93.32 -27.90 31.41
CA ALA N 64 91.89 -28.13 31.32
C ALA N 64 91.11 -27.43 32.43
N LEU N 65 91.79 -27.05 33.51
CA LEU N 65 91.10 -26.46 34.66
C LEU N 65 90.70 -25.02 34.38
N MET N 66 91.66 -24.20 33.95
CA MET N 66 91.45 -22.75 33.91
C MET N 66 90.31 -22.41 32.97
N GLY N 67 89.27 -21.77 33.52
CA GLY N 67 88.11 -21.41 32.74
C GLY N 67 88.30 -20.08 32.05
N ASN N 68 87.77 -19.98 30.82
CA ASN N 68 87.91 -18.75 30.05
C ASN N 68 87.25 -17.57 30.77
N VAL N 69 86.00 -17.75 31.18
CA VAL N 69 85.27 -16.75 31.94
C VAL N 69 84.98 -17.23 33.35
N ASN N 70 84.56 -18.48 33.51
CA ASN N 70 84.22 -19.04 34.80
C ASN N 70 84.78 -20.45 34.90
N THR N 71 84.87 -20.95 36.13
CA THR N 71 85.30 -22.31 36.36
C THR N 71 84.33 -23.29 35.70
N PRO N 72 84.83 -24.32 35.03
CA PRO N 72 83.93 -25.39 34.56
C PRO N 72 83.16 -25.98 35.72
N ASN N 73 81.87 -26.25 35.50
CA ASN N 73 81.02 -26.73 36.58
C ASN N 73 81.49 -28.08 37.10
N LYS N 74 81.91 -28.96 36.21
CA LYS N 74 82.34 -30.29 36.61
C LYS N 74 83.25 -30.87 35.54
N LEU N 75 84.27 -31.60 35.96
CA LEU N 75 85.22 -32.24 35.06
C LEU N 75 85.26 -33.73 35.36
N LEU N 76 85.15 -34.55 34.31
CA LEU N 76 85.24 -36.00 34.44
C LEU N 76 86.51 -36.47 33.75
N VAL N 77 87.36 -37.18 34.49
CA VAL N 77 88.61 -37.68 33.97
C VAL N 77 88.59 -39.20 34.06
N TYR N 78 88.67 -39.87 32.91
CA TYR N 78 88.67 -41.32 32.81
C TYR N 78 90.06 -41.80 32.45
N VAL N 79 90.56 -42.78 33.20
CA VAL N 79 91.87 -43.37 32.95
C VAL N 79 91.67 -44.72 32.30
N ILE N 80 92.32 -44.92 31.16
CA ILE N 80 92.16 -46.12 30.35
C ILE N 80 93.52 -46.79 30.23
N GLU N 81 93.50 -48.10 29.98
CA GLU N 81 94.73 -48.85 29.82
C GLU N 81 95.35 -48.59 28.45
N GLY N 82 96.67 -48.64 28.40
CA GLY N 82 97.36 -48.49 27.13
C GLY N 82 96.94 -49.59 26.15
N GLU N 83 96.72 -49.18 24.90
CA GLU N 83 96.31 -50.04 23.79
C GLU N 83 94.92 -50.64 23.99
N ALA N 84 94.16 -50.18 24.99
CA ALA N 84 92.78 -50.61 25.15
C ALA N 84 91.87 -50.07 24.05
N ASP N 85 92.36 -49.13 23.24
CA ASP N 85 91.65 -48.60 22.08
C ASP N 85 90.46 -47.79 22.54
N ILE N 86 89.57 -47.45 21.61
CA ILE N 86 88.56 -46.42 21.87
C ILE N 86 87.29 -46.99 22.49
N GLN N 87 86.87 -48.19 22.08
CA GLN N 87 85.53 -48.66 22.42
C GLN N 87 85.35 -48.87 23.92
N THR N 88 86.42 -49.28 24.63
CA THR N 88 86.30 -49.49 26.07
C THR N 88 85.96 -48.20 26.79
N ALA N 89 86.59 -47.09 26.40
CA ALA N 89 86.20 -45.79 26.95
C ALA N 89 84.88 -45.30 26.37
N LEU N 90 84.55 -45.73 25.15
CA LEU N 90 83.29 -45.30 24.55
C LEU N 90 82.10 -45.84 25.32
N ASP N 91 82.19 -47.08 25.79
CA ASP N 91 81.11 -47.61 26.63
C ASP N 91 80.92 -46.78 27.88
N PHE N 92 82.01 -46.41 28.54
CA PHE N 92 81.93 -45.56 29.72
C PHE N 92 81.29 -44.22 29.39
N LEU N 93 81.73 -43.59 28.30
CA LEU N 93 81.22 -42.28 27.93
C LEU N 93 79.74 -42.35 27.58
N GLU N 94 79.33 -43.42 26.90
CA GLU N 94 77.91 -43.61 26.60
C GLU N 94 77.10 -43.81 27.88
N THR N 95 77.70 -44.45 28.89
CA THR N 95 76.95 -44.72 30.12
C THR N 95 76.59 -43.44 30.85
N LYS N 96 77.47 -42.44 30.85
CA LYS N 96 77.29 -41.23 31.63
C LYS N 96 77.14 -40.00 30.75
N GLU N 97 76.42 -39.00 31.27
CA GLU N 97 76.22 -37.76 30.55
C GLU N 97 77.50 -36.94 30.50
N PHE N 98 77.68 -36.20 29.40
CA PHE N 98 78.82 -35.31 29.24
C PHE N 98 78.49 -34.31 28.14
N ASN N 99 79.32 -33.28 28.04
CA ASN N 99 79.14 -32.23 27.06
C ASN N 99 80.28 -32.14 26.05
N TYR N 100 81.52 -32.03 26.52
CA TYR N 100 82.67 -31.88 25.66
C TYR N 100 83.69 -32.96 25.98
N LEU N 101 84.30 -33.52 24.93
CA LEU N 101 85.28 -34.60 25.06
C LEU N 101 86.59 -34.19 24.43
N CYS N 102 87.69 -34.47 25.12
CA CYS N 102 89.02 -34.19 24.59
C CYS N 102 90.00 -35.19 25.18
N MET N 103 91.12 -35.36 24.48
CA MET N 103 92.16 -36.26 24.95
C MET N 103 93.50 -35.81 24.39
N PRO N 104 94.51 -35.66 25.23
CA PRO N 104 95.81 -35.13 24.76
C PRO N 104 96.52 -36.08 23.80
N LYS N 105 96.68 -37.34 24.19
CA LYS N 105 97.46 -38.31 23.44
C LYS N 105 96.54 -39.20 22.61
N ALA N 106 96.82 -39.28 21.31
CA ALA N 106 96.04 -40.14 20.43
C ALA N 106 96.81 -40.38 19.14
N VAL N 107 96.51 -41.51 18.50
CA VAL N 107 96.96 -41.76 17.15
C VAL N 107 95.89 -41.26 16.20
N GLU N 108 96.24 -41.09 14.92
CA GLU N 108 95.28 -40.56 13.95
C GLU N 108 94.09 -41.49 13.77
N ALA N 109 94.34 -42.80 13.79
CA ALA N 109 93.24 -43.77 13.72
C ALA N 109 92.31 -43.60 14.91
N ASP N 110 92.85 -43.29 16.09
CA ASP N 110 92.01 -43.02 17.25
C ASP N 110 91.12 -41.81 17.01
N LYS N 111 91.67 -40.75 16.40
CA LYS N 111 90.87 -39.58 16.08
C LYS N 111 89.77 -39.92 15.08
N THR N 112 90.09 -40.73 14.08
CA THR N 112 89.08 -41.15 13.11
C THR N 112 87.97 -41.95 13.79
N ALA N 113 88.34 -42.84 14.71
CA ALA N 113 87.35 -43.58 15.47
C ALA N 113 86.48 -42.66 16.31
N ILE N 114 87.10 -41.64 16.92
CA ILE N 114 86.33 -40.64 17.67
C ILE N 114 85.30 -39.98 16.76
N LYS N 115 85.74 -39.54 15.58
CA LYS N 115 84.85 -38.86 14.65
C LYS N 115 83.69 -39.77 14.25
N ASN N 116 83.99 -41.00 13.85
CA ASN N 116 82.94 -41.91 13.40
C ASN N 116 81.97 -42.23 14.52
N TRP N 117 82.48 -42.48 15.73
CA TRP N 117 81.61 -42.81 16.85
C TRP N 117 80.70 -41.65 17.19
N ILE N 118 81.24 -40.43 17.21
CA ILE N 118 80.41 -39.26 17.55
C ILE N 118 79.34 -39.05 16.50
N ILE N 119 79.71 -39.13 15.21
CA ILE N 119 78.73 -38.93 14.15
C ILE N 119 77.64 -39.98 14.23
N LYS N 120 78.01 -41.25 14.47
CA LYS N 120 77.02 -42.31 14.58
C LYS N 120 76.12 -42.09 15.80
N LEU N 121 76.70 -41.65 16.92
CA LEU N 121 75.93 -41.56 18.15
C LEU N 121 74.96 -40.39 18.13
N ARG N 122 75.38 -39.25 17.57
CA ARG N 122 74.51 -38.09 17.56
C ARG N 122 73.23 -38.34 16.78
N ASP N 123 73.27 -39.21 15.79
CA ASP N 123 72.10 -39.52 14.97
C ASP N 123 71.34 -40.75 15.46
N ILE N 124 72.06 -41.83 15.78
CA ILE N 124 71.38 -43.05 16.22
C ILE N 124 70.75 -42.86 17.59
N ASP N 125 71.52 -42.31 18.53
CA ASP N 125 71.09 -42.24 19.92
C ASP N 125 70.38 -40.95 20.29
N LYS N 126 70.28 -40.00 19.35
CA LYS N 126 69.66 -38.70 19.62
C LYS N 126 70.29 -38.03 20.84
N VAL N 127 71.63 -38.08 20.90
CA VAL N 127 72.40 -37.46 21.97
C VAL N 127 73.32 -36.43 21.35
N LYS N 128 73.26 -35.20 21.86
CA LYS N 128 74.05 -34.09 21.32
C LYS N 128 75.30 -33.91 22.20
N VAL N 129 76.44 -34.36 21.68
CA VAL N 129 77.72 -34.19 22.34
C VAL N 129 78.73 -33.69 21.31
N LYS N 130 79.76 -33.01 21.79
CA LYS N 130 80.77 -32.42 20.93
C LYS N 130 82.16 -32.71 21.48
N ALA N 131 83.15 -32.66 20.59
CA ALA N 131 84.53 -32.92 20.95
C ALA N 131 85.46 -32.04 20.13
N VAL N 132 86.66 -31.83 20.66
CA VAL N 132 87.70 -31.06 20.00
C VAL N 132 88.83 -32.01 19.64
N LEU N 133 89.21 -32.03 18.37
CA LEU N 133 90.19 -32.97 17.87
C LEU N 133 91.42 -32.23 17.36
N GLY N 134 92.58 -32.89 17.50
CA GLY N 134 93.83 -32.21 17.19
C GLY N 134 93.98 -31.84 15.72
N LYS N 135 93.67 -32.78 14.83
CA LYS N 135 93.78 -32.50 13.40
C LYS N 135 92.87 -33.49 12.67
N VAL N 136 91.70 -33.02 12.25
CA VAL N 136 90.76 -33.82 11.46
C VAL N 136 90.15 -32.94 10.38
N VAL N 137 89.54 -33.59 9.40
CA VAL N 137 88.80 -32.90 8.35
C VAL N 137 87.33 -33.31 8.50
N GLY N 138 86.95 -33.70 9.71
CA GLY N 138 85.58 -34.08 9.95
C GLY N 138 84.62 -32.94 9.62
N ASN N 139 83.57 -33.27 8.88
CA ASN N 139 82.65 -32.29 8.33
C ASN N 139 81.31 -32.27 9.06
N HIS N 140 81.32 -32.46 10.38
CA HIS N 140 80.11 -32.50 11.16
C HIS N 140 80.11 -31.40 12.20
N GLU N 141 78.91 -31.00 12.62
CA GLU N 141 78.79 -29.92 13.60
C GLU N 141 79.37 -30.32 14.96
N GLY N 142 79.41 -31.62 15.25
CA GLY N 142 79.81 -32.10 16.54
C GLY N 142 81.29 -32.13 16.81
N ILE N 143 82.12 -31.74 15.85
CA ILE N 143 83.57 -31.76 15.99
C ILE N 143 84.10 -30.36 15.73
N ILE N 144 84.97 -29.88 16.62
CA ILE N 144 85.64 -28.60 16.47
C ILE N 144 87.10 -28.87 16.17
N ASN N 145 87.54 -28.48 14.97
CA ASN N 145 88.88 -28.78 14.48
C ASN N 145 89.79 -27.61 14.83
N PHE N 146 90.48 -27.71 15.96
CA PHE N 146 91.49 -26.73 16.35
C PHE N 146 92.84 -27.19 15.83
N THR N 147 93.58 -26.28 15.21
CA THR N 147 94.90 -26.61 14.66
C THR N 147 95.81 -25.40 14.76
N THR N 148 96.78 -25.46 15.67
CA THR N 148 97.80 -24.45 15.79
C THR N 148 99.07 -25.12 16.29
N GLU N 149 100.19 -24.87 15.60
CA GLU N 149 101.43 -25.58 15.86
C GLU N 149 102.39 -24.73 16.69
N ASP N 150 103.25 -25.42 17.44
CA ASP N 150 104.34 -24.79 18.20
C ASP N 150 103.81 -23.74 19.18
N VAL N 151 102.84 -24.15 19.99
CA VAL N 151 102.26 -23.27 21.00
C VAL N 151 103.18 -23.25 22.21
N LEU N 152 103.56 -22.04 22.65
CA LEU N 152 104.44 -21.86 23.78
C LEU N 152 103.61 -21.41 24.98
N VAL N 153 103.40 -22.33 25.93
CA VAL N 153 102.75 -22.03 27.20
C VAL N 153 103.65 -22.50 28.32
N GLY N 154 103.97 -21.59 29.25
CA GLY N 154 104.82 -21.91 30.37
C GLY N 154 106.17 -22.47 29.97
N GLU N 155 106.95 -21.65 29.25
CA GLU N 155 108.29 -22.00 28.75
C GLU N 155 108.38 -23.44 28.27
N LYS N 156 107.35 -23.90 27.55
CA LYS N 156 107.27 -25.29 27.11
C LYS N 156 106.61 -25.35 25.75
N LYS N 157 107.03 -26.32 24.95
CA LYS N 157 106.42 -26.58 23.65
C LYS N 157 105.27 -27.57 23.79
N TYR N 158 104.19 -27.31 23.07
CA TYR N 158 103.01 -28.17 23.08
C TYR N 158 102.63 -28.50 21.66
N SER N 159 102.21 -29.74 21.43
CA SER N 159 101.60 -30.10 20.16
C SER N 159 100.16 -29.60 20.12
N VAL N 160 99.56 -29.66 18.93
CA VAL N 160 98.17 -29.26 18.79
C VAL N 160 97.27 -30.19 19.61
N ASP N 161 97.57 -31.49 19.60
CA ASP N 161 96.76 -32.45 20.34
C ASP N 161 96.80 -32.16 21.84
N GLU N 162 97.99 -31.84 22.36
CA GLU N 162 98.11 -31.53 23.78
C GLU N 162 97.31 -30.27 24.15
N PHE N 163 97.36 -29.25 23.29
CA PHE N 163 96.68 -28.00 23.59
C PHE N 163 95.18 -28.05 23.31
N THR N 164 94.70 -29.09 22.61
CA THR N 164 93.26 -29.25 22.45
C THR N 164 92.56 -29.40 23.79
N SER N 165 93.25 -29.95 24.80
CA SER N 165 92.66 -30.02 26.13
C SER N 165 92.37 -28.63 26.68
N ARG N 166 93.35 -27.73 26.59
CA ARG N 166 93.14 -26.35 27.04
C ARG N 166 92.07 -25.67 26.21
N VAL N 167 92.05 -25.92 24.90
CA VAL N 167 91.05 -25.30 24.03
C VAL N 167 89.64 -25.75 24.45
N ALA N 168 89.47 -27.05 24.71
CA ALA N 168 88.16 -27.56 25.11
C ALA N 168 87.76 -27.02 26.47
N GLY N 169 88.71 -26.93 27.40
CA GLY N 169 88.40 -26.34 28.69
C GLY N 169 87.97 -24.88 28.57
N LEU N 170 88.66 -24.13 27.70
CA LEU N 170 88.27 -22.75 27.44
C LEU N 170 86.87 -22.66 26.85
N ILE N 171 86.56 -23.55 25.90
CA ILE N 171 85.24 -23.55 25.27
C ILE N 171 84.16 -23.85 26.30
N ALA N 172 84.38 -24.84 27.16
CA ALA N 172 83.38 -25.20 28.14
C ALA N 172 83.26 -24.15 29.24
N GLY N 173 84.33 -23.41 29.50
CA GLY N 173 84.29 -22.43 30.57
C GLY N 173 83.35 -21.26 30.29
N THR N 174 83.29 -20.83 29.04
CA THR N 174 82.51 -19.66 28.70
C THR N 174 81.01 -19.93 28.84
N PRO N 175 80.22 -18.91 29.21
CA PRO N 175 78.77 -19.10 29.30
C PRO N 175 78.11 -19.16 27.94
N LEU N 176 76.79 -19.38 27.93
CA LEU N 176 76.06 -19.42 26.66
C LEU N 176 75.85 -18.04 26.08
N SER N 177 75.71 -17.03 26.93
CA SER N 177 75.40 -15.68 26.45
C SER N 177 76.51 -15.13 25.57
N GLN N 178 77.76 -15.21 26.05
CA GLN N 178 78.90 -14.66 25.32
C GLN N 178 79.49 -15.74 24.40
N SER N 179 80.06 -15.29 23.29
CA SER N 179 80.67 -16.17 22.31
C SER N 179 82.18 -16.20 22.49
N VAL N 180 82.78 -17.33 22.08
CA VAL N 180 84.21 -17.51 22.20
C VAL N 180 85.01 -16.62 21.25
N THR N 181 84.34 -15.94 20.33
CA THR N 181 85.04 -15.10 19.37
C THR N 181 85.75 -13.95 20.08
N TYR N 182 87.01 -13.73 19.72
CA TYR N 182 87.80 -12.61 20.23
C TYR N 182 87.91 -12.62 21.75
N THR N 183 88.52 -13.68 22.27
CA THR N 183 88.82 -13.81 23.68
C THR N 183 90.31 -14.06 23.85
N LYS N 184 90.93 -13.31 24.75
CA LYS N 184 92.38 -13.32 24.89
C LYS N 184 92.83 -14.42 25.85
N LEU N 185 94.02 -14.96 25.58
CA LEU N 185 94.65 -15.98 26.43
C LEU N 185 95.98 -15.41 26.91
N SER N 186 96.02 -15.00 28.18
CA SER N 186 97.25 -14.45 28.75
C SER N 186 98.31 -15.51 28.99
N ASP N 187 97.96 -16.79 28.91
CA ASP N 187 98.95 -17.84 29.17
C ASP N 187 99.93 -17.97 28.02
N VAL N 188 99.44 -17.96 26.77
CA VAL N 188 100.32 -18.09 25.62
C VAL N 188 101.11 -16.80 25.44
N VAL N 189 102.34 -16.93 24.95
CA VAL N 189 103.21 -15.77 24.81
C VAL N 189 103.64 -15.60 23.35
N ASP N 190 103.69 -16.69 22.59
CA ASP N 190 104.19 -16.61 21.22
C ASP N 190 103.61 -17.73 20.37
N ILE N 191 103.37 -17.41 19.10
CA ILE N 191 102.90 -18.36 18.09
C ILE N 191 103.73 -18.10 16.84
N PRO N 192 104.07 -19.12 16.05
CA PRO N 192 104.78 -18.89 14.79
C PRO N 192 104.04 -17.88 13.91
N LYS N 193 104.79 -16.96 13.33
CA LYS N 193 104.20 -15.86 12.58
C LYS N 193 103.62 -16.35 11.26
N MET N 194 102.53 -15.71 10.84
CA MET N 194 101.79 -16.13 9.66
C MET N 194 100.91 -14.98 9.20
N THR N 195 100.79 -14.83 7.88
CA THR N 195 100.14 -13.66 7.30
C THR N 195 98.62 -13.74 7.43
N LYS N 196 97.98 -12.58 7.31
CA LYS N 196 96.54 -12.49 7.54
C LYS N 196 95.76 -13.18 6.43
N VAL N 197 96.22 -13.09 5.18
CA VAL N 197 95.50 -13.73 4.09
C VAL N 197 95.51 -15.24 4.27
N ASP N 198 96.60 -15.79 4.80
CA ASP N 198 96.63 -17.21 5.12
C ASP N 198 95.61 -17.55 6.19
N ALA N 199 95.48 -16.70 7.21
CA ALA N 199 94.48 -16.92 8.25
C ALA N 199 93.08 -16.90 7.66
N GLU N 200 92.81 -15.96 6.75
CA GLU N 200 91.52 -15.94 6.07
C GLU N 200 91.30 -17.24 5.31
N SER N 201 92.34 -17.75 4.66
CA SER N 201 92.22 -19.01 3.93
C SER N 201 91.85 -20.16 4.85
N ARG N 202 92.58 -20.31 5.97
CA ARG N 202 92.28 -21.41 6.90
C ARG N 202 90.89 -21.27 7.51
N VAL N 203 90.50 -20.04 7.85
CA VAL N 203 89.15 -19.83 8.38
C VAL N 203 88.11 -20.23 7.35
N ASN N 204 88.37 -19.92 6.07
CA ASN N 204 87.47 -20.36 5.00
C ASN N 204 87.41 -21.88 4.92
N LYS N 205 88.50 -22.56 5.26
CA LYS N 205 88.53 -24.02 5.24
C LYS N 205 87.70 -24.64 6.35
N GLY N 206 87.22 -23.85 7.31
CA GLY N 206 86.60 -24.37 8.50
C GLY N 206 87.57 -24.69 9.61
N GLU N 207 88.87 -24.52 9.37
CA GLU N 207 89.89 -24.79 10.38
C GLU N 207 89.89 -23.68 11.42
N LEU N 208 89.91 -24.07 12.69
CA LEU N 208 90.00 -23.11 13.79
C LEU N 208 91.47 -22.92 14.14
N ILE N 209 91.95 -21.68 14.04
CA ILE N 209 93.35 -21.36 14.28
C ILE N 209 93.45 -20.19 15.24
N LEU N 210 94.63 -20.05 15.84
CA LEU N 210 94.91 -18.96 16.76
C LEU N 210 95.63 -17.84 16.01
N ILE N 211 95.11 -16.63 16.14
CA ILE N 211 95.61 -15.47 15.40
C ILE N 211 96.10 -14.43 16.39
N LYS N 212 96.96 -13.53 15.91
CA LYS N 212 97.47 -12.42 16.70
C LYS N 212 96.91 -11.11 16.13
N GLU N 213 96.24 -10.35 16.98
CA GLU N 213 95.77 -9.01 16.65
C GLU N 213 95.72 -8.19 17.92
N ALA N 214 95.72 -6.88 17.74
CA ALA N 214 95.63 -5.90 18.85
C ALA N 214 96.76 -6.19 19.84
N GLY N 215 96.51 -5.95 21.12
CA GLY N 215 97.53 -6.13 22.14
C GLY N 215 97.74 -7.56 22.60
N ALA N 216 96.67 -8.34 22.65
CA ALA N 216 96.69 -9.66 23.24
C ALA N 216 96.35 -10.74 22.21
N ILE N 217 96.85 -11.94 22.46
CA ILE N 217 96.60 -13.08 21.58
C ILE N 217 95.19 -13.61 21.83
N ARG N 218 94.41 -13.74 20.76
CA ARG N 218 93.01 -14.10 20.90
C ARG N 218 92.61 -15.10 19.83
N ILE N 219 91.63 -15.95 20.18
CA ILE N 219 90.97 -16.80 19.19
C ILE N 219 90.05 -15.94 18.33
N ALA N 220 89.93 -16.29 17.06
CA ALA N 220 89.16 -15.49 16.10
C ALA N 220 88.02 -16.33 15.52
N ARG N 221 86.79 -15.96 15.87
CA ARG N 221 85.57 -16.44 15.21
C ARG N 221 85.56 -17.96 15.11
N GLY N 222 85.49 -18.60 16.27
CA GLY N 222 85.36 -20.04 16.33
C GLY N 222 84.15 -20.53 15.56
N VAL N 223 84.37 -21.46 14.64
CA VAL N 223 83.32 -21.95 13.75
C VAL N 223 83.31 -23.46 13.76
N ASN N 224 82.19 -24.04 13.33
CA ASN N 224 82.07 -25.48 13.24
C ASN N 224 82.92 -26.02 12.09
N SER N 225 83.27 -27.30 12.20
CA SER N 225 84.23 -27.88 11.27
C SER N 225 83.68 -28.09 9.87
N LEU N 226 82.36 -28.21 9.71
CA LEU N 226 81.81 -28.53 8.41
C LEU N 226 82.00 -27.36 7.45
N THR N 227 82.29 -27.68 6.18
CA THR N 227 82.49 -26.67 5.16
C THR N 227 81.44 -26.70 4.07
N GLU N 228 80.85 -27.85 3.77
CA GLU N 228 79.83 -27.95 2.75
C GLU N 228 78.48 -27.58 3.35
N LEU N 229 77.74 -26.73 2.67
CA LEU N 229 76.41 -26.30 3.10
C LEU N 229 75.37 -26.95 2.20
N THR N 230 74.54 -27.81 2.78
CA THR N 230 73.46 -28.43 2.04
C THR N 230 72.22 -27.54 2.10
N ALA N 231 71.19 -27.96 1.37
CA ALA N 231 69.94 -27.19 1.34
C ALA N 231 69.30 -27.15 2.73
N GLU N 232 69.28 -28.28 3.42
CA GLU N 232 68.66 -28.31 4.74
C GLU N 232 69.55 -27.65 5.80
N LYS N 233 70.86 -27.84 5.71
CA LYS N 233 71.78 -27.29 6.70
C LYS N 233 72.04 -25.83 6.34
N GLY N 234 71.53 -24.92 7.16
CA GLY N 234 71.67 -23.51 6.89
C GLY N 234 73.02 -22.96 7.29
N GLU N 235 73.22 -21.68 6.96
CA GLU N 235 74.46 -21.00 7.31
C GLU N 235 74.64 -20.91 8.81
N MET N 236 73.55 -20.65 9.55
CA MET N 236 73.65 -20.47 10.99
C MET N 236 74.11 -21.72 11.71
N PHE N 237 73.96 -22.90 11.10
CA PHE N 237 74.45 -24.11 11.73
C PHE N 237 75.96 -24.13 11.87
N GLN N 238 76.66 -23.23 11.19
CA GLN N 238 78.12 -23.24 11.19
C GLN N 238 78.72 -22.55 12.41
N LYS N 239 77.91 -21.87 13.23
CA LYS N 239 78.40 -21.18 14.41
C LYS N 239 78.34 -22.10 15.63
N ILE N 240 79.34 -21.96 16.51
CA ILE N 240 79.41 -22.81 17.69
C ILE N 240 78.30 -22.46 18.68
N LYS N 241 78.06 -21.17 18.89
CA LYS N 241 77.04 -20.75 19.86
C LYS N 241 75.66 -21.25 19.46
N ILE N 242 75.33 -21.15 18.17
CA ILE N 242 74.00 -21.54 17.71
C ILE N 242 73.81 -23.05 17.88
N VAL N 243 74.78 -23.84 17.45
CA VAL N 243 74.64 -25.29 17.57
C VAL N 243 74.60 -25.70 19.04
N ASP N 244 75.36 -25.01 19.89
CA ASP N 244 75.36 -25.34 21.31
C ASP N 244 74.01 -25.08 21.95
N THR N 245 73.43 -23.90 21.68
CA THR N 245 72.12 -23.61 22.27
C THR N 245 71.04 -24.52 21.69
N LEU N 246 71.13 -24.87 20.40
CA LEU N 246 70.18 -25.82 19.84
C LEU N 246 70.29 -27.18 20.52
N ASP N 247 71.52 -27.63 20.79
CA ASP N 247 71.70 -28.91 21.45
C ASP N 247 71.14 -28.90 22.86
N ILE N 248 71.37 -27.82 23.62
CA ILE N 248 70.83 -27.78 24.96
C ILE N 248 69.31 -27.72 24.94
N ILE N 249 68.74 -27.01 23.96
CA ILE N 249 67.28 -26.98 23.80
C ILE N 249 66.76 -28.39 23.55
N HIS N 250 67.42 -29.11 22.64
CA HIS N 250 67.01 -30.48 22.32
C HIS N 250 67.05 -31.36 23.56
N SER N 251 68.15 -31.29 24.31
CA SER N 251 68.29 -32.14 25.48
C SER N 251 67.21 -31.85 26.52
N ASP N 252 66.98 -30.57 26.81
CA ASP N 252 65.98 -30.21 27.82
C ASP N 252 64.59 -30.65 27.38
N ILE N 253 64.23 -30.39 26.12
CA ILE N 253 62.90 -30.76 25.64
C ILE N 253 62.70 -32.27 25.69
N ARG N 254 63.71 -33.03 25.24
CA ARG N 254 63.60 -34.49 25.25
C ARG N 254 63.43 -35.00 26.67
N LYS N 255 64.23 -34.47 27.61
CA LYS N 255 64.13 -34.95 28.99
C LYS N 255 62.75 -34.64 29.58
N VAL N 256 62.24 -33.43 29.33
CA VAL N 256 60.93 -33.07 29.88
C VAL N 256 59.86 -33.98 29.31
N ILE N 257 59.88 -34.19 27.98
CA ILE N 257 58.85 -35.01 27.35
C ILE N 257 58.91 -36.44 27.88
N ILE N 258 60.11 -37.02 27.96
CA ILE N 258 60.21 -38.40 28.39
C ILE N 258 59.83 -38.55 29.86
N ASP N 259 60.10 -37.54 30.67
CA ASP N 259 59.78 -37.64 32.10
C ASP N 259 58.28 -37.49 32.35
N ASP N 260 57.63 -36.56 31.67
CA ASP N 260 56.27 -36.16 32.06
C ASP N 260 55.19 -36.78 31.18
N TYR N 261 55.25 -36.56 29.86
CA TYR N 261 54.10 -36.77 29.00
C TYR N 261 54.19 -38.04 28.17
N ILE N 262 54.87 -39.07 28.66
CA ILE N 262 55.02 -40.33 27.94
C ILE N 262 54.19 -41.40 28.65
N GLY N 263 53.21 -41.94 27.94
CA GLY N 263 52.47 -43.10 28.42
C GLY N 263 51.65 -42.88 29.67
N LYS N 264 51.45 -41.62 30.06
CA LYS N 264 50.68 -41.31 31.26
C LYS N 264 49.41 -40.52 30.97
N VAL N 265 49.30 -39.87 29.81
CA VAL N 265 48.15 -39.04 29.47
C VAL N 265 47.64 -39.44 28.10
N THR N 266 46.32 -39.49 27.95
CA THR N 266 45.70 -39.97 26.73
C THR N 266 45.91 -39.00 25.58
N ASN N 267 46.00 -39.55 24.37
CA ASN N 267 46.14 -38.75 23.16
C ASN N 267 44.79 -38.14 22.82
N SER N 268 44.67 -36.83 23.00
CA SER N 268 43.45 -36.11 22.69
C SER N 268 43.81 -34.66 22.38
N TYR N 269 42.86 -33.94 21.79
CA TYR N 269 43.12 -32.56 21.39
C TYR N 269 43.46 -31.69 22.58
N ASP N 270 42.74 -31.88 23.70
CA ASP N 270 43.02 -31.09 24.90
C ASP N 270 44.43 -31.38 25.43
N ASN N 271 44.82 -32.65 25.45
CA ASN N 271 46.17 -32.98 25.90
C ASN N 271 47.22 -32.39 24.98
N LYS N 272 46.95 -32.37 23.67
CA LYS N 272 47.87 -31.72 22.74
C LYS N 272 47.98 -30.24 23.02
N CYS N 273 46.86 -29.59 23.34
CA CYS N 273 46.90 -28.17 23.69
C CYS N 273 47.73 -27.94 24.95
N LEU N 274 47.57 -28.82 25.94
CA LEU N 274 48.36 -28.71 27.16
C LEU N 274 49.85 -28.88 26.87
N LEU N 275 50.19 -29.83 26.00
CA LEU N 275 51.58 -30.00 25.60
C LEU N 275 52.12 -28.75 24.92
N ILE N 276 51.32 -28.15 24.04
CA ILE N 276 51.74 -26.91 23.39
C ILE N 276 51.97 -25.82 24.42
N VAL N 277 51.09 -25.73 25.42
CA VAL N 277 51.26 -24.72 26.46
C VAL N 277 52.56 -24.95 27.23
N ALA N 278 52.86 -26.21 27.55
CA ALA N 278 54.09 -26.51 28.29
C ALA N 278 55.33 -26.13 27.47
N ILE N 279 55.34 -26.49 26.19
CA ILE N 279 56.48 -26.16 25.33
C ILE N 279 56.63 -24.65 25.21
N LYS N 280 55.51 -23.94 25.06
CA LYS N 280 55.56 -22.49 24.96
C LYS N 280 56.07 -21.87 26.24
N SER N 281 55.69 -22.43 27.39
CA SER N 281 56.22 -21.92 28.67
C SER N 281 57.72 -22.12 28.76
N TYR N 282 58.22 -23.27 28.34
CA TYR N 282 59.66 -23.49 28.35
C TYR N 282 60.37 -22.52 27.41
N LEU N 283 59.79 -22.29 26.23
CA LEU N 283 60.39 -21.36 25.29
C LEU N 283 60.38 -19.92 25.82
N GLU N 284 59.32 -19.55 26.53
CA GLU N 284 59.28 -18.24 27.19
C GLU N 284 60.37 -18.14 28.25
N GLU N 285 60.58 -19.21 29.01
CA GLU N 285 61.66 -19.21 30.00
C GLU N 285 63.00 -19.00 29.32
N LEU N 286 63.24 -19.69 28.20
CA LEU N 286 64.48 -19.48 27.46
C LEU N 286 64.57 -18.07 26.90
N GLU N 287 63.42 -17.48 26.53
CA GLU N 287 63.41 -16.10 26.09
C GLU N 287 63.86 -15.15 27.20
N LYS N 288 63.42 -15.41 28.43
CA LYS N 288 63.90 -14.61 29.56
C LYS N 288 65.41 -14.69 29.70
N SER N 289 66.00 -15.82 29.35
CA SER N 289 67.46 -15.96 29.37
C SER N 289 68.14 -15.17 28.26
N ALA N 290 67.36 -14.62 27.32
CA ALA N 290 67.85 -13.76 26.24
C ALA N 290 68.74 -14.51 25.24
N LEU N 291 68.59 -15.83 25.14
CA LEU N 291 69.36 -16.57 24.13
C LEU N 291 68.68 -16.57 22.77
N ILE N 292 67.34 -16.53 22.75
CA ILE N 292 66.60 -16.58 21.48
C ILE N 292 65.75 -15.33 21.34
N GLU N 293 65.06 -15.22 20.21
CA GLU N 293 64.20 -14.07 19.95
C GLU N 293 62.97 -14.12 20.85
N SER N 294 62.33 -12.95 21.02
CA SER N 294 61.22 -12.84 21.95
C SER N 294 59.98 -13.59 21.43
N ASP N 295 59.63 -13.39 20.17
CA ASP N 295 58.37 -13.89 19.63
C ASP N 295 58.58 -15.28 19.06
N SER N 296 57.88 -16.27 19.63
CA SER N 296 57.93 -17.65 19.19
C SER N 296 56.52 -18.19 19.06
N THR N 297 56.30 -19.04 18.06
CA THR N 297 55.00 -19.65 17.81
C THR N 297 55.16 -21.16 17.71
N VAL N 298 54.38 -21.90 18.50
CA VAL N 298 54.35 -23.35 18.44
C VAL N 298 52.90 -23.78 18.22
N GLU N 299 52.68 -24.63 17.22
CA GLU N 299 51.33 -25.07 16.89
C GLU N 299 51.39 -26.47 16.32
N ILE N 300 50.24 -27.14 16.34
CA ILE N 300 50.15 -28.48 15.76
C ILE N 300 50.41 -28.40 14.27
N ASP N 301 51.10 -29.41 13.74
CA ASP N 301 51.43 -29.44 12.32
C ASP N 301 50.26 -30.03 11.54
N PHE N 302 49.82 -29.32 10.51
CA PHE N 302 48.67 -29.76 9.72
C PHE N 302 49.07 -30.63 8.54
N GLU N 303 50.20 -30.33 7.88
CA GLU N 303 50.60 -31.09 6.71
C GLU N 303 50.89 -32.54 7.07
N ALA N 304 51.69 -32.76 8.12
CA ALA N 304 52.02 -34.11 8.53
C ALA N 304 50.78 -34.87 9.00
N GLN N 305 49.90 -34.20 9.73
CA GLN N 305 48.67 -34.86 10.17
C GLN N 305 47.80 -35.26 8.99
N LYS N 306 47.68 -34.37 7.99
CA LYS N 306 46.92 -34.70 6.80
C LYS N 306 47.52 -35.90 6.08
N SER N 307 48.85 -35.93 5.96
CA SER N 307 49.51 -37.06 5.31
C SER N 307 49.27 -38.35 6.07
N TYR N 308 49.36 -38.30 7.40
CA TYR N 308 49.15 -39.49 8.20
C TYR N 308 47.72 -40.00 8.08
N LEU N 309 46.74 -39.09 8.11
CA LEU N 309 45.35 -39.49 7.95
C LEU N 309 45.12 -40.10 6.58
N LYS N 310 45.70 -39.50 5.54
CA LYS N 310 45.56 -40.04 4.20
C LYS N 310 46.19 -41.42 4.09
N SER N 311 47.31 -41.65 4.79
CA SER N 311 48.00 -42.93 4.71
C SER N 311 47.11 -44.07 5.19
N LYS N 312 46.18 -43.80 6.10
CA LYS N 312 45.21 -44.79 6.55
C LYS N 312 43.97 -44.86 5.68
N GLY N 313 43.89 -44.03 4.63
CA GLY N 313 42.80 -44.10 3.70
C GLY N 313 41.52 -43.44 4.12
N VAL N 314 41.54 -42.60 5.16
CA VAL N 314 40.33 -41.92 5.60
C VAL N 314 39.90 -40.91 4.54
N ASP N 315 38.60 -40.65 4.49
CA ASP N 315 38.04 -39.65 3.58
C ASP N 315 38.00 -38.30 4.30
N LEU N 316 39.04 -37.49 4.09
CA LEU N 316 39.17 -36.19 4.73
C LEU N 316 38.78 -35.05 3.81
N SER N 317 38.15 -35.34 2.68
CA SER N 317 37.84 -34.30 1.70
C SER N 317 36.86 -33.28 2.26
N TYR N 318 35.84 -33.73 2.99
CA TYR N 318 34.75 -32.86 3.41
C TYR N 318 34.90 -32.30 4.82
N MET N 319 35.89 -32.74 5.58
CA MET N 319 36.07 -32.19 6.92
C MET N 319 36.83 -30.87 6.88
N THR N 320 36.46 -29.98 7.80
CA THR N 320 37.07 -28.67 7.88
C THR N 320 38.50 -28.77 8.40
N LEU N 321 39.28 -27.71 8.16
CA LEU N 321 40.64 -27.62 8.69
C LEU N 321 40.64 -27.87 10.20
N GLN N 322 39.76 -27.19 10.92
CA GLN N 322 39.63 -27.42 12.36
C GLN N 322 39.21 -28.86 12.64
N GLU N 323 38.31 -29.41 11.83
CA GLU N 323 37.91 -30.80 12.00
C GLU N 323 39.09 -31.74 11.79
N ILE N 324 39.94 -31.45 10.81
CA ILE N 324 41.12 -32.27 10.58
C ILE N 324 42.06 -32.20 11.77
N LYS N 325 42.26 -30.99 12.32
CA LYS N 325 43.12 -30.85 13.49
C LYS N 325 42.57 -31.61 14.69
N GLU N 326 41.25 -31.57 14.88
CA GLU N 326 40.61 -32.26 15.99
C GLU N 326 40.49 -33.77 15.76
N ALA N 327 40.79 -34.26 14.56
CA ALA N 327 40.63 -35.68 14.28
C ALA N 327 41.63 -36.52 15.08
N ASN N 328 41.21 -37.74 15.39
CA ASN N 328 42.08 -38.66 16.12
C ASN N 328 43.20 -39.16 15.22
N THR N 329 44.41 -39.22 15.78
CA THR N 329 45.60 -39.58 15.02
C THR N 329 46.31 -40.81 15.56
N GLY N 330 45.72 -41.50 16.53
CA GLY N 330 46.41 -42.63 17.13
C GLY N 330 47.51 -42.20 18.09
N SER N 331 48.52 -43.06 18.22
CA SER N 331 49.62 -42.77 19.15
C SER N 331 50.46 -41.61 18.67
N LYS N 332 50.59 -41.42 17.36
CA LYS N 332 51.49 -40.40 16.83
C LYS N 332 51.03 -38.99 17.22
N VAL N 333 51.99 -38.10 17.42
CA VAL N 333 51.74 -36.70 17.71
C VAL N 333 52.65 -35.86 16.83
N PHE N 334 52.07 -34.87 16.15
CA PHE N 334 52.79 -34.00 15.24
C PHE N 334 52.73 -32.57 15.75
N LEU N 335 53.86 -31.87 15.67
CA LEU N 335 53.96 -30.51 16.18
C LEU N 335 54.88 -29.68 15.28
N LYS N 336 54.68 -28.37 15.32
CA LYS N 336 55.49 -27.44 14.54
C LYS N 336 55.80 -26.22 15.39
N ALA N 337 56.98 -25.65 15.19
CA ALA N 337 57.41 -24.47 15.94
C ALA N 337 58.40 -23.68 15.11
N LYS N 338 58.59 -22.42 15.50
CA LYS N 338 59.58 -21.56 14.86
C LYS N 338 60.18 -20.62 15.90
N ILE N 339 61.50 -20.50 15.86
CA ILE N 339 62.24 -19.64 16.79
C ILE N 339 63.45 -19.07 16.05
N LYS N 340 63.95 -17.95 16.56
CA LYS N 340 65.11 -17.29 15.99
C LYS N 340 66.23 -17.24 17.03
N VAL N 341 67.44 -17.62 16.63
CA VAL N 341 68.57 -17.73 17.54
C VAL N 341 69.43 -16.47 17.41
N LEU N 342 69.67 -15.81 18.54
CA LEU N 342 70.51 -14.63 18.55
C LEU N 342 71.98 -15.02 18.51
N ASP N 343 72.83 -14.05 18.18
CA ASP N 343 74.26 -14.26 18.08
C ASP N 343 75.00 -13.05 18.63
N ALA N 344 76.19 -13.29 19.14
CA ALA N 344 77.04 -12.21 19.64
C ALA N 344 77.56 -11.37 18.48
N MET N 345 77.90 -10.12 18.79
CA MET N 345 78.34 -9.19 17.76
C MET N 345 79.70 -9.61 17.21
N GLU N 346 79.81 -9.68 15.89
CA GLU N 346 81.04 -10.07 15.21
C GLU N 346 81.62 -8.97 14.35
N ASP N 347 80.84 -8.39 13.45
CA ASP N 347 81.30 -7.35 12.54
C ASP N 347 80.51 -6.08 12.79
N ILE N 348 81.22 -4.96 12.90
CA ILE N 348 80.61 -3.66 13.16
C ILE N 348 80.99 -2.73 12.02
N ASP N 349 79.99 -2.07 11.44
CA ASP N 349 80.19 -1.11 10.37
C ASP N 349 79.78 0.27 10.87
N LEU N 350 80.71 1.21 10.84
CA LEU N 350 80.46 2.59 11.24
C LEU N 350 80.98 3.52 10.16
N SER N 351 80.11 4.42 9.70
CA SER N 351 80.48 5.43 8.72
C SER N 351 80.17 6.81 9.29
N ILE N 352 81.18 7.67 9.31
CA ILE N 352 81.05 9.03 9.82
C ILE N 352 81.15 9.99 8.64
N GLU N 353 80.35 11.06 8.70
CA GLU N 353 80.24 12.02 7.61
C GLU N 353 80.72 13.38 8.10
N ILE N 354 81.67 13.95 7.38
CA ILE N 354 82.22 15.26 7.72
C ILE N 354 81.19 16.34 7.46
N ARG O 7 -0.34 -15.76 -59.65
CA ARG O 7 0.06 -15.44 -58.29
C ARG O 7 -0.95 -16.00 -57.29
N ASN O 8 -0.45 -16.68 -56.27
CA ASN O 8 -1.30 -17.31 -55.26
C ASN O 8 -0.70 -17.09 -53.90
N VAL O 9 -1.55 -17.15 -52.88
CA VAL O 9 -1.07 -17.06 -51.51
C VAL O 9 -0.21 -18.27 -51.19
N MET O 10 0.96 -18.02 -50.62
CA MET O 10 1.90 -19.10 -50.34
C MET O 10 1.39 -19.99 -49.22
N SER O 11 1.37 -21.29 -49.47
CA SER O 11 0.83 -22.25 -48.53
C SER O 11 1.86 -22.61 -47.47
N GLY O 12 1.37 -23.03 -46.30
CA GLY O 12 2.26 -23.42 -45.22
C GLY O 12 2.82 -24.82 -45.32
N THR O 13 2.37 -25.61 -46.31
CA THR O 13 2.90 -26.95 -46.47
C THR O 13 4.39 -26.92 -46.77
N TRP O 14 4.82 -26.00 -47.63
CA TRP O 14 6.20 -25.95 -48.09
C TRP O 14 7.07 -25.12 -47.12
N GLY O 15 7.13 -25.60 -45.88
CA GLY O 15 7.89 -24.95 -44.84
C GLY O 15 9.07 -25.81 -44.41
N GLU O 16 10.25 -25.19 -44.35
CA GLU O 16 11.46 -25.86 -43.91
C GLU O 16 12.13 -25.04 -42.82
N LEU O 17 12.70 -25.72 -41.84
CA LEU O 17 13.29 -25.08 -40.67
C LEU O 17 14.64 -25.71 -40.38
N TRP O 18 15.66 -24.86 -40.22
CA TRP O 18 17.00 -25.30 -39.82
C TRP O 18 17.29 -24.73 -38.43
N LEU O 19 17.64 -25.60 -37.51
CA LEU O 19 17.95 -25.22 -36.14
C LEU O 19 19.41 -25.51 -35.86
N ASP O 20 20.19 -24.45 -35.62
CA ASP O 20 21.62 -24.57 -35.33
C ASP O 20 22.36 -25.33 -36.43
N GLY O 21 21.95 -25.12 -37.67
CA GLY O 21 22.60 -25.75 -38.80
C GLY O 21 22.18 -27.18 -39.09
N ASN O 22 21.24 -27.73 -38.33
CA ASN O 22 20.74 -29.07 -38.56
C ASN O 22 19.29 -28.98 -39.01
N LYS O 23 18.97 -29.64 -40.12
CA LYS O 23 17.62 -29.58 -40.66
C LYS O 23 16.66 -30.32 -39.74
N VAL O 24 15.54 -29.67 -39.44
CA VAL O 24 14.51 -30.25 -38.58
C VAL O 24 13.49 -30.87 -39.53
N ALA O 25 13.64 -32.17 -39.78
CA ALA O 25 12.78 -32.85 -40.74
C ALA O 25 11.34 -32.88 -40.26
N GLU O 26 11.12 -33.11 -38.97
CA GLU O 26 9.78 -33.21 -38.40
C GLU O 26 9.40 -31.83 -37.85
N VAL O 27 8.37 -31.23 -38.45
CA VAL O 27 7.92 -29.91 -38.04
C VAL O 27 6.50 -29.71 -38.54
N LYS O 28 5.67 -29.08 -37.71
CA LYS O 28 4.28 -28.82 -38.03
C LYS O 28 3.98 -27.34 -38.19
N LYS O 29 4.36 -26.52 -37.21
CA LYS O 29 4.16 -25.09 -37.28
C LYS O 29 5.43 -24.36 -36.86
N PHE O 30 5.60 -23.16 -37.39
CA PHE O 30 6.64 -22.25 -36.94
C PHE O 30 6.04 -20.85 -36.87
N GLN O 31 6.52 -20.06 -35.91
CA GLN O 31 5.93 -18.75 -35.66
C GLN O 31 6.94 -17.86 -34.96
N ALA O 32 7.14 -16.67 -35.50
CA ALA O 32 7.97 -15.65 -34.87
C ALA O 32 7.22 -14.33 -34.94
N LYS O 33 7.30 -13.54 -33.89
CA LYS O 33 6.47 -12.35 -33.78
C LYS O 33 7.21 -11.30 -32.96
N MET O 34 6.73 -10.06 -33.06
CA MET O 34 7.42 -8.90 -32.49
C MET O 34 6.37 -7.96 -31.91
N GLU O 35 6.39 -7.80 -30.59
CA GLU O 35 5.45 -6.92 -29.90
C GLU O 35 6.15 -5.64 -29.50
N PHE O 36 5.57 -4.50 -29.86
CA PHE O 36 6.11 -3.22 -29.47
C PHE O 36 5.50 -2.75 -28.15
N THR O 37 6.31 -2.06 -27.36
CA THR O 37 5.88 -1.51 -26.08
C THR O 37 5.56 -0.03 -26.29
N LYS O 38 4.32 0.35 -26.07
CA LYS O 38 3.87 1.72 -26.25
C LYS O 38 3.37 2.29 -24.94
N GLU O 39 3.61 3.59 -24.74
CA GLU O 39 3.23 4.29 -23.53
C GLU O 39 2.28 5.42 -23.89
N ASP O 40 1.17 5.53 -23.15
CA ASP O 40 0.20 6.58 -23.42
C ASP O 40 0.74 7.92 -22.96
N ILE O 41 0.62 8.93 -23.83
CA ILE O 41 1.04 10.30 -23.53
C ILE O 41 -0.10 11.23 -23.91
N ILE O 42 -0.49 12.09 -22.97
CA ILE O 42 -1.57 13.04 -23.18
C ILE O 42 -0.96 14.42 -23.35
N ILE O 43 -1.27 15.07 -24.46
CA ILE O 43 -0.74 16.40 -24.77
C ILE O 43 -1.82 17.44 -24.50
N ALA O 44 -1.44 18.53 -23.86
CA ALA O 44 -2.40 19.57 -23.51
C ALA O 44 -3.06 20.14 -24.74
N GLY O 45 -4.39 20.26 -24.69
CA GLY O 45 -5.14 20.84 -25.79
C GLY O 45 -5.57 19.87 -26.86
N GLN O 46 -5.25 18.59 -26.74
CA GLN O 46 -5.61 17.59 -27.74
C GLN O 46 -6.41 16.47 -27.10
N MET O 47 -7.60 16.21 -27.64
CA MET O 47 -8.38 15.05 -27.19
C MET O 47 -7.71 13.74 -27.56
N GLY O 48 -7.10 13.66 -28.74
CA GLY O 48 -6.45 12.43 -29.14
C GLY O 48 -5.30 12.08 -28.22
N THR O 49 -5.15 10.79 -27.94
CA THR O 49 -4.12 10.29 -27.05
C THR O 49 -3.05 9.61 -27.88
N ASP O 50 -1.91 10.26 -28.03
CA ASP O 50 -0.83 9.73 -28.85
C ASP O 50 0.07 8.84 -27.98
N THR O 51 0.85 7.99 -28.65
CA THR O 51 1.65 6.99 -27.97
C THR O 51 3.11 7.09 -28.41
N LYS O 52 4.00 6.69 -27.50
CA LYS O 52 5.43 6.73 -27.73
C LYS O 52 5.98 5.31 -27.78
N TYR O 53 6.85 5.05 -28.76
CA TYR O 53 7.46 3.74 -28.93
C TYR O 53 8.66 3.62 -28.01
N MET O 54 8.68 2.57 -27.18
CA MET O 54 9.68 2.42 -26.15
C MET O 54 10.59 1.21 -26.34
N GLY O 55 10.23 0.26 -27.19
CA GLY O 55 11.01 -0.95 -27.36
C GLY O 55 10.14 -2.07 -27.88
N TYR O 56 10.73 -3.25 -27.95
CA TYR O 56 10.02 -4.41 -28.45
C TYR O 56 10.48 -5.66 -27.72
N LYS O 57 9.63 -6.70 -27.79
CA LYS O 57 9.94 -8.02 -27.26
C LYS O 57 9.56 -9.06 -28.31
N GLY O 58 10.35 -10.13 -28.38
CA GLY O 58 10.16 -11.16 -29.39
C GLY O 58 9.60 -12.43 -28.77
N LYS O 59 8.65 -13.05 -29.45
CA LYS O 59 8.01 -14.29 -28.98
C LYS O 59 7.75 -15.19 -30.17
N GLY O 60 7.66 -16.49 -29.90
CA GLY O 60 7.38 -17.46 -30.94
C GLY O 60 7.33 -18.85 -30.35
N SER O 61 6.89 -19.80 -31.18
CA SER O 61 6.76 -21.19 -30.75
C SER O 61 6.98 -22.11 -31.94
N ILE O 62 7.36 -23.34 -31.64
CA ILE O 62 7.55 -24.39 -32.64
C ILE O 62 6.75 -25.61 -32.22
N THR O 63 6.14 -26.27 -33.20
CA THR O 63 5.39 -27.50 -32.96
C THR O 63 5.92 -28.58 -33.90
N LEU O 64 6.21 -29.76 -33.34
CA LEU O 64 6.78 -30.84 -34.13
C LEU O 64 6.33 -32.17 -33.55
N TYR O 65 6.34 -33.19 -34.40
CA TYR O 65 5.99 -34.53 -33.95
C TYR O 65 7.13 -35.13 -33.15
N HIS O 66 6.78 -36.03 -32.23
CA HIS O 66 7.75 -36.60 -31.31
C HIS O 66 8.43 -37.84 -31.91
N VAL O 67 9.13 -37.61 -33.02
CA VAL O 67 9.85 -38.70 -33.66
C VAL O 67 11.07 -39.11 -32.83
N SER O 68 11.82 -38.14 -32.32
CA SER O 68 13.05 -38.40 -31.60
C SER O 68 13.16 -37.47 -30.41
N SER O 69 14.11 -37.77 -29.52
CA SER O 69 14.37 -36.93 -28.37
C SER O 69 15.32 -35.79 -28.75
N ARG O 70 14.96 -35.05 -29.79
CA ARG O 70 15.85 -33.99 -30.30
C ARG O 70 16.04 -32.89 -29.27
N MET O 71 14.95 -32.45 -28.63
CA MET O 71 15.03 -31.29 -27.75
C MET O 71 15.80 -31.59 -26.46
N HIS O 72 15.81 -32.85 -26.03
CA HIS O 72 16.54 -33.19 -24.82
C HIS O 72 18.04 -32.95 -24.99
N LYS O 73 18.62 -33.50 -26.06
CA LYS O 73 20.06 -33.45 -26.23
C LYS O 73 20.60 -32.03 -26.22
N LEU O 74 19.78 -31.07 -26.65
CA LEU O 74 20.26 -29.70 -26.77
C LEU O 74 20.45 -29.04 -25.41
N ILE O 75 19.48 -29.19 -24.50
CA ILE O 75 19.43 -28.31 -23.33
C ILE O 75 19.29 -29.05 -22.02
N GLY O 76 18.93 -30.34 -22.04
CA GLY O 76 18.60 -31.03 -20.81
C GLY O 76 19.75 -31.06 -19.83
N GLU O 77 20.94 -31.43 -20.30
CA GLU O 77 22.08 -31.50 -19.41
C GLU O 77 22.55 -30.12 -18.98
N LYS O 78 22.51 -29.15 -19.91
CA LYS O 78 23.05 -27.82 -19.62
C LYS O 78 22.19 -27.07 -18.62
N ILE O 79 20.87 -27.27 -18.68
CA ILE O 79 19.97 -26.50 -17.82
C ILE O 79 20.22 -26.82 -16.35
N LYS O 80 20.36 -28.11 -16.03
CA LYS O 80 20.59 -28.49 -14.64
C LYS O 80 21.89 -27.93 -14.10
N ARG O 81 22.90 -27.77 -14.97
CA ARG O 81 24.18 -27.24 -14.53
C ARG O 81 24.14 -25.74 -14.29
N GLY O 82 23.19 -25.03 -14.89
CA GLY O 82 23.04 -23.60 -14.67
C GLY O 82 23.51 -22.71 -15.80
N SER O 83 23.96 -23.28 -16.92
CA SER O 83 24.40 -22.50 -18.07
C SER O 83 23.32 -22.55 -19.16
N GLU O 84 22.89 -21.40 -19.61
CA GLU O 84 21.79 -21.32 -20.58
C GLU O 84 22.34 -21.24 -21.99
N PRO O 85 21.94 -22.14 -22.89
CA PRO O 85 22.38 -22.07 -24.28
C PRO O 85 21.47 -21.20 -25.13
N ARG O 86 22.07 -20.56 -26.13
CA ARG O 86 21.36 -19.71 -27.08
C ARG O 86 21.56 -20.24 -28.47
N PHE O 87 20.48 -20.26 -29.26
CA PHE O 87 20.44 -20.93 -30.55
C PHE O 87 20.10 -19.95 -31.66
N VAL O 88 20.28 -20.40 -32.90
CA VAL O 88 19.95 -19.64 -34.10
C VAL O 88 19.13 -20.53 -35.01
N ALA O 89 18.03 -19.99 -35.52
CA ALA O 89 17.12 -20.74 -36.37
C ALA O 89 16.89 -20.01 -37.68
N ILE O 90 16.69 -20.78 -38.75
CA ILE O 90 16.42 -20.26 -40.08
C ILE O 90 15.18 -20.96 -40.62
N SER O 91 14.25 -20.18 -41.14
CA SER O 91 13.00 -20.70 -41.70
C SER O 91 12.86 -20.26 -43.14
N LYS O 92 12.67 -21.23 -44.04
CA LYS O 92 12.51 -20.97 -45.46
C LYS O 92 11.16 -21.49 -45.92
N LEU O 93 10.41 -20.65 -46.63
CA LEU O 93 9.07 -20.98 -47.10
C LEU O 93 9.03 -20.77 -48.60
N ASN O 94 9.01 -21.86 -49.35
CA ASN O 94 9.16 -21.81 -50.81
C ASN O 94 7.98 -22.54 -51.44
N ASP O 95 7.00 -21.77 -51.92
CA ASP O 95 5.83 -22.34 -52.58
C ASP O 95 6.03 -22.31 -54.09
N PRO O 96 5.94 -23.43 -54.79
CA PRO O 96 6.11 -23.40 -56.26
C PRO O 96 5.10 -22.50 -56.95
N ASP O 97 3.87 -22.41 -56.43
CA ASP O 97 2.88 -21.55 -57.05
C ASP O 97 3.20 -20.07 -56.84
N SER O 98 3.72 -19.73 -55.65
CA SER O 98 3.94 -18.34 -55.30
C SER O 98 5.03 -17.71 -56.17
N TYR O 99 5.20 -16.40 -56.02
CA TYR O 99 6.16 -15.67 -56.84
C TYR O 99 7.59 -16.02 -56.47
N GLY O 100 7.88 -16.11 -55.17
CA GLY O 100 9.23 -16.38 -54.73
C GLY O 100 9.31 -17.06 -53.38
N ALA O 101 10.52 -17.14 -52.83
CA ALA O 101 10.75 -17.76 -51.53
C ALA O 101 11.46 -16.77 -50.61
N GLU O 102 11.07 -16.78 -49.33
CA GLU O 102 11.66 -15.88 -48.35
C GLU O 102 12.31 -16.69 -47.23
N ARG O 103 13.39 -16.13 -46.68
CA ARG O 103 14.14 -16.78 -45.62
C ARG O 103 14.31 -15.81 -44.46
N ILE O 104 14.14 -16.31 -43.24
CA ILE O 104 14.24 -15.52 -42.03
C ILE O 104 15.32 -16.13 -41.15
N ALA O 105 16.21 -15.29 -40.64
CA ALA O 105 17.22 -15.70 -39.67
C ALA O 105 16.86 -15.11 -38.33
N VAL O 106 16.34 -15.94 -37.43
CA VAL O 106 16.00 -15.54 -36.08
C VAL O 106 17.13 -15.95 -35.16
N LYS O 107 17.67 -14.99 -34.42
CA LYS O 107 18.92 -15.18 -33.69
C LYS O 107 18.70 -15.01 -32.19
N ASN O 108 19.59 -15.63 -31.42
CA ASN O 108 19.59 -15.55 -29.96
C ASN O 108 18.26 -16.05 -29.40
N ILE O 109 18.00 -17.33 -29.62
CA ILE O 109 16.75 -17.95 -29.20
C ILE O 109 16.94 -18.62 -27.85
N ALA O 110 16.00 -18.38 -26.94
CA ALA O 110 15.98 -19.03 -25.63
C ALA O 110 14.63 -19.71 -25.44
N PHE O 111 14.67 -20.96 -25.01
CA PHE O 111 13.45 -21.76 -24.88
C PHE O 111 12.82 -21.59 -23.51
N ASP O 112 11.49 -21.64 -23.48
CA ASP O 112 10.74 -21.41 -22.24
C ASP O 112 10.52 -22.68 -21.43
N ASP O 113 10.47 -23.84 -22.07
CA ASP O 113 10.15 -25.06 -21.34
C ASP O 113 10.76 -26.26 -22.04
N LEU O 114 10.84 -27.37 -21.31
CA LEU O 114 11.32 -28.65 -21.83
C LEU O 114 10.33 -29.73 -21.44
N THR O 115 9.91 -30.52 -22.41
CA THR O 115 8.91 -31.57 -22.21
C THR O 115 9.63 -32.92 -22.18
N LEU O 116 9.75 -33.50 -20.99
CA LEU O 116 10.46 -34.77 -20.85
C LEU O 116 9.68 -35.91 -21.50
N ALA O 117 8.38 -36.01 -21.20
CA ALA O 117 7.59 -37.11 -21.73
C ALA O 117 6.12 -36.72 -21.69
N ASP O 118 5.38 -37.09 -22.74
CA ASP O 118 3.95 -36.84 -22.81
C ASP O 118 3.35 -37.81 -23.80
N TRP O 119 2.35 -38.58 -23.37
CA TRP O 119 1.71 -39.54 -24.24
C TRP O 119 0.32 -39.87 -23.71
N GLU O 120 -0.53 -40.32 -24.62
CA GLU O 120 -1.90 -40.70 -24.30
C GLU O 120 -2.31 -41.85 -25.21
N VAL O 121 -3.16 -42.72 -24.69
CA VAL O 121 -3.53 -43.94 -25.42
C VAL O 121 -4.31 -43.56 -26.67
N GLY O 122 -3.84 -44.03 -27.83
CA GLY O 122 -4.52 -43.79 -29.09
C GLY O 122 -4.19 -42.47 -29.76
N VAL O 123 -3.21 -41.73 -29.27
CA VAL O 123 -2.88 -40.40 -29.79
C VAL O 123 -1.41 -40.38 -30.17
N LYS O 124 -1.11 -39.92 -31.38
CA LYS O 124 0.28 -39.76 -31.80
C LYS O 124 0.95 -38.67 -30.99
N GLY O 125 2.23 -38.88 -30.67
CA GLY O 125 2.95 -37.91 -29.88
C GLY O 125 3.12 -36.59 -30.61
N GLU O 126 2.88 -35.50 -29.89
CA GLU O 126 3.02 -34.15 -30.44
C GLU O 126 3.67 -33.28 -29.38
N ILE O 127 4.67 -32.51 -29.79
CA ILE O 127 5.46 -31.68 -28.87
C ILE O 127 5.48 -30.25 -29.40
N GLU O 128 5.28 -29.28 -28.51
CA GLU O 128 5.39 -27.88 -28.85
C GLU O 128 6.25 -27.17 -27.81
N ALA O 129 6.98 -26.15 -28.25
CA ALA O 129 7.93 -25.48 -27.38
C ALA O 129 7.98 -23.98 -27.67
N PRO O 130 7.46 -23.14 -26.78
CA PRO O 130 7.58 -21.69 -26.96
C PRO O 130 9.01 -21.23 -26.72
N PHE O 131 9.28 -20.01 -27.17
CA PHE O 131 10.62 -19.44 -27.04
C PHE O 131 10.54 -17.93 -27.21
N THR O 132 11.66 -17.27 -26.92
CA THR O 132 11.80 -15.83 -27.09
C THR O 132 13.12 -15.53 -27.79
N PHE O 133 13.13 -14.45 -28.56
CA PHE O 133 14.32 -14.05 -29.31
C PHE O 133 14.51 -12.54 -29.23
N THR O 134 15.74 -12.11 -29.48
CA THR O 134 16.11 -10.71 -29.35
C THR O 134 16.16 -9.98 -30.69
N GLU O 135 16.96 -10.48 -31.63
CA GLU O 135 17.20 -9.80 -32.89
C GLU O 135 17.05 -10.78 -34.05
N TYR O 136 16.89 -10.21 -35.24
CA TYR O 136 16.65 -11.00 -36.44
C TYR O 136 17.40 -10.40 -37.62
N ASP O 137 17.65 -11.23 -38.61
CA ASP O 137 18.22 -10.79 -39.89
C ASP O 137 17.38 -11.36 -41.02
N PHE O 138 17.29 -10.61 -42.11
CA PHE O 138 16.34 -10.87 -43.17
C PHE O 138 17.08 -11.21 -44.46
N LEU O 139 16.62 -12.25 -45.14
CA LEU O 139 17.27 -12.73 -46.36
C LEU O 139 16.21 -13.07 -47.40
N ASP O 140 16.57 -12.87 -48.67
CA ASP O 140 15.75 -13.29 -49.81
C ASP O 140 14.34 -12.69 -49.72
N ILE O 141 14.30 -11.36 -49.84
CA ILE O 141 13.04 -10.65 -49.82
C ILE O 141 12.17 -11.07 -51.00
N ILE O 142 10.86 -10.91 -50.83
CA ILE O 142 9.91 -11.21 -51.90
C ILE O 142 9.45 -9.92 -52.57
N ASN P 3 3.13 21.88 -32.84
CA ASN P 3 4.54 21.88 -32.49
C ASN P 3 4.90 20.62 -31.70
N MET P 4 4.38 20.52 -30.48
CA MET P 4 4.64 19.37 -29.64
C MET P 4 4.11 18.09 -30.28
N GLU P 5 4.94 17.05 -30.28
CA GLU P 5 4.55 15.74 -30.75
C GLU P 5 5.10 14.71 -29.78
N ALA P 6 4.37 13.60 -29.63
CA ALA P 6 4.71 12.63 -28.59
C ALA P 6 6.09 12.02 -28.80
N ARG P 7 6.50 11.85 -30.06
CA ARG P 7 7.77 11.19 -30.33
C ARG P 7 8.96 11.96 -29.76
N ASN P 8 8.82 13.28 -29.59
CA ASN P 8 9.95 14.09 -29.18
C ASN P 8 10.39 13.84 -27.75
N VAL P 9 9.56 13.18 -26.94
CA VAL P 9 9.91 12.94 -25.54
C VAL P 9 11.07 11.95 -25.47
N MET P 10 12.10 12.31 -24.72
CA MET P 10 13.29 11.47 -24.63
C MET P 10 12.99 10.17 -23.90
N SER P 11 13.73 9.12 -24.26
CA SER P 11 13.63 7.82 -23.63
C SER P 11 14.90 7.54 -22.84
N GLY P 12 14.75 6.94 -21.66
CA GLY P 12 15.91 6.62 -20.84
C GLY P 12 16.73 5.45 -21.34
N THR P 13 16.21 4.68 -22.30
CA THR P 13 16.97 3.56 -22.84
C THR P 13 18.25 4.02 -23.54
N TRP P 14 18.25 5.25 -24.06
CA TRP P 14 19.36 5.75 -24.84
C TRP P 14 20.46 6.41 -24.02
N GLY P 15 20.28 6.55 -22.71
CA GLY P 15 21.30 7.17 -21.90
C GLY P 15 22.55 6.30 -21.78
N GLU P 16 23.68 6.96 -21.55
CA GLU P 16 24.94 6.27 -21.31
C GLU P 16 25.78 7.11 -20.37
N LEU P 17 26.72 6.46 -19.69
CA LEU P 17 27.48 7.07 -18.63
C LEU P 17 28.96 6.73 -18.73
N TRP P 18 29.81 7.72 -18.53
CA TRP P 18 31.25 7.54 -18.38
C TRP P 18 31.63 7.95 -16.97
N LEU P 19 32.27 7.04 -16.24
CA LEU P 19 32.75 7.31 -14.90
C LEU P 19 34.27 7.24 -14.90
N ASP P 20 34.92 8.34 -14.53
CA ASP P 20 36.38 8.42 -14.51
C ASP P 20 36.99 8.10 -15.87
N GLY P 21 36.31 8.51 -16.93
CA GLY P 21 36.79 8.32 -18.28
C GLY P 21 36.55 6.96 -18.88
N ASN P 22 35.91 6.05 -18.17
CA ASN P 22 35.62 4.71 -18.66
C ASN P 22 34.12 4.55 -18.89
N LYS P 23 33.76 3.82 -19.93
CA LYS P 23 32.36 3.61 -20.25
C LYS P 23 31.76 2.53 -19.36
N VAL P 24 30.62 2.82 -18.77
CA VAL P 24 29.91 1.88 -17.91
C VAL P 24 28.75 1.32 -18.71
N ALA P 25 28.88 0.06 -19.15
CA ALA P 25 27.84 -0.55 -19.96
C ALA P 25 26.64 -1.00 -19.14
N GLU P 26 26.86 -1.43 -17.91
CA GLU P 26 25.78 -1.99 -17.10
C GLU P 26 25.10 -0.94 -16.23
N VAL P 27 24.69 0.16 -16.85
CA VAL P 27 24.04 1.25 -16.12
C VAL P 27 22.53 1.07 -16.21
N LYS P 28 21.85 1.36 -15.10
CA LYS P 28 20.39 1.29 -15.06
C LYS P 28 19.75 2.68 -15.03
N LYS P 29 20.18 3.54 -14.10
CA LYS P 29 19.65 4.90 -14.04
C LYS P 29 20.69 5.81 -13.42
N PHE P 30 20.69 7.06 -13.87
CA PHE P 30 21.58 8.10 -13.38
C PHE P 30 20.77 9.32 -13.02
N GLN P 31 21.13 9.96 -11.92
CA GLN P 31 20.36 11.11 -11.43
C GLN P 31 21.30 12.09 -10.75
N ALA P 32 21.13 13.37 -11.06
CA ALA P 32 21.87 14.45 -10.41
C ALA P 32 20.91 15.61 -10.17
N LYS P 33 21.10 16.29 -9.04
CA LYS P 33 20.15 17.32 -8.65
C LYS P 33 20.88 18.39 -7.85
N MET P 34 20.26 19.56 -7.76
CA MET P 34 20.83 20.71 -7.07
C MET P 34 19.77 21.32 -6.18
N GLU P 35 20.00 21.28 -4.87
CA GLU P 35 19.04 21.80 -3.90
C GLU P 35 19.50 23.15 -3.38
N PHE P 36 18.67 24.17 -3.55
CA PHE P 36 19.01 25.52 -3.11
C PHE P 36 18.61 25.72 -1.65
N THR P 37 19.50 26.35 -0.89
CA THR P 37 19.23 26.68 0.50
C THR P 37 18.66 28.09 0.57
N LYS P 38 17.49 28.23 1.18
CA LYS P 38 16.80 29.51 1.26
C LYS P 38 16.36 29.77 2.70
N GLU P 39 16.31 31.05 3.06
CA GLU P 39 15.95 31.50 4.39
C GLU P 39 14.73 32.38 4.31
N ASP P 40 13.78 32.17 5.23
CA ASP P 40 12.58 32.99 5.27
C ASP P 40 12.90 34.38 5.82
N ILE P 41 12.42 35.40 5.13
CA ILE P 41 12.63 36.79 5.54
C ILE P 41 11.28 37.50 5.47
N ILE P 42 10.93 38.17 6.57
CA ILE P 42 9.68 38.90 6.68
C ILE P 42 9.97 40.39 6.59
N ILE P 43 9.28 41.07 5.69
CA ILE P 43 9.46 42.50 5.47
C ILE P 43 8.32 43.26 6.10
N ALA P 44 8.65 44.33 6.82
CA ALA P 44 7.63 45.13 7.49
C ALA P 44 6.63 45.69 6.49
N GLY P 45 5.35 45.59 6.82
CA GLY P 45 4.29 46.11 5.99
C GLY P 45 3.82 45.19 4.89
N GLN P 46 4.43 44.02 4.70
CA GLN P 46 4.05 43.09 3.66
C GLN P 46 3.56 41.79 4.28
N MET P 47 2.40 41.31 3.82
CA MET P 47 1.91 40.02 4.27
C MET P 47 2.70 38.88 3.62
N GLY P 48 3.00 38.99 2.33
CA GLY P 48 3.74 37.95 1.64
C GLY P 48 5.12 37.74 2.20
N THR P 49 5.44 36.49 2.54
CA THR P 49 6.75 36.15 3.08
C THR P 49 7.72 35.87 1.93
N ASP P 50 8.86 36.55 1.95
CA ASP P 50 9.85 36.43 0.90
C ASP P 50 11.05 35.62 1.41
N THR P 51 11.86 35.13 0.48
CA THR P 51 12.98 34.27 0.79
C THR P 51 14.26 34.82 0.19
N LYS P 52 15.37 34.45 0.80
CA LYS P 52 16.71 34.83 0.33
C LYS P 52 17.47 33.56 -0.01
N TYR P 53 18.09 33.53 -1.18
CA TYR P 53 18.84 32.37 -1.64
C TYR P 53 20.27 32.47 -1.17
N MET P 54 20.76 31.42 -0.52
CA MET P 54 22.04 31.48 0.19
C MET P 54 23.08 30.49 -0.32
N GLY P 55 22.67 29.36 -0.86
CA GLY P 55 23.63 28.39 -1.37
C GLY P 55 22.89 27.21 -1.98
N TYR P 56 23.68 26.27 -2.52
CA TYR P 56 23.12 25.07 -3.11
C TYR P 56 23.90 23.85 -2.67
N LYS P 57 23.22 22.70 -2.66
CA LYS P 57 23.80 21.42 -2.32
C LYS P 57 23.37 20.39 -3.36
N GLY P 58 24.32 19.59 -3.84
CA GLY P 58 24.07 18.64 -4.91
C GLY P 58 24.01 17.21 -4.39
N LYS P 59 23.07 16.44 -4.91
CA LYS P 59 22.92 15.04 -4.55
C LYS P 59 22.55 14.23 -5.78
N GLY P 60 22.86 12.94 -5.74
CA GLY P 60 22.56 12.06 -6.86
C GLY P 60 22.79 10.61 -6.46
N SER P 61 22.50 9.72 -7.40
CA SER P 61 22.67 8.29 -7.17
C SER P 61 22.91 7.59 -8.50
N ILE P 62 23.50 6.40 -8.42
CA ILE P 62 23.78 5.56 -9.57
C ILE P 62 23.31 4.15 -9.25
N THR P 63 22.60 3.53 -10.19
CA THR P 63 22.15 2.15 -10.06
C THR P 63 22.69 1.35 -11.23
N LEU P 64 23.16 0.13 -10.94
CA LEU P 64 23.82 -0.66 -11.95
C LEU P 64 23.76 -2.13 -11.57
N TYR P 65 23.73 -2.99 -12.59
CA TYR P 65 23.70 -4.43 -12.37
C TYR P 65 25.04 -4.93 -11.85
N HIS P 66 25.01 -6.03 -11.12
CA HIS P 66 26.21 -6.60 -10.50
C HIS P 66 26.95 -7.52 -11.48
N VAL P 67 27.33 -6.93 -12.61
CA VAL P 67 28.08 -7.69 -13.62
C VAL P 67 29.50 -7.97 -13.13
N SER P 68 30.16 -6.96 -12.57
CA SER P 68 31.54 -7.09 -12.13
C SER P 68 31.77 -6.24 -10.90
N SER P 69 32.87 -6.53 -10.20
CA SER P 69 33.22 -5.82 -8.97
C SER P 69 33.97 -4.52 -9.29
N ARG P 70 33.28 -3.63 -9.99
CA ARG P 70 33.90 -2.37 -10.39
C ARG P 70 34.02 -1.41 -9.22
N MET P 71 32.98 -1.31 -8.39
CA MET P 71 32.95 -0.27 -7.36
C MET P 71 33.99 -0.51 -6.28
N HIS P 72 34.34 -1.77 -6.02
CA HIS P 72 35.34 -2.06 -4.99
C HIS P 72 36.69 -1.48 -5.37
N LYS P 73 37.16 -1.79 -6.59
CA LYS P 73 38.51 -1.42 -6.99
C LYS P 73 38.76 0.08 -6.91
N LEU P 74 37.70 0.90 -7.00
CA LEU P 74 37.88 2.34 -6.99
C LEU P 74 38.29 2.85 -5.61
N ILE P 75 37.58 2.44 -4.56
CA ILE P 75 37.69 3.15 -3.29
C ILE P 75 37.90 2.25 -2.08
N GLY P 76 37.86 0.92 -2.27
CA GLY P 76 37.84 0.02 -1.13
C GLY P 76 39.06 0.18 -0.22
N GLU P 77 40.25 0.21 -0.82
CA GLU P 77 41.46 0.34 -0.01
C GLU P 77 41.67 1.78 0.45
N LYS P 78 41.36 2.74 -0.42
CA LYS P 78 41.61 4.14 -0.08
C LYS P 78 40.74 4.60 1.09
N ILE P 79 39.53 4.05 1.23
CA ILE P 79 38.72 4.40 2.39
C ILE P 79 39.38 3.96 3.69
N LYS P 80 39.92 2.74 3.70
CA LYS P 80 40.65 2.28 4.88
C LYS P 80 41.89 3.14 5.12
N ARG P 81 42.60 3.49 4.05
CA ARG P 81 43.83 4.25 4.21
C ARG P 81 43.58 5.65 4.75
N GLY P 82 42.39 6.20 4.52
CA GLY P 82 42.07 7.53 4.97
C GLY P 82 42.13 8.61 3.89
N SER P 83 42.38 8.23 2.64
CA SER P 83 42.40 9.18 1.53
C SER P 83 41.12 9.01 0.73
N GLU P 84 40.36 10.10 0.59
CA GLU P 84 39.08 10.04 -0.09
C GLU P 84 39.25 10.39 -1.56
N PRO P 85 38.90 9.51 -2.48
CA PRO P 85 39.02 9.82 -3.91
C PRO P 85 37.89 10.73 -4.38
N ARG P 86 38.13 11.36 -5.53
CA ARG P 86 37.15 12.20 -6.20
C ARG P 86 37.08 11.80 -7.67
N PHE P 87 35.88 11.83 -8.24
CA PHE P 87 35.66 11.33 -9.59
C PHE P 87 34.88 12.36 -10.41
N VAL P 88 34.94 12.17 -11.73
CA VAL P 88 34.21 12.99 -12.69
C VAL P 88 33.37 12.07 -13.56
N ALA P 89 32.09 12.42 -13.72
CA ALA P 89 31.16 11.60 -14.49
C ALA P 89 30.55 12.42 -15.62
N ILE P 90 30.29 11.75 -16.74
CA ILE P 90 29.72 12.38 -17.92
C ILE P 90 28.52 11.56 -18.38
N SER P 91 27.38 12.21 -18.53
CA SER P 91 26.14 11.55 -18.95
C SER P 91 25.65 12.18 -20.24
N LYS P 92 25.40 11.35 -21.25
CA LYS P 92 24.96 11.80 -22.56
C LYS P 92 23.66 11.09 -22.91
N LEU P 93 22.62 11.87 -23.20
CA LEU P 93 21.31 11.34 -23.52
C LEU P 93 21.00 11.68 -24.98
N ASN P 94 20.84 10.65 -25.81
CA ASN P 94 20.74 10.82 -27.26
C ASN P 94 19.59 9.97 -27.79
N ASP P 95 18.42 10.59 -27.94
CA ASP P 95 17.25 9.91 -28.49
C ASP P 95 17.08 10.32 -29.95
N PRO P 96 17.07 9.38 -30.89
CA PRO P 96 16.99 9.76 -32.30
C PRO P 96 15.79 10.62 -32.66
N ASP P 97 14.64 10.38 -32.03
CA ASP P 97 13.47 11.18 -32.35
C ASP P 97 13.53 12.58 -31.74
N SER P 98 14.29 12.75 -30.67
CA SER P 98 14.39 14.05 -30.02
C SER P 98 15.12 15.05 -30.91
N TYR P 99 15.10 16.31 -30.49
CA TYR P 99 15.76 17.36 -31.26
C TYR P 99 17.26 17.13 -31.33
N GLY P 100 17.87 16.77 -30.21
CA GLY P 100 19.31 16.57 -30.20
C GLY P 100 19.75 15.99 -28.88
N ALA P 101 21.03 15.60 -28.83
CA ALA P 101 21.59 15.03 -27.62
C ALA P 101 22.04 16.13 -26.67
N GLU P 102 22.08 15.78 -25.38
CA GLU P 102 22.59 16.68 -24.35
C GLU P 102 23.61 15.92 -23.51
N ARG P 103 24.64 16.62 -23.06
CA ARG P 103 25.77 15.99 -22.37
C ARG P 103 26.20 16.90 -21.23
N ILE P 104 26.03 16.44 -19.99
CA ILE P 104 26.36 17.23 -18.82
C ILE P 104 27.44 16.50 -18.03
N ALA P 105 28.48 17.22 -17.66
CA ALA P 105 29.60 16.67 -16.90
C ALA P 105 29.49 17.10 -15.45
N VAL P 106 29.54 16.12 -14.55
CA VAL P 106 29.44 16.34 -13.12
C VAL P 106 30.81 16.08 -12.50
N LYS P 107 31.34 17.06 -11.78
CA LYS P 107 32.70 17.00 -11.27
C LYS P 107 32.71 16.95 -9.74
N ASN P 108 33.83 16.48 -9.21
CA ASN P 108 34.08 16.42 -7.77
C ASN P 108 32.99 15.57 -7.07
N ILE P 109 32.96 14.30 -7.42
CA ILE P 109 31.97 13.37 -6.88
C ILE P 109 32.58 12.63 -5.70
N ALA P 110 31.82 12.56 -4.60
CA ALA P 110 32.20 11.80 -3.42
C ALA P 110 31.08 10.85 -3.07
N PHE P 111 31.42 9.56 -2.93
CA PHE P 111 30.40 8.55 -2.71
C PHE P 111 30.02 8.46 -1.24
N ASP P 112 28.79 8.02 -0.99
CA ASP P 112 28.26 7.94 0.36
C ASP P 112 28.50 6.60 1.03
N ASP P 113 28.53 5.50 0.28
CA ASP P 113 28.66 4.18 0.89
C ASP P 113 29.17 3.19 -0.13
N LEU P 114 29.65 2.05 0.38
CA LEU P 114 30.18 0.98 -0.44
C LEU P 114 29.49 -0.32 -0.05
N THR P 115 29.02 -1.07 -1.04
CA THR P 115 28.28 -2.31 -0.81
C THR P 115 29.19 -3.48 -1.11
N LEU P 116 29.67 -4.15 -0.05
CA LEU P 116 30.58 -5.28 -0.23
C LEU P 116 29.86 -6.47 -0.86
N ALA P 117 28.70 -6.84 -0.33
CA ALA P 117 27.97 -7.98 -0.85
C ALA P 117 26.49 -7.81 -0.56
N ASP P 118 25.66 -8.07 -1.57
CA ASP P 118 24.20 -7.98 -1.44
C ASP P 118 23.59 -8.97 -2.42
N TRP P 119 23.26 -10.16 -1.92
CA TRP P 119 22.71 -11.21 -2.76
C TRP P 119 21.65 -11.99 -2.01
N GLU P 120 20.58 -12.35 -2.72
CA GLU P 120 19.50 -13.15 -2.17
C GLU P 120 19.11 -14.20 -3.19
N VAL P 121 18.69 -15.38 -2.70
CA VAL P 121 18.36 -16.47 -3.59
C VAL P 121 17.17 -16.10 -4.47
N GLY P 122 17.25 -16.48 -5.74
CA GLY P 122 16.17 -16.20 -6.68
C GLY P 122 16.03 -14.75 -7.07
N VAL P 123 17.03 -13.91 -6.78
CA VAL P 123 16.97 -12.48 -7.05
C VAL P 123 18.24 -12.07 -7.77
N LYS P 124 18.10 -11.39 -8.90
CA LYS P 124 19.24 -10.87 -9.63
C LYS P 124 19.93 -9.78 -8.83
N GLY P 125 21.26 -9.70 -8.98
CA GLY P 125 22.03 -8.74 -8.21
C GLY P 125 21.95 -7.33 -8.78
N GLU P 126 21.92 -6.35 -7.88
CA GLU P 126 21.94 -4.95 -8.26
C GLU P 126 22.70 -4.16 -7.20
N ILE P 127 23.28 -3.04 -7.63
CA ILE P 127 24.05 -2.17 -6.75
C ILE P 127 23.57 -0.74 -6.96
N GLU P 128 23.34 -0.02 -5.87
CA GLU P 128 22.99 1.39 -5.93
C GLU P 128 23.91 2.17 -5.00
N ALA P 129 24.42 3.29 -5.49
CA ALA P 129 25.38 4.10 -4.74
C ALA P 129 24.98 5.58 -4.85
N PRO P 130 24.61 6.23 -3.76
CA PRO P 130 24.37 7.67 -3.80
C PRO P 130 25.65 8.46 -3.57
N PHE P 131 25.66 9.69 -4.09
CA PHE P 131 26.85 10.51 -4.07
C PHE P 131 26.48 11.97 -3.95
N THR P 132 27.46 12.78 -3.57
CA THR P 132 27.31 14.23 -3.49
C THR P 132 28.37 14.89 -4.35
N PHE P 133 27.99 15.94 -5.07
CA PHE P 133 28.88 16.64 -5.98
C PHE P 133 28.85 18.12 -5.70
N THR P 134 29.79 18.85 -6.31
CA THR P 134 29.96 20.27 -6.05
C THR P 134 29.93 21.12 -7.30
N GLU P 135 30.52 20.66 -8.40
CA GLU P 135 30.67 21.47 -9.60
C GLU P 135 30.15 20.73 -10.81
N TYR P 136 29.73 21.48 -11.82
CA TYR P 136 29.23 20.91 -13.07
C TYR P 136 29.45 21.89 -14.20
N ASP P 137 29.49 21.36 -15.42
CA ASP P 137 29.60 22.17 -16.62
C ASP P 137 28.61 21.65 -17.67
N PHE P 138 28.26 22.54 -18.59
CA PHE P 138 27.28 22.25 -19.63
C PHE P 138 27.98 21.98 -20.95
N LEU P 139 27.47 21.01 -21.70
CA LEU P 139 28.02 20.66 -23.01
C LEU P 139 26.88 20.26 -23.94
N ASP P 140 26.81 20.89 -25.10
CA ASP P 140 25.91 20.46 -26.17
C ASP P 140 24.46 20.39 -25.71
N ILE P 141 24.05 21.35 -24.89
CA ILE P 141 22.66 21.40 -24.46
C ILE P 141 21.80 21.95 -25.60
N ILE P 142 20.56 21.49 -25.67
CA ILE P 142 19.66 21.91 -26.73
C ILE P 142 19.25 23.36 -26.54
N ASN Q 3 11.10 49.52 -2.37
CA ASN Q 3 12.55 49.66 -2.41
C ASN Q 3 13.24 48.49 -1.71
N MET Q 4 12.72 48.12 -0.54
CA MET Q 4 13.29 47.01 0.21
C MET Q 4 12.94 45.68 -0.45
N GLU Q 5 13.93 44.81 -0.58
CA GLU Q 5 13.73 43.47 -1.12
C GLU Q 5 14.55 42.49 -0.30
N ALA Q 6 14.09 41.23 -0.29
CA ALA Q 6 14.81 40.20 0.46
C ALA Q 6 16.19 39.94 -0.14
N ARG Q 7 16.34 40.09 -1.45
CA ARG Q 7 17.62 39.86 -2.09
C ARG Q 7 18.68 40.82 -1.59
N ASN Q 8 18.28 42.03 -1.20
CA ASN Q 8 19.24 43.07 -0.83
C ASN Q 8 20.00 42.74 0.45
N VAL Q 9 19.51 41.81 1.26
CA VAL Q 9 20.18 41.47 2.51
C VAL Q 9 21.50 40.75 2.20
N MET Q 10 22.58 41.22 2.82
CA MET Q 10 23.88 40.63 2.58
C MET Q 10 23.99 39.25 3.21
N SER Q 11 24.85 38.43 2.63
CA SER Q 11 25.12 37.08 3.11
C SER Q 11 26.58 37.00 3.58
N GLY Q 12 26.80 36.27 4.66
CA GLY Q 12 28.14 36.13 5.20
C GLY Q 12 29.05 35.22 4.41
N THR Q 13 28.51 34.46 3.46
CA THR Q 13 29.34 33.58 2.65
C THR Q 13 30.35 34.35 1.84
N TRP Q 14 29.98 35.53 1.35
CA TRP Q 14 30.84 36.35 0.50
C TRP Q 14 31.90 37.12 1.26
N GLY Q 15 31.88 37.11 2.59
CA GLY Q 15 32.89 37.84 3.34
C GLY Q 15 34.27 37.24 3.15
N GLU Q 16 35.28 38.11 3.16
CA GLU Q 16 36.67 37.70 3.07
C GLU Q 16 37.51 38.57 3.99
N LEU Q 17 38.62 38.01 4.46
CA LEU Q 17 39.43 38.64 5.50
C LEU Q 17 40.89 38.70 5.07
N TRP Q 18 41.52 39.85 5.32
CA TRP Q 18 42.95 40.03 5.14
C TRP Q 18 43.57 40.30 6.50
N LEU Q 19 44.52 39.47 6.90
CA LEU Q 19 45.19 39.60 8.18
C LEU Q 19 46.68 39.82 7.95
N ASP Q 20 47.19 40.93 8.48
CA ASP Q 20 48.62 41.28 8.37
C ASP Q 20 49.06 41.37 6.91
N GLY Q 21 48.15 41.79 6.03
CA GLY Q 21 48.47 41.89 4.63
C GLY Q 21 48.44 40.59 3.85
N ASN Q 22 48.12 39.48 4.52
CA ASN Q 22 48.08 38.17 3.88
C ASN Q 22 46.64 37.67 3.88
N LYS Q 23 46.15 37.27 2.70
CA LYS Q 23 44.79 36.81 2.58
C LYS Q 23 44.60 35.50 3.33
N VAL Q 24 43.48 35.39 4.04
CA VAL Q 24 43.14 34.21 4.81
C VAL Q 24 41.86 33.64 4.22
N ALA Q 25 41.99 32.57 3.43
CA ALA Q 25 40.83 31.92 2.84
C ALA Q 25 40.15 30.96 3.79
N GLU Q 26 40.78 30.62 4.90
CA GLU Q 26 40.24 29.66 5.87
C GLU Q 26 39.43 30.34 6.96
N VAL Q 27 38.51 31.22 6.58
CA VAL Q 27 37.78 32.04 7.53
C VAL Q 27 36.36 31.52 7.68
N LYS Q 28 35.89 31.47 8.92
CA LYS Q 28 34.53 31.02 9.24
C LYS Q 28 33.62 32.17 9.63
N LYS Q 29 34.05 33.01 10.58
CA LYS Q 29 33.26 34.17 10.98
C LYS Q 29 34.19 35.23 11.53
N PHE Q 30 33.83 36.49 11.29
CA PHE Q 30 34.58 37.64 11.76
C PHE Q 30 33.62 38.63 12.39
N GLN Q 31 34.04 39.24 13.50
CA GLN Q 31 33.17 40.15 14.23
C GLN Q 31 34.01 41.18 14.97
N ALA Q 32 33.57 42.43 14.94
CA ALA Q 32 34.21 43.50 15.69
C ALA Q 32 33.13 44.46 16.16
N LYS Q 33 33.25 44.88 17.42
CA LYS Q 33 32.23 45.72 18.04
C LYS Q 33 32.90 46.75 18.94
N MET Q 34 32.17 47.85 19.17
CA MET Q 34 32.64 48.95 20.02
C MET Q 34 31.69 49.08 21.20
N GLU Q 35 32.24 49.11 22.41
CA GLU Q 35 31.46 49.22 23.63
C GLU Q 35 31.77 50.56 24.28
N PHE Q 36 30.79 51.45 24.28
CA PHE Q 36 30.98 52.77 24.87
C PHE Q 36 30.87 52.70 26.39
N THR Q 37 31.33 53.76 27.04
CA THR Q 37 31.29 53.88 28.50
C THR Q 37 30.39 55.05 28.86
N LYS Q 38 29.45 54.81 29.77
CA LYS Q 38 28.51 55.84 30.19
C LYS Q 38 28.44 55.87 31.71
N GLU Q 39 28.23 57.08 32.25
CA GLU Q 39 28.06 57.30 33.68
C GLU Q 39 26.71 57.93 33.93
N ASP Q 40 25.99 57.42 34.93
CA ASP Q 40 24.68 57.96 35.27
C ASP Q 40 24.83 59.33 35.93
N ILE Q 41 24.04 60.29 35.47
CA ILE Q 41 23.99 61.62 36.06
C ILE Q 41 22.54 61.90 36.43
N ILE Q 42 22.33 62.28 37.69
CA ILE Q 42 21.01 62.67 38.18
C ILE Q 42 21.01 64.18 38.34
N ILE Q 43 20.12 64.85 37.62
CA ILE Q 43 20.04 66.30 37.62
C ILE Q 43 18.80 66.71 38.41
N ALA Q 44 19.01 67.55 39.42
CA ALA Q 44 17.91 67.98 40.27
C ALA Q 44 16.87 68.74 39.47
N GLY Q 45 15.60 68.42 39.71
CA GLY Q 45 14.49 69.08 39.06
C GLY Q 45 13.83 68.28 37.96
N GLN Q 46 14.43 67.18 37.52
CA GLN Q 46 13.84 66.34 36.48
C GLN Q 46 13.86 64.89 36.91
N MET Q 47 12.83 64.15 36.51
CA MET Q 47 12.72 62.74 36.93
C MET Q 47 13.69 61.86 36.17
N GLY Q 48 13.89 62.12 34.88
CA GLY Q 48 14.70 61.24 34.06
C GLY Q 48 16.16 61.27 34.45
N THR Q 49 16.87 60.24 34.02
CA THR Q 49 18.30 60.08 34.28
C THR Q 49 19.06 60.13 32.97
N ASP Q 50 20.08 60.99 32.91
CA ASP Q 50 20.88 61.18 31.71
C ASP Q 50 22.29 60.66 31.94
N THR Q 51 22.89 60.12 30.88
CA THR Q 51 24.22 59.53 30.94
C THR Q 51 25.25 60.46 30.31
N LYS Q 52 26.51 60.18 30.60
CA LYS Q 52 27.64 60.96 30.10
C LYS Q 52 28.63 60.02 29.44
N TYR Q 53 29.04 60.36 28.22
CA TYR Q 53 29.95 59.53 27.44
C TYR Q 53 31.40 59.91 27.73
N MET Q 54 32.23 58.92 28.04
CA MET Q 54 33.61 59.19 28.41
C MET Q 54 34.62 58.42 27.56
N GLY Q 55 34.28 57.19 27.16
CA GLY Q 55 35.24 56.39 26.43
C GLY Q 55 34.58 55.18 25.79
N TYR Q 56 35.41 54.38 25.12
CA TYR Q 56 34.94 53.20 24.42
C TYR Q 56 36.01 52.13 24.45
N LYS Q 57 35.60 50.90 24.17
CA LYS Q 57 36.49 49.75 24.08
C LYS Q 57 36.33 49.06 22.74
N GLY Q 58 37.32 48.24 22.40
CA GLY Q 58 37.27 47.45 21.19
C GLY Q 58 37.28 45.96 21.46
N LYS Q 59 36.34 45.23 20.87
CA LYS Q 59 36.23 43.79 21.09
C LYS Q 59 35.92 43.11 19.77
N GLY Q 60 36.38 41.87 19.65
CA GLY Q 60 36.15 41.10 18.45
C GLY Q 60 36.69 39.69 18.59
N SER Q 61 36.40 38.87 17.58
CA SER Q 61 36.87 37.50 17.57
C SER Q 61 37.00 37.02 16.13
N ILE Q 62 37.89 36.05 15.93
CA ILE Q 62 38.10 35.42 14.64
C ILE Q 62 38.04 33.92 14.82
N THR Q 63 37.22 33.24 14.02
CA THR Q 63 37.10 31.80 14.03
C THR Q 63 37.48 31.26 12.66
N LEU Q 64 38.39 30.28 12.64
CA LEU Q 64 38.94 29.77 11.40
C LEU Q 64 39.11 28.26 11.49
N TYR Q 65 38.95 27.59 10.35
CA TYR Q 65 39.18 26.15 10.29
C TYR Q 65 40.66 25.86 10.52
N HIS Q 66 40.94 24.79 11.26
CA HIS Q 66 42.32 24.42 11.59
C HIS Q 66 42.92 23.67 10.40
N VAL Q 67 43.44 24.43 9.46
CA VAL Q 67 44.14 23.88 8.31
C VAL Q 67 45.66 24.00 8.45
N SER Q 68 46.14 25.16 8.90
CA SER Q 68 47.56 25.38 9.06
C SER Q 68 47.82 26.06 10.40
N SER Q 69 49.06 25.96 10.86
CA SER Q 69 49.46 26.51 12.16
C SER Q 69 49.95 27.95 12.00
N ARG Q 70 49.08 28.78 11.43
CA ARG Q 70 49.42 30.17 11.18
C ARG Q 70 49.46 30.97 12.48
N MET Q 71 48.47 30.78 13.35
CA MET Q 71 48.39 31.56 14.57
C MET Q 71 49.60 31.33 15.46
N HIS Q 72 50.15 30.12 15.46
CA HIS Q 72 51.39 29.87 16.19
C HIS Q 72 52.54 30.67 15.58
N LYS Q 73 52.71 30.57 14.26
CA LYS Q 73 53.80 31.28 13.59
C LYS Q 73 53.71 32.79 13.84
N LEU Q 74 52.51 33.30 14.09
CA LEU Q 74 52.35 34.74 14.28
C LEU Q 74 53.03 35.20 15.57
N ILE Q 75 52.74 34.56 16.70
CA ILE Q 75 53.01 35.15 18.01
C ILE Q 75 53.70 34.21 18.99
N GLY Q 76 53.95 32.95 18.63
CA GLY Q 76 54.40 31.99 19.62
C GLY Q 76 55.70 32.38 20.29
N GLU Q 77 56.70 32.76 19.49
CA GLU Q 77 57.99 33.12 20.09
C GLU Q 77 57.91 34.46 20.80
N LYS Q 78 57.22 35.43 20.21
CA LYS Q 78 57.17 36.77 20.78
C LYS Q 78 56.46 36.79 22.12
N ILE Q 79 55.52 35.87 22.35
CA ILE Q 79 54.91 35.79 23.68
C ILE Q 79 55.96 35.41 24.72
N LYS Q 80 56.78 34.39 24.43
CA LYS Q 80 57.81 34.00 25.39
C LYS Q 80 58.84 35.10 25.59
N ARG Q 81 59.27 35.75 24.51
CA ARG Q 81 60.31 36.78 24.65
C ARG Q 81 59.84 37.94 25.52
N GLY Q 82 58.59 38.37 25.32
CA GLY Q 82 58.05 39.45 26.15
C GLY Q 82 57.67 40.68 25.37
N SER Q 83 57.65 40.58 24.05
CA SER Q 83 57.23 41.68 23.18
C SER Q 83 55.90 41.31 22.54
N GLU Q 84 54.90 42.16 22.73
CA GLU Q 84 53.57 41.89 22.23
C GLU Q 84 53.40 42.53 20.86
N PRO Q 85 53.25 41.76 19.79
CA PRO Q 85 53.08 42.36 18.47
C PRO Q 85 51.65 42.79 18.22
N ARG Q 86 51.48 43.61 17.19
CA ARG Q 86 50.18 44.10 16.77
C ARG Q 86 49.97 43.80 15.29
N PHE Q 87 48.71 43.76 14.87
CA PHE Q 87 48.38 43.41 13.50
C PHE Q 87 47.24 44.30 13.01
N VAL Q 88 47.05 44.32 11.70
CA VAL Q 88 45.99 45.08 11.05
C VAL Q 88 45.18 44.13 10.20
N ALA Q 89 43.86 44.14 10.36
CA ALA Q 89 42.96 43.27 9.63
C ALA Q 89 42.00 44.10 8.78
N ILE Q 90 41.79 43.63 7.55
CA ILE Q 90 40.89 44.29 6.61
C ILE Q 90 39.81 43.29 6.22
N SER Q 91 38.55 43.66 6.45
CA SER Q 91 37.41 42.82 6.13
C SER Q 91 36.64 43.42 4.98
N LYS Q 92 36.50 42.68 3.88
CA LYS Q 92 35.77 43.11 2.71
C LYS Q 92 34.58 42.20 2.52
N LEU Q 93 33.39 42.79 2.45
CA LEU Q 93 32.14 42.05 2.28
C LEU Q 93 31.45 42.55 1.04
N ASN Q 94 31.43 41.74 -0.01
CA ASN Q 94 30.88 42.12 -1.30
C ASN Q 94 29.85 41.08 -1.73
N ASP Q 95 28.58 41.47 -1.75
CA ASP Q 95 27.50 40.59 -2.14
C ASP Q 95 26.98 41.00 -3.50
N PRO Q 96 27.03 40.12 -4.50
CA PRO Q 96 26.54 40.49 -5.84
C PRO Q 96 25.07 40.91 -5.86
N ASP Q 97 24.24 40.33 -5.01
CA ASP Q 97 22.82 40.65 -5.03
C ASP Q 97 22.56 42.05 -4.47
N SER Q 98 23.21 42.40 -3.37
CA SER Q 98 23.01 43.71 -2.77
C SER Q 98 23.72 44.79 -3.58
N TYR Q 99 23.45 46.04 -3.23
CA TYR Q 99 24.09 47.18 -3.88
C TYR Q 99 25.26 47.66 -3.03
N GLY Q 100 26.41 47.82 -3.65
CA GLY Q 100 27.59 48.31 -2.97
C GLY Q 100 28.21 47.30 -2.03
N ALA Q 101 29.48 47.53 -1.67
CA ALA Q 101 30.20 46.68 -0.74
C ALA Q 101 30.92 47.55 0.27
N GLU Q 102 31.06 47.05 1.49
CA GLU Q 102 31.71 47.78 2.57
C GLU Q 102 33.00 47.07 2.97
N ARG Q 103 34.08 47.84 3.10
CA ARG Q 103 35.38 47.35 3.51
C ARG Q 103 35.87 48.19 4.68
N ILE Q 104 36.30 47.53 5.74
CA ILE Q 104 36.75 48.21 6.96
C ILE Q 104 38.11 47.65 7.36
N ALA Q 105 39.02 48.55 7.72
CA ALA Q 105 40.34 48.18 8.21
C ALA Q 105 40.39 48.41 9.72
N VAL Q 106 40.80 47.38 10.45
CA VAL Q 106 40.90 47.43 11.90
C VAL Q 106 42.39 47.40 12.26
N LYS Q 107 42.80 48.35 13.09
CA LYS Q 107 44.21 48.52 13.41
C LYS Q 107 44.46 48.35 14.90
N ASN Q 108 45.72 48.09 15.24
CA ASN Q 108 46.17 47.89 16.61
C ASN Q 108 45.42 46.75 17.29
N ILE Q 109 45.62 45.55 16.75
CA ILE Q 109 44.96 44.34 17.20
C ILE Q 109 45.90 43.55 18.09
N ALA Q 110 45.40 43.11 19.25
CA ALA Q 110 46.16 42.27 20.16
C ALA Q 110 45.28 41.10 20.57
N PHE Q 111 45.85 39.89 20.53
CA PHE Q 111 45.08 38.67 20.76
C PHE Q 111 45.02 38.34 22.25
N ASP Q 112 43.92 37.71 22.65
CA ASP Q 112 43.67 37.40 24.04
C ASP Q 112 44.18 36.02 24.44
N ASP Q 113 44.30 35.09 23.50
CA ASP Q 113 44.72 33.74 23.83
C ASP Q 113 45.43 33.11 22.64
N LEU Q 114 46.15 32.02 22.91
CA LEU Q 114 46.81 31.23 21.88
C LEU Q 114 46.52 29.76 22.14
N THR Q 115 46.13 29.04 21.10
CA THR Q 115 45.73 27.65 21.21
C THR Q 115 46.83 26.78 20.61
N LEU Q 116 47.62 26.13 21.47
CA LEU Q 116 48.68 25.26 20.99
C LEU Q 116 48.10 24.03 20.29
N ALA Q 117 47.17 23.33 20.94
CA ALA Q 117 46.62 22.12 20.38
C ALA Q 117 45.26 21.84 21.02
N ASP Q 118 44.31 21.41 20.19
CA ASP Q 118 42.98 21.05 20.68
C ASP Q 118 42.34 20.14 19.63
N TRP Q 119 42.15 18.87 19.99
CA TRP Q 119 41.62 17.90 19.05
C TRP Q 119 40.80 16.86 19.79
N GLU Q 120 39.72 16.41 19.17
CA GLU Q 120 38.86 15.38 19.72
C GLU Q 120 38.53 14.38 18.63
N VAL Q 121 38.48 13.10 19.00
CA VAL Q 121 38.20 12.06 18.02
C VAL Q 121 36.78 12.23 17.49
N GLY Q 122 36.64 12.15 16.16
CA GLY Q 122 35.36 12.30 15.53
C GLY Q 122 34.89 13.73 15.33
N VAL Q 123 35.75 14.71 15.61
CA VAL Q 123 35.39 16.12 15.50
C VAL Q 123 36.41 16.83 14.64
N LYS Q 124 35.93 17.63 13.69
CA LYS Q 124 36.82 18.48 12.90
C LYS Q 124 37.30 19.66 13.75
N GLY Q 125 38.54 20.09 13.48
CA GLY Q 125 39.14 21.13 14.30
C GLY Q 125 38.68 22.52 13.93
N GLU Q 126 38.63 23.38 14.95
CA GLU Q 126 38.31 24.80 14.78
C GLU Q 126 39.13 25.60 15.78
N ILE Q 127 39.43 26.85 15.41
CA ILE Q 127 40.17 27.76 16.27
C ILE Q 127 39.41 29.08 16.33
N GLU Q 128 39.19 29.58 17.54
CA GLU Q 128 38.62 30.90 17.75
C GLU Q 128 39.54 31.71 18.64
N ALA Q 129 39.82 32.95 18.24
CA ALA Q 129 40.76 33.81 18.96
C ALA Q 129 40.15 35.18 19.16
N PRO Q 130 39.79 35.56 20.39
CA PRO Q 130 39.34 36.93 20.64
C PRO Q 130 40.48 37.92 20.57
N PHE Q 131 40.12 39.19 20.41
CA PHE Q 131 41.12 40.24 20.29
C PHE Q 131 40.50 41.56 20.73
N THR Q 132 41.37 42.54 20.97
CA THR Q 132 40.97 43.90 21.30
C THR Q 132 41.66 44.86 20.35
N PHE Q 133 40.95 45.91 19.96
CA PHE Q 133 41.45 46.89 19.00
C PHE Q 133 41.16 48.30 19.50
N THR Q 134 41.90 49.26 18.96
CA THR Q 134 41.81 50.66 19.38
C THR Q 134 41.19 51.55 18.33
N GLU Q 135 41.67 51.51 17.09
CA GLU Q 135 41.24 52.43 16.05
C GLU Q 135 40.77 51.67 14.82
N TYR Q 136 39.90 52.32 14.05
CA TYR Q 136 39.33 51.75 12.83
C TYR Q 136 39.35 52.81 11.74
N ASP Q 137 39.15 52.35 10.50
CA ASP Q 137 39.05 53.24 9.36
C ASP Q 137 38.05 52.68 8.36
N PHE Q 138 37.42 53.58 7.62
CA PHE Q 138 36.40 53.21 6.63
C PHE Q 138 37.01 53.33 5.24
N LEU Q 139 36.97 52.23 4.49
CA LEU Q 139 37.49 52.20 3.11
C LEU Q 139 36.36 51.75 2.19
N ASP Q 140 35.75 52.71 1.50
CA ASP Q 140 34.72 52.44 0.49
C ASP Q 140 33.56 51.70 1.18
N ILE Q 141 32.83 52.43 2.00
CA ILE Q 141 31.56 51.96 2.56
C ILE Q 141 30.46 52.27 1.56
N ILE Q 142 29.26 51.73 1.80
CA ILE Q 142 28.11 52.03 0.97
C ILE Q 142 27.81 53.52 0.96
N ALA R 2 55.63 -51.78 10.67
CA ALA R 2 54.69 -52.14 11.73
C ALA R 2 55.00 -51.37 13.01
N ILE R 3 55.08 -52.11 14.12
CA ILE R 3 55.32 -51.48 15.42
C ILE R 3 56.80 -51.13 15.55
N GLY R 4 57.06 -49.96 16.16
CA GLY R 4 58.41 -49.55 16.49
C GLY R 4 58.45 -48.99 17.90
N LEU R 5 59.67 -48.86 18.41
CA LEU R 5 59.84 -48.38 19.77
C LEU R 5 59.35 -46.93 19.88
N PRO R 6 58.88 -46.53 21.07
CA PRO R 6 58.38 -45.15 21.20
C PRO R 6 59.51 -44.18 20.92
N SER R 7 59.41 -43.50 19.79
CA SER R 7 60.50 -42.68 19.27
C SER R 7 60.05 -41.24 19.23
N ILE R 8 60.80 -40.37 19.90
CA ILE R 8 60.59 -38.94 19.87
C ILE R 8 61.85 -38.29 19.32
N ASN R 9 61.69 -37.47 18.30
CA ASN R 9 62.82 -36.85 17.64
C ASN R 9 62.52 -35.37 17.42
N ILE R 10 63.58 -34.58 17.44
CA ILE R 10 63.49 -33.13 17.24
C ILE R 10 64.25 -32.80 15.96
N SER R 11 63.58 -32.10 15.05
CA SER R 11 64.16 -31.78 13.75
C SER R 11 64.64 -30.33 13.76
N PHE R 12 65.90 -30.14 13.40
CA PHE R 12 66.50 -28.80 13.32
C PHE R 12 66.60 -28.43 11.84
N LYS R 13 65.80 -27.46 11.43
CA LYS R 13 65.76 -27.00 10.05
C LYS R 13 65.81 -25.49 10.01
N GLU R 14 66.61 -24.95 9.10
CA GLU R 14 66.73 -23.51 8.90
C GLU R 14 66.14 -23.17 7.54
N LEU R 15 65.18 -22.26 7.54
CA LEU R 15 64.56 -21.83 6.29
C LEU R 15 65.55 -21.04 5.45
N ALA R 16 65.59 -21.35 4.16
CA ALA R 16 66.46 -20.67 3.21
C ALA R 16 65.63 -20.06 2.10
N THR R 17 66.15 -18.99 1.51
CA THR R 17 65.45 -18.34 0.40
C THR R 17 65.39 -19.28 -0.79
N THR R 18 64.19 -19.74 -1.13
CA THR R 18 63.98 -20.71 -2.18
C THR R 18 63.38 -20.01 -3.40
N VAL R 19 64.16 -19.92 -4.46
CA VAL R 19 63.71 -19.39 -5.74
C VAL R 19 64.07 -20.40 -6.82
N LYS R 20 63.09 -20.79 -7.62
CA LYS R 20 63.35 -21.75 -8.70
C LYS R 20 64.35 -21.16 -9.67
N GLU R 21 65.41 -21.92 -9.96
CA GLU R 21 66.53 -21.44 -10.76
C GLU R 21 66.39 -21.94 -12.18
N ARG R 22 66.24 -21.01 -13.12
CA ARG R 22 66.08 -21.29 -14.53
C ARG R 22 67.43 -21.18 -15.23
N SER R 23 67.42 -21.18 -16.56
CA SER R 23 68.64 -21.14 -17.33
C SER R 23 69.48 -19.93 -16.97
N ALA R 24 70.79 -20.16 -16.83
CA ALA R 24 71.71 -19.10 -16.43
C ALA R 24 72.08 -18.24 -17.62
N ARG R 25 72.03 -16.93 -17.44
CA ARG R 25 72.35 -15.95 -18.47
C ARG R 25 73.68 -15.28 -18.16
N GLY R 26 74.25 -14.66 -19.19
CA GLY R 26 75.53 -14.00 -19.05
C GLY R 26 76.74 -14.90 -19.22
N ILE R 27 76.55 -16.16 -19.56
CA ILE R 27 77.67 -17.07 -19.76
C ILE R 27 78.31 -16.80 -21.11
N ILE R 28 79.63 -16.94 -21.17
CA ILE R 28 80.40 -16.73 -22.38
C ILE R 28 81.19 -17.99 -22.68
N ALA R 29 80.98 -18.55 -23.87
CA ALA R 29 81.78 -19.68 -24.35
C ALA R 29 82.90 -19.12 -25.22
N MET R 30 84.12 -19.19 -24.72
CA MET R 30 85.29 -18.66 -25.41
C MET R 30 86.10 -19.80 -25.97
N VAL R 31 86.37 -19.76 -27.27
CA VAL R 31 87.10 -20.82 -27.95
C VAL R 31 88.31 -20.19 -28.66
N LEU R 32 89.43 -20.89 -28.59
CA LEU R 32 90.69 -20.40 -29.14
C LEU R 32 91.62 -21.58 -29.33
N LYS R 33 92.66 -21.37 -30.13
CA LYS R 33 93.62 -22.42 -30.46
C LYS R 33 94.98 -22.10 -29.87
N ASP R 34 95.60 -23.12 -29.27
CA ASP R 34 96.92 -23.01 -28.67
C ASP R 34 97.50 -24.41 -28.51
N ALA R 35 98.81 -24.45 -28.27
CA ALA R 35 99.51 -25.71 -28.02
C ALA R 35 99.63 -26.05 -26.54
N LYS R 36 99.20 -25.16 -25.65
CA LYS R 36 99.32 -25.36 -24.21
C LYS R 36 97.94 -25.37 -23.57
N ALA R 37 97.82 -26.14 -22.48
CA ALA R 37 96.60 -26.26 -21.71
C ALA R 37 95.42 -26.66 -22.60
N LEU R 38 95.58 -27.79 -23.28
CA LEU R 38 94.57 -28.26 -24.22
C LEU R 38 93.26 -28.59 -23.50
N GLY R 39 92.16 -28.43 -24.22
CA GLY R 39 90.85 -28.63 -23.64
C GLY R 39 90.27 -27.36 -23.05
N LEU R 40 89.08 -27.50 -22.48
CA LEU R 40 88.44 -26.37 -21.82
C LEU R 40 89.25 -25.93 -20.60
N ASN R 41 89.21 -24.63 -20.34
CA ASN R 41 89.99 -24.06 -19.25
C ASN R 41 89.15 -23.65 -18.05
N GLU R 42 87.82 -23.69 -18.16
CA GLU R 42 86.87 -23.47 -17.08
C GLU R 42 87.30 -22.32 -16.15
N ILE R 43 87.47 -21.15 -16.76
CA ILE R 43 87.89 -19.97 -16.00
C ILE R 43 86.67 -19.34 -15.36
N HIS R 44 86.34 -19.80 -14.13
CA HIS R 44 85.16 -19.29 -13.44
C HIS R 44 85.39 -17.89 -12.89
N GLU R 45 86.61 -17.56 -12.52
CA GLU R 45 86.95 -16.27 -11.95
C GLU R 45 87.87 -15.50 -12.89
N LYS R 46 87.69 -14.18 -12.90
CA LYS R 46 88.45 -13.34 -13.83
C LYS R 46 89.94 -13.35 -13.51
N GLU R 47 90.29 -13.30 -12.22
CA GLU R 47 91.69 -13.09 -11.86
C GLU R 47 92.58 -14.27 -12.25
N ASP R 48 92.13 -15.49 -12.00
CA ASP R 48 92.98 -16.67 -12.16
C ASP R 48 93.02 -17.09 -13.63
N ILE R 49 94.22 -17.14 -14.18
CA ILE R 49 94.44 -17.54 -15.58
C ILE R 49 95.58 -18.54 -15.63
N PRO R 50 95.48 -19.62 -16.41
CA PRO R 50 96.63 -20.51 -16.59
C PRO R 50 97.81 -19.75 -17.19
N VAL R 51 99.01 -20.10 -16.71
CA VAL R 51 100.20 -19.33 -17.07
C VAL R 51 100.75 -19.75 -18.43
N ASP R 52 100.58 -21.03 -18.81
CA ASP R 52 101.16 -21.52 -20.06
C ASP R 52 100.52 -20.91 -21.29
N LEU R 53 99.39 -20.23 -21.16
CA LEU R 53 98.73 -19.62 -22.30
C LEU R 53 99.59 -18.50 -22.88
N SER R 54 99.43 -18.27 -24.18
CA SER R 54 100.19 -17.22 -24.85
C SER R 54 99.80 -15.85 -24.33
N ALA R 55 100.77 -14.93 -24.34
CA ALA R 55 100.52 -13.58 -23.83
C ALA R 55 99.46 -12.87 -24.64
N GLU R 56 99.47 -13.05 -25.97
CA GLU R 56 98.47 -12.42 -26.82
C GLU R 56 97.08 -12.94 -26.50
N ASN R 57 96.93 -14.26 -26.39
CA ASN R 57 95.64 -14.84 -26.05
C ASN R 57 95.24 -14.51 -24.63
N LYS R 58 96.21 -14.41 -23.71
CA LYS R 58 95.90 -13.94 -22.37
C LYS R 58 95.37 -12.52 -22.39
N GLU R 59 95.93 -11.67 -23.25
CA GLU R 59 95.45 -10.30 -23.38
C GLU R 59 94.03 -10.27 -23.93
N TYR R 60 93.74 -11.11 -24.93
CA TYR R 60 92.38 -11.19 -25.45
C TYR R 60 91.42 -11.67 -24.37
N ILE R 61 91.85 -12.64 -23.56
CA ILE R 61 91.05 -13.07 -22.41
C ILE R 61 90.80 -11.89 -21.48
N ASN R 62 91.82 -11.04 -21.28
CA ASN R 62 91.66 -9.88 -20.42
C ASN R 62 90.62 -8.92 -20.97
N LEU R 63 90.62 -8.69 -22.28
CA LEU R 63 89.52 -7.94 -22.89
C LEU R 63 88.18 -8.58 -22.61
N ALA R 64 88.11 -9.91 -22.72
CA ALA R 64 86.84 -10.59 -22.48
C ALA R 64 86.39 -10.43 -21.02
N LEU R 65 87.34 -10.39 -20.09
CA LEU R 65 87.00 -10.44 -18.67
C LEU R 65 86.31 -9.17 -18.21
N MET R 66 86.85 -8.00 -18.57
CA MET R 66 86.25 -6.74 -18.16
C MET R 66 84.90 -6.54 -18.85
N GLY R 67 83.95 -5.97 -18.12
CA GLY R 67 82.59 -5.81 -18.61
C GLY R 67 82.13 -4.38 -18.56
N ASN R 68 81.16 -4.05 -19.42
CA ASN R 68 80.65 -2.69 -19.49
C ASN R 68 79.91 -2.30 -18.21
N VAL R 69 78.98 -3.14 -17.77
CA VAL R 69 78.18 -2.88 -16.59
C VAL R 69 78.63 -3.76 -15.42
N ASN R 70 78.72 -5.07 -15.64
CA ASN R 70 79.17 -6.00 -14.62
C ASN R 70 80.11 -7.00 -15.27
N THR R 71 80.99 -7.57 -14.45
CA THR R 71 81.85 -8.64 -14.91
C THR R 71 80.99 -9.84 -15.30
N PRO R 72 81.25 -10.49 -16.44
CA PRO R 72 80.43 -11.63 -16.84
C PRO R 72 80.43 -12.71 -15.77
N ASN R 73 79.24 -13.29 -15.55
CA ASN R 73 79.07 -14.22 -14.44
C ASN R 73 79.93 -15.46 -14.59
N LYS R 74 79.99 -16.01 -15.80
CA LYS R 74 80.77 -17.21 -16.05
C LYS R 74 81.50 -17.10 -17.38
N LEU R 75 82.74 -17.59 -17.40
CA LEU R 75 83.53 -17.64 -18.61
C LEU R 75 84.04 -19.06 -18.82
N LEU R 76 83.95 -19.54 -20.05
CA LEU R 76 84.42 -20.87 -20.42
C LEU R 76 85.36 -20.73 -21.61
N VAL R 77 86.64 -20.95 -21.39
CA VAL R 77 87.67 -20.79 -22.43
C VAL R 77 88.13 -22.17 -22.87
N TYR R 78 88.12 -22.41 -24.17
CA TYR R 78 88.53 -23.68 -24.75
C TYR R 78 89.80 -23.51 -25.57
N VAL R 79 90.72 -24.46 -25.43
CA VAL R 79 91.96 -24.49 -26.19
C VAL R 79 91.97 -25.73 -27.07
N ILE R 80 92.28 -25.54 -28.35
CA ILE R 80 92.29 -26.63 -29.32
C ILE R 80 93.62 -26.59 -30.06
N GLU R 81 94.01 -27.75 -30.57
CA GLU R 81 95.22 -27.83 -31.38
C GLU R 81 95.03 -27.08 -32.70
N GLY R 82 96.15 -26.62 -33.27
CA GLY R 82 96.09 -25.79 -34.46
C GLY R 82 95.42 -26.47 -35.65
N GLU R 83 95.50 -27.79 -35.71
CA GLU R 83 94.87 -28.54 -36.80
C GLU R 83 93.46 -28.96 -36.41
N ALA R 84 92.55 -28.93 -37.40
CA ALA R 84 91.14 -29.25 -37.20
C ALA R 84 90.53 -28.38 -36.11
N ASP R 85 90.55 -27.07 -36.36
CA ASP R 85 90.15 -26.10 -35.36
C ASP R 85 88.65 -26.08 -35.10
N ILE R 86 87.84 -26.68 -35.97
CA ILE R 86 86.41 -26.41 -35.96
C ILE R 86 85.59 -27.59 -35.41
N GLN R 87 86.08 -28.82 -35.60
CA GLN R 87 85.27 -29.99 -35.26
C GLN R 87 84.93 -30.09 -33.78
N THR R 88 85.95 -30.34 -32.94
CA THR R 88 85.66 -30.62 -31.54
C THR R 88 85.18 -29.38 -30.79
N ALA R 89 85.48 -28.18 -31.29
CA ALA R 89 84.86 -26.99 -30.74
C ALA R 89 83.35 -27.06 -30.88
N LEU R 90 82.86 -27.41 -32.07
CA LEU R 90 81.43 -27.59 -32.28
C LEU R 90 80.88 -28.73 -31.44
N ASP R 91 81.62 -29.84 -31.32
CA ASP R 91 81.13 -30.93 -30.48
C ASP R 91 80.98 -30.49 -29.02
N PHE R 92 81.95 -29.76 -28.49
CA PHE R 92 81.85 -29.30 -27.11
C PHE R 92 80.78 -28.24 -26.93
N LEU R 93 80.57 -27.39 -27.94
CA LEU R 93 79.48 -26.42 -27.87
C LEU R 93 78.13 -27.14 -27.85
N GLU R 94 77.97 -28.17 -28.67
CA GLU R 94 76.75 -28.97 -28.63
C GLU R 94 76.61 -29.66 -27.28
N THR R 95 77.71 -30.07 -26.68
CA THR R 95 77.66 -30.78 -25.41
C THR R 95 77.12 -29.91 -24.29
N LYS R 96 77.56 -28.65 -24.21
CA LYS R 96 77.31 -27.81 -23.06
C LYS R 96 76.68 -26.48 -23.48
N GLU R 97 75.72 -26.01 -22.69
CA GLU R 97 74.99 -24.80 -23.02
C GLU R 97 75.85 -23.55 -22.85
N PHE R 98 75.51 -22.51 -23.61
CA PHE R 98 76.23 -21.25 -23.55
C PHE R 98 75.37 -20.17 -24.20
N ASN R 99 75.84 -18.93 -24.11
CA ASN R 99 75.11 -17.78 -24.65
C ASN R 99 75.83 -17.10 -25.79
N TYR R 100 77.08 -16.70 -25.59
CA TYR R 100 77.81 -15.90 -26.57
C TYR R 100 79.16 -16.52 -26.85
N LEU R 101 79.70 -16.22 -28.04
CA LEU R 101 80.93 -16.84 -28.49
C LEU R 101 81.65 -15.91 -29.45
N CYS R 102 82.97 -16.08 -29.56
CA CYS R 102 83.78 -15.29 -30.49
C CYS R 102 85.02 -16.09 -30.87
N MET R 103 85.58 -15.74 -32.03
CA MET R 103 86.81 -16.36 -32.55
C MET R 103 87.84 -15.29 -32.83
N PRO R 104 88.77 -15.04 -31.90
CA PRO R 104 89.83 -14.05 -32.18
C PRO R 104 90.69 -14.41 -33.38
N LYS R 105 90.96 -15.70 -33.57
CA LYS R 105 91.77 -16.19 -34.68
C LYS R 105 90.90 -17.13 -35.51
N ALA R 106 90.46 -16.67 -36.68
CA ALA R 106 89.61 -17.47 -37.53
C ALA R 106 89.93 -17.21 -38.99
N VAL R 107 89.83 -18.27 -39.80
CA VAL R 107 89.88 -18.14 -41.26
C VAL R 107 88.47 -17.95 -41.76
N GLU R 108 88.33 -17.54 -43.03
CA GLU R 108 87.01 -17.30 -43.59
C GLU R 108 86.17 -18.56 -43.58
N ALA R 109 86.80 -19.71 -43.90
CA ALA R 109 86.09 -20.98 -43.82
C ALA R 109 85.63 -21.26 -42.39
N ASP R 110 86.43 -20.88 -41.40
CA ASP R 110 86.04 -21.03 -40.01
C ASP R 110 84.79 -20.22 -39.71
N LYS R 111 84.75 -18.97 -40.17
CA LYS R 111 83.57 -18.14 -39.95
C LYS R 111 82.34 -18.73 -40.62
N THR R 112 82.49 -19.21 -41.85
CA THR R 112 81.37 -19.80 -42.56
C THR R 112 80.86 -21.05 -41.86
N ALA R 113 81.78 -21.89 -41.37
CA ALA R 113 81.39 -23.10 -40.67
C ALA R 113 80.64 -22.75 -39.38
N ILE R 114 81.13 -21.75 -38.64
CA ILE R 114 80.45 -21.35 -37.41
C ILE R 114 79.04 -20.85 -37.71
N LYS R 115 78.91 -20.02 -38.75
CA LYS R 115 77.60 -19.48 -39.10
C LYS R 115 76.64 -20.59 -39.50
N ASN R 116 77.09 -21.50 -40.36
CA ASN R 116 76.23 -22.59 -40.81
C ASN R 116 75.83 -23.49 -39.64
N TRP R 117 76.78 -23.76 -38.74
CA TRP R 117 76.47 -24.59 -37.58
C TRP R 117 75.44 -23.92 -36.68
N ILE R 118 75.56 -22.61 -36.47
CA ILE R 118 74.60 -21.90 -35.65
C ILE R 118 73.22 -21.94 -36.28
N ILE R 119 73.15 -21.70 -37.59
CA ILE R 119 71.85 -21.73 -38.28
C ILE R 119 71.22 -23.11 -38.18
N LYS R 120 72.03 -24.16 -38.38
CA LYS R 120 71.52 -25.52 -38.26
C LYS R 120 71.03 -25.81 -36.85
N LEU R 121 71.80 -25.39 -35.84
CA LEU R 121 71.48 -25.78 -34.46
C LEU R 121 70.24 -25.06 -33.96
N ARG R 122 70.14 -23.76 -34.19
CA ARG R 122 69.03 -23.00 -33.64
C ARG R 122 67.68 -23.48 -34.13
N ASP R 123 67.64 -24.21 -35.24
CA ASP R 123 66.40 -24.78 -35.75
C ASP R 123 66.26 -26.27 -35.46
N ILE R 124 67.25 -27.08 -35.83
CA ILE R 124 67.13 -28.52 -35.66
C ILE R 124 67.17 -28.90 -34.18
N ASP R 125 68.13 -28.34 -33.44
CA ASP R 125 68.29 -28.71 -32.04
C ASP R 125 67.37 -27.95 -31.10
N LYS R 126 66.71 -26.90 -31.59
CA LYS R 126 65.87 -26.04 -30.77
C LYS R 126 66.64 -25.51 -29.56
N VAL R 127 67.89 -25.14 -29.78
CA VAL R 127 68.75 -24.55 -28.75
C VAL R 127 69.10 -23.14 -29.20
N LYS R 128 68.85 -22.16 -28.33
CA LYS R 128 69.05 -20.77 -28.66
C LYS R 128 70.44 -20.33 -28.22
N VAL R 129 71.31 -20.03 -29.19
CA VAL R 129 72.66 -19.56 -28.92
C VAL R 129 72.95 -18.39 -29.85
N LYS R 130 73.94 -17.60 -29.47
CA LYS R 130 74.40 -16.46 -30.27
C LYS R 130 75.92 -16.42 -30.24
N ALA R 131 76.49 -15.77 -31.25
CA ALA R 131 77.93 -15.61 -31.32
C ALA R 131 78.27 -14.34 -32.08
N VAL R 132 79.48 -13.84 -31.85
CA VAL R 132 79.99 -12.65 -32.49
C VAL R 132 81.14 -13.06 -33.40
N LEU R 133 81.10 -12.60 -34.66
CA LEU R 133 82.12 -12.94 -35.63
C LEU R 133 82.69 -11.67 -36.25
N GLY R 134 83.93 -11.76 -36.72
CA GLY R 134 84.63 -10.58 -37.21
C GLY R 134 84.02 -9.99 -38.46
N LYS R 135 83.65 -10.83 -39.42
CA LYS R 135 83.13 -10.32 -40.70
C LYS R 135 82.24 -11.41 -41.31
N VAL R 136 80.92 -11.18 -41.25
CA VAL R 136 79.94 -12.09 -41.82
C VAL R 136 78.86 -11.27 -42.51
N VAL R 137 78.10 -11.94 -43.37
CA VAL R 137 77.00 -11.32 -44.10
C VAL R 137 75.70 -12.11 -43.90
N GLY R 138 75.62 -12.87 -42.82
CA GLY R 138 74.46 -13.71 -42.58
C GLY R 138 73.20 -12.91 -42.33
N ASN R 139 72.06 -13.58 -42.52
CA ASN R 139 70.75 -12.97 -42.35
C ASN R 139 70.03 -13.48 -41.09
N HIS R 140 70.72 -14.24 -40.25
CA HIS R 140 70.05 -14.84 -39.10
C HIS R 140 70.09 -13.91 -37.90
N GLU R 141 69.19 -14.18 -36.94
CA GLU R 141 69.12 -13.36 -35.74
C GLU R 141 70.25 -13.66 -34.77
N GLY R 142 70.71 -14.90 -34.73
CA GLY R 142 71.73 -15.33 -33.79
C GLY R 142 73.15 -14.96 -34.14
N ILE R 143 73.36 -14.32 -35.28
CA ILE R 143 74.69 -13.93 -35.74
C ILE R 143 74.80 -12.41 -35.67
N ILE R 144 75.90 -11.91 -35.11
CA ILE R 144 76.15 -10.48 -34.96
C ILE R 144 77.33 -10.11 -35.85
N ASN R 145 77.12 -9.11 -36.70
CA ASN R 145 78.14 -8.64 -37.64
C ASN R 145 78.70 -7.33 -37.11
N PHE R 146 79.85 -7.41 -36.45
CA PHE R 146 80.58 -6.24 -35.98
C PHE R 146 81.75 -5.98 -36.91
N THR R 147 81.90 -4.74 -37.36
CA THR R 147 82.94 -4.41 -38.34
C THR R 147 83.39 -2.97 -38.11
N THR R 148 84.52 -2.81 -37.43
CA THR R 148 85.17 -1.50 -37.25
C THR R 148 86.66 -1.69 -37.44
N GLU R 149 87.22 -0.99 -38.42
CA GLU R 149 88.61 -1.19 -38.82
C GLU R 149 89.56 -0.32 -38.00
N ASP R 150 90.80 -0.81 -37.88
CA ASP R 150 91.91 -0.06 -37.28
C ASP R 150 91.55 0.43 -35.86
N VAL R 151 91.08 -0.49 -35.04
CA VAL R 151 90.85 -0.17 -33.63
C VAL R 151 92.19 -0.08 -32.91
N LEU R 152 92.39 1.01 -32.19
CA LEU R 152 93.65 1.27 -31.48
C LEU R 152 93.35 1.37 -29.99
N VAL R 153 93.62 0.29 -29.25
CA VAL R 153 93.43 0.24 -27.82
C VAL R 153 94.72 -0.22 -27.16
N GLY R 154 95.13 0.46 -26.11
CA GLY R 154 96.36 0.14 -25.43
C GLY R 154 97.56 0.30 -26.35
N GLU R 155 97.61 1.43 -27.06
CA GLU R 155 98.61 1.75 -28.08
C GLU R 155 98.96 0.53 -28.92
N LYS R 156 97.93 -0.22 -29.33
CA LYS R 156 98.11 -1.45 -30.09
C LYS R 156 97.21 -1.43 -31.31
N LYS R 157 97.69 -2.02 -32.40
CA LYS R 157 96.94 -2.10 -33.65
C LYS R 157 96.06 -3.35 -33.60
N TYR R 158 94.76 -3.16 -33.41
CA TYR R 158 93.81 -4.27 -33.32
C TYR R 158 93.00 -4.35 -34.60
N SER R 159 92.97 -5.53 -35.20
CA SER R 159 92.20 -5.74 -36.42
C SER R 159 90.72 -5.95 -36.08
N VAL R 160 89.89 -5.97 -37.14
CA VAL R 160 88.45 -6.05 -36.95
C VAL R 160 88.06 -7.38 -36.30
N ASP R 161 88.75 -8.46 -36.66
CA ASP R 161 88.38 -9.78 -36.13
C ASP R 161 88.79 -9.95 -34.67
N GLU R 162 89.86 -9.29 -34.24
CA GLU R 162 90.36 -9.51 -32.89
C GLU R 162 89.49 -8.84 -31.84
N PHE R 163 89.03 -7.62 -32.12
CA PHE R 163 88.31 -6.83 -31.13
C PHE R 163 86.96 -7.46 -30.77
N THR R 164 86.48 -8.41 -31.58
CA THR R 164 85.15 -8.98 -31.33
C THR R 164 85.05 -9.70 -30.00
N SER R 165 86.19 -10.13 -29.42
CA SER R 165 86.15 -10.75 -28.11
C SER R 165 85.66 -9.76 -27.05
N ARG R 166 86.24 -8.56 -27.03
CA ARG R 166 85.78 -7.53 -26.11
C ARG R 166 84.34 -7.11 -26.43
N VAL R 167 83.97 -7.12 -27.72
CA VAL R 167 82.60 -6.79 -28.08
C VAL R 167 81.62 -7.79 -27.47
N ALA R 168 81.93 -9.08 -27.61
CA ALA R 168 81.05 -10.11 -27.05
C ALA R 168 81.02 -10.04 -25.53
N GLY R 169 82.18 -9.80 -24.91
CA GLY R 169 82.21 -9.64 -23.46
C GLY R 169 81.36 -8.48 -22.99
N LEU R 170 81.42 -7.35 -23.72
CA LEU R 170 80.62 -6.19 -23.39
C LEU R 170 79.13 -6.48 -23.55
N ILE R 171 78.76 -7.19 -24.61
CA ILE R 171 77.36 -7.53 -24.83
C ILE R 171 76.85 -8.44 -23.72
N ALA R 172 77.64 -9.45 -23.34
CA ALA R 172 77.20 -10.40 -22.32
C ALA R 172 77.21 -9.80 -20.93
N GLY R 173 78.09 -8.82 -20.68
CA GLY R 173 78.20 -8.25 -19.34
C GLY R 173 76.96 -7.46 -18.95
N THR R 174 76.37 -6.74 -19.89
CA THR R 174 75.24 -5.88 -19.57
C THR R 174 74.01 -6.72 -19.23
N PRO R 175 73.15 -6.22 -18.34
CA PRO R 175 71.93 -6.97 -17.99
C PRO R 175 70.90 -6.90 -19.11
N LEU R 176 69.84 -7.70 -18.95
CA LEU R 176 68.79 -7.76 -19.95
C LEU R 176 68.04 -6.44 -20.06
N SER R 177 67.78 -5.79 -18.92
CA SER R 177 66.96 -4.59 -18.93
C SER R 177 67.59 -3.46 -19.74
N GLN R 178 68.89 -3.27 -19.60
CA GLN R 178 69.59 -2.20 -20.30
C GLN R 178 69.90 -2.62 -21.73
N SER R 179 70.45 -1.68 -22.51
CA SER R 179 70.82 -1.93 -23.89
C SER R 179 72.23 -1.42 -24.15
N VAL R 180 72.81 -1.87 -25.26
CA VAL R 180 74.17 -1.53 -25.61
C VAL R 180 74.31 -0.20 -26.34
N THR R 181 73.20 0.39 -26.79
CA THR R 181 73.26 1.62 -27.56
C THR R 181 73.84 2.76 -26.72
N TYR R 182 74.77 3.51 -27.32
CA TYR R 182 75.48 4.59 -26.64
C TYR R 182 76.08 4.13 -25.31
N THR R 183 76.97 3.15 -25.42
CA THR R 183 77.78 2.70 -24.29
C THR R 183 79.22 3.07 -24.57
N LYS R 184 79.84 3.80 -23.65
CA LYS R 184 81.16 4.37 -23.87
C LYS R 184 82.25 3.39 -23.48
N LEU R 185 83.29 3.31 -24.31
CA LEU R 185 84.46 2.48 -24.06
C LEU R 185 85.64 3.40 -23.84
N SER R 186 86.06 3.55 -22.58
CA SER R 186 87.19 4.41 -22.26
C SER R 186 88.48 3.88 -22.88
N ASP R 187 88.59 2.57 -23.04
CA ASP R 187 89.84 1.97 -23.54
C ASP R 187 90.10 2.38 -24.99
N VAL R 188 89.06 2.41 -25.81
CA VAL R 188 89.23 2.81 -27.21
C VAL R 188 89.56 4.29 -27.27
N VAL R 189 90.62 4.63 -28.01
CA VAL R 189 91.13 5.99 -28.01
C VAL R 189 91.11 6.58 -29.42
N ASP R 190 91.18 5.73 -30.44
CA ASP R 190 91.24 6.23 -31.80
C ASP R 190 90.45 5.33 -32.73
N ILE R 191 89.77 5.94 -33.70
CA ILE R 191 89.04 5.25 -34.75
C ILE R 191 89.29 6.00 -36.05
N PRO R 192 89.42 5.32 -37.18
CA PRO R 192 89.48 6.05 -38.46
C PRO R 192 88.23 6.89 -38.65
N LYS R 193 88.42 8.10 -39.16
CA LYS R 193 87.30 9.00 -39.37
C LYS R 193 86.38 8.48 -40.44
N MET R 194 85.07 8.54 -40.19
CA MET R 194 84.07 8.06 -41.12
C MET R 194 82.92 9.05 -41.15
N THR R 195 82.42 9.34 -42.34
CA THR R 195 81.32 10.29 -42.47
C THR R 195 80.03 9.72 -41.88
N LYS R 196 79.15 10.61 -41.45
CA LYS R 196 77.95 10.18 -40.74
C LYS R 196 76.97 9.48 -41.65
N VAL R 197 76.79 9.98 -42.88
CA VAL R 197 75.76 9.43 -43.77
C VAL R 197 76.13 8.01 -44.20
N ASP R 198 77.40 7.77 -44.55
CA ASP R 198 77.79 6.44 -44.96
C ASP R 198 77.86 5.48 -43.78
N ALA R 199 78.21 5.97 -42.59
CA ALA R 199 78.13 5.14 -41.40
C ALA R 199 76.68 4.74 -41.12
N GLU R 200 75.74 5.67 -41.35
CA GLU R 200 74.33 5.33 -41.22
C GLU R 200 73.92 4.29 -42.25
N SER R 201 74.41 4.42 -43.49
CA SER R 201 74.13 3.40 -44.49
C SER R 201 74.67 2.05 -44.06
N ARG R 202 75.89 2.03 -43.49
CA ARG R 202 76.46 0.79 -42.97
C ARG R 202 75.58 0.18 -41.90
N VAL R 203 75.10 1.00 -40.97
CA VAL R 203 74.18 0.48 -39.95
C VAL R 203 72.93 -0.07 -40.61
N ASN R 204 72.44 0.60 -41.65
CA ASN R 204 71.27 0.13 -42.38
C ASN R 204 71.51 -1.22 -43.05
N LYS R 205 72.76 -1.56 -43.33
CA LYS R 205 73.11 -2.84 -43.95
C LYS R 205 72.97 -4.02 -42.99
N GLY R 206 72.44 -3.82 -41.79
CA GLY R 206 72.48 -4.83 -40.76
C GLY R 206 73.80 -4.92 -40.03
N GLU R 207 74.74 -4.03 -40.35
CA GLU R 207 76.10 -4.09 -39.83
C GLU R 207 76.21 -3.30 -38.55
N LEU R 208 77.00 -3.81 -37.61
CA LEU R 208 77.30 -3.13 -36.36
C LEU R 208 78.65 -2.45 -36.49
N ILE R 209 78.68 -1.15 -36.19
CA ILE R 209 79.91 -0.35 -36.29
C ILE R 209 80.06 0.47 -35.02
N LEU R 210 81.30 0.88 -34.76
CA LEU R 210 81.62 1.76 -33.65
C LEU R 210 81.79 3.18 -34.18
N ILE R 211 81.07 4.13 -33.58
CA ILE R 211 81.05 5.51 -34.05
C ILE R 211 81.35 6.43 -32.88
N LYS R 212 81.79 7.63 -33.20
CA LYS R 212 82.15 8.64 -32.21
C LYS R 212 81.18 9.81 -32.28
N GLU R 213 80.79 10.32 -31.12
CA GLU R 213 79.94 11.49 -31.01
C GLU R 213 79.98 11.99 -29.57
N ALA R 214 79.84 13.30 -29.42
CA ALA R 214 79.90 13.98 -28.12
C ALA R 214 81.27 13.67 -27.49
N GLY R 215 81.33 13.42 -26.18
CA GLY R 215 82.61 13.38 -25.49
C GLY R 215 83.35 12.06 -25.54
N ALA R 216 82.66 10.97 -25.85
CA ALA R 216 83.26 9.64 -25.75
C ALA R 216 82.95 8.83 -27.00
N ILE R 217 83.53 7.62 -27.05
CA ILE R 217 83.29 6.68 -28.13
C ILE R 217 82.21 5.71 -27.68
N ARG R 218 81.12 5.62 -28.45
CA ARG R 218 79.96 4.85 -28.01
C ARG R 218 79.42 3.99 -29.14
N ILE R 219 78.88 2.83 -28.76
CA ILE R 219 78.28 1.91 -29.71
C ILE R 219 77.02 2.53 -30.29
N ALA R 220 76.74 2.21 -31.55
CA ALA R 220 75.58 2.78 -32.25
C ALA R 220 74.59 1.67 -32.58
N ARG R 221 73.55 1.55 -31.75
CA ARG R 221 72.40 0.67 -32.00
C ARG R 221 72.83 -0.76 -32.34
N GLY R 222 73.27 -1.46 -31.32
CA GLY R 222 73.57 -2.86 -31.46
C GLY R 222 72.39 -3.62 -32.04
N VAL R 223 72.56 -4.13 -33.25
CA VAL R 223 71.51 -4.84 -33.96
C VAL R 223 72.12 -6.12 -34.54
N ASN R 224 71.24 -7.07 -34.86
CA ASN R 224 71.66 -8.35 -35.41
C ASN R 224 72.08 -8.17 -36.86
N SER R 225 72.44 -9.29 -37.49
CA SER R 225 72.85 -9.29 -38.90
C SER R 225 71.66 -9.36 -39.84
N LEU R 226 70.44 -9.42 -39.32
CA LEU R 226 69.25 -9.53 -40.14
C LEU R 226 69.13 -8.31 -41.06
N THR R 227 68.86 -8.56 -42.33
CA THR R 227 68.71 -7.51 -43.33
C THR R 227 67.37 -7.53 -44.05
N GLU R 228 66.88 -8.72 -44.42
CA GLU R 228 65.61 -8.86 -45.12
C GLU R 228 64.53 -9.25 -44.14
N LEU R 229 63.39 -8.58 -44.22
CA LEU R 229 62.29 -8.79 -43.29
C LEU R 229 61.18 -9.57 -43.99
N THR R 230 60.91 -10.78 -43.50
CA THR R 230 59.80 -11.58 -44.00
C THR R 230 58.51 -11.20 -43.26
N ALA R 231 57.39 -11.67 -43.80
CA ALA R 231 56.10 -11.36 -43.20
C ALA R 231 55.97 -11.97 -41.81
N GLU R 232 56.41 -13.21 -41.64
CA GLU R 232 56.24 -13.90 -40.36
C GLU R 232 57.12 -13.30 -39.28
N LYS R 233 58.37 -13.01 -39.59
CA LYS R 233 59.29 -12.47 -38.61
C LYS R 233 59.12 -10.96 -38.49
N GLY R 234 59.47 -10.43 -37.32
CA GLY R 234 59.21 -9.04 -37.01
C GLY R 234 60.37 -8.12 -37.31
N GLU R 235 60.04 -6.84 -37.53
CA GLU R 235 61.07 -5.82 -37.60
C GLU R 235 61.83 -5.73 -36.28
N MET R 236 61.13 -5.93 -35.16
CA MET R 236 61.75 -5.92 -33.85
C MET R 236 62.71 -7.10 -33.65
N PHE R 237 62.66 -8.10 -34.52
CA PHE R 237 63.57 -9.24 -34.39
C PHE R 237 65.03 -8.80 -34.55
N GLN R 238 65.31 -7.91 -35.50
CA GLN R 238 66.68 -7.50 -35.74
C GLN R 238 67.26 -6.62 -34.63
N LYS R 239 66.54 -6.43 -33.53
CA LYS R 239 67.12 -5.84 -32.33
C LYS R 239 67.70 -6.94 -31.45
N ILE R 240 68.74 -6.59 -30.68
CA ILE R 240 69.44 -7.60 -29.90
C ILE R 240 68.67 -7.94 -28.62
N LYS R 241 68.29 -6.93 -27.85
CA LYS R 241 67.69 -7.17 -26.53
C LYS R 241 66.44 -8.02 -26.66
N ILE R 242 65.65 -7.81 -27.71
CA ILE R 242 64.43 -8.57 -27.91
C ILE R 242 64.76 -10.04 -28.16
N VAL R 243 65.75 -10.31 -29.01
CA VAL R 243 66.16 -11.69 -29.25
C VAL R 243 66.65 -12.33 -27.97
N ASP R 244 67.42 -11.59 -27.17
CA ASP R 244 67.97 -12.13 -25.94
C ASP R 244 66.85 -12.55 -24.98
N THR R 245 65.87 -11.65 -24.77
CA THR R 245 64.80 -11.98 -23.84
C THR R 245 63.92 -13.09 -24.39
N LEU R 246 63.71 -13.14 -25.71
CA LEU R 246 62.95 -14.24 -26.29
C LEU R 246 63.66 -15.58 -26.07
N ASP R 247 64.98 -15.60 -26.24
CA ASP R 247 65.73 -16.81 -25.99
C ASP R 247 65.65 -17.24 -24.53
N ILE R 248 65.71 -16.27 -23.61
CA ILE R 248 65.59 -16.60 -22.20
C ILE R 248 64.22 -17.23 -21.92
N ILE R 249 63.16 -16.62 -22.45
CA ILE R 249 61.81 -17.14 -22.24
C ILE R 249 61.69 -18.54 -22.80
N HIS R 250 62.20 -18.74 -24.02
CA HIS R 250 62.13 -20.05 -24.65
C HIS R 250 62.82 -21.11 -23.81
N SER R 251 64.05 -20.83 -23.38
CA SER R 251 64.80 -21.80 -22.60
C SER R 251 64.10 -22.13 -21.29
N ASP R 252 63.60 -21.09 -20.60
CA ASP R 252 62.95 -21.33 -19.31
C ASP R 252 61.70 -22.17 -19.46
N ILE R 253 60.85 -21.83 -20.43
CA ILE R 253 59.61 -22.60 -20.61
C ILE R 253 59.92 -24.03 -21.02
N ARG R 254 60.91 -24.22 -21.91
CA ARG R 254 61.25 -25.57 -22.32
C ARG R 254 61.75 -26.40 -21.14
N LYS R 255 62.62 -25.82 -20.31
CA LYS R 255 63.13 -26.55 -19.16
C LYS R 255 62.01 -26.91 -18.20
N VAL R 256 61.11 -25.95 -17.91
CA VAL R 256 60.01 -26.23 -16.98
C VAL R 256 59.12 -27.34 -17.51
N ILE R 257 58.77 -27.25 -18.79
CA ILE R 257 57.87 -28.25 -19.38
C ILE R 257 58.51 -29.63 -19.33
N ILE R 258 59.77 -29.72 -19.77
CA ILE R 258 60.44 -31.02 -19.81
C ILE R 258 60.56 -31.60 -18.40
N ASP R 259 60.92 -30.77 -17.42
CA ASP R 259 61.14 -31.29 -16.07
C ASP R 259 59.84 -31.71 -15.41
N ASP R 260 58.74 -31.01 -15.64
CA ASP R 260 57.53 -31.24 -14.87
C ASP R 260 56.44 -31.94 -15.65
N TYR R 261 56.00 -31.39 -16.78
CA TYR R 261 54.70 -31.74 -17.33
C TYR R 261 54.73 -32.81 -18.43
N ILE R 262 55.90 -33.36 -18.75
CA ILE R 262 56.00 -34.35 -19.81
C ILE R 262 55.99 -35.74 -19.21
N GLY R 263 54.96 -36.52 -19.54
CA GLY R 263 54.89 -37.91 -19.16
C GLY R 263 54.44 -38.19 -17.74
N LYS R 264 54.17 -37.15 -16.95
CA LYS R 264 53.82 -37.36 -15.55
C LYS R 264 52.33 -37.21 -15.26
N VAL R 265 51.58 -36.51 -16.10
CA VAL R 265 50.16 -36.28 -15.88
C VAL R 265 49.40 -36.56 -17.16
N THR R 266 48.12 -36.90 -17.01
CA THR R 266 47.27 -37.22 -18.14
C THR R 266 46.91 -35.96 -18.92
N ASN R 267 46.42 -36.16 -20.14
CA ASN R 267 45.99 -35.07 -21.00
C ASN R 267 44.48 -34.94 -20.89
N SER R 268 44.04 -33.91 -20.16
CA SER R 268 42.62 -33.62 -20.01
C SER R 268 42.45 -32.10 -19.98
N TYR R 269 41.18 -31.67 -20.02
CA TYR R 269 40.91 -30.23 -20.03
C TYR R 269 41.40 -29.57 -18.76
N ASP R 270 41.21 -30.22 -17.61
CA ASP R 270 41.68 -29.65 -16.34
C ASP R 270 43.20 -29.55 -16.31
N ASN R 271 43.89 -30.59 -16.80
CA ASN R 271 45.35 -30.54 -16.84
C ASN R 271 45.84 -29.45 -17.79
N LYS R 272 45.15 -29.26 -18.92
CA LYS R 272 45.49 -28.17 -19.82
C LYS R 272 45.31 -26.83 -19.12
N CYS R 273 44.23 -26.68 -18.36
CA CYS R 273 44.02 -25.43 -17.62
C CYS R 273 45.13 -25.20 -16.61
N LEU R 274 45.54 -26.26 -15.91
CA LEU R 274 46.62 -26.13 -14.93
C LEU R 274 47.93 -25.72 -15.61
N LEU R 275 48.23 -26.32 -16.76
CA LEU R 275 49.44 -25.95 -17.49
C LEU R 275 49.38 -24.49 -17.92
N ILE R 276 48.21 -24.04 -18.40
CA ILE R 276 48.05 -22.65 -18.79
C ILE R 276 48.28 -21.73 -17.59
N VAL R 277 47.74 -22.11 -16.42
CA VAL R 277 47.92 -21.31 -15.22
C VAL R 277 49.39 -21.23 -14.84
N ALA R 278 50.10 -22.34 -14.93
CA ALA R 278 51.53 -22.33 -14.61
C ALA R 278 52.32 -21.43 -15.55
N ILE R 279 52.02 -21.51 -16.85
CA ILE R 279 52.70 -20.65 -17.82
C ILE R 279 52.40 -19.18 -17.54
N LYS R 280 51.14 -18.89 -17.22
CA LYS R 280 50.76 -17.51 -16.90
C LYS R 280 51.46 -17.02 -15.65
N SER R 281 51.62 -17.89 -14.66
CA SER R 281 52.35 -17.52 -13.46
C SER R 281 53.81 -17.23 -13.77
N TYR R 282 54.43 -18.02 -14.64
CA TYR R 282 55.81 -17.73 -15.04
C TYR R 282 55.90 -16.38 -15.75
N LEU R 283 54.95 -16.09 -16.64
CA LEU R 283 54.96 -14.79 -17.31
C LEU R 283 54.78 -13.65 -16.32
N GLU R 284 53.91 -13.84 -15.32
CA GLU R 284 53.74 -12.83 -14.28
C GLU R 284 55.04 -12.63 -13.50
N GLU R 285 55.74 -13.72 -13.20
CA GLU R 285 57.04 -13.62 -12.55
C GLU R 285 58.02 -12.80 -13.40
N LEU R 286 58.04 -13.07 -14.71
CA LEU R 286 58.93 -12.32 -15.59
C LEU R 286 58.54 -10.85 -15.68
N GLU R 287 57.25 -10.55 -15.46
CA GLU R 287 56.78 -9.18 -15.61
C GLU R 287 57.49 -8.23 -14.65
N LYS R 288 57.66 -8.65 -13.39
CA LYS R 288 58.22 -7.75 -12.39
C LYS R 288 59.63 -7.29 -12.71
N SER R 289 60.35 -8.03 -13.56
CA SER R 289 61.66 -7.60 -14.03
C SER R 289 61.57 -6.54 -15.12
N ALA R 290 60.37 -6.03 -15.39
CA ALA R 290 60.13 -4.97 -16.38
C ALA R 290 60.55 -5.39 -17.78
N LEU R 291 60.73 -6.68 -18.03
CA LEU R 291 61.09 -7.14 -19.36
C LEU R 291 59.90 -7.06 -20.31
N ILE R 292 58.73 -7.54 -19.87
CA ILE R 292 57.53 -7.57 -20.70
C ILE R 292 56.35 -7.06 -19.87
N GLU R 293 55.24 -6.85 -20.55
CA GLU R 293 54.02 -6.36 -19.92
C GLU R 293 53.18 -7.51 -19.39
N SER R 294 52.37 -7.22 -18.36
CA SER R 294 51.53 -8.21 -17.70
C SER R 294 50.22 -8.48 -18.42
N ASP R 295 49.93 -7.77 -19.52
CA ASP R 295 48.70 -8.00 -20.26
C ASP R 295 48.69 -9.33 -21.01
N SER R 296 49.83 -10.03 -21.05
CA SER R 296 49.92 -11.27 -21.81
C SER R 296 48.92 -12.30 -21.32
N THR R 297 48.33 -13.03 -22.27
CA THR R 297 47.35 -14.06 -21.97
C THR R 297 47.73 -15.35 -22.67
N VAL R 298 47.37 -16.47 -22.06
CA VAL R 298 47.61 -17.80 -22.62
C VAL R 298 46.27 -18.53 -22.68
N GLU R 299 45.98 -19.14 -23.82
CA GLU R 299 44.70 -19.80 -24.01
C GLU R 299 44.85 -20.94 -25.00
N ILE R 300 43.85 -21.83 -25.00
CA ILE R 300 43.85 -22.95 -25.93
C ILE R 300 43.72 -22.42 -27.35
N ASP R 301 44.55 -22.94 -28.25
CA ASP R 301 44.47 -22.57 -29.67
C ASP R 301 43.34 -23.38 -30.30
N PHE R 302 42.23 -22.71 -30.58
CA PHE R 302 41.06 -23.41 -31.09
C PHE R 302 41.26 -23.90 -32.52
N GLU R 303 41.98 -23.11 -33.33
CA GLU R 303 42.19 -23.50 -34.73
C GLU R 303 42.98 -24.78 -34.84
N ALA R 304 44.04 -24.93 -34.04
CA ALA R 304 44.84 -26.15 -34.08
C ALA R 304 44.02 -27.36 -33.65
N GLN R 305 43.19 -27.21 -32.62
CA GLN R 305 42.34 -28.31 -32.19
C GLN R 305 41.35 -28.69 -33.27
N LYS R 306 40.76 -27.69 -33.94
CA LYS R 306 39.84 -27.98 -35.03
C LYS R 306 40.55 -28.72 -36.16
N SER R 307 41.78 -28.31 -36.47
CA SER R 307 42.55 -29.00 -37.51
C SER R 307 42.84 -30.43 -37.11
N TYR R 308 43.19 -30.66 -35.85
CA TYR R 308 43.47 -32.02 -35.38
C TYR R 308 42.22 -32.89 -35.49
N LEU R 309 41.06 -32.37 -35.06
CA LEU R 309 39.84 -33.15 -35.13
C LEU R 309 39.44 -33.44 -36.58
N LYS R 310 39.57 -32.46 -37.47
CA LYS R 310 39.23 -32.73 -38.86
C LYS R 310 40.22 -33.69 -39.51
N SER R 311 41.47 -33.68 -39.07
CA SER R 311 42.42 -34.69 -39.52
C SER R 311 42.00 -36.08 -39.05
N LYS R 312 41.48 -36.17 -37.82
CA LYS R 312 40.92 -37.43 -37.36
C LYS R 312 39.72 -37.85 -38.21
N GLY R 313 38.91 -36.89 -38.63
CA GLY R 313 37.79 -37.15 -39.50
C GLY R 313 36.43 -37.21 -38.83
N VAL R 314 36.35 -36.89 -37.53
CA VAL R 314 35.05 -36.90 -36.87
C VAL R 314 34.22 -35.70 -37.31
N ASP R 315 32.92 -35.81 -37.14
CA ASP R 315 31.97 -34.75 -37.50
C ASP R 315 31.65 -33.93 -36.26
N LEU R 316 32.09 -32.68 -36.25
CA LEU R 316 31.94 -31.79 -35.11
C LEU R 316 30.76 -30.84 -35.25
N SER R 317 29.92 -31.03 -36.27
CA SER R 317 28.78 -30.14 -36.47
C SER R 317 27.81 -30.23 -35.30
N TYR R 318 27.52 -31.43 -34.81
CA TYR R 318 26.60 -31.58 -33.68
C TYR R 318 27.20 -30.97 -32.41
N MET R 319 28.51 -31.09 -32.25
CA MET R 319 29.17 -30.61 -31.04
C MET R 319 29.10 -29.09 -30.94
N THR R 320 28.83 -28.60 -29.73
CA THR R 320 28.81 -27.18 -29.47
C THR R 320 30.22 -26.60 -29.51
N LEU R 321 30.31 -25.32 -29.88
CA LEU R 321 31.60 -24.68 -30.07
C LEU R 321 32.44 -24.72 -28.79
N GLN R 322 31.81 -24.48 -27.64
CA GLN R 322 32.52 -24.61 -26.37
C GLN R 322 32.94 -26.05 -26.13
N GLU R 323 32.10 -27.01 -26.50
CA GLU R 323 32.42 -28.42 -26.28
C GLU R 323 33.62 -28.86 -27.11
N ILE R 324 33.79 -28.28 -28.30
CA ILE R 324 34.92 -28.65 -29.16
C ILE R 324 36.25 -28.39 -28.46
N LYS R 325 36.33 -27.28 -27.72
CA LYS R 325 37.56 -26.97 -26.99
C LYS R 325 37.85 -28.02 -25.94
N GLU R 326 36.81 -28.55 -25.29
CA GLU R 326 36.98 -29.56 -24.26
C GLU R 326 37.16 -30.97 -24.82
N ALA R 327 37.06 -31.14 -26.14
CA ALA R 327 37.17 -32.46 -26.74
C ALA R 327 38.56 -33.04 -26.54
N ASN R 328 38.64 -34.37 -26.52
CA ASN R 328 39.91 -35.05 -26.33
C ASN R 328 40.82 -34.82 -27.53
N THR R 329 42.11 -34.62 -27.25
CA THR R 329 43.09 -34.32 -28.29
C THR R 329 44.23 -35.33 -28.32
N GLY R 330 44.07 -36.48 -27.68
CA GLY R 330 45.12 -37.49 -27.70
C GLY R 330 46.38 -37.01 -27.02
N SER R 331 47.53 -37.38 -27.59
CA SER R 331 48.81 -37.00 -27.00
C SER R 331 49.10 -35.51 -27.19
N LYS R 332 48.67 -34.93 -28.31
CA LYS R 332 49.03 -33.56 -28.64
C LYS R 332 48.36 -32.57 -27.69
N VAL R 333 49.04 -31.45 -27.46
CA VAL R 333 48.51 -30.31 -26.74
C VAL R 333 48.85 -29.05 -27.51
N PHE R 334 47.87 -28.19 -27.70
CA PHE R 334 48.04 -26.96 -28.46
C PHE R 334 47.68 -25.76 -27.59
N LEU R 335 48.54 -24.75 -27.61
CA LEU R 335 48.35 -23.53 -26.82
C LEU R 335 48.63 -22.31 -27.70
N LYS R 336 48.06 -21.17 -27.29
CA LYS R 336 48.24 -19.92 -27.99
C LYS R 336 48.44 -18.80 -26.97
N ALA R 337 49.40 -17.93 -27.23
CA ALA R 337 49.70 -16.84 -26.30
C ALA R 337 50.10 -15.60 -27.09
N LYS R 338 49.93 -14.45 -26.45
CA LYS R 338 50.34 -13.17 -27.01
C LYS R 338 51.02 -12.36 -25.93
N ILE R 339 52.16 -11.73 -26.28
CA ILE R 339 52.94 -10.93 -25.34
C ILE R 339 53.40 -9.67 -26.07
N LYS R 340 53.96 -8.75 -25.29
CA LYS R 340 54.59 -7.55 -25.83
C LYS R 340 55.94 -7.36 -25.14
N VAL R 341 56.97 -7.11 -25.94
CA VAL R 341 58.34 -7.03 -25.45
C VAL R 341 58.74 -5.56 -25.33
N LEU R 342 59.20 -5.17 -24.16
CA LEU R 342 59.62 -3.80 -23.93
C LEU R 342 61.02 -3.56 -24.49
N ASP R 343 61.42 -2.29 -24.51
CA ASP R 343 62.72 -1.88 -25.01
C ASP R 343 63.14 -0.61 -24.29
N ALA R 344 64.41 -0.26 -24.42
CA ALA R 344 64.90 0.97 -23.84
C ALA R 344 64.66 2.15 -24.78
N MET R 345 64.48 3.33 -24.19
CA MET R 345 64.26 4.53 -25.00
C MET R 345 65.52 4.88 -25.78
N GLU R 346 65.36 5.07 -27.09
CA GLU R 346 66.49 5.33 -27.97
C GLU R 346 66.26 6.57 -28.82
N ASP R 347 65.00 6.88 -29.12
CA ASP R 347 64.65 8.05 -29.92
C ASP R 347 63.66 8.90 -29.16
N ILE R 348 63.96 10.19 -29.00
CA ILE R 348 63.14 11.11 -28.22
C ILE R 348 62.87 12.34 -29.07
N ASP R 349 61.59 12.73 -29.14
CA ASP R 349 61.18 13.95 -29.83
C ASP R 349 60.52 14.88 -28.82
N LEU R 350 61.00 16.11 -28.75
CA LEU R 350 60.52 17.09 -27.78
C LEU R 350 60.27 18.41 -28.50
N SER R 351 59.08 18.96 -28.32
CA SER R 351 58.69 20.23 -28.93
C SER R 351 58.19 21.17 -27.86
N ILE R 352 58.66 22.41 -27.88
CA ILE R 352 58.26 23.42 -26.91
C ILE R 352 57.62 24.59 -27.64
N GLU R 353 56.61 25.19 -27.02
CA GLU R 353 55.89 26.32 -27.57
C GLU R 353 56.31 27.58 -26.82
N ILE R 354 56.86 28.55 -27.54
CA ILE R 354 57.32 29.79 -26.94
C ILE R 354 56.14 30.67 -26.59
N ALA S 2 16.93 -74.87 15.59
CA ALA S 2 15.66 -74.39 16.09
C ALA S 2 15.85 -73.59 17.37
N ILE S 3 15.06 -73.92 18.39
CA ILE S 3 15.14 -73.21 19.66
C ILE S 3 16.42 -73.61 20.39
N GLY S 4 17.20 -72.61 20.80
CA GLY S 4 18.40 -72.83 21.58
C GLY S 4 18.40 -71.97 22.84
N LEU S 5 19.50 -72.07 23.57
CA LEU S 5 19.64 -71.28 24.78
C LEU S 5 19.72 -69.80 24.42
N PRO S 6 19.12 -68.91 25.22
CA PRO S 6 19.26 -67.48 24.98
C PRO S 6 20.72 -67.06 25.09
N SER S 7 21.12 -66.14 24.24
CA SER S 7 22.53 -65.76 24.16
C SER S 7 22.65 -64.31 23.72
N ILE S 8 23.68 -63.64 24.27
CA ILE S 8 24.00 -62.27 23.93
C ILE S 8 25.46 -62.24 23.48
N ASN S 9 25.71 -61.72 22.28
CA ASN S 9 27.04 -61.68 21.71
C ASN S 9 27.42 -60.26 21.34
N ILE S 10 28.66 -59.90 21.61
CA ILE S 10 29.21 -58.58 21.30
C ILE S 10 30.40 -58.78 20.37
N SER S 11 30.45 -58.01 19.29
CA SER S 11 31.48 -58.15 18.27
C SER S 11 32.25 -56.85 18.13
N PHE S 12 33.57 -56.97 18.04
CA PHE S 12 34.46 -55.85 17.74
C PHE S 12 35.28 -56.20 16.52
N LYS S 13 35.32 -55.29 15.54
CA LYS S 13 36.07 -55.50 14.32
C LYS S 13 36.65 -54.18 13.83
N GLU S 14 37.72 -54.27 13.07
CA GLU S 14 38.37 -53.07 12.51
C GLU S 14 37.46 -52.42 11.48
N LEU S 15 37.71 -51.14 11.23
CA LEU S 15 37.05 -50.44 10.15
C LEU S 15 37.37 -51.10 8.82
N ALA S 16 36.37 -51.20 7.96
CA ALA S 16 36.57 -51.82 6.65
C ALA S 16 37.49 -50.96 5.79
N THR S 17 38.33 -51.61 5.01
CA THR S 17 39.21 -50.89 4.10
C THR S 17 38.43 -50.18 3.00
N THR S 18 37.26 -50.72 2.63
CA THR S 18 36.37 -50.14 1.64
C THR S 18 37.05 -49.95 0.28
N VAL S 19 37.94 -50.86 -0.08
CA VAL S 19 38.53 -50.90 -1.42
C VAL S 19 38.22 -52.26 -2.04
N LYS S 20 37.65 -52.25 -3.24
CA LYS S 20 37.22 -53.49 -3.87
C LYS S 20 38.41 -54.35 -4.25
N GLU S 21 39.42 -53.73 -4.86
CA GLU S 21 40.72 -54.26 -5.27
C GLU S 21 40.64 -55.19 -6.47
N ARG S 22 39.47 -55.80 -6.71
CA ARG S 22 39.14 -56.53 -7.95
C ARG S 22 40.35 -57.32 -8.43
N SER S 23 40.72 -57.25 -9.71
CA SER S 23 41.90 -57.95 -10.20
C SER S 23 43.18 -57.22 -9.77
N ALA S 24 44.26 -57.99 -9.64
CA ALA S 24 45.54 -57.41 -9.27
C ALA S 24 46.06 -56.48 -10.36
N ARG S 25 46.62 -55.34 -9.94
CA ARG S 25 47.14 -54.34 -10.86
C ARG S 25 48.62 -54.53 -11.17
N GLY S 26 49.44 -54.68 -10.13
CA GLY S 26 50.87 -54.79 -10.33
C GLY S 26 51.47 -56.09 -9.82
N ILE S 27 51.96 -56.91 -10.74
CA ILE S 27 52.55 -58.19 -10.40
C ILE S 27 53.47 -58.61 -11.55
N ILE S 28 54.64 -59.12 -11.20
CA ILE S 28 55.69 -59.44 -12.17
C ILE S 28 56.00 -60.93 -12.09
N ALA S 29 56.25 -61.53 -13.26
CA ALA S 29 56.71 -62.90 -13.35
C ALA S 29 58.01 -62.95 -14.13
N MET S 30 58.96 -63.75 -13.64
CA MET S 30 60.25 -63.91 -14.31
C MET S 30 60.72 -65.34 -14.16
N VAL S 31 61.23 -65.92 -15.24
CA VAL S 31 61.79 -67.26 -15.25
C VAL S 31 63.25 -67.17 -15.64
N LEU S 32 64.09 -67.95 -14.95
CA LEU S 32 65.52 -67.98 -15.15
C LEU S 32 65.99 -69.40 -14.88
N LYS S 33 67.05 -69.82 -15.57
CA LYS S 33 67.47 -71.22 -15.52
C LYS S 33 68.77 -71.35 -14.72
N ASP S 34 68.70 -72.15 -13.64
CA ASP S 34 69.85 -72.50 -12.83
C ASP S 34 69.52 -73.75 -12.03
N ALA S 35 70.57 -74.36 -11.48
CA ALA S 35 70.43 -75.67 -10.85
C ALA S 35 69.66 -75.61 -9.53
N LYS S 36 69.89 -74.58 -8.72
CA LYS S 36 69.43 -74.57 -7.34
C LYS S 36 68.04 -73.97 -7.20
N ALA S 37 67.46 -74.14 -6.00
CA ALA S 37 66.20 -73.49 -5.60
C ALA S 37 65.06 -73.85 -6.55
N LEU S 38 64.98 -75.12 -6.93
CA LEU S 38 64.02 -75.56 -7.95
C LEU S 38 62.60 -75.25 -7.54
N GLY S 39 61.81 -74.73 -8.47
CA GLY S 39 60.42 -74.37 -8.22
C GLY S 39 60.23 -72.89 -8.04
N LEU S 40 58.97 -72.51 -7.81
CA LEU S 40 58.62 -71.10 -7.59
C LEU S 40 59.20 -70.61 -6.28
N ASN S 41 59.79 -69.42 -6.32
CA ASN S 41 60.24 -68.70 -5.12
C ASN S 41 59.78 -67.25 -5.27
N GLU S 42 58.58 -66.97 -4.78
CA GLU S 42 58.08 -65.60 -4.81
C GLU S 42 58.87 -64.74 -3.83
N ILE S 43 59.28 -63.56 -4.29
CA ILE S 43 60.13 -62.67 -3.50
C ILE S 43 59.27 -61.51 -3.01
N HIS S 44 59.07 -61.44 -1.70
CA HIS S 44 58.26 -60.38 -1.13
C HIS S 44 59.00 -59.04 -1.12
N GLU S 45 60.30 -59.06 -0.86
CA GLU S 45 61.08 -57.83 -0.76
C GLU S 45 62.55 -58.15 -1.03
N LYS S 46 63.38 -57.11 -1.02
CA LYS S 46 64.77 -57.27 -1.40
C LYS S 46 65.59 -58.02 -0.37
N GLU S 47 65.28 -57.86 0.92
CA GLU S 47 66.15 -58.36 1.97
C GLU S 47 66.27 -59.88 1.93
N ASP S 48 65.17 -60.58 1.63
CA ASP S 48 65.15 -62.05 1.65
C ASP S 48 65.34 -62.55 0.22
N ILE S 49 66.56 -62.99 -0.09
CA ILE S 49 66.87 -63.65 -1.35
C ILE S 49 67.50 -65.00 -1.02
N PRO S 50 67.00 -66.11 -1.57
CA PRO S 50 67.61 -67.41 -1.28
C PRO S 50 69.06 -67.45 -1.74
N VAL S 51 69.94 -67.93 -0.86
CA VAL S 51 71.37 -67.91 -1.13
C VAL S 51 71.77 -68.91 -2.20
N ASP S 52 70.96 -69.95 -2.43
CA ASP S 52 71.31 -70.97 -3.41
C ASP S 52 71.32 -70.42 -4.84
N LEU S 53 70.70 -69.26 -5.06
CA LEU S 53 70.75 -68.65 -6.38
C LEU S 53 72.17 -68.23 -6.72
N SER S 54 72.51 -68.30 -8.01
CA SER S 54 73.85 -67.95 -8.47
C SER S 54 74.04 -66.43 -8.48
N ALA S 55 75.30 -66.01 -8.64
CA ALA S 55 75.62 -64.60 -8.62
C ALA S 55 74.97 -63.86 -9.79
N GLU S 56 75.06 -64.44 -10.99
CA GLU S 56 74.44 -63.80 -12.15
C GLU S 56 72.92 -63.71 -11.98
N ASN S 57 72.30 -64.77 -11.46
CA ASN S 57 70.89 -64.71 -11.16
C ASN S 57 70.58 -63.66 -10.10
N LYS S 58 71.48 -63.48 -9.14
CA LYS S 58 71.28 -62.43 -8.14
C LYS S 58 71.31 -61.06 -8.77
N GLU S 59 72.23 -60.84 -9.72
CA GLU S 59 72.27 -59.57 -10.43
C GLU S 59 71.00 -59.36 -11.26
N TYR S 60 70.49 -60.43 -11.85
CA TYR S 60 69.23 -60.33 -12.59
C TYR S 60 68.07 -59.97 -11.67
N ILE S 61 68.03 -60.56 -10.47
CA ILE S 61 67.04 -60.17 -9.47
C ILE S 61 67.18 -58.69 -9.15
N ASN S 62 68.42 -58.24 -8.95
CA ASN S 62 68.66 -56.84 -8.61
C ASN S 62 68.16 -55.93 -9.72
N LEU S 63 68.43 -56.29 -10.98
CA LEU S 63 67.91 -55.51 -12.09
C LEU S 63 66.38 -55.47 -12.07
N ALA S 64 65.76 -56.60 -11.79
CA ALA S 64 64.29 -56.65 -11.76
C ALA S 64 63.71 -55.98 -10.52
N LEU S 65 64.52 -55.62 -9.53
CA LEU S 65 63.97 -55.13 -8.26
C LEU S 65 63.41 -53.72 -8.38
N MET S 66 64.25 -52.74 -8.69
CA MET S 66 63.83 -51.35 -8.57
C MET S 66 62.76 -51.00 -9.59
N GLY S 67 61.75 -50.26 -9.14
CA GLY S 67 60.70 -49.77 -10.00
C GLY S 67 60.88 -48.31 -10.33
N ASN S 68 60.19 -47.87 -11.39
CA ASN S 68 60.37 -46.51 -11.87
C ASN S 68 59.93 -45.49 -10.83
N VAL S 69 58.71 -45.62 -10.33
CA VAL S 69 58.14 -44.68 -9.37
C VAL S 69 57.90 -45.33 -8.02
N ASN S 70 57.38 -46.55 -8.01
CA ASN S 70 57.11 -47.29 -6.79
C ASN S 70 57.70 -48.68 -6.90
N THR S 71 58.00 -49.27 -5.74
CA THR S 71 58.47 -50.64 -5.72
C THR S 71 57.36 -51.56 -6.22
N PRO S 72 57.71 -52.64 -6.91
CA PRO S 72 56.68 -53.56 -7.42
C PRO S 72 55.83 -54.11 -6.29
N ASN S 73 54.52 -54.23 -6.56
CA ASN S 73 53.59 -54.73 -5.55
C ASN S 73 53.86 -56.19 -5.23
N LYS S 74 53.98 -57.02 -6.27
CA LYS S 74 54.19 -58.44 -6.10
C LYS S 74 55.20 -58.92 -7.13
N LEU S 75 56.11 -59.78 -6.70
CA LEU S 75 57.09 -60.38 -7.60
C LEU S 75 57.00 -61.89 -7.49
N LEU S 76 56.75 -62.55 -8.61
CA LEU S 76 56.71 -64.00 -8.70
C LEU S 76 57.88 -64.46 -9.55
N VAL S 77 58.74 -65.30 -8.98
CA VAL S 77 59.92 -65.81 -9.66
C VAL S 77 59.80 -67.32 -9.77
N TYR S 78 59.94 -67.84 -10.99
CA TYR S 78 59.96 -69.27 -11.23
C TYR S 78 61.38 -69.69 -11.51
N VAL S 79 61.86 -70.70 -10.78
CA VAL S 79 63.19 -71.25 -10.99
C VAL S 79 63.07 -72.49 -11.86
N ILE S 80 63.73 -72.46 -13.02
CA ILE S 80 63.75 -73.58 -13.95
C ILE S 80 65.19 -74.09 -14.03
N GLU S 81 65.34 -75.38 -14.27
CA GLU S 81 66.69 -75.95 -14.30
C GLU S 81 67.44 -75.42 -15.51
N GLY S 82 68.77 -75.45 -15.39
CA GLY S 82 69.61 -74.87 -16.43
C GLY S 82 69.39 -75.54 -17.77
N GLU S 83 69.26 -76.86 -17.79
CA GLU S 83 69.01 -77.61 -19.02
C GLU S 83 67.52 -77.87 -19.24
N ALA S 84 66.67 -77.40 -18.33
CA ALA S 84 65.27 -77.78 -18.33
C ALA S 84 64.54 -77.28 -19.56
N ASP S 85 63.49 -78.02 -19.92
CA ASP S 85 62.73 -77.74 -21.14
C ASP S 85 62.07 -76.37 -21.06
N ILE S 86 61.94 -75.74 -22.22
CA ILE S 86 61.31 -74.43 -22.31
C ILE S 86 59.86 -74.49 -21.85
N GLN S 87 59.17 -75.59 -22.17
CA GLN S 87 57.71 -75.61 -22.09
C GLN S 87 57.20 -75.62 -20.64
N THR S 88 57.84 -76.39 -19.76
CA THR S 88 57.22 -76.74 -18.47
C THR S 88 56.99 -75.52 -17.59
N ALA S 89 57.95 -74.59 -17.57
CA ALA S 89 57.82 -73.40 -16.75
C ALA S 89 56.58 -72.61 -17.12
N LEU S 90 56.37 -72.43 -18.42
CA LEU S 90 55.23 -71.68 -18.93
C LEU S 90 53.92 -72.33 -18.48
N ASP S 91 53.80 -73.63 -18.71
CA ASP S 91 52.60 -74.34 -18.32
C ASP S 91 52.33 -74.21 -16.83
N PHE S 92 53.38 -74.31 -16.01
CA PHE S 92 53.19 -74.13 -14.57
C PHE S 92 52.71 -72.72 -14.25
N LEU S 93 53.28 -71.72 -14.90
CA LEU S 93 52.89 -70.34 -14.65
C LEU S 93 51.44 -70.08 -15.06
N GLU S 94 50.95 -70.81 -16.07
CA GLU S 94 49.57 -70.66 -16.51
C GLU S 94 48.58 -70.71 -15.35
N THR S 95 48.81 -71.59 -14.38
CA THR S 95 47.92 -71.68 -13.23
C THR S 95 47.87 -70.36 -12.45
N LYS S 96 49.04 -69.77 -12.20
CA LYS S 96 49.09 -68.50 -11.50
C LYS S 96 48.65 -67.36 -12.41
N GLU S 97 48.23 -66.26 -11.79
CA GLU S 97 47.93 -65.04 -12.52
C GLU S 97 49.08 -64.06 -12.38
N PHE S 98 49.40 -63.38 -13.48
CA PHE S 98 50.49 -62.41 -13.49
C PHE S 98 50.20 -61.38 -14.56
N ASN S 99 50.91 -60.26 -14.47
CA ASN S 99 50.73 -59.13 -15.39
C ASN S 99 51.86 -58.99 -16.40
N TYR S 100 53.10 -59.18 -15.98
CA TYR S 100 54.26 -58.97 -16.85
C TYR S 100 55.21 -60.15 -16.74
N LEU S 101 55.82 -60.53 -17.87
CA LEU S 101 56.76 -61.63 -17.92
C LEU S 101 58.04 -61.17 -18.61
N CYS S 102 59.18 -61.47 -17.99
CA CYS S 102 60.49 -61.20 -18.57
C CYS S 102 61.38 -62.42 -18.38
N MET S 103 62.08 -62.79 -19.45
CA MET S 103 62.99 -63.95 -19.41
C MET S 103 64.40 -63.43 -19.68
N PRO S 104 65.20 -63.20 -18.64
CA PRO S 104 66.44 -62.41 -18.81
C PRO S 104 67.44 -62.99 -19.77
N LYS S 105 67.50 -64.32 -19.91
CA LYS S 105 68.35 -64.91 -20.96
C LYS S 105 67.92 -64.43 -22.34
N ALA S 106 66.61 -64.36 -22.57
CA ALA S 106 66.03 -63.97 -23.86
C ALA S 106 66.67 -64.73 -25.01
N VAL S 107 66.86 -66.04 -24.81
CA VAL S 107 67.44 -66.87 -25.85
C VAL S 107 66.51 -66.91 -27.05
N GLU S 108 67.10 -66.95 -28.25
CA GLU S 108 66.32 -66.90 -29.48
C GLU S 108 65.37 -68.09 -29.59
N ALA S 109 65.70 -69.21 -28.94
CA ALA S 109 64.79 -70.35 -28.92
C ALA S 109 63.50 -70.01 -28.16
N ASP S 110 63.61 -69.29 -27.05
CA ASP S 110 62.47 -69.00 -26.20
C ASP S 110 61.49 -68.01 -26.81
N LYS S 111 61.97 -67.14 -27.71
CA LYS S 111 61.15 -66.03 -28.17
C LYS S 111 59.91 -66.51 -28.93
N THR S 112 60.08 -67.52 -29.80
CA THR S 112 58.96 -67.96 -30.63
C THR S 112 57.88 -68.60 -29.77
N ALA S 113 58.26 -69.49 -28.85
CA ALA S 113 57.29 -70.13 -27.98
C ALA S 113 56.60 -69.13 -27.06
N ILE S 114 57.36 -68.18 -26.52
CA ILE S 114 56.76 -67.18 -25.64
C ILE S 114 55.75 -66.34 -26.41
N LYS S 115 56.12 -65.91 -27.62
CA LYS S 115 55.22 -65.12 -28.44
C LYS S 115 53.94 -65.90 -28.77
N ASN S 116 54.10 -67.15 -29.18
CA ASN S 116 52.93 -67.96 -29.55
C ASN S 116 52.02 -68.21 -28.35
N TRP S 117 52.62 -68.47 -27.19
CA TRP S 117 51.83 -68.73 -25.99
C TRP S 117 51.07 -67.46 -25.57
N ILE S 118 51.74 -66.31 -25.64
CA ILE S 118 51.09 -65.04 -25.31
C ILE S 118 49.91 -64.80 -26.24
N ILE S 119 50.11 -65.03 -27.53
CA ILE S 119 49.03 -64.87 -28.50
C ILE S 119 47.90 -65.82 -28.18
N LYS S 120 48.22 -67.07 -27.84
CA LYS S 120 47.20 -68.08 -27.58
C LYS S 120 46.34 -67.70 -26.38
N LEU S 121 46.95 -67.23 -25.29
CA LEU S 121 46.14 -66.77 -24.17
C LEU S 121 45.33 -65.54 -24.54
N ARG S 122 45.97 -64.57 -25.19
CA ARG S 122 45.32 -63.28 -25.40
C ARG S 122 44.16 -63.38 -26.38
N ASP S 123 44.19 -64.36 -27.28
CA ASP S 123 43.11 -64.54 -28.25
C ASP S 123 42.18 -65.68 -27.88
N ILE S 124 42.72 -66.89 -27.72
CA ILE S 124 41.87 -68.07 -27.55
C ILE S 124 41.24 -68.08 -26.16
N ASP S 125 42.04 -67.90 -25.12
CA ASP S 125 41.56 -68.03 -23.75
C ASP S 125 41.10 -66.71 -23.15
N LYS S 126 41.19 -65.61 -23.90
CA LYS S 126 40.76 -64.29 -23.43
C LYS S 126 41.46 -63.91 -22.11
N VAL S 127 42.75 -64.21 -22.02
CA VAL S 127 43.57 -63.86 -20.87
C VAL S 127 44.55 -62.79 -21.31
N LYS S 128 44.49 -61.63 -20.67
CA LYS S 128 45.32 -60.50 -21.04
C LYS S 128 46.64 -60.56 -20.28
N VAL S 129 47.72 -60.88 -20.98
CA VAL S 129 49.06 -60.94 -20.40
C VAL S 129 50.04 -60.29 -21.36
N LYS S 130 51.20 -59.90 -20.82
CA LYS S 130 52.21 -59.21 -21.60
C LYS S 130 53.58 -59.81 -21.31
N ALA S 131 54.41 -59.90 -22.35
CA ALA S 131 55.77 -60.41 -22.23
C ALA S 131 56.72 -59.47 -22.96
N VAL S 132 57.90 -59.27 -22.37
CA VAL S 132 58.91 -58.36 -22.90
C VAL S 132 60.12 -59.18 -23.33
N LEU S 133 60.49 -59.05 -24.61
CA LEU S 133 61.63 -59.77 -25.16
C LEU S 133 62.44 -58.83 -26.04
N GLY S 134 63.71 -59.20 -26.24
CA GLY S 134 64.65 -58.32 -26.92
C GLY S 134 64.42 -58.12 -28.40
N LYS S 135 64.64 -59.16 -29.21
CA LYS S 135 64.66 -59.02 -30.66
C LYS S 135 63.44 -59.62 -31.34
N VAL S 136 62.34 -59.80 -30.61
CA VAL S 136 61.12 -60.30 -31.23
C VAL S 136 60.57 -59.26 -32.20
N VAL S 137 60.14 -59.73 -33.37
CA VAL S 137 59.59 -58.84 -34.39
C VAL S 137 58.06 -58.87 -34.41
N GLY S 138 57.44 -59.87 -33.78
CA GLY S 138 55.99 -59.95 -33.74
C GLY S 138 55.36 -58.71 -33.14
N ASN S 139 54.49 -58.05 -33.92
CA ASN S 139 53.93 -56.77 -33.54
C ASN S 139 52.53 -56.89 -32.94
N HIS S 140 52.24 -58.00 -32.28
CA HIS S 140 50.99 -58.10 -31.55
C HIS S 140 51.00 -57.15 -30.36
N GLU S 141 49.81 -56.65 -30.01
CA GLU S 141 49.71 -55.68 -28.93
C GLU S 141 50.17 -56.26 -27.60
N GLY S 142 50.03 -57.57 -27.41
CA GLY S 142 50.50 -58.18 -26.18
C GLY S 142 52.01 -58.19 -26.06
N ILE S 143 52.70 -58.35 -27.18
CA ILE S 143 54.17 -58.45 -27.16
C ILE S 143 54.78 -57.06 -27.05
N ILE S 144 55.66 -56.88 -26.07
CA ILE S 144 56.48 -55.69 -25.94
C ILE S 144 57.90 -56.06 -26.31
N ASN S 145 58.51 -55.29 -27.21
CA ASN S 145 59.83 -55.57 -27.73
C ASN S 145 60.75 -54.38 -27.49
N PHE S 146 61.96 -54.65 -27.01
CA PHE S 146 62.90 -53.62 -26.58
C PHE S 146 64.30 -53.97 -27.06
N THR S 147 65.04 -52.95 -27.49
CA THR S 147 66.38 -53.15 -28.04
C THR S 147 67.29 -52.00 -27.63
N THR S 148 68.40 -52.32 -26.97
CA THR S 148 69.45 -51.35 -26.70
C THR S 148 70.74 -52.12 -26.43
N GLU S 149 71.77 -51.83 -27.21
CA GLU S 149 72.99 -52.63 -27.20
C GLU S 149 73.90 -52.26 -26.04
N ASP S 150 74.71 -53.24 -25.63
CA ASP S 150 75.89 -53.11 -24.76
C ASP S 150 75.77 -52.03 -23.69
N VAL S 151 74.65 -52.03 -22.96
CA VAL S 151 74.45 -51.05 -21.91
C VAL S 151 75.38 -51.37 -20.74
N LEU S 152 76.12 -50.37 -20.28
CA LEU S 152 77.05 -50.50 -19.16
C LEU S 152 76.45 -49.80 -17.95
N VAL S 153 76.10 -50.58 -16.93
CA VAL S 153 75.50 -50.06 -15.71
C VAL S 153 76.36 -50.49 -14.53
N GLY S 154 76.70 -49.54 -13.66
CA GLY S 154 77.47 -49.86 -12.48
C GLY S 154 78.85 -50.41 -12.79
N GLU S 155 79.62 -49.66 -13.60
CA GLU S 155 80.99 -50.00 -14.00
C GLU S 155 81.12 -51.46 -14.45
N LYS S 156 80.05 -52.01 -15.02
CA LYS S 156 80.08 -53.34 -15.59
C LYS S 156 79.16 -53.37 -16.80
N LYS S 157 79.48 -54.23 -17.76
CA LYS S 157 78.75 -54.30 -19.01
C LYS S 157 77.58 -55.28 -18.88
N TYR S 158 76.41 -54.85 -19.34
CA TYR S 158 75.22 -55.68 -19.38
C TYR S 158 74.79 -55.89 -20.83
N SER S 159 74.34 -57.09 -21.13
CA SER S 159 73.82 -57.38 -22.46
C SER S 159 72.39 -56.86 -22.59
N VAL S 160 71.89 -56.87 -23.82
CA VAL S 160 70.52 -56.43 -24.08
C VAL S 160 69.54 -57.32 -23.33
N ASP S 161 69.77 -58.64 -23.38
CA ASP S 161 68.81 -59.60 -22.87
C ASP S 161 68.61 -59.46 -21.36
N GLU S 162 69.72 -59.35 -20.62
CA GLU S 162 69.60 -59.19 -19.18
C GLU S 162 69.06 -57.81 -18.81
N PHE S 163 69.29 -56.81 -19.66
CA PHE S 163 68.74 -55.49 -19.42
C PHE S 163 67.24 -55.42 -19.69
N THR S 164 66.72 -56.36 -20.49
CA THR S 164 65.28 -56.44 -20.66
C THR S 164 64.56 -56.67 -19.34
N SER S 165 65.21 -57.36 -18.39
CA SER S 165 64.62 -57.55 -17.07
C SER S 165 64.47 -56.21 -16.34
N ARG S 166 65.51 -55.38 -16.38
CA ARG S 166 65.41 -54.05 -15.76
C ARG S 166 64.35 -53.21 -16.46
N VAL S 167 64.27 -53.32 -17.78
CA VAL S 167 63.24 -52.59 -18.52
C VAL S 167 61.84 -53.02 -18.09
N ALA S 168 61.63 -54.34 -17.95
CA ALA S 168 60.33 -54.84 -17.54
C ALA S 168 59.99 -54.40 -16.12
N GLY S 169 60.97 -54.42 -15.22
CA GLY S 169 60.73 -53.88 -13.88
C GLY S 169 60.38 -52.41 -13.90
N LEU S 170 61.07 -51.65 -14.75
CA LEU S 170 60.78 -50.22 -14.90
C LEU S 170 59.34 -50.01 -15.35
N ILE S 171 58.90 -50.79 -16.34
CA ILE S 171 57.53 -50.68 -16.84
C ILE S 171 56.54 -51.04 -15.74
N ALA S 172 56.79 -52.13 -15.03
CA ALA S 172 55.84 -52.62 -14.04
C ALA S 172 55.73 -51.68 -12.84
N GLY S 173 56.81 -50.99 -12.48
CA GLY S 173 56.75 -50.11 -11.33
C GLY S 173 55.82 -48.94 -11.50
N THR S 174 55.70 -48.44 -12.74
CA THR S 174 54.96 -47.21 -12.98
C THR S 174 53.47 -47.40 -12.72
N PRO S 175 52.83 -46.45 -12.05
CA PRO S 175 51.38 -46.53 -11.86
C PRO S 175 50.61 -46.33 -13.16
N LEU S 176 49.36 -46.77 -13.13
CA LEU S 176 48.51 -46.69 -14.33
C LEU S 176 48.20 -45.26 -14.73
N SER S 177 48.13 -44.35 -13.76
CA SER S 177 47.73 -42.98 -14.05
C SER S 177 48.68 -42.30 -15.03
N GLN S 178 49.99 -42.46 -14.81
CA GLN S 178 50.98 -41.89 -15.69
C GLN S 178 51.59 -43.00 -16.56
N SER S 179 52.53 -42.60 -17.43
CA SER S 179 53.13 -43.51 -18.38
C SER S 179 54.64 -43.50 -18.23
N VAL S 180 55.27 -44.57 -18.72
CA VAL S 180 56.73 -44.74 -18.65
C VAL S 180 57.39 -43.87 -19.70
N THR S 181 56.59 -43.21 -20.53
CA THR S 181 57.13 -42.44 -21.64
C THR S 181 58.00 -41.30 -21.14
N TYR S 182 59.26 -41.29 -21.59
CA TYR S 182 60.18 -40.18 -21.34
C TYR S 182 60.38 -39.95 -19.84
N THR S 183 60.95 -40.96 -19.19
CA THR S 183 61.26 -40.91 -17.76
C THR S 183 62.75 -41.14 -17.56
N LYS S 184 63.29 -40.56 -16.48
CA LYS S 184 64.71 -40.62 -16.20
C LYS S 184 65.02 -41.73 -15.21
N LEU S 185 66.02 -42.55 -15.54
CA LEU S 185 66.54 -43.58 -14.66
C LEU S 185 68.02 -43.30 -14.40
N SER S 186 68.39 -43.25 -13.12
CA SER S 186 69.73 -42.81 -12.74
C SER S 186 70.74 -43.95 -12.66
N ASP S 187 70.29 -45.21 -12.64
CA ASP S 187 71.22 -46.32 -12.48
C ASP S 187 72.13 -46.47 -13.69
N VAL S 188 71.61 -46.20 -14.89
CA VAL S 188 72.37 -46.39 -16.12
C VAL S 188 73.31 -45.20 -16.27
N VAL S 189 74.58 -45.41 -15.95
CA VAL S 189 75.55 -44.31 -15.99
C VAL S 189 75.92 -43.95 -17.43
N ASP S 190 76.05 -44.95 -18.30
CA ASP S 190 76.58 -44.72 -19.64
C ASP S 190 75.79 -45.55 -20.64
N ILE S 191 75.66 -45.02 -21.85
CA ILE S 191 74.96 -45.70 -22.95
C ILE S 191 75.77 -45.56 -24.22
N PRO S 192 75.60 -46.48 -25.16
CA PRO S 192 76.25 -46.33 -26.47
C PRO S 192 75.75 -45.08 -27.19
N LYS S 193 76.67 -44.41 -27.89
CA LYS S 193 76.32 -43.19 -28.60
C LYS S 193 75.49 -43.51 -29.83
N MET S 194 74.43 -42.74 -30.05
CA MET S 194 73.56 -42.91 -31.20
C MET S 194 72.79 -41.63 -31.44
N THR S 195 72.68 -41.24 -32.71
CA THR S 195 72.12 -39.95 -33.05
C THR S 195 70.59 -39.95 -32.91
N LYS S 196 70.02 -38.75 -33.00
CA LYS S 196 68.57 -38.59 -32.89
C LYS S 196 67.85 -39.19 -34.10
N VAL S 197 68.43 -39.05 -35.30
CA VAL S 197 67.78 -39.56 -36.50
C VAL S 197 67.67 -41.08 -36.45
N ASP S 198 68.71 -41.74 -35.93
CA ASP S 198 68.66 -43.20 -35.78
C ASP S 198 67.56 -43.60 -34.81
N ALA S 199 67.43 -42.87 -33.70
CA ALA S 199 66.38 -43.16 -32.73
C ALA S 199 65.00 -42.98 -33.36
N GLU S 200 64.81 -41.92 -34.13
CA GLU S 200 63.52 -41.71 -34.78
C GLU S 200 63.22 -42.83 -35.77
N SER S 201 64.23 -43.23 -36.56
CA SER S 201 64.01 -44.28 -37.55
C SER S 201 63.66 -45.60 -36.86
N ARG S 202 64.28 -45.88 -35.72
CA ARG S 202 63.97 -47.12 -35.01
C ARG S 202 62.59 -47.06 -34.37
N VAL S 203 62.25 -45.93 -33.73
CA VAL S 203 60.98 -45.83 -33.02
C VAL S 203 59.81 -45.85 -33.99
N ASN S 204 59.96 -45.20 -35.15
CA ASN S 204 58.84 -45.12 -36.09
C ASN S 204 58.41 -46.49 -36.57
N LYS S 205 59.31 -47.46 -36.60
CA LYS S 205 58.99 -48.80 -37.06
C LYS S 205 59.24 -49.87 -36.00
N GLY S 206 60.41 -49.86 -35.38
CA GLY S 206 60.86 -50.95 -34.54
C GLY S 206 60.57 -50.75 -33.06
N GLU S 207 61.48 -51.27 -32.23
CA GLU S 207 61.29 -51.36 -30.79
C GLU S 207 61.56 -50.02 -30.12
N LEU S 208 61.08 -49.91 -28.88
CA LEU S 208 61.42 -48.75 -28.07
C LEU S 208 62.87 -48.85 -27.61
N ILE S 209 63.56 -47.71 -27.60
CA ILE S 209 64.99 -47.66 -27.36
C ILE S 209 65.30 -46.53 -26.40
N LEU S 210 66.53 -46.54 -25.88
CA LEU S 210 66.99 -45.51 -24.95
C LEU S 210 67.71 -44.40 -25.72
N ILE S 211 67.48 -43.16 -25.30
CA ILE S 211 68.13 -42.00 -25.89
C ILE S 211 68.60 -41.09 -24.77
N LYS S 212 69.56 -40.22 -25.09
CA LYS S 212 70.08 -39.24 -24.16
C LYS S 212 69.79 -37.84 -24.69
N GLU S 213 69.18 -37.01 -23.85
CA GLU S 213 68.89 -35.62 -24.19
C GLU S 213 68.79 -34.81 -22.92
N ALA S 214 69.18 -33.54 -23.03
CA ALA S 214 69.11 -32.57 -21.92
C ALA S 214 69.92 -33.12 -20.75
N GLY S 215 69.42 -33.00 -19.52
CA GLY S 215 70.24 -33.31 -18.35
C GLY S 215 70.61 -34.78 -18.24
N ALA S 216 69.65 -35.68 -18.43
CA ALA S 216 69.84 -37.08 -18.10
C ALA S 216 69.38 -37.98 -19.23
N ILE S 217 69.84 -39.23 -19.19
CA ILE S 217 69.41 -40.25 -20.14
C ILE S 217 68.03 -40.72 -19.77
N ARG S 218 67.11 -40.72 -20.74
CA ARG S 218 65.70 -40.95 -20.48
C ARG S 218 65.09 -41.82 -21.55
N ILE S 219 63.91 -42.36 -21.24
CA ILE S 219 63.16 -43.14 -22.22
C ILE S 219 62.76 -42.24 -23.38
N ALA S 220 62.59 -42.84 -24.56
CA ALA S 220 62.24 -42.10 -25.77
C ALA S 220 60.96 -42.69 -26.36
N ARG S 221 59.84 -42.03 -26.09
CA ARG S 221 58.54 -42.38 -26.67
C ARG S 221 58.23 -43.86 -26.46
N GLY S 222 58.29 -44.28 -25.19
CA GLY S 222 58.09 -45.67 -24.85
C GLY S 222 56.74 -46.20 -25.29
N VAL S 223 56.73 -47.00 -26.35
CA VAL S 223 55.50 -47.53 -26.93
C VAL S 223 55.74 -48.96 -27.38
N ASN S 224 54.69 -49.77 -27.29
CA ASN S 224 54.73 -51.08 -27.90
C ASN S 224 54.78 -50.94 -29.42
N SER S 225 55.46 -51.89 -30.06
CA SER S 225 55.63 -51.87 -31.51
C SER S 225 54.53 -52.71 -32.16
N LEU S 226 53.53 -52.05 -32.75
CA LEU S 226 52.48 -52.68 -33.53
C LEU S 226 52.42 -51.92 -34.86
N THR S 227 53.27 -52.32 -35.80
CA THR S 227 53.43 -51.56 -37.03
C THR S 227 52.29 -51.78 -38.02
N GLU S 228 51.71 -52.98 -38.05
CA GLU S 228 50.55 -53.21 -38.90
C GLU S 228 49.34 -52.45 -38.37
N LEU S 229 48.45 -52.07 -39.27
CA LEU S 229 47.28 -51.26 -38.92
C LEU S 229 46.02 -51.94 -39.41
N THR S 230 45.04 -52.06 -38.52
CA THR S 230 43.73 -52.60 -38.85
C THR S 230 42.66 -51.60 -38.43
N ALA S 231 41.52 -51.66 -39.11
CA ALA S 231 40.45 -50.71 -38.82
C ALA S 231 39.92 -50.88 -37.40
N GLU S 232 39.82 -52.12 -36.93
CA GLU S 232 39.27 -52.36 -35.60
C GLU S 232 40.23 -51.95 -34.50
N LYS S 233 41.51 -52.30 -34.64
CA LYS S 233 42.48 -52.00 -33.58
C LYS S 233 42.80 -50.51 -33.54
N GLY S 234 43.04 -49.91 -34.71
CA GLY S 234 43.35 -48.49 -34.78
C GLY S 234 44.76 -48.18 -34.33
N GLU S 235 45.06 -46.87 -34.32
CA GLU S 235 46.37 -46.41 -33.91
C GLU S 235 46.56 -46.46 -32.40
N MET S 236 45.49 -46.19 -31.64
CA MET S 236 45.60 -46.09 -30.18
C MET S 236 46.10 -47.38 -29.54
N PHE S 237 45.92 -48.53 -30.21
CA PHE S 237 46.38 -49.80 -29.65
C PHE S 237 47.89 -49.89 -29.60
N GLN S 238 48.60 -49.03 -30.33
CA GLN S 238 50.06 -49.11 -30.38
C GLN S 238 50.70 -48.59 -29.11
N LYS S 239 50.07 -47.63 -28.43
CA LYS S 239 50.62 -47.09 -27.20
C LYS S 239 50.50 -48.10 -26.07
N ILE S 240 51.54 -48.18 -25.23
CA ILE S 240 51.60 -49.21 -24.20
C ILE S 240 50.58 -48.94 -23.09
N LYS S 241 50.46 -47.67 -22.68
CA LYS S 241 49.57 -47.34 -21.56
C LYS S 241 48.12 -47.67 -21.89
N ILE S 242 47.69 -47.35 -23.12
CA ILE S 242 46.30 -47.58 -23.51
C ILE S 242 45.98 -49.06 -23.46
N VAL S 243 46.86 -49.89 -24.05
CA VAL S 243 46.58 -51.33 -24.09
C VAL S 243 46.68 -51.94 -22.70
N ASP S 244 47.58 -51.42 -21.85
CA ASP S 244 47.64 -51.91 -20.48
C ASP S 244 46.34 -51.61 -19.73
N THR S 245 45.83 -50.38 -19.88
CA THR S 245 44.57 -50.04 -19.23
C THR S 245 43.42 -50.89 -19.76
N LEU S 246 43.39 -51.11 -21.07
CA LEU S 246 42.36 -51.96 -21.65
C LEU S 246 42.43 -53.38 -21.11
N ASP S 247 43.64 -53.92 -20.98
CA ASP S 247 43.79 -55.27 -20.44
C ASP S 247 43.35 -55.34 -19.00
N ILE S 248 43.67 -54.32 -18.19
CA ILE S 248 43.21 -54.29 -16.82
C ILE S 248 41.69 -54.28 -16.77
N ILE S 249 41.08 -53.44 -17.61
CA ILE S 249 39.62 -53.35 -17.66
C ILE S 249 39.02 -54.69 -18.04
N HIS S 250 39.59 -55.35 -19.05
CA HIS S 250 39.04 -56.61 -19.53
C HIS S 250 39.13 -57.69 -18.45
N SER S 251 40.29 -57.81 -17.80
CA SER S 251 40.43 -58.83 -16.76
C SER S 251 39.50 -58.56 -15.59
N ASP S 252 39.40 -57.29 -15.18
CA ASP S 252 38.53 -56.94 -14.08
C ASP S 252 37.06 -57.21 -14.39
N ILE S 253 36.62 -56.84 -15.60
CA ILE S 253 35.23 -57.09 -15.95
C ILE S 253 34.98 -58.58 -16.11
N ARG S 254 35.99 -59.34 -16.54
CA ARG S 254 35.84 -60.79 -16.61
C ARG S 254 35.64 -61.37 -15.22
N LYS S 255 36.41 -60.90 -14.24
CA LYS S 255 36.21 -61.35 -12.86
C LYS S 255 34.82 -60.99 -12.35
N VAL S 256 34.39 -59.76 -12.61
CA VAL S 256 33.08 -59.31 -12.14
C VAL S 256 31.97 -60.15 -12.76
N ILE S 257 32.08 -60.42 -14.06
CA ILE S 257 31.09 -61.23 -14.76
C ILE S 257 31.05 -62.64 -14.19
N ILE S 258 32.23 -63.27 -14.09
CA ILE S 258 32.26 -64.66 -13.65
C ILE S 258 31.84 -64.79 -12.19
N ASP S 259 31.88 -63.71 -11.42
CA ASP S 259 31.44 -63.80 -10.03
C ASP S 259 29.95 -64.07 -9.93
N ASP S 260 29.13 -63.31 -10.64
CA ASP S 260 27.69 -63.35 -10.36
C ASP S 260 26.82 -63.65 -11.56
N TYR S 261 27.12 -63.09 -12.72
CA TYR S 261 26.17 -63.06 -13.84
C TYR S 261 26.34 -64.21 -14.81
N ILE S 262 26.77 -65.39 -14.34
CA ILE S 262 26.86 -66.56 -15.19
C ILE S 262 26.16 -67.73 -14.50
N GLY S 263 25.22 -68.36 -15.21
CA GLY S 263 24.54 -69.53 -14.72
C GLY S 263 23.54 -69.27 -13.60
N LYS S 264 23.67 -68.13 -12.92
CA LYS S 264 22.83 -67.86 -11.76
C LYS S 264 21.42 -67.48 -12.15
N VAL S 265 21.25 -66.65 -13.18
CA VAL S 265 19.94 -66.13 -13.56
C VAL S 265 19.71 -66.35 -15.04
N THR S 266 18.44 -66.44 -15.41
CA THR S 266 18.06 -66.59 -16.81
C THR S 266 18.35 -65.32 -17.59
N ASN S 267 18.63 -65.47 -18.87
CA ASN S 267 18.94 -64.35 -19.74
C ASN S 267 17.67 -63.85 -20.42
N SER S 268 17.32 -62.60 -20.16
CA SER S 268 16.25 -61.91 -20.85
C SER S 268 16.72 -60.50 -21.19
N TYR S 269 15.92 -59.78 -21.97
CA TYR S 269 16.31 -58.43 -22.33
C TYR S 269 16.42 -57.55 -21.10
N ASP S 270 15.54 -57.75 -20.11
CA ASP S 270 15.64 -57.02 -18.85
C ASP S 270 16.92 -57.37 -18.10
N ASN S 271 17.28 -58.66 -18.07
CA ASN S 271 18.52 -59.06 -17.43
C ASN S 271 19.72 -58.46 -18.14
N LYS S 272 19.67 -58.40 -19.46
CA LYS S 272 20.74 -57.75 -20.22
C LYS S 272 20.83 -56.27 -19.86
N CYS S 273 19.69 -55.61 -19.70
CA CYS S 273 19.70 -54.20 -19.31
C CYS S 273 20.32 -54.02 -17.93
N LEU S 274 19.98 -54.91 -17.00
CA LEU S 274 20.57 -54.84 -15.66
C LEU S 274 22.09 -55.04 -15.73
N LEU S 275 22.54 -55.99 -16.55
CA LEU S 275 23.97 -56.20 -16.72
C LEU S 275 24.65 -54.96 -17.29
N ILE S 276 24.02 -54.33 -18.28
CA ILE S 276 24.57 -53.11 -18.86
C ILE S 276 24.66 -52.02 -17.80
N VAL S 277 23.64 -51.92 -16.94
CA VAL S 277 23.66 -50.91 -15.89
C VAL S 277 24.81 -51.17 -14.92
N ALA S 278 25.02 -52.43 -14.55
CA ALA S 278 26.13 -52.75 -13.65
C ALA S 278 27.48 -52.38 -14.28
N ILE S 279 27.66 -52.73 -15.55
CA ILE S 279 28.91 -52.40 -16.23
C ILE S 279 29.07 -50.89 -16.35
N LYS S 280 27.97 -50.17 -16.58
CA LYS S 280 28.02 -48.72 -16.66
C LYS S 280 28.45 -48.12 -15.33
N SER S 281 27.92 -48.63 -14.22
CA SER S 281 28.34 -48.14 -12.91
C SER S 281 29.82 -48.41 -12.67
N TYR S 282 30.28 -49.60 -13.06
CA TYR S 282 31.71 -49.90 -12.93
C TYR S 282 32.56 -48.94 -13.75
N LEU S 283 32.14 -48.64 -14.98
CA LEU S 283 32.89 -47.71 -15.82
C LEU S 283 32.88 -46.31 -15.22
N GLU S 284 31.77 -45.90 -14.62
CA GLU S 284 31.72 -44.60 -13.95
C GLU S 284 32.70 -44.56 -12.79
N GLU S 285 32.78 -45.65 -12.02
CA GLU S 285 33.74 -45.70 -10.92
C GLU S 285 35.17 -45.62 -11.44
N LEU S 286 35.45 -46.28 -12.55
CA LEU S 286 36.78 -46.17 -13.17
C LEU S 286 37.04 -44.73 -13.61
N GLU S 287 36.03 -44.06 -14.16
CA GLU S 287 36.16 -42.67 -14.56
C GLU S 287 36.49 -41.79 -13.37
N LYS S 288 35.89 -42.08 -12.21
CA LYS S 288 36.09 -41.25 -11.03
C LYS S 288 37.57 -41.07 -10.70
N SER S 289 38.39 -42.07 -10.98
CA SER S 289 39.83 -41.98 -10.79
C SER S 289 40.56 -41.47 -12.02
N ALA S 290 39.82 -41.02 -13.04
CA ALA S 290 40.39 -40.41 -14.24
C ALA S 290 41.30 -41.37 -15.02
N LEU S 291 41.01 -42.66 -14.94
CA LEU S 291 41.73 -43.62 -15.77
C LEU S 291 41.26 -43.59 -17.21
N ILE S 292 39.96 -43.38 -17.42
CA ILE S 292 39.37 -43.36 -18.75
C ILE S 292 38.55 -42.10 -18.93
N GLU S 293 37.87 -41.98 -20.07
CA GLU S 293 36.98 -40.86 -20.30
C GLU S 293 35.65 -41.08 -19.60
N SER S 294 34.96 -39.98 -19.32
CA SER S 294 33.72 -40.03 -18.54
C SER S 294 32.54 -40.58 -19.33
N ASP S 295 32.42 -40.20 -20.60
CA ASP S 295 31.19 -40.43 -21.38
C ASP S 295 31.20 -41.73 -22.15
N SER S 296 31.89 -42.76 -21.66
CA SER S 296 31.89 -44.05 -22.32
C SER S 296 30.49 -44.65 -22.31
N THR S 297 30.15 -45.35 -23.38
CA THR S 297 28.82 -45.94 -23.54
C THR S 297 28.95 -47.42 -23.86
N VAL S 298 27.99 -48.20 -23.36
CA VAL S 298 27.94 -49.64 -23.57
C VAL S 298 26.55 -49.99 -24.08
N GLU S 299 26.49 -50.78 -25.16
CA GLU S 299 25.22 -51.17 -25.75
C GLU S 299 25.36 -52.56 -26.37
N ILE S 300 24.22 -53.15 -26.71
CA ILE S 300 24.23 -54.49 -27.28
C ILE S 300 24.94 -54.47 -28.63
N ASP S 301 25.79 -55.47 -28.85
CA ASP S 301 26.53 -55.60 -30.10
C ASP S 301 25.57 -56.05 -31.19
N PHE S 302 25.18 -55.12 -32.06
CA PHE S 302 24.26 -55.47 -33.14
C PHE S 302 24.91 -56.42 -34.14
N GLU S 303 26.18 -56.17 -34.48
CA GLU S 303 26.83 -56.97 -35.51
C GLU S 303 27.03 -58.42 -35.07
N ALA S 304 27.50 -58.62 -33.85
CA ALA S 304 27.73 -59.99 -33.37
C ALA S 304 26.43 -60.75 -33.26
N GLN S 305 25.38 -60.12 -32.73
CA GLN S 305 24.09 -60.79 -32.65
C GLN S 305 23.53 -61.08 -34.03
N LYS S 306 23.72 -60.16 -34.98
CA LYS S 306 23.26 -60.42 -36.34
C LYS S 306 23.98 -61.63 -36.93
N SER S 307 25.29 -61.73 -36.70
CA SER S 307 26.03 -62.88 -37.20
C SER S 307 25.55 -64.17 -36.55
N TYR S 308 25.32 -64.14 -35.23
CA TYR S 308 24.85 -65.34 -34.54
C TYR S 308 23.48 -65.78 -35.05
N LEU S 309 22.56 -64.82 -35.21
CA LEU S 309 21.25 -65.16 -35.74
C LEU S 309 21.34 -65.68 -37.16
N LYS S 310 22.26 -65.14 -37.96
CA LYS S 310 22.49 -65.67 -39.29
C LYS S 310 22.97 -67.11 -39.24
N SER S 311 23.83 -67.43 -38.27
CA SER S 311 24.30 -68.81 -38.12
C SER S 311 23.17 -69.76 -37.77
N LYS S 312 22.14 -69.28 -37.06
CA LYS S 312 21.03 -70.11 -36.63
C LYS S 312 20.00 -70.36 -37.72
N GLY S 313 20.13 -69.71 -38.88
CA GLY S 313 19.18 -69.92 -39.95
C GLY S 313 17.89 -69.16 -39.82
N VAL S 314 17.89 -68.05 -39.09
CA VAL S 314 16.68 -67.23 -38.95
C VAL S 314 16.30 -66.61 -40.29
N ASP S 315 17.29 -66.24 -41.11
CA ASP S 315 17.08 -65.60 -42.40
C ASP S 315 16.34 -64.28 -42.24
N LEU S 316 17.00 -63.36 -41.55
CA LEU S 316 16.47 -62.01 -41.31
C LEU S 316 16.90 -61.05 -42.42
N SER S 317 16.61 -61.43 -43.67
CA SER S 317 16.93 -60.57 -44.80
C SER S 317 16.27 -59.21 -44.65
N TYR S 318 15.02 -59.20 -44.23
CA TYR S 318 14.35 -58.00 -43.74
C TYR S 318 13.91 -58.28 -42.30
N MET S 319 14.19 -57.34 -41.41
CA MET S 319 13.88 -57.54 -40.00
C MET S 319 14.09 -56.21 -39.28
N THR S 320 13.25 -55.94 -38.28
CA THR S 320 13.32 -54.67 -37.56
C THR S 320 14.53 -54.65 -36.62
N LEU S 321 15.17 -53.48 -36.54
CA LEU S 321 16.37 -53.34 -35.72
C LEU S 321 16.08 -53.58 -34.24
N GLN S 322 14.99 -53.00 -33.73
CA GLN S 322 14.65 -53.17 -32.33
C GLN S 322 14.35 -54.62 -32.02
N GLU S 323 13.69 -55.33 -32.94
CA GLU S 323 13.43 -56.74 -32.72
C GLU S 323 14.72 -57.55 -32.71
N ILE S 324 15.69 -57.20 -33.55
CA ILE S 324 16.97 -57.89 -33.53
C ILE S 324 17.67 -57.65 -32.19
N LYS S 325 17.65 -56.40 -31.71
CA LYS S 325 18.30 -56.11 -30.43
C LYS S 325 17.65 -56.83 -29.26
N GLU S 326 16.40 -57.27 -29.40
CA GLU S 326 15.71 -57.99 -28.35
C GLU S 326 15.32 -59.41 -28.77
N ALA S 327 15.98 -59.96 -29.78
CA ALA S 327 15.64 -61.28 -30.26
C ALA S 327 16.05 -62.34 -29.23
N ASN S 328 15.66 -63.59 -29.51
CA ASN S 328 15.94 -64.71 -28.62
C ASN S 328 17.33 -65.25 -28.93
N THR S 329 18.33 -64.70 -28.25
CA THR S 329 19.71 -65.15 -28.45
C THR S 329 19.89 -66.57 -27.92
N GLY S 330 19.38 -66.85 -26.73
CA GLY S 330 19.49 -68.18 -26.15
C GLY S 330 20.47 -68.28 -25.01
N SER S 331 21.52 -69.09 -25.19
CA SER S 331 22.47 -69.32 -24.12
C SER S 331 23.47 -68.16 -23.97
N LYS S 332 23.81 -67.49 -25.07
CA LYS S 332 24.87 -66.50 -25.07
C LYS S 332 24.30 -65.09 -24.98
N VAL S 333 25.16 -64.15 -24.57
CA VAL S 333 24.86 -62.73 -24.54
C VAL S 333 26.05 -62.00 -25.15
N PHE S 334 25.78 -61.08 -26.07
CA PHE S 334 26.81 -60.35 -26.80
C PHE S 334 26.72 -58.88 -26.45
N LEU S 335 27.87 -58.28 -26.11
CA LEU S 335 27.93 -56.87 -25.75
C LEU S 335 29.10 -56.20 -26.45
N LYS S 336 28.95 -54.91 -26.69
CA LYS S 336 30.00 -54.08 -27.28
C LYS S 336 30.10 -52.78 -26.50
N ALA S 337 31.33 -52.36 -26.20
CA ALA S 337 31.56 -51.15 -25.44
C ALA S 337 32.57 -50.27 -26.16
N LYS S 338 32.28 -48.97 -26.21
CA LYS S 338 33.22 -47.99 -26.73
C LYS S 338 33.66 -47.08 -25.59
N ILE S 339 34.97 -47.00 -25.36
CA ILE S 339 35.54 -46.19 -24.30
C ILE S 339 36.70 -45.41 -24.88
N LYS S 340 37.10 -44.36 -24.17
CA LYS S 340 38.23 -43.53 -24.54
C LYS S 340 39.22 -43.52 -23.40
N VAL S 341 40.49 -43.78 -23.71
CA VAL S 341 41.54 -43.91 -22.71
C VAL S 341 42.39 -42.65 -22.74
N LEU S 342 42.53 -42.01 -21.58
CA LEU S 342 43.34 -40.81 -21.49
C LEU S 342 44.81 -41.16 -21.61
N ASP S 343 45.57 -40.32 -22.32
CA ASP S 343 46.99 -40.52 -22.54
C ASP S 343 47.76 -39.38 -21.92
N ALA S 344 48.89 -39.69 -21.29
CA ALA S 344 49.73 -38.66 -20.72
C ALA S 344 50.25 -37.74 -21.82
N MET S 345 50.38 -36.46 -21.50
CA MET S 345 50.89 -35.50 -22.48
C MET S 345 52.31 -35.87 -22.89
N GLU S 346 52.56 -35.87 -24.20
CA GLU S 346 53.86 -36.25 -24.71
C GLU S 346 54.41 -35.20 -25.67
N ASP S 347 53.51 -34.50 -26.38
CA ASP S 347 53.89 -33.49 -27.35
C ASP S 347 53.07 -32.23 -27.12
N ILE S 348 53.74 -31.09 -27.02
CA ILE S 348 53.11 -29.82 -26.71
C ILE S 348 53.53 -28.80 -27.76
N ASP S 349 52.55 -28.05 -28.27
CA ASP S 349 52.78 -27.00 -29.25
C ASP S 349 52.31 -25.68 -28.68
N LEU S 350 53.13 -24.63 -28.85
CA LEU S 350 52.80 -23.32 -28.30
C LEU S 350 53.34 -22.25 -29.24
N SER S 351 52.52 -21.25 -29.54
CA SER S 351 52.88 -20.15 -30.41
C SER S 351 52.68 -18.82 -29.72
N ILE S 352 53.62 -17.90 -29.90
CA ILE S 352 53.61 -16.59 -29.25
C ILE S 352 53.75 -15.52 -30.31
N GLU S 353 52.95 -14.46 -30.18
CA GLU S 353 53.04 -13.29 -31.05
C GLU S 353 53.67 -12.14 -30.29
N ILE S 354 54.68 -11.52 -30.90
CA ILE S 354 55.38 -10.41 -30.26
C ILE S 354 54.48 -9.17 -30.22
N MET T 1 -10.57 -65.52 -24.70
CA MET T 1 -11.29 -64.45 -24.00
C MET T 1 -12.71 -64.88 -23.65
N LEU T 2 -13.66 -63.97 -23.89
CA LEU T 2 -15.08 -64.22 -23.66
C LEU T 2 -15.74 -64.39 -25.02
N LYS T 3 -15.95 -65.64 -25.42
CA LYS T 3 -16.48 -65.93 -26.75
C LYS T 3 -17.92 -65.44 -26.87
N TYR T 4 -18.28 -65.01 -28.08
CA TYR T 4 -19.63 -64.51 -28.32
C TYR T 4 -20.66 -65.62 -28.25
N LYS T 5 -20.27 -66.84 -28.65
CA LYS T 5 -21.19 -67.97 -28.62
C LYS T 5 -21.76 -68.19 -27.23
N GLU T 6 -20.93 -67.99 -26.20
CA GLU T 6 -21.42 -68.18 -24.84
C GLU T 6 -22.52 -67.21 -24.49
N ILE T 7 -22.35 -65.92 -24.86
CA ILE T 7 -23.38 -64.92 -24.60
C ILE T 7 -24.65 -65.27 -25.36
N LEU T 8 -24.51 -65.64 -26.63
CA LEU T 8 -25.68 -65.96 -27.44
C LEU T 8 -26.42 -67.15 -26.87
N GLU T 9 -25.70 -68.19 -26.46
CA GLU T 9 -26.33 -69.37 -25.89
C GLU T 9 -27.01 -69.06 -24.57
N THR T 10 -26.40 -68.19 -23.75
CA THR T 10 -27.04 -67.80 -22.50
C THR T 10 -28.37 -67.10 -22.76
N ILE T 11 -28.40 -66.20 -23.73
CA ILE T 11 -29.64 -65.50 -24.03
C ILE T 11 -30.69 -66.47 -24.57
N ILE T 12 -30.28 -67.39 -25.45
CA ILE T 12 -31.21 -68.38 -25.96
C ILE T 12 -31.75 -69.25 -24.84
N GLU T 13 -30.89 -69.62 -23.88
CA GLU T 13 -31.34 -70.43 -22.76
C GLU T 13 -32.38 -69.69 -21.93
N ILE T 14 -32.14 -68.41 -21.64
CA ILE T 14 -33.11 -67.64 -20.88
C ILE T 14 -34.45 -67.58 -21.60
N LEU T 15 -34.41 -67.26 -22.90
CA LEU T 15 -35.65 -67.16 -23.65
C LEU T 15 -36.36 -68.50 -23.77
N LYS T 16 -35.60 -69.60 -23.82
CA LYS T 16 -36.20 -70.93 -23.88
C LYS T 16 -36.88 -71.27 -22.57
N LYS T 17 -36.27 -70.91 -21.43
CA LYS T 17 -36.90 -71.15 -20.15
C LYS T 17 -38.19 -70.35 -20.01
N ASN T 18 -38.17 -69.08 -20.42
CA ASN T 18 -39.32 -68.23 -20.10
C ASN T 18 -40.49 -68.43 -21.06
N PHE T 19 -40.22 -68.56 -22.36
CA PHE T 19 -41.28 -68.57 -23.36
C PHE T 19 -41.38 -69.93 -24.05
N THR T 20 -42.61 -70.33 -24.37
CA THR T 20 -42.87 -71.61 -25.01
C THR T 20 -42.60 -71.59 -26.51
N GLU T 21 -42.76 -70.44 -27.16
CA GLU T 21 -42.58 -70.36 -28.60
C GLU T 21 -41.14 -70.64 -28.98
N SER T 22 -40.94 -71.18 -30.18
CA SER T 22 -39.61 -71.56 -30.63
C SER T 22 -38.75 -70.33 -30.88
N ILE T 23 -37.44 -70.52 -30.77
CA ILE T 23 -36.45 -69.48 -31.01
C ILE T 23 -35.53 -69.94 -32.12
N PHE T 24 -35.35 -69.10 -33.13
CA PHE T 24 -34.54 -69.44 -34.29
C PHE T 24 -33.48 -68.38 -34.52
N ILE T 25 -32.38 -68.79 -35.15
CA ILE T 25 -31.29 -67.88 -35.47
C ILE T 25 -31.17 -67.63 -36.98
N ASP T 26 -31.51 -68.59 -37.81
CA ASP T 26 -31.38 -68.47 -39.25
C ASP T 26 -32.70 -68.09 -39.91
N ASP T 27 -32.60 -67.54 -41.12
CA ASP T 27 -33.75 -66.94 -41.78
C ASP T 27 -34.71 -68.01 -42.32
N GLU T 28 -34.17 -69.14 -42.77
CA GLU T 28 -35.04 -70.17 -43.33
C GLU T 28 -36.03 -70.69 -42.30
N SER T 29 -35.63 -70.77 -41.04
CA SER T 29 -36.54 -71.25 -40.01
C SER T 29 -37.70 -70.27 -39.79
N VAL T 30 -37.39 -68.98 -39.70
CA VAL T 30 -38.44 -68.01 -39.46
C VAL T 30 -39.37 -67.90 -40.67
N GLN T 31 -38.86 -68.13 -41.88
CA GLN T 31 -39.75 -68.20 -43.02
C GLN T 31 -40.60 -69.47 -42.99
N GLY T 32 -40.01 -70.59 -42.59
CA GLY T 32 -40.72 -71.86 -42.63
C GLY T 32 -41.67 -72.10 -41.48
N SER T 33 -41.46 -71.42 -40.35
CA SER T 33 -42.29 -71.65 -39.18
C SER T 33 -43.74 -71.27 -39.47
N GLU T 34 -44.66 -72.07 -38.94
CA GLU T 34 -46.09 -71.84 -39.16
C GLU T 34 -46.72 -70.96 -38.08
N GLY T 35 -45.96 -70.60 -37.05
CA GLY T 35 -46.48 -69.76 -35.99
C GLY T 35 -45.47 -68.69 -35.61
N SER T 36 -45.83 -67.90 -34.61
CA SER T 36 -44.95 -66.85 -34.13
C SER T 36 -43.68 -67.44 -33.54
N CYS T 37 -42.54 -66.83 -33.87
CA CYS T 37 -41.25 -67.34 -33.41
C CYS T 37 -40.31 -66.17 -33.18
N PHE T 38 -39.46 -66.31 -32.17
CA PHE T 38 -38.47 -65.28 -31.87
C PHE T 38 -37.29 -65.35 -32.84
N PHE T 39 -36.54 -64.26 -32.90
CA PHE T 39 -35.31 -64.19 -33.68
C PHE T 39 -34.29 -63.45 -32.84
N VAL T 40 -33.13 -64.07 -32.62
CA VAL T 40 -32.09 -63.52 -31.75
C VAL T 40 -30.78 -63.50 -32.52
N SER T 41 -30.10 -62.36 -32.49
CA SER T 41 -28.81 -62.22 -33.15
C SER T 41 -28.05 -61.05 -32.54
N ILE T 42 -26.75 -61.03 -32.78
CA ILE T 42 -25.90 -59.93 -32.34
C ILE T 42 -25.83 -58.91 -33.46
N LEU T 43 -26.19 -57.67 -33.17
CA LEU T 43 -26.30 -56.66 -34.22
C LEU T 43 -24.93 -56.08 -34.58
N SER T 44 -24.27 -55.44 -33.62
CA SER T 44 -23.01 -54.78 -33.89
C SER T 44 -22.09 -54.90 -32.69
N VAL T 45 -20.79 -54.91 -32.97
CA VAL T 45 -19.75 -54.95 -31.95
C VAL T 45 -18.70 -53.91 -32.30
N ILE T 46 -18.37 -53.05 -31.33
CA ILE T 46 -17.38 -52.00 -31.51
C ILE T 46 -16.29 -52.18 -30.47
N CYS T 47 -15.05 -52.30 -30.93
CA CYS T 47 -13.91 -52.51 -30.05
C CYS T 47 -13.01 -51.29 -30.09
N THR T 48 -12.63 -50.80 -28.92
CA THR T 48 -11.78 -49.61 -28.81
C THR T 48 -10.66 -49.90 -27.82
N PRO T 49 -9.41 -49.62 -28.18
CA PRO T 49 -8.30 -49.86 -27.26
C PRO T 49 -8.21 -48.73 -26.24
N VAL T 50 -8.28 -49.09 -24.95
CA VAL T 50 -8.16 -48.13 -23.87
C VAL T 50 -6.92 -48.36 -23.01
N MET T 51 -6.25 -49.50 -23.18
CA MET T 51 -5.07 -49.82 -22.39
C MET T 51 -4.08 -50.55 -23.28
N LEU T 52 -2.88 -50.80 -22.75
CA LEU T 52 -1.90 -51.56 -23.51
C LEU T 52 -2.38 -52.98 -23.76
N ASN T 53 -3.15 -53.54 -22.83
CA ASN T 53 -3.59 -54.92 -22.91
C ASN T 53 -5.11 -55.10 -23.01
N THR T 54 -5.89 -54.14 -22.58
CA THR T 54 -7.34 -54.30 -22.51
C THR T 54 -8.03 -53.52 -23.61
N ASN T 55 -9.24 -53.96 -23.94
CA ASN T 55 -10.07 -53.31 -24.94
C ASN T 55 -11.45 -53.02 -24.34
N ASN T 56 -12.06 -51.95 -24.82
CA ASN T 56 -13.43 -51.60 -24.45
C ASN T 56 -14.36 -52.05 -25.55
N LYS T 57 -15.33 -52.89 -25.21
CA LYS T 57 -16.22 -53.50 -26.18
C LYS T 57 -17.67 -53.14 -25.88
N ASP T 58 -18.40 -52.79 -26.93
CA ASP T 58 -19.83 -52.51 -26.84
C ASP T 58 -20.57 -53.49 -27.74
N ILE T 59 -21.57 -54.16 -27.19
CA ILE T 59 -22.33 -55.18 -27.90
C ILE T 59 -23.79 -54.76 -27.92
N VAL T 60 -24.40 -54.79 -29.11
CA VAL T 60 -25.81 -54.49 -29.28
C VAL T 60 -26.51 -55.78 -29.70
N ILE T 61 -27.55 -56.16 -28.96
CA ILE T 61 -28.22 -57.44 -29.14
C ILE T 61 -29.68 -57.17 -29.50
N SER T 62 -30.14 -57.84 -30.55
CA SER T 62 -31.47 -57.61 -31.10
C SER T 62 -32.34 -58.85 -30.92
N ILE T 63 -33.56 -58.64 -30.42
CA ILE T 63 -34.55 -59.70 -30.26
C ILE T 63 -35.80 -59.27 -31.02
N LYS T 64 -36.28 -60.15 -31.89
CA LYS T 64 -37.44 -59.85 -32.73
C LYS T 64 -38.54 -60.87 -32.47
N TYR T 65 -39.78 -60.40 -32.54
CA TYR T 65 -40.96 -61.25 -32.44
C TYR T 65 -41.81 -61.06 -33.69
N LEU T 66 -42.11 -62.16 -34.37
CA LEU T 66 -42.82 -62.12 -35.66
C LEU T 66 -44.11 -62.92 -35.55
N PRO T 67 -45.25 -62.27 -35.31
CA PRO T 67 -46.52 -63.01 -35.20
C PRO T 67 -47.09 -63.33 -36.58
N LYS T 68 -47.13 -64.62 -36.90
CA LYS T 68 -47.57 -65.07 -38.21
C LYS T 68 -49.09 -65.05 -38.37
N PRO T 69 -49.88 -65.52 -37.39
CA PRO T 69 -51.34 -65.38 -37.54
C PRO T 69 -51.79 -63.94 -37.69
N GLN T 70 -51.02 -62.99 -37.14
CA GLN T 70 -51.17 -61.56 -37.33
C GLN T 70 -52.44 -61.01 -36.69
N SER T 71 -53.28 -61.85 -36.11
CA SER T 71 -54.44 -61.42 -35.35
C SER T 71 -54.16 -61.35 -33.86
N LYS T 72 -52.92 -61.57 -33.45
CA LYS T 72 -52.52 -61.66 -32.04
C LYS T 72 -51.66 -60.47 -31.63
N SER T 73 -52.03 -59.26 -32.08
CA SER T 73 -51.18 -58.10 -31.85
C SER T 73 -51.06 -57.76 -30.37
N ILE T 74 -52.10 -58.01 -29.57
CA ILE T 74 -52.01 -57.73 -28.14
C ILE T 74 -50.96 -58.62 -27.49
N ARG T 75 -50.77 -59.83 -28.03
CA ARG T 75 -49.73 -60.72 -27.53
C ARG T 75 -48.36 -60.08 -27.68
N MET T 76 -48.18 -59.21 -28.66
CA MET T 76 -46.91 -58.51 -28.82
C MET T 76 -46.61 -57.63 -27.61
N TYR T 77 -47.60 -56.85 -27.17
CA TYR T 77 -47.40 -56.00 -26.00
C TYR T 77 -47.23 -56.85 -24.75
N GLU T 78 -47.96 -57.96 -24.65
CA GLU T 78 -47.78 -58.88 -23.53
C GLU T 78 -46.33 -59.37 -23.47
N ILE T 79 -45.80 -59.79 -24.62
CA ILE T 79 -44.44 -60.31 -24.67
C ILE T 79 -43.43 -59.21 -24.36
N SER T 80 -43.71 -57.98 -24.81
CA SER T 80 -42.81 -56.87 -24.49
C SER T 80 -42.74 -56.63 -22.99
N ASP T 81 -43.90 -56.58 -22.32
CA ASP T 81 -43.88 -56.32 -20.88
C ASP T 81 -43.26 -57.48 -20.12
N GLU T 82 -43.45 -58.71 -20.58
CA GLU T 82 -42.77 -59.85 -19.95
C GLU T 82 -41.26 -59.76 -20.15
N LEU T 83 -40.82 -59.37 -21.35
CA LEU T 83 -39.40 -59.27 -21.65
C LEU T 83 -38.72 -58.21 -20.80
N ASN T 84 -39.43 -57.12 -20.51
CA ASN T 84 -38.80 -56.01 -19.80
C ASN T 84 -38.25 -56.43 -18.43
N LYS T 85 -38.83 -57.46 -17.81
CA LYS T 85 -38.40 -57.85 -16.47
C LYS T 85 -37.10 -58.63 -16.46
N LEU T 86 -36.88 -59.46 -17.47
CA LEU T 86 -35.74 -60.38 -17.44
C LEU T 86 -34.40 -59.67 -17.56
N PHE T 87 -34.37 -58.52 -18.24
CA PHE T 87 -33.12 -57.86 -18.57
C PHE T 87 -33.00 -56.51 -17.90
N ASN T 88 -33.32 -56.45 -16.61
CA ASN T 88 -33.33 -55.19 -15.88
C ASN T 88 -31.96 -54.51 -15.84
N ARG T 89 -30.99 -55.14 -15.19
CA ARG T 89 -29.71 -54.49 -14.93
C ARG T 89 -28.53 -55.17 -15.61
N ASN T 90 -28.39 -56.48 -15.46
CA ASN T 90 -27.25 -57.17 -16.03
C ASN T 90 -27.60 -58.64 -16.27
N ILE T 91 -26.79 -59.28 -17.11
CA ILE T 91 -26.91 -60.71 -17.37
C ILE T 91 -25.58 -61.37 -17.00
N LYS T 92 -25.67 -62.66 -16.69
CA LYS T 92 -24.56 -63.39 -16.08
C LYS T 92 -24.11 -64.48 -17.04
N VAL T 93 -22.88 -64.36 -17.54
CA VAL T 93 -22.31 -65.33 -18.46
C VAL T 93 -20.87 -65.64 -18.03
N THR T 94 -20.56 -66.93 -17.91
CA THR T 94 -19.25 -67.40 -17.46
C THR T 94 -18.87 -66.70 -16.15
N ASP T 95 -19.89 -66.41 -15.34
CA ASP T 95 -19.76 -65.61 -14.14
C ASP T 95 -18.97 -64.33 -14.39
N ARG T 96 -19.49 -63.48 -15.26
CA ARG T 96 -18.98 -62.13 -15.42
C ARG T 96 -20.18 -61.25 -15.74
N LYS T 97 -20.66 -60.51 -14.75
CA LYS T 97 -21.89 -59.76 -14.90
C LYS T 97 -21.63 -58.53 -15.76
N LEU T 98 -22.36 -58.41 -16.86
CA LEU T 98 -22.14 -57.37 -17.86
C LEU T 98 -23.24 -56.33 -17.71
N ASN T 99 -22.84 -55.09 -17.48
CA ASN T 99 -23.81 -54.02 -17.28
C ASN T 99 -24.61 -53.77 -18.56
N ILE T 100 -25.90 -53.50 -18.39
CA ILE T 100 -26.79 -53.16 -19.49
C ILE T 100 -27.01 -51.66 -19.44
N THR T 101 -26.37 -50.93 -20.36
CA THR T 101 -26.40 -49.47 -20.30
C THR T 101 -27.72 -48.88 -20.79
N LYS T 102 -28.39 -49.53 -21.74
CA LYS T 102 -29.57 -48.92 -22.33
C LYS T 102 -30.50 -49.98 -22.86
N LEU T 103 -31.80 -49.69 -22.83
CA LEU T 103 -32.84 -50.55 -23.37
C LEU T 103 -33.65 -49.75 -24.37
N GLU T 104 -33.81 -50.28 -25.58
CA GLU T 104 -34.57 -49.61 -26.63
C GLU T 104 -35.38 -50.64 -27.39
N GLN T 105 -36.65 -50.31 -27.65
CA GLN T 105 -37.52 -51.15 -28.45
C GLN T 105 -38.40 -50.27 -29.32
N SER T 106 -38.88 -50.85 -30.41
CA SER T 106 -39.73 -50.11 -31.34
C SER T 106 -40.57 -51.09 -32.14
N ILE T 107 -41.76 -50.63 -32.54
CA ILE T 107 -42.66 -51.42 -33.38
C ILE T 107 -42.76 -50.70 -34.72
N LYS T 108 -42.30 -51.37 -35.78
CA LYS T 108 -42.32 -50.82 -37.12
C LYS T 108 -42.99 -51.79 -38.06
N LYS T 109 -43.31 -51.30 -39.26
CA LYS T 109 -43.93 -52.11 -40.29
C LYS T 109 -42.84 -52.66 -41.21
N GLU T 110 -42.72 -53.97 -41.25
CA GLU T 110 -41.79 -54.65 -42.14
C GLU T 110 -42.58 -55.54 -43.10
N GLU T 111 -42.33 -55.37 -44.39
CA GLU T 111 -43.06 -56.09 -45.44
C GLU T 111 -44.54 -55.77 -45.26
N SER T 112 -45.42 -56.75 -45.12
CA SER T 112 -46.84 -56.51 -44.94
C SER T 112 -47.31 -56.76 -43.52
N ILE T 113 -46.39 -56.92 -42.56
CA ILE T 113 -46.73 -57.28 -41.20
C ILE T 113 -46.07 -56.31 -40.23
N TYR T 114 -46.52 -56.36 -38.98
CA TYR T 114 -45.94 -55.56 -37.90
C TYR T 114 -45.19 -56.48 -36.96
N VAL T 115 -43.94 -56.12 -36.63
CA VAL T 115 -43.10 -56.93 -35.77
C VAL T 115 -42.54 -56.07 -34.65
N LEU T 116 -42.09 -56.74 -33.60
CA LEU T 116 -41.50 -56.07 -32.44
C LEU T 116 -40.01 -56.29 -32.43
N ASN T 117 -39.25 -55.19 -32.27
CA ASN T 117 -37.81 -55.24 -32.20
C ASN T 117 -37.38 -54.76 -30.82
N PHE T 118 -36.57 -55.57 -30.15
CA PHE T 118 -36.13 -55.28 -28.78
C PHE T 118 -34.61 -55.34 -28.75
N THR T 119 -33.99 -54.26 -28.28
CA THR T 119 -32.53 -54.14 -28.28
C THR T 119 -32.05 -53.68 -26.93
N PHE T 120 -30.82 -54.09 -26.60
CA PHE T 120 -30.12 -53.57 -25.43
C PHE T 120 -28.63 -53.64 -25.70
N THR T 121 -27.87 -52.86 -24.92
CA THR T 121 -26.44 -52.71 -25.13
C THR T 121 -25.69 -53.19 -23.90
N LEU T 122 -24.66 -54.01 -24.12
CA LEU T 122 -23.76 -54.46 -23.06
C LEU T 122 -22.43 -53.74 -23.17
N ASN T 123 -21.77 -53.56 -22.03
CA ASN T 123 -20.49 -52.86 -21.99
C ASN T 123 -19.60 -53.54 -20.97
N TYR T 124 -18.39 -53.90 -21.39
CA TYR T 124 -17.43 -54.55 -20.51
C TYR T 124 -16.04 -54.41 -21.10
N LEU T 125 -15.03 -54.63 -20.26
CA LEU T 125 -13.64 -54.56 -20.67
C LEU T 125 -13.07 -55.97 -20.77
N ASP T 126 -12.42 -56.25 -21.89
CA ASP T 126 -11.82 -57.55 -22.15
C ASP T 126 -10.40 -57.35 -22.64
N SER T 127 -9.52 -58.27 -22.27
CA SER T 127 -8.09 -58.10 -22.51
C SER T 127 -7.50 -59.39 -23.04
N VAL T 128 -6.37 -59.26 -23.72
CA VAL T 128 -5.57 -60.39 -24.19
C VAL T 128 -4.30 -60.45 -23.37
N TYR T 129 -3.92 -61.67 -22.98
CA TYR T 129 -2.68 -61.90 -22.26
C TYR T 129 -1.79 -62.79 -23.11
N GLU T 130 -0.64 -62.27 -23.51
CA GLU T 130 0.26 -62.99 -24.39
C GLU T 130 0.97 -64.10 -23.64
N GLU T 131 1.42 -65.11 -24.39
CA GLU T 131 2.13 -66.23 -23.81
C GLU T 131 3.50 -65.80 -23.30
N ASP T 132 3.95 -66.45 -22.23
CA ASP T 132 5.25 -66.20 -21.65
C ASP T 132 6.19 -67.34 -22.01
N VAL T 133 7.36 -67.00 -22.51
CA VAL T 133 8.34 -67.99 -22.96
C VAL T 133 9.43 -68.13 -21.91
N VAL T 134 9.95 -69.35 -21.79
CA VAL T 134 10.98 -69.66 -20.82
C VAL T 134 12.34 -69.47 -21.47
N TYR T 135 13.24 -68.76 -20.79
CA TYR T 135 14.56 -68.45 -21.31
C TYR T 135 15.61 -69.33 -20.68
N GLU T 136 16.65 -69.63 -21.46
CA GLU T 136 17.77 -70.39 -20.94
C GLU T 136 18.59 -69.55 -19.97
N ASN T 137 19.40 -70.22 -19.17
CA ASN T 137 20.38 -69.54 -18.34
C ASN T 137 21.53 -69.07 -19.21
N MET T 138 22.19 -68.00 -18.79
CA MET T 138 23.22 -67.35 -19.58
C MET T 138 24.60 -67.79 -19.13
N LYS T 139 25.43 -68.17 -20.10
CA LYS T 139 26.82 -68.52 -19.83
C LYS T 139 27.63 -68.20 -21.08
N GLU T 140 28.94 -68.03 -20.88
CA GLU T 140 29.85 -67.62 -21.95
C GLU T 140 29.37 -66.30 -22.58
N ILE T 141 29.37 -65.26 -21.74
CA ILE T 141 28.91 -63.94 -22.15
C ILE T 141 30.14 -63.07 -22.35
N ASN T 142 30.42 -62.71 -23.59
CA ASN T 142 31.65 -62.03 -23.97
C ASN T 142 31.36 -60.64 -24.52
N LEU T 143 32.33 -59.75 -24.34
CA LEU T 143 32.24 -58.38 -24.84
C LEU T 143 33.48 -58.06 -25.65
N ASN T 144 33.30 -57.29 -26.71
CA ASN T 144 34.40 -56.79 -27.52
C ASN T 144 34.48 -55.27 -27.42
N LEU T 145 35.70 -54.77 -27.35
CA LEU T 145 35.95 -53.33 -27.22
C LEU T 145 36.43 -52.82 -28.58
N GLY T 146 35.47 -52.44 -29.42
CA GLY T 146 35.83 -51.87 -30.71
C GLY T 146 36.61 -50.58 -30.59
N GLU T 147 36.33 -49.78 -29.58
CA GLU T 147 37.10 -48.58 -29.30
C GLU T 147 37.23 -48.35 -27.79
N ALA U 2 81.36 -17.58 2.29
CA ALA U 2 82.70 -17.71 2.89
C ALA U 2 82.81 -16.87 4.15
N ILE U 3 83.12 -17.53 5.26
CA ILE U 3 83.25 -16.85 6.55
C ILE U 3 84.62 -16.18 6.62
N GLY U 4 84.63 -14.90 6.95
CA GLY U 4 85.85 -14.13 7.08
C GLY U 4 86.11 -13.79 8.55
N LEU U 5 87.37 -13.61 8.89
CA LEU U 5 87.72 -13.24 10.25
C LEU U 5 87.12 -11.88 10.59
N PRO U 6 86.51 -11.73 11.76
CA PRO U 6 85.77 -10.50 12.05
C PRO U 6 86.70 -9.29 12.14
N SER U 7 86.17 -8.15 11.74
CA SER U 7 86.97 -6.93 11.67
C SER U 7 86.09 -5.73 11.91
N ILE U 8 86.72 -4.63 12.32
CA ILE U 8 86.07 -3.34 12.47
C ILE U 8 86.57 -2.44 11.34
N ASN U 9 85.65 -1.74 10.70
CA ASN U 9 85.98 -0.82 9.62
C ASN U 9 85.46 0.57 9.93
N ILE U 10 86.30 1.57 9.71
CA ILE U 10 85.96 2.97 9.95
C ILE U 10 86.11 3.70 8.62
N SER U 11 85.02 4.31 8.16
CA SER U 11 84.99 5.00 6.88
C SER U 11 84.80 6.49 7.12
N PHE U 12 85.64 7.29 6.47
CA PHE U 12 85.57 8.74 6.57
C PHE U 12 85.13 9.30 5.22
N LYS U 13 84.02 10.02 5.21
CA LYS U 13 83.48 10.61 3.99
C LYS U 13 83.02 12.03 4.30
N GLU U 14 83.04 12.87 3.25
CA GLU U 14 82.61 14.26 3.36
C GLU U 14 81.39 14.46 2.47
N LEU U 15 80.30 14.93 3.07
CA LEU U 15 79.11 15.25 2.29
C LEU U 15 79.39 16.45 1.41
N ALA U 16 79.07 16.32 0.12
CA ALA U 16 79.35 17.36 -0.86
C ALA U 16 78.04 17.83 -1.48
N THR U 17 77.82 19.14 -1.46
CA THR U 17 76.66 19.72 -2.12
C THR U 17 76.74 19.45 -3.61
N THR U 18 75.65 18.93 -4.17
CA THR U 18 75.62 18.49 -5.57
C THR U 18 74.74 19.44 -6.37
N VAL U 19 75.32 20.06 -7.38
CA VAL U 19 74.59 20.84 -8.37
C VAL U 19 74.93 20.27 -9.74
N LYS U 20 73.91 19.79 -10.45
CA LYS U 20 74.12 19.18 -11.75
C LYS U 20 74.83 20.16 -12.68
N GLU U 21 75.81 19.65 -13.43
CA GLU U 21 76.66 20.49 -14.25
C GLU U 21 76.01 20.73 -15.61
N ARG U 22 75.87 21.99 -15.98
CA ARG U 22 75.28 22.39 -17.25
C ARG U 22 76.37 22.77 -18.23
N SER U 23 75.98 22.91 -19.49
CA SER U 23 76.92 23.33 -20.53
C SER U 23 77.49 24.71 -20.19
N ALA U 24 78.80 24.83 -20.26
CA ALA U 24 79.46 26.09 -19.92
C ALA U 24 79.03 27.19 -20.89
N ARG U 25 78.63 28.33 -20.35
CA ARG U 25 78.22 29.47 -21.14
C ARG U 25 79.06 30.68 -20.78
N GLY U 26 79.37 31.51 -21.79
CA GLY U 26 80.26 32.62 -21.62
C GLY U 26 81.66 32.41 -22.16
N ILE U 27 81.91 31.32 -22.87
CA ILE U 27 83.22 31.04 -23.44
C ILE U 27 83.31 31.69 -24.81
N ILE U 28 84.54 32.03 -25.21
CA ILE U 28 84.81 32.66 -26.50
C ILE U 28 85.89 31.86 -27.21
N ALA U 29 85.66 31.57 -28.49
CA ALA U 29 86.67 30.97 -29.36
C ALA U 29 86.95 31.93 -30.50
N MET U 30 88.21 32.35 -30.62
CA MET U 30 88.64 33.26 -31.68
C MET U 30 89.69 32.56 -32.51
N VAL U 31 89.58 32.69 -33.83
CA VAL U 31 90.53 32.11 -34.77
C VAL U 31 91.29 33.22 -35.47
N LEU U 32 92.59 33.05 -35.62
CA LEU U 32 93.44 34.04 -36.26
C LEU U 32 94.58 33.33 -36.96
N LYS U 33 95.15 33.99 -37.97
CA LYS U 33 96.24 33.44 -38.74
C LYS U 33 97.55 34.12 -38.36
N ASP U 34 98.56 33.31 -38.05
CA ASP U 34 99.86 33.81 -37.61
C ASP U 34 100.91 32.77 -37.92
N ALA U 35 102.17 33.20 -37.87
CA ALA U 35 103.31 32.32 -38.09
C ALA U 35 103.91 31.80 -36.80
N LYS U 36 103.36 32.15 -35.65
CA LYS U 36 103.91 31.76 -34.36
C LYS U 36 102.83 31.14 -33.49
N ALA U 37 103.24 30.20 -32.64
CA ALA U 37 102.36 29.52 -31.69
C ALA U 37 101.14 28.94 -32.40
N LEU U 38 101.40 28.22 -33.49
CA LEU U 38 100.32 27.69 -34.32
C LEU U 38 99.47 26.71 -33.52
N GLY U 39 98.18 26.69 -33.83
CA GLY U 39 97.23 25.92 -33.06
C GLY U 39 96.58 26.75 -31.99
N LEU U 40 95.91 26.06 -31.07
CA LEU U 40 95.28 26.73 -29.94
C LEU U 40 96.32 27.25 -28.97
N ASN U 41 95.99 28.35 -28.30
CA ASN U 41 96.86 28.94 -27.30
C ASN U 41 96.36 28.75 -25.88
N GLU U 42 95.06 28.50 -25.68
CA GLU U 42 94.47 28.22 -24.38
C GLU U 42 94.72 29.39 -23.42
N ILE U 43 94.19 30.54 -23.79
CA ILE U 43 94.32 31.76 -22.95
C ILE U 43 93.12 31.74 -22.00
N HIS U 44 93.26 30.98 -20.93
CA HIS U 44 92.21 30.92 -19.92
C HIS U 44 92.19 32.18 -19.07
N GLU U 45 93.36 32.74 -18.78
CA GLU U 45 93.49 33.91 -17.93
C GLU U 45 93.76 35.13 -18.80
N LYS U 46 93.15 36.26 -18.43
CA LYS U 46 93.36 37.51 -19.14
C LYS U 46 94.81 37.95 -19.12
N GLU U 47 95.52 37.70 -18.02
CA GLU U 47 96.86 38.27 -17.87
C GLU U 47 97.88 37.55 -18.74
N ASP U 48 97.80 36.23 -18.82
CA ASP U 48 98.83 35.44 -19.50
C ASP U 48 98.63 35.52 -21.01
N ILE U 49 99.64 36.03 -21.71
CA ILE U 49 99.58 36.19 -23.16
C ILE U 49 100.87 35.62 -23.76
N PRO U 50 100.79 34.83 -24.83
CA PRO U 50 102.01 34.39 -25.51
C PRO U 50 102.80 35.56 -26.06
N VAL U 51 104.13 35.43 -26.03
CA VAL U 51 104.99 36.54 -26.41
C VAL U 51 105.20 36.61 -27.92
N ASP U 52 105.17 35.47 -28.61
CA ASP U 52 105.56 35.45 -30.02
C ASP U 52 104.51 36.06 -30.93
N LEU U 53 103.26 36.15 -30.49
CA LEU U 53 102.20 36.67 -31.36
C LEU U 53 102.41 38.16 -31.63
N SER U 54 101.83 38.62 -32.73
CA SER U 54 102.02 39.99 -33.19
C SER U 54 101.39 41.00 -32.24
N ALA U 55 102.03 42.18 -32.14
CA ALA U 55 101.54 43.22 -31.25
C ALA U 55 100.16 43.70 -31.67
N GLU U 56 99.90 43.79 -32.97
CA GLU U 56 98.57 44.14 -33.44
C GLU U 56 97.56 43.08 -33.04
N ASN U 57 97.92 41.81 -33.18
CA ASN U 57 97.05 40.74 -32.70
C ASN U 57 96.94 40.76 -31.19
N LYS U 58 97.99 41.17 -30.48
CA LYS U 58 97.89 41.37 -29.04
C LYS U 58 96.85 42.44 -28.71
N GLU U 59 96.81 43.50 -29.51
CA GLU U 59 95.82 44.56 -29.32
C GLU U 59 94.41 44.03 -29.56
N TYR U 60 94.25 43.19 -30.60
CA TYR U 60 92.95 42.56 -30.83
C TYR U 60 92.57 41.67 -29.65
N ILE U 61 93.54 40.92 -29.12
CA ILE U 61 93.30 40.14 -27.90
C ILE U 61 92.81 41.05 -26.79
N ASN U 62 93.47 42.19 -26.59
CA ASN U 62 93.12 43.09 -25.50
C ASN U 62 91.70 43.59 -25.65
N LEU U 63 91.29 43.94 -26.87
CA LEU U 63 89.89 44.30 -27.09
C LEU U 63 88.96 43.14 -26.79
N ALA U 64 89.34 41.92 -27.17
CA ALA U 64 88.52 40.77 -26.87
C ALA U 64 88.48 40.45 -25.38
N LEU U 65 89.43 40.99 -24.60
CA LEU U 65 89.51 40.67 -23.18
C LEU U 65 88.44 41.42 -22.39
N MET U 66 88.36 42.73 -22.57
CA MET U 66 87.56 43.57 -21.68
C MET U 66 86.09 43.17 -21.75
N GLY U 67 85.55 42.75 -20.60
CA GLY U 67 84.17 42.30 -20.55
C GLY U 67 83.23 43.47 -20.32
N ASN U 68 82.06 43.40 -20.97
CA ASN U 68 81.08 44.47 -20.85
C ASN U 68 80.63 44.65 -19.42
N VAL U 69 80.24 43.56 -18.76
CA VAL U 69 79.85 43.57 -17.37
C VAL U 69 80.81 42.77 -16.50
N ASN U 70 81.23 41.60 -16.98
CA ASN U 70 82.14 40.74 -16.25
C ASN U 70 83.17 40.16 -17.20
N THR U 71 84.26 39.67 -16.63
CA THR U 71 85.29 39.01 -17.42
C THR U 71 84.70 37.78 -18.13
N PRO U 72 85.03 37.56 -19.40
CA PRO U 72 84.66 36.30 -20.04
C PRO U 72 85.24 35.13 -19.26
N ASN U 73 84.44 34.07 -19.13
CA ASN U 73 84.85 32.94 -18.30
C ASN U 73 86.09 32.26 -18.89
N LYS U 74 86.14 32.13 -20.21
CA LYS U 74 87.27 31.48 -20.85
C LYS U 74 87.35 31.93 -22.30
N LEU U 75 88.58 32.09 -22.78
CA LEU U 75 88.84 32.51 -24.16
C LEU U 75 89.74 31.48 -24.83
N LEU U 76 89.35 31.04 -26.02
CA LEU U 76 90.14 30.11 -26.82
C LEU U 76 90.66 30.84 -28.05
N VAL U 77 91.98 30.82 -28.24
CA VAL U 77 92.61 31.47 -29.37
C VAL U 77 93.33 30.41 -30.18
N TYR U 78 92.92 30.25 -31.43
CA TYR U 78 93.51 29.29 -32.35
C TYR U 78 94.33 30.02 -33.39
N VAL U 79 95.56 29.58 -33.61
CA VAL U 79 96.45 30.16 -34.61
C VAL U 79 96.50 29.22 -35.80
N ILE U 80 96.23 29.77 -36.97
CA ILE U 80 96.15 28.99 -38.21
C ILE U 80 97.18 29.54 -39.18
N GLU U 81 97.59 28.70 -40.12
CA GLU U 81 98.56 29.10 -41.12
C GLU U 81 97.91 29.97 -42.18
N GLY U 82 98.69 30.90 -42.72
CA GLY U 82 98.20 31.73 -43.81
C GLY U 82 97.79 30.88 -45.00
N GLU U 83 96.65 31.23 -45.60
CA GLU U 83 96.07 30.57 -46.76
C GLU U 83 95.63 29.14 -46.47
N ALA U 84 95.63 28.72 -45.20
CA ALA U 84 95.09 27.41 -44.84
C ALA U 84 93.58 27.32 -45.00
N ASP U 85 92.92 28.46 -45.22
CA ASP U 85 91.48 28.54 -45.48
C ASP U 85 90.70 28.14 -44.24
N ILE U 86 89.40 27.92 -44.40
CA ILE U 86 88.50 27.84 -43.25
C ILE U 86 88.42 26.43 -42.67
N GLN U 87 88.42 25.40 -43.52
CA GLN U 87 88.06 24.05 -43.07
C GLN U 87 89.05 23.50 -42.04
N THR U 88 90.33 23.85 -42.14
CA THR U 88 91.31 23.35 -41.18
C THR U 88 91.00 23.85 -39.77
N ALA U 89 90.62 25.12 -39.63
CA ALA U 89 90.17 25.62 -38.34
C ALA U 89 88.77 25.10 -37.99
N LEU U 90 87.96 24.82 -39.00
CA LEU U 90 86.61 24.33 -38.74
C LEU U 90 86.64 22.96 -38.07
N ASP U 91 87.58 22.10 -38.47
CA ASP U 91 87.72 20.81 -37.81
C ASP U 91 88.05 20.99 -36.33
N PHE U 92 88.99 21.90 -36.03
CA PHE U 92 89.34 22.19 -34.65
C PHE U 92 88.13 22.70 -33.88
N LEU U 93 87.40 23.64 -34.46
CA LEU U 93 86.25 24.24 -33.77
C LEU U 93 85.16 23.19 -33.53
N GLU U 94 84.95 22.31 -34.51
CA GLU U 94 83.99 21.22 -34.33
C GLU U 94 84.43 20.28 -33.22
N THR U 95 85.74 20.07 -33.07
CA THR U 95 86.24 19.13 -32.07
C THR U 95 85.91 19.59 -30.66
N LYS U 96 86.01 20.89 -30.39
CA LYS U 96 85.87 21.43 -29.04
C LYS U 96 84.63 22.31 -28.91
N GLU U 97 84.11 22.38 -27.69
CA GLU U 97 82.95 23.21 -27.41
C GLU U 97 83.31 24.70 -27.44
N PHE U 98 82.36 25.52 -27.87
CA PHE U 98 82.54 26.96 -27.87
C PHE U 98 81.16 27.62 -27.97
N ASN U 99 81.14 28.92 -27.73
CA ASN U 99 79.89 29.69 -27.76
C ASN U 99 79.88 30.74 -28.85
N TYR U 100 80.89 31.61 -28.90
CA TYR U 100 80.95 32.71 -29.85
C TYR U 100 82.25 32.65 -30.63
N LEU U 101 82.17 32.91 -31.92
CA LEU U 101 83.32 32.87 -32.81
C LEU U 101 83.49 34.21 -33.51
N CYS U 102 84.73 34.69 -33.55
CA CYS U 102 85.05 35.93 -34.24
C CYS U 102 86.48 35.86 -34.77
N MET U 103 86.76 36.65 -35.79
CA MET U 103 88.09 36.65 -36.35
C MET U 103 88.35 38.01 -37.00
N PRO U 104 89.46 38.66 -36.68
CA PRO U 104 89.70 40.03 -37.16
C PRO U 104 89.93 40.11 -38.67
N LYS U 105 90.90 39.36 -39.18
CA LYS U 105 91.29 39.42 -40.58
C LYS U 105 90.64 38.29 -41.35
N ALA U 106 89.89 38.64 -42.40
CA ALA U 106 89.26 37.64 -43.24
C ALA U 106 88.87 38.27 -44.57
N VAL U 107 88.80 37.43 -45.60
CA VAL U 107 88.29 37.86 -46.90
C VAL U 107 86.80 37.61 -46.93
N GLU U 108 86.10 38.23 -47.89
CA GLU U 108 84.66 38.08 -47.97
C GLU U 108 84.25 36.64 -48.24
N ALA U 109 85.01 35.92 -49.07
CA ALA U 109 84.75 34.50 -49.28
C ALA U 109 84.89 33.72 -47.99
N ASP U 110 85.85 34.09 -47.15
CA ASP U 110 85.99 33.45 -45.84
C ASP U 110 84.76 33.69 -44.99
N LYS U 111 84.21 34.90 -45.01
CA LYS U 111 82.99 35.19 -44.27
C LYS U 111 81.82 34.36 -44.80
N THR U 112 81.71 34.23 -46.12
CA THR U 112 80.65 33.40 -46.69
C THR U 112 80.79 31.95 -46.27
N ALA U 113 82.03 31.45 -46.25
CA ALA U 113 82.27 30.08 -45.78
C ALA U 113 81.89 29.94 -44.31
N ILE U 114 82.19 30.95 -43.50
CA ILE U 114 81.79 30.93 -42.10
C ILE U 114 80.27 30.81 -41.99
N LYS U 115 79.56 31.64 -42.75
CA LYS U 115 78.10 31.64 -42.71
C LYS U 115 77.55 30.28 -43.11
N ASN U 116 78.01 29.75 -44.24
CA ASN U 116 77.50 28.47 -44.72
C ASN U 116 77.81 27.34 -43.74
N TRP U 117 79.02 27.31 -43.20
CA TRP U 117 79.38 26.25 -42.27
C TRP U 117 78.54 26.32 -41.00
N ILE U 118 78.33 27.53 -40.47
CA ILE U 118 77.54 27.65 -39.25
C ILE U 118 76.10 27.24 -39.50
N ILE U 119 75.50 27.69 -40.62
CA ILE U 119 74.13 27.32 -40.91
C ILE U 119 74.00 25.81 -41.08
N LYS U 120 74.95 25.19 -41.78
CA LYS U 120 74.90 23.75 -41.95
C LYS U 120 75.08 23.02 -40.63
N LEU U 121 75.97 23.51 -39.76
CA LEU U 121 76.29 22.79 -38.54
C LEU U 121 75.17 22.90 -37.51
N ARG U 122 74.53 24.07 -37.40
CA ARG U 122 73.48 24.23 -36.41
C ARG U 122 72.31 23.29 -36.66
N ASP U 123 72.07 22.93 -37.92
CA ASP U 123 70.96 22.04 -38.27
C ASP U 123 71.38 20.58 -38.36
N ILE U 124 72.51 20.29 -39.02
CA ILE U 124 72.95 18.91 -39.18
C ILE U 124 73.39 18.33 -37.84
N ASP U 125 74.21 19.07 -37.11
CA ASP U 125 74.86 18.55 -35.91
C ASP U 125 74.09 18.85 -34.63
N LYS U 126 72.98 19.58 -34.72
CA LYS U 126 72.21 19.96 -33.53
C LYS U 126 73.08 20.65 -32.49
N VAL U 127 73.95 21.55 -32.95
CA VAL U 127 74.85 22.30 -32.09
C VAL U 127 74.52 23.79 -32.27
N LYS U 128 74.28 24.47 -31.16
CA LYS U 128 73.89 25.89 -31.18
C LYS U 128 75.14 26.73 -30.90
N VAL U 129 75.68 27.35 -31.94
CA VAL U 129 76.81 28.25 -31.82
C VAL U 129 76.51 29.49 -32.65
N LYS U 130 77.14 30.60 -32.28
CA LYS U 130 76.91 31.88 -32.92
C LYS U 130 78.24 32.58 -33.19
N ALA U 131 78.21 33.48 -34.16
CA ALA U 131 79.41 34.23 -34.54
C ALA U 131 79.03 35.64 -34.96
N VAL U 132 80.00 36.53 -34.87
CA VAL U 132 79.85 37.93 -35.28
C VAL U 132 80.71 38.16 -36.51
N LEU U 133 80.10 38.66 -37.58
CA LEU U 133 80.78 38.81 -38.85
C LEU U 133 80.86 40.29 -39.23
N GLY U 134 81.93 40.65 -39.95
CA GLY U 134 82.18 42.05 -40.24
C GLY U 134 81.11 42.67 -41.13
N LYS U 135 80.75 41.98 -42.21
CA LYS U 135 79.73 42.51 -43.12
C LYS U 135 79.13 41.34 -43.90
N VAL U 136 77.94 40.91 -43.49
CA VAL U 136 77.22 39.84 -44.17
C VAL U 136 75.73 40.20 -44.21
N VAL U 137 75.00 39.48 -45.05
CA VAL U 137 73.56 39.67 -45.18
C VAL U 137 72.88 38.37 -44.80
N GLY U 138 73.55 37.58 -43.96
CA GLY U 138 72.99 36.30 -43.56
C GLY U 138 71.66 36.46 -42.85
N ASN U 139 70.71 35.59 -43.21
CA ASN U 139 69.35 35.63 -42.67
C ASN U 139 69.11 34.56 -41.63
N HIS U 140 70.12 34.23 -40.82
CA HIS U 140 70.01 33.18 -39.83
C HIS U 140 70.24 33.74 -38.44
N GLU U 141 69.65 33.09 -37.44
CA GLU U 141 69.76 33.55 -36.06
C GLU U 141 71.18 33.44 -35.54
N GLY U 142 71.98 32.53 -36.10
CA GLY U 142 73.30 32.25 -35.58
C GLY U 142 74.39 33.23 -35.93
N ILE U 143 74.07 34.27 -36.70
CA ILE U 143 75.05 35.26 -37.12
C ILE U 143 74.56 36.64 -36.67
N ILE U 144 75.45 37.41 -36.06
CA ILE U 144 75.18 38.78 -35.66
C ILE U 144 75.97 39.70 -36.58
N ASN U 145 75.26 40.49 -37.36
CA ASN U 145 75.88 41.35 -38.38
C ASN U 145 76.13 42.72 -37.77
N PHE U 146 77.34 42.93 -37.26
CA PHE U 146 77.75 44.24 -36.78
C PHE U 146 78.43 45.00 -37.91
N THR U 147 78.05 46.27 -38.08
CA THR U 147 78.63 47.07 -39.16
C THR U 147 78.70 48.53 -38.70
N THR U 148 79.91 49.00 -38.43
CA THR U 148 80.15 50.40 -38.11
C THR U 148 81.54 50.76 -38.61
N GLU U 149 81.64 51.85 -39.35
CA GLU U 149 82.87 52.22 -40.03
C GLU U 149 83.62 53.31 -39.27
N ASP U 150 84.94 53.32 -39.45
CA ASP U 150 85.81 54.38 -38.92
C ASP U 150 85.67 54.51 -37.41
N VAL U 151 85.81 53.39 -36.71
CA VAL U 151 85.73 53.39 -35.25
C VAL U 151 87.07 53.83 -34.68
N LEU U 152 87.04 54.81 -33.79
CA LEU U 152 88.25 55.36 -33.17
C LEU U 152 88.35 54.84 -31.75
N VAL U 153 89.26 53.91 -31.52
CA VAL U 153 89.57 53.40 -30.19
C VAL U 153 91.06 53.53 -29.96
N GLY U 154 91.44 54.19 -28.87
CA GLY U 154 92.84 54.37 -28.53
C GLY U 154 93.65 55.02 -29.63
N GLU U 155 93.29 56.27 -29.97
CA GLU U 155 93.91 57.07 -31.03
C GLU U 155 94.29 56.23 -32.25
N LYS U 156 93.39 55.34 -32.66
CA LYS U 156 93.66 54.41 -33.73
C LYS U 156 92.38 54.18 -34.55
N LYS U 157 92.57 53.97 -35.85
CA LYS U 157 91.47 53.60 -36.73
C LYS U 157 91.33 52.09 -36.79
N TYR U 158 90.08 51.62 -36.78
CA TYR U 158 89.78 50.21 -36.85
C TYR U 158 88.73 49.96 -37.92
N SER U 159 88.89 48.89 -38.67
CA SER U 159 87.84 48.47 -39.59
C SER U 159 86.73 47.78 -38.82
N VAL U 160 85.61 47.54 -39.51
CA VAL U 160 84.50 46.83 -38.88
C VAL U 160 84.92 45.41 -38.52
N ASP U 161 85.69 44.76 -39.39
CA ASP U 161 86.13 43.39 -39.11
C ASP U 161 87.02 43.33 -37.88
N GLU U 162 87.92 44.30 -37.74
CA GLU U 162 88.80 44.32 -36.57
C GLU U 162 88.00 44.53 -35.29
N PHE U 163 87.00 45.42 -35.33
CA PHE U 163 86.22 45.72 -34.14
C PHE U 163 85.17 44.67 -33.83
N THR U 164 84.89 43.76 -34.76
CA THR U 164 83.98 42.66 -34.46
C THR U 164 84.52 41.80 -33.31
N SER U 165 85.84 41.74 -33.15
CA SER U 165 86.41 41.01 -32.01
C SER U 165 85.97 41.64 -30.69
N ARG U 166 86.10 42.96 -30.59
CA ARG U 166 85.65 43.65 -29.38
C ARG U 166 84.14 43.51 -29.20
N VAL U 167 83.38 43.57 -30.29
CA VAL U 167 81.93 43.44 -30.19
C VAL U 167 81.56 42.05 -29.65
N ALA U 168 82.20 41.00 -30.16
CA ALA U 168 81.92 39.65 -29.69
C ALA U 168 82.34 39.47 -28.25
N GLY U 169 83.49 40.02 -27.86
CA GLY U 169 83.89 39.97 -26.46
C GLY U 169 82.89 40.65 -25.55
N LEU U 170 82.39 41.81 -25.98
CA LEU U 170 81.36 42.52 -25.22
C LEU U 170 80.10 41.70 -25.10
N ILE U 171 79.69 41.05 -26.19
CA ILE U 171 78.48 40.24 -26.17
C ILE U 171 78.63 39.06 -25.21
N ALA U 172 79.78 38.39 -25.26
CA ALA U 172 80.00 37.24 -24.38
C ALA U 172 80.17 37.66 -22.93
N GLY U 173 80.67 38.88 -22.69
CA GLY U 173 80.90 39.31 -21.33
C GLY U 173 79.64 39.47 -20.51
N THR U 174 78.56 39.96 -21.14
CA THR U 174 77.34 40.26 -20.41
C THR U 174 76.66 38.98 -19.93
N PRO U 175 75.98 39.03 -18.79
CA PRO U 175 75.25 37.85 -18.31
C PRO U 175 73.98 37.59 -19.09
N LEU U 176 73.29 36.50 -18.76
CA LEU U 176 72.03 36.19 -19.44
C LEU U 176 70.89 37.09 -18.98
N SER U 177 70.92 37.52 -17.72
CA SER U 177 69.81 38.29 -17.16
C SER U 177 69.64 39.62 -17.88
N GLN U 178 70.74 40.37 -18.03
CA GLN U 178 70.69 41.68 -18.65
C GLN U 178 70.93 41.56 -20.15
N SER U 179 70.33 42.49 -20.91
CA SER U 179 70.44 42.50 -22.35
C SER U 179 71.48 43.53 -22.79
N VAL U 180 72.08 43.27 -23.96
CA VAL U 180 73.11 44.15 -24.49
C VAL U 180 72.57 45.50 -24.95
N THR U 181 71.25 45.66 -24.99
CA THR U 181 70.65 46.91 -25.44
C THR U 181 71.02 48.05 -24.50
N TYR U 182 71.46 49.16 -25.09
CA TYR U 182 71.76 50.40 -24.35
C TYR U 182 72.83 50.16 -23.28
N THR U 183 74.01 49.79 -23.76
CA THR U 183 75.18 49.64 -22.91
C THR U 183 76.31 50.51 -23.46
N LYS U 184 76.94 51.29 -22.61
CA LYS U 184 77.91 52.28 -23.02
C LYS U 184 79.31 51.69 -23.13
N LEU U 185 80.08 52.22 -24.07
CA LEU U 185 81.48 51.82 -24.28
C LEU U 185 82.34 53.06 -24.08
N SER U 186 83.02 53.14 -22.93
CA SER U 186 83.87 54.28 -22.64
C SER U 186 85.15 54.29 -23.47
N ASP U 187 85.47 53.19 -24.15
CA ASP U 187 86.70 53.13 -24.93
C ASP U 187 86.59 53.97 -26.20
N VAL U 188 85.47 53.86 -26.92
CA VAL U 188 85.28 54.62 -28.15
C VAL U 188 85.06 56.09 -27.81
N VAL U 189 85.54 56.97 -28.69
CA VAL U 189 85.44 58.40 -28.44
C VAL U 189 84.66 59.10 -29.54
N ASP U 190 84.68 58.54 -30.76
CA ASP U 190 84.04 59.21 -31.88
C ASP U 190 83.64 58.20 -32.94
N ILE U 191 82.52 58.49 -33.59
CA ILE U 191 82.00 57.71 -34.71
C ILE U 191 81.56 58.71 -35.77
N PRO U 192 81.69 58.40 -37.07
CA PRO U 192 81.17 59.31 -38.09
C PRO U 192 79.69 59.60 -37.88
N LYS U 193 79.33 60.88 -38.04
CA LYS U 193 77.98 61.32 -37.73
C LYS U 193 76.98 60.81 -38.75
N MET U 194 75.76 60.56 -38.27
CA MET U 194 74.72 59.97 -39.10
C MET U 194 73.36 60.24 -38.45
N THR U 195 72.37 60.51 -39.29
CA THR U 195 71.06 60.95 -38.80
C THR U 195 70.27 59.79 -38.22
N LYS U 196 69.30 60.13 -37.37
CA LYS U 196 68.55 59.12 -36.64
C LYS U 196 67.65 58.31 -37.56
N VAL U 197 67.07 58.93 -38.58
CA VAL U 197 66.21 58.19 -39.50
C VAL U 197 67.02 57.14 -40.25
N ASP U 198 68.27 57.46 -40.59
CA ASP U 198 69.14 56.47 -41.21
C ASP U 198 69.40 55.31 -40.27
N ALA U 199 69.62 55.59 -38.98
CA ALA U 199 69.82 54.52 -38.00
C ALA U 199 68.58 53.65 -37.90
N GLU U 200 67.39 54.26 -37.91
CA GLU U 200 66.16 53.49 -37.92
C GLU U 200 66.09 52.60 -39.14
N SER U 201 66.51 53.11 -40.29
CA SER U 201 66.52 52.32 -41.52
C SER U 201 67.42 51.10 -41.39
N ARG U 202 68.66 51.31 -40.93
CA ARG U 202 69.59 50.18 -40.80
C ARG U 202 69.09 49.18 -39.78
N VAL U 203 68.53 49.66 -38.66
CA VAL U 203 67.97 48.74 -37.67
C VAL U 203 66.85 47.92 -38.28
N ASN U 204 66.02 48.55 -39.12
CA ASN U 204 64.99 47.81 -39.82
C ASN U 204 65.56 46.76 -40.75
N LYS U 205 66.76 47.01 -41.30
CA LYS U 205 67.41 46.06 -42.18
C LYS U 205 67.93 44.83 -41.44
N GLY U 206 67.92 44.84 -40.10
CA GLY U 206 68.57 43.82 -39.32
C GLY U 206 70.04 44.09 -39.05
N GLU U 207 70.58 45.19 -39.58
CA GLU U 207 71.97 45.54 -39.38
C GLU U 207 72.17 46.09 -37.97
N LEU U 208 73.19 45.61 -37.29
CA LEU U 208 73.54 46.11 -35.97
C LEU U 208 74.57 47.22 -36.13
N ILE U 209 74.24 48.41 -35.64
CA ILE U 209 75.09 49.59 -35.80
C ILE U 209 75.25 50.27 -34.45
N LEU U 210 76.29 51.08 -34.36
CA LEU U 210 76.58 51.85 -33.15
C LEU U 210 76.01 53.25 -33.29
N ILE U 211 75.23 53.68 -32.30
CA ILE U 211 74.53 54.96 -32.35
C ILE U 211 75.01 55.82 -31.19
N LYS U 212 74.81 57.13 -31.33
CA LYS U 212 75.13 58.09 -30.28
C LYS U 212 73.84 58.68 -29.74
N GLU U 213 73.65 58.55 -28.42
CA GLU U 213 72.54 59.19 -27.71
C GLU U 213 72.99 59.46 -26.28
N ALA U 214 72.28 60.39 -25.64
CA ALA U 214 72.52 60.76 -24.24
C ALA U 214 73.98 61.21 -24.10
N GLY U 215 74.58 60.93 -22.94
CA GLY U 215 75.94 61.35 -22.68
C GLY U 215 77.01 60.45 -23.25
N ALA U 216 76.74 59.14 -23.29
CA ALA U 216 77.75 58.15 -23.64
C ALA U 216 77.35 57.38 -24.89
N ILE U 217 78.36 56.88 -25.60
CA ILE U 217 78.13 56.11 -26.81
C ILE U 217 77.69 54.70 -26.44
N ARG U 218 76.58 54.26 -27.01
CA ARG U 218 75.99 52.98 -26.61
C ARG U 218 75.50 52.21 -27.84
N ILE U 219 75.53 50.89 -27.72
CA ILE U 219 74.86 50.03 -28.70
C ILE U 219 73.35 50.11 -28.48
N ALA U 220 72.58 50.02 -29.57
CA ALA U 220 71.14 50.19 -29.52
C ALA U 220 70.45 48.94 -30.02
N ARG U 221 69.78 48.23 -29.11
CA ARG U 221 68.84 47.16 -29.42
C ARG U 221 69.43 46.14 -30.38
N GLY U 222 70.44 45.44 -29.89
CA GLY U 222 71.05 44.36 -30.65
C GLY U 222 70.04 43.33 -31.06
N VAL U 223 69.97 43.03 -32.36
CA VAL U 223 68.97 42.13 -32.91
C VAL U 223 69.67 41.10 -33.78
N ASN U 224 68.96 39.99 -34.03
CA ASN U 224 69.49 38.95 -34.89
C ASN U 224 69.49 39.41 -36.33
N SER U 225 70.37 38.77 -37.13
CA SER U 225 70.61 39.26 -38.48
C SER U 225 69.42 39.02 -39.41
N LEU U 226 68.58 38.03 -39.13
CA LEU U 226 67.52 37.70 -40.07
C LEU U 226 66.48 38.81 -40.13
N THR U 227 65.99 39.08 -41.33
CA THR U 227 64.93 40.05 -41.55
C THR U 227 63.64 39.43 -42.05
N GLU U 228 63.72 38.28 -42.73
CA GLU U 228 62.53 37.60 -43.23
C GLU U 228 61.94 36.75 -42.11
N LEU U 229 60.65 36.97 -41.82
CA LEU U 229 59.93 36.24 -40.79
C LEU U 229 58.99 35.25 -41.44
N THR U 230 59.18 33.97 -41.17
CA THR U 230 58.30 32.93 -41.67
C THR U 230 57.19 32.65 -40.66
N ALA U 231 56.25 31.78 -41.06
CA ALA U 231 55.15 31.44 -40.18
C ALA U 231 55.65 30.75 -38.91
N GLU U 232 56.59 29.82 -39.06
CA GLU U 232 57.10 29.10 -37.89
C GLU U 232 58.04 29.97 -37.06
N LYS U 233 58.86 30.78 -37.71
CA LYS U 233 59.82 31.63 -37.00
C LYS U 233 59.08 32.86 -36.50
N GLY U 234 58.88 32.94 -35.19
CA GLY U 234 58.15 34.06 -34.62
C GLY U 234 58.98 35.31 -34.48
N GLU U 235 58.31 36.38 -34.04
CA GLU U 235 58.98 37.66 -33.84
C GLU U 235 60.02 37.56 -32.74
N MET U 236 59.73 36.81 -31.67
CA MET U 236 60.64 36.72 -30.54
C MET U 236 61.97 36.07 -30.90
N PHE U 237 62.02 35.30 -31.98
CA PHE U 237 63.28 34.71 -32.42
C PHE U 237 64.30 35.76 -32.86
N GLN U 238 63.85 36.99 -33.09
CA GLN U 238 64.73 38.02 -33.63
C GLN U 238 65.59 38.69 -32.56
N LYS U 239 65.35 38.41 -31.29
CA LYS U 239 66.11 39.01 -30.19
C LYS U 239 67.30 38.11 -29.83
N ILE U 240 68.42 38.75 -29.47
CA ILE U 240 69.63 38.00 -29.13
C ILE U 240 69.46 37.25 -27.82
N LYS U 241 68.87 37.92 -26.81
CA LYS U 241 68.71 37.29 -25.51
C LYS U 241 67.85 36.04 -25.59
N ILE U 242 66.75 36.12 -26.34
CA ILE U 242 65.82 35.00 -26.43
C ILE U 242 66.49 33.80 -27.11
N VAL U 243 67.15 34.05 -28.25
CA VAL U 243 67.80 32.95 -28.96
C VAL U 243 68.93 32.37 -28.12
N ASP U 244 69.64 33.21 -27.37
CA ASP U 244 70.73 32.73 -26.54
C ASP U 244 70.22 31.80 -25.43
N THR U 245 69.17 32.24 -24.73
CA THR U 245 68.65 31.39 -23.66
C THR U 245 68.01 30.12 -24.22
N LEU U 246 67.38 30.19 -25.40
CA LEU U 246 66.86 28.97 -26.02
C LEU U 246 67.99 28.01 -26.36
N ASP U 247 69.10 28.53 -26.87
CA ASP U 247 70.24 27.68 -27.21
C ASP U 247 70.83 27.01 -25.97
N ILE U 248 70.97 27.76 -24.88
CA ILE U 248 71.53 27.15 -23.68
C ILE U 248 70.57 26.10 -23.12
N ILE U 249 69.26 26.36 -23.21
CA ILE U 249 68.28 25.37 -22.79
C ILE U 249 68.43 24.10 -23.60
N HIS U 250 68.55 24.25 -24.92
CA HIS U 250 68.71 23.10 -25.80
C HIS U 250 69.95 22.30 -25.44
N SER U 251 71.08 22.99 -25.25
CA SER U 251 72.32 22.30 -24.95
C SER U 251 72.22 21.53 -23.64
N ASP U 252 71.69 22.17 -22.59
CA ASP U 252 71.60 21.51 -21.29
C ASP U 252 70.67 20.29 -21.36
N ILE U 253 69.52 20.45 -21.99
CA ILE U 253 68.56 19.35 -22.07
C ILE U 253 69.15 18.18 -22.86
N ARG U 254 69.79 18.48 -23.99
CA ARG U 254 70.39 17.41 -24.79
C ARG U 254 71.47 16.68 -24.00
N LYS U 255 72.34 17.43 -23.30
CA LYS U 255 73.39 16.78 -22.54
C LYS U 255 72.83 15.89 -21.45
N VAL U 256 71.81 16.38 -20.72
CA VAL U 256 71.22 15.59 -19.65
C VAL U 256 70.60 14.31 -20.20
N ILE U 257 69.84 14.42 -21.30
CA ILE U 257 69.18 13.26 -21.87
C ILE U 257 70.21 12.24 -22.35
N ILE U 258 71.24 12.70 -23.07
CA ILE U 258 72.21 11.75 -23.61
C ILE U 258 73.02 11.11 -22.50
N ASP U 259 73.26 11.83 -21.39
CA ASP U 259 74.05 11.26 -20.32
C ASP U 259 73.26 10.24 -19.51
N ASP U 260 71.99 10.53 -19.22
CA ASP U 260 71.26 9.77 -18.22
C ASP U 260 70.29 8.75 -18.81
N TYR U 261 69.35 9.20 -19.64
CA TYR U 261 68.19 8.39 -19.99
C TYR U 261 68.28 7.76 -21.37
N ILE U 262 69.48 7.47 -21.85
CA ILE U 262 69.65 6.84 -23.16
C ILE U 262 70.11 5.40 -22.97
N GLY U 263 69.30 4.46 -23.46
CA GLY U 263 69.69 3.07 -23.53
C GLY U 263 69.93 2.38 -22.20
N LYS U 264 69.51 3.02 -21.11
CA LYS U 264 69.68 2.46 -19.78
C LYS U 264 68.37 2.13 -19.07
N VAL U 265 67.26 2.72 -19.50
CA VAL U 265 65.97 2.53 -18.84
C VAL U 265 64.93 2.16 -19.88
N THR U 266 64.07 1.21 -19.53
CA THR U 266 63.11 0.65 -20.47
C THR U 266 62.03 1.67 -20.82
N ASN U 267 61.54 1.59 -22.05
CA ASN U 267 60.46 2.47 -22.52
C ASN U 267 59.15 1.98 -21.93
N SER U 268 58.61 2.75 -20.99
CA SER U 268 57.34 2.42 -20.35
C SER U 268 56.71 3.71 -19.85
N TYR U 269 55.43 3.63 -19.53
CA TYR U 269 54.68 4.82 -19.12
C TYR U 269 55.28 5.42 -17.85
N ASP U 270 55.66 4.58 -16.89
CA ASP U 270 56.26 5.07 -15.66
C ASP U 270 57.59 5.78 -15.94
N ASN U 271 58.41 5.20 -16.81
CA ASN U 271 59.66 5.85 -17.16
C ASN U 271 59.43 7.18 -17.86
N LYS U 272 58.40 7.25 -18.70
CA LYS U 272 58.05 8.51 -19.33
C LYS U 272 57.64 9.55 -18.29
N CYS U 273 56.86 9.13 -17.29
CA CYS U 273 56.48 10.05 -16.22
C CYS U 273 57.71 10.54 -15.46
N LEU U 274 58.67 9.64 -15.19
CA LEU U 274 59.89 10.05 -14.51
C LEU U 274 60.67 11.06 -15.35
N LEU U 275 60.75 10.82 -16.66
CA LEU U 275 61.43 11.77 -17.54
C LEU U 275 60.75 13.13 -17.53
N ILE U 276 59.41 13.14 -17.53
CA ILE U 276 58.67 14.39 -17.45
C ILE U 276 59.00 15.10 -16.14
N VAL U 277 59.07 14.34 -15.04
CA VAL U 277 59.41 14.94 -13.75
C VAL U 277 60.79 15.57 -13.80
N ALA U 278 61.76 14.89 -14.40
CA ALA U 278 63.11 15.43 -14.49
C ALA U 278 63.15 16.72 -15.31
N ILE U 279 62.47 16.72 -16.45
CA ILE U 279 62.45 17.92 -17.30
C ILE U 279 61.77 19.06 -16.56
N LYS U 280 60.68 18.77 -15.84
CA LYS U 280 59.99 19.81 -15.09
C LYS U 280 60.86 20.36 -13.98
N SER U 281 61.65 19.49 -13.33
CA SER U 281 62.57 19.96 -12.30
C SER U 281 63.62 20.88 -12.88
N TYR U 282 64.17 20.54 -14.05
CA TYR U 282 65.14 21.43 -14.70
C TYR U 282 64.49 22.77 -15.06
N LEU U 283 63.26 22.72 -15.57
CA LEU U 283 62.59 23.97 -15.93
C LEU U 283 62.28 24.81 -14.70
N GLU U 284 61.95 24.17 -13.57
CA GLU U 284 61.78 24.91 -12.33
C GLU U 284 63.08 25.56 -11.88
N GLU U 285 64.19 24.84 -12.03
CA GLU U 285 65.49 25.42 -11.70
C GLU U 285 65.76 26.65 -12.56
N LEU U 286 65.47 26.57 -13.86
CA LEU U 286 65.63 27.74 -14.71
C LEU U 286 64.68 28.86 -14.33
N GLU U 287 63.49 28.51 -13.84
CA GLU U 287 62.56 29.51 -13.33
C GLU U 287 63.15 30.26 -12.16
N LYS U 288 63.81 29.54 -11.25
CA LYS U 288 64.47 30.21 -10.13
C LYS U 288 65.52 31.20 -10.62
N SER U 289 66.15 30.93 -11.75
CA SER U 289 67.10 31.87 -12.35
C SER U 289 66.41 33.10 -12.94
N ALA U 290 65.08 33.10 -13.02
CA ALA U 290 64.28 34.23 -13.48
C ALA U 290 64.48 34.55 -14.95
N LEU U 291 64.91 33.57 -15.75
CA LEU U 291 65.05 33.80 -17.18
C LEU U 291 63.74 33.57 -17.92
N ILE U 292 62.91 32.66 -17.46
CA ILE U 292 61.65 32.33 -18.12
C ILE U 292 60.47 32.59 -17.19
N GLU U 293 59.26 32.38 -17.69
CA GLU U 293 58.06 32.60 -16.90
C GLU U 293 57.93 31.51 -15.84
N SER U 294 57.15 31.82 -14.80
CA SER U 294 57.04 30.93 -13.65
C SER U 294 56.29 29.63 -14.02
N ASP U 295 55.16 29.76 -14.69
CA ASP U 295 54.28 28.62 -14.93
C ASP U 295 54.65 27.93 -16.23
N SER U 296 55.05 26.66 -16.13
CA SER U 296 55.41 25.86 -17.29
C SER U 296 54.73 24.50 -17.19
N THR U 297 54.31 23.97 -18.34
CA THR U 297 53.64 22.68 -18.41
C THR U 297 54.34 21.79 -19.42
N VAL U 298 54.73 20.60 -19.00
CA VAL U 298 55.33 19.59 -19.87
C VAL U 298 54.51 18.31 -19.76
N GLU U 299 54.10 17.78 -20.91
CA GLU U 299 53.27 16.58 -20.92
C GLU U 299 53.56 15.79 -22.18
N ILE U 300 53.18 14.51 -22.15
CA ILE U 300 53.34 13.65 -23.32
C ILE U 300 52.48 14.18 -24.46
N ASP U 301 52.99 14.09 -25.67
CA ASP U 301 52.27 14.57 -26.83
C ASP U 301 51.32 13.48 -27.33
N PHE U 302 50.05 13.85 -27.51
CA PHE U 302 49.04 12.88 -27.92
C PHE U 302 48.89 12.80 -29.43
N GLU U 303 49.00 13.93 -30.14
CA GLU U 303 48.81 13.93 -31.58
C GLU U 303 49.88 13.09 -32.27
N ALA U 304 51.14 13.32 -31.92
CA ALA U 304 52.23 12.57 -32.55
C ALA U 304 52.13 11.08 -32.20
N GLN U 305 51.78 10.76 -30.96
CA GLN U 305 51.64 9.35 -30.58
C GLN U 305 50.51 8.69 -31.36
N LYS U 306 49.38 9.39 -31.52
CA LYS U 306 48.28 8.85 -32.31
C LYS U 306 48.71 8.61 -33.75
N SER U 307 49.43 9.57 -34.33
CA SER U 307 49.91 9.40 -35.70
C SER U 307 50.85 8.21 -35.82
N TYR U 308 51.76 8.06 -34.86
CA TYR U 308 52.71 6.95 -34.90
C TYR U 308 52.00 5.61 -34.77
N LEU U 309 51.03 5.51 -33.86
CA LEU U 309 50.26 4.28 -33.71
C LEU U 309 49.48 3.96 -34.97
N LYS U 310 48.87 4.98 -35.59
CA LYS U 310 48.15 4.77 -36.83
C LYS U 310 49.08 4.31 -37.95
N SER U 311 50.31 4.82 -37.97
CA SER U 311 51.25 4.47 -39.02
C SER U 311 51.55 2.98 -39.03
N LYS U 312 51.47 2.32 -37.87
CA LYS U 312 51.64 0.88 -37.79
C LYS U 312 50.34 0.12 -38.01
N GLY U 313 49.23 0.82 -38.24
CA GLY U 313 47.98 0.17 -38.59
C GLY U 313 47.20 -0.38 -37.42
N VAL U 314 47.53 0.00 -36.19
CA VAL U 314 46.78 -0.49 -35.03
C VAL U 314 45.37 0.09 -35.06
N ASP U 315 44.43 -0.64 -34.46
CA ASP U 315 43.05 -0.20 -34.35
C ASP U 315 42.90 0.54 -33.02
N LEU U 316 43.03 1.86 -33.07
CA LEU U 316 42.94 2.70 -31.89
C LEU U 316 41.59 3.38 -31.75
N SER U 317 40.59 2.95 -32.52
CA SER U 317 39.29 3.62 -32.50
C SER U 317 38.61 3.50 -31.15
N TYR U 318 38.69 2.33 -30.51
CA TYR U 318 37.91 2.07 -29.32
C TYR U 318 38.68 2.27 -28.01
N MET U 319 39.98 2.55 -28.07
CA MET U 319 40.72 2.77 -26.84
C MET U 319 40.55 4.20 -26.36
N THR U 320 40.55 4.36 -25.04
CA THR U 320 40.38 5.68 -24.43
C THR U 320 41.63 6.53 -24.64
N LEU U 321 41.45 7.84 -24.47
CA LEU U 321 42.58 8.77 -24.52
C LEU U 321 43.69 8.33 -23.57
N GLN U 322 43.33 8.01 -22.33
CA GLN U 322 44.30 7.50 -21.38
C GLN U 322 44.89 6.18 -21.86
N GLU U 323 44.06 5.31 -22.45
CA GLU U 323 44.57 4.05 -23.00
C GLU U 323 45.56 4.30 -24.13
N ILE U 324 45.28 5.29 -24.98
CA ILE U 324 46.21 5.62 -26.05
C ILE U 324 47.53 6.13 -25.47
N LYS U 325 47.46 6.97 -24.44
CA LYS U 325 48.69 7.47 -23.82
C LYS U 325 49.49 6.33 -23.20
N GLU U 326 48.81 5.38 -22.56
CA GLU U 326 49.48 4.25 -21.93
C GLU U 326 49.93 3.18 -22.93
N ALA U 327 49.54 3.29 -24.20
CA ALA U 327 49.90 2.28 -25.18
C ALA U 327 51.40 2.27 -25.45
N ASN U 328 51.91 1.10 -25.78
CA ASN U 328 53.32 0.95 -26.10
C ASN U 328 53.62 1.58 -27.45
N THR U 329 54.75 2.31 -27.53
CA THR U 329 55.11 3.05 -28.72
C THR U 329 56.46 2.63 -29.30
N GLY U 330 57.06 1.57 -28.78
CA GLY U 330 58.37 1.17 -29.26
C GLY U 330 59.47 2.07 -28.71
N SER U 331 60.56 2.19 -29.48
CA SER U 331 61.69 2.99 -29.04
C SER U 331 61.37 4.47 -29.00
N LYS U 332 60.49 4.94 -29.88
CA LYS U 332 60.22 6.37 -30.00
C LYS U 332 59.57 6.91 -28.72
N VAL U 333 59.88 8.16 -28.40
CA VAL U 333 59.28 8.87 -27.28
C VAL U 333 58.86 10.26 -27.76
N PHE U 334 57.63 10.64 -27.47
CA PHE U 334 57.07 11.92 -27.88
C PHE U 334 56.72 12.75 -26.65
N LEU U 335 57.05 14.04 -26.70
CA LEU U 335 56.82 14.93 -25.57
C LEU U 335 56.41 16.30 -26.07
N LYS U 336 55.73 17.04 -25.21
CA LYS U 336 55.29 18.39 -25.52
C LYS U 336 55.49 19.28 -24.29
N ALA U 337 55.80 20.55 -24.54
CA ALA U 337 56.02 21.50 -23.47
C ALA U 337 55.71 22.91 -23.96
N LYS U 338 55.52 23.82 -23.01
CA LYS U 338 55.31 25.23 -23.33
C LYS U 338 55.92 26.10 -22.24
N ILE U 339 56.63 27.14 -22.67
CA ILE U 339 57.29 28.06 -21.76
C ILE U 339 57.27 29.45 -22.40
N LYS U 340 57.40 30.47 -21.56
CA LYS U 340 57.44 31.86 -22.00
C LYS U 340 58.77 32.47 -21.61
N VAL U 341 59.41 33.15 -22.56
CA VAL U 341 60.74 33.72 -22.37
C VAL U 341 60.60 35.19 -22.02
N LEU U 342 61.20 35.59 -20.91
CA LEU U 342 61.18 36.99 -20.50
C LEU U 342 62.22 37.79 -21.30
N ASP U 343 62.06 39.12 -21.27
CA ASP U 343 62.96 40.02 -21.99
C ASP U 343 63.21 41.26 -21.14
N ALA U 344 64.37 41.85 -21.34
CA ALA U 344 64.71 43.09 -20.66
C ALA U 344 63.89 44.25 -21.20
N MET U 345 63.74 45.27 -20.37
CA MET U 345 62.90 46.41 -20.72
C MET U 345 63.55 47.20 -21.87
N GLU U 346 62.76 47.49 -22.90
CA GLU U 346 63.24 48.23 -24.06
C GLU U 346 62.52 49.54 -24.25
N ASP U 347 61.19 49.54 -24.29
CA ASP U 347 60.40 50.75 -24.51
C ASP U 347 59.51 50.99 -23.29
N ILE U 348 59.51 52.23 -22.81
CA ILE U 348 58.74 52.62 -21.64
C ILE U 348 57.79 53.73 -22.05
N ASP U 349 56.50 53.57 -21.72
CA ASP U 349 55.48 54.57 -22.01
C ASP U 349 54.94 55.11 -20.70
N LEU U 350 55.07 56.42 -20.50
CA LEU U 350 54.55 57.08 -19.31
C LEU U 350 53.73 58.29 -19.74
N SER U 351 52.51 58.37 -19.24
CA SER U 351 51.63 59.50 -19.50
C SER U 351 51.19 60.09 -18.17
N ILE U 352 51.43 61.39 -17.99
CA ILE U 352 51.07 62.11 -16.78
C ILE U 352 49.92 63.06 -17.10
N GLU U 353 49.00 63.19 -16.16
CA GLU U 353 47.79 63.97 -16.34
C GLU U 353 47.79 65.15 -15.37
N ILE U 354 47.63 66.36 -15.91
CA ILE U 354 47.59 67.56 -15.09
C ILE U 354 46.31 67.62 -14.27
N ARG V 7 -32.54 0.43 -52.42
CA ARG V 7 -31.53 0.66 -51.40
C ARG V 7 -31.23 -0.61 -50.63
N ASN V 8 -29.93 -0.90 -50.47
CA ASN V 8 -29.49 -2.11 -49.81
C ASN V 8 -28.30 -1.78 -48.92
N VAL V 9 -28.10 -2.61 -47.89
CA VAL V 9 -26.93 -2.46 -47.03
C VAL V 9 -25.67 -2.74 -47.84
N MET V 10 -24.67 -1.88 -47.66
CA MET V 10 -23.43 -2.01 -48.42
C MET V 10 -22.67 -3.25 -47.96
N SER V 11 -22.32 -4.11 -48.91
CA SER V 11 -21.59 -5.32 -48.60
C SER V 11 -20.11 -5.02 -48.41
N GLY V 12 -19.45 -5.85 -47.61
CA GLY V 12 -18.03 -5.67 -47.38
C GLY V 12 -17.12 -6.17 -48.47
N THR V 13 -17.68 -6.82 -49.50
CA THR V 13 -16.86 -7.31 -50.60
C THR V 13 -16.18 -6.16 -51.32
N TRP V 14 -16.90 -5.07 -51.55
CA TRP V 14 -16.40 -3.94 -52.34
C TRP V 14 -15.61 -2.98 -51.47
N GLY V 15 -14.54 -3.49 -50.87
CA GLY V 15 -13.67 -2.70 -50.01
C GLY V 15 -12.29 -2.53 -50.63
N GLU V 16 -11.83 -1.28 -50.65
CA GLU V 16 -10.50 -0.95 -51.16
C GLU V 16 -9.76 -0.14 -50.12
N LEU V 17 -8.45 -0.38 -50.02
CA LEU V 17 -7.62 0.26 -49.01
C LEU V 17 -6.33 0.76 -49.65
N TRP V 18 -6.00 2.03 -49.42
CA TRP V 18 -4.75 2.62 -49.85
C TRP V 18 -3.91 2.95 -48.63
N LEU V 19 -2.69 2.43 -48.59
CA LEU V 19 -1.78 2.66 -47.48
C LEU V 19 -0.58 3.45 -47.99
N ASP V 20 -0.44 4.68 -47.48
CA ASP V 20 0.66 5.57 -47.85
C ASP V 20 0.72 5.79 -49.36
N GLY V 21 -0.44 5.89 -49.98
CA GLY V 21 -0.52 6.15 -51.41
C GLY V 21 -0.34 4.93 -52.29
N ASN V 22 -0.14 3.75 -51.74
CA ASN V 22 0.01 2.53 -52.50
C ASN V 22 -1.19 1.63 -52.26
N LYS V 23 -1.81 1.16 -53.35
CA LYS V 23 -3.00 0.34 -53.20
C LYS V 23 -2.63 -1.02 -52.62
N VAL V 24 -3.39 -1.44 -51.61
CA VAL V 24 -3.18 -2.72 -50.96
C VAL V 24 -4.14 -3.70 -51.64
N ALA V 25 -3.62 -4.40 -52.65
CA ALA V 25 -4.47 -5.30 -53.43
C ALA V 25 -4.99 -6.45 -52.58
N GLU V 26 -4.16 -7.00 -51.71
CA GLU V 26 -4.54 -8.12 -50.86
C GLU V 26 -5.04 -7.58 -49.52
N VAL V 27 -6.31 -7.80 -49.24
CA VAL V 27 -6.91 -7.29 -48.00
C VAL V 27 -8.18 -8.10 -47.75
N LYS V 28 -8.41 -8.41 -46.47
CA LYS V 28 -9.58 -9.17 -46.06
C LYS V 28 -10.53 -8.36 -45.19
N LYS V 29 -10.02 -7.72 -44.15
CA LYS V 29 -10.83 -6.89 -43.28
C LYS V 29 -10.12 -5.57 -43.00
N PHE V 30 -10.93 -4.54 -42.75
CA PHE V 30 -10.42 -3.27 -42.25
C PHE V 30 -11.36 -2.78 -41.17
N GLN V 31 -10.81 -2.06 -40.19
CA GLN V 31 -11.59 -1.67 -39.03
C GLN V 31 -10.93 -0.48 -38.36
N ALA V 32 -11.71 0.57 -38.13
CA ALA V 32 -11.26 1.74 -37.38
C ALA V 32 -12.34 2.12 -36.40
N LYS V 33 -11.93 2.52 -35.19
CA LYS V 33 -12.89 2.72 -34.12
C LYS V 33 -12.35 3.77 -33.16
N MET V 34 -13.24 4.33 -32.35
CA MET V 34 -12.92 5.43 -31.45
C MET V 34 -13.61 5.19 -30.12
N GLU V 35 -12.84 5.05 -29.06
CA GLU V 35 -13.38 4.85 -27.72
C GLU V 35 -13.26 6.14 -26.92
N PHE V 36 -14.37 6.58 -26.34
CA PHE V 36 -14.38 7.76 -25.50
C PHE V 36 -14.09 7.39 -24.06
N THR V 37 -13.38 8.28 -23.36
CA THR V 37 -13.05 8.11 -21.96
C THR V 37 -14.04 8.91 -21.13
N LYS V 38 -14.81 8.25 -20.29
CA LYS V 38 -15.81 8.89 -19.47
C LYS V 38 -15.50 8.68 -17.99
N GLU V 39 -15.83 9.68 -17.18
CA GLU V 39 -15.56 9.64 -15.75
C GLU V 39 -16.88 9.80 -15.01
N ASP V 40 -17.09 8.95 -14.01
CA ASP V 40 -18.33 9.01 -13.23
C ASP V 40 -18.32 10.21 -12.31
N ILE V 41 -19.41 10.97 -12.31
CA ILE V 41 -19.58 12.12 -11.44
C ILE V 41 -20.93 12.02 -10.76
N ILE V 42 -20.94 12.15 -9.44
CA ILE V 42 -22.15 12.06 -8.64
C ILE V 42 -22.52 13.46 -8.17
N ILE V 43 -23.74 13.88 -8.48
CA ILE V 43 -24.23 15.20 -8.12
C ILE V 43 -25.16 15.06 -6.92
N ALA V 44 -24.99 15.94 -5.94
CA ALA V 44 -25.79 15.88 -4.72
C ALA V 44 -27.27 16.05 -5.05
N GLY V 45 -28.10 15.19 -4.49
CA GLY V 45 -29.53 15.26 -4.67
C GLY V 45 -30.07 14.53 -5.88
N GLN V 46 -29.22 13.90 -6.68
CA GLN V 46 -29.65 13.17 -7.87
C GLN V 46 -29.21 11.72 -7.77
N MET V 47 -30.17 10.80 -7.88
CA MET V 47 -29.82 9.39 -7.89
C MET V 47 -29.07 8.99 -9.14
N GLY V 48 -29.43 9.56 -10.29
CA GLY V 48 -28.73 9.22 -11.52
C GLY V 48 -27.28 9.65 -11.46
N THR V 49 -26.42 8.86 -12.10
CA THR V 49 -24.99 9.11 -12.12
C THR V 49 -24.62 9.56 -13.53
N ASP V 50 -24.28 10.84 -13.67
CA ASP V 50 -23.94 11.40 -14.96
C ASP V 50 -22.43 11.29 -15.17
N THR V 51 -22.02 11.42 -16.44
CA THR V 51 -20.64 11.19 -16.82
C THR V 51 -20.10 12.37 -17.60
N LYS V 52 -18.78 12.57 -17.51
CA LYS V 52 -18.07 13.66 -18.16
C LYS V 52 -17.14 13.10 -19.22
N TYR V 53 -17.13 13.74 -20.39
CA TYR V 53 -16.29 13.33 -21.51
C TYR V 53 -14.90 13.94 -21.35
N MET V 54 -13.87 13.10 -21.34
CA MET V 54 -12.51 13.54 -21.08
C MET V 54 -11.56 13.36 -22.26
N GLY V 55 -11.93 12.60 -23.27
CA GLY V 55 -11.06 12.38 -24.40
C GLY V 55 -11.43 11.10 -25.11
N TYR V 56 -10.61 10.75 -26.10
CA TYR V 56 -10.85 9.54 -26.88
C TYR V 56 -9.53 8.90 -27.27
N LYS V 57 -9.61 7.62 -27.62
CA LYS V 57 -8.48 6.84 -28.11
C LYS V 57 -8.92 6.06 -29.33
N GLY V 58 -8.01 5.92 -30.30
CA GLY V 58 -8.32 5.26 -31.56
C GLY V 58 -7.67 3.90 -31.65
N LYS V 59 -8.41 2.93 -32.16
CA LYS V 59 -7.93 1.56 -32.30
C LYS V 59 -8.46 0.98 -33.61
N GLY V 60 -7.74 -0.01 -34.13
CA GLY V 60 -8.15 -0.66 -35.36
C GLY V 60 -7.17 -1.76 -35.72
N SER V 61 -7.56 -2.54 -36.73
CA SER V 61 -6.74 -3.65 -37.18
C SER V 61 -6.98 -3.88 -38.67
N ILE V 62 -5.99 -4.51 -39.31
CA ILE V 62 -6.06 -4.88 -40.72
C ILE V 62 -5.74 -6.36 -40.84
N THR V 63 -6.46 -7.05 -41.72
CA THR V 63 -6.20 -8.46 -41.99
C THR V 63 -6.02 -8.63 -43.49
N LEU V 64 -4.95 -9.32 -43.89
CA LEU V 64 -4.63 -9.50 -45.29
C LEU V 64 -3.92 -10.82 -45.48
N TYR V 65 -4.00 -11.34 -46.70
CA TYR V 65 -3.31 -12.58 -47.04
C TYR V 65 -1.82 -12.32 -47.20
N HIS V 66 -1.01 -13.35 -46.94
CA HIS V 66 0.44 -13.21 -46.95
C HIS V 66 0.99 -13.45 -48.35
N VAL V 67 0.59 -12.58 -49.28
CA VAL V 67 1.07 -12.67 -50.65
C VAL V 67 2.53 -12.25 -50.73
N SER V 68 2.88 -11.15 -50.07
CA SER V 68 4.23 -10.59 -50.14
C SER V 68 4.66 -10.09 -48.77
N SER V 69 5.95 -9.79 -48.66
CA SER V 69 6.49 -9.25 -47.41
C SER V 69 6.30 -7.75 -47.37
N ARG V 70 5.06 -7.29 -47.57
CA ARG V 70 4.79 -5.86 -47.63
C ARG V 70 5.08 -5.18 -46.30
N MET V 71 4.65 -5.78 -45.20
CA MET V 71 4.76 -5.12 -43.90
C MET V 71 6.20 -5.01 -43.43
N HIS V 72 7.07 -5.93 -43.86
CA HIS V 72 8.46 -5.86 -43.43
C HIS V 72 9.14 -4.60 -43.95
N LYS V 73 9.04 -4.35 -45.27
CA LYS V 73 9.78 -3.26 -45.88
C LYS V 73 9.47 -1.92 -45.24
N LEU V 74 8.26 -1.76 -44.69
CA LEU V 74 7.85 -0.47 -44.15
C LEU V 74 8.56 -0.16 -42.84
N ILE V 75 8.64 -1.12 -41.92
CA ILE V 75 8.99 -0.78 -40.54
C ILE V 75 10.10 -1.64 -39.96
N GLY V 76 10.44 -2.75 -40.61
CA GLY V 76 11.36 -3.69 -39.98
C GLY V 76 12.72 -3.09 -39.71
N GLU V 77 13.29 -2.41 -40.70
CA GLU V 77 14.61 -1.81 -40.51
C GLU V 77 14.54 -0.61 -39.57
N LYS V 78 13.47 0.19 -39.66
CA LYS V 78 13.39 1.41 -38.87
C LYS V 78 13.19 1.12 -37.39
N ILE V 79 12.45 0.06 -37.07
CA ILE V 79 12.14 -0.23 -35.67
C ILE V 79 13.40 -0.55 -34.88
N LYS V 80 14.28 -1.38 -35.45
CA LYS V 80 15.50 -1.74 -34.75
C LYS V 80 16.39 -0.53 -34.49
N ARG V 81 16.35 0.46 -35.39
CA ARG V 81 17.17 1.66 -35.23
C ARG V 81 16.62 2.60 -34.16
N GLY V 82 15.33 2.51 -33.84
CA GLY V 82 14.74 3.32 -32.80
C GLY V 82 13.88 4.47 -33.26
N SER V 83 13.65 4.61 -34.56
CA SER V 83 12.81 5.67 -35.11
C SER V 83 11.48 5.07 -35.54
N GLU V 84 10.39 5.64 -35.03
CA GLU V 84 9.06 5.08 -35.29
C GLU V 84 8.43 5.79 -36.48
N PRO V 85 8.00 5.07 -37.50
CA PRO V 85 7.31 5.70 -38.64
C PRO V 85 5.80 5.79 -38.42
N ARG V 86 5.23 6.84 -38.97
CA ARG V 86 3.79 7.09 -38.90
C ARG V 86 3.22 7.13 -40.31
N PHE V 87 2.06 6.49 -40.49
CA PHE V 87 1.49 6.25 -41.80
C PHE V 87 0.10 6.87 -41.91
N VAL V 88 -0.40 6.93 -43.14
CA VAL V 88 -1.73 7.44 -43.45
C VAL V 88 -2.43 6.42 -44.33
N ALA V 89 -3.68 6.10 -43.99
CA ALA V 89 -4.45 5.10 -44.72
C ALA V 89 -5.78 5.69 -45.16
N ILE V 90 -6.26 5.23 -46.32
CA ILE V 90 -7.54 5.63 -46.87
C ILE V 90 -8.34 4.38 -47.23
N SER V 91 -9.60 4.34 -46.81
CA SER V 91 -10.47 3.21 -47.08
C SER V 91 -11.71 3.69 -47.82
N LYS V 92 -12.01 3.05 -48.94
CA LYS V 92 -13.16 3.40 -49.76
C LYS V 92 -14.06 2.19 -49.90
N LEU V 93 -15.36 2.39 -49.67
CA LEU V 93 -16.35 1.32 -49.73
C LEU V 93 -17.43 1.73 -50.74
N ASN V 94 -17.43 1.09 -51.90
CA ASN V 94 -18.29 1.49 -53.01
C ASN V 94 -19.09 0.26 -53.46
N ASP V 95 -20.33 0.17 -53.00
CA ASP V 95 -21.22 -0.93 -53.39
C ASP V 95 -22.10 -0.48 -54.53
N PRO V 96 -22.11 -1.18 -55.67
CA PRO V 96 -22.99 -0.76 -56.77
C PRO V 96 -24.46 -0.75 -56.40
N ASP V 97 -24.91 -1.66 -55.53
CA ASP V 97 -26.30 -1.67 -55.11
C ASP V 97 -26.62 -0.49 -54.21
N SER V 98 -25.68 -0.10 -53.35
CA SER V 98 -25.93 0.92 -52.35
C SER V 98 -26.15 2.29 -53.02
N TYR V 99 -26.54 3.26 -52.19
CA TYR V 99 -26.83 4.59 -52.69
C TYR V 99 -25.56 5.31 -53.14
N GLY V 100 -24.50 5.21 -52.36
CA GLY V 100 -23.27 5.91 -52.68
C GLY V 100 -22.03 5.26 -52.12
N ALA V 101 -20.89 5.95 -52.19
CA ALA V 101 -19.63 5.45 -51.69
C ALA V 101 -19.04 6.45 -50.70
N GLU V 102 -18.43 5.94 -49.64
CA GLU V 102 -17.84 6.77 -48.61
C GLU V 102 -16.34 6.48 -48.51
N ARG V 103 -15.58 7.52 -48.17
CA ARG V 103 -14.13 7.42 -48.05
C ARG V 103 -13.69 7.97 -46.71
N ILE V 104 -12.77 7.28 -46.06
CA ILE V 104 -12.26 7.67 -44.75
C ILE V 104 -10.76 7.85 -44.85
N ALA V 105 -10.26 8.97 -44.32
CA ALA V 105 -8.83 9.23 -44.23
C ALA V 105 -8.42 9.12 -42.77
N VAL V 106 -7.75 8.03 -42.44
CA VAL V 106 -7.25 7.79 -41.09
C VAL V 106 -5.77 8.14 -41.08
N LYS V 107 -5.37 9.04 -40.17
CA LYS V 107 -4.05 9.63 -40.21
C LYS V 107 -3.28 9.32 -38.93
N ASN V 108 -1.95 9.39 -39.04
CA ASN V 108 -1.04 9.17 -37.93
C ASN V 108 -1.23 7.78 -37.32
N ILE V 109 -0.97 6.77 -38.14
CA ILE V 109 -1.17 5.37 -37.77
C ILE V 109 0.14 4.80 -37.23
N ALA V 110 0.07 4.12 -36.10
CA ALA V 110 1.20 3.44 -35.51
C ALA V 110 0.83 1.98 -35.28
N PHE V 111 1.71 1.06 -35.72
CA PHE V 111 1.42 -0.36 -35.67
C PHE V 111 1.87 -0.96 -34.34
N ASP V 112 1.11 -1.94 -33.87
CA ASP V 112 1.38 -2.55 -32.57
C ASP V 112 2.36 -3.73 -32.64
N ASP V 113 2.43 -4.42 -33.77
CA ASP V 113 3.26 -5.62 -33.84
C ASP V 113 3.69 -5.87 -35.28
N LEU V 114 4.72 -6.69 -35.42
CA LEU V 114 5.25 -7.10 -36.72
C LEU V 114 5.41 -8.61 -36.72
N THR V 115 4.86 -9.26 -37.74
CA THR V 115 4.88 -10.73 -37.84
C THR V 115 5.94 -11.12 -38.88
N LEU V 116 7.05 -11.65 -38.39
CA LEU V 116 8.14 -12.03 -39.29
C LEU V 116 7.76 -13.23 -40.14
N ALA V 117 7.24 -14.28 -39.52
CA ALA V 117 6.89 -15.49 -40.26
C ALA V 117 5.87 -16.29 -39.47
N ASP V 118 4.90 -16.85 -40.18
CA ASP V 118 3.87 -17.69 -39.57
C ASP V 118 3.29 -18.59 -40.64
N TRP V 119 3.32 -19.90 -40.42
CA TRP V 119 2.79 -20.84 -41.39
C TRP V 119 2.46 -22.15 -40.70
N GLU V 120 1.56 -22.90 -41.33
CA GLU V 120 1.12 -24.20 -40.82
C GLU V 120 0.80 -25.10 -42.01
N VAL V 121 1.02 -26.40 -41.83
CA VAL V 121 0.86 -27.33 -42.93
C VAL V 121 -0.60 -27.40 -43.35
N GLY V 122 -0.86 -27.16 -44.63
CA GLY V 122 -2.21 -27.24 -45.17
C GLY V 122 -3.06 -26.01 -44.99
N VAL V 123 -2.49 -24.89 -44.54
CA VAL V 123 -3.23 -23.67 -44.27
C VAL V 123 -2.61 -22.52 -45.04
N LYS V 124 -3.43 -21.78 -45.77
CA LYS V 124 -2.96 -20.61 -46.48
C LYS V 124 -2.51 -19.53 -45.50
N GLY V 125 -1.44 -18.83 -45.85
CA GLY V 125 -0.91 -17.79 -44.97
C GLY V 125 -1.90 -16.65 -44.79
N GLU V 126 -2.06 -16.23 -43.54
CA GLU V 126 -2.94 -15.12 -43.20
C GLU V 126 -2.25 -14.26 -42.15
N ILE V 127 -2.26 -12.95 -42.34
CA ILE V 127 -1.55 -12.01 -41.48
C ILE V 127 -2.52 -10.92 -41.05
N GLU V 128 -2.49 -10.58 -39.76
CA GLU V 128 -3.28 -9.48 -39.23
C GLU V 128 -2.40 -8.59 -38.37
N ALA V 129 -2.71 -7.30 -38.36
CA ALA V 129 -1.87 -6.33 -37.67
C ALA V 129 -2.71 -5.23 -37.02
N PRO V 130 -2.82 -5.21 -35.70
CA PRO V 130 -3.52 -4.11 -35.02
C PRO V 130 -2.72 -2.82 -35.10
N PHE V 131 -3.40 -1.71 -34.81
CA PHE V 131 -2.77 -0.41 -34.87
C PHE V 131 -3.61 0.59 -34.07
N THR V 132 -3.05 1.78 -33.87
CA THR V 132 -3.72 2.88 -33.20
C THR V 132 -3.53 4.16 -34.01
N PHE V 133 -4.52 5.04 -33.95
CA PHE V 133 -4.48 6.29 -34.69
C PHE V 133 -4.98 7.43 -33.80
N THR V 134 -4.60 8.65 -34.17
CA THR V 134 -4.93 9.84 -33.38
C THR V 134 -6.11 10.61 -33.96
N GLU V 135 -6.03 11.03 -35.22
CA GLU V 135 -7.02 11.89 -35.83
C GLU V 135 -7.44 11.35 -37.19
N TYR V 136 -8.57 11.85 -37.67
CA TYR V 136 -9.15 11.38 -38.92
C TYR V 136 -9.75 12.56 -39.68
N ASP V 137 -9.89 12.37 -40.99
CA ASP V 137 -10.61 13.31 -41.84
C ASP V 137 -11.59 12.53 -42.71
N PHE V 138 -12.70 13.18 -43.04
CA PHE V 138 -13.85 12.52 -43.63
C PHE V 138 -14.11 13.07 -45.03
N LEU V 139 -14.36 12.16 -45.97
CA LEU V 139 -14.57 12.54 -47.36
C LEU V 139 -15.73 11.75 -47.93
N ASP V 140 -16.45 12.38 -48.87
CA ASP V 140 -17.50 11.71 -49.64
C ASP V 140 -18.56 11.10 -48.73
N ILE V 141 -19.26 11.99 -48.02
CA ILE V 141 -20.32 11.56 -47.12
C ILE V 141 -21.43 10.88 -47.91
N ILE V 142 -22.17 10.01 -47.22
CA ILE V 142 -23.30 9.32 -47.83
C ILE V 142 -24.61 10.00 -47.44
N ASN W 3 -29.71 23.25 -12.21
CA ASN W 3 -28.61 24.18 -12.45
C ASN W 3 -27.31 23.43 -12.73
N MET W 4 -26.81 22.75 -11.70
CA MET W 4 -25.59 21.96 -11.84
C MET W 4 -25.77 20.87 -12.90
N GLU W 5 -24.78 20.75 -13.78
CA GLU W 5 -24.74 19.68 -14.75
C GLU W 5 -23.30 19.20 -14.84
N ALA W 6 -23.13 17.90 -15.13
CA ALA W 6 -21.81 17.28 -15.06
C ALA W 6 -20.84 17.89 -16.06
N ARG W 7 -21.34 18.31 -17.23
CA ARG W 7 -20.46 18.82 -18.27
C ARG W 7 -19.70 20.07 -17.84
N ASN W 8 -20.26 20.82 -16.90
CA ASN W 8 -19.67 22.11 -16.52
C ASN W 8 -18.35 21.97 -15.79
N VAL W 9 -18.02 20.78 -15.28
CA VAL W 9 -16.77 20.60 -14.54
C VAL W 9 -15.59 20.74 -15.48
N MET W 10 -14.65 21.60 -15.13
CA MET W 10 -13.52 21.88 -16.00
C MET W 10 -12.56 20.69 -16.06
N SER W 11 -11.91 20.54 -17.20
CA SER W 11 -10.97 19.46 -17.44
C SER W 11 -9.56 20.04 -17.55
N GLY W 12 -8.59 19.32 -16.99
CA GLY W 12 -7.21 19.79 -17.01
C GLY W 12 -6.53 19.67 -18.35
N THR W 13 -7.13 18.95 -19.30
CA THR W 13 -6.53 18.83 -20.63
C THR W 13 -6.43 20.18 -21.31
N TRP W 14 -7.32 21.11 -20.99
CA TRP W 14 -7.40 22.40 -21.65
C TRP W 14 -6.50 23.47 -21.04
N GLY W 15 -5.79 23.17 -19.96
CA GLY W 15 -4.92 24.17 -19.38
C GLY W 15 -3.71 24.46 -20.24
N GLU W 16 -3.19 25.68 -20.11
CA GLU W 16 -1.96 26.06 -20.79
C GLU W 16 -1.21 27.05 -19.93
N LEU W 17 0.09 27.16 -20.18
CA LEU W 17 0.99 27.90 -19.30
C LEU W 17 1.96 28.75 -20.12
N TRP W 18 2.15 30.00 -19.68
CA TRP W 18 3.20 30.87 -20.20
C TRP W 18 4.18 31.15 -19.06
N LEU W 19 5.46 30.85 -19.29
CA LEU W 19 6.51 31.13 -18.34
C LEU W 19 7.45 32.15 -18.94
N ASP W 20 7.59 33.30 -18.26
CA ASP W 20 8.45 34.39 -18.71
C ASP W 20 8.07 34.86 -20.11
N GLY W 21 6.76 34.86 -20.39
CA GLY W 21 6.25 35.34 -21.65
C GLY W 21 6.32 34.37 -22.81
N ASN W 22 6.82 33.15 -22.59
CA ASN W 22 6.91 32.14 -23.63
C ASN W 22 5.93 31.02 -23.34
N LYS W 23 5.36 30.45 -24.40
CA LYS W 23 4.39 29.38 -24.24
C LYS W 23 5.12 28.06 -24.01
N VAL W 24 4.71 27.34 -22.97
CA VAL W 24 5.28 26.04 -22.65
C VAL W 24 4.30 24.98 -23.13
N ALA W 25 4.65 24.33 -24.25
CA ALA W 25 3.74 23.36 -24.85
C ALA W 25 3.74 22.03 -24.10
N GLU W 26 4.88 21.62 -23.56
CA GLU W 26 5.00 20.30 -22.94
C GLU W 26 4.71 20.34 -21.44
N VAL W 27 3.58 20.93 -21.08
CA VAL W 27 3.20 21.06 -19.67
C VAL W 27 2.32 19.88 -19.29
N LYS W 28 2.51 19.36 -18.07
CA LYS W 28 1.69 18.29 -17.55
C LYS W 28 0.71 18.76 -16.49
N LYS W 29 1.19 19.46 -15.46
CA LYS W 29 0.30 19.98 -14.43
C LYS W 29 0.92 21.22 -13.80
N PHE W 30 0.06 22.15 -13.42
CA PHE W 30 0.46 23.39 -12.77
C PHE W 30 -0.35 23.55 -11.49
N GLN W 31 0.31 24.04 -10.44
CA GLN W 31 -0.34 24.16 -9.15
C GLN W 31 0.22 25.37 -8.41
N ALA W 32 -0.66 26.16 -7.83
CA ALA W 32 -0.28 27.30 -7.00
C ALA W 32 -1.21 27.36 -5.81
N LYS W 33 -0.66 27.73 -4.65
CA LYS W 33 -1.43 27.68 -3.42
C LYS W 33 -0.92 28.76 -2.48
N MET W 34 -1.75 29.13 -1.50
CA MET W 34 -1.41 30.16 -0.53
C MET W 34 -1.78 29.64 0.86
N GLU W 35 -0.78 29.51 1.73
CA GLU W 35 -0.98 28.99 3.08
C GLU W 35 -0.97 30.15 4.07
N PHE W 36 -2.04 30.28 4.84
CA PHE W 36 -2.15 31.35 5.82
C PHE W 36 -1.51 30.92 7.13
N THR W 37 -0.76 31.85 7.73
CA THR W 37 -0.15 31.62 9.04
C THR W 37 -1.08 32.14 10.13
N LYS W 38 -1.45 31.28 11.07
CA LYS W 38 -2.37 31.63 12.13
C LYS W 38 -1.80 31.23 13.49
N GLU W 39 -2.18 31.99 14.50
CA GLU W 39 -1.71 31.77 15.87
C GLU W 39 -2.91 31.50 16.78
N ASP W 40 -2.76 30.52 17.66
CA ASP W 40 -3.83 30.21 18.60
C ASP W 40 -3.90 31.26 19.70
N ILE W 41 -5.11 31.75 19.96
CA ILE W 41 -5.34 32.75 21.00
C ILE W 41 -6.50 32.29 21.86
N ILE W 42 -6.30 32.29 23.17
CA ILE W 42 -7.30 31.85 24.13
C ILE W 42 -7.86 33.08 24.84
N ILE W 43 -9.18 33.23 24.83
CA ILE W 43 -9.86 34.36 25.43
C ILE W 43 -10.46 33.93 26.75
N ALA W 44 -10.27 34.75 27.77
CA ALA W 44 -10.80 34.43 29.10
C ALA W 44 -12.31 34.29 29.06
N GLY W 45 -12.81 33.24 29.70
CA GLY W 45 -14.23 32.99 29.79
C GLY W 45 -14.84 32.25 28.62
N GLN W 46 -14.08 31.94 27.59
CA GLN W 46 -14.58 31.24 26.42
C GLN W 46 -13.88 29.89 26.29
N MET W 47 -14.66 28.83 26.07
CA MET W 47 -14.07 27.52 25.83
C MET W 47 -13.49 27.44 24.43
N GLY W 48 -14.20 27.94 23.43
CA GLY W 48 -13.74 27.89 22.06
C GLY W 48 -12.45 28.63 21.84
N THR W 49 -11.46 27.96 21.25
CA THR W 49 -10.18 28.59 20.97
C THR W 49 -10.24 29.30 19.62
N ASP W 50 -9.86 30.56 19.62
CA ASP W 50 -9.88 31.39 18.43
C ASP W 50 -8.48 31.60 17.89
N THR W 51 -8.40 32.03 16.64
CA THR W 51 -7.12 32.18 15.95
C THR W 51 -7.01 33.59 15.38
N LYS W 52 -5.76 34.03 15.22
CA LYS W 52 -5.44 35.32 14.61
C LYS W 52 -4.63 35.07 13.35
N TYR W 53 -5.03 35.71 12.25
CA TYR W 53 -4.35 35.55 10.98
C TYR W 53 -3.23 36.56 10.86
N MET W 54 -2.04 36.09 10.56
CA MET W 54 -0.84 36.92 10.64
C MET W 54 -0.09 37.07 9.33
N GLY W 55 -0.19 36.12 8.42
CA GLY W 55 0.50 36.23 7.14
C GLY W 55 0.18 35.05 6.27
N TYR W 56 0.71 35.08 5.05
CA TYR W 56 0.51 34.00 4.10
C TYR W 56 1.82 33.65 3.42
N LYS W 57 1.93 32.39 2.99
CA LYS W 57 3.09 31.88 2.28
C LYS W 57 2.61 31.07 1.08
N GLY W 58 3.22 31.29 -0.07
CA GLY W 58 2.79 30.67 -1.32
C GLY W 58 3.75 29.59 -1.78
N LYS W 59 3.19 28.48 -2.27
CA LYS W 59 3.97 27.36 -2.77
C LYS W 59 3.30 26.81 -4.02
N GLY W 60 4.09 26.14 -4.85
CA GLY W 60 3.58 25.54 -6.07
C GLY W 60 4.62 24.65 -6.71
N SER W 61 4.22 24.03 -7.82
CA SER W 61 5.12 23.14 -8.54
C SER W 61 4.71 23.09 -10.01
N ILE W 62 5.65 22.70 -10.85
CA ILE W 62 5.45 22.55 -12.28
C ILE W 62 5.99 21.20 -12.71
N THR W 63 5.22 20.47 -13.51
CA THR W 63 5.65 19.19 -14.06
C THR W 63 5.57 19.25 -15.57
N LEU W 64 6.59 18.71 -16.24
CA LEU W 64 6.69 18.84 -17.68
C LEU W 64 7.56 17.71 -18.24
N TYR W 65 7.25 17.31 -19.47
CA TYR W 65 8.03 16.27 -20.13
C TYR W 65 9.40 16.79 -20.53
N HIS W 66 10.36 15.88 -20.63
CA HIS W 66 11.74 16.25 -20.93
C HIS W 66 11.96 16.35 -22.44
N VAL W 67 11.17 17.23 -23.07
CA VAL W 67 11.29 17.44 -24.51
C VAL W 67 12.59 18.17 -24.83
N SER W 68 12.91 19.21 -24.07
CA SER W 68 14.08 20.03 -24.34
C SER W 68 14.66 20.53 -23.03
N SER W 69 15.90 20.97 -23.09
CA SER W 69 16.61 21.48 -21.90
C SER W 69 16.28 22.95 -21.66
N ARG W 70 14.99 23.19 -21.39
CA ARG W 70 14.53 24.56 -21.17
C ARG W 70 14.96 25.08 -19.80
N MET W 71 14.84 24.25 -18.77
CA MET W 71 15.03 24.73 -17.40
C MET W 71 16.48 25.12 -17.12
N HIS W 72 17.43 24.46 -17.79
CA HIS W 72 18.84 24.78 -17.57
C HIS W 72 19.15 26.21 -18.00
N LYS W 73 18.77 26.56 -19.23
CA LYS W 73 19.14 27.86 -19.79
C LYS W 73 18.66 29.02 -18.94
N LEU W 74 17.60 28.83 -18.15
CA LEU W 74 17.06 29.94 -17.37
C LEU W 74 17.99 30.31 -16.21
N ILE W 75 18.43 29.33 -15.42
CA ILE W 75 19.02 29.66 -14.12
C ILE W 75 20.35 28.95 -13.86
N GLY W 76 20.79 28.07 -14.75
CA GLY W 76 21.94 27.24 -14.44
C GLY W 76 23.19 28.05 -14.12
N GLU W 77 23.51 29.02 -14.98
CA GLU W 77 24.71 29.82 -14.75
C GLU W 77 24.50 30.86 -13.66
N LYS W 78 23.31 31.45 -13.60
CA LYS W 78 23.05 32.51 -12.63
C LYS W 78 23.09 31.98 -11.20
N ILE W 79 22.71 30.72 -10.98
CA ILE W 79 22.83 30.15 -9.64
C ILE W 79 24.28 30.08 -9.20
N LYS W 80 25.16 29.64 -10.11
CA LYS W 80 26.59 29.63 -9.79
C LYS W 80 27.11 31.04 -9.55
N ARG W 81 26.66 31.99 -10.37
CA ARG W 81 27.17 33.36 -10.26
C ARG W 81 26.74 34.02 -8.95
N GLY W 82 25.63 33.58 -8.38
CA GLY W 82 25.13 34.17 -7.16
C GLY W 82 23.97 35.14 -7.33
N SER W 83 23.45 35.31 -8.54
CA SER W 83 22.31 36.17 -8.81
C SER W 83 21.09 35.30 -9.03
N GLU W 84 20.06 35.51 -8.21
CA GLU W 84 18.86 34.68 -8.27
C GLU W 84 17.83 35.32 -9.19
N PRO W 85 17.41 34.65 -10.25
CA PRO W 85 16.40 35.23 -11.14
C PRO W 85 15.00 35.11 -10.57
N ARG W 86 14.10 35.93 -11.11
CA ARG W 86 12.69 35.91 -10.76
C ARG W 86 11.87 35.87 -12.03
N PHE W 87 10.76 35.15 -12.00
CA PHE W 87 9.96 34.90 -13.19
C PHE W 87 8.50 35.18 -12.92
N VAL W 88 7.74 35.35 -14.00
CA VAL W 88 6.30 35.58 -13.96
C VAL W 88 5.63 34.52 -14.82
N ALA W 89 4.61 33.88 -14.29
CA ALA W 89 3.90 32.81 -14.97
C ALA W 89 2.42 33.12 -15.09
N ILE W 90 1.82 32.71 -16.20
CA ILE W 90 0.41 32.94 -16.47
C ILE W 90 -0.24 31.62 -16.86
N SER W 91 -1.32 31.26 -16.17
CA SER W 91 -2.03 30.02 -16.43
C SER W 91 -3.46 30.34 -16.81
N LYS W 92 -3.91 29.78 -17.94
CA LYS W 92 -5.25 30.02 -18.46
C LYS W 92 -5.94 28.68 -18.67
N LEU W 93 -7.11 28.53 -18.05
CA LEU W 93 -7.89 27.29 -18.13
C LEU W 93 -9.18 27.59 -18.87
N ASN W 94 -9.37 26.93 -20.01
CA ASN W 94 -10.47 27.25 -20.93
C ASN W 94 -11.14 25.96 -21.39
N ASP W 95 -12.22 25.58 -20.72
CA ASP W 95 -12.97 24.39 -21.10
C ASP W 95 -14.22 24.81 -21.85
N PRO W 96 -14.43 24.34 -23.09
CA PRO W 96 -15.59 24.81 -23.86
C PRO W 96 -16.93 24.59 -23.18
N ASP W 97 -17.10 23.50 -22.44
CA ASP W 97 -18.37 23.28 -21.76
C ASP W 97 -18.53 24.17 -20.53
N SER W 98 -17.43 24.62 -19.95
CA SER W 98 -17.50 25.44 -18.75
C SER W 98 -18.10 26.81 -19.07
N TYR W 99 -18.43 27.55 -18.02
CA TYR W 99 -19.02 28.88 -18.21
C TYR W 99 -18.07 29.81 -18.94
N GLY W 100 -16.79 29.80 -18.56
CA GLY W 100 -15.83 30.68 -19.19
C GLY W 100 -14.43 30.34 -18.73
N ALA W 101 -13.46 30.98 -19.38
CA ALA W 101 -12.07 30.76 -19.05
C ALA W 101 -11.66 31.64 -17.88
N GLU W 102 -10.64 31.21 -17.15
CA GLU W 102 -10.05 31.97 -16.06
C GLU W 102 -8.54 32.02 -16.26
N ARG W 103 -7.94 33.15 -15.89
CA ARG W 103 -6.53 33.40 -16.17
C ARG W 103 -5.92 34.10 -14.96
N ILE W 104 -4.99 33.43 -14.28
CA ILE W 104 -4.36 33.98 -13.08
C ILE W 104 -2.87 34.12 -13.33
N ALA W 105 -2.34 35.29 -13.00
CA ALA W 105 -0.92 35.58 -13.18
C ALA W 105 -0.20 35.51 -11.84
N VAL W 106 0.86 34.72 -11.79
CA VAL W 106 1.64 34.53 -10.58
C VAL W 106 3.00 35.20 -10.79
N LYS W 107 3.36 36.09 -9.88
CA LYS W 107 4.53 36.93 -10.03
C LYS W 107 5.57 36.61 -8.95
N ASN W 108 6.81 37.01 -9.25
CA ASN W 108 7.94 36.86 -8.32
C ASN W 108 8.13 35.39 -7.92
N ILE W 109 8.47 34.58 -8.92
CA ILE W 109 8.65 33.15 -8.72
C ILE W 109 10.13 32.84 -8.50
N ALA W 110 10.42 32.06 -7.47
CA ALA W 110 11.77 31.60 -7.19
C ALA W 110 11.75 30.09 -7.09
N PHE W 111 12.61 29.43 -7.86
CA PHE W 111 12.60 27.98 -7.93
C PHE W 111 13.40 27.37 -6.78
N ASP W 112 13.01 26.14 -6.41
CA ASP W 112 13.62 25.46 -5.28
C ASP W 112 14.81 24.60 -5.67
N ASP W 113 14.82 24.01 -6.86
CA ASP W 113 15.88 23.09 -7.23
C ASP W 113 15.97 22.97 -8.74
N LEU W 114 17.11 22.46 -9.20
CA LEU W 114 17.36 22.26 -10.62
C LEU W 114 17.81 20.82 -10.85
N THR W 115 17.21 20.16 -11.83
CA THR W 115 17.48 18.76 -12.12
C THR W 115 18.37 18.68 -13.36
N LEU W 116 19.65 18.38 -13.16
CA LEU W 116 20.58 18.30 -14.27
C LEU W 116 20.26 17.12 -15.19
N ALA W 117 20.08 15.94 -14.60
CA ALA W 117 19.81 14.75 -15.41
C ALA W 117 19.04 13.74 -14.56
N ASP W 118 17.99 13.18 -15.15
CA ASP W 118 17.16 12.18 -14.47
C ASP W 118 16.60 11.24 -15.55
N TRP W 119 17.27 10.12 -15.75
CA TRP W 119 16.86 9.16 -16.77
C TRP W 119 17.08 7.74 -16.29
N GLU W 120 16.13 6.87 -16.63
CA GLU W 120 16.19 5.45 -16.31
C GLU W 120 15.75 4.65 -17.52
N VAL W 121 16.36 3.48 -17.70
CA VAL W 121 16.08 2.67 -18.88
C VAL W 121 14.61 2.25 -18.88
N GLY W 122 14.00 2.29 -20.07
CA GLY W 122 12.62 1.91 -20.21
C GLY W 122 11.61 2.84 -19.58
N VAL W 123 12.01 4.07 -19.24
CA VAL W 123 11.15 5.02 -18.57
C VAL W 123 11.24 6.37 -19.30
N LYS W 124 10.09 6.92 -19.65
CA LYS W 124 10.07 8.23 -20.30
C LYS W 124 10.53 9.31 -19.32
N GLY W 125 11.17 10.34 -19.84
CA GLY W 125 11.72 11.39 -19.00
C GLY W 125 10.66 12.38 -18.57
N GLU W 126 10.80 12.87 -17.34
CA GLU W 126 9.93 13.90 -16.80
C GLU W 126 10.72 14.78 -15.86
N ILE W 127 10.29 16.03 -15.73
CA ILE W 127 10.94 17.00 -14.86
C ILE W 127 9.87 17.66 -14.01
N GLU W 128 10.12 17.76 -12.70
CA GLU W 128 9.23 18.46 -11.78
C GLU W 128 10.06 19.48 -10.99
N ALA W 129 9.52 20.69 -10.86
CA ALA W 129 10.22 21.78 -10.19
C ALA W 129 9.26 22.51 -9.26
N PRO W 130 9.46 22.48 -7.96
CA PRO W 130 8.66 23.29 -7.06
C PRO W 130 9.21 24.69 -6.90
N PHE W 131 8.32 25.62 -6.57
CA PHE W 131 8.69 27.03 -6.50
C PHE W 131 7.87 27.72 -5.42
N THR W 132 8.35 28.89 -5.01
CA THR W 132 7.65 29.74 -4.06
C THR W 132 7.43 31.11 -4.67
N PHE W 133 6.26 31.68 -4.44
CA PHE W 133 5.88 32.96 -5.01
C PHE W 133 5.37 33.87 -3.92
N THR W 134 5.21 35.15 -4.26
CA THR W 134 4.84 36.19 -3.30
C THR W 134 3.61 36.99 -3.70
N GLU W 135 3.45 37.29 -4.99
CA GLU W 135 2.38 38.17 -5.45
C GLU W 135 1.60 37.52 -6.57
N TYR W 136 0.35 37.92 -6.71
CA TYR W 136 -0.51 37.41 -7.78
C TYR W 136 -1.57 38.46 -8.11
N ASP W 137 -2.12 38.35 -9.32
CA ASP W 137 -3.21 39.20 -9.76
C ASP W 137 -4.26 38.36 -10.47
N PHE W 138 -5.48 38.88 -10.50
CA PHE W 138 -6.62 38.18 -11.06
C PHE W 138 -6.96 38.75 -12.44
N LEU W 139 -7.33 37.87 -13.37
CA LEU W 139 -7.70 38.28 -14.71
C LEU W 139 -8.81 37.37 -15.23
N ASP W 140 -9.91 37.97 -15.67
CA ASP W 140 -10.97 37.25 -16.38
C ASP W 140 -11.51 36.08 -15.56
N ILE W 141 -11.65 36.27 -14.25
CA ILE W 141 -12.21 35.23 -13.41
C ILE W 141 -13.72 35.18 -13.61
N ILE W 142 -14.27 33.98 -13.50
CA ILE W 142 -15.70 33.77 -13.72
C ILE W 142 -16.51 34.46 -12.62
N ASN X 3 -17.21 41.73 23.26
CA ASN X 3 -16.43 42.87 22.80
C ASN X 3 -15.03 42.45 22.37
N MET X 4 -14.39 41.61 23.19
CA MET X 4 -13.05 41.13 22.88
C MET X 4 -13.11 40.10 21.76
N GLU X 5 -12.21 40.25 20.79
CA GLU X 5 -12.09 39.30 19.70
C GLU X 5 -10.61 39.06 19.41
N ALA X 6 -10.31 37.89 18.85
CA ALA X 6 -8.92 37.57 18.53
C ALA X 6 -8.37 38.49 17.45
N ARG X 7 -9.22 38.94 16.53
CA ARG X 7 -8.77 39.82 15.47
C ARG X 7 -8.23 41.14 16.00
N ASN X 8 -8.76 41.60 17.15
CA ASN X 8 -8.41 42.90 17.67
C ASN X 8 -6.95 43.00 18.14
N VAL X 9 -6.29 41.86 18.35
CA VAL X 9 -4.92 41.88 18.83
C VAL X 9 -4.00 42.41 17.74
N MET X 10 -3.16 43.38 18.10
CA MET X 10 -2.26 44.00 17.13
C MET X 10 -1.17 43.02 16.72
N SER X 11 -0.67 43.20 15.50
CA SER X 11 0.40 42.39 14.95
C SER X 11 1.63 43.26 14.70
N GLY X 12 2.81 42.70 14.99
CA GLY X 12 4.04 43.45 14.81
C GLY X 12 4.48 43.63 13.38
N THR X 13 3.87 42.90 12.45
CA THR X 13 4.24 43.04 11.04
C THR X 13 3.95 44.45 10.53
N TRP X 14 2.86 45.05 10.99
CA TRP X 14 2.42 46.35 10.50
C TRP X 14 3.20 47.52 11.08
N GLY X 15 4.06 47.28 12.07
CA GLY X 15 4.81 48.37 12.67
C GLY X 15 5.80 48.99 11.71
N GLU X 16 6.04 50.29 11.88
CA GLU X 16 7.02 51.00 11.08
C GLU X 16 7.74 52.00 11.97
N LEU X 17 8.97 52.33 11.57
CA LEU X 17 9.87 53.13 12.40
C LEU X 17 10.44 54.30 11.61
N TRP X 18 10.47 55.47 12.24
CA TRP X 18 11.14 56.65 11.70
C TRP X 18 12.28 57.01 12.63
N LEU X 19 13.49 57.07 12.07
CA LEU X 19 14.69 57.40 12.84
C LEU X 19 15.31 58.65 12.27
N ASP X 20 15.49 59.67 13.11
CA ASP X 20 16.11 60.94 12.73
C ASP X 20 15.37 61.58 11.57
N GLY X 21 14.06 61.39 11.49
CA GLY X 21 13.27 61.95 10.42
C GLY X 21 13.34 61.19 9.12
N ASN X 22 14.08 60.10 9.06
CA ASN X 22 14.23 59.30 7.85
C ASN X 22 13.58 57.94 8.07
N LYS X 23 12.69 57.56 7.16
CA LYS X 23 11.99 56.29 7.29
C LYS X 23 12.96 55.12 7.13
N VAL X 24 12.81 54.12 7.98
CA VAL X 24 13.66 52.94 7.98
C VAL X 24 12.76 51.75 7.67
N ALA X 25 12.80 51.28 6.42
CA ALA X 25 12.01 50.13 6.02
C ALA X 25 12.66 48.80 6.40
N GLU X 26 13.93 48.82 6.79
CA GLU X 26 14.67 47.60 7.12
C GLU X 26 14.60 47.28 8.61
N VAL X 27 13.40 47.28 9.18
CA VAL X 27 13.23 47.13 10.62
C VAL X 27 12.71 45.73 10.93
N LYS X 28 13.27 45.12 11.97
CA LYS X 28 12.86 43.80 12.42
C LYS X 28 12.06 43.85 13.72
N LYS X 29 12.56 44.54 14.74
CA LYS X 29 11.83 44.70 15.98
C LYS X 29 12.27 45.98 16.67
N PHE X 30 11.32 46.61 17.36
CA PHE X 30 11.56 47.83 18.11
C PHE X 30 10.96 47.69 19.50
N GLN X 31 11.68 48.18 20.51
CA GLN X 31 11.23 48.04 21.88
C GLN X 31 11.76 49.20 22.71
N ALA X 32 10.91 49.72 23.58
CA ALA X 32 11.30 50.76 24.52
C ALA X 32 10.55 50.56 25.82
N LYS X 33 11.26 50.69 26.95
CA LYS X 33 10.69 50.42 28.25
C LYS X 33 11.23 51.41 29.26
N MET X 34 10.48 51.61 30.33
CA MET X 34 10.82 52.52 31.42
C MET X 34 10.94 51.71 32.71
N GLU X 35 12.07 51.86 33.40
CA GLU X 35 12.32 51.14 34.65
C GLU X 35 12.33 52.14 35.79
N PHE X 36 11.35 52.03 36.67
CA PHE X 36 11.26 52.95 37.80
C PHE X 36 12.23 52.54 38.90
N THR X 37 12.46 53.45 39.83
CA THR X 37 13.34 53.24 40.97
C THR X 37 12.51 53.31 42.24
N LYS X 38 12.65 52.30 43.11
CA LYS X 38 11.91 52.25 44.35
C LYS X 38 12.86 51.95 45.50
N GLU X 39 12.55 52.51 46.67
CA GLU X 39 13.29 52.25 47.89
C GLU X 39 12.36 51.66 48.94
N ASP X 40 12.83 50.62 49.63
CA ASP X 40 12.03 50.00 50.67
C ASP X 40 11.93 50.91 51.88
N ILE X 41 10.71 51.07 52.40
CA ILE X 41 10.47 51.82 53.62
C ILE X 41 9.71 50.91 54.58
N ILE X 42 10.25 50.76 55.79
CA ILE X 42 9.61 49.99 56.85
C ILE X 42 9.04 50.98 57.85
N ILE X 43 7.72 50.93 58.04
CA ILE X 43 7.02 51.85 58.93
C ILE X 43 6.63 51.10 60.18
N ALA X 44 7.03 51.61 61.34
CA ALA X 44 6.76 50.95 62.60
C ALA X 44 5.25 50.87 62.83
N GLY X 45 4.80 49.70 63.28
CA GLY X 45 3.41 49.47 63.59
C GLY X 45 2.64 48.67 62.56
N GLN X 46 3.21 48.45 61.38
CA GLN X 46 2.54 47.67 60.35
C GLN X 46 3.50 46.62 59.80
N MET X 47 2.95 45.45 59.45
CA MET X 47 3.78 44.36 58.96
C MET X 47 4.26 44.61 57.54
N GLY X 48 3.40 45.19 56.70
CA GLY X 48 3.73 45.34 55.30
C GLY X 48 4.88 46.32 55.07
N THR X 49 5.48 46.20 53.89
CA THR X 49 6.58 47.05 53.48
C THR X 49 6.15 47.89 52.28
N ASP X 50 6.34 49.20 52.37
CA ASP X 50 5.93 50.12 51.33
C ASP X 50 7.16 50.75 50.67
N THR X 51 7.06 51.00 49.37
CA THR X 51 8.16 51.54 48.60
C THR X 51 7.95 53.02 48.32
N LYS X 52 9.03 53.68 47.90
CA LYS X 52 9.03 55.11 47.58
C LYS X 52 9.62 55.31 46.19
N TYR X 53 8.91 56.07 45.36
CA TYR X 53 9.31 56.30 43.98
C TYR X 53 10.19 57.55 43.91
N MET X 54 11.34 57.41 43.23
CA MET X 54 12.27 58.53 43.15
C MET X 54 12.67 58.87 41.72
N GLY X 55 12.77 57.87 40.85
CA GLY X 55 13.22 58.15 39.51
C GLY X 55 12.96 56.98 38.58
N TYR X 56 13.36 57.16 37.32
CA TYR X 56 13.15 56.16 36.29
C TYR X 56 14.29 56.20 35.29
N LYS X 57 14.41 55.14 34.51
CA LYS X 57 15.40 55.00 33.46
C LYS X 57 14.74 54.70 32.14
N GLY X 58 15.48 54.91 31.06
CA GLY X 58 15.01 54.57 29.73
C GLY X 58 15.87 53.52 29.06
N LYS X 59 15.24 52.47 28.54
CA LYS X 59 15.96 51.39 27.89
C LYS X 59 15.21 50.96 26.63
N GLY X 60 15.97 50.46 25.66
CA GLY X 60 15.37 50.00 24.42
C GLY X 60 16.42 49.42 23.52
N SER X 61 15.96 48.85 22.41
CA SER X 61 16.85 48.26 21.43
C SER X 61 16.20 48.30 20.05
N ILE X 62 17.04 48.32 19.02
CA ILE X 62 16.60 48.30 17.64
C ILE X 62 17.35 47.19 16.91
N THR X 63 16.62 46.32 16.23
CA THR X 63 17.21 45.26 15.43
C THR X 63 16.78 45.42 13.98
N LEU X 64 17.75 45.42 13.08
CA LEU X 64 17.49 45.71 11.67
C LEU X 64 18.33 44.79 10.78
N TYR X 65 17.77 44.45 9.63
CA TYR X 65 18.52 43.66 8.66
C TYR X 65 19.69 44.47 8.12
N HIS X 66 20.83 43.81 7.93
CA HIS X 66 22.04 44.48 7.48
C HIS X 66 22.00 44.64 5.96
N VAL X 67 21.32 45.70 5.53
CA VAL X 67 21.22 46.03 4.11
C VAL X 67 22.16 47.16 3.74
N SER X 68 22.23 48.21 4.56
CA SER X 68 23.10 49.35 4.30
C SER X 68 23.83 49.73 5.57
N SER X 69 24.93 50.46 5.40
CA SER X 69 25.78 50.87 6.52
C SER X 69 25.32 52.22 7.08
N ARG X 70 24.04 52.26 7.46
CA ARG X 70 23.46 53.49 7.98
C ARG X 70 23.97 53.82 9.37
N MET X 71 24.04 52.81 10.25
CA MET X 71 24.46 53.06 11.62
C MET X 71 25.88 53.60 11.70
N HIS X 72 26.75 53.17 10.79
CA HIS X 72 28.09 53.76 10.73
C HIS X 72 28.02 55.22 10.34
N LYS X 73 27.29 55.53 9.26
CA LYS X 73 27.18 56.91 8.81
C LYS X 73 26.61 57.82 9.89
N LEU X 74 25.82 57.25 10.81
CA LEU X 74 25.21 58.07 11.85
C LEU X 74 26.25 58.62 12.82
N ILE X 75 27.12 57.78 13.37
CA ILE X 75 27.88 58.13 14.56
C ILE X 75 29.37 57.80 14.47
N GLY X 76 29.85 57.20 13.38
CA GLY X 76 31.20 56.67 13.39
C GLY X 76 32.26 57.73 13.63
N GLU X 77 32.16 58.86 12.91
CA GLU X 77 33.16 59.91 13.08
C GLU X 77 32.99 60.63 14.41
N LYS X 78 31.74 60.89 14.80
CA LYS X 78 31.49 61.67 16.02
C LYS X 78 31.93 60.91 17.26
N ILE X 79 31.94 59.58 17.23
CA ILE X 79 32.49 58.84 18.36
C ILE X 79 33.98 59.13 18.53
N LYS X 80 34.72 59.09 17.43
CA LYS X 80 36.16 59.38 17.52
C LYS X 80 36.41 60.82 17.94
N ARG X 81 35.67 61.78 17.38
CA ARG X 81 35.92 63.17 17.71
C ARG X 81 35.67 63.46 19.19
N GLY X 82 34.60 62.90 19.75
CA GLY X 82 34.34 63.08 21.17
C GLY X 82 33.03 63.79 21.46
N SER X 83 32.20 63.97 20.44
CA SER X 83 30.89 64.57 20.59
C SER X 83 29.83 63.49 20.39
N GLU X 84 28.98 63.32 21.40
CA GLU X 84 27.97 62.26 21.37
C GLU X 84 26.67 62.84 20.81
N PRO X 85 26.23 62.41 19.64
CA PRO X 85 24.97 62.94 19.09
C PRO X 85 23.76 62.25 19.68
N ARG X 86 22.61 62.88 19.47
CA ARG X 86 21.33 62.35 19.93
C ARG X 86 20.37 62.29 18.75
N PHE X 87 19.35 61.45 18.87
CA PHE X 87 18.39 61.23 17.80
C PHE X 87 17.00 61.11 18.38
N VAL X 88 16.00 61.24 17.49
CA VAL X 88 14.60 61.12 17.85
C VAL X 88 13.97 60.06 16.96
N ALA X 89 13.29 59.10 17.57
CA ALA X 89 12.67 58.00 16.86
C ALA X 89 11.16 58.04 17.06
N ILE X 90 10.42 57.82 15.97
CA ILE X 90 8.96 57.78 15.99
C ILE X 90 8.51 56.41 15.51
N SER X 91 7.74 55.72 16.35
CA SER X 91 7.24 54.39 16.03
C SER X 91 5.73 54.48 15.83
N LYS X 92 5.28 54.08 14.65
CA LYS X 92 3.85 54.08 14.31
C LYS X 92 3.43 52.63 14.08
N LEU X 93 2.39 52.20 14.79
CA LEU X 93 1.86 50.85 14.69
C LEU X 93 0.40 50.94 14.32
N ASN X 94 0.06 50.57 13.09
CA ASN X 94 -1.30 50.67 12.58
C ASN X 94 -1.73 49.32 12.04
N ASP X 95 -2.68 48.68 12.71
CA ASP X 95 -3.19 47.39 12.30
C ASP X 95 -4.59 47.55 11.74
N PRO X 96 -4.82 47.16 10.47
CA PRO X 96 -6.17 47.31 9.90
C PRO X 96 -7.24 46.57 10.66
N ASP X 97 -6.92 45.42 11.25
CA ASP X 97 -7.94 44.63 11.93
C ASP X 97 -8.36 45.28 13.25
N SER X 98 -7.39 45.77 14.01
CA SER X 98 -7.71 46.40 15.30
C SER X 98 -8.31 47.79 15.08
N TYR X 99 -8.82 48.37 16.16
CA TYR X 99 -9.38 49.72 16.13
C TYR X 99 -8.32 50.71 16.61
N GLY X 100 -8.12 51.76 15.82
CA GLY X 100 -7.18 52.80 16.19
C GLY X 100 -5.73 52.38 16.06
N ALA X 101 -4.84 53.37 15.99
CA ALA X 101 -3.41 53.13 15.92
C ALA X 101 -2.70 54.05 16.90
N GLU X 102 -1.57 53.58 17.42
CA GLU X 102 -0.79 54.34 18.39
C GLU X 102 0.56 54.72 17.80
N ARG X 103 0.94 55.98 17.97
CA ARG X 103 2.22 56.49 17.52
C ARG X 103 2.91 57.18 18.69
N ILE X 104 4.17 56.85 18.93
CA ILE X 104 4.93 57.39 20.04
C ILE X 104 6.26 57.91 19.52
N ALA X 105 6.64 59.10 19.98
CA ALA X 105 7.92 59.71 19.65
C ALA X 105 8.84 59.60 20.85
N VAL X 106 10.04 59.07 20.63
CA VAL X 106 11.05 58.90 21.67
C VAL X 106 12.19 59.87 21.38
N LYS X 107 12.57 60.65 22.39
CA LYS X 107 13.54 61.72 22.22
C LYS X 107 14.75 61.49 23.10
N ASN X 108 15.85 62.16 22.74
CA ASN X 108 17.12 62.09 23.47
C ASN X 108 17.63 60.64 23.55
N ILE X 109 17.93 60.09 22.39
CA ILE X 109 18.38 58.71 22.26
C ILE X 109 19.89 58.68 22.09
N ALA X 110 20.55 57.82 22.85
CA ALA X 110 21.99 57.62 22.75
C ALA X 110 22.26 56.12 22.67
N PHE X 111 23.13 55.73 21.74
CA PHE X 111 23.37 54.31 21.47
C PHE X 111 24.46 53.77 22.37
N ASP X 112 24.35 52.48 22.70
CA ASP X 112 25.26 51.82 23.62
C ASP X 112 26.45 51.19 22.93
N ASP X 113 26.32 50.83 21.65
CA ASP X 113 27.40 50.15 20.94
C ASP X 113 27.31 50.45 19.46
N LEU X 114 28.41 50.19 18.76
CA LEU X 114 28.48 50.33 17.30
C LEU X 114 29.15 49.08 16.73
N THR X 115 28.54 48.51 15.70
CA THR X 115 29.02 47.27 15.09
C THR X 115 29.67 47.60 13.76
N LEU X 116 31.00 47.54 13.72
CA LEU X 116 31.72 47.80 12.48
C LEU X 116 31.47 46.70 11.46
N ALA X 117 31.65 45.44 11.86
CA ALA X 117 31.49 44.32 10.94
C ALA X 117 31.21 43.06 11.73
N ASP X 118 30.28 42.24 11.23
CA ASP X 118 29.97 40.96 11.85
C ASP X 118 29.32 40.09 10.79
N TRP X 119 29.99 39.03 10.37
CA TRP X 119 29.49 38.17 9.31
C TRP X 119 29.97 36.75 9.53
N GLU X 120 29.11 35.79 9.23
CA GLU X 120 29.43 34.38 9.33
C GLU X 120 28.96 33.67 8.07
N VAL X 121 29.76 32.69 7.61
CA VAL X 121 29.41 31.98 6.39
C VAL X 121 28.13 31.19 6.61
N GLY X 122 27.20 31.29 5.67
CA GLY X 122 25.94 30.60 5.76
C GLY X 122 24.91 31.26 6.64
N VAL X 123 25.16 32.48 7.11
CA VAL X 123 24.25 33.19 8.01
C VAL X 123 23.97 34.56 7.42
N LYS X 124 22.69 34.94 7.37
CA LYS X 124 22.33 36.29 6.95
C LYS X 124 22.63 37.28 8.07
N GLY X 125 22.98 38.51 7.67
CA GLY X 125 23.42 39.49 8.62
C GLY X 125 22.27 40.17 9.35
N GLU X 126 22.53 40.52 10.61
CA GLU X 126 21.59 41.27 11.43
C GLU X 126 22.37 42.20 12.34
N ILE X 127 21.75 43.32 12.69
CA ILE X 127 22.35 44.30 13.59
C ILE X 127 21.34 44.63 14.69
N GLU X 128 21.79 44.58 15.94
CA GLU X 128 20.99 45.01 17.08
C GLU X 128 21.77 46.04 17.87
N ALA X 129 21.13 47.16 18.19
CA ALA X 129 21.78 48.27 18.88
C ALA X 129 20.93 48.74 20.05
N PRO X 130 21.36 48.50 21.28
CA PRO X 130 20.63 49.05 22.43
C PRO X 130 20.82 50.55 22.55
N PHE X 131 19.92 51.18 23.31
CA PHE X 131 19.97 52.62 23.48
C PHE X 131 19.30 52.99 24.79
N THR X 132 19.54 54.22 25.23
CA THR X 132 18.90 54.79 26.41
C THR X 132 18.24 56.10 26.03
N PHE X 133 17.09 56.38 26.63
CA PHE X 133 16.32 57.58 26.32
C PHE X 133 15.84 58.22 27.61
N THR X 134 15.50 59.51 27.52
CA THR X 134 15.09 60.30 28.66
C THR X 134 13.62 60.67 28.66
N GLU X 135 13.11 61.21 27.55
CA GLU X 135 11.75 61.72 27.49
C GLU X 135 10.99 61.11 26.33
N TYR X 136 9.67 61.07 26.47
CA TYR X 136 8.78 60.52 25.47
C TYR X 136 7.58 61.44 25.29
N ASP X 137 6.85 61.23 24.19
CA ASP X 137 5.63 61.98 23.91
C ASP X 137 4.63 61.07 23.22
N PHE X 138 3.35 61.37 23.43
CA PHE X 138 2.25 60.59 22.87
C PHE X 138 1.64 61.37 21.71
N LEU X 139 1.60 60.74 20.54
CA LEU X 139 1.02 61.34 19.34
C LEU X 139 -0.06 60.40 18.82
N ASP X 140 -1.33 60.77 19.05
CA ASP X 140 -2.47 60.04 18.51
C ASP X 140 -2.48 58.58 18.96
N ILE X 141 -2.62 58.39 20.28
CA ILE X 141 -2.76 57.06 20.86
C ILE X 141 -4.23 56.65 20.75
N ILE X 142 -4.51 55.39 21.04
CA ILE X 142 -5.89 54.89 21.01
C ILE X 142 -6.77 55.64 21.99
N ALA Y 2 63.78 2.78 -42.65
CA ALA Y 2 64.06 1.68 -41.74
C ALA Y 2 64.74 2.19 -40.47
N ILE Y 3 65.86 1.55 -40.12
CA ILE Y 3 66.57 1.90 -38.90
C ILE Y 3 67.39 3.17 -39.13
N GLY Y 4 67.43 4.02 -38.10
CA GLY Y 4 68.27 5.19 -38.11
C GLY Y 4 68.98 5.35 -36.77
N LEU Y 5 69.99 6.20 -36.76
CA LEU Y 5 70.78 6.39 -35.55
C LEU Y 5 69.91 6.98 -34.45
N PRO Y 6 70.21 6.68 -33.18
CA PRO Y 6 69.39 7.25 -32.11
C PRO Y 6 69.44 8.76 -32.17
N SER Y 7 68.31 9.35 -32.51
CA SER Y 7 68.23 10.77 -32.81
C SER Y 7 67.30 11.44 -31.82
N ILE Y 8 67.81 12.43 -31.11
CA ILE Y 8 67.02 13.25 -30.20
C ILE Y 8 67.13 14.69 -30.68
N ASN Y 9 65.98 15.33 -30.88
CA ASN Y 9 65.95 16.68 -31.41
C ASN Y 9 64.96 17.51 -30.60
N ILE Y 10 65.26 18.79 -30.50
CA ILE Y 10 64.42 19.74 -29.77
C ILE Y 10 63.89 20.75 -30.78
N SER Y 11 62.57 20.92 -30.80
CA SER Y 11 61.92 21.79 -31.76
C SER Y 11 61.55 23.11 -31.07
N PHE Y 12 61.99 24.20 -31.67
CA PHE Y 12 61.69 25.54 -31.17
C PHE Y 12 60.61 26.15 -32.06
N LYS Y 13 59.42 26.31 -31.50
CA LYS Y 13 58.27 26.85 -32.21
C LYS Y 13 57.60 27.91 -31.38
N GLU Y 14 57.23 29.02 -32.01
CA GLU Y 14 56.52 30.10 -31.36
C GLU Y 14 55.12 30.17 -31.93
N LEU Y 15 54.11 30.10 -31.05
CA LEU Y 15 52.73 30.18 -31.48
C LEU Y 15 52.42 31.59 -31.99
N ALA Y 16 51.73 31.65 -33.12
CA ALA Y 16 51.32 32.91 -33.72
C ALA Y 16 49.80 32.93 -33.88
N THR Y 17 49.24 34.14 -33.86
CA THR Y 17 47.81 34.30 -34.04
C THR Y 17 47.40 33.83 -35.44
N THR Y 18 46.66 32.73 -35.51
CA THR Y 18 46.28 32.12 -36.77
C THR Y 18 44.80 32.39 -37.03
N VAL Y 19 44.53 33.23 -38.04
CA VAL Y 19 43.18 33.50 -38.49
C VAL Y 19 43.14 33.29 -39.99
N LYS Y 20 42.20 32.46 -40.45
CA LYS Y 20 42.08 32.22 -41.88
C LYS Y 20 41.77 33.51 -42.61
N GLU Y 21 42.55 33.80 -43.64
CA GLU Y 21 42.48 35.08 -44.34
C GLU Y 21 41.67 34.92 -45.62
N ARG Y 22 40.54 35.62 -45.69
CA ARG Y 22 39.64 35.58 -46.83
C ARG Y 22 39.95 36.75 -47.76
N SER Y 23 39.05 36.98 -48.72
CA SER Y 23 39.26 38.04 -49.71
C SER Y 23 39.47 39.39 -49.03
N ALA Y 24 40.44 40.15 -49.54
CA ALA Y 24 40.79 41.43 -48.96
C ALA Y 24 39.84 42.51 -49.46
N ARG Y 25 39.33 43.32 -48.53
CA ARG Y 25 38.40 44.39 -48.82
C ARG Y 25 39.10 45.74 -48.68
N GLY Y 26 38.47 46.75 -49.28
CA GLY Y 26 39.03 48.10 -49.25
C GLY Y 26 40.04 48.39 -50.33
N ILE Y 27 40.28 47.46 -51.25
CA ILE Y 27 41.23 47.68 -52.33
C ILE Y 27 40.61 48.59 -53.38
N ILE Y 28 41.44 49.45 -53.97
CA ILE Y 28 41.00 50.38 -55.01
C ILE Y 28 41.86 50.16 -56.24
N ALA Y 29 41.21 49.87 -57.37
CA ALA Y 29 41.89 49.78 -58.66
C ALA Y 29 41.70 51.11 -59.38
N MET Y 30 42.77 51.89 -59.48
CA MET Y 30 42.73 53.19 -60.13
C MET Y 30 43.39 53.07 -61.49
N VAL Y 31 42.68 53.50 -62.52
CA VAL Y 31 43.17 53.44 -63.89
C VAL Y 31 43.15 54.84 -64.47
N LEU Y 32 44.20 55.17 -65.23
CA LEU Y 32 44.35 56.50 -65.79
C LEU Y 32 45.32 56.41 -66.96
N LYS Y 33 45.33 57.45 -67.79
CA LYS Y 33 46.15 57.49 -68.99
C LYS Y 33 47.23 58.56 -68.86
N ASP Y 34 48.45 58.20 -69.24
CA ASP Y 34 49.59 59.12 -69.21
C ASP Y 34 50.68 58.56 -70.13
N ALA Y 35 51.64 59.41 -70.45
CA ALA Y 35 52.78 59.02 -71.25
C ALA Y 35 53.99 58.60 -70.42
N LYS Y 36 53.92 58.74 -69.10
CA LYS Y 36 55.03 58.40 -68.22
C LYS Y 36 54.65 57.29 -67.25
N ALA Y 37 55.62 56.48 -66.88
CA ALA Y 37 55.45 55.37 -65.94
C ALA Y 37 54.33 54.44 -66.40
N LEU Y 38 54.50 53.91 -67.61
CA LEU Y 38 53.49 53.05 -68.21
C LEU Y 38 53.33 51.77 -67.41
N GLY Y 39 52.12 51.22 -67.43
CA GLY Y 39 51.79 50.04 -66.67
C GLY Y 39 51.26 50.37 -65.28
N LEU Y 40 51.00 49.33 -64.53
CA LEU Y 40 50.54 49.50 -63.15
C LEU Y 40 51.63 50.14 -62.31
N ASN Y 41 51.20 50.94 -61.33
CA ASN Y 41 52.12 51.68 -60.48
C ASN Y 41 52.24 51.11 -59.07
N GLU Y 42 51.38 50.16 -58.71
CA GLU Y 42 51.42 49.43 -57.44
C GLU Y 42 51.77 50.34 -56.25
N ILE Y 43 50.95 51.37 -56.07
CA ILE Y 43 51.18 52.32 -54.99
C ILE Y 43 50.59 51.75 -53.69
N HIS Y 44 51.39 50.98 -52.97
CA HIS Y 44 50.91 50.35 -51.75
C HIS Y 44 50.77 51.35 -50.61
N GLU Y 45 51.61 52.39 -50.59
CA GLU Y 45 51.61 53.38 -49.53
C GLU Y 45 51.20 54.72 -50.09
N LYS Y 46 50.48 55.50 -49.27
CA LYS Y 46 49.95 56.78 -49.72
C LYS Y 46 51.06 57.78 -50.03
N GLU Y 47 52.11 57.82 -49.20
CA GLU Y 47 53.09 58.89 -49.31
C GLU Y 47 53.89 58.80 -50.61
N ASP Y 48 54.35 57.60 -50.97
CA ASP Y 48 55.28 57.44 -52.08
C ASP Y 48 54.53 57.47 -53.42
N ILE Y 49 54.89 58.41 -54.28
CA ILE Y 49 54.29 58.55 -55.61
C ILE Y 49 55.39 58.70 -56.64
N PRO Y 50 55.30 58.05 -57.79
CA PRO Y 50 56.27 58.30 -58.87
C PRO Y 50 56.25 59.77 -59.30
N VAL Y 51 57.44 60.30 -59.57
CA VAL Y 51 57.56 61.74 -59.81
C VAL Y 51 57.19 62.10 -61.25
N ASP Y 52 57.42 61.21 -62.21
CA ASP Y 52 57.15 61.52 -63.61
C ASP Y 52 55.68 61.71 -63.92
N LEU Y 53 54.79 61.32 -63.02
CA LEU Y 53 53.36 61.49 -63.25
C LEU Y 53 52.99 62.97 -63.32
N SER Y 54 51.93 63.26 -64.08
CA SER Y 54 51.47 64.62 -64.22
C SER Y 54 50.96 65.18 -62.89
N ALA Y 55 51.12 66.48 -62.72
CA ALA Y 55 50.70 67.12 -61.47
C ALA Y 55 49.20 67.00 -61.27
N GLU Y 56 48.42 67.14 -62.33
CA GLU Y 56 46.97 67.01 -62.24
C GLU Y 56 46.58 65.60 -61.81
N ASN Y 57 47.16 64.59 -62.44
CA ASN Y 57 46.86 63.21 -62.07
C ASN Y 57 47.42 62.87 -60.69
N LYS Y 58 48.55 63.47 -60.32
CA LYS Y 58 49.05 63.31 -58.96
C LYS Y 58 48.08 63.89 -57.94
N GLU Y 59 47.47 65.03 -58.29
CA GLU Y 59 46.47 65.63 -57.41
C GLU Y 59 45.24 64.74 -57.26
N TYR Y 60 44.78 64.16 -58.38
CA TYR Y 60 43.67 63.22 -58.32
C TYR Y 60 44.02 62.01 -57.47
N ILE Y 61 45.26 61.52 -57.60
CA ILE Y 61 45.72 60.44 -56.73
C ILE Y 61 45.66 60.88 -55.27
N ASN Y 62 46.02 62.14 -55.01
CA ASN Y 62 45.97 62.66 -53.64
C ASN Y 62 44.54 62.65 -53.10
N LEU Y 63 43.57 63.05 -53.93
CA LEU Y 63 42.17 62.91 -53.52
C LEU Y 63 41.83 61.46 -53.22
N ALA Y 64 42.32 60.53 -54.05
CA ALA Y 64 42.03 59.11 -53.82
C ALA Y 64 42.64 58.63 -52.51
N LEU Y 65 43.81 59.17 -52.14
CA LEU Y 65 44.57 58.62 -51.02
C LEU Y 65 43.88 58.90 -49.68
N MET Y 66 43.45 60.14 -49.47
CA MET Y 66 42.79 60.49 -48.21
C MET Y 66 41.43 59.80 -48.11
N GLY Y 67 41.09 59.36 -46.91
CA GLY Y 67 39.89 58.58 -46.69
C GLY Y 67 38.99 59.22 -45.64
N ASN Y 68 37.70 58.90 -45.72
CA ASN Y 68 36.72 59.45 -44.78
C ASN Y 68 36.96 58.95 -43.37
N VAL Y 69 37.07 57.63 -43.21
CA VAL Y 69 37.26 57.00 -41.90
C VAL Y 69 38.69 56.51 -41.72
N ASN Y 70 39.19 55.74 -42.69
CA ASN Y 70 40.55 55.24 -42.66
C ASN Y 70 41.14 55.36 -44.06
N THR Y 71 42.46 55.45 -44.11
CA THR Y 71 43.17 55.44 -45.38
C THR Y 71 42.93 54.08 -46.06
N PRO Y 72 42.62 54.06 -47.35
CA PRO Y 72 42.38 52.77 -48.02
C PRO Y 72 43.57 51.83 -47.87
N ASN Y 73 43.26 50.55 -47.63
CA ASN Y 73 44.31 49.59 -47.30
C ASN Y 73 45.29 49.40 -48.45
N LYS Y 74 44.77 49.30 -49.67
CA LYS Y 74 45.63 49.10 -50.83
C LYS Y 74 45.13 49.94 -52.00
N LEU Y 75 46.07 50.50 -52.75
CA LEU Y 75 45.78 51.27 -53.94
C LEU Y 75 46.59 50.72 -55.11
N LEU Y 76 45.93 50.55 -56.25
CA LEU Y 76 46.57 50.07 -57.46
C LEU Y 76 46.27 51.06 -58.58
N VAL Y 77 47.30 51.78 -59.03
CA VAL Y 77 47.16 52.82 -60.04
C VAL Y 77 47.77 52.30 -61.33
N TYR Y 78 47.01 52.38 -62.43
CA TYR Y 78 47.45 51.93 -63.74
C TYR Y 78 47.59 53.11 -64.69
N VAL Y 79 48.66 53.09 -65.49
CA VAL Y 79 48.92 54.11 -66.49
C VAL Y 79 48.90 53.44 -67.86
N ILE Y 80 48.16 54.04 -68.80
CA ILE Y 80 48.01 53.49 -70.14
C ILE Y 80 48.29 54.60 -71.14
N GLU Y 81 48.71 54.21 -72.34
CA GLU Y 81 48.95 55.18 -73.40
C GLU Y 81 47.62 55.80 -73.85
N GLY Y 82 47.70 57.02 -74.39
CA GLY Y 82 46.50 57.74 -74.75
C GLY Y 82 45.63 57.03 -75.77
N GLU Y 83 46.23 56.20 -76.62
CA GLU Y 83 45.48 55.45 -77.62
C GLU Y 83 45.07 54.09 -77.07
N ALA Y 84 43.87 53.65 -77.44
CA ALA Y 84 43.28 52.39 -76.99
C ALA Y 84 43.26 52.33 -75.46
N ASP Y 85 42.51 53.26 -74.89
CA ASP Y 85 42.50 53.44 -73.43
C ASP Y 85 41.77 52.32 -72.69
N ILE Y 86 40.99 51.49 -73.39
CA ILE Y 86 40.02 50.65 -72.71
C ILE Y 86 40.41 49.18 -72.72
N GLN Y 87 41.13 48.74 -73.75
CA GLN Y 87 41.41 47.31 -73.91
C GLN Y 87 42.22 46.71 -72.78
N THR Y 88 43.49 47.12 -72.65
CA THR Y 88 44.36 46.48 -71.69
C THR Y 88 43.99 46.84 -70.26
N ALA Y 89 43.31 47.96 -70.04
CA ALA Y 89 42.76 48.23 -68.71
C ALA Y 89 41.80 47.13 -68.29
N LEU Y 90 40.86 46.78 -69.18
CA LEU Y 90 39.95 45.68 -68.91
C LEU Y 90 40.70 44.36 -68.77
N ASP Y 91 41.72 44.14 -69.59
CA ASP Y 91 42.49 42.91 -69.49
C ASP Y 91 43.15 42.78 -68.12
N PHE Y 92 43.76 43.86 -67.63
CA PHE Y 92 44.40 43.82 -66.33
C PHE Y 92 43.39 43.72 -65.20
N LEU Y 93 42.22 44.35 -65.35
CA LEU Y 93 41.18 44.20 -64.35
C LEU Y 93 40.70 42.76 -64.27
N GLU Y 94 40.53 42.11 -65.42
CA GLU Y 94 40.20 40.69 -65.42
C GLU Y 94 41.31 39.86 -64.80
N THR Y 95 42.56 40.28 -65.00
CA THR Y 95 43.69 39.51 -64.47
C THR Y 95 43.71 39.51 -62.95
N LYS Y 96 43.44 40.66 -62.32
CA LYS Y 96 43.67 40.82 -60.89
C LYS Y 96 42.42 41.35 -60.20
N GLU Y 97 42.15 40.83 -59.01
CA GLU Y 97 40.95 41.18 -58.26
C GLU Y 97 41.03 42.60 -57.72
N PHE Y 98 39.86 43.21 -57.54
CA PHE Y 98 39.75 44.57 -57.02
C PHE Y 98 38.32 44.79 -56.55
N ASN Y 99 38.11 45.94 -55.91
CA ASN Y 99 36.80 46.30 -55.38
C ASN Y 99 36.17 47.50 -56.06
N TYR Y 100 36.86 48.63 -56.13
CA TYR Y 100 36.30 49.86 -56.64
C TYR Y 100 37.21 50.46 -57.70
N LEU Y 101 36.61 51.27 -58.57
CA LEU Y 101 37.33 51.82 -59.71
C LEU Y 101 36.69 53.14 -60.12
N CYS Y 102 37.50 53.99 -60.77
CA CYS Y 102 37.01 55.26 -61.28
C CYS Y 102 37.86 55.69 -62.47
N MET Y 103 37.29 56.54 -63.31
CA MET Y 103 37.95 57.09 -64.49
C MET Y 103 37.94 58.61 -64.42
N PRO Y 104 39.03 59.24 -63.93
CA PRO Y 104 39.06 60.71 -63.93
C PRO Y 104 38.93 61.32 -65.31
N LYS Y 105 39.51 60.68 -66.32
CA LYS Y 105 39.46 61.16 -67.71
C LYS Y 105 38.81 60.07 -68.55
N ALA Y 106 37.57 60.29 -68.97
CA ALA Y 106 36.85 59.31 -69.76
C ALA Y 106 35.97 60.00 -70.79
N VAL Y 107 35.84 59.37 -71.95
CA VAL Y 107 34.86 59.78 -72.95
C VAL Y 107 33.59 58.98 -72.70
N GLU Y 108 32.49 59.40 -73.33
CA GLU Y 108 31.21 58.72 -73.13
C GLU Y 108 31.28 57.26 -73.57
N ALA Y 109 31.96 57.00 -74.70
CA ALA Y 109 32.16 55.62 -75.13
C ALA Y 109 32.95 54.84 -74.09
N ASP Y 110 33.91 55.48 -73.43
CA ASP Y 110 34.67 54.82 -72.37
C ASP Y 110 33.75 54.42 -71.23
N LYS Y 111 32.86 55.32 -70.82
CA LYS Y 111 31.92 55.00 -69.74
C LYS Y 111 31.01 53.85 -70.14
N THR Y 112 30.50 53.87 -71.37
CA THR Y 112 29.62 52.81 -71.83
C THR Y 112 30.34 51.47 -71.86
N ALA Y 113 31.59 51.47 -72.34
CA ALA Y 113 32.37 50.24 -72.37
C ALA Y 113 32.62 49.70 -70.98
N ILE Y 114 32.95 50.58 -70.04
CA ILE Y 114 33.18 50.14 -68.66
C ILE Y 114 31.91 49.52 -68.08
N LYS Y 115 30.76 50.19 -68.30
CA LYS Y 115 29.51 49.68 -67.76
C LYS Y 115 29.16 48.32 -68.36
N ASN Y 116 29.27 48.19 -69.68
CA ASN Y 116 28.96 46.93 -70.33
C ASN Y 116 29.89 45.82 -69.86
N TRP Y 117 31.18 46.13 -69.71
CA TRP Y 117 32.13 45.13 -69.25
C TRP Y 117 31.80 44.68 -67.84
N ILE Y 118 31.42 45.62 -66.96
CA ILE Y 118 31.08 45.25 -65.59
C ILE Y 118 29.84 44.35 -65.59
N ILE Y 119 28.83 44.71 -66.37
CA ILE Y 119 27.61 43.91 -66.42
C ILE Y 119 27.91 42.50 -66.93
N LYS Y 120 28.75 42.41 -67.97
CA LYS Y 120 29.13 41.10 -68.50
C LYS Y 120 29.89 40.29 -67.47
N LEU Y 121 30.84 40.92 -66.77
CA LEU Y 121 31.73 40.19 -65.88
C LEU Y 121 31.00 39.68 -64.65
N ARG Y 122 30.20 40.54 -64.02
CA ARG Y 122 29.55 40.15 -62.76
C ARG Y 122 28.63 38.96 -62.93
N ASP Y 123 28.20 38.64 -64.15
CA ASP Y 123 27.37 37.46 -64.40
C ASP Y 123 28.16 36.30 -65.00
N ILE Y 124 28.87 36.55 -66.11
CA ILE Y 124 29.57 35.45 -66.79
C ILE Y 124 30.74 34.95 -65.95
N ASP Y 125 31.55 35.86 -65.43
CA ASP Y 125 32.75 35.47 -64.69
C ASP Y 125 32.46 35.15 -63.24
N LYS Y 126 31.27 35.48 -62.73
CA LYS Y 126 30.93 35.30 -61.33
C LYS Y 126 31.96 35.97 -60.41
N VAL Y 127 32.39 37.17 -60.81
CA VAL Y 127 33.31 37.97 -60.04
C VAL Y 127 32.59 39.26 -59.66
N LYS Y 128 32.58 39.58 -58.37
CA LYS Y 128 31.84 40.73 -57.86
C LYS Y 128 32.78 41.93 -57.78
N VAL Y 129 32.53 42.93 -58.63
CA VAL Y 129 33.30 44.17 -58.63
C VAL Y 129 32.34 45.34 -58.73
N LYS Y 130 32.82 46.51 -58.35
CA LYS Y 130 32.06 47.74 -58.43
C LYS Y 130 32.97 48.86 -58.92
N ALA Y 131 32.35 49.90 -59.49
CA ALA Y 131 33.11 51.04 -59.97
C ALA Y 131 32.23 52.29 -59.89
N VAL Y 132 32.89 53.44 -59.88
CA VAL Y 132 32.23 54.74 -59.83
C VAL Y 132 32.51 55.46 -61.14
N LEU Y 133 31.45 55.98 -61.77
CA LEU Y 133 31.57 56.65 -63.04
C LEU Y 133 30.93 58.03 -62.96
N GLY Y 134 31.41 58.94 -63.81
CA GLY Y 134 30.98 60.33 -63.72
C GLY Y 134 29.51 60.54 -64.06
N LYS Y 135 29.03 59.88 -65.12
CA LYS Y 135 27.65 60.09 -65.56
C LYS Y 135 27.20 58.85 -66.31
N VAL Y 136 26.35 58.04 -65.65
CA VAL Y 136 25.79 56.84 -66.26
C VAL Y 136 24.31 56.76 -65.89
N VAL Y 137 23.59 55.92 -66.63
CA VAL Y 137 22.17 55.69 -66.40
C VAL Y 137 21.88 54.19 -66.25
N GLY Y 138 22.89 53.42 -65.88
CA GLY Y 138 22.71 51.98 -65.78
C GLY Y 138 21.77 51.58 -64.67
N ASN Y 139 21.26 50.35 -64.79
CA ASN Y 139 20.32 49.79 -63.84
C ASN Y 139 20.94 48.70 -62.97
N HIS Y 140 22.25 48.51 -63.04
CA HIS Y 140 22.88 47.41 -62.32
C HIS Y 140 23.28 47.83 -60.92
N GLU Y 141 23.48 46.83 -60.06
CA GLU Y 141 23.87 47.10 -58.68
C GLU Y 141 25.32 47.53 -58.56
N GLY Y 142 26.19 47.01 -59.43
CA GLY Y 142 27.61 47.27 -59.34
C GLY Y 142 28.07 48.60 -59.90
N ILE Y 143 27.15 49.41 -60.44
CA ILE Y 143 27.48 50.71 -61.02
C ILE Y 143 26.90 51.79 -60.12
N ILE Y 144 27.71 52.81 -59.83
CA ILE Y 144 27.32 53.92 -58.96
C ILE Y 144 27.26 55.18 -59.82
N ASN Y 145 26.13 55.87 -59.78
CA ASN Y 145 25.91 57.09 -60.55
C ASN Y 145 26.01 58.28 -59.61
N PHE Y 146 27.17 58.91 -59.58
CA PHE Y 146 27.39 60.14 -58.82
C PHE Y 146 27.37 61.33 -59.76
N THR Y 147 26.59 62.36 -59.42
CA THR Y 147 26.42 63.50 -60.31
C THR Y 147 26.20 64.75 -59.46
N THR Y 148 27.26 65.54 -59.27
CA THR Y 148 27.18 66.83 -58.61
C THR Y 148 28.04 67.81 -59.38
N GLU Y 149 27.43 68.88 -59.88
CA GLU Y 149 28.09 69.80 -60.80
C GLU Y 149 28.85 70.90 -60.07
N ASP Y 150 29.89 71.40 -60.73
CA ASP Y 150 30.64 72.58 -60.28
C ASP Y 150 31.17 72.43 -58.86
N VAL Y 151 31.75 71.25 -58.58
CA VAL Y 151 32.37 71.04 -57.28
C VAL Y 151 33.61 71.91 -57.18
N LEU Y 152 33.72 72.66 -56.08
CA LEU Y 152 34.81 73.61 -55.88
C LEU Y 152 35.58 73.20 -54.62
N VAL Y 153 36.72 72.54 -54.82
CA VAL Y 153 37.58 72.10 -53.73
C VAL Y 153 38.99 72.62 -53.99
N GLY Y 154 39.61 73.17 -52.95
CA GLY Y 154 40.96 73.71 -53.10
C GLY Y 154 41.00 74.84 -54.09
N GLU Y 155 40.06 75.79 -53.97
CA GLU Y 155 39.85 76.90 -54.89
C GLU Y 155 40.06 76.49 -56.34
N LYS Y 156 39.53 75.32 -56.70
CA LYS Y 156 39.66 74.78 -58.04
C LYS Y 156 38.30 74.34 -58.55
N LYS Y 157 38.06 74.52 -59.85
CA LYS Y 157 36.81 74.16 -60.48
C LYS Y 157 36.88 72.70 -60.92
N TYR Y 158 36.18 71.83 -60.20
CA TYR Y 158 36.20 70.40 -60.49
C TYR Y 158 34.90 70.00 -61.19
N SER Y 159 35.04 69.31 -62.32
CA SER Y 159 33.87 68.84 -63.05
C SER Y 159 33.30 67.59 -62.39
N VAL Y 160 32.11 67.19 -62.85
CA VAL Y 160 31.41 66.07 -62.24
C VAL Y 160 32.20 64.77 -62.39
N ASP Y 161 32.87 64.60 -63.53
CA ASP Y 161 33.57 63.35 -63.78
C ASP Y 161 34.85 63.24 -62.96
N GLU Y 162 35.50 64.37 -62.66
CA GLU Y 162 36.80 64.31 -62.01
C GLU Y 162 36.67 63.94 -60.53
N PHE Y 163 35.69 64.51 -59.83
CA PHE Y 163 35.58 64.31 -58.40
C PHE Y 163 35.18 62.89 -58.02
N THR Y 164 34.76 62.07 -59.00
CA THR Y 164 34.39 60.69 -58.71
C THR Y 164 35.54 59.88 -58.13
N SER Y 165 36.78 60.29 -58.38
CA SER Y 165 37.92 59.63 -57.75
C SER Y 165 37.85 59.76 -56.23
N ARG Y 166 37.60 60.98 -55.75
CA ARG Y 166 37.46 61.19 -54.32
C ARG Y 166 36.24 60.46 -53.78
N VAL Y 167 35.16 60.40 -54.56
CA VAL Y 167 33.97 59.66 -54.14
C VAL Y 167 34.30 58.20 -53.94
N ALA Y 168 34.99 57.59 -54.90
CA ALA Y 168 35.35 56.19 -54.79
C ALA Y 168 36.30 55.94 -53.63
N GLY Y 169 37.28 56.83 -53.44
CA GLY Y 169 38.17 56.69 -52.31
C GLY Y 169 37.45 56.78 -50.98
N LEU Y 170 36.49 57.70 -50.87
CA LEU Y 170 35.71 57.84 -49.65
C LEU Y 170 34.85 56.60 -49.41
N ILE Y 171 34.24 56.06 -50.46
CA ILE Y 171 33.42 54.86 -50.30
C ILE Y 171 34.26 53.68 -49.86
N ALA Y 172 35.44 53.50 -50.47
CA ALA Y 172 36.27 52.36 -50.13
C ALA Y 172 36.94 52.51 -48.77
N GLY Y 173 37.17 53.74 -48.33
CA GLY Y 173 37.85 53.95 -47.06
C GLY Y 173 37.02 53.52 -45.87
N THR Y 174 35.71 53.75 -45.91
CA THR Y 174 34.87 53.45 -44.77
C THR Y 174 34.73 51.94 -44.57
N PRO Y 175 34.58 51.49 -43.32
CA PRO Y 175 34.42 50.06 -43.07
C PRO Y 175 33.03 49.59 -43.47
N LEU Y 176 32.87 48.26 -43.43
CA LEU Y 176 31.59 47.65 -43.82
C LEU Y 176 30.48 48.03 -42.86
N SER Y 177 30.79 48.07 -41.56
CA SER Y 177 29.74 48.29 -40.56
C SER Y 177 29.08 49.66 -40.74
N GLN Y 178 29.87 50.69 -40.98
CA GLN Y 178 29.34 52.04 -41.11
C GLN Y 178 28.76 52.26 -42.51
N SER Y 179 28.18 53.42 -42.72
CA SER Y 179 27.58 53.78 -44.00
C SER Y 179 28.04 55.18 -44.40
N VAL Y 180 27.84 55.51 -45.69
CA VAL Y 180 28.28 56.79 -46.23
C VAL Y 180 27.27 57.91 -46.03
N THR Y 181 26.06 57.60 -45.60
CA THR Y 181 25.02 58.62 -45.47
C THR Y 181 25.41 59.64 -44.40
N TYR Y 182 25.24 60.91 -44.72
CA TYR Y 182 25.62 62.03 -43.84
C TYR Y 182 27.06 61.89 -43.37
N THR Y 183 27.98 61.89 -44.35
CA THR Y 183 29.40 61.94 -44.08
C THR Y 183 29.92 63.28 -44.59
N LYS Y 184 30.58 64.04 -43.71
CA LYS Y 184 30.97 65.41 -44.03
C LYS Y 184 32.33 65.45 -44.71
N LEU Y 185 32.44 66.29 -45.73
CA LEU Y 185 33.68 66.52 -46.46
C LEU Y 185 34.13 67.95 -46.18
N SER Y 186 35.14 68.10 -45.33
CA SER Y 186 35.64 69.43 -45.01
C SER Y 186 36.24 70.12 -46.22
N ASP Y 187 36.80 69.34 -47.15
CA ASP Y 187 37.47 69.92 -48.31
C ASP Y 187 36.50 70.66 -49.21
N VAL Y 188 35.31 70.09 -49.42
CA VAL Y 188 34.31 70.74 -50.27
C VAL Y 188 33.80 71.99 -49.57
N VAL Y 189 33.80 73.12 -50.28
CA VAL Y 189 33.50 74.41 -49.67
C VAL Y 189 32.28 75.05 -50.33
N ASP Y 190 32.03 74.73 -51.59
CA ASP Y 190 30.94 75.37 -52.32
C ASP Y 190 30.25 74.36 -53.24
N ILE Y 191 28.93 74.48 -53.33
CA ILE Y 191 28.11 73.68 -54.23
C ILE Y 191 27.07 74.61 -54.84
N PRO Y 192 26.72 74.47 -56.11
CA PRO Y 192 25.58 75.23 -56.64
C PRO Y 192 24.32 74.94 -55.85
N LYS Y 193 23.56 75.99 -55.58
CA LYS Y 193 22.35 75.83 -54.79
C LYS Y 193 21.31 75.02 -55.54
N MET Y 194 20.67 74.10 -54.84
CA MET Y 194 19.66 73.24 -55.44
C MET Y 194 18.50 73.08 -54.46
N THR Y 195 17.28 73.14 -54.98
CA THR Y 195 16.12 73.03 -54.11
C THR Y 195 15.99 71.61 -53.56
N LYS Y 196 15.33 71.51 -52.41
CA LYS Y 196 15.28 70.23 -51.70
C LYS Y 196 14.39 69.22 -52.42
N VAL Y 197 13.25 69.67 -52.96
CA VAL Y 197 12.31 68.73 -53.56
C VAL Y 197 12.88 68.13 -54.84
N ASP Y 198 13.51 68.94 -55.68
CA ASP Y 198 14.08 68.39 -56.91
C ASP Y 198 15.33 67.57 -56.63
N ALA Y 199 16.10 67.93 -55.61
CA ALA Y 199 17.21 67.08 -55.20
C ALA Y 199 16.71 65.72 -54.72
N GLU Y 200 15.58 65.71 -53.99
CA GLU Y 200 14.96 64.47 -53.60
C GLU Y 200 14.50 63.66 -54.80
N SER Y 201 13.93 64.34 -55.80
CA SER Y 201 13.55 63.64 -57.02
C SER Y 201 14.77 63.04 -57.70
N ARG Y 202 15.89 63.78 -57.73
CA ARG Y 202 17.13 63.27 -58.30
C ARG Y 202 17.59 62.01 -57.56
N VAL Y 203 17.55 62.05 -56.23
CA VAL Y 203 17.89 60.86 -55.45
C VAL Y 203 16.96 59.70 -55.81
N ASN Y 204 15.68 60.00 -55.99
CA ASN Y 204 14.71 58.99 -56.38
C ASN Y 204 15.02 58.38 -57.75
N LYS Y 205 15.74 59.09 -58.60
CA LYS Y 205 16.12 58.61 -59.92
C LYS Y 205 17.19 57.53 -59.87
N GLY Y 206 17.58 57.05 -58.69
CA GLY Y 206 18.74 56.21 -58.55
C GLY Y 206 20.05 56.95 -58.56
N GLU Y 207 20.01 58.29 -58.60
CA GLU Y 207 21.19 59.12 -58.75
C GLU Y 207 21.75 59.49 -57.38
N LEU Y 208 23.07 59.52 -57.29
CA LEU Y 208 23.77 59.96 -56.09
C LEU Y 208 24.19 61.41 -56.26
N ILE Y 209 23.83 62.26 -55.30
CA ILE Y 209 24.13 63.67 -55.34
C ILE Y 209 24.70 64.10 -54.00
N LEU Y 210 25.42 65.21 -54.02
CA LEU Y 210 25.96 65.82 -52.81
C LEU Y 210 25.07 67.01 -52.43
N ILE Y 211 24.60 67.02 -51.18
CA ILE Y 211 23.67 68.02 -50.70
C ILE Y 211 24.20 68.64 -49.42
N LYS Y 212 23.70 69.83 -49.11
CA LYS Y 212 24.12 70.57 -47.93
C LYS Y 212 22.97 70.68 -46.94
N GLU Y 213 23.27 70.53 -45.66
CA GLU Y 213 22.30 70.68 -44.60
C GLU Y 213 23.06 70.77 -43.28
N ALA Y 214 22.48 71.53 -42.34
CA ALA Y 214 23.08 71.78 -41.02
C ALA Y 214 24.44 72.44 -41.24
N GLY Y 215 25.46 72.08 -40.46
CA GLY Y 215 26.70 72.84 -40.45
C GLY Y 215 27.71 72.47 -41.52
N ALA Y 216 27.58 71.31 -42.14
CA ALA Y 216 28.61 70.82 -43.06
C ALA Y 216 27.96 70.28 -44.33
N ILE Y 217 28.82 69.89 -45.27
CA ILE Y 217 28.39 69.29 -46.53
C ILE Y 217 28.47 67.78 -46.38
N ARG Y 218 27.35 67.09 -46.59
CA ARG Y 218 27.30 65.66 -46.32
C ARG Y 218 26.60 64.91 -47.44
N ILE Y 219 27.05 63.67 -47.65
CA ILE Y 219 26.49 62.80 -48.67
C ILE Y 219 25.06 62.43 -48.28
N ALA Y 220 24.20 62.26 -49.27
CA ALA Y 220 22.79 61.94 -49.04
C ALA Y 220 22.49 60.55 -49.57
N ARG Y 221 22.46 59.57 -48.66
CA ARG Y 221 21.99 58.20 -48.93
C ARG Y 221 22.66 57.61 -50.17
N GLY Y 222 23.93 57.25 -49.99
CA GLY Y 222 24.65 56.55 -51.03
C GLY Y 222 23.90 55.30 -51.46
N VAL Y 223 23.42 55.31 -52.70
CA VAL Y 223 22.66 54.22 -53.27
C VAL Y 223 23.21 53.89 -54.65
N ASN Y 224 22.89 52.69 -55.12
CA ASN Y 224 23.37 52.24 -56.41
C ASN Y 224 22.58 52.92 -57.53
N SER Y 225 22.89 52.56 -58.76
CA SER Y 225 22.20 53.11 -59.92
C SER Y 225 20.90 52.40 -60.23
N LEU Y 226 20.54 51.38 -59.44
CA LEU Y 226 19.31 50.63 -59.68
C LEU Y 226 18.09 51.53 -59.59
N THR Y 227 17.20 51.40 -60.57
CA THR Y 227 15.97 52.20 -60.62
C THR Y 227 14.71 51.36 -60.68
N GLU Y 228 14.70 50.28 -61.47
CA GLU Y 228 13.54 49.42 -61.60
C GLU Y 228 13.72 48.18 -60.74
N LEU Y 229 12.68 47.84 -59.98
CA LEU Y 229 12.73 46.74 -59.04
C LEU Y 229 11.97 45.56 -59.60
N THR Y 230 12.66 44.46 -59.85
CA THR Y 230 12.02 43.22 -60.28
C THR Y 230 11.57 42.41 -59.07
N ALA Y 231 10.75 41.40 -59.33
CA ALA Y 231 10.24 40.57 -58.24
C ALA Y 231 11.35 39.81 -57.54
N GLU Y 232 12.28 39.25 -58.31
CA GLU Y 232 13.33 38.42 -57.72
C GLU Y 232 14.30 39.24 -56.89
N LYS Y 233 14.73 40.39 -57.40
CA LYS Y 233 15.68 41.23 -56.70
C LYS Y 233 14.97 42.10 -55.67
N GLY Y 234 15.72 42.48 -54.64
CA GLY Y 234 15.15 43.18 -53.50
C GLY Y 234 15.23 44.69 -53.60
N GLU Y 235 14.31 45.35 -52.91
CA GLU Y 235 14.43 46.80 -52.72
C GLU Y 235 15.71 47.14 -51.99
N MET Y 236 16.11 46.30 -51.04
CA MET Y 236 17.35 46.50 -50.30
C MET Y 236 18.58 46.34 -51.17
N PHE Y 237 18.44 45.80 -52.39
CA PHE Y 237 19.58 45.67 -53.28
C PHE Y 237 20.15 47.03 -53.67
N GLN Y 238 19.30 48.01 -53.93
CA GLN Y 238 19.77 49.31 -54.37
C GLN Y 238 20.46 50.11 -53.26
N LYS Y 239 20.67 49.51 -52.09
CA LYS Y 239 21.54 50.11 -51.08
C LYS Y 239 22.97 49.62 -51.29
N ILE Y 240 23.94 50.45 -50.91
CA ILE Y 240 25.34 50.11 -51.18
C ILE Y 240 25.87 49.09 -50.18
N LYS Y 241 25.71 49.36 -48.88
CA LYS Y 241 26.32 48.51 -47.86
C LYS Y 241 25.87 47.06 -48.00
N ILE Y 242 24.61 46.85 -48.35
CA ILE Y 242 24.09 45.50 -48.51
C ILE Y 242 24.78 44.80 -49.66
N VAL Y 243 24.94 45.49 -50.79
CA VAL Y 243 25.64 44.90 -51.93
C VAL Y 243 27.08 44.58 -51.55
N ASP Y 244 27.73 45.48 -50.81
CA ASP Y 244 29.12 45.26 -50.44
C ASP Y 244 29.26 44.01 -49.57
N THR Y 245 28.42 43.87 -48.55
CA THR Y 245 28.53 42.70 -47.69
C THR Y 245 28.14 41.43 -48.42
N LEU Y 246 27.16 41.49 -49.32
CA LEU Y 246 26.82 40.32 -50.13
C LEU Y 246 27.99 39.89 -50.99
N ASP Y 247 28.68 40.85 -51.60
CA ASP Y 247 29.85 40.52 -52.41
C ASP Y 247 30.95 39.88 -51.57
N ILE Y 248 31.16 40.42 -50.36
CA ILE Y 248 32.16 39.84 -49.47
C ILE Y 248 31.81 38.38 -49.15
N ILE Y 249 30.55 38.15 -48.80
CA ILE Y 249 30.12 36.79 -48.46
C ILE Y 249 30.30 35.86 -49.64
N HIS Y 250 29.89 36.31 -50.83
CA HIS Y 250 30.02 35.51 -52.04
C HIS Y 250 31.48 35.13 -52.30
N SER Y 251 32.37 36.12 -52.25
CA SER Y 251 33.77 35.85 -52.53
C SER Y 251 34.36 34.88 -51.50
N ASP Y 252 34.05 35.08 -50.23
CA ASP Y 252 34.63 34.23 -49.19
C ASP Y 252 34.15 32.78 -49.35
N ILE Y 253 32.84 32.60 -49.55
CA ILE Y 253 32.33 31.23 -49.69
C ILE Y 253 32.89 30.57 -50.93
N ARG Y 254 32.97 31.31 -52.04
CA ARG Y 254 33.52 30.72 -53.26
C ARG Y 254 34.97 30.30 -53.06
N LYS Y 255 35.78 31.16 -52.43
CA LYS Y 255 37.18 30.81 -52.20
C LYS Y 255 37.30 29.58 -51.31
N VAL Y 256 36.52 29.52 -50.22
CA VAL Y 256 36.61 28.38 -49.31
C VAL Y 256 36.23 27.10 -50.04
N ILE Y 257 35.12 27.15 -50.79
CA ILE Y 257 34.64 25.95 -51.48
C ILE Y 257 35.68 25.47 -52.48
N ILE Y 258 36.19 26.38 -53.31
CA ILE Y 258 37.16 26.00 -54.34
C ILE Y 258 38.41 25.43 -53.70
N ASP Y 259 38.90 26.06 -52.63
CA ASP Y 259 40.15 25.62 -52.04
C ASP Y 259 40.01 24.26 -51.34
N ASP Y 260 38.88 24.00 -50.70
CA ASP Y 260 38.76 22.84 -49.83
C ASP Y 260 37.90 21.72 -50.41
N TYR Y 261 36.65 22.00 -50.76
CA TYR Y 261 35.65 20.95 -50.89
C TYR Y 261 35.44 20.46 -52.32
N ILE Y 262 36.17 20.97 -53.30
CA ILE Y 262 35.99 20.58 -54.70
C ILE Y 262 37.00 19.52 -55.05
N GLY Y 263 36.52 18.32 -55.39
CA GLY Y 263 37.36 17.26 -55.89
C GLY Y 263 38.13 16.48 -54.86
N LYS Y 264 38.02 16.83 -53.57
CA LYS Y 264 38.83 16.18 -52.55
C LYS Y 264 38.07 15.17 -51.72
N VAL Y 265 36.75 15.26 -51.66
CA VAL Y 265 35.95 14.34 -50.86
C VAL Y 265 34.76 13.86 -51.67
N THR Y 266 34.25 12.68 -51.31
CA THR Y 266 33.13 12.07 -52.01
C THR Y 266 31.84 12.83 -51.72
N ASN Y 267 30.83 12.57 -52.55
CA ASN Y 267 29.50 13.16 -52.39
C ASN Y 267 28.62 12.15 -51.67
N SER Y 268 28.37 12.39 -50.39
CA SER Y 268 27.49 11.55 -49.59
C SER Y 268 26.71 12.44 -48.63
N TYR Y 269 25.74 11.84 -47.94
CA TYR Y 269 24.93 12.62 -47.01
C TYR Y 269 25.77 13.19 -45.88
N ASP Y 270 26.72 12.40 -45.36
CA ASP Y 270 27.58 12.88 -44.29
C ASP Y 270 28.46 14.03 -44.77
N ASN Y 271 29.01 13.92 -45.98
CA ASN Y 271 29.84 15.01 -46.50
C ASN Y 271 29.00 16.27 -46.72
N LYS Y 272 27.76 16.11 -47.18
CA LYS Y 272 26.87 17.26 -47.30
C LYS Y 272 26.62 17.89 -45.94
N CYS Y 273 26.41 17.08 -44.91
CA CYS Y 273 26.22 17.61 -43.57
C CYS Y 273 27.46 18.37 -43.09
N LEU Y 274 28.65 17.83 -43.36
CA LEU Y 274 29.87 18.51 -42.96
C LEU Y 274 30.04 19.84 -43.67
N LEU Y 275 29.73 19.87 -44.98
CA LEU Y 275 29.80 21.13 -45.72
C LEU Y 275 28.81 22.15 -45.17
N ILE Y 276 27.60 21.70 -44.83
CA ILE Y 276 26.61 22.59 -44.23
C ILE Y 276 27.14 23.15 -42.90
N VAL Y 277 27.74 22.29 -42.09
CA VAL Y 277 28.28 22.73 -40.80
C VAL Y 277 29.38 23.77 -41.01
N ALA Y 278 30.25 23.55 -41.99
CA ALA Y 278 31.33 24.50 -42.26
C ALA Y 278 30.76 25.85 -42.71
N ILE Y 279 29.76 25.84 -43.58
CA ILE Y 279 29.16 27.08 -44.03
C ILE Y 279 28.48 27.81 -42.86
N LYS Y 280 27.80 27.05 -42.00
CA LYS Y 280 27.16 27.64 -40.83
C LYS Y 280 28.20 28.23 -39.89
N SER Y 281 29.34 27.57 -39.72
CA SER Y 281 30.41 28.11 -38.90
C SER Y 281 30.95 29.41 -39.48
N TYR Y 282 31.10 29.48 -40.80
CA TYR Y 282 31.53 30.74 -41.42
C TYR Y 282 30.52 31.84 -41.18
N LEU Y 283 29.23 31.53 -41.31
CA LEU Y 283 28.21 32.55 -41.05
C LEU Y 283 28.24 33.00 -39.59
N GLU Y 284 28.45 32.07 -38.66
CA GLU Y 284 28.59 32.43 -37.26
C GLU Y 284 29.79 33.34 -37.04
N GLU Y 285 30.90 33.05 -37.72
CA GLU Y 285 32.07 33.93 -37.65
C GLU Y 285 31.73 35.33 -38.14
N LEU Y 286 31.01 35.42 -39.26
CA LEU Y 286 30.61 36.72 -39.78
C LEU Y 286 29.66 37.44 -38.83
N GLU Y 287 28.90 36.69 -38.04
CA GLU Y 287 27.89 37.30 -37.17
C GLU Y 287 28.53 38.26 -36.18
N LYS Y 288 29.65 37.87 -35.57
CA LYS Y 288 30.24 38.68 -34.51
C LYS Y 288 30.66 40.06 -34.99
N SER Y 289 30.87 40.23 -36.29
CA SER Y 289 31.15 41.55 -36.86
C SER Y 289 29.91 42.41 -37.00
N ALA Y 290 28.77 41.95 -36.46
CA ALA Y 290 27.50 42.68 -36.48
C ALA Y 290 27.00 42.97 -37.89
N LEU Y 291 27.53 42.26 -38.89
CA LEU Y 291 27.07 42.47 -40.26
C LEU Y 291 25.70 41.85 -40.47
N ILE Y 292 25.50 40.61 -40.01
CA ILE Y 292 24.25 39.89 -40.19
C ILE Y 292 23.87 39.24 -38.87
N GLU Y 293 22.65 38.71 -38.84
CA GLU Y 293 22.11 38.05 -37.65
C GLU Y 293 22.48 36.57 -37.64
N SER Y 294 22.53 35.99 -36.44
CA SER Y 294 22.92 34.61 -36.24
C SER Y 294 21.77 33.62 -36.46
N ASP Y 295 20.56 34.11 -36.73
CA ASP Y 295 19.44 33.20 -36.96
C ASP Y 295 19.55 32.45 -38.27
N SER Y 296 20.51 32.80 -39.13
CA SER Y 296 20.63 32.18 -40.44
C SER Y 296 20.83 30.67 -40.33
N THR Y 297 20.16 29.94 -41.23
CA THR Y 297 20.23 28.49 -41.26
C THR Y 297 20.57 28.03 -42.68
N VAL Y 298 21.27 26.89 -42.76
CA VAL Y 298 21.63 26.28 -44.03
C VAL Y 298 21.12 24.85 -44.00
N GLU Y 299 20.46 24.44 -45.10
CA GLU Y 299 19.86 23.11 -45.15
C GLU Y 299 19.82 22.64 -46.60
N ILE Y 300 19.63 21.33 -46.75
CA ILE Y 300 19.50 20.74 -48.09
C ILE Y 300 18.25 21.28 -48.76
N ASP Y 301 18.39 21.70 -50.01
CA ASP Y 301 17.25 22.15 -50.79
C ASP Y 301 16.51 20.93 -51.33
N PHE Y 302 15.36 20.64 -50.74
CA PHE Y 302 14.63 19.42 -51.09
C PHE Y 302 14.03 19.50 -52.49
N GLU Y 303 13.56 20.69 -52.87
CA GLU Y 303 12.94 20.86 -54.19
C GLU Y 303 13.93 20.57 -55.31
N ALA Y 304 15.16 21.07 -55.18
CA ALA Y 304 16.16 20.84 -56.22
C ALA Y 304 16.49 19.35 -56.32
N GLN Y 305 16.61 18.67 -55.19
CA GLN Y 305 16.88 17.23 -55.21
C GLN Y 305 15.73 16.48 -55.86
N LYS Y 306 14.49 16.85 -55.56
CA LYS Y 306 13.34 16.21 -56.20
C LYS Y 306 13.37 16.44 -57.70
N SER Y 307 13.71 17.65 -58.13
CA SER Y 307 13.80 17.93 -59.56
C SER Y 307 14.88 17.10 -60.21
N TYR Y 308 16.03 16.95 -59.55
CA TYR Y 308 17.11 16.15 -60.11
C TYR Y 308 16.69 14.69 -60.26
N LEU Y 309 16.05 14.14 -59.23
CA LEU Y 309 15.61 12.74 -59.29
C LEU Y 309 14.54 12.53 -60.36
N LYS Y 310 13.59 13.47 -60.48
CA LYS Y 310 12.59 13.29 -61.54
C LYS Y 310 13.20 13.48 -62.92
N SER Y 311 14.23 14.31 -63.05
CA SER Y 311 14.96 14.38 -64.31
C SER Y 311 15.64 13.06 -64.63
N LYS Y 312 16.19 12.39 -63.61
CA LYS Y 312 16.73 11.05 -63.81
C LYS Y 312 15.63 10.08 -64.24
N GLY Y 313 14.43 10.23 -63.69
CA GLY Y 313 13.30 9.41 -64.07
C GLY Y 313 12.95 8.28 -63.12
N VAL Y 314 13.62 8.18 -61.96
CA VAL Y 314 13.28 7.13 -61.02
C VAL Y 314 11.95 7.44 -60.35
N ASP Y 315 11.32 6.39 -59.80
CA ASP Y 315 10.05 6.50 -59.13
C ASP Y 315 10.30 6.61 -57.63
N LEU Y 316 10.00 7.77 -57.06
CA LEU Y 316 10.26 8.07 -55.65
C LEU Y 316 9.05 7.87 -54.76
N SER Y 317 7.96 7.30 -55.31
CA SER Y 317 6.75 7.12 -54.51
C SER Y 317 6.99 6.15 -53.35
N TYR Y 318 7.72 5.06 -53.60
CA TYR Y 318 7.96 4.08 -52.54
C TYR Y 318 8.83 4.65 -51.43
N MET Y 319 9.85 5.43 -51.79
CA MET Y 319 10.77 5.95 -50.79
C MET Y 319 10.09 6.93 -49.86
N THR Y 320 10.46 6.88 -48.59
CA THR Y 320 9.95 7.82 -47.60
C THR Y 320 10.52 9.21 -47.87
N LEU Y 321 9.78 10.23 -47.42
CA LEU Y 321 10.19 11.62 -47.67
C LEU Y 321 11.57 11.91 -47.09
N GLN Y 322 11.85 11.39 -45.90
CA GLN Y 322 13.18 11.55 -45.32
C GLN Y 322 14.24 10.85 -46.16
N GLU Y 323 13.89 9.69 -46.73
CA GLU Y 323 14.85 8.95 -47.54
C GLU Y 323 15.24 9.71 -48.79
N ILE Y 324 14.30 10.47 -49.37
CA ILE Y 324 14.59 11.20 -50.60
C ILE Y 324 15.73 12.18 -50.40
N LYS Y 325 15.77 12.83 -49.24
CA LYS Y 325 16.85 13.77 -48.95
C LYS Y 325 18.19 13.06 -48.91
N GLU Y 326 18.23 11.85 -48.38
CA GLU Y 326 19.47 11.08 -48.27
C GLU Y 326 19.83 10.36 -49.56
N ALA Y 327 18.98 10.43 -50.59
CA ALA Y 327 19.25 9.73 -51.83
C ALA Y 327 20.47 10.29 -52.54
N ASN Y 328 21.13 9.44 -53.31
CA ASN Y 328 22.32 9.85 -54.03
C ASN Y 328 21.97 10.89 -55.10
N THR Y 329 22.84 11.89 -55.25
CA THR Y 329 22.62 12.99 -56.18
C THR Y 329 23.73 13.12 -57.20
N GLY Y 330 24.58 12.10 -57.35
CA GLY Y 330 25.65 12.18 -58.34
C GLY Y 330 26.64 13.27 -58.01
N SER Y 331 27.11 13.96 -59.06
CA SER Y 331 28.10 15.02 -58.86
C SER Y 331 27.48 16.26 -58.24
N LYS Y 332 26.22 16.56 -58.56
CA LYS Y 332 25.60 17.80 -58.13
C LYS Y 332 25.37 17.82 -56.63
N VAL Y 333 25.43 19.02 -56.05
CA VAL Y 333 25.08 19.26 -54.65
C VAL Y 333 24.21 20.51 -54.61
N PHE Y 334 23.10 20.43 -53.88
CA PHE Y 334 22.15 21.52 -53.77
C PHE Y 334 21.97 21.91 -52.31
N LEU Y 335 22.02 23.21 -52.03
CA LEU Y 335 21.89 23.74 -50.69
C LEU Y 335 20.93 24.93 -50.72
N LYS Y 336 20.35 25.20 -49.54
CA LYS Y 336 19.43 26.31 -49.38
C LYS Y 336 19.72 27.01 -48.06
N ALA Y 337 19.73 28.33 -48.08
CA ALA Y 337 20.02 29.11 -46.88
C ALA Y 337 19.19 30.38 -46.87
N LYS Y 338 18.99 30.92 -45.67
CA LYS Y 338 18.29 32.18 -45.47
C LYS Y 338 19.06 33.01 -44.46
N ILE Y 339 19.22 34.30 -44.75
CA ILE Y 339 19.93 35.23 -43.89
C ILE Y 339 19.17 36.54 -43.85
N LYS Y 340 19.60 37.42 -42.94
CA LYS Y 340 19.09 38.77 -42.86
C LYS Y 340 20.26 39.73 -42.74
N VAL Y 341 20.25 40.80 -43.54
CA VAL Y 341 21.36 41.73 -43.61
C VAL Y 341 21.01 42.99 -42.83
N LEU Y 342 21.88 43.36 -41.90
CA LEU Y 342 21.67 44.55 -41.09
C LEU Y 342 22.03 45.81 -41.86
N ASP Y 343 21.68 46.95 -41.28
CA ASP Y 343 21.96 48.25 -41.88
C ASP Y 343 22.11 49.27 -40.77
N ALA Y 344 22.65 50.44 -41.13
CA ALA Y 344 22.78 51.53 -40.16
C ALA Y 344 21.48 52.32 -40.05
N MET Y 345 21.25 52.88 -38.87
CA MET Y 345 20.05 53.66 -38.64
C MET Y 345 20.10 54.94 -39.47
N GLU Y 346 19.03 55.19 -40.24
CA GLU Y 346 19.01 56.33 -41.14
C GLU Y 346 17.75 57.17 -40.95
N ASP Y 347 16.66 56.55 -40.53
CA ASP Y 347 15.39 57.24 -40.32
C ASP Y 347 14.92 56.96 -38.90
N ILE Y 348 14.63 58.02 -38.16
CA ILE Y 348 14.23 57.92 -36.76
C ILE Y 348 12.95 58.71 -36.55
N ASP Y 349 11.97 58.09 -35.91
CA ASP Y 349 10.72 58.74 -35.54
C ASP Y 349 10.58 58.70 -34.03
N LEU Y 350 10.37 59.86 -33.43
CA LEU Y 350 10.26 60.00 -31.98
C LEU Y 350 9.04 60.84 -31.64
N SER Y 351 8.19 60.32 -30.75
CA SER Y 351 6.99 61.01 -30.32
C SER Y 351 6.98 61.08 -28.80
N ILE Y 352 6.68 62.25 -28.26
CA ILE Y 352 6.63 62.47 -26.83
C ILE Y 352 5.23 62.94 -26.45
N GLU Y 353 4.77 62.50 -25.28
CA GLU Y 353 3.46 62.86 -24.75
C GLU Y 353 3.65 63.87 -23.62
N ILE Y 354 3.06 65.05 -23.77
CA ILE Y 354 3.19 66.09 -22.78
C ILE Y 354 2.30 65.79 -21.58
N ALA Z 2 54.15 -41.34 -38.66
CA ALA Z 2 53.52 -42.03 -37.54
C ALA Z 2 54.12 -41.58 -36.21
N ILE Z 3 54.47 -42.56 -35.36
CA ILE Z 3 55.05 -42.25 -34.07
C ILE Z 3 56.46 -41.74 -34.23
N GLY Z 4 56.76 -40.59 -33.63
CA GLY Z 4 58.09 -40.04 -33.63
C GLY Z 4 58.54 -39.70 -32.22
N LEU Z 5 59.74 -39.13 -32.13
CA LEU Z 5 60.26 -38.72 -30.84
C LEU Z 5 59.40 -37.60 -30.26
N PRO Z 6 59.18 -37.59 -28.94
CA PRO Z 6 58.46 -36.47 -28.33
C PRO Z 6 59.22 -35.17 -28.53
N SER Z 7 58.47 -34.09 -28.76
CA SER Z 7 59.11 -32.83 -29.10
C SER Z 7 58.25 -31.67 -28.61
N ILE Z 8 58.92 -30.60 -28.19
CA ILE Z 8 58.26 -29.37 -27.75
C ILE Z 8 58.83 -28.23 -28.58
N ASN Z 9 57.95 -27.48 -29.23
CA ASN Z 9 58.36 -26.39 -30.11
C ASN Z 9 57.69 -25.09 -29.68
N ILE Z 10 58.47 -24.01 -29.72
CA ILE Z 10 57.99 -22.68 -29.38
C ILE Z 10 58.18 -21.78 -30.59
N SER Z 11 57.15 -21.02 -30.94
CA SER Z 11 57.16 -20.19 -32.14
C SER Z 11 56.94 -18.74 -31.77
N PHE Z 12 57.72 -17.85 -32.38
CA PHE Z 12 57.55 -16.41 -32.25
C PHE Z 12 57.38 -15.82 -33.64
N LYS Z 13 56.36 -15.00 -33.82
CA LYS Z 13 56.10 -14.37 -35.10
C LYS Z 13 55.53 -12.97 -34.89
N GLU Z 14 55.71 -12.12 -35.89
CA GLU Z 14 55.19 -10.76 -35.83
C GLU Z 14 53.66 -10.76 -35.87
N LEU Z 15 53.08 -9.67 -35.38
CA LEU Z 15 51.65 -9.48 -35.52
C LEU Z 15 51.27 -9.43 -37.00
N ALA Z 16 50.15 -10.07 -37.32
CA ALA Z 16 49.67 -10.08 -38.70
C ALA Z 16 49.27 -8.68 -39.15
N THR Z 17 49.55 -8.38 -40.42
CA THR Z 17 49.15 -7.09 -40.97
C THR Z 17 47.64 -6.97 -41.06
N THR Z 18 46.95 -8.09 -41.24
CA THR Z 18 45.48 -8.15 -41.29
C THR Z 18 44.91 -7.28 -42.41
N VAL Z 19 45.61 -7.18 -43.53
CA VAL Z 19 45.10 -6.54 -44.74
C VAL Z 19 45.13 -7.56 -45.87
N LYS Z 20 43.98 -7.73 -46.52
CA LYS Z 20 43.86 -8.76 -47.55
C LYS Z 20 44.71 -8.42 -48.76
N GLU Z 21 44.64 -7.15 -49.20
CA GLU Z 21 45.40 -6.52 -50.28
C GLU Z 21 44.97 -6.96 -51.67
N ARG Z 22 44.38 -8.17 -51.78
CA ARG Z 22 43.69 -8.66 -52.99
C ARG Z 22 44.46 -8.23 -54.24
N SER Z 23 43.80 -7.69 -55.26
CA SER Z 23 44.50 -7.21 -56.45
C SER Z 23 45.22 -5.89 -56.18
N ALA Z 24 46.29 -5.66 -56.92
CA ALA Z 24 47.05 -4.42 -56.77
C ALA Z 24 46.22 -3.21 -57.20
N ARG Z 25 46.32 -2.13 -56.44
CA ARG Z 25 45.58 -0.91 -56.70
C ARG Z 25 46.36 0.07 -57.57
N GLY Z 26 47.60 0.37 -57.20
CA GLY Z 26 48.38 1.35 -57.93
C GLY Z 26 49.65 0.80 -58.53
N ILE Z 27 49.71 0.78 -59.86
CA ILE Z 27 50.87 0.26 -60.58
C ILE Z 27 50.85 0.86 -61.98
N ILE Z 28 52.01 1.28 -62.46
CA ILE Z 28 52.14 1.99 -63.72
C ILE Z 28 53.05 1.21 -64.65
N ALA Z 29 52.71 1.21 -65.93
CA ALA Z 29 53.54 0.61 -66.98
C ALA Z 29 53.82 1.66 -68.04
N MET Z 30 55.06 1.70 -68.52
CA MET Z 30 55.48 2.65 -69.54
C MET Z 30 56.48 1.98 -70.47
N VAL Z 31 56.31 2.21 -71.77
CA VAL Z 31 57.22 1.69 -72.78
C VAL Z 31 57.86 2.86 -73.51
N LEU Z 32 59.15 2.74 -73.79
CA LEU Z 32 59.96 3.78 -74.42
C LEU Z 32 61.04 3.11 -75.25
N LYS Z 33 61.40 3.72 -76.36
CA LYS Z 33 62.33 3.09 -77.31
C LYS Z 33 63.69 3.77 -77.27
N ASP Z 34 64.71 2.98 -76.93
CA ASP Z 34 66.10 3.43 -76.95
C ASP Z 34 66.99 2.20 -76.99
N ALA Z 35 68.27 2.43 -77.31
CA ALA Z 35 69.19 1.32 -77.56
C ALA Z 35 69.57 0.57 -76.30
N LYS Z 36 69.77 1.28 -75.19
CA LYS Z 36 70.40 0.69 -74.02
C LYS Z 36 69.39 0.08 -73.06
N ALA Z 37 69.91 -0.67 -72.08
CA ALA Z 37 69.12 -1.21 -70.96
C ALA Z 37 67.98 -2.10 -71.45
N LEU Z 38 68.25 -2.94 -72.44
CA LEU Z 38 67.20 -3.71 -73.09
C LEU Z 38 66.47 -4.61 -72.09
N GLY Z 39 65.15 -4.64 -72.18
CA GLY Z 39 64.32 -5.44 -71.30
C GLY Z 39 63.65 -4.60 -70.22
N LEU Z 40 62.88 -5.30 -69.38
CA LEU Z 40 62.19 -4.64 -68.28
C LEU Z 40 63.18 -4.15 -67.24
N ASN Z 41 62.97 -2.91 -66.79
CA ASN Z 41 63.71 -2.33 -65.66
C ASN Z 41 62.68 -1.65 -64.76
N GLU Z 42 62.16 -2.41 -63.80
CA GLU Z 42 61.22 -1.84 -62.84
C GLU Z 42 61.96 -0.89 -61.91
N ILE Z 43 61.37 0.29 -61.71
CA ILE Z 43 61.99 1.35 -60.92
C ILE Z 43 61.27 1.42 -59.58
N HIS Z 44 62.00 1.09 -58.51
CA HIS Z 44 61.41 1.11 -57.18
C HIS Z 44 61.25 2.53 -56.66
N GLU Z 45 62.22 3.40 -56.95
CA GLU Z 45 62.20 4.76 -56.44
C GLU Z 45 63.04 5.65 -57.35
N LYS Z 46 63.08 6.94 -57.02
CA LYS Z 46 63.73 7.91 -57.90
C LYS Z 46 65.25 7.79 -57.89
N GLU Z 47 65.84 7.43 -56.74
CA GLU Z 47 67.29 7.51 -56.58
C GLU Z 47 68.02 6.58 -57.55
N ASP Z 48 67.48 5.38 -57.78
CA ASP Z 48 68.13 4.38 -58.61
C ASP Z 48 67.54 4.44 -60.02
N ILE Z 49 68.25 5.07 -60.93
CA ILE Z 49 67.91 5.08 -62.35
C ILE Z 49 69.11 4.56 -63.13
N PRO Z 50 68.94 3.56 -63.99
CA PRO Z 50 70.09 3.07 -64.77
C PRO Z 50 70.67 4.17 -65.65
N VAL Z 51 72.00 4.30 -65.61
CA VAL Z 51 72.66 5.40 -66.30
C VAL Z 51 72.65 5.21 -67.82
N ASP Z 52 72.48 3.98 -68.29
CA ASP Z 52 72.49 3.72 -69.73
C ASP Z 52 71.32 4.37 -70.45
N LEU Z 53 70.27 4.76 -69.72
CA LEU Z 53 69.16 5.45 -70.33
C LEU Z 53 69.60 6.82 -70.85
N SER Z 54 68.98 7.25 -71.94
CA SER Z 54 69.32 8.53 -72.55
C SER Z 54 68.75 9.68 -71.74
N ALA Z 55 69.21 10.90 -72.06
CA ALA Z 55 68.77 12.08 -71.34
C ALA Z 55 67.28 12.33 -71.52
N GLU Z 56 66.79 12.23 -72.76
CA GLU Z 56 65.36 12.44 -73.02
C GLU Z 56 64.52 11.39 -72.31
N ASN Z 57 64.98 10.14 -72.32
CA ASN Z 57 64.30 9.10 -71.55
C ASN Z 57 64.36 9.38 -70.05
N LYS Z 58 65.46 9.96 -69.57
CA LYS Z 58 65.52 10.34 -68.17
C LYS Z 58 64.49 11.41 -67.83
N GLU Z 59 64.32 12.39 -68.72
CA GLU Z 59 63.29 13.41 -68.51
C GLU Z 59 61.90 12.79 -68.55
N TYR Z 60 61.70 11.80 -69.40
CA TYR Z 60 60.40 11.11 -69.44
C TYR Z 60 60.15 10.37 -68.13
N ILE Z 61 61.18 9.71 -67.59
CA ILE Z 61 61.06 9.09 -66.27
C ILE Z 61 60.70 10.14 -65.23
N ASN Z 62 61.38 11.28 -65.27
CA ASN Z 62 61.11 12.34 -64.29
C ASN Z 62 59.67 12.82 -64.38
N LEU Z 63 59.16 13.00 -65.59
CA LEU Z 63 57.76 13.36 -65.76
C LEU Z 63 56.84 12.30 -65.18
N ALA Z 64 57.16 11.02 -65.40
CA ALA Z 64 56.33 9.95 -64.89
C ALA Z 64 56.48 9.75 -63.39
N LEU Z 65 57.47 10.38 -62.74
CA LEU Z 65 57.76 10.08 -61.35
C LEU Z 65 56.71 10.65 -60.40
N MET Z 66 56.57 11.97 -60.35
CA MET Z 66 55.77 12.58 -59.30
C MET Z 66 54.29 12.25 -59.46
N GLY Z 67 53.65 11.94 -58.33
CA GLY Z 67 52.23 11.67 -58.29
C GLY Z 67 51.46 12.86 -57.73
N ASN Z 68 50.15 12.86 -58.00
CA ASN Z 68 49.32 14.00 -57.62
C ASN Z 68 49.29 14.18 -56.11
N VAL Z 69 48.97 13.12 -55.38
CA VAL Z 69 48.83 13.17 -53.93
C VAL Z 69 49.87 12.30 -53.23
N ASN Z 70 50.11 11.10 -53.76
CA ASN Z 70 51.08 10.19 -53.20
C ASN Z 70 51.99 9.69 -54.31
N THR Z 71 53.20 9.28 -53.93
CA THR Z 71 54.11 8.69 -54.88
C THR Z 71 53.54 7.36 -55.38
N PRO Z 72 53.77 7.02 -56.65
CA PRO Z 72 53.22 5.77 -57.17
C PRO Z 72 53.71 4.57 -56.38
N ASN Z 73 52.80 3.62 -56.17
CA ASN Z 73 53.15 2.43 -55.40
C ASN Z 73 54.16 1.57 -56.12
N LYS Z 74 53.92 1.29 -57.40
CA LYS Z 74 54.81 0.45 -58.19
C LYS Z 74 54.94 1.05 -59.58
N LEU Z 75 56.17 1.04 -60.10
CA LEU Z 75 56.43 1.50 -61.46
C LEU Z 75 57.12 0.39 -62.22
N LEU Z 76 56.53 -0.01 -63.33
CA LEU Z 76 57.11 -1.00 -64.23
C LEU Z 76 57.45 -0.32 -65.54
N VAL Z 77 58.72 -0.38 -65.93
CA VAL Z 77 59.21 0.25 -67.15
C VAL Z 77 59.74 -0.83 -68.07
N TYR Z 78 59.25 -0.85 -69.31
CA TYR Z 78 59.74 -1.75 -70.33
C TYR Z 78 60.61 -0.97 -71.30
N VAL Z 79 61.83 -1.45 -71.52
CA VAL Z 79 62.73 -0.83 -72.48
C VAL Z 79 62.66 -1.59 -73.80
N ILE Z 80 62.27 -0.88 -74.85
CA ILE Z 80 62.18 -1.46 -76.20
C ILE Z 80 63.21 -0.75 -77.07
N GLU Z 81 63.73 -1.46 -78.06
CA GLU Z 81 64.77 -0.88 -78.89
C GLU Z 81 64.19 0.26 -79.73
N GLY Z 82 65.08 1.17 -80.14
CA GLY Z 82 64.64 2.34 -80.86
C GLY Z 82 63.92 1.99 -82.15
N GLU Z 83 64.42 1.00 -82.88
CA GLU Z 83 63.81 0.56 -84.13
C GLU Z 83 62.88 -0.63 -83.90
N ALA Z 84 62.76 -1.09 -82.66
CA ALA Z 84 62.10 -2.36 -82.39
C ALA Z 84 60.61 -2.32 -82.72
N ASP Z 85 60.08 -3.50 -83.04
CA ASP Z 85 58.70 -3.61 -83.48
C ASP Z 85 57.73 -3.17 -82.40
N ILE Z 86 56.60 -2.63 -82.83
CA ILE Z 86 55.57 -2.17 -81.91
C ILE Z 86 55.03 -3.33 -81.08
N GLN Z 87 54.90 -4.52 -81.70
CA GLN Z 87 54.10 -5.59 -81.12
C GLN Z 87 54.74 -6.23 -79.89
N THR Z 88 56.07 -6.46 -79.93
CA THR Z 88 56.69 -7.38 -78.98
C THR Z 88 56.58 -6.88 -77.54
N ALA Z 89 56.75 -5.58 -77.33
CA ALA Z 89 56.68 -5.01 -75.99
C ALA Z 89 55.34 -5.31 -75.34
N LEU Z 90 54.28 -5.08 -76.11
CA LEU Z 90 52.92 -5.31 -75.64
C LEU Z 90 52.71 -6.76 -75.21
N ASP Z 91 53.08 -7.67 -76.10
CA ASP Z 91 52.94 -9.09 -75.80
C ASP Z 91 53.70 -9.47 -74.54
N PHE Z 92 54.92 -8.96 -74.38
CA PHE Z 92 55.68 -9.24 -73.16
C PHE Z 92 54.96 -8.70 -71.93
N LEU Z 93 54.43 -7.48 -72.03
CA LEU Z 93 53.73 -6.88 -70.89
C LEU Z 93 52.48 -7.66 -70.52
N GLU Z 94 51.84 -8.29 -71.51
CA GLU Z 94 50.65 -9.11 -71.24
C GLU Z 94 50.85 -10.07 -70.07
N THR Z 95 52.03 -10.68 -69.96
CA THR Z 95 52.29 -11.60 -68.85
C THR Z 95 52.19 -10.89 -67.50
N LYS Z 96 52.78 -9.71 -67.40
CA LYS Z 96 52.71 -8.94 -66.17
C LYS Z 96 51.32 -8.32 -66.00
N GLU Z 97 50.99 -8.00 -64.75
CA GLU Z 97 49.77 -7.26 -64.45
C GLU Z 97 50.11 -5.80 -64.19
N PHE Z 98 49.27 -4.91 -64.71
CA PHE Z 98 49.48 -3.48 -64.53
C PHE Z 98 48.13 -2.78 -64.60
N ASN Z 99 48.11 -1.53 -64.14
CA ASN Z 99 46.89 -0.73 -64.08
C ASN Z 99 46.84 0.36 -65.13
N TYR Z 100 47.95 1.05 -65.40
CA TYR Z 100 47.98 2.16 -66.32
C TYR Z 100 49.15 2.03 -67.28
N LEU Z 101 48.93 2.42 -68.53
CA LEU Z 101 49.96 2.37 -69.56
C LEU Z 101 50.07 3.72 -70.24
N CYS Z 102 51.30 4.22 -70.36
CA CYS Z 102 51.59 5.46 -71.08
C CYS Z 102 52.80 5.26 -71.96
N MET Z 103 52.72 5.74 -73.21
CA MET Z 103 53.82 5.63 -74.15
C MET Z 103 54.26 7.03 -74.53
N PRO Z 104 55.37 7.53 -73.97
CA PRO Z 104 55.69 8.96 -74.10
C PRO Z 104 55.86 9.45 -75.54
N LYS Z 105 56.38 8.63 -76.44
CA LYS Z 105 56.46 9.05 -77.84
C LYS Z 105 55.07 9.28 -78.42
N ALA Z 106 54.12 8.38 -78.10
CA ALA Z 106 52.75 8.47 -78.57
C ALA Z 106 52.68 8.66 -80.09
N VAL Z 107 53.50 7.89 -80.81
CA VAL Z 107 53.52 7.96 -82.25
C VAL Z 107 52.17 7.51 -82.80
N GLU Z 108 51.75 8.14 -83.90
CA GLU Z 108 50.44 7.83 -84.48
C GLU Z 108 50.34 6.38 -84.92
N ALA Z 109 51.48 5.74 -85.22
CA ALA Z 109 51.45 4.32 -85.55
C ALA Z 109 51.01 3.49 -84.36
N ASP Z 110 51.49 3.82 -83.16
CA ASP Z 110 51.22 3.01 -81.97
C ASP Z 110 49.79 3.13 -81.47
N LYS Z 111 49.10 4.23 -81.79
CA LYS Z 111 47.81 4.48 -81.17
C LYS Z 111 46.78 3.44 -81.56
N THR Z 112 46.74 3.04 -82.84
CA THR Z 112 45.74 2.09 -83.29
C THR Z 112 45.94 0.73 -82.64
N ALA Z 113 47.18 0.23 -82.64
CA ALA Z 113 47.46 -1.07 -82.04
C ALA Z 113 47.20 -1.06 -80.55
N ILE Z 114 47.60 0.02 -79.85
CA ILE Z 114 47.37 0.10 -78.42
C ILE Z 114 45.88 0.09 -78.12
N LYS Z 115 45.11 0.87 -78.88
CA LYS Z 115 43.66 0.91 -78.69
C LYS Z 115 43.03 -0.46 -78.92
N ASN Z 116 43.41 -1.12 -80.01
CA ASN Z 116 42.84 -2.41 -80.33
C ASN Z 116 43.19 -3.46 -79.28
N TRP Z 117 44.44 -3.45 -78.81
CA TRP Z 117 44.87 -4.40 -77.80
C TRP Z 117 44.13 -4.17 -76.48
N ILE Z 118 43.96 -2.90 -76.09
CA ILE Z 118 43.22 -2.58 -74.88
C ILE Z 118 41.80 -3.08 -74.99
N ILE Z 119 41.16 -2.84 -76.14
CA ILE Z 119 39.80 -3.32 -76.36
C ILE Z 119 39.76 -4.85 -76.28
N LYS Z 120 40.74 -5.52 -76.88
CA LYS Z 120 40.75 -6.98 -76.90
C LYS Z 120 40.85 -7.56 -75.50
N LEU Z 121 41.73 -7.01 -74.67
CA LEU Z 121 41.78 -7.49 -73.29
C LEU Z 121 40.50 -7.17 -72.54
N ARG Z 122 40.01 -5.94 -72.68
CA ARG Z 122 38.90 -5.48 -71.85
C ARG Z 122 37.61 -6.20 -72.19
N ASP Z 123 37.47 -6.67 -73.44
CA ASP Z 123 36.26 -7.37 -73.85
C ASP Z 123 36.46 -8.88 -73.92
N ILE Z 124 37.43 -9.35 -74.70
CA ILE Z 124 37.57 -10.77 -74.95
C ILE Z 124 38.11 -11.51 -73.73
N ASP Z 125 39.20 -11.00 -73.15
CA ASP Z 125 39.88 -11.69 -72.06
C ASP Z 125 39.40 -11.24 -70.69
N LYS Z 126 38.47 -10.29 -70.62
CA LYS Z 126 37.93 -9.80 -69.35
C LYS Z 126 39.04 -9.30 -68.43
N VAL Z 127 40.01 -8.59 -69.00
CA VAL Z 127 41.11 -7.99 -68.25
C VAL Z 127 40.93 -6.48 -68.31
N LYS Z 128 40.79 -5.86 -67.14
CA LYS Z 128 40.53 -4.43 -67.05
C LYS Z 128 41.86 -3.68 -67.00
N VAL Z 129 42.19 -2.99 -68.09
CA VAL Z 129 43.40 -2.19 -68.18
C VAL Z 129 43.06 -0.86 -68.86
N LYS Z 130 43.93 0.11 -68.66
CA LYS Z 130 43.72 1.45 -69.18
C LYS Z 130 45.00 1.97 -69.81
N ALA Z 131 44.86 2.70 -70.92
CA ALA Z 131 45.98 3.31 -71.61
C ALA Z 131 45.65 4.76 -71.94
N VAL Z 132 46.65 5.62 -71.82
CA VAL Z 132 46.49 7.06 -72.04
C VAL Z 132 47.30 7.45 -73.26
N LEU Z 133 46.63 8.05 -74.24
CA LEU Z 133 47.27 8.47 -75.48
C LEU Z 133 46.75 9.85 -75.87
N GLY Z 134 47.55 10.55 -76.68
CA GLY Z 134 47.27 11.93 -77.00
C GLY Z 134 46.05 12.20 -77.87
N LYS Z 135 46.13 11.80 -79.14
CA LYS Z 135 45.13 12.20 -80.13
C LYS Z 135 44.21 11.05 -80.55
N VAL Z 136 44.11 10.01 -79.72
CA VAL Z 136 43.19 8.92 -80.02
C VAL Z 136 41.76 9.40 -79.92
N VAL Z 137 40.94 9.00 -80.88
CA VAL Z 137 39.53 9.40 -80.91
C VAL Z 137 38.61 8.29 -80.40
N GLY Z 138 39.11 7.06 -80.30
CA GLY Z 138 38.30 5.95 -79.80
C GLY Z 138 37.76 6.22 -78.41
N ASN Z 139 36.44 6.19 -78.28
CA ASN Z 139 35.77 6.59 -77.05
C ASN Z 139 35.38 5.40 -76.18
N HIS Z 140 36.15 4.31 -76.23
CA HIS Z 140 35.92 3.22 -75.31
C HIS Z 140 36.29 3.63 -73.90
N GLU Z 141 35.58 3.06 -72.92
CA GLU Z 141 35.78 3.44 -71.53
C GLU Z 141 37.21 3.12 -71.07
N GLY Z 142 37.84 2.10 -71.65
CA GLY Z 142 39.21 1.79 -71.29
C GLY Z 142 40.20 2.85 -71.75
N ILE Z 143 39.94 3.45 -72.90
CA ILE Z 143 40.88 4.42 -73.48
C ILE Z 143 40.68 5.77 -72.81
N ILE Z 144 41.78 6.32 -72.30
CA ILE Z 144 41.82 7.70 -71.81
C ILE Z 144 42.60 8.54 -72.81
N ASN Z 145 42.02 9.65 -73.21
CA ASN Z 145 42.60 10.51 -74.24
C ASN Z 145 42.78 11.92 -73.70
N PHE Z 146 43.94 12.51 -73.95
CA PHE Z 146 44.32 13.80 -73.36
C PHE Z 146 45.01 14.65 -74.42
N THR Z 147 44.71 15.95 -74.41
CA THR Z 147 45.25 16.87 -75.41
C THR Z 147 45.54 18.22 -74.76
N THR Z 148 46.78 18.67 -74.87
CA THR Z 148 47.17 20.03 -74.49
C THR Z 148 48.45 20.38 -75.21
N GLU Z 149 48.43 21.46 -75.97
CA GLU Z 149 49.53 21.79 -76.88
C GLU Z 149 50.67 22.47 -76.14
N ASP Z 150 51.88 22.31 -76.72
CA ASP Z 150 53.10 23.08 -76.43
C ASP Z 150 53.24 23.51 -74.97
N VAL Z 151 53.06 22.58 -74.05
CA VAL Z 151 53.20 22.89 -72.63
C VAL Z 151 54.67 23.12 -72.30
N LEU Z 152 54.96 24.25 -71.64
CA LEU Z 152 56.32 24.60 -71.25
C LEU Z 152 56.45 24.41 -69.75
N VAL Z 153 57.27 23.46 -69.33
CA VAL Z 153 57.48 23.14 -67.93
C VAL Z 153 58.97 23.25 -67.63
N GLY Z 154 59.32 23.96 -66.57
CA GLY Z 154 60.71 24.08 -66.18
C GLY Z 154 61.57 24.74 -67.23
N GLU Z 155 61.17 25.95 -67.65
CA GLU Z 155 61.88 26.77 -68.63
C GLU Z 155 62.32 25.96 -69.86
N LYS Z 156 61.55 24.94 -70.21
CA LYS Z 156 61.78 24.17 -71.42
C LYS Z 156 60.44 23.72 -71.98
N LYS Z 157 60.39 23.55 -73.29
CA LYS Z 157 59.15 23.22 -73.99
C LYS Z 157 58.97 21.71 -74.03
N TYR Z 158 57.77 21.25 -73.70
CA TYR Z 158 57.40 19.84 -73.78
C TYR Z 158 56.28 19.67 -74.80
N SER Z 159 56.34 18.59 -75.56
CA SER Z 159 55.29 18.28 -76.50
C SER Z 159 54.11 17.63 -75.78
N VAL Z 160 53.00 17.50 -76.51
CA VAL Z 160 51.81 16.86 -75.96
C VAL Z 160 52.10 15.42 -75.59
N ASP Z 161 52.78 14.70 -76.49
CA ASP Z 161 52.98 13.27 -76.33
C ASP Z 161 53.80 12.96 -75.09
N GLU Z 162 54.90 13.71 -74.88
CA GLU Z 162 55.72 13.47 -73.69
C GLU Z 162 55.01 13.93 -72.43
N PHE Z 163 54.14 14.93 -72.53
CA PHE Z 163 53.38 15.39 -71.37
C PHE Z 163 52.28 14.40 -70.99
N THR Z 164 51.86 13.53 -71.92
CA THR Z 164 50.92 12.48 -71.58
C THR Z 164 51.48 11.57 -70.49
N SER Z 165 52.81 11.40 -70.45
CA SER Z 165 53.41 10.59 -69.39
C SER Z 165 53.21 11.24 -68.02
N ARG Z 166 53.43 12.56 -67.93
CA ARG Z 166 53.18 13.26 -66.68
C ARG Z 166 51.71 13.20 -66.30
N VAL Z 167 50.82 13.31 -67.30
CA VAL Z 167 49.39 13.21 -67.03
C VAL Z 167 49.03 11.84 -66.47
N ALA Z 168 49.59 10.78 -67.07
CA ALA Z 168 49.32 9.43 -66.60
C ALA Z 168 49.85 9.23 -65.17
N GLY Z 169 51.04 9.74 -64.89
CA GLY Z 169 51.54 9.67 -63.52
C GLY Z 169 50.65 10.42 -62.55
N LEU Z 170 50.16 11.60 -62.96
CA LEU Z 170 49.25 12.36 -62.13
C LEU Z 170 47.98 11.56 -61.82
N ILE Z 171 47.43 10.91 -62.84
CA ILE Z 171 46.22 10.10 -62.66
C ILE Z 171 46.50 8.94 -61.71
N ALA Z 172 47.63 8.26 -61.91
CA ALA Z 172 47.92 7.06 -61.13
C ALA Z 172 48.22 7.38 -59.68
N GLY Z 173 48.81 8.54 -59.41
CA GLY Z 173 49.15 8.88 -58.03
C GLY Z 173 47.93 9.05 -57.13
N THR Z 174 46.82 9.53 -57.69
CA THR Z 174 45.67 9.88 -56.88
C THR Z 174 45.03 8.63 -56.26
N PRO Z 175 44.65 8.69 -54.98
CA PRO Z 175 43.95 7.55 -54.37
C PRO Z 175 42.54 7.39 -54.94
N LEU Z 176 41.99 6.19 -54.71
CA LEU Z 176 40.67 5.87 -55.24
C LEU Z 176 39.57 6.69 -54.57
N SER Z 177 39.76 7.07 -53.32
CA SER Z 177 38.70 7.76 -52.57
C SER Z 177 38.33 9.08 -53.23
N GLN Z 178 39.33 9.86 -53.64
CA GLN Z 178 39.09 11.13 -54.30
C GLN Z 178 39.38 10.99 -55.79
N SER Z 179 39.19 12.09 -56.53
CA SER Z 179 39.33 12.09 -57.98
C SER Z 179 40.33 13.14 -58.41
N VAL Z 180 40.87 12.97 -59.61
CA VAL Z 180 41.87 13.86 -60.18
C VAL Z 180 41.18 15.14 -60.68
N THR Z 181 39.85 15.17 -60.61
CA THR Z 181 39.10 16.28 -61.17
C THR Z 181 39.43 17.57 -60.45
N TYR Z 182 39.90 18.57 -61.21
CA TYR Z 182 40.12 19.93 -60.72
C TYR Z 182 41.12 19.93 -59.57
N THR Z 183 42.35 19.54 -59.89
CA THR Z 183 43.45 19.52 -58.94
C THR Z 183 44.59 20.39 -59.46
N LYS Z 184 45.36 20.96 -58.53
CA LYS Z 184 46.42 21.88 -58.87
C LYS Z 184 47.78 21.17 -58.91
N LEU Z 185 48.52 21.40 -59.99
CA LEU Z 185 49.87 20.90 -60.15
C LEU Z 185 50.80 22.10 -60.33
N SER Z 186 51.85 22.16 -59.50
CA SER Z 186 52.70 23.34 -59.45
C SER Z 186 53.88 23.29 -60.43
N ASP Z 187 54.19 22.11 -60.98
CA ASP Z 187 55.35 21.99 -61.85
C ASP Z 187 55.16 22.77 -63.15
N VAL Z 188 53.94 22.81 -63.68
CA VAL Z 188 53.67 23.45 -64.96
C VAL Z 188 53.61 24.96 -64.70
N VAL Z 189 54.68 25.67 -65.05
CA VAL Z 189 54.74 27.11 -64.78
C VAL Z 189 53.85 27.88 -65.75
N ASP Z 190 53.79 27.47 -67.01
CA ASP Z 190 53.12 28.25 -68.04
C ASP Z 190 52.37 27.32 -68.97
N ILE Z 191 51.24 27.81 -69.50
CA ILE Z 191 50.41 27.05 -70.43
C ILE Z 191 49.98 27.98 -71.57
N PRO Z 192 49.68 27.41 -72.73
CA PRO Z 192 49.13 28.23 -73.83
C PRO Z 192 47.80 28.85 -73.44
N LYS Z 193 47.58 30.08 -73.88
CA LYS Z 193 46.35 30.79 -73.56
C LYS Z 193 45.19 30.22 -74.35
N MET Z 194 44.06 30.02 -73.66
CA MET Z 194 42.86 29.49 -74.30
C MET Z 194 41.66 29.85 -73.44
N THR Z 195 40.58 30.29 -74.09
CA THR Z 195 39.43 30.83 -73.39
C THR Z 195 38.61 29.71 -72.74
N LYS Z 196 37.66 30.13 -71.89
CA LYS Z 196 36.79 29.18 -71.20
C LYS Z 196 35.83 28.49 -72.18
N VAL Z 197 35.33 29.22 -73.16
CA VAL Z 197 34.38 28.64 -74.10
C VAL Z 197 35.03 27.54 -74.92
N ASP Z 198 36.29 27.73 -75.32
CA ASP Z 198 37.01 26.68 -76.03
C ASP Z 198 37.17 25.44 -75.16
N ALA Z 199 37.50 25.63 -73.88
CA ALA Z 199 37.64 24.50 -72.97
C ALA Z 199 36.33 23.75 -72.82
N GLU Z 200 35.22 24.48 -72.69
CA GLU Z 200 33.92 23.83 -72.58
C GLU Z 200 33.60 23.04 -73.84
N SER Z 201 33.85 23.64 -75.01
CA SER Z 201 33.55 22.96 -76.27
C SER Z 201 34.37 21.69 -76.42
N ARG Z 202 35.64 21.73 -75.97
CA ARG Z 202 36.48 20.54 -76.07
C ARG Z 202 36.05 19.48 -75.07
N VAL Z 203 35.75 19.88 -73.83
CA VAL Z 203 35.42 18.90 -72.79
C VAL Z 203 34.09 18.23 -73.08
N ASN Z 204 33.12 19.00 -73.60
CA ASN Z 204 31.79 18.44 -73.84
C ASN Z 204 31.83 17.28 -74.84
N LYS Z 205 32.79 17.29 -75.76
CA LYS Z 205 32.90 16.24 -76.76
C LYS Z 205 34.22 15.51 -76.71
N GLY Z 206 35.33 16.22 -76.66
CA GLY Z 206 36.65 15.65 -76.86
C GLY Z 206 37.36 15.30 -75.57
N GLU Z 207 38.68 15.44 -75.59
CA GLU Z 207 39.56 14.98 -74.53
C GLU Z 207 39.57 15.93 -73.35
N LEU Z 208 40.05 15.44 -72.22
CA LEU Z 208 40.28 16.30 -71.07
C LEU Z 208 41.49 17.18 -71.31
N ILE Z 209 41.39 18.45 -70.90
CA ILE Z 209 42.38 19.46 -71.21
C ILE Z 209 42.70 20.27 -69.95
N LEU Z 210 43.78 21.02 -70.02
CA LEU Z 210 44.21 21.88 -68.91
C LEU Z 210 43.64 23.28 -69.08
N ILE Z 211 43.21 23.88 -67.97
CA ILE Z 211 42.70 25.23 -67.95
C ILE Z 211 43.31 25.97 -66.77
N LYS Z 212 43.28 27.30 -66.84
CA LYS Z 212 43.76 28.16 -65.78
C LYS Z 212 42.60 29.00 -65.24
N GLU Z 213 42.42 28.96 -63.92
CA GLU Z 213 41.39 29.75 -63.26
C GLU Z 213 41.81 30.00 -61.82
N ALA Z 214 41.40 31.15 -61.29
CA ALA Z 214 41.64 31.54 -59.89
C ALA Z 214 43.16 31.53 -59.66
N GLY Z 215 43.62 31.01 -58.52
CA GLY Z 215 45.02 31.17 -58.16
C GLY Z 215 45.99 30.43 -59.06
N ALA Z 216 45.69 29.17 -59.38
CA ALA Z 216 46.65 28.30 -60.03
C ALA Z 216 46.03 27.58 -61.21
N ILE Z 217 46.90 27.06 -62.08
CA ILE Z 217 46.48 26.25 -63.21
C ILE Z 217 46.10 24.86 -62.71
N ARG Z 218 44.90 24.40 -63.09
CA ARG Z 218 44.35 23.18 -62.53
C ARG Z 218 43.66 22.37 -63.60
N ILE Z 219 43.38 21.10 -63.26
CA ILE Z 219 42.64 20.23 -64.16
C ILE Z 219 41.22 20.77 -64.33
N ALA Z 220 40.61 20.46 -65.48
CA ALA Z 220 39.28 20.94 -65.81
C ALA Z 220 38.38 19.74 -66.11
N ARG Z 221 37.59 19.33 -65.12
CA ARG Z 221 36.58 18.29 -65.29
C ARG Z 221 37.20 17.02 -65.88
N GLY Z 222 38.27 16.54 -65.23
CA GLY Z 222 38.99 15.39 -65.72
C GLY Z 222 38.13 14.17 -65.86
N VAL Z 223 37.78 13.81 -67.10
CA VAL Z 223 36.90 12.69 -67.39
C VAL Z 223 37.39 11.99 -68.64
N ASN Z 224 37.19 10.68 -68.68
CA ASN Z 224 37.40 9.93 -69.90
C ASN Z 224 36.36 10.34 -70.94
N SER Z 225 36.76 10.31 -72.21
CA SER Z 225 35.91 10.72 -73.31
C SER Z 225 35.21 9.50 -73.88
N LEU Z 226 33.92 9.35 -73.56
CA LEU Z 226 33.06 8.31 -74.13
C LEU Z 226 31.81 9.03 -74.62
N THR Z 227 31.87 9.55 -75.85
CA THR Z 227 30.80 10.41 -76.34
C THR Z 227 29.57 9.62 -76.78
N GLU Z 228 29.74 8.42 -77.29
CA GLU Z 228 28.59 7.60 -77.63
C GLU Z 228 27.88 7.14 -76.37
N LEU Z 229 26.57 6.93 -76.48
CA LEU Z 229 25.75 6.58 -75.33
C LEU Z 229 24.97 5.30 -75.63
N THR Z 230 25.01 4.36 -74.70
CA THR Z 230 24.24 3.12 -74.79
C THR Z 230 23.45 2.95 -73.51
N ALA Z 231 22.32 2.22 -73.62
CA ALA Z 231 21.45 2.05 -72.47
C ALA Z 231 22.16 1.29 -71.34
N GLU Z 232 22.95 0.29 -71.69
CA GLU Z 232 23.61 -0.52 -70.68
C GLU Z 232 24.74 0.24 -69.99
N LYS Z 233 25.57 0.93 -70.75
CA LYS Z 233 26.71 1.63 -70.15
C LYS Z 233 26.26 2.86 -69.37
N GLY Z 234 25.36 3.66 -69.95
CA GLY Z 234 24.86 4.84 -69.28
C GLY Z 234 25.87 5.98 -69.27
N GLU Z 235 25.46 7.07 -68.62
CA GLU Z 235 26.32 8.25 -68.52
C GLU Z 235 27.45 8.06 -67.51
N MET Z 236 27.19 7.34 -66.41
CA MET Z 236 28.17 7.22 -65.35
C MET Z 236 29.48 6.57 -65.81
N PHE Z 237 29.45 5.79 -66.90
CA PHE Z 237 30.65 5.16 -67.40
C PHE Z 237 31.64 6.17 -67.98
N GLN Z 238 31.19 7.39 -68.25
CA GLN Z 238 32.07 8.38 -68.86
C GLN Z 238 33.07 8.96 -67.86
N LYS Z 239 32.70 9.02 -66.58
CA LYS Z 239 33.61 9.55 -65.57
C LYS Z 239 34.74 8.56 -65.30
N ILE Z 240 35.95 9.09 -65.12
CA ILE Z 240 37.13 8.23 -64.99
C ILE Z 240 37.14 7.50 -63.65
N LYS Z 241 36.76 8.18 -62.57
CA LYS Z 241 36.81 7.56 -61.25
C LYS Z 241 35.86 6.37 -61.16
N ILE Z 242 34.65 6.51 -61.71
CA ILE Z 242 33.67 5.44 -61.63
C ILE Z 242 34.18 4.19 -62.35
N VAL Z 243 34.68 4.38 -63.57
CA VAL Z 243 35.14 3.22 -64.34
C VAL Z 243 36.39 2.62 -63.72
N ASP Z 244 37.26 3.44 -63.13
CA ASP Z 244 38.42 2.89 -62.45
C ASP Z 244 38.01 2.04 -61.26
N THR Z 245 37.05 2.52 -60.46
CA THR Z 245 36.57 1.74 -59.33
C THR Z 245 35.91 0.44 -59.81
N LEU Z 246 35.13 0.51 -60.88
CA LEU Z 246 34.50 -0.69 -61.42
C LEU Z 246 35.54 -1.69 -61.89
N ASP Z 247 36.60 -1.22 -62.55
CA ASP Z 247 37.66 -2.12 -63.00
C ASP Z 247 38.38 -2.76 -61.83
N ILE Z 248 38.64 -1.99 -60.77
CA ILE Z 248 39.27 -2.56 -59.57
C ILE Z 248 38.36 -3.64 -58.99
N ILE Z 249 37.07 -3.36 -58.89
CA ILE Z 249 36.13 -4.34 -58.35
C ILE Z 249 36.12 -5.60 -59.20
N HIS Z 250 36.08 -5.44 -60.52
CA HIS Z 250 36.01 -6.59 -61.41
C HIS Z 250 37.27 -7.46 -61.29
N SER Z 251 38.45 -6.83 -61.31
CA SER Z 251 39.68 -7.61 -61.20
C SER Z 251 39.77 -8.31 -59.86
N ASP Z 252 39.41 -7.62 -58.78
CA ASP Z 252 39.47 -8.21 -57.46
C ASP Z 252 38.50 -9.39 -57.33
N ILE Z 253 37.27 -9.23 -57.82
CA ILE Z 253 36.31 -10.32 -57.72
C ILE Z 253 36.73 -11.47 -58.63
N ARG Z 254 37.39 -11.17 -59.75
CA ARG Z 254 37.91 -12.25 -60.59
C ARG Z 254 38.97 -13.05 -59.85
N LYS Z 255 39.87 -12.36 -59.14
CA LYS Z 255 40.86 -13.07 -58.34
C LYS Z 255 40.19 -13.91 -57.25
N VAL Z 256 39.21 -13.34 -56.56
CA VAL Z 256 38.54 -14.06 -55.48
C VAL Z 256 37.83 -15.30 -56.03
N ILE Z 257 37.16 -15.16 -57.16
CA ILE Z 257 36.47 -16.30 -57.78
C ILE Z 257 37.46 -17.37 -58.19
N ILE Z 258 38.52 -16.98 -58.90
CA ILE Z 258 39.46 -17.97 -59.41
C ILE Z 258 40.22 -18.65 -58.28
N ASP Z 259 40.28 -18.03 -57.10
CA ASP Z 259 40.97 -18.66 -55.98
C ASP Z 259 40.26 -19.93 -55.53
N ASP Z 260 38.96 -19.86 -55.30
CA ASP Z 260 38.31 -20.97 -54.61
C ASP Z 260 37.12 -21.57 -55.35
N TYR Z 261 36.28 -20.74 -55.98
CA TYR Z 261 34.96 -21.18 -56.43
C TYR Z 261 34.95 -21.64 -57.89
N ILE Z 262 36.04 -22.23 -58.38
CA ILE Z 262 36.06 -22.81 -59.71
C ILE Z 262 36.61 -24.22 -59.63
N GLY Z 263 35.86 -25.17 -60.18
CA GLY Z 263 36.30 -26.55 -60.26
C GLY Z 263 36.32 -27.31 -58.94
N LYS Z 264 36.34 -26.57 -57.83
CA LYS Z 264 36.48 -27.21 -56.52
C LYS Z 264 35.19 -27.88 -56.07
N VAL Z 265 34.04 -27.24 -56.27
CA VAL Z 265 32.77 -27.75 -55.77
C VAL Z 265 31.75 -27.79 -56.90
N THR Z 266 30.78 -28.69 -56.76
CA THR Z 266 29.70 -28.80 -57.73
C THR Z 266 28.78 -27.59 -57.65
N ASN Z 267 28.18 -27.25 -58.79
CA ASN Z 267 27.28 -26.11 -58.85
C ASN Z 267 25.84 -26.56 -58.60
N SER Z 268 25.24 -26.02 -57.55
CA SER Z 268 23.82 -26.19 -57.26
C SER Z 268 23.26 -24.85 -56.85
N TYR Z 269 21.94 -24.78 -56.70
CA TYR Z 269 21.32 -23.52 -56.32
C TYR Z 269 21.82 -23.08 -54.95
N ASP Z 270 22.04 -24.03 -54.04
CA ASP Z 270 22.60 -23.70 -52.73
C ASP Z 270 24.02 -23.16 -52.85
N ASN Z 271 24.83 -23.78 -53.72
CA ASN Z 271 26.19 -23.29 -53.93
C ASN Z 271 26.17 -21.90 -54.52
N LYS Z 272 25.24 -21.65 -55.44
CA LYS Z 272 25.08 -20.30 -55.99
C LYS Z 272 24.70 -19.31 -54.90
N CYS Z 273 23.82 -19.71 -53.99
CA CYS Z 273 23.45 -18.82 -52.88
C CYS Z 273 24.66 -18.53 -52.00
N LEU Z 274 25.48 -19.54 -51.71
CA LEU Z 274 26.68 -19.31 -50.92
C LEU Z 274 27.65 -18.35 -51.62
N LEU Z 275 27.79 -18.52 -52.94
CA LEU Z 275 28.64 -17.61 -53.71
C LEU Z 275 28.12 -16.17 -53.64
N ILE Z 276 26.79 -16.02 -53.76
CA ILE Z 276 26.19 -14.68 -53.66
C ILE Z 276 26.44 -14.09 -52.28
N VAL Z 277 26.36 -14.92 -51.24
CA VAL Z 277 26.61 -14.43 -49.89
C VAL Z 277 28.05 -13.95 -49.75
N ALA Z 278 29.00 -14.72 -50.30
CA ALA Z 278 30.41 -14.32 -50.23
C ALA Z 278 30.63 -12.99 -50.95
N ILE Z 279 30.06 -12.85 -52.15
CA ILE Z 279 30.21 -11.60 -52.90
C ILE Z 279 29.55 -10.45 -52.16
N LYS Z 280 28.41 -10.72 -51.51
CA LYS Z 280 27.73 -9.68 -50.73
C LYS Z 280 28.60 -9.22 -49.58
N SER Z 281 29.25 -10.15 -48.88
CA SER Z 281 30.14 -9.77 -47.79
C SER Z 281 31.32 -8.94 -48.31
N TYR Z 282 31.87 -9.33 -49.46
CA TYR Z 282 32.95 -8.55 -50.05
C TYR Z 282 32.49 -7.13 -50.39
N LEU Z 283 31.29 -7.00 -50.96
CA LEU Z 283 30.77 -5.69 -51.29
C LEU Z 283 30.52 -4.86 -50.04
N GLU Z 284 30.05 -5.50 -48.96
CA GLU Z 284 29.89 -4.78 -47.69
C GLU Z 284 31.23 -4.27 -47.17
N GLU Z 285 32.27 -5.09 -47.28
CA GLU Z 285 33.59 -4.64 -46.86
C GLU Z 285 34.08 -3.47 -47.70
N LEU Z 286 33.82 -3.51 -49.01
CA LEU Z 286 34.15 -2.37 -49.86
C LEU Z 286 33.38 -1.13 -49.44
N GLU Z 287 32.11 -1.30 -49.09
CA GLU Z 287 31.29 -0.19 -48.61
C GLU Z 287 31.88 0.42 -47.34
N LYS Z 288 32.41 -0.43 -46.45
CA LYS Z 288 32.94 0.05 -45.18
C LYS Z 288 33.96 1.17 -45.37
N SER Z 289 34.72 1.13 -46.46
CA SER Z 289 35.68 2.18 -46.78
C SER Z 289 35.06 3.29 -47.64
N ALA Z 290 33.74 3.24 -47.85
CA ALA Z 290 33.01 4.30 -48.57
C ALA Z 290 33.47 4.44 -50.02
N LEU Z 291 33.94 3.35 -50.62
CA LEU Z 291 34.26 3.38 -52.04
C LEU Z 291 33.01 3.33 -52.90
N ILE Z 292 31.99 2.58 -52.46
CA ILE Z 292 30.75 2.42 -53.21
C ILE Z 292 29.57 2.72 -52.30
N GLU Z 293 28.37 2.53 -52.81
CA GLU Z 293 27.17 2.70 -52.00
C GLU Z 293 26.93 1.47 -51.15
N SER Z 294 26.20 1.67 -50.04
CA SER Z 294 26.00 0.61 -49.06
C SER Z 294 25.02 -0.46 -49.53
N ASP Z 295 23.93 -0.05 -50.19
CA ASP Z 295 22.79 -0.94 -50.44
C ASP Z 295 22.87 -1.66 -51.78
N SER Z 296 24.08 -1.94 -52.26
CA SER Z 296 24.22 -2.70 -53.50
C SER Z 296 23.66 -4.11 -53.34
N THR Z 297 23.06 -4.62 -54.42
CA THR Z 297 22.42 -5.93 -54.41
C THR Z 297 22.96 -6.78 -55.55
N VAL Z 298 23.05 -8.08 -55.29
CA VAL Z 298 23.53 -9.06 -56.27
C VAL Z 298 22.52 -10.19 -56.34
N GLU Z 299 22.13 -10.55 -57.56
CA GLU Z 299 21.15 -11.62 -57.76
C GLU Z 299 21.45 -12.33 -59.07
N ILE Z 300 20.81 -13.48 -59.26
CA ILE Z 300 21.03 -14.26 -60.46
C ILE Z 300 20.56 -13.50 -61.68
N ASP Z 301 21.38 -13.51 -62.74
CA ASP Z 301 21.06 -12.83 -63.98
C ASP Z 301 19.96 -13.63 -64.70
N PHE Z 302 18.73 -13.12 -64.64
CA PHE Z 302 17.62 -13.80 -65.30
C PHE Z 302 17.78 -13.78 -66.82
N GLU Z 303 18.21 -12.65 -67.38
CA GLU Z 303 18.29 -12.51 -68.83
C GLU Z 303 19.33 -13.44 -69.42
N ALA Z 304 20.53 -13.47 -68.83
CA ALA Z 304 21.59 -14.31 -69.36
C ALA Z 304 21.24 -15.79 -69.27
N GLN Z 305 20.66 -16.21 -68.14
CA GLN Z 305 20.25 -17.60 -68.00
C GLN Z 305 19.13 -17.93 -68.98
N LYS Z 306 18.20 -17.00 -69.19
CA LYS Z 306 17.14 -17.24 -70.17
C LYS Z 306 17.73 -17.43 -71.57
N SER Z 307 18.70 -16.60 -71.93
CA SER Z 307 19.35 -16.76 -73.24
C SER Z 307 20.07 -18.10 -73.34
N TYR Z 308 20.78 -18.49 -72.28
CA TYR Z 308 21.51 -19.75 -72.31
C TYR Z 308 20.55 -20.94 -72.45
N LEU Z 309 19.47 -20.92 -71.68
CA LEU Z 309 18.47 -21.99 -71.78
C LEU Z 309 17.81 -22.01 -73.15
N LYS Z 310 17.61 -20.83 -73.75
CA LYS Z 310 17.09 -20.78 -75.11
C LYS Z 310 18.07 -21.42 -76.09
N SER Z 311 19.36 -21.20 -75.88
CA SER Z 311 20.36 -21.82 -76.74
C SER Z 311 20.34 -23.33 -76.64
N LYS Z 312 19.98 -23.88 -75.47
CA LYS Z 312 19.99 -25.31 -75.26
C LYS Z 312 18.76 -26.01 -75.82
N GLY Z 313 17.77 -25.26 -76.33
CA GLY Z 313 16.59 -25.87 -76.89
C GLY Z 313 15.55 -26.31 -75.88
N VAL Z 314 15.54 -25.70 -74.69
CA VAL Z 314 14.54 -26.03 -73.69
C VAL Z 314 13.14 -25.63 -74.15
N ASP Z 315 13.04 -24.53 -74.89
CA ASP Z 315 11.76 -24.00 -75.38
C ASP Z 315 10.83 -23.67 -74.22
N LEU Z 316 11.27 -22.72 -73.41
CA LEU Z 316 10.51 -22.22 -72.27
C LEU Z 316 9.59 -21.07 -72.64
N SER Z 317 8.78 -21.29 -73.68
CA SER Z 317 7.84 -20.26 -74.13
C SER Z 317 6.92 -19.85 -72.98
N TYR Z 318 6.44 -20.83 -72.22
CA TYR Z 318 5.81 -20.61 -70.93
C TYR Z 318 6.62 -21.38 -69.88
N MET Z 319 6.95 -20.71 -68.78
CA MET Z 319 7.80 -21.31 -67.77
C MET Z 319 7.80 -20.41 -66.55
N THR Z 320 7.85 -21.01 -65.36
CA THR Z 320 7.78 -20.23 -64.12
C THR Z 320 9.11 -19.54 -63.85
N LEU Z 321 9.03 -18.31 -63.33
CA LEU Z 321 10.23 -17.50 -63.09
C LEU Z 321 11.14 -18.15 -62.05
N GLN Z 322 10.56 -18.64 -60.95
CA GLN Z 322 11.36 -19.25 -59.91
C GLN Z 322 12.05 -20.51 -60.42
N GLU Z 323 11.36 -21.28 -61.27
CA GLU Z 323 11.97 -22.47 -61.85
C GLU Z 323 13.13 -22.10 -62.77
N ILE Z 324 12.99 -21.00 -63.53
CA ILE Z 324 14.09 -20.56 -64.38
C ILE Z 324 15.29 -20.15 -63.52
N LYS Z 325 15.04 -19.42 -62.43
CA LYS Z 325 16.13 -19.00 -61.57
C LYS Z 325 16.84 -20.17 -60.91
N GLU Z 326 16.19 -21.33 -60.81
CA GLU Z 326 16.79 -22.52 -60.23
C GLU Z 326 16.93 -23.66 -61.22
N ALA Z 327 16.89 -23.36 -62.52
CA ALA Z 327 16.97 -24.41 -63.53
C ALA Z 327 18.38 -25.01 -63.56
N ASN Z 328 18.51 -26.08 -64.33
CA ASN Z 328 19.77 -26.81 -64.44
C ASN Z 328 20.65 -26.12 -65.48
N THR Z 329 21.47 -25.18 -65.02
CA THR Z 329 22.36 -24.47 -65.93
C THR Z 329 23.46 -25.39 -66.45
N GLY Z 330 24.07 -26.17 -65.56
CA GLY Z 330 25.11 -27.09 -65.96
C GLY Z 330 26.50 -26.67 -65.55
N SER Z 331 27.37 -26.45 -66.53
CA SER Z 331 28.77 -26.11 -66.24
C SER Z 331 28.93 -24.66 -65.81
N LYS Z 332 28.12 -23.74 -66.34
CA LYS Z 332 28.32 -22.32 -66.14
C LYS Z 332 27.41 -21.78 -65.03
N VAL Z 333 27.79 -20.62 -64.52
CA VAL Z 333 27.01 -19.87 -63.53
C VAL Z 333 26.97 -18.42 -63.98
N PHE Z 334 25.77 -17.83 -64.00
CA PHE Z 334 25.57 -16.47 -64.47
C PHE Z 334 25.08 -15.61 -63.32
N LEU Z 335 25.70 -14.45 -63.14
CA LEU Z 335 25.36 -13.52 -62.08
C LEU Z 335 25.28 -12.11 -62.62
N LYS Z 336 24.45 -11.29 -61.98
CA LYS Z 336 24.33 -9.88 -62.31
C LYS Z 336 24.30 -9.08 -61.01
N ALA Z 337 25.05 -7.98 -60.99
CA ALA Z 337 25.16 -7.13 -59.81
C ALA Z 337 24.89 -5.69 -60.19
N LYS Z 338 24.11 -5.01 -59.36
CA LYS Z 338 23.87 -3.58 -59.49
C LYS Z 338 24.48 -2.87 -58.29
N ILE Z 339 25.39 -1.92 -58.55
CA ILE Z 339 26.05 -1.17 -57.51
C ILE Z 339 26.03 0.30 -57.90
N LYS Z 340 26.27 1.15 -56.90
CA LYS Z 340 26.32 2.59 -57.09
C LYS Z 340 27.66 3.10 -56.61
N VAL Z 341 28.34 3.88 -57.45
CA VAL Z 341 29.69 4.36 -57.18
C VAL Z 341 29.61 5.81 -56.77
N LEU Z 342 30.16 6.13 -55.60
CA LEU Z 342 30.17 7.50 -55.13
C LEU Z 342 31.15 8.34 -55.95
N ASP Z 343 30.73 9.57 -56.25
CA ASP Z 343 31.54 10.49 -57.05
C ASP Z 343 31.91 11.70 -56.19
N ALA Z 344 33.14 12.17 -56.35
CA ALA Z 344 33.57 13.36 -55.63
C ALA Z 344 32.73 14.57 -56.06
N MET Z 345 32.47 15.46 -55.11
CA MET Z 345 31.68 16.65 -55.41
C MET Z 345 32.42 17.51 -56.43
N GLU Z 346 31.70 17.93 -57.47
CA GLU Z 346 32.31 18.70 -58.54
C GLU Z 346 31.52 19.97 -58.83
N ASP Z 347 30.21 19.93 -58.62
CA ASP Z 347 29.34 21.07 -58.90
C ASP Z 347 28.43 21.30 -57.70
N ILE Z 348 28.39 22.53 -57.21
CA ILE Z 348 27.65 22.87 -56.00
C ILE Z 348 26.74 24.06 -56.32
N ASP Z 349 25.48 23.97 -55.89
CA ASP Z 349 24.50 25.02 -56.08
C ASP Z 349 24.00 25.48 -54.71
N LEU Z 350 23.91 26.78 -54.52
CA LEU Z 350 23.48 27.33 -53.23
C LEU Z 350 22.71 28.62 -53.47
N SER Z 351 21.56 28.75 -52.80
CA SER Z 351 20.70 29.92 -52.93
C SER Z 351 20.45 30.54 -51.57
N ILE Z 352 20.47 31.86 -51.52
CA ILE Z 352 20.31 32.62 -50.29
C ILE Z 352 19.20 33.65 -50.48
N GLU Z 353 18.34 33.78 -49.47
CA GLU Z 353 17.29 34.78 -49.45
C GLU Z 353 17.65 35.87 -48.45
N ILE Z 354 17.58 37.12 -48.89
CA ILE Z 354 17.91 38.26 -48.04
C ILE Z 354 16.84 38.44 -46.97
N MET AA 1 6.84 -47.03 -52.50
CA MET AA 1 6.37 -46.97 -51.12
C MET AA 1 5.95 -48.34 -50.62
N LEU AA 2 4.82 -48.36 -49.91
CA LEU AA 2 4.23 -49.58 -49.38
C LEU AA 2 3.00 -49.91 -50.22
N LYS AA 3 3.17 -50.83 -51.17
CA LYS AA 3 2.11 -51.16 -52.10
C LYS AA 3 0.94 -51.83 -51.39
N TYR AA 4 -0.27 -51.56 -51.89
CA TYR AA 4 -1.47 -52.14 -51.28
C TYR AA 4 -1.54 -53.65 -51.53
N LYS AA 5 -1.02 -54.11 -52.67
CA LYS AA 5 -1.04 -55.53 -52.98
C LYS AA 5 -0.36 -56.35 -51.90
N GLU AA 6 0.73 -55.82 -51.33
CA GLU AA 6 1.43 -56.55 -50.28
C GLU AA 6 0.54 -56.75 -49.05
N ILE AA 7 -0.17 -55.69 -48.63
CA ILE AA 7 -1.07 -55.80 -47.49
C ILE AA 7 -2.17 -56.80 -47.78
N LEU AA 8 -2.76 -56.71 -48.97
CA LEU AA 8 -3.85 -57.61 -49.32
C LEU AA 8 -3.38 -59.06 -49.33
N GLU AA 9 -2.20 -59.31 -49.92
CA GLU AA 9 -1.68 -60.67 -49.97
C GLU AA 9 -1.35 -61.19 -48.57
N THR AA 10 -0.84 -60.32 -47.69
CA THR AA 10 -0.57 -60.75 -46.33
C THR AA 10 -1.85 -61.18 -45.62
N ILE AA 11 -2.93 -60.41 -45.80
CA ILE AA 11 -4.19 -60.77 -45.17
C ILE AA 11 -4.73 -62.07 -45.74
N ILE AA 12 -4.65 -62.24 -47.06
CA ILE AA 12 -5.11 -63.48 -47.69
C ILE AA 12 -4.29 -64.66 -47.18
N GLU AA 13 -2.98 -64.47 -47.00
CA GLU AA 13 -2.14 -65.55 -46.51
C GLU AA 13 -2.54 -65.95 -45.10
N ILE AA 14 -2.79 -64.97 -44.22
CA ILE AA 14 -3.21 -65.29 -42.87
C ILE AA 14 -4.53 -66.07 -42.87
N LEU AA 15 -5.51 -65.58 -43.66
CA LEU AA 15 -6.80 -66.25 -43.68
C LEU AA 15 -6.69 -67.64 -44.31
N LYS AA 16 -5.78 -67.83 -45.26
CA LYS AA 16 -5.58 -69.14 -45.86
C LYS AA 16 -4.97 -70.11 -44.86
N LYS AA 17 -4.01 -69.64 -44.06
CA LYS AA 17 -3.44 -70.51 -43.03
C LYS AA 17 -4.48 -70.91 -41.99
N ASN AA 18 -5.32 -69.96 -41.56
CA ASN AA 18 -6.17 -70.26 -40.42
C ASN AA 18 -7.43 -71.05 -40.81
N PHE AA 19 -8.07 -70.70 -41.92
CA PHE AA 19 -9.36 -71.28 -42.28
C PHE AA 19 -9.27 -72.13 -43.53
N THR AA 20 -10.04 -73.22 -43.55
CA THR AA 20 -10.03 -74.15 -44.68
C THR AA 20 -10.87 -73.66 -45.85
N GLU AA 21 -11.92 -72.88 -45.59
CA GLU AA 21 -12.79 -72.42 -46.65
C GLU AA 21 -12.04 -71.51 -47.62
N SER AA 22 -12.48 -71.50 -48.88
CA SER AA 22 -11.80 -70.73 -49.91
C SER AA 22 -12.02 -69.24 -49.69
N ILE AA 23 -11.06 -68.45 -50.18
CA ILE AA 23 -11.09 -66.99 -50.10
C ILE AA 23 -11.07 -66.44 -51.51
N PHE AA 24 -12.01 -65.54 -51.81
CA PHE AA 24 -12.14 -64.98 -53.15
C PHE AA 24 -12.13 -63.46 -53.07
N ILE AA 25 -11.70 -62.84 -54.16
CA ILE AA 25 -11.68 -61.39 -54.25
C ILE AA 25 -12.70 -60.84 -55.24
N ASP AA 26 -13.03 -61.58 -56.30
CA ASP AA 26 -13.96 -61.12 -57.31
C ASP AA 26 -15.35 -61.69 -57.09
N ASP AA 27 -16.34 -61.02 -57.69
CA ASP AA 27 -17.74 -61.32 -57.40
C ASP AA 27 -18.19 -62.60 -58.07
N GLU AA 28 -17.67 -62.90 -59.26
CA GLU AA 28 -18.09 -64.11 -59.96
C GLU AA 28 -17.76 -65.36 -59.17
N SER AA 29 -16.65 -65.37 -58.43
CA SER AA 29 -16.30 -66.54 -57.64
C SER AA 29 -17.28 -66.75 -56.50
N VAL AA 30 -17.64 -65.67 -55.78
CA VAL AA 30 -18.54 -65.83 -54.66
C VAL AA 30 -19.94 -66.18 -55.14
N GLN AA 31 -20.33 -65.74 -56.34
CA GLN AA 31 -21.60 -66.21 -56.90
C GLN AA 31 -21.52 -67.68 -57.30
N GLY AA 32 -20.40 -68.09 -57.90
CA GLY AA 32 -20.28 -69.44 -58.40
C GLY AA 32 -19.97 -70.49 -57.36
N SER AA 33 -19.39 -70.09 -56.23
CA SER AA 33 -19.02 -71.05 -55.22
C SER AA 33 -20.25 -71.77 -54.67
N GLU AA 34 -20.10 -73.07 -54.44
CA GLU AA 34 -21.18 -73.92 -53.96
C GLU AA 34 -21.24 -73.99 -52.44
N GLY AA 35 -20.27 -73.39 -51.73
CA GLY AA 35 -20.26 -73.40 -50.28
C GLY AA 35 -19.91 -72.03 -49.75
N SER AA 36 -19.82 -71.95 -48.41
CA SER AA 36 -19.45 -70.71 -47.78
C SER AA 36 -18.03 -70.31 -48.15
N CYS AA 37 -17.83 -69.03 -48.44
CA CYS AA 37 -16.53 -68.53 -48.85
C CYS AA 37 -16.35 -67.10 -48.35
N PHE AA 38 -15.10 -66.78 -48.00
CA PHE AA 38 -14.77 -65.44 -47.54
C PHE AA 38 -14.68 -64.47 -48.71
N PHE AA 39 -14.77 -63.19 -48.37
CA PHE AA 39 -14.57 -62.10 -49.34
C PHE AA 39 -13.73 -61.03 -48.66
N VAL AA 40 -12.62 -60.67 -49.29
CA VAL AA 40 -11.67 -59.72 -48.72
C VAL AA 40 -11.40 -58.62 -49.73
N SER AA 41 -11.49 -57.37 -49.29
CA SER AA 41 -11.21 -56.23 -50.15
C SER AA 41 -10.87 -55.02 -49.29
N ILE AA 42 -10.25 -54.04 -49.92
CA ILE AA 42 -9.94 -52.77 -49.26
C ILE AA 42 -11.11 -51.83 -49.51
N LEU AA 43 -11.70 -51.31 -48.43
CA LEU AA 43 -12.90 -50.50 -48.57
C LEU AA 43 -12.58 -49.07 -48.98
N SER AA 44 -11.82 -48.35 -48.15
CA SER AA 44 -11.54 -46.96 -48.41
C SER AA 44 -10.13 -46.62 -47.95
N VAL AA 45 -9.54 -45.63 -48.62
CA VAL AA 45 -8.22 -45.12 -48.27
C VAL AA 45 -8.28 -43.60 -48.29
N ILE AA 46 -7.83 -42.97 -47.21
CA ILE AA 46 -7.84 -41.52 -47.08
C ILE AA 46 -6.41 -41.06 -46.83
N CYS AA 47 -5.92 -40.16 -47.67
CA CYS AA 47 -4.57 -39.65 -47.58
C CYS AA 47 -4.61 -38.17 -47.23
N THR AA 48 -3.82 -37.78 -46.22
CA THR AA 48 -3.77 -36.41 -45.76
C THR AA 48 -2.32 -35.98 -45.61
N PRO AA 49 -1.92 -34.84 -46.17
CA PRO AA 49 -0.54 -34.38 -46.02
C PRO AA 49 -0.32 -33.74 -44.66
N VAL AA 50 0.63 -34.29 -43.90
CA VAL AA 50 0.98 -33.74 -42.60
C VAL AA 50 2.41 -33.19 -42.56
N MET AA 51 3.20 -33.43 -43.59
CA MET AA 51 4.58 -32.96 -43.63
C MET AA 51 4.91 -32.58 -45.06
N LEU AA 52 6.10 -31.99 -45.24
CA LEU AA 52 6.54 -31.67 -46.59
C LEU AA 52 6.72 -32.92 -47.43
N ASN AA 53 7.12 -34.02 -46.81
CA ASN AA 53 7.41 -35.25 -47.53
C ASN AA 53 6.52 -36.43 -47.16
N THR AA 54 5.89 -36.43 -45.99
CA THR AA 54 5.15 -37.59 -45.52
C THR AA 54 3.65 -37.34 -45.62
N ASN AA 55 2.90 -38.44 -45.67
CA ASN AA 55 1.45 -38.42 -45.72
C ASN AA 55 0.90 -39.31 -44.63
N ASN AA 56 -0.28 -38.94 -44.13
CA ASN AA 56 -1.01 -39.75 -43.15
C ASN AA 56 -2.08 -40.52 -43.88
N LYS AA 57 -2.06 -41.84 -43.78
CA LYS AA 57 -2.96 -42.71 -44.52
C LYS AA 57 -3.79 -43.55 -43.57
N ASP AA 58 -5.08 -43.63 -43.85
CA ASP AA 58 -6.01 -44.49 -43.11
C ASP AA 58 -6.60 -45.50 -44.07
N ILE AA 59 -6.53 -46.78 -43.70
CA ILE AA 59 -7.01 -47.87 -44.55
C ILE AA 59 -8.08 -48.63 -43.79
N VAL AA 60 -9.22 -48.85 -44.44
CA VAL AA 60 -10.32 -49.63 -43.88
C VAL AA 60 -10.43 -50.92 -44.69
N ILE AA 61 -10.41 -52.05 -44.00
CA ILE AA 61 -10.35 -53.37 -44.63
C ILE AA 61 -11.59 -54.15 -44.22
N SER AA 62 -12.27 -54.74 -45.21
CA SER AA 62 -13.53 -55.41 -45.01
C SER AA 62 -13.37 -56.90 -45.28
N ILE AA 63 -13.87 -57.73 -44.36
CA ILE AA 63 -13.88 -59.17 -44.51
C ILE AA 63 -15.33 -59.64 -44.36
N LYS AA 64 -15.80 -60.41 -45.33
CA LYS AA 64 -17.18 -60.88 -45.35
C LYS AA 64 -17.21 -62.41 -45.36
N TYR AA 65 -18.21 -62.97 -44.69
CA TYR AA 65 -18.47 -64.40 -44.70
C TYR AA 65 -19.89 -64.65 -45.18
N LEU AA 66 -20.02 -65.46 -46.22
CA LEU AA 66 -21.31 -65.71 -46.86
C LEU AA 66 -21.65 -67.19 -46.80
N PRO AA 67 -22.46 -67.62 -45.83
CA PRO AA 67 -22.81 -69.04 -45.72
C PRO AA 67 -23.92 -69.40 -46.70
N LYS AA 68 -23.58 -70.23 -47.69
CA LYS AA 68 -24.53 -70.60 -48.75
C LYS AA 68 -25.55 -71.64 -48.31
N PRO AA 69 -25.16 -72.70 -47.58
CA PRO AA 69 -26.20 -73.62 -47.08
C PRO AA 69 -27.22 -72.94 -46.19
N GLN AA 70 -26.82 -71.87 -45.51
CA GLN AA 70 -27.68 -70.96 -44.75
C GLN AA 70 -28.26 -71.62 -43.50
N SER AA 71 -28.00 -72.90 -43.28
CA SER AA 71 -28.39 -73.59 -42.05
C SER AA 71 -27.26 -73.63 -41.03
N LYS AA 72 -26.14 -72.96 -41.31
CA LYS AA 72 -24.94 -73.00 -40.49
C LYS AA 72 -24.69 -71.67 -39.80
N SER AA 73 -25.75 -71.04 -39.29
CA SER AA 73 -25.62 -69.68 -38.73
C SER AA 73 -24.72 -69.65 -37.50
N ILE AA 74 -24.71 -70.71 -36.70
CA ILE AA 74 -23.83 -70.74 -35.53
C ILE AA 74 -22.37 -70.72 -35.96
N ARG AA 75 -22.06 -71.29 -37.12
CA ARG AA 75 -20.71 -71.25 -37.64
C ARG AA 75 -20.27 -69.81 -37.89
N MET AA 76 -21.22 -68.91 -38.15
CA MET AA 76 -20.88 -67.50 -38.32
C MET AA 76 -20.29 -66.92 -37.03
N TYR AA 77 -20.94 -67.18 -35.90
CA TYR AA 77 -20.43 -66.69 -34.62
C TYR AA 77 -19.12 -67.37 -34.26
N GLU AA 78 -19.00 -68.66 -34.58
CA GLU AA 78 -17.73 -69.35 -34.37
C GLU AA 78 -16.60 -68.67 -35.14
N ILE AA 79 -16.86 -68.35 -36.41
CA ILE AA 79 -15.84 -67.72 -37.24
C ILE AA 79 -15.52 -66.32 -36.73
N SER AA 80 -16.53 -65.61 -36.24
CA SER AA 80 -16.28 -64.28 -35.68
C SER AA 80 -15.35 -64.36 -34.48
N ASP AA 81 -15.63 -65.28 -33.54
CA ASP AA 81 -14.78 -65.35 -32.36
C ASP AA 81 -13.38 -65.83 -32.71
N GLU AA 82 -13.26 -66.72 -33.69
CA GLU AA 82 -11.93 -67.12 -34.15
C GLU AA 82 -11.19 -65.95 -34.78
N LEU AA 83 -11.89 -65.14 -35.59
CA LEU AA 83 -11.27 -64.01 -36.26
C LEU AA 83 -10.77 -62.98 -35.27
N ASN AA 84 -11.50 -62.80 -34.16
CA ASN AA 84 -11.15 -61.74 -33.23
C ASN AA 84 -9.74 -61.87 -32.69
N LYS AA 85 -9.20 -63.09 -32.62
CA LYS AA 85 -7.89 -63.31 -32.02
C LYS AA 85 -6.75 -62.90 -32.96
N LEU AA 86 -6.90 -63.12 -34.26
CA LEU AA 86 -5.78 -62.93 -35.18
C LEU AA 86 -5.39 -61.47 -35.33
N PHE AA 87 -6.34 -60.55 -35.17
CA PHE AA 87 -6.09 -59.15 -35.48
C PHE AA 87 -6.19 -58.27 -34.24
N ASN AA 88 -5.56 -58.71 -33.14
CA ASN AA 88 -5.66 -57.99 -31.87
C ASN AA 88 -5.12 -56.58 -31.94
N ARG AA 89 -3.82 -56.42 -32.19
CA ARG AA 89 -3.18 -55.12 -32.08
C ARG AA 89 -2.61 -54.61 -33.39
N ASN AA 90 -1.83 -55.43 -34.10
CA ASN AA 90 -1.21 -54.97 -35.33
C ASN AA 90 -0.93 -56.16 -36.23
N ILE AA 91 -0.69 -55.86 -37.51
CA ILE AA 91 -0.31 -56.86 -38.50
C ILE AA 91 1.03 -56.44 -39.08
N LYS AA 92 1.77 -57.43 -39.58
CA LYS AA 92 3.16 -57.24 -39.97
C LYS AA 92 3.29 -57.46 -41.47
N VAL AA 93 3.65 -56.41 -42.20
CA VAL AA 93 3.82 -56.48 -43.64
C VAL AA 93 5.11 -55.75 -44.02
N THR AA 94 5.96 -56.42 -44.81
CA THR AA 94 7.24 -55.87 -45.24
C THR AA 94 8.04 -55.38 -44.02
N ASP AA 95 7.82 -56.07 -42.90
CA ASP AA 95 8.34 -55.66 -41.59
C ASP AA 95 8.07 -54.19 -41.30
N ARG AA 96 6.80 -53.81 -41.28
CA ARG AA 96 6.39 -52.51 -40.78
C ARG AA 96 5.06 -52.72 -40.06
N LYS AA 97 5.09 -52.76 -38.73
CA LYS AA 97 3.91 -53.10 -37.96
C LYS AA 97 2.95 -51.92 -37.95
N LEU AA 98 1.74 -52.17 -38.42
CA LEU AA 98 0.74 -51.12 -38.62
C LEU AA 98 -0.30 -51.22 -37.51
N ASN AA 99 -0.47 -50.15 -36.75
CA ASN AA 99 -1.40 -50.16 -35.63
C ASN AA 99 -2.84 -50.32 -36.11
N ILE AA 100 -3.62 -51.09 -35.38
CA ILE AA 100 -5.03 -51.27 -35.65
C ILE AA 100 -5.80 -50.42 -34.65
N THR AA 101 -6.37 -49.31 -35.12
CA THR AA 101 -7.01 -48.36 -34.22
C THR AA 101 -8.38 -48.82 -33.74
N LYS AA 102 -9.11 -49.56 -34.56
CA LYS AA 102 -10.49 -49.89 -34.20
C LYS AA 102 -10.92 -51.17 -34.89
N LEU AA 103 -11.82 -51.90 -34.22
CA LEU AA 103 -12.42 -53.12 -34.76
C LEU AA 103 -13.93 -52.97 -34.72
N GLU AA 104 -14.58 -53.19 -35.86
CA GLU AA 104 -16.03 -53.08 -35.96
C GLU AA 104 -16.56 -54.21 -36.81
N GLN AA 105 -17.64 -54.85 -36.35
CA GLN AA 105 -18.31 -55.89 -37.11
C GLN AA 105 -19.81 -55.75 -36.92
N SER AA 106 -20.56 -56.27 -37.87
CA SER AA 106 -22.02 -56.22 -37.80
C SER AA 106 -22.60 -57.32 -38.66
N ILE AA 107 -23.78 -57.79 -38.26
CA ILE AA 107 -24.53 -58.81 -38.99
C ILE AA 107 -25.79 -58.16 -39.52
N LYS AA 108 -25.92 -58.07 -40.84
CA LYS AA 108 -27.07 -57.45 -41.48
C LYS AA 108 -27.66 -58.41 -42.50
N LYS AA 109 -28.86 -58.08 -42.96
CA LYS AA 109 -29.54 -58.87 -43.97
C LYS AA 109 -29.26 -58.29 -45.34
N GLU AA 110 -28.62 -59.08 -46.20
CA GLU AA 110 -28.34 -58.69 -47.57
C GLU AA 110 -29.05 -59.68 -48.50
N GLU AA 111 -29.82 -59.15 -49.44
CA GLU AA 111 -30.63 -59.95 -50.36
C GLU AA 111 -31.56 -60.82 -49.52
N SER AA 112 -31.55 -62.15 -49.67
CA SER AA 112 -32.39 -63.03 -48.89
C SER AA 112 -31.62 -63.80 -47.83
N ILE AA 113 -30.37 -63.44 -47.55
CA ILE AA 113 -29.51 -64.18 -46.65
C ILE AA 113 -28.91 -63.24 -45.62
N TYR AA 114 -28.33 -63.82 -44.58
CA TYR AA 114 -27.63 -63.09 -43.54
C TYR AA 114 -26.13 -63.35 -43.67
N VAL AA 115 -25.34 -62.28 -43.65
CA VAL AA 115 -23.90 -62.39 -43.81
C VAL AA 115 -23.22 -61.63 -42.68
N LEU AA 116 -21.94 -61.94 -42.47
CA LEU AA 116 -21.12 -61.32 -41.45
C LEU AA 116 -20.12 -60.39 -42.10
N ASN AA 117 -20.06 -59.15 -41.62
CA ASN AA 117 -19.12 -58.14 -42.12
C ASN AA 117 -18.17 -57.79 -41.00
N PHE AA 118 -16.87 -57.87 -41.27
CA PHE AA 118 -15.83 -57.62 -40.27
C PHE AA 118 -14.88 -56.58 -40.83
N THR AA 119 -14.68 -55.50 -40.08
CA THR AA 119 -13.87 -54.38 -40.53
C THR AA 119 -12.87 -53.98 -39.46
N PHE AA 120 -11.73 -53.44 -39.90
CA PHE AA 120 -10.77 -52.82 -39.00
C PHE AA 120 -10.03 -51.75 -39.77
N THR AA 121 -9.41 -50.83 -39.03
CA THR AA 121 -8.75 -49.67 -39.60
C THR AA 121 -7.27 -49.69 -39.26
N LEU AA 122 -6.43 -49.47 -40.27
CA LEU AA 122 -4.99 -49.34 -40.09
C LEU AA 122 -4.58 -47.88 -40.23
N ASN AA 123 -3.52 -47.50 -39.53
CA ASN AA 123 -3.04 -46.13 -39.55
C ASN AA 123 -1.52 -46.12 -39.53
N TYR AA 124 -0.92 -45.42 -40.49
CA TYR AA 124 0.53 -45.34 -40.57
C TYR AA 124 0.90 -44.14 -41.42
N LEU AA 125 2.16 -43.72 -41.30
CA LEU AA 125 2.69 -42.60 -42.07
C LEU AA 125 3.60 -43.13 -43.18
N ASP AA 126 3.38 -42.64 -44.40
CA ASP AA 126 4.16 -43.04 -45.56
C ASP AA 126 4.60 -41.80 -46.30
N SER AA 127 5.80 -41.86 -46.89
CA SER AA 127 6.41 -40.69 -47.48
C SER AA 127 7.01 -41.03 -48.83
N VAL AA 128 7.17 -40.00 -49.66
CA VAL AA 128 7.84 -40.10 -50.95
C VAL AA 128 9.18 -39.39 -50.86
N TYR AA 129 10.22 -40.02 -51.41
CA TYR AA 129 11.55 -39.43 -51.47
C TYR AA 129 11.92 -39.22 -52.93
N GLU AA 130 12.11 -37.97 -53.33
CA GLU AA 130 12.39 -37.65 -54.71
C GLU AA 130 13.83 -38.04 -55.08
N GLU AA 131 14.04 -38.26 -56.37
CA GLU AA 131 15.36 -38.62 -56.86
C GLU AA 131 16.32 -37.45 -56.73
N ASP AA 132 17.59 -37.77 -56.50
CA ASP AA 132 18.65 -36.77 -56.40
C ASP AA 132 19.49 -36.81 -57.66
N VAL AA 133 19.71 -35.64 -58.26
CA VAL AA 133 20.43 -35.53 -59.51
C VAL AA 133 21.85 -35.04 -59.23
N VAL AA 134 22.80 -35.52 -60.03
CA VAL AA 134 24.20 -35.17 -59.88
C VAL AA 134 24.50 -33.95 -60.74
N TYR AA 135 25.17 -32.96 -60.15
CA TYR AA 135 25.47 -31.71 -60.82
C TYR AA 135 26.92 -31.67 -61.26
N GLU AA 136 27.16 -30.99 -62.38
CA GLU AA 136 28.52 -30.80 -62.85
C GLU AA 136 29.28 -29.84 -61.94
N ASN AA 137 30.61 -29.88 -62.05
CA ASN AA 137 31.43 -28.88 -61.40
C ASN AA 137 31.33 -27.57 -62.18
N MET AA 138 31.52 -26.46 -61.46
CA MET AA 138 31.31 -25.13 -62.02
C MET AA 138 32.64 -24.51 -62.44
N LYS AA 139 32.67 -23.99 -63.66
CA LYS AA 139 33.83 -23.28 -64.18
C LYS AA 139 33.34 -22.25 -65.19
N GLU AA 140 34.19 -21.25 -65.43
CA GLU AA 140 33.84 -20.12 -66.29
C GLU AA 140 32.55 -19.45 -65.81
N ILE AA 141 32.61 -18.91 -64.60
CA ILE AA 141 31.48 -18.25 -63.98
C ILE AA 141 31.73 -16.75 -64.08
N ASN AA 142 30.89 -16.06 -64.85
CA ASN AA 142 31.07 -14.66 -65.16
C ASN AA 142 29.92 -13.82 -64.64
N LEU AA 143 30.21 -12.57 -64.33
CA LEU AA 143 29.22 -11.61 -63.85
C LEU AA 143 29.28 -10.36 -64.70
N ASN AA 144 28.12 -9.77 -64.96
CA ASN AA 144 28.02 -8.51 -65.66
C ASN AA 144 27.46 -7.45 -64.72
N LEU AA 145 28.01 -6.24 -64.81
CA LEU AA 145 27.59 -5.12 -63.97
C LEU AA 145 26.76 -4.18 -64.83
N GLY AA 146 25.45 -4.45 -64.87
CA GLY AA 146 24.54 -3.58 -65.60
C GLY AA 146 24.52 -2.17 -65.05
N GLU AA 147 24.68 -2.02 -63.74
CA GLU AA 147 24.77 -0.71 -63.11
C GLU AA 147 25.74 -0.76 -61.94
N ALA BA 2 58.26 45.83 -37.95
CA ALA BA 2 59.51 46.56 -38.08
C ALA BA 2 60.04 46.97 -36.70
N ILE BA 3 61.26 46.54 -36.40
CA ILE BA 3 61.88 46.84 -35.11
C ILE BA 3 62.46 48.26 -35.16
N GLY BA 4 62.09 49.07 -34.18
CA GLY BA 4 62.59 50.43 -34.06
C GLY BA 4 63.54 50.56 -32.89
N LEU BA 5 64.45 51.53 -32.99
CA LEU BA 5 65.40 51.77 -31.92
C LEU BA 5 64.64 52.19 -30.66
N PRO BA 6 64.99 51.65 -29.50
CA PRO BA 6 64.18 51.89 -28.29
C PRO BA 6 64.25 53.35 -27.88
N SER BA 7 63.14 53.82 -27.30
CA SER BA 7 63.03 55.22 -26.93
C SER BA 7 62.11 55.35 -25.72
N ILE BA 8 62.27 56.45 -25.02
CA ILE BA 8 61.40 56.83 -23.92
C ILE BA 8 60.55 58.01 -24.39
N ASN BA 9 59.25 57.95 -24.10
CA ASN BA 9 58.33 59.01 -24.47
C ASN BA 9 57.59 59.51 -23.25
N ILE BA 10 57.51 60.84 -23.12
CA ILE BA 10 56.82 61.49 -22.01
C ILE BA 10 55.70 62.33 -22.60
N SER BA 11 54.47 62.06 -22.18
CA SER BA 11 53.30 62.74 -22.70
C SER BA 11 52.67 63.58 -21.59
N PHE BA 12 52.40 64.84 -21.89
CA PHE BA 12 51.76 65.76 -20.95
C PHE BA 12 50.36 66.06 -21.45
N LYS BA 13 49.36 65.75 -20.62
CA LYS BA 13 47.97 65.99 -20.96
C LYS BA 13 47.25 66.57 -19.76
N GLU BA 14 46.20 67.34 -20.01
CA GLU BA 14 45.39 67.94 -18.97
C GLU BA 14 43.97 67.38 -19.06
N LEU BA 15 43.50 66.80 -17.96
CA LEU BA 15 42.13 66.32 -17.91
C LEU BA 15 41.17 67.50 -17.96
N ALA BA 16 40.19 67.43 -18.84
CA ALA BA 16 39.23 68.51 -19.05
C ALA BA 16 37.82 68.01 -18.74
N THR BA 17 37.12 68.74 -17.89
CA THR BA 17 35.73 68.41 -17.61
C THR BA 17 34.91 68.57 -18.89
N THR BA 18 34.12 67.55 -19.20
CA THR BA 18 33.38 67.50 -20.46
C THR BA 18 31.89 67.65 -20.18
N VAL BA 19 31.29 68.70 -20.75
CA VAL BA 19 29.85 68.88 -20.75
C VAL BA 19 29.41 68.99 -22.20
N LYS BA 20 28.54 68.08 -22.62
CA LYS BA 20 28.09 68.07 -24.01
C LYS BA 20 27.46 69.41 -24.36
N GLU BA 21 27.77 69.90 -25.57
CA GLU BA 21 27.36 71.23 -25.98
C GLU BA 21 25.97 71.19 -26.59
N ARG BA 22 25.08 72.01 -26.07
CA ARG BA 22 23.70 72.09 -26.55
C ARG BA 22 23.54 73.32 -27.42
N SER BA 23 22.40 73.38 -28.11
CA SER BA 23 22.09 74.53 -28.96
C SER BA 23 22.04 75.79 -28.11
N ALA BA 24 22.73 76.83 -28.56
CA ALA BA 24 22.77 78.09 -27.82
C ALA BA 24 21.39 78.70 -27.73
N ARG BA 25 20.99 79.08 -26.52
CA ARG BA 25 19.70 79.70 -26.28
C ARG BA 25 19.90 81.06 -25.61
N GLY BA 26 19.04 82.01 -25.96
CA GLY BA 26 19.19 83.38 -25.52
C GLY BA 26 19.77 84.33 -26.53
N ILE BA 27 19.94 83.90 -27.77
CA ILE BA 27 20.48 84.75 -28.83
C ILE BA 27 19.34 85.53 -29.47
N ILE BA 28 19.65 86.70 -30.01
CA ILE BA 28 18.68 87.56 -30.66
C ILE BA 28 19.20 87.92 -32.04
N ALA BA 29 18.34 87.81 -33.06
CA ALA BA 29 18.65 88.28 -34.40
C ALA BA 29 17.68 89.40 -34.75
N MET BA 30 18.22 90.58 -35.01
CA MET BA 30 17.42 91.74 -35.38
C MET BA 30 17.80 92.16 -36.79
N VAL BA 31 16.79 92.44 -37.62
CA VAL BA 31 17.00 92.88 -38.98
C VAL BA 31 16.44 94.29 -39.13
N LEU BA 32 17.18 95.14 -39.84
CA LEU BA 32 16.80 96.52 -40.04
C LEU BA 32 17.33 96.99 -41.38
N LYS BA 33 16.69 98.03 -41.93
CA LYS BA 33 17.09 98.58 -43.22
C LYS BA 33 17.83 99.90 -43.01
N ASP BA 34 19.00 100.02 -43.63
CA ASP BA 34 19.84 101.20 -43.49
C ASP BA 34 20.74 101.30 -44.71
N ALA BA 35 21.33 102.49 -44.88
CA ALA BA 35 22.27 102.74 -45.96
C ALA BA 35 23.73 102.58 -45.54
N LYS BA 36 23.99 102.21 -44.30
CA LYS BA 36 25.35 102.10 -43.78
C LYS BA 36 25.56 100.74 -43.12
N ALA BA 37 26.80 100.25 -43.21
CA ALA BA 37 27.19 98.98 -42.60
C ALA BA 37 26.26 97.85 -43.02
N LEU BA 38 26.01 97.75 -44.32
CA LEU BA 38 25.06 96.79 -44.84
C LEU BA 38 25.51 95.37 -44.53
N GLY BA 39 24.53 94.50 -44.31
CA GLY BA 39 24.82 93.15 -43.86
C GLY BA 39 24.77 93.04 -42.34
N LEU BA 40 25.29 91.92 -41.85
CA LEU BA 40 25.34 91.71 -40.41
C LEU BA 40 26.38 92.62 -39.77
N ASN BA 41 26.13 93.00 -38.53
CA ASN BA 41 27.05 93.83 -37.77
C ASN BA 41 27.78 93.07 -36.67
N GLU BA 42 27.25 91.94 -36.22
CA GLU BA 42 27.88 91.09 -35.22
C GLU BA 42 28.14 91.86 -33.93
N ILE BA 43 27.04 92.33 -33.32
CA ILE BA 43 27.13 93.08 -32.05
C ILE BA 43 27.04 92.05 -30.95
N HIS BA 44 28.20 91.42 -30.66
CA HIS BA 44 28.25 90.44 -29.59
C HIS BA 44 28.23 91.12 -28.22
N GLU BA 45 28.89 92.27 -28.10
CA GLU BA 45 29.00 92.99 -26.85
C GLU BA 45 28.04 94.18 -26.86
N LYS BA 46 27.40 94.43 -25.70
CA LYS BA 46 26.49 95.55 -25.57
C LYS BA 46 27.18 96.89 -25.82
N GLU BA 47 28.44 97.02 -25.42
CA GLU BA 47 29.10 98.31 -25.46
C GLU BA 47 29.46 98.73 -26.88
N ASP BA 48 29.95 97.79 -27.69
CA ASP BA 48 30.46 98.13 -29.01
C ASP BA 48 29.32 98.33 -29.99
N ILE BA 49 29.22 99.53 -30.56
CA ILE BA 49 28.17 99.87 -31.51
C ILE BA 49 28.79 100.52 -32.73
N PRO BA 50 28.40 100.13 -33.94
CA PRO BA 50 28.89 100.84 -35.14
C PRO BA 50 28.47 102.30 -35.13
N VAL BA 51 29.34 103.15 -35.67
CA VAL BA 51 29.10 104.59 -35.60
C VAL BA 51 28.20 105.07 -36.74
N ASP BA 52 28.24 104.42 -37.90
CA ASP BA 52 27.56 104.93 -39.07
C ASP BA 52 26.05 104.78 -39.00
N LEU BA 53 25.54 103.85 -38.18
CA LEU BA 53 24.10 103.62 -38.12
C LEU BA 53 23.38 104.82 -37.51
N SER BA 54 22.09 104.92 -37.84
CA SER BA 54 21.29 106.07 -37.44
C SER BA 54 21.10 106.12 -35.93
N ALA BA 55 21.00 107.35 -35.41
CA ALA BA 55 20.82 107.54 -33.97
C ALA BA 55 19.50 106.96 -33.49
N GLU BA 56 18.45 107.08 -34.29
CA GLU BA 56 17.18 106.45 -33.95
C GLU BA 56 17.32 104.93 -33.91
N ASN BA 57 18.02 104.36 -34.90
CA ASN BA 57 18.30 102.94 -34.86
C ASN BA 57 19.22 102.58 -33.71
N LYS BA 58 20.13 103.48 -33.34
CA LYS BA 58 20.93 103.25 -32.13
C LYS BA 58 20.04 103.17 -30.90
N GLU BA 59 19.01 104.01 -30.83
CA GLU BA 59 18.07 103.98 -29.72
C GLU BA 59 17.30 102.67 -29.70
N TYR BA 60 16.88 102.20 -30.88
CA TYR BA 60 16.23 100.89 -30.96
C TYR BA 60 17.16 99.78 -30.49
N ILE BA 61 18.43 99.86 -30.89
CA ILE BA 61 19.43 98.91 -30.39
C ILE BA 61 19.49 98.96 -28.88
N ASN BA 62 19.52 100.17 -28.32
CA ASN BA 62 19.63 100.33 -26.87
C ASN BA 62 18.46 99.67 -26.15
N LEU BA 63 17.25 99.86 -26.68
CA LEU BA 63 16.10 99.15 -26.11
C LEU BA 63 16.26 97.64 -26.24
N ALA BA 64 16.78 97.17 -27.37
CA ALA BA 64 17.01 95.73 -27.53
C ALA BA 64 18.12 95.23 -26.62
N LEU BA 65 18.95 96.12 -26.08
CA LEU BA 65 20.08 95.70 -25.26
C LEU BA 65 19.64 95.28 -23.87
N MET BA 66 18.87 96.15 -23.19
CA MET BA 66 18.60 95.98 -21.77
C MET BA 66 17.87 94.67 -21.53
N GLY BA 67 18.49 93.79 -20.75
CA GLY BA 67 17.90 92.49 -20.47
C GLY BA 67 16.95 92.57 -19.29
N ASN BA 68 15.86 91.81 -19.38
CA ASN BA 68 14.86 91.81 -18.32
C ASN BA 68 15.46 91.32 -17.01
N VAL BA 69 16.14 90.19 -17.03
CA VAL BA 69 16.82 89.65 -15.86
C VAL BA 69 18.33 89.65 -16.05
N ASN BA 70 18.80 89.25 -17.24
CA ASN BA 70 20.22 89.18 -17.54
C ASN BA 70 20.46 89.70 -18.94
N THR BA 71 21.71 90.05 -19.21
CA THR BA 71 22.11 90.49 -20.54
C THR BA 71 21.84 89.38 -21.56
N PRO BA 72 21.30 89.70 -22.73
CA PRO BA 72 21.23 88.69 -23.79
C PRO BA 72 22.61 88.18 -24.12
N ASN BA 73 22.70 86.86 -24.35
CA ASN BA 73 24.00 86.24 -24.57
C ASN BA 73 24.66 86.77 -25.83
N LYS BA 74 23.88 86.98 -26.89
CA LYS BA 74 24.43 87.46 -28.15
C LYS BA 74 23.31 88.11 -28.96
N LEU BA 75 23.65 89.18 -29.67
CA LEU BA 75 22.71 89.90 -30.51
C LEU BA 75 23.28 89.98 -31.93
N LEU BA 76 22.45 89.64 -32.90
CA LEU BA 76 22.82 89.73 -34.31
C LEU BA 76 21.98 90.82 -34.96
N VAL BA 77 22.65 91.79 -35.59
CA VAL BA 77 21.98 92.90 -36.25
C VAL BA 77 22.36 92.85 -37.73
N TYR BA 78 21.36 92.68 -38.58
CA TYR BA 78 21.54 92.63 -40.02
C TYR BA 78 21.01 93.91 -40.65
N VAL BA 79 21.81 94.52 -41.51
CA VAL BA 79 21.44 95.74 -42.21
C VAL BA 79 21.10 95.38 -43.65
N ILE BA 80 19.91 95.77 -44.09
CA ILE BA 80 19.40 95.42 -45.40
C ILE BA 80 19.12 96.71 -46.16
N GLU BA 81 19.15 96.62 -47.49
CA GLU BA 81 18.88 97.77 -48.33
C GLU BA 81 17.39 98.08 -48.36
N GLY BA 82 17.08 99.36 -48.49
CA GLY BA 82 15.68 99.76 -48.61
C GLY BA 82 15.04 99.13 -49.84
N GLU BA 83 13.80 98.67 -49.65
CA GLU BA 83 12.98 98.02 -50.67
C GLU BA 83 13.54 96.69 -51.13
N ALA BA 84 14.57 96.16 -50.45
CA ALA BA 84 15.07 94.82 -50.76
C ALA BA 84 14.08 93.73 -50.39
N ASP BA 85 13.02 94.07 -49.66
CA ASP BA 85 11.96 93.16 -49.27
C ASP BA 85 12.51 92.13 -48.28
N ILE BA 86 11.73 91.09 -48.00
CA ILE BA 86 12.03 90.21 -46.86
C ILE BA 86 12.96 89.06 -47.26
N GLN BA 87 12.82 88.52 -48.48
CA GLN BA 87 13.48 87.26 -48.81
C GLN BA 87 15.01 87.37 -48.78
N THR BA 88 15.55 88.54 -49.13
CA THR BA 88 17.01 88.71 -49.10
C THR BA 88 17.55 88.55 -47.68
N ALA BA 89 16.86 89.12 -46.70
CA ALA BA 89 17.26 88.90 -45.31
C ALA BA 89 16.87 87.51 -44.84
N LEU BA 90 15.83 86.91 -45.44
CA LEU BA 90 15.41 85.58 -45.05
C LEU BA 90 16.48 84.55 -45.39
N ASP BA 91 17.15 84.71 -46.53
CA ASP BA 91 18.26 83.83 -46.86
C ASP BA 91 19.35 83.90 -45.81
N PHE BA 92 19.71 85.12 -45.40
CA PHE BA 92 20.70 85.31 -44.35
C PHE BA 92 20.28 84.63 -43.05
N LEU BA 93 19.03 84.86 -42.65
CA LEU BA 93 18.54 84.29 -41.39
C LEU BA 93 18.50 82.77 -41.44
N GLU BA 94 18.13 82.21 -42.59
CA GLU BA 94 18.16 80.76 -42.76
C GLU BA 94 19.58 80.23 -42.67
N THR BA 95 20.56 81.01 -43.16
CA THR BA 95 21.94 80.53 -43.16
C THR BA 95 22.48 80.35 -41.74
N LYS BA 96 22.12 81.24 -40.82
CA LYS BA 96 22.69 81.25 -39.48
C LYS BA 96 21.63 80.94 -38.42
N GLU BA 97 22.10 80.38 -37.31
CA GLU BA 97 21.21 80.05 -36.20
C GLU BA 97 20.75 81.32 -35.48
N PHE BA 98 19.53 81.28 -34.97
CA PHE BA 98 18.97 82.37 -34.19
C PHE BA 98 17.79 81.85 -33.38
N ASN BA 99 17.34 82.67 -32.43
CA ASN BA 99 16.24 82.30 -31.56
C ASN BA 99 15.02 83.21 -31.72
N TYR BA 100 15.22 84.52 -31.62
CA TYR BA 100 14.13 85.47 -31.70
C TYR BA 100 14.43 86.52 -32.76
N LEU BA 101 13.40 86.89 -33.52
CA LEU BA 101 13.54 87.84 -34.62
C LEU BA 101 12.57 89.00 -34.41
N CYS BA 102 13.07 90.22 -34.62
CA CYS BA 102 12.25 91.41 -34.52
C CYS BA 102 12.81 92.47 -35.46
N MET BA 103 11.94 93.42 -35.83
CA MET BA 103 12.36 94.51 -36.68
C MET BA 103 11.46 95.72 -36.41
N PRO BA 104 12.04 96.90 -36.16
CA PRO BA 104 11.22 98.07 -35.82
C PRO BA 104 10.34 98.55 -36.96
N LYS BA 105 10.93 98.75 -38.14
CA LYS BA 105 10.23 99.34 -39.27
C LYS BA 105 9.79 98.26 -40.23
N ALA BA 106 8.49 98.24 -40.56
CA ALA BA 106 7.97 97.29 -41.53
C ALA BA 106 6.63 97.78 -42.03
N VAL BA 107 6.28 97.32 -43.23
CA VAL BA 107 4.92 97.48 -43.76
C VAL BA 107 4.13 96.23 -43.36
N GLU BA 108 2.80 96.32 -43.44
CA GLU BA 108 1.95 95.20 -43.04
C GLU BA 108 2.20 93.99 -43.94
N ALA BA 109 2.41 94.21 -45.23
CA ALA BA 109 2.74 93.10 -46.13
C ALA BA 109 4.04 92.42 -45.71
N ASP BA 110 5.00 93.20 -45.22
CA ASP BA 110 6.23 92.62 -44.71
C ASP BA 110 5.96 91.72 -43.51
N LYS BA 111 5.08 92.16 -42.60
CA LYS BA 111 4.71 91.33 -41.47
C LYS BA 111 4.03 90.05 -41.91
N THR BA 112 3.14 90.14 -42.90
CA THR BA 112 2.48 88.94 -43.42
C THR BA 112 3.49 87.98 -44.04
N ALA BA 113 4.45 88.51 -44.79
CA ALA BA 113 5.49 87.67 -45.38
C ALA BA 113 6.32 87.00 -44.30
N ILE BA 114 6.66 87.74 -43.24
CA ILE BA 114 7.41 87.16 -42.13
C ILE BA 114 6.62 86.02 -41.50
N LYS BA 115 5.32 86.24 -41.26
CA LYS BA 115 4.48 85.21 -40.67
C LYS BA 115 4.46 83.95 -41.54
N ASN BA 116 4.22 84.13 -42.84
CA ASN BA 116 4.15 82.98 -43.73
C ASN BA 116 5.47 82.24 -43.79
N TRP BA 117 6.58 82.99 -43.86
CA TRP BA 117 7.90 82.35 -43.94
C TRP BA 117 8.20 81.57 -42.67
N ILE BA 118 7.88 82.13 -41.50
CA ILE BA 118 8.15 81.42 -40.25
C ILE BA 118 7.30 80.17 -40.15
N ILE BA 119 6.02 80.27 -40.50
CA ILE BA 119 5.15 79.09 -40.42
C ILE BA 119 5.64 78.01 -41.38
N LYS BA 120 6.03 78.39 -42.59
CA LYS BA 120 6.53 77.42 -43.55
C LYS BA 120 7.84 76.80 -43.08
N LEU BA 121 8.72 77.61 -42.48
CA LEU BA 121 10.06 77.12 -42.12
C LEU BA 121 10.01 76.20 -40.91
N ARG BA 122 9.17 76.51 -39.92
CA ARG BA 122 9.12 75.68 -38.72
C ARG BA 122 8.68 74.26 -39.04
N ASP BA 123 7.86 74.09 -40.07
CA ASP BA 123 7.37 72.76 -40.46
C ASP BA 123 8.22 72.10 -41.53
N ILE BA 124 8.59 72.83 -42.58
CA ILE BA 124 9.38 72.23 -43.66
C ILE BA 124 10.78 71.92 -43.19
N ASP BA 125 11.43 72.87 -42.52
CA ASP BA 125 12.85 72.75 -42.19
C ASP BA 125 13.10 72.15 -40.81
N LYS BA 126 12.04 71.88 -40.04
CA LYS BA 126 12.18 71.35 -38.67
C LYS BA 126 13.09 72.24 -37.83
N VAL BA 127 12.91 73.55 -37.96
CA VAL BA 127 13.67 74.54 -37.21
C VAL BA 127 12.69 75.35 -36.36
N LYS BA 128 12.96 75.43 -35.06
CA LYS BA 128 12.08 76.11 -34.12
C LYS BA 128 12.64 77.50 -33.86
N VAL BA 129 12.00 78.51 -34.45
CA VAL BA 129 12.35 79.90 -34.24
C VAL BA 129 11.06 80.69 -34.01
N LYS BA 130 11.19 81.81 -33.31
CA LYS BA 130 10.04 82.63 -32.94
C LYS BA 130 10.35 84.10 -33.21
N ALA BA 131 9.28 84.88 -33.38
CA ALA BA 131 9.41 86.30 -33.65
C ALA BA 131 8.28 87.06 -32.98
N VAL BA 132 8.51 88.34 -32.75
CA VAL BA 132 7.52 89.25 -32.17
C VAL BA 132 7.13 90.26 -33.24
N LEU BA 133 5.83 90.35 -33.52
CA LEU BA 133 5.33 91.19 -34.59
C LEU BA 133 4.45 92.31 -34.03
N GLY BA 134 4.46 93.44 -34.72
CA GLY BA 134 3.78 94.62 -34.20
C GLY BA 134 2.28 94.45 -34.10
N LYS BA 135 1.65 93.94 -35.16
CA LYS BA 135 0.20 93.75 -35.14
C LYS BA 135 -0.14 92.68 -36.18
N VAL BA 136 -0.39 91.45 -35.71
CA VAL BA 136 -0.79 90.35 -36.57
C VAL BA 136 -1.86 89.54 -35.85
N VAL BA 137 -2.53 88.68 -36.62
CA VAL BA 137 -3.57 87.81 -36.08
C VAL BA 137 -3.14 86.37 -36.32
N GLY BA 138 -1.83 86.16 -36.41
CA GLY BA 138 -1.33 84.82 -36.68
C GLY BA 138 -1.74 83.84 -35.59
N ASN BA 139 -2.15 82.65 -36.01
CA ASN BA 139 -2.64 81.61 -35.11
C ASN BA 139 -1.61 80.51 -34.90
N HIS BA 140 -0.33 80.86 -34.86
CA HIS BA 140 0.75 79.89 -34.71
C HIS BA 140 1.55 80.17 -33.45
N GLU BA 141 2.15 79.11 -32.91
CA GLU BA 141 2.92 79.24 -31.67
C GLU BA 141 4.17 80.08 -31.87
N GLY BA 142 4.69 80.15 -33.09
CA GLY BA 142 5.95 80.80 -33.35
C GLY BA 142 5.93 82.31 -33.43
N ILE BA 143 4.76 82.92 -33.26
CA ILE BA 143 4.63 84.37 -33.35
C ILE BA 143 4.01 84.87 -32.04
N ILE BA 144 4.60 85.91 -31.46
CA ILE BA 144 4.07 86.56 -30.27
C ILE BA 144 3.53 87.92 -30.68
N ASN BA 145 2.22 88.10 -30.54
CA ASN BA 145 1.55 89.31 -30.99
C ASN BA 145 1.48 90.30 -29.84
N PHE BA 146 2.45 91.20 -29.78
CA PHE BA 146 2.44 92.28 -28.82
C PHE BA 146 1.75 93.50 -29.43
N THR BA 147 0.84 94.11 -28.69
CA THR BA 147 0.11 95.28 -29.19
C THR BA 147 -0.20 96.21 -28.04
N THR BA 148 0.49 97.35 -27.99
CA THR BA 148 0.21 98.41 -27.03
C THR BA 148 0.57 99.73 -27.68
N GLU BA 149 -0.36 100.68 -27.63
CA GLU BA 149 -0.23 101.94 -28.35
C GLU BA 149 0.22 103.06 -27.43
N ASP BA 150 0.89 104.05 -28.03
CA ASP BA 150 1.30 105.29 -27.34
C ASP BA 150 2.14 104.99 -26.11
N VAL BA 151 3.19 104.20 -26.31
CA VAL BA 151 4.10 103.86 -25.22
C VAL BA 151 5.09 105.01 -25.04
N LEU BA 152 5.22 105.48 -23.80
CA LEU BA 152 6.10 106.60 -23.46
C LEU BA 152 7.34 106.05 -22.76
N VAL BA 153 8.46 106.03 -23.48
CA VAL BA 153 9.75 105.65 -22.90
C VAL BA 153 10.74 106.75 -23.21
N GLY BA 154 11.40 107.27 -22.16
CA GLY BA 154 12.38 108.33 -22.31
C GLY BA 154 11.85 109.55 -23.02
N GLU BA 155 10.84 110.19 -22.42
CA GLU BA 155 10.16 111.39 -22.94
C GLU BA 155 9.96 111.31 -24.45
N LYS BA 156 9.54 110.15 -24.95
CA LYS BA 156 9.41 109.91 -26.37
C LYS BA 156 8.21 109.02 -26.63
N LYS BA 157 7.56 109.24 -27.77
CA LYS BA 157 6.48 108.39 -28.23
C LYS BA 157 7.04 107.27 -29.11
N TYR BA 158 6.51 106.07 -28.93
CA TYR BA 158 6.92 104.91 -29.70
C TYR BA 158 5.69 104.19 -30.23
N SER BA 159 5.78 103.73 -31.47
CA SER BA 159 4.73 102.88 -32.01
C SER BA 159 4.87 101.46 -31.45
N VAL BA 160 3.86 100.64 -31.69
CA VAL BA 160 3.93 99.25 -31.25
C VAL BA 160 5.06 98.52 -31.96
N ASP BA 161 5.23 98.79 -33.27
CA ASP BA 161 6.30 98.14 -34.03
C ASP BA 161 7.67 98.50 -33.47
N GLU BA 162 7.88 99.77 -33.13
CA GLU BA 162 9.17 100.19 -32.59
C GLU BA 162 9.44 99.51 -31.26
N PHE BA 163 8.43 99.41 -30.40
CA PHE BA 163 8.60 98.84 -29.08
C PHE BA 163 8.65 97.31 -29.09
N THR BA 164 8.27 96.68 -30.20
CA THR BA 164 8.43 95.23 -30.31
C THR BA 164 9.88 94.82 -30.16
N SER BA 165 10.82 95.69 -30.56
CA SER BA 165 12.24 95.39 -30.36
C SER BA 165 12.56 95.25 -28.87
N ARG BA 166 12.11 96.21 -28.07
CA ARG BA 166 12.32 96.13 -26.63
C ARG BA 166 11.61 94.92 -26.04
N VAL BA 167 10.40 94.63 -26.52
CA VAL BA 167 9.66 93.47 -26.01
C VAL BA 167 10.42 92.18 -26.29
N ALA BA 168 10.94 92.04 -27.50
CA ALA BA 168 11.69 90.84 -27.86
C ALA BA 168 12.98 90.73 -27.06
N GLY BA 169 13.67 91.85 -26.87
CA GLY BA 169 14.86 91.83 -26.04
C GLY BA 169 14.55 91.42 -24.61
N LEU BA 170 13.45 91.92 -24.06
CA LEU BA 170 13.02 91.52 -22.72
C LEU BA 170 12.71 90.03 -22.67
N ILE BA 171 12.03 89.51 -23.69
CA ILE BA 171 11.69 88.09 -23.73
C ILE BA 171 12.94 87.23 -23.76
N ALA BA 172 13.91 87.62 -24.61
CA ALA BA 172 15.12 86.83 -24.73
C ALA BA 172 16.01 86.96 -23.48
N GLY BA 173 15.91 88.09 -22.77
CA GLY BA 173 16.77 88.29 -21.61
C GLY BA 173 16.46 87.34 -20.47
N THR BA 174 15.18 87.02 -20.26
CA THR BA 174 14.80 86.23 -19.11
C THR BA 174 15.28 84.78 -19.27
N PRO BA 175 15.61 84.10 -18.16
CA PRO BA 175 16.02 82.70 -18.25
C PRO BA 175 14.85 81.77 -18.51
N LEU BA 176 15.14 80.47 -18.65
CA LEU BA 176 14.07 79.50 -18.88
C LEU BA 176 13.30 79.21 -17.60
N SER BA 177 13.95 79.27 -16.45
CA SER BA 177 13.31 78.89 -15.20
C SER BA 177 12.13 79.81 -14.88
N GLN BA 178 12.36 81.11 -14.94
CA GLN BA 178 11.33 82.09 -14.61
C GLN BA 178 10.53 82.46 -15.85
N SER BA 179 9.25 82.79 -15.64
CA SER BA 179 8.36 83.16 -16.72
C SER BA 179 8.23 84.68 -16.80
N VAL BA 180 7.93 85.16 -18.01
CA VAL BA 180 7.80 86.59 -18.25
C VAL BA 180 6.58 87.20 -17.59
N THR BA 181 5.69 86.38 -17.04
CA THR BA 181 4.46 86.88 -16.43
C THR BA 181 4.78 87.76 -15.22
N TYR BA 182 4.16 88.94 -15.17
CA TYR BA 182 4.29 89.87 -14.05
C TYR BA 182 5.74 90.26 -13.80
N THR BA 183 6.32 90.94 -14.79
CA THR BA 183 7.65 91.50 -14.67
C THR BA 183 7.59 92.99 -14.98
N LYS BA 184 8.20 93.80 -14.12
CA LYS BA 184 8.06 95.24 -14.19
C LYS BA 184 9.08 95.87 -15.11
N LEU BA 185 8.68 96.94 -15.77
CA LEU BA 185 9.53 97.72 -16.66
C LEU BA 185 9.63 99.13 -16.10
N SER BA 186 10.75 99.44 -15.45
CA SER BA 186 10.95 100.77 -14.88
C SER BA 186 11.15 101.84 -15.93
N ASP BA 187 11.39 101.45 -17.19
CA ASP BA 187 11.63 102.44 -18.24
C ASP BA 187 10.35 103.16 -18.63
N VAL BA 188 9.25 102.42 -18.80
CA VAL BA 188 7.98 103.03 -19.19
C VAL BA 188 7.42 103.80 -18.00
N VAL BA 189 6.73 104.90 -18.30
CA VAL BA 189 6.19 105.75 -17.23
C VAL BA 189 4.67 105.86 -17.35
N ASP BA 190 4.13 105.73 -18.55
CA ASP BA 190 2.71 105.93 -18.74
C ASP BA 190 2.22 105.16 -19.96
N ILE BA 191 0.98 104.68 -19.86
CA ILE BA 191 0.28 103.99 -20.94
C ILE BA 191 -1.14 104.55 -20.97
N PRO BA 192 -1.76 104.70 -22.14
CA PRO BA 192 -3.16 105.13 -22.18
C PRO BA 192 -4.05 104.23 -21.31
N LYS BA 193 -4.94 104.86 -20.55
CA LYS BA 193 -5.74 104.14 -19.58
C LYS BA 193 -6.79 103.27 -20.26
N MET BA 194 -7.10 102.14 -19.63
CA MET BA 194 -8.01 101.15 -20.19
C MET BA 194 -8.52 100.25 -19.08
N THR BA 195 -9.79 99.88 -19.16
CA THR BA 195 -10.45 99.16 -18.09
C THR BA 195 -10.02 97.69 -18.05
N LYS BA 196 -10.20 97.08 -16.89
CA LYS BA 196 -9.70 95.71 -16.68
C LYS BA 196 -10.48 94.70 -17.50
N VAL BA 197 -11.79 94.90 -17.67
CA VAL BA 197 -12.57 93.95 -18.46
C VAL BA 197 -12.12 93.98 -19.91
N ASP BA 198 -11.73 95.15 -20.41
CA ASP BA 198 -11.18 95.22 -21.76
C ASP BA 198 -9.88 94.44 -21.85
N ALA BA 199 -9.02 94.55 -20.84
CA ALA BA 199 -7.78 93.78 -20.83
C ALA BA 199 -8.05 92.29 -20.81
N GLU BA 200 -9.05 91.86 -20.04
CA GLU BA 200 -9.44 90.46 -20.05
C GLU BA 200 -9.90 90.04 -21.44
N SER BA 201 -10.64 90.91 -22.12
CA SER BA 201 -11.09 90.61 -23.47
C SER BA 201 -9.91 90.41 -24.43
N ARG BA 202 -8.95 91.35 -24.41
CA ARG BA 202 -7.80 91.22 -25.31
C ARG BA 202 -6.97 89.99 -24.98
N VAL BA 203 -6.78 89.70 -23.68
CA VAL BA 203 -6.04 88.50 -23.30
C VAL BA 203 -6.76 87.26 -23.81
N ASN BA 204 -8.10 87.26 -23.76
CA ASN BA 204 -8.85 86.16 -24.33
C ASN BA 204 -8.64 86.04 -25.83
N LYS BA 205 -8.40 87.16 -26.50
CA LYS BA 205 -8.16 87.15 -27.94
C LYS BA 205 -6.81 86.55 -28.30
N GLY BA 206 -5.94 86.30 -27.33
CA GLY BA 206 -4.58 85.93 -27.60
C GLY BA 206 -3.63 87.10 -27.77
N GLU BA 207 -4.16 88.32 -27.72
CA GLU BA 207 -3.34 89.52 -27.87
C GLU BA 207 -2.55 89.77 -26.59
N LEU BA 208 -1.25 90.04 -26.74
CA LEU BA 208 -0.40 90.38 -25.62
C LEU BA 208 -0.38 91.90 -25.46
N ILE BA 209 -0.81 92.38 -24.28
CA ILE BA 209 -0.92 93.80 -24.02
C ILE BA 209 -0.24 94.12 -22.69
N LEU BA 210 0.08 95.40 -22.53
CA LEU BA 210 0.70 95.88 -21.30
C LEU BA 210 -0.37 96.45 -20.39
N ILE BA 211 -0.37 96.00 -19.13
CA ILE BA 211 -1.40 96.38 -18.16
C ILE BA 211 -0.73 97.07 -16.98
N LYS BA 212 -1.54 97.84 -16.25
CA LYS BA 212 -1.09 98.52 -15.04
C LYS BA 212 -1.77 97.89 -13.83
N GLU BA 213 -0.95 97.43 -12.88
CA GLU BA 213 -1.43 96.92 -11.60
C GLU BA 213 -0.35 97.16 -10.55
N ALA BA 214 -0.78 97.17 -9.29
CA ALA BA 214 0.11 97.34 -8.14
C ALA BA 214 0.91 98.65 -8.31
N GLY BA 215 2.14 98.67 -7.84
CA GLY BA 215 2.96 99.87 -7.89
C GLY BA 215 3.64 100.12 -9.22
N ALA BA 216 4.04 99.05 -9.90
CA ALA BA 216 4.85 99.15 -11.10
C ALA BA 216 4.12 98.57 -12.30
N ILE BA 217 4.47 99.06 -13.49
CA ILE BA 217 3.87 98.61 -14.73
C ILE BA 217 4.46 97.26 -15.11
N ARG BA 218 3.61 96.26 -15.34
CA ARG BA 218 4.07 94.92 -15.61
C ARG BA 218 3.33 94.32 -16.80
N ILE BA 219 4.04 93.46 -17.54
CA ILE BA 219 3.40 92.59 -18.51
C ILE BA 219 2.61 91.52 -17.78
N ALA BA 220 1.48 91.13 -18.34
CA ALA BA 220 0.55 90.20 -17.68
C ALA BA 220 0.39 88.94 -18.53
N ARG BA 221 0.92 87.83 -18.04
CA ARG BA 221 0.62 86.49 -18.55
C ARG BA 221 0.80 86.41 -20.06
N GLY BA 222 2.05 86.58 -20.47
CA GLY BA 222 2.40 86.44 -21.88
C GLY BA 222 1.98 85.08 -22.42
N VAL BA 223 1.23 85.09 -23.51
CA VAL BA 223 0.67 83.86 -24.08
C VAL BA 223 0.97 83.83 -25.57
N ASN BA 224 0.89 82.62 -26.14
CA ASN BA 224 1.10 82.46 -27.56
C ASN BA 224 -0.06 83.05 -28.35
N SER BA 225 0.22 83.39 -29.61
CA SER BA 225 -0.75 84.15 -30.39
C SER BA 225 -1.97 83.33 -30.79
N LEU BA 226 -1.83 82.00 -30.86
CA LEU BA 226 -2.94 81.19 -31.35
C LEU BA 226 -4.10 81.21 -30.37
N THR BA 227 -5.32 81.27 -30.91
CA THR BA 227 -6.53 81.21 -30.12
C THR BA 227 -7.37 79.98 -30.40
N GLU BA 228 -7.22 79.36 -31.57
CA GLU BA 228 -7.95 78.15 -31.90
C GLU BA 228 -7.20 76.94 -31.38
N LEU BA 229 -7.89 76.13 -30.58
CA LEU BA 229 -7.31 74.93 -29.99
C LEU BA 229 -7.87 73.70 -30.70
N THR BA 230 -6.99 72.92 -31.32
CA THR BA 230 -7.39 71.70 -31.99
C THR BA 230 -7.27 70.52 -31.02
N ALA BA 231 -7.69 69.34 -31.47
CA ALA BA 231 -7.61 68.16 -30.62
C ALA BA 231 -6.16 67.81 -30.30
N GLU BA 232 -5.28 67.88 -31.29
CA GLU BA 232 -3.88 67.54 -31.07
C GLU BA 232 -3.16 68.64 -30.28
N LYS BA 233 -3.46 69.90 -30.57
CA LYS BA 233 -2.81 71.02 -29.90
C LYS BA 233 -3.47 71.24 -28.56
N GLY BA 234 -2.76 70.90 -27.48
CA GLY BA 234 -3.31 71.01 -26.15
C GLY BA 234 -3.30 72.43 -25.62
N GLU BA 235 -3.88 72.58 -24.43
CA GLU BA 235 -3.93 73.89 -23.78
C GLU BA 235 -2.52 74.38 -23.43
N MET BA 236 -1.65 73.47 -22.98
CA MET BA 236 -0.32 73.87 -22.54
C MET BA 236 0.52 74.45 -23.67
N PHE BA 237 0.18 74.14 -24.93
CA PHE BA 237 0.91 74.72 -26.05
C PHE BA 237 0.76 76.24 -26.12
N GLN BA 238 -0.21 76.80 -25.40
CA GLN BA 238 -0.51 78.22 -25.49
C GLN BA 238 0.41 79.08 -24.63
N LYS BA 239 1.24 78.47 -23.78
CA LYS BA 239 2.15 79.21 -22.93
C LYS BA 239 3.50 79.39 -23.60
N ILE BA 240 4.13 80.55 -23.37
CA ILE BA 240 5.42 80.83 -23.99
C ILE BA 240 6.52 79.96 -23.40
N LYS BA 241 6.53 79.79 -22.09
CA LYS BA 241 7.58 79.01 -21.44
C LYS BA 241 7.56 77.57 -21.92
N ILE BA 242 6.37 76.98 -22.03
CA ILE BA 242 6.27 75.57 -22.42
C ILE BA 242 6.75 75.39 -23.86
N VAL BA 243 6.29 76.24 -24.77
CA VAL BA 243 6.72 76.09 -26.16
C VAL BA 243 8.20 76.35 -26.30
N ASP BA 244 8.74 77.29 -25.52
CA ASP BA 244 10.17 77.58 -25.60
C ASP BA 244 11.01 76.39 -25.14
N THR BA 245 10.65 75.79 -24.01
CA THR BA 245 11.42 74.64 -23.54
C THR BA 245 11.25 73.44 -24.47
N LEU BA 246 10.05 73.26 -25.05
CA LEU BA 246 9.88 72.19 -26.02
C LEU BA 246 10.77 72.41 -27.24
N ASP BA 247 10.86 73.66 -27.71
CA ASP BA 247 11.70 73.95 -28.87
C ASP BA 247 13.17 73.69 -28.56
N ILE BA 248 13.64 74.09 -27.38
CA ILE BA 248 15.05 73.85 -27.07
C ILE BA 248 15.31 72.35 -26.92
N ILE BA 249 14.35 71.61 -26.37
CA ILE BA 249 14.50 70.15 -26.29
C ILE BA 249 14.61 69.57 -27.69
N HIS BA 250 13.75 70.01 -28.60
CA HIS BA 250 13.77 69.52 -29.97
C HIS BA 250 15.12 69.79 -30.62
N SER BA 251 15.62 71.02 -30.48
CA SER BA 251 16.88 71.39 -31.12
C SER BA 251 18.02 70.55 -30.58
N ASP BA 252 18.11 70.41 -29.25
CA ASP BA 252 19.20 69.64 -28.67
C ASP BA 252 19.16 68.17 -29.09
N ILE BA 253 17.96 67.57 -29.04
CA ILE BA 253 17.84 66.16 -29.39
C ILE BA 253 18.21 65.96 -30.87
N ARG BA 254 17.71 66.82 -31.74
CA ARG BA 254 18.02 66.68 -33.17
C ARG BA 254 19.51 66.82 -33.41
N LYS BA 255 20.16 67.80 -32.79
CA LYS BA 255 21.59 67.98 -32.99
C LYS BA 255 22.37 66.76 -32.51
N VAL BA 256 22.02 66.23 -31.34
CA VAL BA 256 22.73 65.07 -30.80
C VAL BA 256 22.57 63.88 -31.74
N ILE BA 257 21.34 63.62 -32.18
CA ILE BA 257 21.09 62.46 -33.04
C ILE BA 257 21.85 62.60 -34.35
N ILE BA 258 21.78 63.78 -34.98
CA ILE BA 258 22.43 63.95 -36.27
C ILE BA 258 23.94 63.88 -36.14
N ASP BA 259 24.49 64.33 -35.01
CA ASP BA 259 25.94 64.32 -34.85
C ASP BA 259 26.45 62.90 -34.57
N ASP BA 260 25.75 62.14 -33.73
CA ASP BA 260 26.33 60.91 -33.18
C ASP BA 260 25.81 59.64 -33.85
N TYR BA 261 24.49 59.43 -33.85
CA TYR BA 261 23.92 58.12 -34.15
C TYR BA 261 23.35 58.02 -35.56
N ILE BA 262 23.88 58.77 -36.52
CA ILE BA 262 23.41 58.73 -37.90
C ILE BA 262 24.45 58.04 -38.76
N GLY BA 263 24.07 56.92 -39.37
CA GLY BA 263 24.88 56.28 -40.38
C GLY BA 263 26.21 55.73 -39.89
N LYS BA 264 26.38 55.64 -38.57
CA LYS BA 264 27.61 55.12 -37.99
C LYS BA 264 27.43 53.84 -37.20
N VAL BA 265 26.21 53.52 -36.78
CA VAL BA 265 25.94 52.35 -35.96
C VAL BA 265 24.83 51.53 -36.60
N THR BA 266 24.99 50.22 -36.60
CA THR BA 266 24.04 49.33 -37.25
C THR BA 266 22.71 49.32 -36.51
N ASN BA 267 21.63 49.15 -37.28
CA ASN BA 267 20.29 49.09 -36.71
C ASN BA 267 20.08 47.71 -36.09
N SER BA 268 20.04 47.66 -34.76
CA SER BA 268 19.86 46.42 -34.03
C SER BA 268 19.23 46.74 -32.69
N TYR BA 269 18.73 45.70 -32.03
CA TYR BA 269 18.03 45.90 -30.76
C TYR BA 269 18.95 46.50 -29.71
N ASP BA 270 20.20 46.03 -29.65
CA ASP BA 270 21.15 46.56 -28.68
C ASP BA 270 21.44 48.03 -28.94
N ASN BA 271 21.60 48.39 -30.22
CA ASN BA 271 21.84 49.80 -30.55
C ASN BA 271 20.64 50.65 -30.19
N LYS BA 272 19.42 50.12 -30.39
CA LYS BA 272 18.23 50.85 -29.97
C LYS BA 272 18.20 51.05 -28.47
N CYS BA 273 18.60 50.02 -27.71
CA CYS BA 273 18.66 50.17 -26.26
C CYS BA 273 19.68 51.23 -25.86
N LEU BA 274 20.83 51.25 -26.53
CA LEU BA 274 21.83 52.28 -26.23
C LEU BA 274 21.29 53.68 -26.54
N LEU BA 275 20.57 53.82 -27.65
CA LEU BA 275 19.97 55.11 -27.99
C LEU BA 275 18.96 55.53 -26.92
N ILE BA 276 18.15 54.58 -26.44
CA ILE BA 276 17.21 54.89 -25.38
C ILE BA 276 17.94 55.34 -24.13
N VAL BA 277 19.06 54.68 -23.81
CA VAL BA 277 19.85 55.08 -22.64
C VAL BA 277 20.35 56.51 -22.81
N ALA BA 278 20.84 56.85 -24.01
CA ALA BA 278 21.36 58.20 -24.24
C ALA BA 278 20.26 59.24 -24.08
N ILE BA 279 19.09 58.98 -24.68
CA ILE BA 279 17.97 59.93 -24.57
C ILE BA 279 17.54 60.08 -23.11
N LYS BA 280 17.49 58.96 -22.38
CA LYS BA 280 17.11 59.03 -20.98
C LYS BA 280 18.13 59.81 -20.16
N SER BA 281 19.41 59.66 -20.48
CA SER BA 281 20.44 60.44 -19.79
C SER BA 281 20.25 61.94 -20.05
N TYR BA 282 19.98 62.31 -21.30
CA TYR BA 282 19.73 63.72 -21.59
C TYR BA 282 18.50 64.23 -20.85
N LEU BA 283 17.44 63.43 -20.79
CA LEU BA 283 16.24 63.85 -20.08
C LEU BA 283 16.50 63.97 -18.58
N GLU BA 284 17.32 63.09 -18.02
CA GLU BA 284 17.71 63.22 -16.62
C GLU BA 284 18.49 64.50 -16.39
N GLU BA 285 19.39 64.85 -17.32
CA GLU BA 285 20.12 66.10 -17.20
C GLU BA 285 19.16 67.29 -17.20
N LEU BA 286 18.16 67.27 -18.09
CA LEU BA 286 17.17 68.34 -18.09
C LEU BA 286 16.35 68.33 -16.81
N GLU BA 287 16.12 67.16 -16.24
CA GLU BA 287 15.43 67.07 -14.94
C GLU BA 287 16.23 67.77 -13.86
N LYS BA 288 17.56 67.59 -13.86
CA LYS BA 288 18.39 68.30 -12.90
C LYS BA 288 18.25 69.81 -13.04
N SER BA 289 18.00 70.29 -14.26
CA SER BA 289 17.74 71.72 -14.48
C SER BA 289 16.39 72.16 -13.94
N ALA BA 290 15.55 71.23 -13.51
CA ALA BA 290 14.25 71.50 -12.90
C ALA BA 290 13.26 72.14 -13.86
N LEU BA 291 13.43 71.96 -15.17
CA LEU BA 291 12.45 72.48 -16.11
C LEU BA 291 11.28 71.53 -16.32
N ILE BA 292 11.51 70.22 -16.21
CA ILE BA 292 10.46 69.24 -16.44
C ILE BA 292 10.27 68.39 -15.19
N GLU BA 293 9.29 67.49 -15.23
CA GLU BA 293 9.00 66.62 -14.10
C GLU BA 293 10.12 65.60 -13.92
N SER BA 294 10.19 65.04 -12.71
CA SER BA 294 11.28 64.14 -12.36
C SER BA 294 11.18 62.82 -13.11
N ASP BA 295 10.00 62.21 -13.12
CA ASP BA 295 9.82 60.85 -13.64
C ASP BA 295 9.50 60.91 -15.12
N SER BA 296 10.36 60.32 -15.94
CA SER BA 296 10.17 60.26 -17.38
C SER BA 296 10.44 58.83 -17.86
N THR BA 297 9.68 58.40 -18.86
CA THR BA 297 9.82 57.07 -19.42
C THR BA 297 9.96 57.16 -20.93
N VAL BA 298 11.01 56.55 -21.47
CA VAL BA 298 11.24 56.47 -22.90
C VAL BA 298 11.40 55.01 -23.28
N GLU BA 299 10.63 54.55 -24.27
CA GLU BA 299 10.67 53.16 -24.68
C GLU BA 299 10.37 53.07 -26.17
N ILE BA 300 10.74 51.93 -26.76
CA ILE BA 300 10.44 51.70 -28.17
C ILE BA 300 8.94 51.64 -28.36
N ASP BA 301 8.48 52.19 -29.49
CA ASP BA 301 7.06 52.21 -29.79
C ASP BA 301 6.65 50.90 -30.44
N PHE BA 302 5.62 50.27 -29.89
CA PHE BA 302 5.17 48.97 -30.41
C PHE BA 302 4.12 49.10 -31.50
N GLU BA 303 3.22 50.07 -31.38
CA GLU BA 303 2.14 50.20 -32.37
C GLU BA 303 2.70 50.53 -33.74
N ALA BA 304 3.59 51.53 -33.82
CA ALA BA 304 4.18 51.91 -35.09
C ALA BA 304 5.01 50.78 -35.68
N GLN BA 305 5.77 50.07 -34.85
CA GLN BA 305 6.56 48.96 -35.34
C GLN BA 305 5.67 47.85 -35.88
N LYS BA 306 4.57 47.55 -35.19
CA LYS BA 306 3.64 46.55 -35.68
C LYS BA 306 3.05 46.96 -37.02
N SER BA 307 2.66 48.24 -37.15
CA SER BA 307 2.12 48.73 -38.41
C SER BA 307 3.14 48.62 -39.53
N TYR BA 308 4.39 48.98 -39.25
CA TYR BA 308 5.44 48.92 -40.27
C TYR BA 308 5.69 47.48 -40.69
N LEU BA 309 5.75 46.56 -39.74
CA LEU BA 309 5.95 45.16 -40.09
C LEU BA 309 4.79 44.62 -40.91
N LYS BA 310 3.56 45.00 -40.54
CA LYS BA 310 2.39 44.57 -41.30
C LYS BA 310 2.42 45.13 -42.72
N SER BA 311 2.92 46.36 -42.88
CA SER BA 311 2.95 46.99 -44.20
C SER BA 311 3.79 46.20 -45.18
N LYS BA 312 4.81 45.48 -44.70
CA LYS BA 312 5.62 44.61 -45.54
C LYS BA 312 5.03 43.21 -45.67
N GLY BA 313 3.89 42.94 -45.04
CA GLY BA 313 3.21 41.67 -45.22
C GLY BA 313 3.76 40.52 -44.41
N VAL BA 314 4.60 40.78 -43.41
CA VAL BA 314 5.14 39.70 -42.60
C VAL BA 314 4.03 39.08 -41.76
N ASP BA 315 4.18 37.81 -41.43
CA ASP BA 315 3.22 37.09 -40.58
C ASP BA 315 3.68 37.23 -39.14
N LEU BA 316 3.14 38.22 -38.44
CA LEU BA 316 3.49 38.51 -37.05
C LEU BA 316 2.47 37.98 -36.07
N SER BA 317 1.55 37.12 -36.52
CA SER BA 317 0.48 36.65 -35.65
C SER BA 317 1.02 35.82 -34.49
N TYR BA 318 2.00 34.97 -34.75
CA TYR BA 318 2.44 34.00 -33.75
C TYR BA 318 3.67 34.44 -32.96
N MET BA 319 4.29 35.56 -33.31
CA MET BA 319 5.45 36.02 -32.55
C MET BA 319 5.01 36.77 -31.30
N THR BA 320 5.82 36.64 -30.25
CA THR BA 320 5.53 37.27 -28.98
C THR BA 320 5.76 38.78 -29.07
N LEU BA 321 5.17 39.51 -28.13
CA LEU BA 321 5.40 40.95 -28.03
C LEU BA 321 6.89 41.26 -27.98
N GLN BA 322 7.63 40.55 -27.14
CA GLN BA 322 9.08 40.72 -27.11
C GLN BA 322 9.70 40.35 -28.44
N GLU BA 323 9.20 39.29 -29.07
CA GLU BA 323 9.72 38.89 -30.39
C GLU BA 323 9.45 39.98 -31.42
N ILE BA 324 8.28 40.62 -31.35
CA ILE BA 324 7.98 41.71 -32.27
C ILE BA 324 8.93 42.88 -32.04
N LYS BA 325 9.19 43.21 -30.77
CA LYS BA 325 10.12 44.30 -30.47
C LYS BA 325 11.52 43.98 -30.98
N GLU BA 326 11.95 42.73 -30.83
CA GLU BA 326 13.28 42.33 -31.28
C GLU BA 326 13.37 42.12 -32.79
N ALA BA 327 12.25 42.16 -33.50
CA ALA BA 327 12.26 41.92 -34.94
C ALA BA 327 12.99 43.04 -35.67
N ASN BA 328 13.61 42.67 -36.79
CA ASN BA 328 14.31 43.65 -37.61
C ASN BA 328 13.31 44.55 -38.33
N THR BA 329 13.62 45.85 -38.37
CA THR BA 329 12.71 46.85 -38.93
C THR BA 329 13.33 47.63 -40.08
N GLY BA 330 14.52 47.25 -40.54
CA GLY BA 330 15.17 48.01 -41.59
C GLY BA 330 15.78 49.30 -41.06
N SER BA 331 15.87 50.30 -41.95
CA SER BA 331 16.48 51.57 -41.57
C SER BA 331 15.64 52.33 -40.56
N LYS BA 332 14.32 52.18 -40.61
CA LYS BA 332 13.44 52.96 -39.76
C LYS BA 332 13.66 52.62 -38.29
N VAL BA 333 13.49 53.63 -37.43
CA VAL BA 333 13.57 53.47 -35.98
C VAL BA 333 12.39 54.20 -35.36
N PHE BA 334 11.66 53.51 -34.48
CA PHE BA 334 10.47 54.05 -33.84
C PHE BA 334 10.70 54.13 -32.33
N LEU BA 335 10.28 55.24 -31.73
CA LEU BA 335 10.47 55.46 -30.31
C LEU BA 335 9.28 56.20 -29.72
N LYS BA 336 9.11 56.04 -28.41
CA LYS BA 336 8.02 56.69 -27.68
C LYS BA 336 8.57 57.20 -26.35
N ALA BA 337 8.02 58.32 -25.90
CA ALA BA 337 8.44 58.93 -24.64
C ALA BA 337 7.29 59.74 -24.06
N LYS BA 338 7.38 60.04 -22.77
CA LYS BA 338 6.41 60.88 -22.11
C LYS BA 338 7.11 61.71 -21.03
N ILE BA 339 6.79 63.01 -20.98
CA ILE BA 339 7.37 63.93 -20.02
C ILE BA 339 6.32 64.97 -19.66
N LYS BA 340 6.50 65.60 -18.50
CA LYS BA 340 5.59 66.62 -18.01
C LYS BA 340 6.37 67.93 -17.86
N VAL BA 341 5.81 69.01 -18.37
CA VAL BA 341 6.48 70.31 -18.39
C VAL BA 341 5.96 71.15 -17.23
N LEU BA 342 6.87 71.64 -16.39
CA LEU BA 342 6.50 72.49 -15.28
C LEU BA 342 6.23 73.92 -15.76
N ASP BA 343 5.57 74.69 -14.91
CA ASP BA 343 5.22 76.07 -15.22
C ASP BA 343 5.38 76.93 -13.97
N ALA BA 344 5.68 78.20 -14.19
CA ALA BA 344 5.78 79.15 -13.09
C ALA BA 344 4.42 79.45 -12.51
N MET BA 345 4.40 79.87 -11.25
CA MET BA 345 3.16 80.11 -10.54
C MET BA 345 2.43 81.31 -11.14
N GLU BA 346 1.15 81.14 -11.44
CA GLU BA 346 0.33 82.20 -12.02
C GLU BA 346 -0.82 82.61 -11.12
N ASP BA 347 -1.64 81.67 -10.67
CA ASP BA 347 -2.80 81.96 -9.84
C ASP BA 347 -2.64 81.26 -8.50
N ILE BA 348 -2.88 82.00 -7.43
CA ILE BA 348 -2.75 81.49 -6.06
C ILE BA 348 -4.10 81.64 -5.37
N ASP BA 349 -4.58 80.55 -4.77
CA ASP BA 349 -5.83 80.54 -4.03
C ASP BA 349 -5.52 80.28 -2.55
N LEU BA 350 -5.91 81.21 -1.70
CA LEU BA 350 -5.72 81.07 -0.26
C LEU BA 350 -7.04 81.38 0.44
N SER BA 351 -7.49 80.46 1.29
CA SER BA 351 -8.70 80.64 2.08
C SER BA 351 -8.34 80.49 3.55
N ILE BA 352 -8.68 81.49 4.34
CA ILE BA 352 -8.42 81.50 5.78
C ILE BA 352 -9.75 81.37 6.52
N GLU BA 353 -9.73 80.63 7.62
CA GLU BA 353 -10.94 80.32 8.38
C GLU BA 353 -10.82 80.92 9.77
N ILE BA 354 -11.81 81.72 10.15
CA ILE BA 354 -11.83 82.36 11.45
C ILE BA 354 -12.09 81.32 12.54
N ARG CA 7 -54.38 -13.03 -26.06
CA ARG CA 7 -53.21 -12.35 -25.53
C ARG CA 7 -51.95 -13.15 -25.84
N ASN CA 8 -50.94 -12.45 -26.36
CA ASN CA 8 -49.69 -13.09 -26.75
C ASN CA 8 -48.54 -12.20 -26.32
N VAL CA 9 -47.37 -12.84 -26.15
CA VAL CA 9 -46.17 -12.08 -25.85
C VAL CA 9 -45.81 -11.20 -27.04
N MET CA 10 -45.53 -9.93 -26.76
CA MET CA 10 -45.25 -8.98 -27.82
C MET CA 10 -43.90 -9.27 -28.46
N SER CA 11 -43.90 -9.37 -29.79
CA SER CA 11 -42.70 -9.72 -30.54
C SER CA 11 -41.83 -8.50 -30.76
N GLY CA 12 -40.53 -8.75 -30.93
CA GLY CA 12 -39.60 -7.67 -31.17
C GLY CA 12 -39.54 -7.18 -32.59
N THR CA 13 -40.25 -7.83 -33.52
CA THR CA 13 -40.27 -7.38 -34.90
C THR CA 13 -40.86 -5.98 -35.02
N TRP CA 14 -41.94 -5.73 -34.28
CA TRP CA 14 -42.66 -4.46 -34.40
C TRP CA 14 -42.06 -3.40 -33.48
N GLY CA 15 -40.79 -3.09 -33.71
CA GLY CA 15 -40.06 -2.11 -32.93
C GLY CA 15 -39.72 -0.89 -33.78
N GLU CA 16 -40.00 0.29 -33.24
CA GLU CA 16 -39.69 1.54 -33.90
C GLU CA 16 -38.92 2.44 -32.94
N LEU CA 17 -37.96 3.18 -33.47
CA LEU CA 17 -37.09 4.03 -32.67
C LEU CA 17 -36.96 5.39 -33.31
N TRP CA 18 -37.18 6.44 -32.52
CA TRP CA 18 -36.97 7.82 -32.94
C TRP CA 18 -35.82 8.40 -32.16
N LEU CA 19 -34.83 8.92 -32.87
CA LEU CA 19 -33.65 9.52 -32.26
C LEU CA 19 -33.62 11.01 -32.59
N ASP CA 20 -33.75 11.84 -31.55
CA ASP CA 20 -33.73 13.29 -31.69
C ASP CA 20 -34.79 13.77 -32.68
N GLY CA 21 -35.96 13.13 -32.65
CA GLY CA 21 -37.06 13.51 -33.51
C GLY CA 21 -37.00 13.00 -34.93
N ASN CA 22 -35.98 12.22 -35.28
CA ASN CA 22 -35.84 11.66 -36.62
C ASN CA 22 -35.99 10.15 -36.54
N LYS CA 23 -36.86 9.60 -37.38
CA LYS CA 23 -37.13 8.18 -37.34
C LYS CA 23 -35.92 7.41 -37.84
N VAL CA 24 -35.52 6.38 -37.08
CA VAL CA 24 -34.38 5.54 -37.43
C VAL CA 24 -34.98 4.34 -38.16
N ALA CA 25 -35.01 4.41 -39.49
CA ALA CA 25 -35.63 3.36 -40.28
C ALA CA 25 -34.88 2.04 -40.14
N GLU CA 26 -33.55 2.09 -40.13
CA GLU CA 26 -32.72 0.89 -40.04
C GLU CA 26 -32.37 0.66 -38.57
N VAL CA 27 -32.85 -0.45 -38.02
CA VAL CA 27 -32.61 -0.77 -36.62
C VAL CA 27 -32.84 -2.26 -36.43
N LYS CA 28 -31.98 -2.88 -35.62
CA LYS CA 28 -32.07 -4.31 -35.34
C LYS CA 28 -32.42 -4.61 -33.89
N LYS CA 29 -31.72 -4.00 -32.94
CA LYS CA 29 -32.01 -4.19 -31.53
C LYS CA 29 -32.00 -2.85 -30.81
N PHE CA 30 -32.77 -2.76 -29.73
CA PHE CA 30 -32.72 -1.64 -28.82
C PHE CA 30 -32.79 -2.18 -27.40
N GLN CA 31 -32.12 -1.50 -26.49
CA GLN CA 31 -32.01 -2.00 -25.13
C GLN CA 31 -31.69 -0.85 -24.17
N ALA CA 32 -32.47 -0.73 -23.12
CA ALA CA 32 -32.22 0.23 -22.05
C ALA CA 32 -32.39 -0.48 -20.72
N LYS CA 33 -31.52 -0.16 -19.77
CA LYS CA 33 -31.48 -0.93 -18.53
C LYS CA 33 -31.02 -0.02 -17.40
N MET CA 34 -31.27 -0.47 -16.17
CA MET CA 34 -31.08 0.34 -14.97
C MET CA 34 -30.49 -0.53 -13.88
N GLU CA 35 -29.25 -0.24 -13.49
CA GLU CA 35 -28.57 -1.00 -12.45
C GLU CA 35 -28.55 -0.21 -11.16
N PHE CA 36 -29.00 -0.82 -10.07
CA PHE CA 36 -28.97 -0.19 -8.77
C PHE CA 36 -27.67 -0.50 -8.05
N THR CA 37 -27.18 0.47 -7.28
CA THR CA 37 -25.98 0.31 -6.48
C THR CA 37 -26.39 0.01 -5.05
N LYS CA 38 -26.00 -1.16 -4.55
CA LYS CA 38 -26.35 -1.61 -3.22
C LYS CA 38 -25.09 -1.80 -2.39
N GLU CA 39 -25.20 -1.52 -1.10
CA GLU CA 39 -24.09 -1.63 -0.17
C GLU CA 39 -24.45 -2.60 0.95
N ASP CA 40 -23.53 -3.52 1.25
CA ASP CA 40 -23.79 -4.51 2.29
C ASP CA 40 -23.72 -3.86 3.66
N ILE CA 41 -24.72 -4.13 4.50
CA ILE CA 41 -24.76 -3.63 5.86
C ILE CA 41 -25.08 -4.80 6.79
N ILE CA 42 -24.26 -4.98 7.83
CA ILE CA 42 -24.42 -6.06 8.79
C ILE CA 42 -24.96 -5.47 10.08
N ILE CA 43 -26.09 -5.99 10.54
CA ILE CA 43 -26.74 -5.51 11.76
C ILE CA 43 -26.45 -6.49 12.87
N ALA CA 44 -26.10 -5.97 14.05
CA ALA CA 44 -25.75 -6.81 15.18
C ALA CA 44 -26.92 -7.70 15.57
N GLY CA 45 -26.64 -8.98 15.77
CA GLY CA 45 -27.65 -9.94 16.19
C GLY CA 45 -28.43 -10.59 15.08
N GLN CA 46 -28.15 -10.26 13.82
CA GLN CA 46 -28.86 -10.84 12.68
C GLN CA 46 -27.88 -11.51 11.74
N MET CA 47 -28.10 -12.78 11.46
CA MET CA 47 -27.27 -13.48 10.46
C MET CA 47 -27.51 -12.94 9.06
N GLY CA 48 -28.75 -12.61 8.73
CA GLY CA 48 -29.04 -12.08 7.41
C GLY CA 48 -28.33 -10.77 7.16
N THR CA 49 -27.85 -10.59 5.94
CA THR CA 49 -27.11 -9.41 5.55
C THR CA 49 -28.00 -8.56 4.66
N ASP CA 50 -28.48 -7.44 5.20
CA ASP CA 50 -29.37 -6.57 4.47
C ASP CA 50 -28.57 -5.53 3.71
N THR CA 51 -29.20 -4.92 2.71
CA THR CA 51 -28.52 -4.02 1.79
C THR CA 51 -29.25 -2.67 1.72
N LYS CA 52 -28.48 -1.63 1.44
CA LYS CA 52 -28.99 -0.27 1.34
C LYS CA 52 -28.88 0.22 -0.09
N TYR CA 53 -29.94 0.88 -0.56
CA TYR CA 53 -29.99 1.41 -1.92
C TYR CA 53 -29.34 2.79 -1.94
N MET CA 54 -28.34 2.95 -2.81
CA MET CA 54 -27.55 4.18 -2.85
C MET CA 54 -27.68 4.97 -4.15
N GLY CA 55 -28.24 4.39 -5.20
CA GLY CA 55 -28.34 5.08 -6.47
C GLY CA 55 -28.45 4.09 -7.60
N TYR CA 56 -28.42 4.63 -8.81
CA TYR CA 56 -28.54 3.80 -10.00
C TYR CA 56 -27.70 4.38 -11.13
N LYS CA 57 -27.40 3.53 -12.11
CA LYS CA 57 -26.71 3.91 -13.32
C LYS CA 57 -27.43 3.31 -14.52
N GLY CA 58 -27.46 4.05 -15.62
CA GLY CA 58 -28.19 3.64 -16.82
C GLY CA 58 -27.24 3.19 -17.91
N LYS CA 59 -27.62 2.11 -18.59
CA LYS CA 59 -26.82 1.54 -19.67
C LYS CA 59 -27.74 1.02 -20.76
N GLY CA 60 -27.21 0.94 -21.97
CA GLY CA 60 -27.97 0.44 -23.09
C GLY CA 60 -27.12 0.45 -24.35
N SER CA 61 -27.68 -0.15 -25.40
CA SER CA 61 -26.99 -0.21 -26.68
C SER CA 61 -28.01 -0.27 -27.81
N ILE CA 62 -27.57 0.15 -28.99
CA ILE CA 62 -28.38 0.12 -30.20
C ILE CA 62 -27.60 -0.62 -31.29
N THR CA 63 -28.30 -1.43 -32.07
CA THR CA 63 -27.70 -2.15 -33.18
C THR CA 63 -28.50 -1.86 -34.44
N LEU CA 64 -27.80 -1.48 -35.52
CA LEU CA 64 -28.46 -1.11 -36.75
C LEU CA 64 -27.56 -1.46 -37.93
N TYR CA 65 -28.18 -1.65 -39.09
CA TYR CA 65 -27.44 -1.92 -40.30
C TYR CA 65 -26.77 -0.65 -40.82
N HIS CA 66 -25.66 -0.82 -41.52
CA HIS CA 66 -24.86 0.31 -41.98
C HIS CA 66 -25.34 0.81 -43.34
N VAL CA 67 -26.59 1.27 -43.35
CA VAL CA 67 -27.15 1.83 -44.58
C VAL CA 67 -26.52 3.18 -44.91
N SER CA 68 -26.35 4.03 -43.91
CA SER CA 68 -25.86 5.39 -44.12
C SER CA 68 -24.91 5.76 -42.99
N SER CA 69 -24.19 6.87 -43.19
CA SER CA 69 -23.29 7.39 -42.17
C SER CA 69 -24.05 8.26 -41.19
N ARG CA 70 -25.13 7.71 -40.60
CA ARG CA 70 -25.98 8.49 -39.71
C ARG CA 70 -25.23 8.90 -38.46
N MET CA 71 -24.47 7.98 -37.86
CA MET CA 71 -23.86 8.26 -36.56
C MET CA 71 -22.72 9.28 -36.68
N HIS CA 72 -22.08 9.37 -37.84
CA HIS CA 72 -20.99 10.33 -38.01
C HIS CA 72 -21.50 11.75 -37.89
N LYS CA 73 -22.54 12.09 -38.65
CA LYS CA 73 -23.00 13.48 -38.73
C LYS CA 73 -23.36 14.04 -37.36
N LEU CA 74 -23.79 13.17 -36.44
CA LEU CA 74 -24.26 13.66 -35.15
C LEU CA 74 -23.11 14.12 -34.27
N ILE CA 75 -22.03 13.35 -34.20
CA ILE CA 75 -21.07 13.57 -33.12
C ILE CA 75 -19.62 13.68 -33.60
N GLY CA 76 -19.34 13.29 -34.85
CA GLY CA 76 -17.95 13.21 -35.28
C GLY CA 76 -17.23 14.53 -35.22
N GLU CA 77 -17.86 15.59 -35.72
CA GLU CA 77 -17.21 16.90 -35.71
C GLU CA 77 -17.16 17.47 -34.30
N LYS CA 78 -18.22 17.27 -33.52
CA LYS CA 78 -18.29 17.89 -32.20
C LYS CA 78 -17.30 17.27 -31.23
N ILE CA 79 -17.07 15.95 -31.35
CA ILE CA 79 -16.20 15.27 -30.39
C ILE CA 79 -14.78 15.81 -30.46
N LYS CA 80 -14.26 15.99 -31.67
CA LYS CA 80 -12.89 16.48 -31.81
C LYS CA 80 -12.73 17.88 -31.24
N ARG CA 81 -13.79 18.69 -31.29
CA ARG CA 81 -13.73 20.04 -30.76
C ARG CA 81 -13.76 20.09 -29.25
N GLY CA 82 -14.28 19.04 -28.60
CA GLY CA 82 -14.30 18.97 -27.15
C GLY CA 82 -15.65 19.22 -26.51
N SER CA 83 -16.71 19.40 -27.29
CA SER CA 83 -18.05 19.61 -26.76
C SER CA 83 -18.87 18.34 -26.95
N GLU CA 84 -19.44 17.84 -25.86
CA GLU CA 84 -20.17 16.58 -25.89
C GLU CA 84 -21.65 16.83 -26.11
N PRO CA 85 -22.26 16.23 -27.12
CA PRO CA 85 -23.71 16.38 -27.32
C PRO CA 85 -24.51 15.32 -26.58
N ARG CA 86 -25.70 15.73 -26.14
CA ARG CA 86 -26.63 14.86 -25.44
C ARG CA 86 -27.92 14.74 -26.23
N PHE CA 87 -28.45 13.52 -26.31
CA PHE CA 87 -29.55 13.21 -27.20
C PHE CA 87 -30.74 12.66 -26.42
N VAL CA 88 -31.88 12.58 -27.10
CA VAL CA 88 -33.12 12.03 -26.55
C VAL CA 88 -33.66 11.01 -27.53
N ALA CA 89 -34.04 9.83 -27.02
CA ALA CA 89 -34.53 8.75 -27.86
C ALA CA 89 -35.89 8.27 -27.36
N ILE CA 90 -36.74 7.84 -28.29
CA ILE CA 90 -38.06 7.32 -27.99
C ILE CA 90 -38.19 5.97 -28.70
N SER CA 91 -38.66 4.96 -27.96
CA SER CA 91 -38.85 3.62 -28.51
C SER CA 91 -40.31 3.21 -28.33
N LYS CA 92 -40.94 2.80 -29.43
CA LYS CA 92 -42.33 2.37 -29.40
C LYS CA 92 -42.40 0.94 -29.93
N LEU CA 93 -43.10 0.07 -29.18
CA LEU CA 93 -43.21 -1.34 -29.52
C LEU CA 93 -44.69 -1.69 -29.57
N ASN CA 94 -45.22 -1.87 -30.78
CA ASN CA 94 -46.66 -2.03 -31.00
C ASN CA 94 -46.89 -3.33 -31.76
N ASP CA 95 -47.30 -4.38 -31.04
CA ASP CA 95 -47.60 -5.67 -31.64
C ASP CA 95 -49.09 -5.79 -31.88
N PRO CA 96 -49.54 -6.05 -33.12
CA PRO CA 96 -50.99 -6.19 -33.34
C PRO CA 96 -51.62 -7.30 -32.52
N ASP CA 97 -50.90 -8.39 -32.28
CA ASP CA 97 -51.45 -9.47 -31.47
C ASP CA 97 -51.57 -9.08 -30.00
N SER CA 98 -50.62 -8.30 -29.50
CA SER CA 98 -50.57 -7.98 -28.09
C SER CA 98 -51.74 -7.08 -27.70
N TYR CA 99 -51.88 -6.86 -26.39
CA TYR CA 99 -52.99 -6.08 -25.87
C TYR CA 99 -52.85 -4.60 -26.23
N GLY CA 100 -51.65 -4.06 -26.11
CA GLY CA 100 -51.44 -2.65 -26.37
C GLY CA 100 -50.03 -2.31 -26.81
N ALA CA 101 -49.71 -1.02 -26.86
CA ALA CA 101 -48.40 -0.54 -27.26
C ALA CA 101 -47.84 0.36 -26.16
N GLU CA 102 -46.54 0.25 -25.92
CA GLU CA 102 -45.87 1.05 -24.90
C GLU CA 102 -44.78 1.89 -25.53
N ARG CA 103 -44.55 3.07 -24.95
CA ARG CA 103 -43.57 4.01 -25.44
C ARG CA 103 -42.67 4.45 -24.29
N ILE CA 104 -41.37 4.51 -24.56
CA ILE CA 104 -40.38 4.89 -23.55
C ILE CA 104 -39.63 6.10 -24.06
N ALA CA 105 -39.48 7.10 -23.20
CA ALA CA 105 -38.68 8.29 -23.50
C ALA CA 105 -37.42 8.23 -22.65
N VAL CA 106 -36.31 7.89 -23.28
CA VAL CA 106 -35.00 7.84 -22.63
C VAL CA 106 -34.26 9.13 -22.94
N LYS CA 107 -33.83 9.84 -21.91
CA LYS CA 107 -33.33 11.19 -22.06
C LYS CA 107 -31.89 11.30 -21.58
N ASN CA 108 -31.21 12.32 -22.11
CA ASN CA 108 -29.82 12.62 -21.77
C ASN CA 108 -28.92 11.44 -22.08
N ILE CA 109 -28.84 11.11 -23.36
CA ILE CA 109 -28.08 9.96 -23.84
C ILE CA 109 -26.69 10.40 -24.26
N ALA CA 110 -25.68 9.67 -23.81
CA ALA CA 110 -24.29 9.92 -24.22
C ALA CA 110 -23.72 8.62 -24.77
N PHE CA 111 -23.07 8.71 -25.93
CA PHE CA 111 -22.57 7.53 -26.61
C PHE CA 111 -21.15 7.21 -26.16
N ASP CA 112 -20.85 5.91 -26.12
CA ASP CA 112 -19.56 5.44 -25.63
C ASP CA 112 -18.49 5.37 -26.70
N ASP CA 113 -18.87 5.15 -27.96
CA ASP CA 113 -17.88 4.96 -29.02
C ASP CA 113 -18.46 5.38 -30.36
N LEU CA 114 -17.56 5.59 -31.32
CA LEU CA 114 -17.93 5.93 -32.69
C LEU CA 114 -17.15 5.02 -33.63
N THR CA 115 -17.86 4.39 -34.57
CA THR CA 115 -17.27 3.44 -35.49
C THR CA 115 -17.13 4.12 -36.85
N LEU CA 116 -15.90 4.46 -37.22
CA LEU CA 116 -15.68 5.15 -38.49
C LEU CA 116 -15.92 4.23 -39.67
N ALA CA 117 -15.35 3.03 -39.65
CA ALA CA 117 -15.49 2.11 -40.77
C ALA CA 117 -15.22 0.69 -40.30
N ASP CA 118 -16.01 -0.25 -40.81
CA ASP CA 118 -15.84 -1.66 -40.48
C ASP CA 118 -16.51 -2.47 -41.57
N TRP CA 119 -15.75 -3.38 -42.19
CA TRP CA 119 -16.29 -4.21 -43.25
C TRP CA 119 -15.45 -5.46 -43.41
N GLU CA 120 -16.06 -6.50 -43.96
CA GLU CA 120 -15.41 -7.78 -44.20
C GLU CA 120 -15.98 -8.39 -45.46
N VAL CA 121 -15.16 -9.14 -46.18
CA VAL CA 121 -15.55 -9.67 -47.48
C VAL CA 121 -16.67 -10.69 -47.29
N GLY CA 122 -17.79 -10.47 -47.98
CA GLY CA 122 -18.91 -11.39 -47.93
C GLY CA 122 -19.87 -11.18 -46.78
N VAL CA 123 -19.73 -10.10 -46.01
CA VAL CA 123 -20.55 -9.87 -44.83
C VAL CA 123 -21.21 -8.50 -44.95
N LYS CA 124 -22.52 -8.46 -44.73
CA LYS CA 124 -23.23 -7.19 -44.73
C LYS CA 124 -22.80 -6.33 -43.55
N GLY CA 125 -22.71 -5.03 -43.77
CA GLY CA 125 -22.28 -4.13 -42.72
C GLY CA 125 -23.26 -4.09 -41.57
N GLU CA 126 -22.72 -4.15 -40.35
CA GLU CA 126 -23.52 -4.08 -39.14
C GLU CA 126 -22.80 -3.22 -38.12
N ILE CA 127 -23.53 -2.30 -37.49
CA ILE CA 127 -22.97 -1.34 -36.57
C ILE CA 127 -23.75 -1.37 -35.27
N GLU CA 128 -23.03 -1.36 -34.15
CA GLU CA 128 -23.65 -1.29 -32.83
C GLU CA 128 -22.95 -0.23 -32.01
N ALA CA 129 -23.71 0.41 -31.13
CA ALA CA 129 -23.18 1.53 -30.35
C ALA CA 129 -23.75 1.56 -28.93
N PRO CA 130 -22.94 1.24 -27.93
CA PRO CA 130 -23.41 1.36 -26.54
C PRO CA 130 -23.56 2.81 -26.13
N PHE CA 131 -24.27 3.01 -25.03
CA PHE CA 131 -24.53 4.36 -24.54
C PHE CA 131 -24.94 4.29 -23.07
N THR CA 132 -25.01 5.46 -22.45
CA THR CA 132 -25.47 5.60 -21.07
C THR CA 132 -26.47 6.75 -20.99
N PHE CA 133 -27.42 6.63 -20.07
CA PHE CA 133 -28.45 7.63 -19.87
C PHE CA 133 -28.67 7.86 -18.38
N THR CA 134 -29.23 9.03 -18.06
CA THR CA 134 -29.45 9.43 -16.69
C THR CA 134 -30.89 9.22 -16.21
N GLU CA 135 -31.85 9.79 -16.92
CA GLU CA 135 -33.24 9.78 -16.49
C GLU CA 135 -34.15 9.38 -17.65
N TYR CA 136 -35.38 9.01 -17.30
CA TYR CA 136 -36.34 8.52 -18.27
C TYR CA 136 -37.72 9.03 -17.92
N ASP CA 137 -38.59 9.06 -18.93
CA ASP CA 137 -40.01 9.33 -18.74
C ASP CA 137 -40.82 8.26 -19.46
N PHE CA 138 -41.99 7.97 -18.92
CA PHE CA 138 -42.77 6.81 -19.33
C PHE CA 138 -44.10 7.26 -19.93
N LEU CA 139 -44.47 6.65 -21.05
CA LEU CA 139 -45.67 7.01 -21.79
C LEU CA 139 -46.41 5.76 -22.24
N ASP CA 140 -47.74 5.84 -22.28
CA ASP CA 140 -48.58 4.79 -22.84
C ASP CA 140 -48.34 3.45 -22.16
N ILE CA 141 -48.69 3.42 -20.87
CA ILE CA 141 -48.54 2.20 -20.08
C ILE CA 141 -49.43 1.10 -20.66
N ILE CA 142 -49.04 -0.14 -20.40
CA ILE CA 142 -49.81 -1.30 -20.83
C ILE CA 142 -50.61 -1.86 -19.67
N ASN DA 3 -36.31 -3.22 15.50
CA ASN DA 3 -36.24 -1.77 15.47
C ASN DA 3 -35.32 -1.29 14.36
N MET DA 4 -34.03 -1.60 14.51
CA MET DA 4 -33.05 -1.25 13.49
C MET DA 4 -33.38 -1.90 12.16
N GLU DA 5 -33.33 -1.10 11.09
CA GLU DA 5 -33.45 -1.61 9.74
C GLU DA 5 -32.43 -0.89 8.87
N ALA DA 6 -31.93 -1.58 7.85
CA ALA DA 6 -30.81 -1.07 7.07
C ALA DA 6 -31.17 0.22 6.35
N ARG DA 7 -32.42 0.38 5.92
CA ARG DA 7 -32.81 1.55 5.14
C ARG DA 7 -32.64 2.84 5.92
N ASN DA 8 -32.70 2.78 7.25
CA ASN DA 8 -32.68 3.99 8.06
C ASN DA 8 -31.34 4.71 8.03
N VAL DA 9 -30.27 4.04 7.58
CA VAL DA 9 -28.96 4.66 7.57
C VAL DA 9 -28.92 5.78 6.55
N MET DA 10 -28.46 6.96 6.98
CA MET DA 10 -28.46 8.13 6.11
C MET DA 10 -27.44 7.97 5.00
N SER DA 11 -27.75 8.58 3.85
CA SER DA 11 -26.87 8.58 2.69
C SER DA 11 -26.35 9.98 2.45
N GLY DA 12 -25.08 10.08 2.08
CA GLY DA 12 -24.47 11.38 1.86
C GLY DA 12 -24.90 12.06 0.56
N THR DA 13 -25.56 11.33 -0.33
CA THR DA 13 -26.02 11.94 -1.58
C THR DA 13 -27.02 13.05 -1.32
N TRP DA 14 -27.76 12.97 -0.21
CA TRP DA 14 -28.83 13.91 0.07
C TRP DA 14 -28.39 15.16 0.81
N GLY DA 15 -27.11 15.27 1.19
CA GLY DA 15 -26.65 16.45 1.88
C GLY DA 15 -26.64 17.67 0.98
N GLU DA 16 -26.75 18.85 1.60
CA GLU DA 16 -26.64 20.11 0.89
C GLU DA 16 -26.05 21.15 1.82
N LEU DA 17 -25.47 22.19 1.23
CA LEU DA 17 -24.71 23.18 1.99
C LEU DA 17 -25.04 24.59 1.54
N TRP DA 18 -25.21 25.48 2.52
CA TRP DA 18 -25.32 26.91 2.27
C TRP DA 18 -24.11 27.59 2.91
N LEU DA 19 -23.37 28.34 2.11
CA LEU DA 19 -22.22 29.10 2.60
C LEU DA 19 -22.52 30.59 2.42
N ASP DA 20 -22.49 31.32 3.52
CA ASP DA 20 -22.77 32.76 3.52
C ASP DA 20 -24.14 33.06 2.92
N GLY DA 21 -25.11 32.19 3.19
CA GLY DA 21 -26.47 32.40 2.73
C GLY DA 21 -26.75 32.00 1.30
N ASN DA 22 -25.76 31.49 0.57
CA ASN DA 22 -25.94 31.08 -0.81
C ASN DA 22 -25.83 29.56 -0.92
N LYS DA 23 -26.62 28.98 -1.80
CA LYS DA 23 -26.62 27.54 -1.98
C LYS DA 23 -25.44 27.12 -2.84
N VAL DA 24 -24.69 26.12 -2.39
CA VAL DA 24 -23.56 25.58 -3.11
C VAL DA 24 -23.98 24.27 -3.74
N ALA DA 25 -24.20 24.29 -5.06
CA ALA DA 25 -24.66 23.09 -5.75
C ALA DA 25 -23.56 22.06 -5.95
N GLU DA 26 -22.33 22.51 -6.18
CA GLU DA 26 -21.24 21.60 -6.53
C GLU DA 26 -20.47 21.14 -5.29
N VAL DA 27 -21.18 20.65 -4.29
CA VAL DA 27 -20.55 20.19 -3.05
C VAL DA 27 -20.30 18.69 -3.16
N LYS DA 28 -19.14 18.26 -2.66
CA LYS DA 28 -18.80 16.85 -2.61
C LYS DA 28 -18.90 16.26 -1.21
N LYS DA 29 -18.25 16.88 -0.23
CA LYS DA 29 -18.33 16.41 1.15
C LYS DA 29 -18.10 17.57 2.10
N PHE DA 30 -18.79 17.51 3.24
CA PHE DA 30 -18.69 18.52 4.29
C PHE DA 30 -18.40 17.81 5.60
N GLN DA 31 -17.54 18.41 6.41
CA GLN DA 31 -17.12 17.78 7.65
C GLN DA 31 -16.83 18.85 8.69
N ALA DA 32 -17.34 18.66 9.91
CA ALA DA 32 -17.07 19.54 11.03
C ALA DA 32 -16.87 18.69 12.28
N LYS DA 33 -15.94 19.11 13.13
CA LYS DA 33 -15.57 18.30 14.28
C LYS DA 33 -15.12 19.22 15.41
N MET DA 34 -15.15 18.70 16.63
CA MET DA 34 -14.73 19.44 17.82
C MET DA 34 -13.80 18.56 18.63
N GLU DA 35 -12.58 19.02 18.84
CA GLU DA 35 -11.56 18.27 19.58
C GLU DA 35 -11.42 18.87 20.98
N PHE DA 36 -11.63 18.04 21.99
CA PHE DA 36 -11.52 18.49 23.38
C PHE DA 36 -10.08 18.41 23.85
N THR DA 37 -9.65 19.45 24.55
CA THR DA 37 -8.32 19.49 25.14
C THR DA 37 -8.40 18.98 26.57
N LYS DA 38 -7.60 17.96 26.89
CA LYS DA 38 -7.62 17.33 28.20
C LYS DA 38 -6.21 17.22 28.74
N GLU DA 39 -6.09 17.27 30.06
CA GLU DA 39 -4.81 17.21 30.76
C GLU DA 39 -4.81 16.01 31.69
N ASP DA 40 -3.69 15.28 31.71
CA ASP DA 40 -3.58 14.13 32.59
C ASP DA 40 -3.38 14.58 34.04
N ILE DA 41 -4.15 14.00 34.94
CA ILE DA 41 -4.07 14.31 36.37
C ILE DA 41 -3.98 13.00 37.13
N ILE DA 42 -2.99 12.91 38.02
CA ILE DA 42 -2.77 11.70 38.82
C ILE DA 42 -3.18 12.00 40.25
N ILE DA 43 -4.04 11.15 40.79
CA ILE DA 43 -4.56 11.31 42.16
C ILE DA 43 -3.84 10.33 43.06
N ALA DA 44 -3.42 10.82 44.23
CA ALA DA 44 -2.71 9.97 45.18
C ALA DA 44 -3.57 8.79 45.61
N GLY DA 45 -2.94 7.62 45.66
CA GLY DA 45 -3.63 6.42 46.09
C GLY DA 45 -4.40 5.68 45.01
N GLN DA 46 -4.47 6.22 43.80
CA GLN DA 46 -5.20 5.60 42.70
C GLN DA 46 -4.25 5.22 41.58
N MET DA 47 -4.41 4.00 41.06
CA MET DA 47 -3.71 3.63 39.84
C MET DA 47 -4.34 4.28 38.61
N GLY DA 48 -5.67 4.35 38.56
CA GLY DA 48 -6.34 4.89 37.40
C GLY DA 48 -6.02 6.35 37.17
N THR DA 49 -5.51 6.67 35.99
CA THR DA 49 -5.15 8.04 35.66
C THR DA 49 -6.37 8.76 35.10
N ASP DA 50 -6.71 9.89 35.70
CA ASP DA 50 -7.89 10.66 35.34
C ASP DA 50 -7.48 11.90 34.57
N THR DA 51 -8.46 12.48 33.87
CA THR DA 51 -8.20 13.62 33.01
C THR DA 51 -9.14 14.76 33.35
N LYS DA 52 -8.70 15.97 33.05
CA LYS DA 52 -9.47 17.19 33.26
C LYS DA 52 -9.71 17.85 31.92
N TYR DA 53 -10.95 18.20 31.63
CA TYR DA 53 -11.32 18.82 30.36
C TYR DA 53 -11.18 20.33 30.47
N MET DA 54 -10.44 20.92 29.55
CA MET DA 54 -10.07 22.33 29.66
C MET DA 54 -10.57 23.20 28.53
N GLY DA 55 -10.80 22.64 27.34
CA GLY DA 55 -11.30 23.43 26.23
C GLY DA 55 -11.53 22.56 25.03
N TYR DA 56 -12.04 23.18 23.96
CA TYR DA 56 -12.28 22.48 22.71
C TYR DA 56 -11.81 23.31 21.53
N LYS DA 57 -11.45 22.62 20.46
CA LYS DA 57 -10.99 23.25 19.23
C LYS DA 57 -11.71 22.59 18.05
N GLY DA 58 -12.19 23.41 17.12
CA GLY DA 58 -13.00 22.92 16.00
C GLY DA 58 -12.22 22.96 14.70
N LYS DA 59 -12.39 21.91 13.90
CA LYS DA 59 -11.74 21.81 12.59
C LYS DA 59 -12.71 21.18 11.60
N GLY DA 60 -12.48 21.46 10.32
CA GLY DA 60 -13.33 20.91 9.28
C GLY DA 60 -12.73 21.17 7.92
N SER DA 61 -13.43 20.69 6.90
CA SER DA 61 -12.98 20.87 5.52
C SER DA 61 -14.18 20.83 4.58
N ILE DA 62 -13.99 21.40 3.40
CA ILE DA 62 -15.00 21.42 2.34
C ILE DA 62 -14.34 20.98 1.04
N THR DA 63 -14.99 20.08 0.32
CA THR DA 63 -14.52 19.63 -0.98
C THR DA 63 -15.60 19.89 -2.03
N LEU DA 64 -15.19 20.39 -3.19
CA LEU DA 64 -16.14 20.82 -4.19
C LEU DA 64 -15.49 20.78 -5.56
N TYR DA 65 -16.29 20.53 -6.59
CA TYR DA 65 -15.80 20.51 -7.95
C TYR DA 65 -15.48 21.92 -8.43
N HIS DA 66 -14.56 22.02 -9.39
CA HIS DA 66 -14.09 23.31 -9.88
C HIS DA 66 -15.01 23.82 -11.00
N VAL DA 67 -16.29 23.98 -10.65
CA VAL DA 67 -17.26 24.47 -11.62
C VAL DA 67 -17.04 25.95 -11.89
N SER DA 68 -16.81 26.74 -10.85
CA SER DA 68 -16.64 28.19 -10.99
C SER DA 68 -15.66 28.68 -9.95
N SER DA 69 -15.15 29.89 -10.18
CA SER DA 69 -14.17 30.50 -9.29
C SER DA 69 -14.87 31.21 -8.11
N ARG DA 70 -15.57 30.40 -7.31
CA ARG DA 70 -16.31 30.95 -6.18
C ARG DA 70 -15.39 31.35 -5.03
N MET DA 71 -14.40 30.50 -4.72
CA MET DA 71 -13.59 30.73 -3.53
C MET DA 71 -12.72 31.96 -3.64
N HIS DA 72 -12.30 32.32 -4.86
CA HIS DA 72 -11.46 33.50 -5.03
C HIS DA 72 -12.21 34.76 -4.61
N LYS DA 73 -13.40 34.96 -5.15
CA LYS DA 73 -14.14 36.20 -4.93
C LYS DA 73 -14.39 36.48 -3.46
N LEU DA 74 -14.42 35.45 -2.61
CA LEU DA 74 -14.71 35.66 -1.20
C LEU DA 74 -13.56 36.35 -0.48
N ILE DA 75 -12.33 35.87 -0.65
CA ILE DA 75 -11.26 36.26 0.26
C ILE DA 75 -9.97 36.69 -0.43
N GLY DA 76 -9.91 36.58 -1.76
CA GLY DA 76 -8.64 36.79 -2.43
C GLY DA 76 -8.04 38.16 -2.18
N GLU DA 77 -8.85 39.21 -2.35
CA GLU DA 77 -8.35 40.56 -2.13
C GLU DA 77 -8.22 40.90 -0.66
N LYS DA 78 -9.16 40.43 0.16
CA LYS DA 78 -9.15 40.77 1.57
C LYS DA 78 -7.95 40.18 2.29
N ILE DA 79 -7.45 39.02 1.85
CA ILE DA 79 -6.25 38.46 2.45
C ILE DA 79 -5.05 39.37 2.20
N LYS DA 80 -4.92 39.88 0.97
CA LYS DA 80 -3.84 40.83 0.68
C LYS DA 80 -4.02 42.11 1.48
N ARG DA 81 -5.26 42.59 1.61
CA ARG DA 81 -5.49 43.85 2.31
C ARG DA 81 -5.18 43.74 3.79
N GLY DA 82 -5.26 42.54 4.36
CA GLY DA 82 -5.02 42.35 5.77
C GLY DA 82 -6.26 42.21 6.63
N SER DA 83 -7.44 42.18 6.03
CA SER DA 83 -8.69 41.99 6.76
C SER DA 83 -9.18 40.57 6.54
N GLU DA 84 -9.35 39.81 7.62
CA GLU DA 84 -9.74 38.42 7.51
C GLU DA 84 -11.26 38.29 7.59
N PRO DA 85 -11.91 37.74 6.58
CA PRO DA 85 -13.37 37.57 6.64
C PRO DA 85 -13.76 36.38 7.50
N ARG DA 86 -15.03 36.40 7.91
CA ARG DA 86 -15.64 35.31 8.66
C ARG DA 86 -16.96 34.94 8.00
N PHE DA 87 -17.28 33.65 8.01
CA PHE DA 87 -18.44 33.14 7.30
C PHE DA 87 -19.26 32.23 8.19
N VAL DA 88 -20.51 32.01 7.78
CA VAL DA 88 -21.44 31.11 8.46
C VAL DA 88 -21.93 30.09 7.45
N ALA DA 89 -21.90 28.82 7.83
CA ALA DA 89 -22.30 27.72 6.96
C ALA DA 89 -23.42 26.92 7.59
N ILE DA 90 -24.33 26.42 6.76
CA ILE DA 90 -25.46 25.62 7.20
C ILE DA 90 -25.51 24.35 6.37
N SER DA 91 -25.54 23.21 7.05
CA SER DA 91 -25.58 21.90 6.40
C SER DA 91 -26.84 21.17 6.82
N LYS DA 92 -27.61 20.70 5.84
CA LYS DA 92 -28.86 20.00 6.08
C LYS DA 92 -28.80 18.64 5.39
N LEU DA 93 -29.03 17.58 6.17
CA LEU DA 93 -28.99 16.21 5.67
C LEU DA 93 -30.38 15.62 5.78
N ASN DA 94 -30.96 15.26 4.64
CA ASN DA 94 -32.37 14.86 4.57
C ASN DA 94 -32.50 13.61 3.71
N ASP DA 95 -32.55 12.45 4.36
CA ASP DA 95 -32.70 11.18 3.66
C ASP DA 95 -34.14 10.71 3.81
N PRO DA 96 -34.87 10.48 2.71
CA PRO DA 96 -36.30 10.11 2.84
C PRO DA 96 -36.55 8.89 3.69
N ASP DA 97 -35.68 7.88 3.64
CA ASP DA 97 -35.89 6.69 4.47
C ASP DA 97 -35.58 6.94 5.93
N SER DA 98 -34.72 7.91 6.24
CA SER DA 98 -34.35 8.20 7.61
C SER DA 98 -35.54 8.75 8.39
N TYR DA 99 -35.38 8.82 9.71
CA TYR DA 99 -36.45 9.33 10.57
C TYR DA 99 -36.77 10.78 10.24
N GLY DA 100 -35.76 11.61 10.05
CA GLY DA 100 -35.99 13.01 9.76
C GLY DA 100 -34.70 13.71 9.39
N ALA DA 101 -34.85 14.95 8.95
CA ALA DA 101 -33.69 15.75 8.57
C ALA DA 101 -33.07 16.41 9.79
N GLU DA 102 -31.77 16.70 9.67
CA GLU DA 102 -31.04 17.44 10.69
C GLU DA 102 -30.29 18.58 10.04
N ARG DA 103 -30.19 19.69 10.75
CA ARG DA 103 -29.63 20.92 10.19
C ARG DA 103 -28.79 21.61 11.25
N ILE DA 104 -27.48 21.69 11.03
CA ILE DA 104 -26.56 22.27 11.99
C ILE DA 104 -25.90 23.47 11.36
N ALA DA 105 -25.87 24.59 12.09
CA ALA DA 105 -25.28 25.82 11.62
C ALA DA 105 -23.92 26.03 12.29
N VAL DA 106 -22.89 26.25 11.49
CA VAL DA 106 -21.53 26.46 11.96
C VAL DA 106 -21.18 27.92 11.73
N LYS DA 107 -20.76 28.61 12.77
CA LYS DA 107 -20.52 30.04 12.73
C LYS DA 107 -19.05 30.36 12.96
N ASN DA 108 -18.67 31.56 12.52
CA ASN DA 108 -17.32 32.09 12.70
C ASN DA 108 -16.27 31.16 12.07
N ILE DA 109 -16.37 31.03 10.75
CA ILE DA 109 -15.49 30.16 9.99
C ILE DA 109 -14.32 30.97 9.45
N ALA DA 110 -13.11 30.44 9.63
CA ALA DA 110 -11.90 31.04 9.08
C ALA DA 110 -11.16 29.99 8.26
N PHE DA 111 -10.86 30.32 7.01
CA PHE DA 111 -10.26 29.36 6.10
C PHE DA 111 -8.74 29.30 6.29
N ASP DA 112 -8.19 28.14 5.97
CA ASP DA 112 -6.76 27.90 6.18
C ASP DA 112 -5.91 28.25 4.96
N ASP DA 113 -6.44 28.08 3.75
CA ASP DA 113 -5.62 28.29 2.56
C ASP DA 113 -6.53 28.56 1.36
N LEU DA 114 -5.93 29.11 0.31
CA LEU DA 114 -6.63 29.43 -0.93
C LEU DA 114 -5.87 28.83 -2.09
N THR DA 115 -6.58 28.13 -2.97
CA THR DA 115 -5.97 27.43 -4.10
C THR DA 115 -6.23 28.25 -5.36
N LEU DA 116 -5.19 28.92 -5.86
CA LEU DA 116 -5.32 29.75 -7.04
C LEU DA 116 -5.58 28.90 -8.29
N ALA DA 117 -4.78 27.86 -8.49
CA ALA DA 117 -4.93 27.03 -9.68
C ALA DA 117 -4.38 25.64 -9.38
N ASP DA 118 -5.15 24.61 -9.75
CA ASP DA 118 -4.74 23.23 -9.55
C ASP DA 118 -5.38 22.40 -10.67
N TRP DA 119 -4.61 22.15 -11.72
CA TRP DA 119 -5.11 21.41 -12.87
C TRP DA 119 -4.03 20.50 -13.43
N GLU DA 120 -4.43 19.31 -13.84
CA GLU DA 120 -3.55 18.34 -14.46
C GLU DA 120 -4.25 17.72 -15.66
N VAL DA 121 -3.48 17.40 -16.70
CA VAL DA 121 -4.07 16.87 -17.92
C VAL DA 121 -4.73 15.53 -17.64
N GLY DA 122 -5.90 15.32 -18.25
CA GLY DA 122 -6.63 14.08 -18.07
C GLY DA 122 -7.25 13.90 -16.71
N VAL DA 123 -7.33 14.95 -15.90
CA VAL DA 123 -7.86 14.86 -14.54
C VAL DA 123 -8.88 15.97 -14.34
N LYS DA 124 -10.07 15.59 -13.86
CA LYS DA 124 -11.08 16.59 -13.54
C LYS DA 124 -10.65 17.44 -12.37
N GLY DA 125 -11.07 18.71 -12.39
CA GLY DA 125 -10.65 19.65 -11.36
C GLY DA 125 -11.44 19.48 -10.07
N GLU DA 126 -10.76 19.68 -8.95
CA GLU DA 126 -11.39 19.66 -7.64
C GLU DA 126 -10.68 20.64 -6.73
N ILE DA 127 -11.41 21.14 -5.74
CA ILE DA 127 -10.89 22.08 -4.76
C ILE DA 127 -11.27 21.60 -3.37
N GLU DA 128 -10.31 21.61 -2.46
CA GLU DA 128 -10.55 21.29 -1.06
C GLU DA 128 -10.00 22.39 -0.18
N ALA DA 129 -10.78 22.81 0.80
CA ALA DA 129 -10.42 23.92 1.67
C ALA DA 129 -10.71 23.55 3.13
N PRO DA 130 -9.70 23.44 3.98
CA PRO DA 130 -9.95 23.23 5.41
C PRO DA 130 -10.14 24.55 6.14
N PHE DA 131 -10.87 24.48 7.24
CA PHE DA 131 -11.24 25.67 7.99
C PHE DA 131 -11.32 25.35 9.47
N THR DA 132 -11.29 26.39 10.29
CA THR DA 132 -11.46 26.28 11.73
C THR DA 132 -12.61 27.17 12.17
N PHE DA 133 -13.43 26.66 13.10
CA PHE DA 133 -14.61 27.37 13.56
C PHE DA 133 -14.61 27.42 15.08
N THR DA 134 -15.51 28.23 15.63
CA THR DA 134 -15.56 28.47 17.06
C THR DA 134 -16.92 28.22 17.68
N GLU DA 135 -18.01 28.55 16.99
CA GLU DA 135 -19.34 28.48 17.57
C GLU DA 135 -20.27 27.69 16.64
N TYR DA 136 -21.29 27.09 17.23
CA TYR DA 136 -22.28 26.33 16.47
C TYR DA 136 -23.61 26.34 17.23
N ASP DA 137 -24.68 26.11 16.48
CA ASP DA 137 -26.03 25.99 17.05
C ASP DA 137 -26.73 24.80 16.42
N PHE DA 138 -27.72 24.28 17.16
CA PHE DA 138 -28.47 23.11 16.74
C PHE DA 138 -29.83 23.52 16.20
N LEU DA 139 -30.27 22.84 15.14
CA LEU DA 139 -31.57 23.09 14.54
C LEU DA 139 -32.17 21.78 14.04
N ASP DA 140 -33.39 21.48 14.46
CA ASP DA 140 -34.17 20.38 13.91
C ASP DA 140 -33.43 19.05 14.01
N ILE DA 141 -32.72 18.84 15.11
CA ILE DA 141 -32.04 17.56 15.32
C ILE DA 141 -33.07 16.51 15.71
N ILE DA 142 -32.81 15.26 15.32
CA ILE DA 142 -33.72 14.17 15.59
C ILE DA 142 -33.73 13.86 17.08
N ASN EA 3 -13.70 11.45 47.55
CA ASN EA 3 -14.06 12.87 47.60
C ASN EA 3 -13.31 13.65 46.53
N MET EA 4 -12.01 13.38 46.41
CA MET EA 4 -11.19 14.07 45.42
C MET EA 4 -11.52 13.55 44.02
N GLU EA 5 -11.68 14.48 43.08
CA GLU EA 5 -11.90 14.14 41.68
C GLU EA 5 -11.10 15.09 40.81
N ALA EA 6 -10.76 14.63 39.61
CA ALA EA 6 -10.00 15.46 38.68
C ALA EA 6 -10.80 16.68 38.24
N ARG EA 7 -12.11 16.54 38.14
CA ARG EA 7 -12.94 17.66 37.72
C ARG EA 7 -12.86 18.83 38.69
N ASN EA 8 -12.62 18.55 39.97
CA ASN EA 8 -12.65 19.59 40.99
C ASN EA 8 -11.51 20.60 40.86
N VAL EA 9 -10.47 20.26 40.10
CA VAL EA 9 -9.33 21.17 39.96
C VAL EA 9 -9.74 22.39 39.15
N MET EA 10 -9.43 23.57 39.66
CA MET EA 10 -9.80 24.80 38.97
C MET EA 10 -8.97 24.99 37.72
N SER EA 11 -9.54 25.69 36.74
CA SER EA 11 -8.89 26.02 35.50
C SER EA 11 -8.72 27.52 35.39
N GLY EA 12 -7.58 27.96 34.86
CA GLY EA 12 -7.32 29.38 34.74
C GLY EA 12 -8.08 30.08 33.65
N THR EA 13 -8.73 29.34 32.76
CA THR EA 13 -9.51 29.97 31.70
C THR EA 13 -10.66 30.80 32.26
N TRP EA 14 -11.25 30.35 33.35
CA TRP EA 14 -12.43 31.00 33.92
C TRP EA 14 -12.09 32.23 34.75
N GLY EA 15 -10.82 32.50 35.01
CA GLY EA 15 -10.47 33.66 35.81
C GLY EA 15 -10.81 34.96 35.10
N GLU EA 16 -11.14 35.98 35.91
CA GLU EA 16 -11.42 37.31 35.39
C GLU EA 16 -10.84 38.33 36.36
N LEU EA 17 -10.50 39.51 35.83
CA LEU EA 17 -9.78 40.52 36.59
C LEU EA 17 -10.49 41.87 36.48
N TRP EA 18 -10.59 42.55 37.62
CA TRP EA 18 -11.08 43.93 37.68
C TRP EA 18 -9.94 44.82 38.15
N LEU EA 19 -9.59 45.82 37.35
CA LEU EA 19 -8.52 46.75 37.67
C LEU EA 19 -9.08 48.16 37.76
N ASP EA 20 -8.88 48.81 38.90
CA ASP EA 20 -9.34 50.18 39.14
C ASP EA 20 -10.84 50.32 38.94
N GLY EA 21 -11.59 49.26 39.25
CA GLY EA 21 -13.03 49.28 39.09
C GLY EA 21 -13.51 49.06 37.67
N ASN EA 22 -12.61 48.87 36.71
CA ASN EA 22 -12.96 48.67 35.31
C ASN EA 22 -12.60 47.24 34.92
N LYS EA 23 -13.56 46.51 34.35
CA LYS EA 23 -13.31 45.14 33.95
C LYS EA 23 -12.30 45.09 32.81
N VAL EA 24 -11.38 44.13 32.90
CA VAL EA 24 -10.35 43.94 31.89
C VAL EA 24 -10.56 42.55 31.29
N ALA EA 25 -11.15 42.50 30.10
CA ALA EA 25 -11.37 41.23 29.42
C ALA EA 25 -10.14 40.73 28.69
N GLU EA 26 -9.12 41.57 28.52
CA GLU EA 26 -7.92 41.23 27.77
C GLU EA 26 -6.82 40.67 28.69
N VAL EA 27 -7.16 39.71 29.52
CA VAL EA 27 -6.25 39.22 30.55
C VAL EA 27 -5.74 37.84 30.15
N LYS EA 28 -4.43 37.63 30.34
CA LYS EA 28 -3.77 36.37 30.05
C LYS EA 28 -3.43 35.59 31.31
N LYS EA 29 -2.76 36.22 32.27
CA LYS EA 29 -2.44 35.56 33.52
C LYS EA 29 -2.29 36.60 34.61
N PHE EA 30 -2.68 36.23 35.83
CA PHE EA 30 -2.60 37.08 37.00
C PHE EA 30 -1.99 36.30 38.14
N GLN EA 31 -1.12 36.94 38.90
CA GLN EA 31 -0.41 36.26 39.98
C GLN EA 31 -0.06 37.26 41.07
N ALA EA 32 -0.24 36.85 42.33
CA ALA EA 32 0.16 37.65 43.47
C ALA EA 32 0.66 36.72 44.56
N LYS EA 33 1.78 37.10 45.20
CA LYS EA 33 2.42 36.26 46.19
C LYS EA 33 2.97 37.12 47.32
N MET EA 34 3.14 36.49 48.47
CA MET EA 34 3.66 37.13 49.67
C MET EA 34 4.97 36.46 50.06
N GLU EA 35 6.02 37.25 50.28
CA GLU EA 35 7.32 36.73 50.66
C GLU EA 35 7.62 37.19 52.09
N PHE EA 36 7.66 36.25 53.02
CA PHE EA 36 7.93 36.59 54.40
C PHE EA 36 9.43 36.80 54.62
N THR EA 37 9.76 37.41 55.75
CA THR EA 37 11.13 37.67 56.14
C THR EA 37 11.45 36.91 57.40
N LYS EA 38 12.55 36.16 57.38
CA LYS EA 38 12.97 35.35 58.52
C LYS EA 38 14.44 35.61 58.83
N GLU EA 39 14.77 35.53 60.12
CA GLU EA 39 16.14 35.67 60.59
C GLU EA 39 16.53 34.40 61.34
N ASP EA 40 17.73 33.90 61.05
CA ASP EA 40 18.22 32.71 61.73
C ASP EA 40 18.56 33.02 63.18
N ILE EA 41 18.10 32.17 64.09
CA ILE EA 41 18.43 32.27 65.51
C ILE EA 41 19.03 30.94 65.94
N ILE EA 42 20.21 30.99 66.55
CA ILE EA 42 20.86 29.81 67.10
C ILE EA 42 20.74 29.89 68.61
N ILE EA 43 20.10 28.87 69.20
CA ILE EA 43 19.84 28.83 70.63
C ILE EA 43 20.78 27.80 71.23
N ALA EA 44 21.55 28.23 72.24
CA ALA EA 44 22.52 27.33 72.86
C ALA EA 44 21.81 26.16 73.53
N GLY EA 45 22.36 24.98 73.34
CA GLY EA 45 21.84 23.77 73.93
C GLY EA 45 21.06 22.86 73.00
N GLN EA 46 20.72 23.34 71.80
CA GLN EA 46 20.00 22.52 70.84
C GLN EA 46 20.68 22.60 69.48
N MET EA 47 20.63 21.49 68.73
CA MET EA 47 21.30 21.44 67.43
C MET EA 47 20.53 22.23 66.38
N GLY EA 48 19.20 22.17 66.41
CA GLY EA 48 18.42 22.78 65.35
C GLY EA 48 18.52 24.29 65.35
N THR EA 49 18.16 24.87 64.21
CA THR EA 49 18.16 26.31 64.02
C THR EA 49 16.73 26.78 63.80
N ASP EA 50 16.32 27.78 64.56
CA ASP EA 50 14.96 28.32 64.49
C ASP EA 50 14.99 29.74 63.94
N THR EA 51 13.96 30.09 63.19
CA THR EA 51 13.85 31.38 62.54
C THR EA 51 12.87 32.28 63.30
N LYS EA 52 12.94 33.57 62.98
CA LYS EA 52 12.09 34.59 63.59
C LYS EA 52 11.43 35.40 62.49
N TYR EA 53 10.11 35.56 62.59
CA TYR EA 53 9.34 36.27 61.57
C TYR EA 53 9.26 37.74 61.92
N MET EA 54 9.57 38.60 60.94
CA MET EA 54 9.59 40.04 61.20
C MET EA 54 8.73 40.82 60.22
N GLY EA 55 8.65 40.38 58.97
CA GLY EA 55 7.91 41.15 57.98
C GLY EA 55 7.64 40.35 56.73
N TYR EA 56 6.99 41.01 55.78
CA TYR EA 56 6.62 40.38 54.52
C TYR EA 56 6.64 41.42 53.41
N LYS EA 57 6.67 40.92 52.17
CA LYS EA 57 6.63 41.75 50.97
C LYS EA 57 5.48 41.31 50.08
N GLY EA 58 5.12 42.19 49.14
CA GLY EA 58 4.10 41.87 48.16
C GLY EA 58 4.64 41.91 46.74
N LYS EA 59 4.40 40.85 45.98
CA LYS EA 59 4.90 40.76 44.61
C LYS EA 59 3.82 40.18 43.72
N GLY EA 60 3.84 40.58 42.45
CA GLY EA 60 2.87 40.09 41.49
C GLY EA 60 3.17 40.61 40.11
N SER EA 61 2.42 40.11 39.14
CA SER EA 61 2.57 40.51 37.76
C SER EA 61 1.25 40.34 37.02
N ILE EA 62 1.06 41.14 35.98
CA ILE EA 62 -0.11 41.08 35.12
C ILE EA 62 0.36 41.02 33.68
N THR EA 63 -0.14 40.05 32.93
CA THR EA 63 0.17 39.90 31.51
C THR EA 63 -1.12 39.98 30.71
N LEU EA 64 -1.14 40.84 29.70
CA LEU EA 64 -2.35 41.11 28.94
C LEU EA 64 -2.01 41.27 27.46
N TYR EA 65 -2.96 40.85 26.61
CA TYR EA 65 -2.79 41.03 25.18
C TYR EA 65 -2.82 42.52 24.83
N HIS EA 66 -1.96 42.92 23.89
CA HIS EA 66 -1.85 44.33 23.51
C HIS EA 66 -2.97 44.66 22.53
N VAL EA 67 -4.13 45.00 23.08
CA VAL EA 67 -5.27 45.44 22.30
C VAL EA 67 -5.46 46.94 22.35
N SER EA 68 -5.35 47.53 23.55
CA SER EA 68 -5.51 48.97 23.70
C SER EA 68 -4.41 49.51 24.59
N SER EA 69 -4.18 50.82 24.50
CA SER EA 69 -3.11 51.47 25.25
C SER EA 69 -3.62 51.95 26.61
N ARG EA 70 -4.15 50.99 27.38
CA ARG EA 70 -4.72 51.31 28.68
C ARG EA 70 -3.63 51.64 29.70
N MET EA 71 -2.56 50.84 29.72
CA MET EA 71 -1.50 51.03 30.71
C MET EA 71 -0.85 52.40 30.57
N HIS EA 72 -0.74 52.91 29.34
CA HIS EA 72 -0.24 54.27 29.17
C HIS EA 72 -1.20 55.29 29.77
N LYS EA 73 -2.49 55.19 29.42
CA LYS EA 73 -3.48 56.12 29.94
C LYS EA 73 -3.51 56.12 31.46
N LEU EA 74 -3.12 54.99 32.08
CA LEU EA 74 -3.18 54.92 33.53
C LEU EA 74 -2.16 55.86 34.19
N ILE EA 75 -0.90 55.80 33.77
CA ILE EA 75 0.20 56.34 34.57
C ILE EA 75 1.18 57.21 33.78
N GLY EA 76 1.01 57.35 32.46
CA GLY EA 76 2.06 57.97 31.67
C GLY EA 76 2.38 59.40 32.09
N GLU EA 77 1.35 60.21 32.27
CA GLU EA 77 1.58 61.60 32.65
C GLU EA 77 2.04 61.71 34.10
N LYS EA 78 1.42 60.93 34.99
CA LYS EA 78 1.74 61.04 36.40
C LYS EA 78 3.17 60.61 36.71
N ILE EA 79 3.75 59.71 35.90
CA ILE EA 79 5.16 59.39 36.09
C ILE EA 79 6.03 60.63 35.84
N LYS EA 80 5.77 61.34 34.75
CA LYS EA 80 6.55 62.55 34.46
C LYS EA 80 6.34 63.61 35.53
N ARG EA 81 5.09 63.83 35.95
CA ARG EA 81 4.83 64.89 36.92
C ARG EA 81 5.55 64.63 38.24
N GLY EA 82 5.52 63.39 38.71
CA GLY EA 82 6.22 63.05 39.94
C GLY EA 82 5.32 62.53 41.04
N SER EA 83 4.07 62.26 40.71
CA SER EA 83 3.11 61.69 41.66
C SER EA 83 2.84 60.25 41.26
N GLU EA 84 3.06 59.32 42.19
CA GLU EA 84 2.91 57.90 41.92
C GLU EA 84 1.51 57.48 42.32
N PRO EA 85 0.64 57.11 41.37
CA PRO EA 85 -0.71 56.67 41.73
C PRO EA 85 -0.73 55.22 42.20
N ARG EA 86 -1.85 54.86 42.83
CA ARG EA 86 -2.09 53.51 43.31
C ARG EA 86 -3.41 53.00 42.76
N PHE EA 87 -3.56 51.69 42.72
CA PHE EA 87 -4.75 51.06 42.16
C PHE EA 87 -5.15 49.87 43.01
N VAL EA 88 -6.38 49.42 42.80
CA VAL EA 88 -6.95 48.26 43.50
C VAL EA 88 -7.43 47.27 42.46
N ALA EA 89 -7.01 46.02 42.60
CA ALA EA 89 -7.36 44.96 41.65
C ALA EA 89 -8.14 43.87 42.36
N ILE EA 90 -9.20 43.39 41.71
CA ILE EA 90 -10.04 42.33 42.23
C ILE EA 90 -10.01 41.17 41.25
N SER EA 91 -9.61 40.00 41.73
CA SER EA 91 -9.53 38.80 40.89
C SER EA 91 -10.60 37.82 41.33
N LYS EA 92 -11.48 37.45 40.42
CA LYS EA 92 -12.56 36.50 40.69
C LYS EA 92 -12.33 35.27 39.83
N LEU EA 93 -12.27 34.11 40.47
CA LEU EA 93 -12.04 32.83 39.79
C LEU EA 93 -13.20 31.90 40.10
N ASN EA 94 -14.05 31.67 39.11
CA ASN EA 94 -15.25 30.86 39.30
C ASN EA 94 -15.26 29.75 38.27
N ASP EA 95 -15.10 28.50 38.72
CA ASP EA 95 -15.09 27.34 37.86
C ASP EA 95 -16.38 26.56 38.03
N PRO EA 96 -17.18 26.38 36.99
CA PRO EA 96 -18.45 25.63 37.14
C PRO EA 96 -18.25 24.21 37.63
N ASP EA 97 -17.14 23.55 37.27
CA ASP EA 97 -16.94 22.17 37.68
C ASP EA 97 -16.63 22.06 39.16
N SER EA 98 -15.75 22.93 39.67
CA SER EA 98 -15.38 22.88 41.07
C SER EA 98 -16.50 23.43 41.94
N TYR EA 99 -16.35 23.25 43.25
CA TYR EA 99 -17.32 23.77 44.22
C TYR EA 99 -16.82 25.10 44.77
N GLY EA 100 -17.69 26.10 44.74
CA GLY EA 100 -17.36 27.41 45.27
C GLY EA 100 -16.38 28.18 44.42
N ALA EA 101 -16.33 29.49 44.63
CA ALA EA 101 -15.42 30.37 43.93
C ALA EA 101 -14.75 31.31 44.92
N GLU EA 102 -13.53 31.70 44.62
CA GLU EA 102 -12.75 32.57 45.49
C GLU EA 102 -12.50 33.91 44.80
N ARG EA 103 -12.73 35.00 45.53
CA ARG EA 103 -12.49 36.35 45.03
C ARG EA 103 -11.62 37.08 46.04
N ILE EA 104 -10.57 37.72 45.55
CA ILE EA 104 -9.62 38.43 46.40
C ILE EA 104 -9.40 39.83 45.86
N ALA EA 105 -9.40 40.81 46.75
CA ALA EA 105 -9.12 42.19 46.39
C ALA EA 105 -7.72 42.57 46.87
N VAL EA 106 -6.92 43.09 45.97
CA VAL EA 106 -5.54 43.50 46.27
C VAL EA 106 -5.49 45.02 46.21
N LYS EA 107 -4.94 45.63 47.26
CA LYS EA 107 -4.94 47.07 47.41
C LYS EA 107 -3.53 47.62 47.49
N ASN EA 108 -3.42 48.92 47.21
CA ASN EA 108 -2.15 49.65 47.25
C ASN EA 108 -1.14 49.03 46.28
N ILE EA 109 -1.48 49.09 45.00
CA ILE EA 109 -0.67 48.51 43.93
C ILE EA 109 0.13 49.60 43.25
N ALA EA 110 1.43 49.35 43.06
CA ALA EA 110 2.31 50.25 42.35
C ALA EA 110 3.10 49.46 41.32
N PHE EA 111 3.18 49.97 40.10
CA PHE EA 111 3.78 49.24 38.99
C PHE EA 111 5.28 49.48 38.93
N ASP EA 112 6.00 48.46 38.45
CA ASP EA 112 7.46 48.51 38.41
C ASP EA 112 8.00 49.06 37.09
N ASP EA 113 7.24 48.95 36.01
CA ASP EA 113 7.72 49.42 34.72
C ASP EA 113 6.55 49.84 33.85
N LEU EA 114 6.86 50.57 32.79
CA LEU EA 114 5.89 50.99 31.79
C LEU EA 114 6.47 50.74 30.41
N THR EA 115 5.69 50.12 29.54
CA THR EA 115 6.13 49.73 28.20
C THR EA 115 5.50 50.66 27.18
N LEU EA 116 6.30 51.60 26.65
CA LEU EA 116 5.78 52.52 25.64
C LEU EA 116 5.44 51.78 24.36
N ALA EA 117 6.38 50.99 23.84
CA ALA EA 117 6.17 50.29 22.57
C ALA EA 117 7.11 49.10 22.51
N ASP EA 118 6.58 47.98 21.99
CA ASP EA 118 7.39 46.78 21.80
C ASP EA 118 6.68 45.93 20.75
N TRP EA 119 7.29 45.77 19.59
CA TRP EA 119 6.67 45.03 18.50
C TRP EA 119 7.75 44.38 17.65
N GLU EA 120 7.46 43.18 17.17
CA GLU EA 120 8.36 42.43 16.31
C GLU EA 120 7.57 41.86 15.15
N VAL EA 121 8.18 41.85 13.96
CA VAL EA 121 7.50 41.35 12.78
C VAL EA 121 7.24 39.85 12.93
N GLY EA 122 6.02 39.42 12.63
CA GLY EA 122 5.65 38.04 12.76
C GLY EA 122 5.29 37.59 14.16
N VAL EA 123 5.20 38.50 15.12
CA VAL EA 123 4.91 38.17 16.50
C VAL EA 123 3.72 39.00 16.97
N LYS EA 124 2.76 38.35 17.62
CA LYS EA 124 1.67 39.08 18.24
C LYS EA 124 2.15 39.76 19.53
N GLY EA 125 1.54 40.91 19.83
CA GLY EA 125 2.01 41.71 20.94
C GLY EA 125 1.50 41.22 22.29
N GLU EA 126 2.33 41.38 23.31
CA GLU EA 126 1.96 41.07 24.69
C GLU EA 126 2.61 42.09 25.61
N ILE EA 127 1.98 42.33 26.74
CA ILE EA 127 2.48 43.25 27.76
C ILE EA 127 2.45 42.55 29.10
N GLU EA 128 3.56 42.61 29.83
CA GLU EA 128 3.64 42.11 31.20
C GLU EA 128 4.16 43.22 32.10
N ALA EA 129 3.48 43.44 33.22
CA ALA EA 129 3.83 44.53 34.13
C ALA EA 129 3.88 44.01 35.56
N PRO EA 130 5.06 43.93 36.17
CA PRO EA 130 5.13 43.55 37.58
C PRO EA 130 4.65 44.68 38.47
N PHE EA 131 4.34 44.33 39.72
CA PHE EA 131 3.84 45.30 40.68
C PHE EA 131 4.13 44.83 42.09
N THR EA 132 4.00 45.75 43.04
CA THR EA 132 4.15 45.46 44.45
C THR EA 132 2.91 45.94 45.20
N PHE EA 133 2.49 45.18 46.20
CA PHE EA 133 1.30 45.49 46.96
C PHE EA 133 1.57 45.35 48.45
N THR EA 134 0.72 45.97 49.25
CA THR EA 134 0.88 46.01 50.70
C THR EA 134 -0.18 45.19 51.45
N GLU EA 135 -1.46 45.41 51.14
CA GLU EA 135 -2.54 44.79 51.89
C GLU EA 135 -3.49 44.06 50.96
N TYR EA 136 -4.18 43.06 51.50
CA TYR EA 136 -5.13 42.25 50.77
C TYR EA 136 -6.39 42.08 51.60
N ASP EA 137 -7.45 41.62 50.96
CA ASP EA 137 -8.70 41.30 51.64
C ASP EA 137 -9.35 40.09 50.97
N PHE EA 138 -10.10 39.34 51.77
CA PHE EA 138 -10.78 38.13 51.30
C PHE EA 138 -12.27 38.44 51.13
N LEU EA 139 -12.78 38.21 49.93
CA LEU EA 139 -14.19 38.43 49.62
C LEU EA 139 -14.77 37.12 49.08
N ASP EA 140 -15.54 36.41 49.92
CA ASP EA 140 -16.25 35.21 49.51
C ASP EA 140 -15.28 34.14 48.98
N ILE EA 141 -14.41 33.69 49.87
CA ILE EA 141 -13.53 32.56 49.57
C ILE EA 141 -14.30 31.27 49.80
N ILE EA 142 -13.73 30.15 49.38
CA ILE EA 142 -14.36 28.84 49.57
C ILE EA 142 -14.61 28.58 51.06
N ALA FA 2 8.80 55.51 -52.29
CA ALA FA 2 10.07 54.80 -52.38
C ALA FA 2 11.10 55.39 -51.42
N ILE FA 3 12.30 55.66 -51.94
CA ILE FA 3 13.38 56.18 -51.12
C ILE FA 3 13.14 57.67 -50.83
N GLY FA 4 13.47 58.07 -49.60
CA GLY FA 4 13.44 59.47 -49.22
C GLY FA 4 14.68 59.82 -48.42
N LEU FA 5 14.91 61.12 -48.28
CA LEU FA 5 16.10 61.57 -47.58
C LEU FA 5 16.03 61.16 -46.11
N PRO FA 6 17.18 60.93 -45.47
CA PRO FA 6 17.15 60.52 -44.06
C PRO FA 6 16.47 61.58 -43.24
N SER FA 7 15.29 61.26 -42.73
CA SER FA 7 14.40 62.22 -42.09
C SER FA 7 14.19 61.81 -40.65
N ILE FA 8 14.53 62.71 -39.74
CA ILE FA 8 14.27 62.53 -38.32
C ILE FA 8 13.38 63.66 -37.85
N ASN FA 9 12.26 63.31 -37.22
CA ASN FA 9 11.29 64.29 -36.79
C ASN FA 9 10.86 64.00 -35.37
N ILE FA 10 10.53 65.05 -34.65
CA ILE FA 10 10.08 64.95 -33.26
C ILE FA 10 8.65 65.44 -33.20
N SER FA 11 7.76 64.62 -32.65
CA SER FA 11 6.35 64.92 -32.59
C SER FA 11 5.98 65.42 -31.20
N PHE FA 12 5.35 66.58 -31.13
CA PHE FA 12 4.91 67.18 -29.88
C PHE FA 12 3.40 66.97 -29.79
N LYS FA 13 2.98 66.13 -28.85
CA LYS FA 13 1.58 65.81 -28.65
C LYS FA 13 1.25 65.89 -27.17
N GLU FA 14 0.11 66.50 -26.85
CA GLU FA 14 -0.37 66.60 -25.49
C GLU FA 14 -1.62 65.75 -25.36
N LEU FA 15 -1.61 64.82 -24.40
CA LEU FA 15 -2.76 63.97 -24.17
C LEU FA 15 -3.91 64.78 -23.61
N ALA FA 16 -5.11 64.55 -24.14
CA ALA FA 16 -6.32 65.22 -23.70
C ALA FA 16 -7.33 64.19 -23.25
N THR FA 17 -8.21 64.60 -22.33
CA THR FA 17 -9.26 63.71 -21.84
C THR FA 17 -10.22 63.37 -22.98
N THR FA 18 -10.21 62.12 -23.42
CA THR FA 18 -11.00 61.68 -24.55
C THR FA 18 -12.18 60.85 -24.04
N VAL FA 19 -13.38 61.40 -24.18
CA VAL FA 19 -14.62 60.70 -23.86
C VAL FA 19 -15.53 60.82 -25.07
N LYS FA 20 -16.05 59.68 -25.54
CA LYS FA 20 -16.95 59.70 -26.68
C LYS FA 20 -18.20 60.49 -26.34
N GLU FA 21 -18.55 61.44 -27.20
CA GLU FA 21 -19.62 62.38 -26.93
C GLU FA 21 -20.88 61.93 -27.67
N ARG FA 22 -21.93 61.62 -26.91
CA ARG FA 22 -23.20 61.16 -27.43
C ARG FA 22 -24.16 62.35 -27.54
N SER FA 23 -25.44 62.05 -27.76
CA SER FA 23 -26.44 63.09 -27.94
C SER FA 23 -26.47 64.02 -26.73
N ALA FA 24 -26.57 65.32 -27.01
CA ALA FA 24 -26.55 66.33 -25.96
C ALA FA 24 -27.95 66.47 -25.35
N ARG FA 25 -27.99 66.47 -24.02
CA ARG FA 25 -29.23 66.59 -23.27
C ARG FA 25 -29.33 67.96 -22.63
N GLY FA 26 -30.54 68.33 -22.23
CA GLY FA 26 -30.80 69.63 -21.63
C GLY FA 26 -31.03 70.75 -22.62
N ILE FA 27 -31.08 70.47 -23.91
CA ILE FA 27 -31.32 71.50 -24.91
C ILE FA 27 -32.80 71.86 -24.91
N ILE FA 28 -33.08 73.15 -25.14
CA ILE FA 28 -34.45 73.66 -25.18
C ILE FA 28 -34.65 74.36 -26.53
N ALA FA 29 -35.66 73.91 -27.27
CA ALA FA 29 -36.06 74.58 -28.50
C ALA FA 29 -37.26 75.47 -28.18
N MET FA 30 -37.04 76.79 -28.18
CA MET FA 30 -38.08 77.76 -27.88
C MET FA 30 -38.53 78.41 -29.17
N VAL FA 31 -39.83 78.38 -29.43
CA VAL FA 31 -40.42 78.93 -30.63
C VAL FA 31 -41.47 79.96 -30.25
N LEU FA 32 -41.47 81.08 -30.96
CA LEU FA 32 -42.36 82.19 -30.64
C LEU FA 32 -42.50 83.05 -31.88
N LYS FA 33 -43.51 83.91 -31.88
CA LYS FA 33 -43.82 84.76 -33.02
C LYS FA 33 -43.57 86.23 -32.68
N ASP FA 34 -42.92 86.93 -33.61
CA ASP FA 34 -42.63 88.35 -33.47
C ASP FA 34 -42.33 88.92 -34.84
N ALA FA 35 -42.35 90.25 -34.92
CA ALA FA 35 -42.03 90.95 -36.16
C ALA FA 35 -40.56 91.38 -36.23
N LYS FA 36 -39.78 91.18 -35.17
CA LYS FA 36 -38.39 91.59 -35.12
C LYS FA 36 -37.49 90.37 -34.93
N ALA FA 37 -36.29 90.45 -35.49
CA ALA FA 37 -35.26 89.40 -35.39
C ALA FA 37 -35.82 88.06 -35.86
N LEU FA 38 -36.28 88.06 -37.12
CA LEU FA 38 -36.90 86.86 -37.68
C LEU FA 38 -35.88 85.73 -37.80
N GLY FA 39 -36.38 84.50 -37.68
CA GLY FA 39 -35.53 83.33 -37.71
C GLY FA 39 -35.07 82.92 -36.33
N LEU FA 40 -34.26 81.87 -36.30
CA LEU FA 40 -33.71 81.39 -35.05
C LEU FA 40 -32.77 82.44 -34.46
N ASN FA 41 -32.73 82.50 -33.12
CA ASN FA 41 -31.96 83.50 -32.42
C ASN FA 41 -30.71 82.94 -31.77
N GLU FA 42 -30.56 81.62 -31.72
CA GLU FA 42 -29.38 80.92 -31.21
C GLU FA 42 -28.81 81.59 -29.94
N ILE FA 43 -29.67 81.68 -28.93
CA ILE FA 43 -29.26 82.28 -27.66
C ILE FA 43 -28.48 81.24 -26.86
N HIS FA 44 -27.17 81.18 -27.10
CA HIS FA 44 -26.35 80.16 -26.47
C HIS FA 44 -26.08 80.47 -25.01
N GLU FA 45 -26.05 81.75 -24.65
CA GLU FA 45 -25.80 82.20 -23.29
C GLU FA 45 -27.03 82.91 -22.76
N LYS FA 46 -27.26 82.77 -21.45
CA LYS FA 46 -28.46 83.33 -20.83
C LYS FA 46 -28.44 84.86 -20.87
N GLU FA 47 -27.30 85.47 -20.62
CA GLU FA 47 -27.26 86.92 -20.44
C GLU FA 47 -27.60 87.68 -21.71
N ASP FA 48 -27.04 87.28 -22.84
CA ASP FA 48 -27.15 88.06 -24.07
C ASP FA 48 -28.48 87.79 -24.74
N ILE FA 49 -29.26 88.86 -24.97
CA ILE FA 49 -30.56 88.76 -25.61
C ILE FA 49 -30.65 89.86 -26.67
N PRO FA 50 -31.18 89.56 -27.86
CA PRO FA 50 -31.42 90.63 -28.84
C PRO FA 50 -32.37 91.68 -28.29
N VAL FA 51 -32.08 92.94 -28.61
CA VAL FA 51 -32.82 94.05 -27.99
C VAL FA 51 -34.15 94.29 -28.68
N ASP FA 52 -34.25 94.02 -29.98
CA ASP FA 52 -35.47 94.32 -30.72
C ASP FA 52 -36.65 93.46 -30.30
N LEU FA 53 -36.41 92.39 -29.55
CA LEU FA 53 -37.49 91.52 -29.11
C LEU FA 53 -38.43 92.27 -28.16
N SER FA 54 -39.70 91.85 -28.16
CA SER FA 54 -40.69 92.47 -27.30
C SER FA 54 -40.36 92.23 -25.83
N ALA FA 55 -40.73 93.20 -24.99
CA ALA FA 55 -40.45 93.09 -23.57
C ALA FA 55 -41.16 91.89 -22.94
N GLU FA 56 -42.40 91.62 -23.36
CA GLU FA 56 -43.14 90.48 -22.83
C GLU FA 56 -42.46 89.17 -23.21
N ASN FA 57 -42.08 89.02 -24.48
CA ASN FA 57 -41.38 87.81 -24.90
C ASN FA 57 -39.99 87.73 -24.30
N LYS FA 58 -39.33 88.87 -24.09
CA LYS FA 58 -38.06 88.86 -23.38
C LYS FA 58 -38.24 88.36 -21.95
N GLU FA 59 -39.34 88.76 -21.31
CA GLU FA 59 -39.62 88.29 -19.96
C GLU FA 59 -39.87 86.79 -19.94
N TYR FA 60 -40.62 86.28 -20.93
CA TYR FA 60 -40.83 84.83 -21.01
C TYR FA 60 -39.50 84.11 -21.24
N ILE FA 61 -38.64 84.68 -22.06
CA ILE FA 61 -37.29 84.12 -22.24
C ILE FA 61 -36.56 84.10 -20.90
N ASN FA 62 -36.74 85.15 -20.10
CA ASN FA 62 -36.10 85.21 -18.79
C ASN FA 62 -36.59 84.09 -17.88
N LEU FA 63 -37.90 83.82 -17.89
CA LEU FA 63 -38.41 82.65 -17.18
C LEU FA 63 -37.75 81.38 -17.69
N ALA FA 64 -37.60 81.25 -19.01
CA ALA FA 64 -36.98 80.05 -19.57
C ALA FA 64 -35.53 79.91 -19.12
N LEU FA 65 -34.83 81.04 -18.97
CA LEU FA 65 -33.39 81.01 -18.74
C LEU FA 65 -33.04 80.45 -17.36
N MET FA 66 -33.71 80.93 -16.32
CA MET FA 66 -33.43 80.45 -14.98
C MET FA 66 -33.87 79.01 -14.82
N GLY FA 67 -33.08 78.23 -14.08
CA GLY FA 67 -33.31 76.81 -13.93
C GLY FA 67 -33.43 76.39 -12.48
N ASN FA 68 -34.13 75.27 -12.26
CA ASN FA 68 -34.33 74.78 -10.91
C ASN FA 68 -33.04 74.33 -10.26
N VAL FA 69 -32.26 73.50 -10.95
CA VAL FA 69 -31.01 72.96 -10.44
C VAL FA 69 -29.81 73.62 -11.11
N ASN FA 70 -29.81 73.64 -12.44
CA ASN FA 70 -28.75 74.28 -13.20
C ASN FA 70 -29.37 75.05 -14.36
N THR FA 71 -28.65 76.06 -14.82
CA THR FA 71 -29.07 76.79 -16.01
C THR FA 71 -29.04 75.84 -17.20
N PRO FA 72 -30.08 75.85 -18.05
CA PRO FA 72 -30.09 74.93 -19.20
C PRO FA 72 -28.85 75.12 -20.07
N ASN FA 73 -28.29 74.00 -20.53
CA ASN FA 73 -27.02 74.03 -21.22
C ASN FA 73 -27.11 74.81 -22.52
N LYS FA 74 -28.19 74.61 -23.28
CA LYS FA 74 -28.35 75.29 -24.56
C LYS FA 74 -29.80 75.73 -24.72
N LEU FA 75 -29.97 76.92 -25.29
CA LEU FA 75 -31.29 77.46 -25.60
C LEU FA 75 -31.32 77.89 -27.06
N LEU FA 76 -32.39 77.51 -27.75
CA LEU FA 76 -32.60 77.88 -29.15
C LEU FA 76 -33.96 78.55 -29.26
N VAL FA 77 -33.97 79.85 -29.54
CA VAL FA 77 -35.19 80.64 -29.62
C VAL FA 77 -35.45 80.98 -31.09
N TYR FA 78 -36.65 80.69 -31.55
CA TYR FA 78 -37.05 80.95 -32.94
C TYR FA 78 -38.12 82.02 -32.97
N VAL FA 79 -38.00 82.92 -33.95
CA VAL FA 79 -38.97 83.99 -34.18
C VAL FA 79 -39.59 83.79 -35.56
N ILE FA 80 -40.91 83.84 -35.61
CA ILE FA 80 -41.65 83.62 -36.85
C ILE FA 80 -42.64 84.76 -37.04
N GLU FA 81 -43.00 85.02 -38.28
CA GLU FA 81 -43.98 86.04 -38.59
C GLU FA 81 -45.36 85.61 -38.10
N GLY FA 82 -46.23 86.59 -37.84
CA GLY FA 82 -47.51 86.30 -37.23
C GLY FA 82 -48.39 85.37 -38.05
N GLU FA 83 -48.26 85.40 -39.37
CA GLU FA 83 -49.04 84.53 -40.24
C GLU FA 83 -48.29 83.23 -40.48
N ALA FA 84 -49.05 82.14 -40.58
CA ALA FA 84 -48.51 80.79 -40.79
C ALA FA 84 -47.50 80.45 -39.71
N ASP FA 85 -47.99 80.43 -38.47
CA ASP FA 85 -47.11 80.27 -37.30
C ASP FA 85 -46.57 78.85 -37.16
N ILE FA 86 -47.13 77.87 -37.87
CA ILE FA 86 -46.88 76.48 -37.52
C ILE FA 86 -45.98 75.76 -38.52
N GLN FA 87 -46.04 76.18 -39.79
CA GLN FA 87 -45.34 75.44 -40.85
C GLN FA 87 -43.82 75.41 -40.68
N THR FA 88 -43.18 76.57 -40.79
CA THR FA 88 -41.71 76.58 -40.78
C THR FA 88 -41.15 76.29 -39.40
N ALA FA 89 -41.92 76.50 -38.34
CA ALA FA 89 -41.49 76.06 -37.02
C ALA FA 89 -41.30 74.54 -37.02
N LEU FA 90 -42.30 73.81 -37.51
CA LEU FA 90 -42.17 72.36 -37.64
C LEU FA 90 -41.03 71.97 -38.58
N ASP FA 91 -40.87 72.72 -39.68
CA ASP FA 91 -39.78 72.42 -40.61
C ASP FA 91 -38.42 72.54 -39.93
N PHE FA 92 -38.22 73.61 -39.16
CA PHE FA 92 -36.95 73.80 -38.46
C PHE FA 92 -36.76 72.79 -37.34
N LEU FA 93 -37.85 72.43 -36.66
CA LEU FA 93 -37.75 71.38 -35.64
C LEU FA 93 -37.33 70.06 -36.25
N GLU FA 94 -37.90 69.71 -37.41
CA GLU FA 94 -37.46 68.52 -38.12
C GLU FA 94 -36.01 68.63 -38.55
N THR FA 95 -35.58 69.85 -38.92
CA THR FA 95 -34.22 70.04 -39.39
C THR FA 95 -33.19 69.76 -38.29
N LYS FA 96 -33.45 70.23 -37.06
CA LYS FA 96 -32.44 70.24 -36.02
C LYS FA 96 -32.96 69.57 -34.75
N GLU FA 97 -32.10 68.80 -34.10
CA GLU FA 97 -32.49 68.04 -32.92
C GLU FA 97 -32.73 68.95 -31.71
N PHE FA 98 -33.59 68.49 -30.81
CA PHE FA 98 -33.91 69.23 -29.59
C PHE FA 98 -34.57 68.27 -28.60
N ASN FA 99 -34.79 68.77 -27.39
CA ASN FA 99 -35.38 67.97 -26.33
C ASN FA 99 -36.75 68.45 -25.89
N TYR FA 100 -36.89 69.73 -25.54
CA TYR FA 100 -38.13 70.25 -24.97
C TYR FA 100 -38.55 71.51 -25.72
N LEU FA 101 -39.85 71.79 -25.67
CA LEU FA 101 -40.43 72.89 -26.43
C LEU FA 101 -41.67 73.40 -25.73
N CYS FA 102 -41.99 74.67 -25.98
CA CYS FA 102 -43.20 75.28 -25.44
C CYS FA 102 -43.65 76.42 -26.35
N MET FA 103 -44.94 76.73 -26.28
CA MET FA 103 -45.54 77.83 -27.03
C MET FA 103 -46.19 78.81 -26.08
N PRO FA 104 -45.52 79.92 -25.75
CA PRO FA 104 -46.17 80.93 -24.89
C PRO FA 104 -47.43 81.50 -25.50
N LYS FA 105 -47.46 81.68 -26.81
CA LYS FA 105 -48.62 82.22 -27.52
C LYS FA 105 -49.07 81.18 -28.55
N ALA FA 106 -50.19 80.51 -28.27
CA ALA FA 106 -50.68 79.48 -29.17
C ALA FA 106 -52.21 79.50 -29.17
N VAL FA 107 -52.78 79.21 -30.34
CA VAL FA 107 -54.21 78.97 -30.48
C VAL FA 107 -54.46 77.49 -30.30
N GLU FA 108 -55.73 77.11 -30.12
CA GLU FA 108 -56.06 75.70 -29.92
C GLU FA 108 -55.66 74.86 -31.12
N ALA FA 109 -55.88 75.38 -32.33
CA ALA FA 109 -55.43 74.68 -33.52
C ALA FA 109 -53.91 74.51 -33.52
N ASP FA 110 -53.19 75.51 -33.02
CA ASP FA 110 -51.73 75.41 -32.90
C ASP FA 110 -51.35 74.26 -31.97
N LYS FA 111 -52.02 74.16 -30.82
CA LYS FA 111 -51.73 73.07 -29.90
C LYS FA 111 -52.02 71.72 -30.53
N THR FA 112 -53.15 71.60 -31.22
CA THR FA 112 -53.51 70.35 -31.86
C THR FA 112 -52.48 69.96 -32.93
N ALA FA 113 -52.05 70.95 -33.73
CA ALA FA 113 -51.06 70.69 -34.75
C ALA FA 113 -49.73 70.23 -34.15
N ILE FA 114 -49.31 70.88 -33.07
CA ILE FA 114 -48.06 70.48 -32.40
C ILE FA 114 -48.17 69.05 -31.89
N LYS FA 115 -49.30 68.73 -31.25
CA LYS FA 115 -49.47 67.39 -30.70
C LYS FA 115 -49.46 66.33 -31.80
N ASN FA 116 -50.21 66.58 -32.88
CA ASN FA 116 -50.26 65.62 -33.98
C ASN FA 116 -48.90 65.45 -34.63
N TRP FA 117 -48.16 66.56 -34.80
CA TRP FA 117 -46.83 66.47 -35.38
C TRP FA 117 -45.89 65.67 -34.50
N ILE FA 118 -45.96 65.87 -33.19
CA ILE FA 118 -45.10 65.11 -32.28
C ILE FA 118 -45.43 63.62 -32.36
N ILE FA 119 -46.72 63.28 -32.35
CA ILE FA 119 -47.12 61.88 -32.42
C ILE FA 119 -46.64 61.26 -33.72
N LYS FA 120 -46.79 61.98 -34.83
CA LYS FA 120 -46.33 61.48 -36.11
C LYS FA 120 -44.82 61.28 -36.13
N LEU FA 121 -44.08 62.25 -35.58
CA LEU FA 121 -42.63 62.22 -35.70
C LEU FA 121 -42.02 61.13 -34.84
N ARG FA 122 -42.46 61.01 -33.59
CA ARG FA 122 -41.85 60.05 -32.68
C ARG FA 122 -41.96 58.61 -33.16
N ASP FA 123 -42.89 58.33 -34.08
CA ASP FA 123 -43.02 57.00 -34.65
C ASP FA 123 -42.43 56.89 -36.05
N ILE FA 124 -42.84 57.78 -36.97
CA ILE FA 124 -42.39 57.66 -38.35
C ILE FA 124 -40.90 58.00 -38.46
N ASP FA 125 -40.47 59.09 -37.85
CA ASP FA 125 -39.09 59.54 -37.96
C ASP FA 125 -38.16 58.84 -37.00
N LYS FA 126 -38.69 58.12 -36.00
CA LYS FA 126 -37.89 57.49 -34.97
C LYS FA 126 -36.97 58.50 -34.29
N VAL FA 127 -37.51 59.69 -34.04
CA VAL FA 127 -36.80 60.75 -33.33
C VAL FA 127 -37.56 61.04 -32.04
N LYS FA 128 -36.86 60.99 -30.91
CA LYS FA 128 -37.49 61.15 -29.60
C LYS FA 128 -37.41 62.62 -29.19
N VAL FA 129 -38.58 63.27 -29.12
CA VAL FA 129 -38.68 64.65 -28.67
C VAL FA 129 -39.84 64.77 -27.72
N LYS FA 130 -39.83 65.84 -26.92
CA LYS FA 130 -40.89 66.14 -25.99
C LYS FA 130 -41.18 67.63 -26.02
N ALA FA 131 -42.39 68.00 -25.60
CA ALA FA 131 -42.77 69.40 -25.55
C ALA FA 131 -43.80 69.60 -24.44
N VAL FA 132 -43.92 70.84 -23.99
CA VAL FA 132 -44.86 71.24 -22.97
C VAL FA 132 -45.89 72.17 -23.60
N LEU FA 133 -47.17 71.89 -23.37
CA LEU FA 133 -48.25 72.67 -23.94
C LEU FA 133 -49.20 73.12 -22.84
N GLY FA 134 -49.89 74.24 -23.09
CA GLY FA 134 -50.71 74.85 -22.07
C GLY FA 134 -51.91 74.00 -21.66
N LYS FA 135 -52.59 73.41 -22.63
CA LYS FA 135 -53.81 72.66 -22.33
C LYS FA 135 -54.02 71.63 -23.43
N VAL FA 136 -53.73 70.37 -23.13
CA VAL FA 136 -53.92 69.26 -24.07
C VAL FA 136 -54.52 68.08 -23.32
N VAL FA 137 -55.08 67.14 -24.09
CA VAL FA 137 -55.68 65.94 -23.55
C VAL FA 137 -55.08 64.69 -24.21
N GLY FA 138 -53.88 64.82 -24.76
CA GLY FA 138 -53.26 63.71 -25.47
C GLY FA 138 -52.93 62.56 -24.56
N ASN FA 139 -52.76 61.38 -25.19
CA ASN FA 139 -52.43 60.16 -24.48
C ASN FA 139 -51.00 59.70 -24.71
N HIS FA 140 -50.17 60.53 -25.34
CA HIS FA 140 -48.82 60.10 -25.70
C HIS FA 140 -47.85 60.40 -24.57
N GLU FA 141 -46.70 59.71 -24.62
CA GLU FA 141 -45.68 59.90 -23.59
C GLU FA 141 -44.92 61.20 -23.78
N GLY FA 142 -44.75 61.65 -25.03
CA GLY FA 142 -43.96 62.82 -25.32
C GLY FA 142 -44.65 64.15 -25.11
N ILE FA 143 -45.92 64.14 -24.69
CA ILE FA 143 -46.68 65.35 -24.48
C ILE FA 143 -46.94 65.51 -22.98
N ILE FA 144 -46.71 66.71 -22.47
CA ILE FA 144 -46.88 67.03 -21.06
C ILE FA 144 -48.04 67.99 -20.91
N ASN FA 145 -49.00 67.63 -20.07
CA ASN FA 145 -50.20 68.44 -19.84
C ASN FA 145 -50.05 69.13 -18.49
N PHE FA 146 -49.62 70.39 -18.51
CA PHE FA 146 -49.53 71.23 -17.32
C PHE FA 146 -50.71 72.19 -17.31
N THR FA 147 -51.41 72.26 -16.17
CA THR FA 147 -52.61 73.09 -16.09
C THR FA 147 -52.75 73.60 -14.66
N THR FA 148 -52.34 74.85 -14.45
CA THR FA 148 -52.54 75.54 -13.17
C THR FA 148 -52.98 76.96 -13.48
N GLU FA 149 -54.17 77.33 -13.00
CA GLU FA 149 -54.78 78.60 -13.34
C GLU FA 149 -54.35 79.71 -12.41
N ASP FA 150 -54.36 80.94 -12.94
CA ASP FA 150 -54.13 82.16 -12.16
C ASP FA 150 -52.79 82.10 -11.43
N VAL FA 151 -51.73 81.75 -12.16
CA VAL FA 151 -50.39 81.81 -11.61
C VAL FA 151 -49.99 83.27 -11.46
N LEU FA 152 -49.54 83.65 -10.26
CA LEU FA 152 -49.18 85.04 -9.96
C LEU FA 152 -47.71 85.08 -9.57
N VAL FA 153 -46.85 85.48 -10.50
CA VAL FA 153 -45.42 85.60 -10.28
C VAL FA 153 -44.98 87.00 -10.68
N GLY FA 154 -44.18 87.64 -9.84
CA GLY FA 154 -43.72 88.98 -10.11
C GLY FA 154 -44.87 89.96 -10.19
N GLU FA 155 -45.78 89.89 -9.21
CA GLU FA 155 -47.01 90.68 -9.14
C GLU FA 155 -47.68 90.81 -10.50
N LYS FA 156 -47.72 89.71 -11.26
CA LYS FA 156 -48.26 89.71 -12.62
C LYS FA 156 -49.24 88.57 -12.76
N LYS FA 157 -50.28 88.80 -13.56
CA LYS FA 157 -51.32 87.81 -13.82
C LYS FA 157 -50.87 86.93 -14.99
N TYR FA 158 -50.46 85.71 -14.70
CA TYR FA 158 -49.98 84.77 -15.71
C TYR FA 158 -51.03 83.71 -15.97
N SER FA 159 -51.39 83.53 -17.24
CA SER FA 159 -52.36 82.52 -17.61
C SER FA 159 -51.70 81.14 -17.66
N VAL FA 160 -52.55 80.11 -17.81
CA VAL FA 160 -52.06 78.73 -17.77
C VAL FA 160 -51.10 78.46 -18.92
N ASP FA 161 -51.38 79.04 -20.09
CA ASP FA 161 -50.55 78.75 -21.26
C ASP FA 161 -49.19 79.44 -21.21
N GLU FA 162 -49.12 80.60 -20.55
CA GLU FA 162 -47.88 81.36 -20.58
C GLU FA 162 -46.81 80.74 -19.69
N PHE FA 163 -47.19 80.29 -18.50
CA PHE FA 163 -46.22 79.81 -17.52
C PHE FA 163 -45.57 78.49 -17.94
N THR FA 164 -46.10 77.83 -18.97
CA THR FA 164 -45.51 76.58 -19.44
C THR FA 164 -44.07 76.75 -19.91
N SER FA 165 -43.67 77.96 -20.30
CA SER FA 165 -42.27 78.20 -20.65
C SER FA 165 -41.37 77.95 -19.44
N ARG FA 166 -41.75 78.50 -18.29
CA ARG FA 166 -40.99 78.28 -17.07
C ARG FA 166 -41.04 76.81 -16.67
N VAL FA 167 -42.18 76.15 -16.88
CA VAL FA 167 -42.28 74.72 -16.57
C VAL FA 167 -41.28 73.93 -17.40
N ALA FA 168 -41.23 74.20 -18.72
CA ALA FA 168 -40.30 73.49 -19.59
C ALA FA 168 -38.86 73.79 -19.23
N GLY FA 169 -38.55 75.05 -18.92
CA GLY FA 169 -37.20 75.38 -18.50
C GLY FA 169 -36.80 74.66 -17.22
N LEU FA 170 -37.72 74.59 -16.26
CA LEU FA 170 -37.44 73.88 -15.02
C LEU FA 170 -37.24 72.39 -15.25
N ILE FA 171 -38.06 71.79 -16.13
CA ILE FA 171 -37.91 70.37 -16.42
C ILE FA 171 -36.57 70.10 -17.09
N ALA FA 172 -36.19 70.93 -18.06
CA ALA FA 172 -34.95 70.68 -18.79
C ALA FA 172 -33.72 71.01 -17.94
N GLY FA 173 -33.84 71.93 -16.99
CA GLY FA 173 -32.69 72.31 -16.19
C GLY FA 173 -32.21 71.20 -15.28
N THR FA 174 -33.12 70.43 -14.71
CA THR FA 174 -32.75 69.41 -13.74
C THR FA 174 -32.01 68.26 -14.44
N PRO FA 175 -31.08 67.61 -13.73
CA PRO FA 175 -30.37 66.48 -14.32
C PRO FA 175 -31.25 65.24 -14.39
N LEU FA 176 -30.73 64.23 -15.08
CA LEU FA 176 -31.48 62.99 -15.26
C LEU FA 176 -31.68 62.26 -13.94
N SER FA 177 -30.65 62.26 -13.08
CA SER FA 177 -30.71 61.47 -11.85
C SER FA 177 -31.84 61.95 -10.94
N GLN FA 178 -31.99 63.26 -10.80
CA GLN FA 178 -33.01 63.80 -9.91
C GLN FA 178 -34.37 63.81 -10.60
N SER FA 179 -35.39 64.21 -9.85
CA SER FA 179 -36.76 64.28 -10.36
C SER FA 179 -37.38 65.62 -9.99
N VAL FA 180 -38.49 65.94 -10.67
CA VAL FA 180 -39.15 67.23 -10.47
C VAL FA 180 -40.14 67.22 -9.31
N THR FA 181 -40.44 66.06 -8.74
CA THR FA 181 -41.43 65.98 -7.67
C THR FA 181 -40.95 66.73 -6.43
N TYR FA 182 -41.84 67.54 -5.86
CA TYR FA 182 -41.55 68.40 -4.72
C TYR FA 182 -40.30 69.25 -4.97
N THR FA 183 -40.39 70.08 -6.01
CA THR FA 183 -39.39 71.10 -6.30
C THR FA 183 -40.02 72.47 -6.07
N LYS FA 184 -39.39 73.27 -5.22
CA LYS FA 184 -39.97 74.53 -4.79
C LYS FA 184 -39.63 75.66 -5.74
N LEU FA 185 -40.62 76.50 -6.03
CA LEU FA 185 -40.46 77.68 -6.87
C LEU FA 185 -40.65 78.90 -6.00
N SER FA 186 -39.55 79.57 -5.66
CA SER FA 186 -39.63 80.77 -4.82
C SER FA 186 -40.39 81.90 -5.51
N ASP FA 187 -40.32 81.94 -6.85
CA ASP FA 187 -40.93 83.03 -7.59
C ASP FA 187 -42.45 83.00 -7.48
N VAL FA 188 -43.05 81.82 -7.53
CA VAL FA 188 -44.49 81.70 -7.40
C VAL FA 188 -44.90 82.05 -5.97
N VAL FA 189 -45.88 82.94 -5.84
CA VAL FA 189 -46.24 83.47 -4.53
C VAL FA 189 -47.70 83.16 -4.20
N ASP FA 190 -48.54 83.01 -5.21
CA ASP FA 190 -49.96 82.80 -4.98
C ASP FA 190 -50.52 81.80 -5.97
N ILE FA 191 -51.44 80.95 -5.50
CA ILE FA 191 -52.16 80.00 -6.32
C ILE FA 191 -53.60 79.99 -5.83
N PRO FA 192 -54.60 79.87 -6.70
CA PRO FA 192 -55.97 79.68 -6.23
C PRO FA 192 -56.06 78.44 -5.36
N LYS FA 193 -56.82 78.55 -4.27
CA LYS FA 193 -56.95 77.43 -3.35
C LYS FA 193 -57.72 76.29 -4.01
N MET FA 194 -57.21 75.07 -3.83
CA MET FA 194 -57.84 73.89 -4.39
C MET FA 194 -57.81 72.78 -3.35
N THR FA 195 -58.91 72.05 -3.25
CA THR FA 195 -58.99 70.96 -2.28
C THR FA 195 -58.06 69.82 -2.66
N LYS FA 196 -57.64 69.05 -1.65
CA LYS FA 196 -56.64 68.03 -1.87
C LYS FA 196 -57.19 66.85 -2.67
N VAL FA 197 -58.43 66.44 -2.39
CA VAL FA 197 -58.97 65.25 -3.02
C VAL FA 197 -59.21 65.49 -4.52
N ASP FA 198 -59.74 66.65 -4.88
CA ASP FA 198 -59.98 66.92 -6.31
C ASP FA 198 -58.67 67.22 -7.03
N ALA FA 199 -57.68 67.81 -6.35
CA ALA FA 199 -56.36 67.95 -6.96
C ALA FA 199 -55.74 66.58 -7.22
N GLU FA 200 -55.93 65.65 -6.29
CA GLU FA 200 -55.48 64.28 -6.51
C GLU FA 200 -56.20 63.63 -7.69
N SER FA 201 -57.50 63.88 -7.81
CA SER FA 201 -58.23 63.37 -8.98
C SER FA 201 -57.67 63.97 -10.26
N ARG FA 202 -57.35 65.27 -10.25
CA ARG FA 202 -56.75 65.91 -11.41
C ARG FA 202 -55.42 65.26 -11.78
N VAL FA 203 -54.59 65.00 -10.78
CA VAL FA 203 -53.32 64.30 -11.04
C VAL FA 203 -53.61 62.92 -11.63
N ASN FA 204 -54.63 62.24 -11.13
CA ASN FA 204 -55.01 60.93 -11.65
C ASN FA 204 -55.45 61.00 -13.11
N LYS FA 205 -55.91 62.16 -13.57
CA LYS FA 205 -56.33 62.34 -14.96
C LYS FA 205 -55.17 62.38 -15.93
N GLY FA 206 -53.94 62.12 -15.49
CA GLY FA 206 -52.78 62.35 -16.31
C GLY FA 206 -52.34 63.79 -16.35
N GLU FA 207 -52.98 64.66 -15.59
CA GLU FA 207 -52.74 66.10 -15.63
C GLU FA 207 -51.68 66.49 -14.62
N LEU FA 208 -50.84 67.44 -15.02
CA LEU FA 208 -49.82 68.00 -14.13
C LEU FA 208 -50.33 69.32 -13.57
N ILE FA 209 -50.30 69.44 -12.23
CA ILE FA 209 -50.79 70.62 -11.55
C ILE FA 209 -49.75 71.06 -10.53
N LEU FA 210 -49.83 72.34 -10.16
CA LEU FA 210 -48.98 72.90 -9.11
C LEU FA 210 -49.79 72.99 -7.82
N ILE FA 211 -49.25 72.43 -6.74
CA ILE FA 211 -49.95 72.34 -5.47
C ILE FA 211 -49.06 72.89 -4.37
N LYS FA 212 -49.68 73.29 -3.27
CA LYS FA 212 -48.98 73.86 -2.13
C LYS FA 212 -49.08 72.92 -0.93
N GLU FA 213 -47.98 72.80 -0.21
CA GLU FA 213 -47.92 72.01 1.02
C GLU FA 213 -46.64 72.37 1.76
N ALA FA 214 -46.71 72.29 3.08
CA ALA FA 214 -45.59 72.62 3.98
C ALA FA 214 -45.21 74.09 3.71
N GLY FA 215 -43.91 74.42 3.69
CA GLY FA 215 -43.51 75.81 3.70
C GLY FA 215 -43.44 76.49 2.35
N ALA FA 216 -43.41 75.73 1.26
CA ALA FA 216 -43.18 76.31 -0.07
C ALA FA 216 -44.16 75.73 -1.07
N ILE FA 217 -44.10 76.25 -2.29
CA ILE FA 217 -44.92 75.79 -3.40
C ILE FA 217 -44.09 74.80 -4.20
N ARG FA 218 -44.59 73.58 -4.36
CA ARG FA 218 -43.80 72.52 -4.97
C ARG FA 218 -44.62 71.73 -5.98
N ILE FA 219 -43.93 71.26 -7.02
CA ILE FA 219 -44.56 70.46 -8.07
C ILE FA 219 -44.98 69.12 -7.49
N ALA FA 220 -46.08 68.57 -8.00
CA ALA FA 220 -46.63 67.31 -7.50
C ALA FA 220 -46.53 66.25 -8.59
N ARG FA 221 -45.51 65.40 -8.50
CA ARG FA 221 -45.34 64.21 -9.34
C ARG FA 221 -45.51 64.52 -10.83
N GLY FA 222 -44.47 65.16 -11.37
CA GLY FA 222 -44.41 65.39 -12.79
C GLY FA 222 -44.59 64.09 -13.56
N VAL FA 223 -45.69 63.99 -14.29
CA VAL FA 223 -46.04 62.81 -15.05
C VAL FA 223 -46.47 63.24 -16.45
N ASN FA 224 -46.43 62.30 -17.38
CA ASN FA 224 -46.80 62.57 -18.76
C ASN FA 224 -48.31 62.68 -18.88
N SER FA 225 -48.79 62.89 -20.10
CA SER FA 225 -50.21 62.99 -20.37
C SER FA 225 -50.88 61.63 -20.55
N LEU FA 226 -50.11 60.55 -20.44
CA LEU FA 226 -50.66 59.21 -20.62
C LEU FA 226 -51.74 58.93 -19.58
N THR FA 227 -52.87 58.40 -20.04
CA THR FA 227 -53.99 58.06 -19.17
C THR FA 227 -54.41 56.61 -19.25
N GLU FA 228 -54.46 56.03 -20.45
CA GLU FA 228 -54.86 54.64 -20.63
C GLU FA 228 -53.62 53.77 -20.78
N LEU FA 229 -53.59 52.66 -20.06
CA LEU FA 229 -52.44 51.77 -20.05
C LEU FA 229 -52.74 50.53 -20.87
N THR FA 230 -51.99 50.33 -21.94
CA THR FA 230 -52.10 49.13 -22.75
C THR FA 230 -51.21 48.03 -22.18
N ALA FA 231 -51.42 46.81 -22.67
CA ALA FA 231 -50.63 45.67 -22.18
C ALA FA 231 -49.16 45.82 -22.52
N GLU FA 232 -48.86 46.27 -23.75
CA GLU FA 232 -47.46 46.34 -24.18
C GLU FA 232 -46.70 47.43 -23.44
N LYS FA 233 -47.31 48.61 -23.29
CA LYS FA 233 -46.64 49.72 -22.64
C LYS FA 233 -46.78 49.62 -21.13
N GLY FA 234 -45.81 50.20 -20.42
CA GLY FA 234 -45.72 50.04 -18.99
C GLY FA 234 -46.42 51.14 -18.20
N GLU FA 235 -46.80 50.80 -16.97
CA GLU FA 235 -47.27 51.82 -16.04
C GLU FA 235 -46.18 52.84 -15.77
N MET FA 236 -44.93 52.39 -15.72
CA MET FA 236 -43.80 53.29 -15.52
C MET FA 236 -43.57 54.23 -16.70
N PHE FA 237 -44.22 53.98 -17.83
CA PHE FA 237 -44.06 54.87 -18.97
C PHE FA 237 -44.58 56.27 -18.68
N GLN FA 238 -45.71 56.36 -17.98
CA GLN FA 238 -46.30 57.68 -17.70
C GLN FA 238 -45.50 58.48 -16.67
N LYS FA 239 -44.34 58.01 -16.24
CA LYS FA 239 -43.41 58.83 -15.49
C LYS FA 239 -42.47 59.55 -16.44
N ILE FA 240 -42.00 60.74 -16.02
CA ILE FA 240 -41.20 61.56 -16.92
C ILE FA 240 -39.75 61.06 -16.98
N LYS FA 241 -39.11 60.88 -15.82
CA LYS FA 241 -37.70 60.55 -15.79
C LYS FA 241 -37.40 59.29 -16.58
N ILE FA 242 -38.30 58.31 -16.50
CA ILE FA 242 -38.11 57.05 -17.22
C ILE FA 242 -38.14 57.28 -18.73
N VAL FA 243 -39.11 58.08 -19.20
CA VAL FA 243 -39.16 58.41 -20.62
C VAL FA 243 -37.90 59.14 -21.05
N ASP FA 244 -37.43 60.06 -20.23
CA ASP FA 244 -36.25 60.85 -20.58
C ASP FA 244 -35.03 59.95 -20.74
N THR FA 245 -34.80 59.05 -19.76
CA THR FA 245 -33.64 58.18 -19.86
C THR FA 245 -33.78 57.18 -21.00
N LEU FA 246 -35.00 56.70 -21.27
CA LEU FA 246 -35.20 55.81 -22.41
C LEU FA 246 -34.88 56.53 -23.72
N ASP FA 247 -35.30 57.78 -23.85
CA ASP FA 247 -34.99 58.54 -25.05
C ASP FA 247 -33.48 58.75 -25.21
N ILE FA 248 -32.80 59.02 -24.09
CA ILE FA 248 -31.34 59.19 -24.15
C ILE FA 248 -30.69 57.90 -24.64
N ILE FA 249 -31.10 56.77 -24.07
CA ILE FA 249 -30.53 55.47 -24.46
C ILE FA 249 -30.79 55.21 -25.94
N HIS FA 250 -32.02 55.45 -26.38
CA HIS FA 250 -32.38 55.22 -27.77
C HIS FA 250 -31.51 56.05 -28.71
N SER FA 251 -31.39 57.35 -28.43
CA SER FA 251 -30.61 58.22 -29.29
C SER FA 251 -29.14 57.81 -29.33
N ASP FA 252 -28.57 57.48 -28.17
CA ASP FA 252 -27.17 57.12 -28.12
C ASP FA 252 -26.90 55.84 -28.91
N ILE FA 253 -27.73 54.81 -28.70
CA ILE FA 253 -27.51 53.55 -29.41
C ILE FA 253 -27.69 53.74 -30.91
N ARG FA 254 -28.72 54.50 -31.30
CA ARG FA 254 -28.93 54.74 -32.74
C ARG FA 254 -27.75 55.45 -33.36
N LYS FA 255 -27.23 56.48 -32.69
CA LYS FA 255 -26.08 57.20 -33.24
C LYS FA 255 -24.87 56.29 -33.36
N VAL FA 256 -24.59 55.50 -32.32
CA VAL FA 256 -23.42 54.62 -32.35
C VAL FA 256 -23.56 53.61 -33.49
N ILE FA 257 -24.72 53.00 -33.61
CA ILE FA 257 -24.94 51.98 -34.64
C ILE FA 257 -24.76 52.58 -36.02
N ILE FA 258 -25.41 53.72 -36.27
CA ILE FA 258 -25.34 54.35 -37.60
C ILE FA 258 -23.91 54.74 -37.92
N ASP FA 259 -23.19 55.31 -36.94
CA ASP FA 259 -21.84 55.79 -37.24
C ASP FA 259 -20.86 54.65 -37.46
N ASP FA 260 -21.00 53.54 -36.73
CA ASP FA 260 -19.97 52.51 -36.75
C ASP FA 260 -20.37 51.26 -37.51
N TYR FA 261 -21.49 50.61 -37.14
CA TYR FA 261 -21.69 49.21 -37.50
C TYR FA 261 -22.56 49.00 -38.75
N ILE FA 262 -22.97 50.06 -39.43
CA ILE FA 262 -23.83 49.93 -40.60
C ILE FA 262 -22.98 50.01 -41.85
N GLY FA 263 -22.96 48.91 -42.62
CA GLY FA 263 -22.31 48.90 -43.91
C GLY FA 263 -20.82 48.74 -43.90
N LYS FA 264 -20.18 48.65 -42.73
CA LYS FA 264 -18.73 48.60 -42.65
C LYS FA 264 -18.18 47.21 -42.38
N VAL FA 265 -18.97 46.31 -41.79
CA VAL FA 265 -18.51 44.98 -41.45
C VAL FA 265 -19.54 43.95 -41.90
N THR FA 266 -19.07 42.73 -42.14
CA THR FA 266 -19.94 41.66 -42.60
C THR FA 266 -20.86 41.17 -41.49
N ASN FA 267 -21.90 40.44 -41.88
CA ASN FA 267 -22.85 39.86 -40.94
C ASN FA 267 -22.46 38.41 -40.69
N SER FA 268 -21.87 38.16 -39.52
CA SER FA 268 -21.50 36.81 -39.12
C SER FA 268 -21.74 36.67 -37.63
N TYR FA 269 -21.58 35.45 -37.12
CA TYR FA 269 -21.80 35.21 -35.70
C TYR FA 269 -20.80 35.99 -34.85
N ASP FA 270 -19.54 36.03 -35.28
CA ASP FA 270 -18.54 36.77 -34.53
C ASP FA 270 -18.82 38.26 -34.52
N ASN FA 271 -19.26 38.82 -35.66
CA ASN FA 271 -19.61 40.24 -35.70
C ASN FA 271 -20.81 40.53 -34.83
N LYS FA 272 -21.79 39.61 -34.80
CA LYS FA 272 -22.92 39.77 -33.89
C LYS FA 272 -22.46 39.78 -32.45
N CYS FA 273 -21.53 38.88 -32.10
CA CYS FA 273 -21.00 38.86 -30.74
C CYS FA 273 -20.30 40.16 -30.40
N LEU FA 274 -19.51 40.68 -31.34
CA LEU FA 274 -18.80 41.95 -31.10
C LEU FA 274 -19.78 43.10 -30.89
N LEU FA 275 -20.85 43.14 -31.70
CA LEU FA 275 -21.86 44.18 -31.53
C LEU FA 275 -22.55 44.07 -30.18
N ILE FA 276 -22.84 42.83 -29.76
CA ILE FA 276 -23.44 42.62 -28.45
C ILE FA 276 -22.51 43.11 -27.35
N VAL FA 277 -21.21 42.82 -27.48
CA VAL FA 277 -20.24 43.25 -26.48
C VAL FA 277 -20.19 44.78 -26.43
N ALA FA 278 -20.21 45.43 -27.58
CA ALA FA 278 -20.18 46.89 -27.60
C ALA FA 278 -21.42 47.48 -26.93
N ILE FA 279 -22.59 46.93 -27.22
CA ILE FA 279 -23.82 47.42 -26.59
C ILE FA 279 -23.76 47.21 -25.08
N LYS FA 280 -23.27 46.04 -24.65
CA LYS FA 280 -23.14 45.77 -23.22
C LYS FA 280 -22.17 46.74 -22.56
N SER FA 281 -21.08 47.07 -23.25
CA SER FA 281 -20.13 48.04 -22.73
C SER FA 281 -20.78 49.41 -22.57
N TYR FA 282 -21.59 49.81 -23.54
CA TYR FA 282 -22.30 51.08 -23.42
C TYR FA 282 -23.26 51.06 -22.23
N LEU FA 283 -23.97 49.96 -22.03
CA LEU FA 283 -24.87 49.85 -20.88
C LEU FA 283 -24.09 49.91 -19.57
N GLU FA 284 -22.93 49.26 -19.52
CA GLU FA 284 -22.08 49.33 -18.34
C GLU FA 284 -21.62 50.77 -18.08
N GLU FA 285 -21.28 51.49 -19.14
CA GLU FA 285 -20.92 52.90 -19.00
C GLU FA 285 -22.08 53.69 -18.41
N LEU FA 286 -23.29 53.45 -18.91
CA LEU FA 286 -24.47 54.15 -18.38
C LEU FA 286 -24.74 53.77 -16.93
N GLU FA 287 -24.34 52.57 -16.52
CA GLU FA 287 -24.64 52.10 -15.17
C GLU FA 287 -24.03 53.02 -14.11
N LYS FA 288 -22.77 53.44 -14.31
CA LYS FA 288 -22.08 54.21 -13.28
C LYS FA 288 -22.77 55.54 -12.98
N SER FA 289 -23.59 56.05 -13.90
CA SER FA 289 -24.38 57.24 -13.63
C SER FA 289 -25.61 56.95 -12.78
N ALA FA 290 -25.73 55.73 -12.25
CA ALA FA 290 -26.83 55.31 -11.38
C ALA FA 290 -28.18 55.42 -12.06
N LEU FA 291 -28.21 55.52 -13.39
CA LEU FA 291 -29.49 55.59 -14.09
C LEU FA 291 -30.18 54.23 -14.12
N ILE FA 292 -29.43 53.17 -14.43
CA ILE FA 292 -29.98 51.82 -14.53
C ILE FA 292 -29.04 50.85 -13.83
N GLU FA 293 -29.51 49.62 -13.67
CA GLU FA 293 -28.75 48.57 -13.00
C GLU FA 293 -27.86 47.83 -14.00
N SER FA 294 -26.78 47.26 -13.48
CA SER FA 294 -25.78 46.56 -14.29
C SER FA 294 -26.17 45.12 -14.61
N ASP FA 295 -27.30 44.63 -14.08
CA ASP FA 295 -27.72 43.27 -14.36
C ASP FA 295 -28.18 43.08 -15.80
N SER FA 296 -28.32 44.16 -16.56
CA SER FA 296 -28.84 44.07 -17.92
C SER FA 296 -27.98 43.17 -18.80
N THR FA 297 -28.64 42.38 -19.64
CA THR FA 297 -27.96 41.46 -20.54
C THR FA 297 -28.48 41.65 -21.95
N VAL FA 298 -27.60 41.41 -22.92
CA VAL FA 298 -27.94 41.50 -24.34
C VAL FA 298 -27.60 40.16 -24.99
N GLU FA 299 -28.53 39.63 -25.77
CA GLU FA 299 -28.33 38.32 -26.38
C GLU FA 299 -29.10 38.24 -27.69
N ILE FA 300 -28.73 37.26 -28.51
CA ILE FA 300 -29.43 37.03 -29.77
C ILE FA 300 -30.86 36.62 -29.49
N ASP FA 301 -31.80 37.23 -30.21
CA ASP FA 301 -33.21 36.87 -30.10
C ASP FA 301 -33.44 35.62 -30.93
N PHE FA 302 -33.62 34.48 -30.26
CA PHE FA 302 -33.75 33.21 -30.97
C PHE FA 302 -35.07 33.11 -31.71
N GLU FA 303 -36.14 33.65 -31.13
CA GLU FA 303 -37.45 33.57 -31.76
C GLU FA 303 -37.47 34.28 -33.10
N ALA FA 304 -36.88 35.48 -33.16
CA ALA FA 304 -36.86 36.23 -34.41
C ALA FA 304 -36.06 35.49 -35.48
N GLN FA 305 -34.92 34.91 -35.09
CA GLN FA 305 -34.15 34.14 -36.05
C GLN FA 305 -34.91 32.92 -36.56
N LYS FA 306 -35.62 32.23 -35.66
CA LYS FA 306 -36.44 31.10 -36.09
C LYS FA 306 -37.52 31.55 -37.05
N SER FA 307 -38.15 32.70 -36.78
CA SER FA 307 -39.17 33.22 -37.69
C SER FA 307 -38.58 33.56 -39.05
N TYR FA 308 -37.39 34.15 -39.07
CA TYR FA 308 -36.74 34.48 -40.33
C TYR FA 308 -36.44 33.23 -41.13
N LEU FA 309 -35.89 32.20 -40.48
CA LEU FA 309 -35.57 30.96 -41.18
C LEU FA 309 -36.83 30.27 -41.70
N LYS FA 310 -37.90 30.23 -40.90
CA LYS FA 310 -39.12 29.60 -41.39
C LYS FA 310 -39.75 30.42 -42.52
N SER FA 311 -39.58 31.74 -42.50
CA SER FA 311 -40.02 32.55 -43.63
C SER FA 311 -39.22 32.20 -44.88
N LYS FA 312 -37.92 31.95 -44.72
CA LYS FA 312 -37.13 31.47 -45.86
C LYS FA 312 -37.63 30.11 -46.34
N GLY FA 313 -38.06 29.26 -45.42
CA GLY FA 313 -38.62 27.97 -45.78
C GLY FA 313 -37.71 26.79 -45.62
N VAL FA 314 -36.51 26.98 -45.07
CA VAL FA 314 -35.60 25.84 -44.88
C VAL FA 314 -36.10 24.97 -43.74
N ASP FA 315 -35.65 23.72 -43.72
CA ASP FA 315 -36.03 22.75 -42.70
C ASP FA 315 -34.95 22.73 -41.62
N LEU FA 316 -35.32 23.19 -40.42
CA LEU FA 316 -34.39 23.33 -39.32
C LEU FA 316 -34.41 22.14 -38.36
N SER FA 317 -35.12 21.06 -38.71
CA SER FA 317 -35.21 19.90 -37.83
C SER FA 317 -33.85 19.25 -37.63
N TYR FA 318 -33.07 19.11 -38.70
CA TYR FA 318 -31.79 18.41 -38.59
C TYR FA 318 -30.78 19.18 -37.76
N MET FA 319 -30.69 20.49 -37.95
CA MET FA 319 -29.66 21.27 -37.26
C MET FA 319 -29.96 21.34 -35.76
N THR FA 320 -28.89 21.31 -34.97
CA THR FA 320 -29.02 21.40 -33.52
C THR FA 320 -29.49 22.80 -33.13
N LEU FA 321 -30.10 22.88 -31.93
CA LEU FA 321 -30.64 24.15 -31.47
C LEU FA 321 -29.57 25.21 -31.38
N GLN FA 322 -28.37 24.85 -30.90
CA GLN FA 322 -27.26 25.79 -30.87
C GLN FA 322 -26.86 26.24 -32.27
N GLU FA 323 -26.92 25.31 -33.24
CA GLU FA 323 -26.54 25.66 -34.61
C GLU FA 323 -27.49 26.69 -35.21
N ILE FA 324 -28.77 26.63 -34.86
CA ILE FA 324 -29.75 27.56 -35.43
C ILE FA 324 -29.36 29.00 -35.11
N LYS FA 325 -28.87 29.25 -33.89
CA LYS FA 325 -28.45 30.59 -33.52
C LYS FA 325 -27.29 31.07 -34.40
N GLU FA 326 -26.37 30.17 -34.73
CA GLU FA 326 -25.22 30.52 -35.54
C GLU FA 326 -25.54 30.53 -37.04
N ALA FA 327 -26.75 30.17 -37.43
CA ALA FA 327 -27.10 30.12 -38.85
C ALA FA 327 -27.09 31.51 -39.46
N ASN FA 328 -26.83 31.56 -40.77
CA ASN FA 328 -26.77 32.82 -41.48
C ASN FA 328 -28.15 33.47 -41.53
N THR FA 329 -28.18 34.79 -41.35
CA THR FA 329 -29.43 35.55 -41.31
C THR FA 329 -29.49 36.63 -42.38
N GLY FA 330 -28.64 36.58 -43.38
CA GLY FA 330 -28.68 37.58 -44.43
C GLY FA 330 -28.36 38.96 -43.91
N SER FA 331 -29.08 39.96 -44.44
CA SER FA 331 -28.84 41.34 -44.04
C SER FA 331 -29.35 41.61 -42.63
N LYS FA 332 -30.45 40.98 -42.24
CA LYS FA 332 -31.10 41.29 -40.98
C LYS FA 332 -30.24 40.85 -39.79
N VAL FA 333 -30.36 41.59 -38.70
CA VAL FA 333 -29.76 41.24 -37.41
C VAL FA 333 -30.81 41.46 -36.33
N PHE FA 334 -30.96 40.47 -35.46
CA PHE FA 334 -31.96 40.52 -34.40
C PHE FA 334 -31.27 40.38 -33.04
N LEU FA 335 -31.65 41.24 -32.10
CA LEU FA 335 -31.09 41.24 -30.77
C LEU FA 335 -32.20 41.37 -29.74
N LYS FA 336 -31.91 40.91 -28.52
CA LYS FA 336 -32.85 40.97 -27.42
C LYS FA 336 -32.11 41.39 -26.16
N ALA FA 337 -32.71 42.30 -25.40
CA ALA FA 337 -32.08 42.79 -24.18
C ALA FA 337 -33.15 43.06 -23.13
N LYS FA 338 -32.71 43.05 -21.87
CA LYS FA 338 -33.57 43.36 -20.74
C LYS FA 338 -32.81 44.28 -19.79
N ILE FA 339 -33.49 45.32 -19.31
CA ILE FA 339 -32.89 46.30 -18.40
C ILE FA 339 -33.91 46.63 -17.32
N LYS FA 340 -33.44 47.36 -16.32
CA LYS FA 340 -34.31 47.87 -15.25
C LYS FA 340 -33.97 49.34 -15.03
N VAL FA 341 -35.00 50.18 -14.99
CA VAL FA 341 -34.82 51.63 -14.91
C VAL FA 341 -35.08 52.08 -13.47
N LEU FA 342 -34.11 52.79 -12.90
CA LEU FA 342 -34.23 53.28 -11.54
C LEU FA 342 -35.09 54.53 -11.49
N ASP FA 343 -35.41 54.94 -10.26
CA ASP FA 343 -36.22 56.14 -10.03
C ASP FA 343 -35.85 56.70 -8.67
N ALA FA 344 -36.29 57.93 -8.42
CA ALA FA 344 -36.06 58.55 -7.12
C ALA FA 344 -37.15 58.14 -6.14
N MET FA 345 -36.79 58.10 -4.85
CA MET FA 345 -37.76 57.74 -3.83
C MET FA 345 -38.82 58.82 -3.71
N GLU FA 346 -40.09 58.40 -3.74
CA GLU FA 346 -41.19 59.35 -3.72
C GLU FA 346 -42.20 58.99 -2.63
N ASP FA 347 -42.27 57.70 -2.28
CA ASP FA 347 -43.19 57.22 -1.26
C ASP FA 347 -42.42 56.42 -0.23
N ILE FA 348 -42.57 56.79 1.04
CA ILE FA 348 -41.83 56.17 2.13
C ILE FA 348 -42.81 55.74 3.21
N ASP FA 349 -42.70 54.50 3.65
CA ASP FA 349 -43.50 53.96 4.76
C ASP FA 349 -42.57 53.55 5.88
N LEU FA 350 -42.82 54.07 7.08
CA LEU FA 350 -41.99 53.81 8.24
C LEU FA 350 -42.87 53.45 9.42
N SER FA 351 -42.56 52.33 10.08
CA SER FA 351 -43.31 51.84 11.24
C SER FA 351 -42.34 51.61 12.38
N ILE FA 352 -42.69 52.08 13.56
CA ILE FA 352 -41.87 51.92 14.75
C ILE FA 352 -42.66 51.17 15.81
N GLU FA 353 -41.97 50.33 16.57
CA GLU FA 353 -42.58 49.53 17.63
C GLU FA 353 -42.16 50.13 18.97
N ILE FA 354 -43.16 50.55 19.76
CA ILE FA 354 -42.89 51.14 21.05
C ILE FA 354 -42.49 50.08 22.06
N ALA GA 2 25.55 18.16 -71.79
CA ALA GA 2 26.21 17.03 -71.15
C ALA GA 2 27.26 17.50 -70.15
N ILE GA 3 28.45 16.93 -70.23
CA ILE GA 3 29.52 17.30 -69.32
C ILE GA 3 30.04 18.68 -69.66
N GLY GA 4 30.11 19.55 -68.65
CA GLY GA 4 30.66 20.88 -68.80
C GLY GA 4 31.71 21.16 -67.74
N LEU GA 5 32.22 22.38 -67.77
CA LEU GA 5 33.20 22.79 -66.78
C LEU GA 5 32.56 22.82 -65.39
N PRO GA 6 33.29 22.42 -64.36
CA PRO GA 6 32.75 22.54 -62.99
C PRO GA 6 32.50 24.00 -62.65
N SER GA 7 31.42 24.24 -61.92
CA SER GA 7 30.99 25.61 -61.64
C SER GA 7 30.29 25.68 -60.30
N ILE GA 8 30.48 26.80 -59.61
CA ILE GA 8 29.83 27.08 -58.34
C ILE GA 8 29.11 28.40 -58.48
N ASN GA 9 27.81 28.42 -58.20
CA ASN GA 9 26.99 29.60 -58.34
C ASN GA 9 26.27 29.92 -57.03
N ILE GA 10 26.23 31.21 -56.70
CA ILE GA 10 25.57 31.71 -55.50
C ILE GA 10 24.48 32.68 -55.94
N SER GA 11 23.29 32.52 -55.38
CA SER GA 11 22.14 33.33 -55.76
C SER GA 11 21.59 34.07 -54.55
N PHE GA 12 21.26 35.34 -54.76
CA PHE GA 12 20.60 36.17 -53.77
C PHE GA 12 19.31 36.71 -54.37
N LYS GA 13 18.20 36.56 -53.65
CA LYS GA 13 16.92 37.04 -54.11
C LYS GA 13 16.09 37.53 -52.94
N GLU GA 14 15.15 38.42 -53.23
CA GLU GA 14 14.27 38.97 -52.20
C GLU GA 14 13.32 37.88 -51.69
N LEU GA 15 12.81 38.10 -50.48
CA LEU GA 15 11.77 37.24 -49.95
C LEU GA 15 10.54 37.27 -50.85
N ALA GA 16 9.94 36.11 -51.05
CA ALA GA 16 8.75 36.02 -51.89
C ALA GA 16 7.59 36.76 -51.25
N THR GA 17 6.77 37.40 -52.09
CA THR GA 17 5.59 38.10 -51.60
C THR GA 17 4.57 37.11 -51.05
N THR GA 18 4.55 35.89 -51.58
CA THR GA 18 3.65 34.82 -51.13
C THR GA 18 2.18 35.21 -51.22
N VAL GA 19 1.82 35.99 -52.23
CA VAL GA 19 0.43 36.28 -52.55
C VAL GA 19 0.16 35.83 -53.98
N LYS GA 20 -0.89 35.01 -54.14
CA LYS GA 20 -1.19 34.43 -55.44
C LYS GA 20 -1.62 35.50 -56.44
N GLU GA 21 -2.53 36.38 -55.99
CA GLU GA 21 -3.08 37.55 -56.66
C GLU GA 21 -4.05 37.21 -57.79
N ARG GA 22 -3.94 36.01 -58.36
CA ARG GA 22 -4.94 35.40 -59.27
C ARG GA 22 -5.49 36.47 -60.20
N SER GA 23 -6.81 36.57 -60.39
CA SER GA 23 -7.38 37.61 -61.23
C SER GA 23 -7.36 38.96 -60.52
N ALA GA 24 -7.31 40.03 -61.30
CA ALA GA 24 -7.32 41.38 -60.74
C ALA GA 24 -8.64 41.67 -60.05
N ARG GA 25 -8.56 42.34 -58.90
CA ARG GA 25 -9.73 42.67 -58.11
C ARG GA 25 -10.29 44.05 -58.45
N GLY GA 26 -9.43 45.07 -58.46
CA GLY GA 26 -9.88 46.43 -58.69
C GLY GA 26 -9.27 47.08 -59.91
N ILE GA 27 -10.11 47.37 -60.91
CA ILE GA 27 -9.66 47.99 -62.14
C ILE GA 27 -10.86 48.64 -62.81
N ILE GA 28 -10.66 49.84 -63.33
CA ILE GA 28 -11.74 50.66 -63.87
C ILE GA 28 -11.46 50.93 -65.34
N ALA GA 29 -12.53 50.94 -66.14
CA ALA GA 29 -12.46 51.33 -67.55
C ALA GA 29 -13.46 52.44 -67.80
N MET GA 30 -13.04 53.45 -68.57
CA MET GA 30 -13.90 54.58 -68.90
C MET GA 30 -13.62 55.02 -70.32
N VAL GA 31 -14.67 55.31 -71.07
CA VAL GA 31 -14.56 55.81 -72.44
C VAL GA 31 -15.21 57.20 -72.50
N LEU GA 32 -14.55 58.11 -73.21
CA LEU GA 32 -15.00 59.48 -73.36
C LEU GA 32 -14.56 59.96 -74.74
N LYS GA 33 -15.36 60.85 -75.34
CA LYS GA 33 -15.13 61.24 -76.73
C LYS GA 33 -14.58 62.66 -76.81
N ASP GA 34 -13.39 62.80 -77.38
CA ASP GA 34 -12.77 64.09 -77.65
C ASP GA 34 -11.71 63.90 -78.73
N ALA GA 35 -11.26 65.03 -79.28
CA ALA GA 35 -10.38 64.99 -80.45
C ALA GA 35 -8.97 64.51 -80.11
N LYS GA 36 -8.44 64.93 -78.96
CA LYS GA 36 -7.02 64.76 -78.69
C LYS GA 36 -6.71 63.44 -77.99
N ALA GA 37 -5.41 63.12 -77.92
CA ALA GA 37 -4.90 61.99 -77.13
C ALA GA 37 -5.51 60.66 -77.58
N LEU GA 38 -5.63 60.48 -78.90
CA LEU GA 38 -6.36 59.33 -79.44
C LEU GA 38 -5.72 58.02 -78.98
N GLY GA 39 -6.56 57.07 -78.58
CA GLY GA 39 -6.12 55.77 -78.11
C GLY GA 39 -6.18 55.65 -76.60
N LEU GA 40 -5.78 54.48 -76.12
CA LEU GA 40 -5.76 54.22 -74.68
C LEU GA 40 -4.70 55.06 -74.00
N ASN GA 41 -5.08 55.66 -72.87
CA ASN GA 41 -4.16 56.37 -71.98
C ASN GA 41 -4.47 55.92 -70.56
N GLU GA 42 -3.82 54.85 -70.12
CA GLU GA 42 -4.00 54.38 -68.75
C GLU GA 42 -3.37 55.38 -67.78
N ILE GA 43 -4.11 55.72 -66.74
CA ILE GA 43 -3.69 56.73 -65.77
C ILE GA 43 -3.27 56.01 -64.49
N HIS GA 44 -1.98 56.09 -64.17
CA HIS GA 44 -1.46 55.44 -62.98
C HIS GA 44 -1.86 56.19 -61.72
N GLU GA 45 -1.86 57.52 -61.76
CA GLU GA 45 -2.14 58.33 -60.58
C GLU GA 45 -2.65 59.70 -61.03
N LYS GA 46 -2.98 60.54 -60.06
CA LYS GA 46 -3.61 61.81 -60.36
C LYS GA 46 -2.64 62.81 -60.96
N GLU GA 47 -1.36 62.78 -60.56
CA GLU GA 47 -0.43 63.84 -60.92
C GLU GA 47 -0.20 63.91 -62.43
N ASP GA 48 -0.15 62.76 -63.09
CA ASP GA 48 0.15 62.71 -64.53
C ASP GA 48 -1.17 62.59 -65.29
N ILE GA 49 -1.62 63.71 -65.86
CA ILE GA 49 -2.78 63.74 -66.75
C ILE GA 49 -2.33 64.40 -68.05
N PRO GA 50 -2.56 63.76 -69.21
CA PRO GA 50 -2.17 64.39 -70.47
C PRO GA 50 -2.90 65.71 -70.68
N VAL GA 51 -2.13 66.75 -71.05
CA VAL GA 51 -2.68 68.09 -71.16
C VAL GA 51 -3.60 68.24 -72.36
N ASP GA 52 -3.46 67.38 -73.36
CA ASP GA 52 -4.29 67.50 -74.56
C ASP GA 52 -5.76 67.22 -74.27
N LEU GA 53 -6.08 66.59 -73.14
CA LEU GA 53 -7.47 66.38 -72.78
C LEU GA 53 -8.16 67.72 -72.51
N SER GA 54 -9.45 67.78 -72.83
CA SER GA 54 -10.22 69.00 -72.65
C SER GA 54 -10.55 69.21 -71.16
N ALA GA 55 -11.03 70.42 -70.85
CA ALA GA 55 -11.34 70.77 -69.48
C ALA GA 55 -12.48 69.91 -68.93
N GLU GA 56 -13.54 69.73 -69.71
CA GLU GA 56 -14.65 68.90 -69.26
C GLU GA 56 -14.21 67.46 -69.05
N ASN GA 57 -13.38 66.94 -69.96
CA ASN GA 57 -12.82 65.61 -69.77
C ASN GA 57 -11.94 65.55 -68.53
N LYS GA 58 -11.22 66.64 -68.23
CA LYS GA 58 -10.41 66.68 -67.01
C LYS GA 58 -11.29 66.60 -65.78
N GLU GA 59 -12.43 67.31 -65.78
CA GLU GA 59 -13.36 67.23 -64.66
C GLU GA 59 -13.94 65.83 -64.53
N TYR GA 60 -14.21 65.17 -65.67
CA TYR GA 60 -14.69 63.80 -65.63
C TYR GA 60 -13.64 62.86 -65.03
N ILE GA 61 -12.37 63.05 -65.40
CA ILE GA 61 -11.28 62.30 -64.78
C ILE GA 61 -11.27 62.54 -63.28
N ASN GA 62 -11.40 63.81 -62.87
CA ASN GA 62 -11.39 64.13 -61.45
C ASN GA 62 -12.53 63.44 -60.71
N LEU GA 63 -13.73 63.43 -61.31
CA LEU GA 63 -14.84 62.71 -60.71
C LEU GA 63 -14.53 61.22 -60.58
N ALA GA 64 -13.92 60.64 -61.61
CA ALA GA 64 -13.58 59.23 -61.57
C ALA GA 64 -12.41 58.91 -60.66
N LEU GA 65 -11.68 59.93 -60.17
CA LEU GA 65 -10.44 59.66 -59.43
C LEU GA 65 -10.72 59.11 -58.03
N MET GA 66 -11.36 59.90 -57.18
CA MET GA 66 -11.43 59.55 -55.77
C MET GA 66 -12.26 58.29 -55.54
N GLY GA 67 -11.76 57.42 -54.67
CA GLY GA 67 -12.46 56.22 -54.28
C GLY GA 67 -13.09 56.35 -52.91
N ASN GA 68 -14.06 55.47 -52.63
CA ASN GA 68 -14.81 55.57 -51.38
C ASN GA 68 -13.91 55.39 -50.17
N VAL GA 69 -13.15 54.29 -50.15
CA VAL GA 69 -12.29 53.97 -49.02
C VAL GA 69 -10.82 53.98 -49.40
N ASN GA 70 -10.48 53.45 -50.57
CA ASN GA 70 -9.12 53.43 -51.05
C ASN GA 70 -9.08 53.95 -52.48
N THR GA 71 -7.92 54.47 -52.87
CA THR GA 71 -7.73 54.90 -54.24
C THR GA 71 -7.82 53.69 -55.16
N PRO GA 72 -8.35 53.86 -56.37
CA PRO GA 72 -8.47 52.73 -57.29
C PRO GA 72 -7.11 52.12 -57.60
N ASN GA 73 -7.09 50.78 -57.68
CA ASN GA 73 -5.84 50.08 -57.93
C ASN GA 73 -5.32 50.37 -59.33
N LYS GA 74 -6.19 50.26 -60.33
CA LYS GA 74 -5.80 50.47 -61.72
C LYS GA 74 -6.90 51.23 -62.43
N LEU GA 75 -6.52 52.19 -63.25
CA LEU GA 75 -7.46 52.95 -64.06
C LEU GA 75 -7.05 52.84 -65.52
N LEU GA 76 -7.97 52.36 -66.35
CA LEU GA 76 -7.76 52.27 -67.79
C LEU GA 76 -8.73 53.23 -68.46
N VAL GA 77 -8.20 54.17 -69.24
CA VAL GA 77 -9.00 55.18 -69.93
C VAL GA 77 -8.80 55.00 -71.42
N TYR GA 78 -9.90 54.87 -72.15
CA TYR GA 78 -9.86 54.81 -73.60
C TYR GA 78 -10.35 56.14 -74.16
N VAL GA 79 -9.55 56.73 -75.04
CA VAL GA 79 -9.91 57.98 -75.70
C VAL GA 79 -10.49 57.67 -77.07
N ILE GA 80 -11.75 58.05 -77.29
CA ILE GA 80 -12.43 57.86 -78.55
C ILE GA 80 -12.70 59.23 -79.14
N GLU GA 81 -12.72 59.32 -80.47
CA GLU GA 81 -12.92 60.61 -81.11
C GLU GA 81 -14.33 61.12 -80.84
N GLY GA 82 -14.47 62.43 -80.92
CA GLY GA 82 -15.75 63.05 -80.61
C GLY GA 82 -16.88 62.55 -81.49
N GLU GA 83 -16.62 62.38 -82.78
CA GLU GA 83 -17.60 61.87 -83.72
C GLU GA 83 -17.48 60.37 -83.92
N ALA GA 84 -16.52 59.74 -83.25
CA ALA GA 84 -16.16 58.36 -83.55
C ALA GA 84 -17.30 57.40 -83.24
N ASP GA 85 -17.29 56.28 -83.97
CA ASP GA 85 -18.37 55.30 -83.87
C ASP GA 85 -18.43 54.70 -82.47
N ILE GA 86 -19.64 54.33 -82.05
CA ILE GA 86 -19.85 53.73 -80.75
C ILE GA 86 -19.11 52.40 -80.64
N GLN GA 87 -19.06 51.64 -81.73
CA GLN GA 87 -18.68 50.23 -81.64
C GLN GA 87 -17.19 50.04 -81.36
N THR GA 88 -16.32 50.82 -82.00
CA THR GA 88 -14.90 50.47 -82.07
C THR GA 88 -14.24 50.45 -80.69
N ALA GA 89 -14.58 51.41 -79.84
CA ALA GA 89 -13.99 51.49 -78.51
C ALA GA 89 -14.24 50.21 -77.73
N LEU GA 90 -15.48 49.75 -77.78
CA LEU GA 90 -15.88 48.53 -77.07
C LEU GA 90 -15.07 47.34 -77.53
N ASP GA 91 -15.02 47.14 -78.85
CA ASP GA 91 -14.27 46.03 -79.41
C ASP GA 91 -12.81 46.08 -79.00
N PHE GA 92 -12.21 47.28 -79.01
CA PHE GA 92 -10.83 47.39 -78.57
C PHE GA 92 -10.68 47.01 -77.10
N LEU GA 93 -11.61 47.47 -76.27
CA LEU GA 93 -11.54 47.16 -74.84
C LEU GA 93 -11.70 45.67 -74.58
N GLU GA 94 -12.44 44.97 -75.45
CA GLU GA 94 -12.61 43.52 -75.30
C GLU GA 94 -11.28 42.79 -75.08
N THR GA 95 -10.23 43.21 -75.79
CA THR GA 95 -8.92 42.57 -75.62
C THR GA 95 -8.42 42.71 -74.19
N LYS GA 96 -8.51 43.90 -73.63
CA LYS GA 96 -8.09 44.14 -72.26
C LYS GA 96 -9.09 43.54 -71.28
N GLU GA 97 -8.61 43.28 -70.06
CA GLU GA 97 -9.48 42.85 -68.97
C GLU GA 97 -9.76 44.03 -68.05
N PHE GA 98 -11.00 44.13 -67.61
CA PHE GA 98 -11.42 45.21 -66.71
C PHE GA 98 -12.59 44.73 -65.87
N ASN GA 99 -12.87 45.47 -64.81
CA ASN GA 99 -13.94 45.12 -63.89
C ASN GA 99 -15.18 46.00 -64.03
N TYR GA 100 -15.00 47.32 -64.10
CA TYR GA 100 -16.11 48.26 -64.17
C TYR GA 100 -15.95 49.17 -65.38
N LEU GA 101 -17.08 49.52 -66.00
CA LEU GA 101 -17.11 50.43 -67.13
C LEU GA 101 -18.10 51.55 -66.87
N CYS GA 102 -17.67 52.79 -67.10
CA CYS GA 102 -18.53 53.96 -66.99
C CYS GA 102 -18.30 54.85 -68.21
N MET GA 103 -19.39 55.32 -68.81
CA MET GA 103 -19.31 56.21 -69.97
C MET GA 103 -19.94 57.53 -69.56
N PRO GA 104 -19.13 58.56 -69.24
CA PRO GA 104 -19.68 59.76 -68.60
C PRO GA 104 -20.72 60.51 -69.41
N LYS GA 105 -20.62 60.53 -70.75
CA LYS GA 105 -21.68 61.12 -71.55
C LYS GA 105 -23.00 60.40 -71.33
N ALA GA 106 -22.96 59.06 -71.27
CA ALA GA 106 -24.14 58.24 -71.07
C ALA GA 106 -25.26 58.61 -72.03
N VAL GA 107 -24.89 58.82 -73.30
CA VAL GA 107 -25.88 59.15 -74.32
C VAL GA 107 -26.84 57.98 -74.50
N GLU GA 108 -28.11 58.32 -74.78
CA GLU GA 108 -29.14 57.30 -74.91
C GLU GA 108 -28.84 56.33 -76.04
N ALA GA 109 -28.06 56.76 -77.03
CA ALA GA 109 -27.66 55.85 -78.10
C ALA GA 109 -26.75 54.74 -77.57
N ASP GA 110 -25.82 55.08 -76.68
CA ASP GA 110 -24.83 54.13 -76.20
C ASP GA 110 -25.41 53.09 -75.24
N LYS GA 111 -26.53 53.40 -74.58
CA LYS GA 111 -27.02 52.54 -73.51
C LYS GA 111 -27.42 51.16 -74.04
N THR GA 112 -28.10 51.12 -75.20
CA THR GA 112 -28.58 49.84 -75.72
C THR GA 112 -27.41 48.95 -76.11
N ALA GA 113 -26.44 49.49 -76.85
CA ALA GA 113 -25.29 48.71 -77.27
C ALA GA 113 -24.46 48.25 -76.08
N ILE GA 114 -24.26 49.13 -75.10
CA ILE GA 114 -23.49 48.74 -73.92
C ILE GA 114 -24.19 47.61 -73.18
N LYS GA 115 -25.50 47.74 -72.99
CA LYS GA 115 -26.26 46.69 -72.30
C LYS GA 115 -26.16 45.36 -73.05
N ASN GA 116 -26.36 45.40 -74.37
CA ASN GA 116 -26.33 44.17 -75.16
C ASN GA 116 -24.96 43.53 -75.13
N TRP GA 117 -23.90 44.34 -75.22
CA TRP GA 117 -22.55 43.81 -75.21
C TRP GA 117 -22.23 43.19 -73.85
N ILE GA 118 -22.64 43.85 -72.76
CA ILE GA 118 -22.43 43.31 -71.43
C ILE GA 118 -23.13 41.97 -71.29
N ILE GA 119 -24.38 41.90 -71.75
CA ILE GA 119 -25.12 40.64 -71.70
C ILE GA 119 -24.41 39.57 -72.52
N LYS GA 120 -23.91 39.94 -73.71
CA LYS GA 120 -23.27 38.97 -74.58
C LYS GA 120 -22.01 38.38 -73.95
N LEU GA 121 -21.18 39.22 -73.34
CA LEU GA 121 -20.02 38.66 -72.63
C LEU GA 121 -20.45 37.82 -71.44
N ARG GA 122 -21.39 38.34 -70.63
CA ARG GA 122 -21.70 37.69 -69.37
C ARG GA 122 -22.39 36.35 -69.58
N ASP GA 123 -23.08 36.17 -70.70
CA ASP GA 123 -23.77 34.92 -70.97
C ASP GA 123 -23.01 34.05 -71.98
N ILE GA 124 -22.73 34.59 -73.17
CA ILE GA 124 -22.17 33.76 -74.25
C ILE GA 124 -20.72 33.43 -73.97
N ASP GA 125 -19.91 34.44 -73.66
CA ASP GA 125 -18.46 34.24 -73.52
C ASP GA 125 -18.04 33.96 -72.08
N LYS GA 126 -18.99 33.92 -71.14
CA LYS GA 126 -18.69 33.62 -69.75
C LYS GA 126 -17.64 34.57 -69.17
N VAL GA 127 -17.76 35.85 -69.53
CA VAL GA 127 -16.87 36.90 -69.02
C VAL GA 127 -17.70 37.81 -68.12
N LYS GA 128 -17.30 37.91 -66.85
CA LYS GA 128 -18.04 38.66 -65.86
C LYS GA 128 -17.55 40.10 -65.86
N VAL GA 129 -18.38 41.02 -66.35
CA VAL GA 129 -18.07 42.44 -66.39
C VAL GA 129 -19.30 43.22 -65.97
N LYS GA 130 -19.07 44.47 -65.57
CA LYS GA 130 -20.14 45.33 -65.07
C LYS GA 130 -20.02 46.71 -65.70
N ALA GA 131 -21.17 47.30 -66.02
CA ALA GA 131 -21.24 48.64 -66.59
C ALA GA 131 -22.31 49.44 -65.87
N VAL GA 132 -22.04 50.72 -65.64
CA VAL GA 132 -22.92 51.61 -64.89
C VAL GA 132 -23.43 52.68 -65.85
N LEU GA 133 -24.75 52.79 -65.97
CA LEU GA 133 -25.37 53.77 -66.85
C LEU GA 133 -26.57 54.39 -66.14
N GLY GA 134 -26.93 55.58 -66.60
CA GLY GA 134 -27.94 56.38 -65.92
C GLY GA 134 -29.36 55.86 -65.97
N LYS GA 135 -29.98 55.89 -67.15
CA LYS GA 135 -31.41 55.63 -67.27
C LYS GA 135 -31.71 54.28 -67.91
N VAL GA 136 -30.76 53.34 -67.89
CA VAL GA 136 -31.02 52.01 -68.42
C VAL GA 136 -32.04 51.29 -67.55
N VAL GA 137 -32.99 50.62 -68.18
CA VAL GA 137 -34.02 49.89 -67.46
C VAL GA 137 -33.73 48.38 -67.40
N GLY GA 138 -32.81 47.88 -68.23
CA GLY GA 138 -32.47 46.48 -68.22
C GLY GA 138 -31.99 46.00 -66.86
N ASN GA 139 -32.69 45.01 -66.30
CA ASN GA 139 -32.46 44.57 -64.94
C ASN GA 139 -31.57 43.33 -64.86
N HIS GA 140 -30.67 43.15 -65.82
CA HIS GA 140 -29.70 42.08 -65.72
C HIS GA 140 -28.74 42.36 -64.58
N GLU GA 141 -28.26 41.28 -63.95
CA GLU GA 141 -27.38 41.43 -62.79
C GLU GA 141 -26.09 42.13 -63.16
N GLY GA 142 -25.63 42.00 -64.40
CA GLY GA 142 -24.42 42.70 -64.81
C GLY GA 142 -24.61 44.21 -64.89
N ILE GA 143 -25.80 44.65 -65.28
CA ILE GA 143 -26.06 46.08 -65.47
C ILE GA 143 -26.33 46.73 -64.12
N ILE GA 144 -25.59 47.80 -63.82
CA ILE GA 144 -25.85 48.65 -62.67
C ILE GA 144 -26.43 49.97 -63.19
N ASN GA 145 -27.55 50.38 -62.62
CA ASN GA 145 -28.26 51.56 -63.08
C ASN GA 145 -28.44 52.53 -61.91
N PHE GA 146 -28.17 53.81 -62.17
CA PHE GA 146 -28.13 54.84 -61.13
C PHE GA 146 -28.81 56.10 -61.64
N THR GA 147 -29.57 56.76 -60.77
CA THR GA 147 -30.32 57.96 -61.15
C THR GA 147 -30.32 58.96 -60.01
N THR GA 148 -29.85 60.17 -60.27
CA THR GA 148 -29.97 61.28 -59.33
C THR GA 148 -29.83 62.58 -60.11
N GLU GA 149 -30.85 63.44 -60.03
CA GLU GA 149 -30.93 64.61 -60.88
C GLU GA 149 -30.07 65.76 -60.36
N ASP GA 150 -29.65 66.61 -61.30
CA ASP GA 150 -29.08 67.94 -61.08
C ASP GA 150 -28.22 68.07 -59.84
N VAL GA 151 -27.30 67.13 -59.64
CA VAL GA 151 -26.42 67.17 -58.47
C VAL GA 151 -25.42 68.31 -58.64
N LEU GA 152 -25.32 69.16 -57.61
CA LEU GA 152 -24.40 70.30 -57.60
C LEU GA 152 -23.25 69.97 -56.66
N VAL GA 153 -22.06 69.83 -57.22
CA VAL GA 153 -20.85 69.51 -56.46
C VAL GA 153 -19.81 70.59 -56.72
N GLY GA 154 -19.22 71.12 -55.66
CA GLY GA 154 -18.18 72.11 -55.79
C GLY GA 154 -18.65 73.37 -56.49
N GLU GA 155 -19.71 73.98 -55.94
CA GLU GA 155 -20.31 75.23 -56.43
C GLU GA 155 -20.50 75.22 -57.95
N LYS GA 156 -20.73 74.05 -58.52
CA LYS GA 156 -21.04 73.94 -59.94
C LYS GA 156 -22.02 72.79 -60.13
N LYS GA 157 -22.84 72.88 -61.17
CA LYS GA 157 -23.89 71.90 -61.42
C LYS GA 157 -23.35 70.77 -62.27
N TYR GA 158 -23.63 69.53 -61.86
CA TYR GA 158 -23.28 68.34 -62.61
C TYR GA 158 -24.55 67.63 -63.06
N SER GA 159 -24.52 67.09 -64.27
CA SER GA 159 -25.65 66.30 -64.75
C SER GA 159 -25.58 64.88 -64.18
N VAL GA 160 -26.67 64.13 -64.39
CA VAL GA 160 -26.72 62.75 -63.93
C VAL GA 160 -25.64 61.93 -64.61
N ASP GA 161 -25.49 62.11 -65.92
CA ASP GA 161 -24.63 61.25 -66.71
C ASP GA 161 -23.17 61.39 -66.29
N GLU GA 162 -22.69 62.63 -66.12
CA GLU GA 162 -21.31 62.81 -65.69
C GLU GA 162 -21.11 62.38 -64.24
N PHE GA 163 -22.16 62.47 -63.43
CA PHE GA 163 -22.06 62.02 -62.04
C PHE GA 163 -22.04 60.49 -61.95
N THR GA 164 -22.43 59.82 -63.03
CA THR GA 164 -22.39 58.38 -63.08
C THR GA 164 -20.94 57.95 -62.94
N SER GA 165 -20.02 58.74 -63.50
CA SER GA 165 -18.60 58.43 -63.40
C SER GA 165 -18.12 58.46 -61.96
N ARG GA 166 -18.52 59.49 -61.20
CA ARG GA 166 -18.16 59.55 -59.80
C ARG GA 166 -18.77 58.39 -59.03
N VAL GA 167 -20.00 58.02 -59.37
CA VAL GA 167 -20.64 56.87 -58.71
C VAL GA 167 -19.86 55.59 -58.98
N ALA GA 168 -19.45 55.39 -60.24
CA ALA GA 168 -18.69 54.20 -60.58
C ALA GA 168 -17.35 54.16 -59.87
N GLY GA 169 -16.68 55.30 -59.78
CA GLY GA 169 -15.43 55.36 -59.01
C GLY GA 169 -15.66 55.05 -57.55
N LEU GA 170 -16.76 55.56 -56.98
CA LEU GA 170 -17.11 55.27 -55.60
C LEU GA 170 -17.30 53.78 -55.38
N ILE GA 171 -18.01 53.13 -56.31
CA ILE GA 171 -18.22 51.69 -56.21
C ILE GA 171 -16.90 50.95 -56.30
N ALA GA 172 -16.04 51.36 -57.25
CA ALA GA 172 -14.80 50.63 -57.48
C ALA GA 172 -13.82 50.77 -56.33
N GLY GA 173 -13.81 51.91 -55.65
CA GLY GA 173 -12.87 52.11 -54.56
C GLY GA 173 -13.08 51.17 -53.39
N THR GA 174 -14.33 50.81 -53.13
CA THR GA 174 -14.66 50.05 -51.93
C THR GA 174 -14.07 48.63 -51.99
N PRO GA 175 -13.48 48.16 -50.90
CA PRO GA 175 -12.98 46.78 -50.87
C PRO GA 175 -14.13 45.77 -50.87
N LEU GA 176 -13.77 44.53 -51.21
CA LEU GA 176 -14.77 43.47 -51.31
C LEU GA 176 -15.36 43.11 -49.95
N SER GA 177 -14.58 43.26 -48.87
CA SER GA 177 -15.04 42.83 -47.56
C SER GA 177 -16.29 43.58 -47.12
N GLN GA 178 -16.32 44.90 -47.32
CA GLN GA 178 -17.46 45.71 -46.98
C GLN GA 178 -18.22 46.11 -48.25
N SER GA 179 -19.31 46.84 -48.08
CA SER GA 179 -20.18 47.21 -49.18
C SER GA 179 -20.35 48.73 -49.22
N VAL GA 180 -20.74 49.22 -50.40
CA VAL GA 180 -20.92 50.65 -50.64
C VAL GA 180 -22.24 51.10 -50.01
N THR GA 181 -23.00 50.16 -49.47
CA THR GA 181 -24.32 50.48 -48.94
C THR GA 181 -24.22 51.46 -47.79
N TYR GA 182 -24.90 52.60 -47.93
CA TYR GA 182 -25.05 53.58 -46.86
C TYR GA 182 -23.69 54.09 -46.37
N THR GA 183 -22.99 54.75 -47.27
CA THR GA 183 -21.70 55.35 -46.99
C THR GA 183 -21.75 56.85 -47.27
N LYS GA 184 -20.93 57.60 -46.54
CA LYS GA 184 -20.93 59.06 -46.63
C LYS GA 184 -19.83 59.55 -47.57
N LEU GA 185 -20.20 60.43 -48.49
CA LEU GA 185 -19.26 61.10 -49.38
C LEU GA 185 -19.36 62.60 -49.14
N SER GA 186 -18.22 63.23 -48.88
CA SER GA 186 -18.20 64.63 -48.47
C SER GA 186 -18.12 65.61 -49.63
N ASP GA 187 -17.77 65.16 -50.83
CA ASP GA 187 -17.60 66.07 -51.96
C ASP GA 187 -18.92 66.70 -52.37
N VAL GA 188 -20.00 65.96 -52.30
CA VAL GA 188 -21.31 66.44 -52.75
C VAL GA 188 -21.86 67.36 -51.66
N VAL GA 189 -21.77 68.66 -51.88
CA VAL GA 189 -22.20 69.63 -50.87
C VAL GA 189 -23.72 69.70 -50.79
N ASP GA 190 -24.41 69.62 -51.93
CA ASP GA 190 -25.85 69.86 -51.98
C ASP GA 190 -26.49 68.86 -52.92
N ILE GA 191 -27.74 68.50 -52.61
CA ILE GA 191 -28.52 67.57 -53.44
C ILE GA 191 -29.94 68.11 -53.57
N PRO GA 192 -30.63 67.73 -54.64
CA PRO GA 192 -32.05 68.09 -54.75
C PRO GA 192 -32.87 67.47 -53.62
N LYS GA 193 -33.85 68.24 -53.14
CA LYS GA 193 -34.70 67.79 -52.06
C LYS GA 193 -35.66 66.72 -52.55
N MET GA 194 -35.80 65.65 -51.75
CA MET GA 194 -36.70 64.56 -52.09
C MET GA 194 -37.02 63.78 -50.82
N THR GA 195 -38.28 63.41 -50.65
CA THR GA 195 -38.75 62.82 -49.41
C THR GA 195 -38.31 61.36 -49.30
N LYS GA 196 -38.51 60.81 -48.10
CA LYS GA 196 -38.14 59.42 -47.84
C LYS GA 196 -39.05 58.45 -48.60
N VAL GA 197 -40.35 58.77 -48.70
CA VAL GA 197 -41.27 57.88 -49.38
C VAL GA 197 -40.92 57.75 -50.86
N ASP GA 198 -40.51 58.86 -51.49
CA ASP GA 198 -40.08 58.80 -52.88
C ASP GA 198 -38.84 57.92 -53.03
N ALA GA 199 -37.89 58.05 -52.11
CA ALA GA 199 -36.70 57.21 -52.16
C ALA GA 199 -37.05 55.74 -52.02
N GLU GA 200 -37.96 55.41 -51.10
CA GLU GA 200 -38.38 54.02 -50.93
C GLU GA 200 -39.05 53.50 -52.19
N SER GA 201 -39.94 54.31 -52.79
CA SER GA 201 -40.64 53.88 -53.99
C SER GA 201 -39.67 53.64 -55.13
N ARG GA 202 -38.64 54.48 -55.25
CA ARG GA 202 -37.66 54.29 -56.32
C ARG GA 202 -36.78 53.08 -56.05
N VAL GA 203 -36.31 52.91 -54.81
CA VAL GA 203 -35.39 51.82 -54.52
C VAL GA 203 -36.08 50.46 -54.63
N ASN GA 204 -37.36 50.39 -54.22
CA ASN GA 204 -38.06 49.11 -54.24
C ASN GA 204 -38.17 48.55 -55.65
N LYS GA 205 -38.21 49.41 -56.67
CA LYS GA 205 -38.33 48.96 -58.04
C LYS GA 205 -37.18 49.41 -58.92
N GLY GA 206 -36.79 50.68 -58.86
CA GLY GA 206 -35.88 51.28 -59.81
C GLY GA 206 -34.44 51.30 -59.33
N GLU GA 207 -33.73 52.34 -59.75
CA GLU GA 207 -32.29 52.46 -59.58
C GLU GA 207 -31.94 52.89 -58.15
N LEU GA 208 -30.68 52.68 -57.80
CA LEU GA 208 -30.17 53.21 -56.53
C LEU GA 208 -30.00 54.72 -56.64
N ILE GA 209 -30.35 55.42 -55.56
CA ILE GA 209 -30.41 56.86 -55.55
C ILE GA 209 -29.75 57.39 -54.28
N LEU GA 210 -29.49 58.70 -54.27
CA LEU GA 210 -28.89 59.36 -53.13
C LEU GA 210 -29.98 59.94 -52.23
N ILE GA 211 -29.77 59.83 -50.91
CA ILE GA 211 -30.68 60.37 -49.92
C ILE GA 211 -29.87 61.07 -48.85
N LYS GA 212 -30.53 61.96 -48.11
CA LYS GA 212 -29.92 62.69 -47.00
C LYS GA 212 -30.63 62.32 -45.71
N GLU GA 213 -29.86 61.92 -44.71
CA GLU GA 213 -30.39 61.59 -43.39
C GLU GA 213 -29.30 61.78 -42.36
N ALA GA 214 -29.70 62.16 -41.16
CA ALA GA 214 -28.81 62.34 -39.99
C ALA GA 214 -27.74 63.37 -40.39
N GLY GA 215 -26.48 63.13 -40.02
CA GLY GA 215 -25.48 64.17 -40.17
C GLY GA 215 -25.16 64.53 -41.62
N ALA GA 216 -24.99 63.54 -42.47
CA ALA GA 216 -24.45 63.76 -43.80
C ALA GA 216 -25.28 63.05 -44.86
N ILE GA 217 -25.10 63.49 -46.11
CA ILE GA 217 -25.73 62.86 -47.25
C ILE GA 217 -25.01 61.56 -47.57
N ARG GA 218 -25.77 60.47 -47.68
CA ARG GA 218 -25.18 59.14 -47.77
C ARG GA 218 -25.94 58.30 -48.79
N ILE GA 219 -25.31 57.20 -49.19
CA ILE GA 219 -25.95 56.25 -50.09
C ILE GA 219 -27.16 55.62 -49.38
N ALA GA 220 -28.14 55.20 -50.17
CA ALA GA 220 -29.38 54.62 -49.64
C ALA GA 220 -29.58 53.24 -50.25
N ARG GA 221 -29.21 52.20 -49.48
CA ARG GA 221 -29.45 50.82 -49.85
C ARG GA 221 -28.90 50.52 -51.24
N GLY GA 222 -27.62 50.84 -51.44
CA GLY GA 222 -27.00 50.68 -52.73
C GLY GA 222 -27.05 49.26 -53.24
N VAL GA 223 -27.92 49.01 -54.22
CA VAL GA 223 -28.13 47.68 -54.78
C VAL GA 223 -28.34 47.78 -56.28
N ASN GA 224 -27.89 46.77 -56.99
CA ASN GA 224 -28.25 46.64 -58.40
C ASN GA 224 -29.75 46.38 -58.53
N SER GA 225 -30.32 46.88 -59.61
CA SER GA 225 -31.75 46.75 -59.86
C SER GA 225 -32.00 45.53 -60.75
N LEU GA 226 -32.50 44.45 -60.14
CA LEU GA 226 -32.92 43.24 -60.83
C LEU GA 226 -34.33 42.93 -60.32
N THR GA 227 -35.33 43.56 -60.93
CA THR GA 227 -36.68 43.47 -60.41
C THR GA 227 -37.36 42.14 -60.73
N GLU GA 228 -37.06 41.54 -61.89
CA GLU GA 228 -37.61 40.23 -62.19
C GLU GA 228 -36.99 39.18 -61.28
N LEU GA 229 -37.75 38.13 -61.01
CA LEU GA 229 -37.32 37.09 -60.09
C LEU GA 229 -37.42 35.73 -60.77
N THR GA 230 -36.35 34.95 -60.67
CA THR GA 230 -36.32 33.58 -61.18
C THR GA 230 -35.87 32.65 -60.06
N ALA GA 231 -36.29 31.39 -60.16
CA ALA GA 231 -35.98 30.41 -59.12
C ALA GA 231 -34.47 30.20 -59.01
N GLU GA 232 -33.76 30.17 -60.13
CA GLU GA 232 -32.33 29.90 -60.11
C GLU GA 232 -31.54 31.08 -59.56
N LYS GA 233 -31.87 32.29 -60.01
CA LYS GA 233 -31.10 33.46 -59.58
C LYS GA 233 -31.40 33.81 -58.12
N GLY GA 234 -32.68 33.82 -57.75
CA GLY GA 234 -33.08 34.13 -56.39
C GLY GA 234 -32.98 35.62 -56.08
N GLU GA 235 -33.27 35.94 -54.83
CA GLU GA 235 -33.22 37.33 -54.37
C GLU GA 235 -31.80 37.82 -54.16
N MET GA 236 -30.91 36.94 -53.70
CA MET GA 236 -29.55 37.36 -53.35
C MET GA 236 -28.79 37.94 -54.53
N PHE GA 237 -29.18 37.59 -55.76
CA PHE GA 237 -28.50 38.13 -56.93
C PHE GA 237 -28.74 39.62 -57.12
N GLN GA 238 -29.74 40.18 -56.44
CA GLN GA 238 -30.06 41.59 -56.61
C GLN GA 238 -29.07 42.49 -55.91
N LYS GA 239 -28.46 42.04 -54.82
CA LYS GA 239 -27.49 42.85 -54.10
C LYS GA 239 -26.19 42.94 -54.89
N ILE GA 240 -25.58 44.13 -54.88
CA ILE GA 240 -24.41 44.37 -55.71
C ILE GA 240 -23.19 43.62 -55.18
N LYS GA 241 -23.02 43.61 -53.85
CA LYS GA 241 -21.83 42.98 -53.29
C LYS GA 241 -21.80 41.48 -53.57
N ILE GA 242 -22.94 40.81 -53.46
CA ILE GA 242 -23.01 39.37 -53.67
C ILE GA 242 -22.62 39.04 -55.10
N VAL GA 243 -23.20 39.75 -56.07
CA VAL GA 243 -22.92 39.45 -57.46
C VAL GA 243 -21.49 39.80 -57.81
N ASP GA 244 -20.96 40.83 -57.15
CA ASP GA 244 -19.58 41.25 -57.36
C ASP GA 244 -18.65 40.13 -56.92
N THR GA 245 -18.90 39.58 -55.74
CA THR GA 245 -18.09 38.49 -55.20
C THR GA 245 -18.21 37.24 -56.08
N LEU GA 246 -19.43 36.94 -56.54
CA LEU GA 246 -19.62 35.79 -57.42
C LEU GA 246 -18.85 35.95 -58.72
N ASP GA 247 -18.86 37.16 -59.29
CA ASP GA 247 -18.12 37.40 -60.53
C ASP GA 247 -16.62 37.25 -60.32
N ILE GA 248 -16.11 37.76 -59.19
CA ILE GA 248 -14.69 37.60 -58.88
C ILE GA 248 -14.34 36.11 -58.77
N ILE GA 249 -15.18 35.36 -58.06
CA ILE GA 249 -14.94 33.92 -57.90
C ILE GA 249 -14.95 33.23 -59.25
N HIS GA 250 -15.92 33.57 -60.11
CA HIS GA 250 -16.03 32.91 -61.41
C HIS GA 250 -14.81 33.20 -62.27
N SER GA 251 -14.40 34.47 -62.35
CA SER GA 251 -13.24 34.79 -63.18
C SER GA 251 -11.98 34.13 -62.64
N ASP GA 252 -11.80 34.15 -61.32
CA ASP GA 252 -10.62 33.54 -60.73
C ASP GA 252 -10.59 32.03 -60.97
N ILE GA 253 -11.72 31.36 -60.79
CA ILE GA 253 -11.74 29.91 -61.01
C ILE GA 253 -11.56 29.60 -62.49
N ARG GA 254 -12.05 30.49 -63.38
CA ARG GA 254 -11.80 30.30 -64.80
C ARG GA 254 -10.32 30.37 -65.11
N LYS GA 255 -9.62 31.34 -64.52
CA LYS GA 255 -8.18 31.42 -64.70
C LYS GA 255 -7.48 30.17 -64.18
N VAL GA 256 -7.87 29.72 -62.98
CA VAL GA 256 -7.22 28.55 -62.39
C VAL GA 256 -7.46 27.32 -63.26
N ILE GA 257 -8.68 27.16 -63.76
CA ILE GA 257 -9.00 26.03 -64.63
C ILE GA 257 -8.17 26.08 -65.91
N ILE GA 258 -8.18 27.24 -66.58
CA ILE GA 258 -7.51 27.34 -67.86
C ILE GA 258 -6.00 27.22 -67.72
N ASP GA 259 -5.46 27.45 -66.52
CA ASP GA 259 -4.02 27.30 -66.32
C ASP GA 259 -3.58 25.85 -66.49
N ASP GA 260 -4.25 24.92 -65.81
CA ASP GA 260 -3.69 23.58 -65.72
C ASP GA 260 -4.62 22.47 -66.18
N TYR GA 261 -5.91 22.54 -65.84
CA TYR GA 261 -6.80 21.40 -65.96
C TYR GA 261 -7.56 21.36 -67.28
N ILE GA 262 -6.96 21.82 -68.37
CA ILE GA 262 -7.58 21.70 -69.70
C ILE GA 262 -6.56 21.12 -70.66
N GLY GA 263 -6.94 20.05 -71.35
CA GLY GA 263 -6.11 19.45 -72.37
C GLY GA 263 -4.89 18.70 -71.86
N LYS GA 264 -4.48 19.01 -70.63
CA LYS GA 264 -3.25 18.43 -70.11
C LYS GA 264 -3.41 16.97 -69.72
N VAL GA 265 -4.53 16.61 -69.07
CA VAL GA 265 -4.73 15.26 -68.55
C VAL GA 265 -6.06 14.72 -69.02
N THR GA 266 -6.15 13.40 -69.09
CA THR GA 266 -7.38 12.73 -69.47
C THR GA 266 -8.43 12.90 -68.38
N ASN GA 267 -9.70 12.89 -68.78
CA ASN GA 267 -10.80 13.04 -67.83
C ASN GA 267 -11.29 11.66 -67.40
N SER GA 268 -11.20 11.39 -66.11
CA SER GA 268 -11.78 10.21 -65.49
C SER GA 268 -12.45 10.65 -64.19
N TYR GA 269 -13.17 9.71 -63.58
CA TYR GA 269 -13.86 10.05 -62.33
C TYR GA 269 -12.85 10.44 -61.26
N ASP GA 270 -11.69 9.78 -61.23
CA ASP GA 270 -10.64 10.15 -60.29
C ASP GA 270 -10.10 11.55 -60.58
N ASN GA 271 -9.91 11.88 -61.86
CA ASN GA 271 -9.46 13.21 -62.21
C ASN GA 271 -10.50 14.27 -61.82
N LYS GA 272 -11.78 13.95 -62.00
CA LYS GA 272 -12.84 14.84 -61.56
C LYS GA 272 -12.79 15.03 -60.05
N CYS GA 273 -12.52 13.96 -59.30
CA CYS GA 273 -12.40 14.09 -57.85
C CYS GA 273 -11.23 14.98 -57.47
N LEU GA 274 -10.10 14.83 -58.16
CA LEU GA 274 -8.96 15.69 -57.88
C LEU GA 274 -9.28 17.15 -58.17
N LEU GA 275 -9.99 17.40 -59.28
CA LEU GA 275 -10.40 18.77 -59.61
C LEU GA 275 -11.32 19.34 -58.53
N ILE GA 276 -12.26 18.53 -58.05
CA ILE GA 276 -13.15 18.97 -56.98
C ILE GA 276 -12.35 19.29 -55.72
N VAL GA 277 -11.35 18.48 -55.42
CA VAL GA 277 -10.53 18.74 -54.24
C VAL GA 277 -9.78 20.06 -54.39
N ALA GA 278 -9.23 20.33 -55.58
CA ALA GA 278 -8.52 21.58 -55.80
C ALA GA 278 -9.47 22.77 -55.62
N ILE GA 279 -10.66 22.69 -56.20
CA ILE GA 279 -11.63 23.78 -56.07
C ILE GA 279 -12.06 23.94 -54.62
N LYS GA 280 -12.19 22.84 -53.89
CA LYS GA 280 -12.54 22.89 -52.48
C LYS GA 280 -11.47 23.61 -51.67
N SER GA 281 -10.19 23.31 -51.96
CA SER GA 281 -9.11 24.00 -51.26
C SER GA 281 -9.12 25.49 -51.58
N TYR GA 282 -9.37 25.84 -52.84
CA TYR GA 282 -9.47 27.25 -53.20
C TYR GA 282 -10.61 27.94 -52.45
N LEU GA 283 -11.76 27.27 -52.35
CA LEU GA 283 -12.90 27.86 -51.64
C LEU GA 283 -12.59 28.00 -50.15
N GLU GA 284 -11.87 27.04 -49.58
CA GLU GA 284 -11.45 27.16 -48.18
C GLU GA 284 -10.54 28.37 -47.98
N GLU GA 285 -9.61 28.58 -48.92
CA GLU GA 285 -8.74 29.74 -48.83
C GLU GA 285 -9.53 31.04 -48.93
N LEU GA 286 -10.54 31.07 -49.81
CA LEU GA 286 -11.42 32.24 -49.88
C LEU GA 286 -12.16 32.44 -48.56
N GLU GA 287 -12.61 31.35 -47.94
CA GLU GA 287 -13.29 31.43 -46.66
C GLU GA 287 -12.36 32.01 -45.60
N LYS GA 288 -11.08 31.67 -45.64
CA LYS GA 288 -10.14 32.12 -44.63
C LYS GA 288 -10.15 33.64 -44.48
N SER GA 289 -10.39 34.37 -45.57
CA SER GA 289 -10.51 35.82 -45.54
C SER GA 289 -11.94 36.28 -45.29
N ALA GA 290 -12.85 35.35 -44.99
CA ALA GA 290 -14.24 35.68 -44.63
C ALA GA 290 -14.99 36.37 -45.75
N LEU GA 291 -14.61 36.09 -47.01
CA LEU GA 291 -15.37 36.62 -48.13
C LEU GA 291 -16.68 35.84 -48.33
N ILE GA 292 -16.66 34.53 -48.09
CA ILE GA 292 -17.82 33.69 -48.28
C ILE GA 292 -18.06 32.87 -47.02
N GLU GA 293 -19.04 31.97 -47.06
CA GLU GA 293 -19.31 31.08 -45.94
C GLU GA 293 -18.32 29.91 -45.96
N SER GA 294 -18.12 29.31 -44.78
CA SER GA 294 -17.11 28.27 -44.61
C SER GA 294 -17.53 26.94 -45.23
N ASP GA 295 -18.80 26.56 -45.07
CA ASP GA 295 -19.26 25.20 -45.36
C ASP GA 295 -19.78 25.03 -46.79
N SER GA 296 -19.25 25.78 -47.74
CA SER GA 296 -19.64 25.61 -49.13
C SER GA 296 -19.23 24.23 -49.64
N THR GA 297 -20.07 23.66 -50.49
CA THR GA 297 -19.85 22.32 -51.03
C THR GA 297 -19.90 22.34 -52.55
N VAL GA 298 -19.08 21.49 -53.16
CA VAL GA 298 -19.00 21.35 -54.61
C VAL GA 298 -19.16 19.88 -54.96
N GLU GA 299 -20.03 19.60 -55.93
CA GLU GA 299 -20.27 18.22 -56.35
C GLU GA 299 -20.63 18.21 -57.82
N ILE GA 300 -20.62 17.01 -58.41
CA ILE GA 300 -20.93 16.87 -59.82
C ILE GA 300 -22.37 17.28 -60.09
N ASP GA 301 -22.57 18.05 -61.15
CA ASP GA 301 -23.90 18.50 -61.54
C ASP GA 301 -24.67 17.33 -62.13
N PHE GA 302 -25.60 16.79 -61.35
CA PHE GA 302 -26.40 15.66 -61.83
C PHE GA 302 -27.31 16.07 -62.97
N GLU GA 303 -27.93 17.26 -62.87
CA GLU GA 303 -28.91 17.67 -63.87
C GLU GA 303 -28.26 17.91 -65.23
N ALA GA 304 -27.13 18.62 -65.24
CA ALA GA 304 -26.46 18.92 -66.51
C ALA GA 304 -25.96 17.64 -67.17
N GLN GA 305 -25.35 16.74 -66.39
CA GLN GA 305 -24.89 15.48 -66.96
C GLN GA 305 -26.06 14.64 -67.46
N LYS GA 306 -27.18 14.65 -66.73
CA LYS GA 306 -28.35 13.92 -67.20
C LYS GA 306 -28.83 14.46 -68.53
N SER GA 307 -28.86 15.79 -68.67
CA SER GA 307 -29.27 16.40 -69.94
C SER GA 307 -28.31 16.03 -71.06
N TYR GA 308 -27.00 16.08 -70.78
CA TYR GA 308 -26.02 15.74 -71.81
C TYR GA 308 -26.15 14.29 -72.25
N LEU GA 309 -26.30 13.38 -71.29
CA LEU GA 309 -26.49 11.96 -71.62
C LEU GA 309 -27.78 11.75 -72.40
N LYS GA 310 -28.83 12.50 -72.06
CA LYS GA 310 -30.06 12.43 -72.83
C LYS GA 310 -29.84 12.88 -74.27
N SER GA 311 -29.01 13.91 -74.46
CA SER GA 311 -28.71 14.38 -75.81
C SER GA 311 -27.97 13.32 -76.61
N LYS GA 312 -27.18 12.47 -75.95
CA LYS GA 312 -26.38 11.47 -76.65
C LYS GA 312 -27.18 10.23 -77.02
N GLY GA 313 -28.43 10.12 -76.59
CA GLY GA 313 -29.24 8.97 -76.94
C GLY GA 313 -29.01 7.75 -76.08
N VAL GA 314 -28.50 7.92 -74.86
CA VAL GA 314 -28.29 6.79 -73.97
C VAL GA 314 -29.61 6.17 -73.56
N ASP GA 315 -30.68 6.98 -73.43
CA ASP GA 315 -32.00 6.52 -73.02
C ASP GA 315 -31.94 5.90 -71.62
N LEU GA 316 -31.59 6.73 -70.66
CA LEU GA 316 -31.51 6.33 -69.25
C LEU GA 316 -32.84 6.49 -68.54
N SER GA 317 -33.89 5.91 -69.13
CA SER GA 317 -35.22 5.94 -68.50
C SER GA 317 -35.16 5.35 -67.10
N TYR GA 318 -34.44 4.24 -66.94
CA TYR GA 318 -34.05 3.72 -65.65
C TYR GA 318 -32.53 3.56 -65.65
N MET GA 319 -31.88 4.03 -64.58
CA MET GA 319 -30.44 3.94 -64.42
C MET GA 319 -30.09 4.37 -63.00
N THR GA 320 -29.05 3.77 -62.44
CA THR GA 320 -28.62 4.05 -61.08
C THR GA 320 -27.98 5.44 -61.00
N LEU GA 321 -28.24 6.13 -59.89
CA LEU GA 321 -27.71 7.47 -59.70
C LEU GA 321 -26.19 7.47 -59.68
N GLN GA 322 -25.58 6.52 -58.97
CA GLN GA 322 -24.13 6.46 -58.89
C GLN GA 322 -23.51 6.21 -60.25
N GLU GA 323 -24.16 5.37 -61.07
CA GLU GA 323 -23.67 5.13 -62.41
C GLU GA 323 -23.73 6.39 -63.27
N ILE GA 324 -24.80 7.18 -63.10
CA ILE GA 324 -24.90 8.44 -63.83
C ILE GA 324 -23.78 9.38 -63.41
N LYS GA 325 -23.52 9.48 -62.11
CA LYS GA 325 -22.48 10.37 -61.62
C LYS GA 325 -21.09 9.97 -62.10
N GLU GA 326 -20.90 8.70 -62.46
CA GLU GA 326 -19.61 8.23 -62.94
C GLU GA 326 -19.68 7.74 -64.38
N ALA GA 327 -20.70 8.16 -65.13
CA ALA GA 327 -20.85 7.70 -66.51
C ALA GA 327 -19.74 8.30 -67.39
N ASN GA 328 -19.69 7.83 -68.63
CA ASN GA 328 -18.68 8.26 -69.59
C ASN GA 328 -19.15 9.55 -70.26
N THR GA 329 -18.79 10.68 -69.67
CA THR GA 329 -19.17 11.97 -70.24
C THR GA 329 -18.44 12.23 -71.54
N GLY GA 330 -17.14 11.98 -71.58
CA GLY GA 330 -16.36 12.17 -72.79
C GLY GA 330 -15.44 13.38 -72.73
N SER GA 331 -15.66 14.34 -73.64
CA SER GA 331 -14.79 15.50 -73.73
C SER GA 331 -15.05 16.52 -72.62
N LYS GA 332 -16.30 16.64 -72.18
CA LYS GA 332 -16.69 17.69 -71.25
C LYS GA 332 -16.77 17.18 -69.82
N VAL GA 333 -16.71 18.13 -68.88
CA VAL GA 333 -16.89 17.86 -67.46
C VAL GA 333 -17.85 18.92 -66.92
N PHE GA 334 -18.86 18.48 -66.17
CA PHE GA 334 -19.88 19.36 -65.64
C PHE GA 334 -19.82 19.38 -64.12
N LEU GA 335 -19.83 20.58 -63.54
CA LEU GA 335 -19.74 20.75 -62.10
C LEU GA 335 -20.79 21.75 -61.63
N LYS GA 336 -21.24 21.59 -60.40
CA LYS GA 336 -22.16 22.51 -59.76
C LYS GA 336 -21.67 22.80 -58.34
N ALA GA 337 -21.70 24.07 -57.95
CA ALA GA 337 -21.24 24.48 -56.64
C ALA GA 337 -22.30 25.33 -55.97
N LYS GA 338 -22.53 25.08 -54.69
CA LYS GA 338 -23.41 25.91 -53.86
C LYS GA 338 -22.56 26.59 -52.79
N ILE GA 339 -22.63 27.92 -52.76
CA ILE GA 339 -21.87 28.71 -51.81
C ILE GA 339 -22.80 29.75 -51.21
N LYS GA 340 -22.38 30.31 -50.07
CA LYS GA 340 -23.14 31.36 -49.39
C LYS GA 340 -22.23 32.56 -49.24
N VAL GA 341 -22.73 33.74 -49.62
CA VAL GA 341 -21.96 34.97 -49.64
C VAL GA 341 -22.39 35.82 -48.46
N LEU GA 342 -21.44 36.20 -47.62
CA LEU GA 342 -21.73 37.04 -46.48
C LEU GA 342 -22.07 38.47 -46.94
N ASP GA 343 -23.05 39.06 -46.29
CA ASP GA 343 -23.51 40.40 -46.62
C ASP GA 343 -23.27 41.33 -45.43
N ALA GA 344 -22.85 42.55 -45.71
CA ALA GA 344 -22.66 43.53 -44.65
C ALA GA 344 -23.97 43.82 -43.95
N MET GA 345 -23.91 44.05 -42.64
CA MET GA 345 -25.11 44.35 -41.89
C MET GA 345 -25.74 45.65 -42.37
N GLU GA 346 -27.04 45.61 -42.63
CA GLU GA 346 -27.74 46.78 -43.17
C GLU GA 346 -28.98 47.12 -42.35
N ASP GA 347 -29.61 46.11 -41.75
CA ASP GA 347 -30.81 46.31 -40.96
C ASP GA 347 -30.67 45.58 -39.64
N ILE GA 348 -30.93 46.28 -38.54
CA ILE GA 348 -30.74 45.76 -37.20
C ILE GA 348 -32.02 45.96 -36.40
N ASP GA 349 -32.47 44.93 -35.70
CA ASP GA 349 -33.65 44.98 -34.86
C ASP GA 349 -33.25 44.67 -33.43
N LEU GA 350 -33.77 45.45 -32.48
CA LEU GA 350 -33.42 45.28 -31.07
C LEU GA 350 -34.61 45.63 -30.22
N SER GA 351 -34.92 44.79 -29.25
CA SER GA 351 -36.05 44.98 -28.35
C SER GA 351 -35.58 44.95 -26.90
N ILE GA 352 -36.13 45.86 -26.09
CA ILE GA 352 -35.75 46.02 -24.70
C ILE GA 352 -36.99 45.95 -23.82
N GLU GA 353 -36.90 45.22 -22.71
CA GLU GA 353 -37.96 45.14 -21.73
C GLU GA 353 -37.58 45.95 -20.50
N ILE GA 354 -38.48 46.82 -20.06
CA ILE GA 354 -38.23 47.66 -18.90
C ILE GA 354 -38.23 46.83 -17.63
N MET HA 1 -9.46 -16.95 -68.18
CA MET HA 1 -8.85 -17.42 -66.95
C MET HA 1 -8.12 -18.73 -67.18
N LEU HA 2 -8.35 -19.69 -66.29
CA LEU HA 2 -7.80 -21.04 -66.38
C LEU HA 2 -8.94 -21.97 -66.75
N LYS HA 3 -9.05 -22.28 -68.04
CA LYS HA 3 -10.16 -23.09 -68.53
C LYS HA 3 -10.08 -24.52 -67.99
N TYR HA 4 -11.25 -25.11 -67.76
CA TYR HA 4 -11.32 -26.47 -67.24
C TYR HA 4 -10.83 -27.49 -68.26
N LYS HA 5 -11.07 -27.21 -69.55
CA LYS HA 5 -10.66 -28.14 -70.59
C LYS HA 5 -9.15 -28.40 -70.53
N GLU HA 6 -8.37 -27.38 -70.20
CA GLU HA 6 -6.92 -27.57 -70.13
C GLU HA 6 -6.55 -28.56 -69.03
N ILE HA 7 -7.17 -28.44 -67.87
CA ILE HA 7 -6.91 -29.36 -66.77
C ILE HA 7 -7.31 -30.77 -67.16
N LEU HA 8 -8.51 -30.91 -67.76
CA LEU HA 8 -8.99 -32.23 -68.14
C LEU HA 8 -8.06 -32.87 -69.17
N GLU HA 9 -7.63 -32.09 -70.16
CA GLU HA 9 -6.73 -32.62 -71.19
C GLU HA 9 -5.39 -33.00 -70.60
N THR HA 10 -4.88 -32.22 -69.64
CA THR HA 10 -3.62 -32.58 -68.99
C THR HA 10 -3.74 -33.91 -68.28
N ILE HA 11 -4.84 -34.12 -67.56
CA ILE HA 11 -5.02 -35.39 -66.85
C ILE HA 11 -5.13 -36.54 -67.84
N ILE HA 12 -5.89 -36.34 -68.92
CA ILE HA 12 -6.02 -37.39 -69.94
C ILE HA 12 -4.66 -37.70 -70.56
N GLU HA 13 -3.84 -36.67 -70.79
CA GLU HA 13 -2.53 -36.89 -71.36
C GLU HA 13 -1.65 -37.72 -70.44
N ILE HA 14 -1.67 -37.39 -69.13
CA ILE HA 14 -0.88 -38.17 -68.18
C ILE HA 14 -1.32 -39.63 -68.18
N LEU HA 15 -2.64 -39.86 -68.10
CA LEU HA 15 -3.13 -41.23 -68.06
C LEU HA 15 -2.85 -41.96 -69.36
N LYS HA 16 -2.86 -41.26 -70.49
CA LYS HA 16 -2.54 -41.89 -71.77
C LYS HA 16 -1.07 -42.29 -71.84
N LYS HA 17 -0.18 -41.44 -71.32
CA LYS HA 17 1.23 -41.81 -71.29
C LYS HA 17 1.47 -43.02 -70.40
N ASN HA 18 0.83 -43.06 -69.23
CA ASN HA 18 1.20 -44.09 -68.26
C ASN HA 18 0.55 -45.44 -68.56
N PHE HA 19 -0.73 -45.47 -68.92
CA PHE HA 19 -1.48 -46.70 -69.05
C PHE HA 19 -1.88 -46.97 -70.50
N THR HA 20 -1.86 -48.25 -70.87
CA THR HA 20 -2.18 -48.66 -72.24
C THR HA 20 -3.67 -48.71 -72.49
N GLU HA 21 -4.48 -48.97 -71.47
CA GLU HA 21 -5.92 -49.10 -71.66
C GLU HA 21 -6.51 -47.77 -72.10
N SER HA 22 -7.62 -47.84 -72.84
CA SER HA 22 -8.24 -46.64 -73.38
C SER HA 22 -8.89 -45.82 -72.27
N ILE HA 23 -9.00 -44.52 -72.52
CA ILE HA 23 -9.61 -43.58 -71.58
C ILE HA 23 -10.79 -42.92 -72.30
N PHE HA 24 -11.95 -42.92 -71.66
CA PHE HA 24 -13.16 -42.38 -72.25
C PHE HA 24 -13.79 -41.38 -71.31
N ILE HA 25 -14.55 -40.44 -71.89
CA ILE HA 25 -15.24 -39.43 -71.12
C ILE HA 25 -16.76 -39.61 -71.15
N ASP HA 26 -17.32 -40.14 -72.23
CA ASP HA 26 -18.75 -40.30 -72.37
C ASP HA 26 -19.19 -41.73 -72.04
N ASP HA 27 -20.48 -41.86 -71.72
CA ASP HA 27 -21.00 -43.11 -71.18
C ASP HA 27 -21.14 -44.18 -72.26
N GLU HA 28 -21.46 -43.78 -73.49
CA GLU HA 28 -21.63 -44.76 -74.55
C GLU HA 28 -20.35 -45.53 -74.82
N SER HA 29 -19.19 -44.88 -74.68
CA SER HA 29 -17.93 -45.58 -74.92
C SER HA 29 -17.68 -46.63 -73.86
N VAL HA 30 -17.90 -46.29 -72.59
CA VAL HA 30 -17.63 -47.25 -71.53
C VAL HA 30 -18.63 -48.40 -71.58
N GLN HA 31 -19.85 -48.14 -72.05
CA GLN HA 31 -20.77 -49.26 -72.28
C GLN HA 31 -20.34 -50.12 -73.46
N GLY HA 32 -19.86 -49.49 -74.53
CA GLY HA 32 -19.52 -50.23 -75.74
C GLY HA 32 -18.17 -50.90 -75.71
N SER HA 33 -17.25 -50.44 -74.86
CA SER HA 33 -15.92 -51.01 -74.82
C SER HA 33 -15.97 -52.48 -74.42
N GLU HA 34 -15.15 -53.29 -75.06
CA GLU HA 34 -15.09 -54.72 -74.80
C GLU HA 34 -14.09 -55.10 -73.73
N GLY HA 35 -13.31 -54.15 -73.22
CA GLY HA 35 -12.34 -54.41 -72.17
C GLY HA 35 -12.39 -53.34 -71.11
N SER HA 36 -11.50 -53.48 -70.13
CA SER HA 36 -11.41 -52.49 -69.07
C SER HA 36 -10.99 -51.13 -69.63
N CYS HA 37 -11.64 -50.08 -69.14
CA CYS HA 37 -11.37 -48.73 -69.63
C CYS HA 37 -11.55 -47.74 -68.49
N PHE HA 38 -10.73 -46.70 -68.50
CA PHE HA 38 -10.82 -45.65 -67.50
C PHE HA 38 -11.98 -44.70 -67.82
N PHE HA 39 -12.40 -43.96 -66.79
CA PHE HA 39 -13.40 -42.92 -66.93
C PHE HA 39 -12.93 -41.72 -66.12
N VAL HA 40 -12.85 -40.56 -66.75
CA VAL HA 40 -12.33 -39.36 -66.13
C VAL HA 40 -13.32 -38.22 -66.31
N SER HA 41 -13.64 -37.53 -65.23
CA SER HA 41 -14.55 -36.40 -65.29
C SER HA 41 -14.33 -35.51 -64.08
N ILE HA 42 -14.83 -34.28 -64.17
CA ILE HA 42 -14.79 -33.33 -63.07
C ILE HA 42 -16.07 -33.48 -62.27
N LEU HA 43 -15.95 -33.75 -60.98
CA LEU HA 43 -17.13 -34.04 -60.17
C LEU HA 43 -17.85 -32.77 -59.75
N SER HA 44 -17.17 -31.90 -59.00
CA SER HA 44 -17.81 -30.71 -58.48
C SER HA 44 -16.82 -29.56 -58.45
N VAL HA 45 -17.34 -28.35 -58.56
CA VAL HA 45 -16.56 -27.13 -58.48
C VAL HA 45 -17.30 -26.15 -57.58
N ILE HA 46 -16.60 -25.61 -56.59
CA ILE HA 46 -17.17 -24.66 -55.64
C ILE HA 46 -16.35 -23.38 -55.70
N CYS HA 47 -17.02 -22.26 -55.98
CA CYS HA 47 -16.37 -20.96 -56.10
C CYS HA 47 -16.82 -20.07 -54.95
N THR HA 48 -15.86 -19.45 -54.28
CA THR HA 48 -16.13 -18.57 -53.15
C THR HA 48 -15.37 -17.28 -53.32
N PRO HA 49 -16.01 -16.11 -53.20
CA PRO HA 49 -15.29 -14.85 -53.33
C PRO HA 49 -14.55 -14.52 -52.05
N VAL HA 50 -13.23 -14.34 -52.16
CA VAL HA 50 -12.40 -13.98 -51.03
C VAL HA 50 -11.77 -12.60 -51.18
N MET HA 51 -11.87 -11.98 -52.35
CA MET HA 51 -11.26 -10.69 -52.61
C MET HA 51 -12.19 -9.91 -53.54
N LEU HA 52 -11.85 -8.64 -53.75
CA LEU HA 52 -12.63 -7.85 -54.70
C LEU HA 52 -12.51 -8.40 -56.12
N ASN HA 53 -11.36 -8.98 -56.46
CA ASN HA 53 -11.10 -9.46 -57.80
C ASN HA 53 -10.86 -10.96 -57.91
N THR HA 54 -10.46 -11.62 -56.84
CA THR HA 54 -10.07 -13.03 -56.91
C THR HA 54 -11.15 -13.92 -56.29
N ASN HA 55 -11.12 -15.18 -56.71
CA ASN HA 55 -12.04 -16.19 -56.21
C ASN HA 55 -11.26 -17.40 -55.73
N ASN HA 56 -11.79 -18.09 -54.73
CA ASN HA 56 -11.22 -19.33 -54.23
C ASN HA 56 -12.01 -20.49 -54.82
N LYS HA 57 -11.32 -21.38 -55.53
CA LYS HA 57 -11.97 -22.46 -56.24
C LYS HA 57 -11.46 -23.80 -55.75
N ASP HA 58 -12.38 -24.73 -55.55
CA ASP HA 58 -12.08 -26.11 -55.17
C ASP HA 58 -12.61 -27.04 -56.25
N ILE HA 59 -11.75 -27.91 -56.76
CA ILE HA 59 -12.10 -28.83 -57.83
C ILE HA 59 -11.91 -30.25 -57.34
N VAL HA 60 -12.92 -31.08 -57.54
CA VAL HA 60 -12.86 -32.50 -57.19
C VAL HA 60 -12.89 -33.29 -58.49
N ILE HA 61 -11.91 -34.18 -58.66
CA ILE HA 61 -11.70 -34.90 -59.92
C ILE HA 61 -11.81 -36.39 -59.64
N SER HA 62 -12.61 -37.08 -60.44
CA SER HA 62 -12.93 -38.48 -60.24
C SER HA 62 -12.34 -39.32 -61.36
N ILE HA 63 -11.66 -40.40 -61.00
CA ILE HA 63 -11.11 -41.36 -61.96
C ILE HA 63 -11.66 -42.73 -61.61
N LYS HA 64 -12.24 -43.41 -62.59
CA LYS HA 64 -12.87 -44.70 -62.39
C LYS HA 64 -12.21 -45.75 -63.28
N TYR HA 65 -12.12 -46.97 -62.76
CA TYR HA 65 -11.63 -48.11 -63.51
C TYR HA 65 -12.69 -49.20 -63.49
N LEU HA 66 -13.09 -49.66 -64.66
CA LEU HA 66 -14.19 -50.62 -64.81
C LEU HA 66 -13.68 -51.88 -65.51
N PRO HA 67 -13.34 -52.93 -64.77
CA PRO HA 67 -12.83 -54.16 -65.39
C PRO HA 67 -13.98 -55.01 -65.92
N LYS HA 68 -14.06 -55.15 -67.23
CA LYS HA 68 -15.15 -55.85 -67.88
C LYS HA 68 -15.01 -57.37 -67.82
N PRO HA 69 -13.82 -57.96 -68.04
CA PRO HA 69 -13.69 -59.41 -67.85
C PRO HA 69 -14.02 -59.84 -66.43
N GLN HA 70 -13.81 -58.97 -65.45
CA GLN HA 70 -14.23 -59.12 -64.06
C GLN HA 70 -13.47 -60.21 -63.33
N SER HA 71 -12.58 -60.93 -64.00
CA SER HA 71 -11.70 -61.90 -63.38
C SER HA 71 -10.34 -61.32 -63.07
N LYS HA 72 -10.15 -60.02 -63.28
CA LYS HA 72 -8.86 -59.34 -63.15
C LYS HA 72 -8.86 -58.39 -61.96
N SER HA 73 -9.43 -58.82 -60.83
CA SER HA 73 -9.60 -57.92 -59.69
C SER HA 73 -8.27 -57.49 -59.10
N ILE HA 74 -7.25 -58.34 -59.13
CA ILE HA 74 -5.94 -57.96 -58.61
C ILE HA 74 -5.35 -56.82 -59.44
N ARG HA 75 -5.68 -56.77 -60.73
CA ARG HA 75 -5.24 -55.67 -61.58
C ARG HA 75 -5.77 -54.33 -61.07
N MET HA 76 -6.92 -54.35 -60.41
CA MET HA 76 -7.47 -53.12 -59.84
C MET HA 76 -6.53 -52.55 -58.77
N TYR HA 77 -6.06 -53.42 -57.86
CA TYR HA 77 -5.13 -52.96 -56.83
C TYR HA 77 -3.80 -52.54 -57.44
N GLU HA 78 -3.35 -53.28 -58.47
CA GLU HA 78 -2.14 -52.88 -59.17
C GLU HA 78 -2.28 -51.47 -59.74
N ILE HA 79 -3.41 -51.19 -60.39
CA ILE HA 79 -3.63 -49.88 -60.99
C ILE HA 79 -3.73 -48.81 -59.91
N SER HA 80 -4.34 -49.15 -58.76
CA SER HA 80 -4.41 -48.19 -57.67
C SER HA 80 -3.03 -47.80 -57.18
N ASP HA 81 -2.18 -48.79 -56.95
CA ASP HA 81 -0.84 -48.48 -56.43
C ASP HA 81 -0.02 -47.72 -57.46
N GLU HA 82 -0.18 -48.05 -58.75
CA GLU HA 82 0.50 -47.28 -59.79
C GLU HA 82 -0.01 -45.84 -59.83
N LEU HA 83 -1.33 -45.64 -59.68
CA LEU HA 83 -1.91 -44.31 -59.73
C LEU HA 83 -1.42 -43.45 -58.58
N ASN HA 84 -1.21 -44.06 -57.41
CA ASN HA 84 -0.86 -43.27 -56.24
C ASN HA 84 0.41 -42.45 -56.44
N LYS HA 85 1.32 -42.91 -57.31
CA LYS HA 85 2.60 -42.23 -57.47
C LYS HA 85 2.48 -40.97 -58.32
N LEU HA 86 1.62 -40.97 -59.33
CA LEU HA 86 1.59 -39.87 -60.29
C LEU HA 86 1.07 -38.58 -59.68
N PHE HA 87 0.19 -38.66 -58.69
CA PHE HA 87 -0.49 -37.48 -58.18
C PHE HA 87 -0.12 -37.20 -56.73
N ASN HA 88 1.17 -37.26 -56.41
CA ASN HA 88 1.64 -37.08 -55.05
C ASN HA 88 1.29 -35.73 -54.46
N ARG HA 89 1.82 -34.65 -55.03
CA ARG HA 89 1.71 -33.33 -54.41
C ARG HA 89 0.96 -32.33 -55.27
N ASN HA 90 1.31 -32.20 -56.54
CA ASN HA 90 0.66 -31.21 -57.39
C ASN HA 90 0.78 -31.64 -58.85
N ILE HA 91 -0.08 -31.03 -59.69
CA ILE HA 91 -0.04 -31.24 -61.13
C ILE HA 91 0.18 -29.89 -61.79
N LYS HA 92 0.74 -29.93 -62.99
CA LYS HA 92 1.24 -28.74 -63.67
C LYS HA 92 0.43 -28.51 -64.93
N VAL HA 93 -0.31 -27.41 -64.98
CA VAL HA 93 -1.12 -27.05 -66.13
C VAL HA 93 -0.92 -25.57 -66.44
N THR HA 94 -0.62 -25.26 -67.71
CA THR HA 94 -0.37 -23.89 -68.17
C THR HA 94 0.69 -23.23 -67.27
N ASP HA 95 1.60 -24.05 -66.77
CA ASP HA 95 2.57 -23.66 -65.75
C ASP HA 95 1.93 -22.92 -64.59
N ARG HA 96 1.01 -23.59 -63.89
CA ARG HA 96 0.50 -23.10 -62.62
C ARG HA 96 0.28 -24.33 -61.76
N LYS HA 97 1.19 -24.58 -60.83
CA LYS HA 97 1.15 -25.80 -60.04
C LYS HA 97 0.04 -25.71 -59.00
N LEU HA 98 -0.89 -26.65 -59.05
CA LEU HA 98 -2.09 -26.62 -58.22
C LEU HA 98 -1.92 -27.63 -57.10
N ASN HA 99 -2.00 -27.17 -55.87
CA ASN HA 99 -1.82 -28.04 -54.72
C ASN HA 99 -2.92 -29.08 -54.64
N ILE HA 100 -2.56 -30.31 -54.29
CA ILE HA 100 -3.50 -31.39 -54.09
C ILE HA 100 -3.69 -31.56 -52.59
N THR HA 101 -4.84 -31.13 -52.08
CA THR HA 101 -5.06 -31.11 -50.64
C THR HA 101 -5.37 -32.48 -50.07
N LYS HA 102 -6.02 -33.36 -50.82
CA LYS HA 102 -6.45 -34.62 -50.26
C LYS HA 102 -6.59 -35.67 -51.35
N LEU HA 103 -6.35 -36.92 -50.97
CA LEU HA 103 -6.51 -38.06 -51.85
C LEU HA 103 -7.47 -39.05 -51.20
N GLU HA 104 -8.51 -39.46 -51.92
CA GLU HA 104 -9.49 -40.41 -51.40
C GLU HA 104 -9.87 -41.38 -52.50
N GLN HA 105 -9.93 -42.67 -52.13
CA GLN HA 105 -10.36 -43.70 -53.06
C GLN HA 105 -11.20 -44.72 -52.30
N SER HA 106 -12.04 -45.44 -53.03
CA SER HA 106 -12.89 -46.45 -52.42
C SER HA 106 -13.32 -47.45 -53.48
N ILE HA 107 -13.55 -48.69 -53.04
CA ILE HA 107 -14.01 -49.76 -53.90
C ILE HA 107 -15.41 -50.13 -53.44
N LYS HA 108 -16.41 -49.91 -54.30
CA LYS HA 108 -17.79 -50.19 -53.98
C LYS HA 108 -18.39 -51.07 -55.07
N LYS HA 109 -19.56 -51.61 -54.79
CA LYS HA 109 -20.29 -52.44 -55.73
C LYS HA 109 -21.29 -51.58 -56.50
N GLU HA 110 -21.12 -51.49 -57.81
CA GLU HA 110 -22.03 -50.78 -58.69
C GLU HA 110 -22.62 -51.78 -59.68
N GLU HA 111 -23.94 -51.80 -59.77
CA GLU HA 111 -24.68 -52.74 -60.62
C GLU HA 111 -24.28 -54.15 -60.18
N SER HA 112 -23.78 -55.01 -61.06
CA SER HA 112 -23.37 -56.35 -60.70
C SER HA 112 -21.86 -56.52 -60.67
N ILE HA 113 -21.09 -55.42 -60.72
CA ILE HA 113 -19.65 -55.49 -60.80
C ILE HA 113 -19.04 -54.61 -59.72
N TYR HA 114 -17.73 -54.79 -59.52
CA TYR HA 114 -16.95 -54.00 -58.58
C TYR HA 114 -16.02 -53.08 -59.38
N VAL HA 115 -16.01 -51.80 -59.02
CA VAL HA 115 -15.21 -50.81 -59.71
C VAL HA 115 -14.39 -50.02 -58.70
N LEU HA 116 -13.34 -49.37 -59.19
CA LEU HA 116 -12.46 -48.55 -58.37
C LEU HA 116 -12.71 -47.09 -58.67
N ASN HA 117 -12.92 -46.30 -57.62
CA ASN HA 117 -13.13 -44.87 -57.74
C ASN HA 117 -11.98 -44.15 -57.05
N PHE HA 118 -11.35 -43.22 -57.77
CA PHE HA 118 -10.18 -42.51 -57.28
C PHE HA 118 -10.45 -41.01 -57.41
N THR HA 119 -10.32 -40.28 -56.30
CA THR HA 119 -10.64 -38.86 -56.26
C THR HA 119 -9.51 -38.09 -55.60
N PHE HA 120 -9.36 -36.83 -56.03
CA PHE HA 120 -8.47 -35.89 -55.36
C PHE HA 120 -9.01 -34.49 -55.56
N THR HA 121 -8.58 -33.57 -54.70
CA THR HA 121 -9.09 -32.21 -54.68
C THR HA 121 -7.97 -31.23 -54.98
N LEU HA 122 -8.22 -30.29 -55.89
CA LEU HA 122 -7.31 -29.21 -56.19
C LEU HA 122 -7.80 -27.90 -55.58
N ASN HA 123 -6.88 -27.03 -55.24
CA ASN HA 123 -7.21 -25.76 -54.61
C ASN HA 123 -6.29 -24.68 -55.15
N TYR HA 124 -6.86 -23.59 -55.66
CA TYR HA 124 -6.09 -22.49 -56.19
C TYR HA 124 -6.96 -21.26 -56.25
N LEU HA 125 -6.30 -20.10 -56.38
CA LEU HA 125 -7.00 -18.82 -56.47
C LEU HA 125 -6.95 -18.31 -57.90
N ASP HA 126 -8.11 -17.92 -58.43
CA ASP HA 126 -8.24 -17.41 -59.77
C ASP HA 126 -9.02 -16.11 -59.74
N SER HA 127 -8.66 -15.19 -60.62
CA SER HA 127 -9.20 -13.84 -60.58
C SER HA 127 -9.60 -13.39 -61.97
N VAL HA 128 -10.51 -12.41 -62.02
CA VAL HA 128 -10.92 -11.77 -63.26
C VAL HA 128 -10.38 -10.35 -63.27
N TYR HA 129 -9.85 -9.94 -64.42
CA TYR HA 129 -9.36 -8.58 -64.60
C TYR HA 129 -10.19 -7.90 -65.68
N GLU HA 130 -10.90 -6.84 -65.31
CA GLU HA 130 -11.79 -6.17 -66.23
C GLU HA 130 -10.99 -5.34 -67.23
N GLU HA 131 -11.61 -5.08 -68.38
CA GLU HA 131 -10.98 -4.29 -69.42
C GLU HA 131 -10.85 -2.84 -68.98
N ASP HA 132 -9.79 -2.20 -69.47
CA ASP HA 132 -9.54 -0.79 -69.19
C ASP HA 132 -9.85 0.04 -70.43
N VAL HA 133 -10.64 1.09 -70.25
CA VAL HA 133 -11.09 1.92 -71.36
C VAL HA 133 -10.27 3.20 -71.39
N VAL HA 134 -10.03 3.71 -72.58
CA VAL HA 134 -9.24 4.92 -72.78
C VAL HA 134 -10.18 6.12 -72.80
N TYR HA 135 -9.83 7.15 -72.03
CA TYR HA 135 -10.66 8.33 -71.89
C TYR HA 135 -10.10 9.48 -72.71
N GLU HA 136 -10.99 10.32 -73.21
CA GLU HA 136 -10.58 11.52 -73.94
C GLU HA 136 -9.96 12.54 -72.98
N ASN HA 137 -9.23 13.48 -73.56
CA ASN HA 137 -8.75 14.62 -72.81
C ASN HA 137 -9.91 15.59 -72.57
N MET HA 138 -9.82 16.33 -71.47
CA MET HA 138 -10.92 17.18 -71.02
C MET HA 138 -10.67 18.63 -71.43
N LYS HA 139 -11.70 19.24 -72.02
CA LYS HA 139 -11.66 20.64 -72.40
C LYS HA 139 -13.07 21.18 -72.36
N GLU HA 140 -13.18 22.51 -72.24
CA GLU HA 140 -14.47 23.19 -72.09
C GLU HA 140 -15.23 22.63 -70.89
N ILE HA 141 -14.64 22.80 -69.72
CA ILE HA 141 -15.21 22.27 -68.48
C ILE HA 141 -15.78 23.45 -67.71
N ASN HA 142 -17.11 23.49 -67.61
CA ASN HA 142 -17.83 24.63 -67.07
C ASN HA 142 -18.56 24.28 -65.79
N LEU HA 143 -18.74 25.29 -64.95
CA LEU HA 143 -19.46 25.12 -63.69
C LEU HA 143 -20.56 26.17 -63.59
N ASN HA 144 -21.68 25.80 -63.01
CA ASN HA 144 -22.77 26.72 -62.74
C ASN HA 144 -22.97 26.86 -61.24
N LEU HA 145 -23.23 28.08 -60.79
CA LEU HA 145 -23.43 28.38 -59.38
C LEU HA 145 -24.92 28.56 -59.14
N GLY HA 146 -25.61 27.46 -58.85
CA GLY HA 146 -27.03 27.54 -58.53
C GLY HA 146 -27.31 28.37 -57.31
N GLU HA 147 -26.43 28.33 -56.32
CA GLU HA 147 -26.54 29.17 -55.14
C GLU HA 147 -25.17 29.61 -54.66
N ALA IA 2 -10.76 79.68 -21.70
CA ALA IA 2 -10.43 81.09 -21.80
C ALA IA 2 -9.38 81.48 -20.77
N ILE IA 3 -8.26 82.01 -21.23
CA ILE IA 3 -7.17 82.42 -20.35
C ILE IA 3 -7.49 83.78 -19.76
N GLY IA 4 -7.43 83.89 -18.44
CA GLY IA 4 -7.67 85.13 -17.74
C GLY IA 4 -6.39 85.68 -17.15
N LEU IA 5 -6.34 86.99 -16.99
CA LEU IA 5 -5.17 87.63 -16.41
C LEU IA 5 -4.98 87.13 -14.97
N PRO IA 6 -3.75 86.81 -14.58
CA PRO IA 6 -3.54 86.18 -13.27
C PRO IA 6 -3.89 87.13 -12.14
N SER IA 7 -4.38 86.55 -11.05
CA SER IA 7 -4.84 87.34 -9.92
C SER IA 7 -4.65 86.54 -8.63
N ILE IA 8 -4.59 87.27 -7.53
CA ILE IA 8 -4.56 86.69 -6.19
C ILE IA 8 -5.90 86.96 -5.53
N ASN IA 9 -6.47 85.94 -4.90
CA ASN IA 9 -7.75 86.06 -4.21
C ASN IA 9 -7.61 85.65 -2.76
N ILE IA 10 -8.17 86.45 -1.86
CA ILE IA 10 -8.14 86.20 -0.43
C ILE IA 10 -9.58 86.08 0.04
N SER IA 11 -9.92 84.94 0.63
CA SER IA 11 -11.27 84.65 1.08
C SER IA 11 -11.28 84.56 2.60
N PHE IA 12 -12.22 85.27 3.22
CA PHE IA 12 -12.39 85.24 4.66
C PHE IA 12 -13.70 84.54 4.99
N LYS IA 13 -13.61 83.47 5.77
CA LYS IA 13 -14.78 82.71 6.16
C LYS IA 13 -14.67 82.35 7.64
N GLU IA 14 -15.82 82.17 8.28
CA GLU IA 14 -15.90 81.80 9.69
C GLU IA 14 -16.54 80.42 9.80
N LEU IA 15 -15.84 79.50 10.43
CA LEU IA 15 -16.41 78.18 10.69
C LEU IA 15 -17.55 78.30 11.68
N ALA IA 16 -18.69 77.71 11.35
CA ALA IA 16 -19.89 77.80 12.18
C ALA IA 16 -20.31 76.41 12.62
N THR IA 17 -20.49 76.23 13.91
CA THR IA 17 -21.01 74.97 14.44
C THR IA 17 -22.41 74.73 13.90
N THR IA 18 -22.64 73.54 13.35
CA THR IA 18 -23.89 73.21 12.68
C THR IA 18 -24.66 72.20 13.51
N VAL IA 19 -25.87 72.58 13.92
CA VAL IA 19 -26.82 71.68 14.56
C VAL IA 19 -28.09 71.71 13.72
N LYS IA 20 -28.48 70.55 13.20
CA LYS IA 20 -29.66 70.49 12.35
C LYS IA 20 -30.88 71.01 13.10
N GLU IA 21 -31.70 71.79 12.40
CA GLU IA 21 -32.82 72.48 13.03
C GLU IA 21 -34.04 71.56 13.06
N ARG IA 22 -34.60 71.38 14.24
CA ARG IA 22 -35.77 70.54 14.43
C ARG IA 22 -37.01 71.42 14.58
N SER IA 23 -38.18 70.78 14.52
CA SER IA 23 -39.43 71.49 14.70
C SER IA 23 -39.48 72.14 16.08
N ALA IA 24 -39.84 73.42 16.10
CA ALA IA 24 -39.89 74.16 17.36
C ALA IA 24 -40.94 73.56 18.28
N ARG IA 25 -40.54 73.31 19.53
CA ARG IA 25 -41.43 72.76 20.54
C ARG IA 25 -41.48 73.69 21.74
N GLY IA 26 -42.65 73.80 22.35
CA GLY IA 26 -42.89 74.73 23.42
C GLY IA 26 -43.64 75.98 23.04
N ILE IA 27 -44.17 76.05 21.82
CA ILE IA 27 -44.92 77.20 21.36
C ILE IA 27 -46.38 77.02 21.76
N ILE IA 28 -47.07 78.15 21.94
CA ILE IA 28 -48.48 78.16 22.33
C ILE IA 28 -49.25 79.04 21.35
N ALA IA 29 -50.38 78.54 20.86
CA ALA IA 29 -51.29 79.32 20.04
C ALA IA 29 -52.60 79.46 20.79
N MET IA 30 -52.99 80.69 21.10
CA MET IA 30 -54.24 80.97 21.79
C MET IA 30 -55.14 81.80 20.89
N VAL IA 31 -56.41 81.42 20.80
CA VAL IA 31 -57.40 82.12 20.00
C VAL IA 31 -58.46 82.70 20.92
N LEU IA 32 -58.86 83.94 20.64
CA LEU IA 32 -59.85 84.63 21.45
C LEU IA 32 -60.63 85.58 20.55
N LYS IA 33 -61.83 85.93 20.99
CA LYS IA 33 -62.70 86.83 20.24
C LYS IA 33 -62.71 88.21 20.90
N ASP IA 34 -62.46 89.24 20.10
CA ASP IA 34 -62.40 90.61 20.58
C ASP IA 34 -62.72 91.56 19.44
N ALA IA 35 -63.00 92.80 19.80
CA ALA IA 35 -63.28 93.85 18.83
C ALA IA 35 -62.06 94.70 18.50
N LYS IA 36 -60.90 94.41 19.09
CA LYS IA 36 -59.71 95.21 18.90
C LYS IA 36 -58.53 94.32 18.51
N ALA IA 37 -57.62 94.89 17.72
CA ALA IA 37 -56.41 94.19 17.27
C ALA IA 37 -56.74 92.85 16.65
N LEU IA 38 -57.70 92.86 15.73
CA LEU IA 38 -58.18 91.62 15.13
C LEU IA 38 -57.07 90.93 14.35
N GLY IA 39 -57.11 89.60 14.36
CA GLY IA 39 -56.03 88.82 13.80
C GLY IA 39 -55.02 88.42 14.85
N LEU IA 40 -53.88 87.94 14.37
CA LEU IA 40 -52.80 87.57 15.27
C LEU IA 40 -52.16 88.80 15.89
N ASN IA 41 -51.66 88.64 17.11
CA ASN IA 41 -50.98 89.70 17.82
C ASN IA 41 -49.47 89.51 17.90
N GLU IA 42 -48.99 88.27 17.78
CA GLU IA 42 -47.56 87.97 17.77
C GLU IA 42 -46.90 88.43 19.07
N ILE IA 43 -47.37 87.86 20.17
CA ILE IA 43 -46.82 88.18 21.50
C ILE IA 43 -45.66 87.22 21.73
N HIS IA 44 -44.50 87.56 21.16
CA HIS IA 44 -43.32 86.74 21.34
C HIS IA 44 -42.74 86.92 22.73
N GLU IA 45 -42.80 88.14 23.26
CA GLU IA 45 -42.22 88.47 24.55
C GLU IA 45 -43.33 88.58 25.59
N LYS IA 46 -43.05 88.09 26.80
CA LYS IA 46 -44.02 88.16 27.89
C LYS IA 46 -44.37 89.60 28.24
N GLU IA 47 -43.41 90.52 28.15
CA GLU IA 47 -43.63 91.87 28.65
C GLU IA 47 -44.55 92.67 27.73
N ASP IA 48 -44.37 92.55 26.42
CA ASP IA 48 -45.08 93.39 25.47
C ASP IA 48 -46.51 92.89 25.29
N ILE IA 49 -47.47 93.74 25.61
CA ILE IA 49 -48.89 93.40 25.51
C ILE IA 49 -49.62 94.52 24.77
N PRO IA 50 -50.48 94.21 23.80
CA PRO IA 50 -51.30 95.25 23.17
C PRO IA 50 -52.21 95.93 24.18
N VAL IA 51 -52.42 97.23 23.98
CA VAL IA 51 -53.17 98.02 24.95
C VAL IA 51 -54.68 97.92 24.73
N ASP IA 52 -55.12 97.72 23.49
CA ASP IA 52 -56.54 97.80 23.19
C ASP IA 52 -57.33 96.60 23.70
N LEU IA 53 -56.68 95.46 23.94
CA LEU IA 53 -57.39 94.27 24.36
C LEU IA 53 -57.97 94.44 25.77
N SER IA 54 -59.00 93.65 26.06
CA SER IA 54 -59.73 93.78 27.31
C SER IA 54 -58.87 93.39 28.51
N ALA IA 55 -59.14 94.06 29.63
CA ALA IA 55 -58.37 93.79 30.85
C ALA IA 55 -58.57 92.36 31.33
N GLU IA 56 -59.80 91.84 31.20
CA GLU IA 56 -60.05 90.44 31.54
C GLU IA 56 -59.26 89.52 30.62
N ASN IA 57 -59.23 89.83 29.33
CA ASN IA 57 -58.41 89.05 28.41
C ASN IA 57 -56.92 89.26 28.68
N LYS IA 58 -56.54 90.45 29.15
CA LYS IA 58 -55.16 90.65 29.59
C LYS IA 58 -54.83 89.73 30.76
N GLU IA 59 -55.78 89.54 31.67
CA GLU IA 59 -55.58 88.65 32.81
C GLU IA 59 -55.46 87.21 32.35
N TYR IA 60 -56.28 86.81 31.38
CA TYR IA 60 -56.15 85.47 30.81
C TYR IA 60 -54.78 85.30 30.16
N ILE IA 61 -54.31 86.31 29.44
CA ILE IA 61 -52.96 86.30 28.88
C ILE IA 61 -51.95 86.09 30.00
N ASN IA 62 -52.10 86.82 31.10
CA ASN IA 62 -51.15 86.74 32.20
C ASN IA 62 -51.08 85.33 32.76
N LEU IA 63 -52.24 84.69 32.92
CA LEU IA 63 -52.24 83.28 33.34
C LEU IA 63 -51.55 82.39 32.30
N ALA IA 64 -51.78 82.67 31.02
CA ALA IA 64 -51.10 81.89 29.99
C ALA IA 64 -49.60 82.17 29.95
N LEU IA 65 -49.14 83.26 30.56
CA LEU IA 65 -47.73 83.63 30.51
C LEU IA 65 -46.89 82.77 31.43
N MET IA 66 -47.29 82.68 32.70
CA MET IA 66 -46.44 82.10 33.73
C MET IA 66 -46.13 80.65 33.41
N GLY IA 67 -44.85 80.33 33.23
CA GLY IA 67 -44.43 78.99 32.90
C GLY IA 67 -44.26 78.14 34.14
N ASN IA 68 -44.63 76.87 34.02
CA ASN IA 68 -44.52 75.95 35.15
C ASN IA 68 -43.07 75.82 35.61
N VAL IA 69 -42.17 75.54 34.67
CA VAL IA 69 -40.75 75.45 34.96
C VAL IA 69 -39.97 76.56 34.27
N ASN IA 70 -40.28 76.84 33.01
CA ASN IA 70 -39.60 77.86 32.23
C ASN IA 70 -40.61 78.65 31.44
N THR IA 71 -40.19 79.83 30.99
CA THR IA 71 -41.04 80.66 30.15
C THR IA 71 -41.37 79.92 28.85
N PRO IA 72 -42.62 79.98 28.39
CA PRO IA 72 -42.93 79.44 27.06
C PRO IA 72 -42.08 80.15 26.01
N ASN IA 73 -41.59 79.37 25.04
CA ASN IA 73 -40.68 79.92 24.05
C ASN IA 73 -41.36 80.99 23.21
N LYS IA 74 -42.61 80.78 22.85
CA LYS IA 74 -43.33 81.73 22.01
C LYS IA 74 -44.82 81.52 22.21
N LEU IA 75 -45.57 82.62 22.20
CA LEU IA 75 -47.02 82.60 22.35
C LEU IA 75 -47.66 83.32 21.17
N LEU IA 76 -48.64 82.68 20.55
CA LEU IA 76 -49.39 83.27 19.45
C LEU IA 76 -50.82 83.53 19.91
N VAL IA 77 -51.26 84.77 19.78
CA VAL IA 77 -52.60 85.18 20.19
C VAL IA 77 -53.33 85.70 18.97
N TYR IA 78 -54.42 85.02 18.61
CA TYR IA 78 -55.23 85.39 17.46
C TYR IA 78 -56.54 85.99 17.95
N VAL IA 79 -56.90 87.15 17.40
CA VAL IA 79 -58.14 87.83 17.75
C VAL IA 79 -59.13 87.61 16.60
N ILE IA 80 -60.32 87.12 16.95
CA ILE IA 80 -61.34 86.76 15.98
C ILE IA 80 -62.58 87.58 16.28
N GLU IA 81 -63.41 87.77 15.25
CA GLU IA 81 -64.64 88.52 15.41
C GLU IA 81 -65.69 87.68 16.12
N GLY IA 82 -66.55 88.36 16.88
CA GLY IA 82 -67.65 87.66 17.53
C GLY IA 82 -68.56 87.01 16.51
N GLU IA 83 -68.97 85.77 16.82
CA GLU IA 83 -69.84 84.94 15.99
C GLU IA 83 -69.20 84.54 14.67
N ALA IA 84 -67.91 84.79 14.48
CA ALA IA 84 -67.21 84.32 13.29
C ALA IA 84 -67.04 82.81 13.27
N ASP IA 85 -67.34 82.14 14.40
CA ASP IA 85 -67.32 80.69 14.50
C ASP IA 85 -65.89 80.17 14.38
N ILE IA 86 -65.74 78.86 14.21
CA ILE IA 86 -64.44 78.22 14.39
C ILE IA 86 -63.61 78.22 13.11
N GLN IA 87 -64.23 78.04 11.95
CA GLN IA 87 -63.48 77.75 10.73
C GLN IA 87 -62.58 78.90 10.31
N THR IA 88 -63.00 80.14 10.56
CA THR IA 88 -62.18 81.28 10.18
C THR IA 88 -60.86 81.29 10.94
N ALA IA 89 -60.89 80.97 12.23
CA ALA IA 89 -59.64 80.82 12.98
C ALA IA 89 -58.93 79.51 12.63
N LEU IA 90 -59.69 78.49 12.21
CA LEU IA 90 -59.08 77.22 11.85
C LEU IA 90 -58.18 77.37 10.63
N ASP IA 91 -58.61 78.18 9.66
CA ASP IA 91 -57.75 78.42 8.50
C ASP IA 91 -56.43 79.05 8.93
N PHE IA 92 -56.50 80.05 9.81
CA PHE IA 92 -55.30 80.69 10.33
C PHE IA 92 -54.40 79.68 11.03
N LEU IA 93 -54.99 78.86 11.91
CA LEU IA 93 -54.20 77.89 12.66
C LEU IA 93 -53.57 76.85 11.75
N GLU IA 94 -54.30 76.42 10.72
CA GLU IA 94 -53.73 75.50 9.75
C GLU IA 94 -52.58 76.14 8.99
N THR IA 95 -52.66 77.44 8.74
CA THR IA 95 -51.63 78.12 7.96
C THR IA 95 -50.28 78.11 8.69
N LYS IA 96 -50.29 78.29 10.01
CA LYS IA 96 -49.07 78.44 10.79
C LYS IA 96 -48.85 77.28 11.74
N GLU IA 97 -47.59 77.01 12.06
CA GLU IA 97 -47.25 75.96 13.00
C GLU IA 97 -47.61 76.35 14.42
N PHE IA 98 -47.99 75.34 15.22
CA PHE IA 98 -48.30 75.54 16.62
C PHE IA 98 -48.24 74.19 17.32
N ASN IA 99 -48.26 74.24 18.65
CA ASN IA 99 -48.17 73.04 19.47
C ASN IA 99 -49.41 72.83 20.32
N TYR IA 100 -49.82 73.82 21.10
CA TYR IA 100 -50.96 73.70 22.00
C TYR IA 100 -51.95 74.82 21.73
N LEU IA 101 -53.24 74.48 21.76
CA LEU IA 101 -54.31 75.43 21.48
C LEU IA 101 -55.27 75.48 22.65
N CYS IA 102 -55.66 76.70 23.02
CA CYS IA 102 -56.62 76.90 24.09
C CYS IA 102 -57.38 78.18 23.84
N MET IA 103 -58.57 78.27 24.44
CA MET IA 103 -59.38 79.47 24.31
C MET IA 103 -60.28 79.60 25.53
N PRO IA 104 -60.31 80.76 26.19
CA PRO IA 104 -61.10 80.90 27.42
C PRO IA 104 -62.60 80.82 27.19
N LYS IA 105 -63.12 81.59 26.25
CA LYS IA 105 -64.55 81.69 26.03
C LYS IA 105 -64.97 80.83 24.85
N ALA IA 106 -65.94 79.96 25.07
CA ALA IA 106 -66.47 79.12 24.00
C ALA IA 106 -67.83 78.58 24.40
N VAL IA 107 -68.64 78.26 23.39
CA VAL IA 107 -69.86 77.49 23.59
C VAL IA 107 -69.52 76.01 23.44
N GLU IA 108 -70.40 75.14 23.91
CA GLU IA 108 -70.14 73.71 23.84
C GLU IA 108 -70.03 73.22 22.41
N ALA IA 109 -70.85 73.77 21.51
CA ALA IA 109 -70.75 73.42 20.10
C ALA IA 109 -69.39 73.83 19.54
N ASP IA 110 -68.83 74.94 20.01
CA ASP IA 110 -67.50 75.35 19.60
C ASP IA 110 -66.46 74.31 20.05
N LYS IA 111 -66.60 73.81 21.28
CA LYS IA 111 -65.70 72.77 21.75
C LYS IA 111 -65.82 71.50 20.92
N THR IA 112 -67.04 71.12 20.57
CA THR IA 112 -67.24 69.95 19.72
C THR IA 112 -66.59 70.15 18.36
N ALA IA 113 -66.73 71.35 17.78
CA ALA IA 113 -66.06 71.65 16.53
C ALA IA 113 -64.55 71.57 16.66
N ILE IA 114 -64.01 72.07 17.78
CA ILE IA 114 -62.57 71.96 18.04
C ILE IA 114 -62.16 70.49 18.02
N LYS IA 115 -62.90 69.66 18.75
CA LYS IA 115 -62.56 68.24 18.84
C LYS IA 115 -62.58 67.58 17.46
N ASN IA 116 -63.67 67.80 16.71
CA ASN IA 116 -63.79 67.17 15.40
C ASN IA 116 -62.70 67.64 14.46
N TRP IA 117 -62.41 68.94 14.44
CA TRP IA 117 -61.39 69.47 13.54
C TRP IA 117 -60.02 68.91 13.89
N ILE IA 118 -59.68 68.85 15.18
CA ILE IA 118 -58.37 68.32 15.57
C ILE IA 118 -58.25 66.85 15.21
N ILE IA 119 -59.29 66.06 15.48
CA ILE IA 119 -59.24 64.63 15.15
C ILE IA 119 -59.09 64.43 13.65
N LYS IA 120 -59.84 65.21 12.85
CA LYS IA 120 -59.73 65.09 11.41
C LYS IA 120 -58.35 65.52 10.92
N LEU IA 121 -57.79 66.58 11.50
CA LEU IA 121 -56.54 67.13 11.00
C LEU IA 121 -55.35 66.25 11.35
N ARG IA 122 -55.34 65.67 12.55
CA ARG IA 122 -54.19 64.85 12.96
C ARG IA 122 -54.03 63.64 12.06
N ASP IA 123 -55.13 63.14 11.49
CA ASP IA 123 -55.08 61.97 10.62
C ASP IA 123 -54.98 62.33 9.15
N ILE IA 124 -55.78 63.29 8.68
CA ILE IA 124 -55.77 63.65 7.27
C ILE IA 124 -54.46 64.35 6.91
N ASP IA 125 -54.06 65.33 7.71
CA ASP IA 125 -52.93 66.19 7.38
C ASP IA 125 -51.61 65.71 7.94
N LYS IA 126 -51.60 64.62 8.71
CA LYS IA 126 -50.39 64.12 9.35
C LYS IA 126 -49.68 65.21 10.15
N VAL IA 127 -50.46 65.98 10.90
CA VAL IA 127 -49.96 67.05 11.76
C VAL IA 127 -50.34 66.72 13.19
N LYS IA 128 -49.35 66.73 14.08
CA LYS IA 128 -49.56 66.38 15.48
C LYS IA 128 -49.69 67.68 16.29
N VAL IA 129 -50.92 68.01 16.67
CA VAL IA 129 -51.20 69.15 17.52
C VAL IA 129 -52.17 68.72 18.62
N LYS IA 130 -52.13 69.44 19.74
CA LYS IA 130 -52.95 69.10 20.90
C LYS IA 130 -53.60 70.36 21.44
N ALA IA 131 -54.71 70.16 22.17
CA ALA IA 131 -55.45 71.26 22.75
C ALA IA 131 -56.03 70.82 24.09
N VAL IA 132 -56.33 71.82 24.93
CA VAL IA 132 -56.94 71.61 26.24
C VAL IA 132 -58.33 72.21 26.19
N LEU IA 133 -59.34 71.41 26.52
CA LEU IA 133 -60.73 71.82 26.42
C LEU IA 133 -61.38 71.84 27.79
N GLY IA 134 -62.33 72.75 27.96
CA GLY IA 134 -62.91 72.97 29.27
C GLY IA 134 -63.68 71.77 29.79
N LYS IA 135 -64.54 71.19 28.96
CA LYS IA 135 -65.31 70.03 29.38
C LYS IA 135 -65.73 69.27 28.12
N VAL IA 136 -65.03 68.17 27.83
CA VAL IA 136 -65.35 67.30 26.71
C VAL IA 136 -65.18 65.85 27.14
N VAL IA 137 -65.76 64.95 26.35
CA VAL IA 137 -65.58 63.52 26.55
C VAL IA 137 -64.83 62.98 25.33
N GLY IA 138 -64.08 63.87 24.68
CA GLY IA 138 -63.30 63.45 23.52
C GLY IA 138 -62.33 62.34 23.89
N ASN IA 139 -62.32 61.29 23.07
CA ASN IA 139 -61.57 60.06 23.34
C ASN IA 139 -60.33 59.94 22.48
N HIS IA 140 -59.65 61.04 22.21
CA HIS IA 140 -58.46 61.04 21.37
C HIS IA 140 -57.26 61.53 22.15
N GLU IA 141 -56.08 61.10 21.70
CA GLU IA 141 -54.84 61.49 22.38
C GLU IA 141 -54.58 62.99 22.28
N GLY IA 142 -55.13 63.64 21.25
CA GLY IA 142 -54.83 65.02 20.99
C GLY IA 142 -55.58 66.03 21.83
N ILE IA 143 -56.45 65.59 22.73
CA ILE IA 143 -57.24 66.48 23.58
C ILE IA 143 -56.98 66.12 25.03
N ILE IA 144 -56.70 67.13 25.84
CA ILE IA 144 -56.52 66.98 27.28
C ILE IA 144 -57.73 67.59 27.97
N ASN IA 145 -58.50 66.75 28.65
CA ASN IA 145 -59.77 67.17 29.28
C ASN IA 145 -59.48 67.57 30.72
N PHE IA 146 -59.27 68.86 30.94
CA PHE IA 146 -59.12 69.40 32.29
C PHE IA 146 -60.49 69.85 32.79
N THR IA 147 -60.82 69.47 34.03
CA THR IA 147 -62.11 69.83 34.59
C THR IA 147 -61.97 70.02 36.10
N THR IA 148 -62.02 71.27 36.54
CA THR IA 148 -62.04 71.60 37.96
C THR IA 148 -62.85 72.87 38.14
N GLU IA 149 -63.81 72.84 39.07
CA GLU IA 149 -64.77 73.90 39.24
C GLU IA 149 -64.40 74.82 40.41
N ASP IA 150 -64.82 76.07 40.31
CA ASP IA 150 -64.69 77.06 41.39
C ASP IA 150 -63.23 77.24 41.80
N VAL IA 151 -62.38 77.50 40.82
CA VAL IA 151 -60.96 77.72 41.07
C VAL IA 151 -60.77 79.15 41.53
N LEU IA 152 -60.09 79.33 42.67
CA LEU IA 152 -59.84 80.65 43.24
C LEU IA 152 -58.38 81.03 42.97
N VAL IA 153 -58.17 81.95 42.03
CA VAL IA 153 -56.86 82.52 41.76
C VAL IA 153 -56.97 84.03 41.82
N GLY IA 154 -56.13 84.65 42.63
CA GLY IA 154 -56.13 86.09 42.79
C GLY IA 154 -57.48 86.66 43.19
N GLU IA 155 -57.95 86.25 44.38
CA GLU IA 155 -59.23 86.67 44.96
C GLU IA 155 -60.34 86.77 43.91
N LYS IA 156 -60.40 85.80 43.00
CA LYS IA 156 -61.35 85.83 41.90
C LYS IA 156 -61.80 84.41 41.58
N LYS IA 157 -63.05 84.29 41.15
CA LYS IA 157 -63.60 83.01 40.70
C LYS IA 157 -63.34 82.83 39.21
N TYR IA 158 -62.99 81.61 38.84
CA TYR IA 158 -62.73 81.25 37.45
C TYR IA 158 -63.54 80.02 37.09
N SER IA 159 -64.07 80.00 35.87
CA SER IA 159 -64.66 78.79 35.35
C SER IA 159 -63.56 77.84 34.86
N VAL IA 160 -63.96 76.60 34.58
CA VAL IA 160 -62.99 75.63 34.07
C VAL IA 160 -62.45 76.08 32.72
N ASP IA 161 -63.32 76.63 31.87
CA ASP IA 161 -62.89 77.09 30.54
C ASP IA 161 -61.86 78.21 30.66
N GLU IA 162 -62.09 79.15 31.58
CA GLU IA 162 -61.14 80.24 31.75
C GLU IA 162 -59.79 79.74 32.24
N PHE IA 163 -59.79 78.77 33.16
CA PHE IA 163 -58.55 78.26 33.72
C PHE IA 163 -57.85 77.27 32.79
N THR IA 164 -58.53 76.78 31.75
CA THR IA 164 -57.85 75.94 30.78
C THR IA 164 -56.70 76.68 30.11
N SER IA 165 -56.79 78.00 29.99
CA SER IA 165 -55.67 78.77 29.45
C SER IA 165 -54.44 78.64 30.32
N ARG IA 166 -54.60 78.81 31.63
CA ARG IA 166 -53.48 78.64 32.56
C ARG IA 166 -52.98 77.20 32.53
N VAL IA 167 -53.89 76.23 32.45
CA VAL IA 167 -53.48 74.83 32.41
C VAL IA 167 -52.62 74.55 31.18
N ALA IA 168 -53.05 75.06 30.02
CA ALA IA 168 -52.29 74.85 28.80
C ALA IA 168 -50.95 75.55 28.85
N GLY IA 169 -50.90 76.76 29.39
CA GLY IA 169 -49.64 77.44 29.56
C GLY IA 169 -48.69 76.67 30.47
N LEU IA 170 -49.22 76.12 31.56
CA LEU IA 170 -48.41 75.29 32.44
C LEU IA 170 -47.89 74.05 31.73
N ILE IA 171 -48.74 73.41 30.92
CA ILE IA 171 -48.33 72.21 30.20
C ILE IA 171 -47.21 72.55 29.20
N ALA IA 172 -47.36 73.64 28.47
CA ALA IA 172 -46.35 74.00 27.48
C ALA IA 172 -45.06 74.50 28.15
N GLY IA 173 -45.16 75.05 29.36
CA GLY IA 173 -43.97 75.58 30.01
C GLY IA 173 -42.97 74.50 30.39
N THR IA 174 -43.45 73.34 30.81
CA THR IA 174 -42.57 72.31 31.32
C THR IA 174 -41.73 71.71 30.18
N PRO IA 175 -40.50 71.28 30.47
CA PRO IA 175 -39.67 70.64 29.44
C PRO IA 175 -40.13 69.23 29.12
N LEU IA 176 -39.46 68.59 28.16
CA LEU IA 176 -39.81 67.21 27.81
C LEU IA 176 -39.31 66.22 28.84
N SER IA 177 -38.17 66.52 29.48
CA SER IA 177 -37.56 65.55 30.40
C SER IA 177 -38.47 65.29 31.60
N GLN IA 178 -38.97 66.34 32.24
CA GLN IA 178 -39.80 66.19 33.42
C GLN IA 178 -41.27 66.11 33.02
N SER IA 179 -42.05 65.39 33.82
CA SER IA 179 -43.47 65.20 33.58
C SER IA 179 -44.29 66.15 34.45
N VAL IA 180 -45.49 66.48 33.96
CA VAL IA 180 -46.37 67.40 34.66
C VAL IA 180 -46.95 66.79 35.94
N THR IA 181 -46.75 65.50 36.17
CA THR IA 181 -47.30 64.85 37.35
C THR IA 181 -46.68 65.43 38.62
N TYR IA 182 -47.54 65.76 39.59
CA TYR IA 182 -47.12 66.24 40.90
C TYR IA 182 -46.27 67.50 40.80
N THR IA 183 -46.89 68.56 40.28
CA THR IA 183 -46.28 69.88 40.22
C THR IA 183 -47.21 70.88 40.90
N LYS IA 184 -46.65 71.68 41.79
CA LYS IA 184 -47.44 72.56 42.64
C LYS IA 184 -47.71 73.90 41.94
N LEU IA 185 -48.86 74.48 42.25
CA LEU IA 185 -49.27 75.79 41.74
C LEU IA 185 -49.47 76.70 42.95
N SER IA 186 -48.52 77.60 43.18
CA SER IA 186 -48.63 78.54 44.30
C SER IA 186 -49.68 79.61 44.08
N ASP IA 187 -50.20 79.76 42.86
CA ASP IA 187 -51.19 80.79 42.60
C ASP IA 187 -52.54 80.44 43.20
N VAL IA 188 -52.98 79.19 43.03
CA VAL IA 188 -54.27 78.78 43.57
C VAL IA 188 -54.18 78.67 45.08
N VAL IA 189 -55.28 78.97 45.76
CA VAL IA 189 -55.27 78.96 47.23
C VAL IA 189 -56.32 77.98 47.76
N ASP IA 190 -57.38 77.74 46.99
CA ASP IA 190 -58.45 76.88 47.49
C ASP IA 190 -59.20 76.25 46.33
N ILE IA 191 -59.67 75.02 46.57
CA ILE IA 191 -60.49 74.26 45.64
C ILE IA 191 -61.61 73.63 46.46
N PRO IA 192 -62.82 73.49 45.92
CA PRO IA 192 -63.88 72.79 46.66
C PRO IA 192 -63.44 71.40 47.10
N LYS IA 193 -63.75 71.05 48.34
CA LYS IA 193 -63.26 69.82 48.92
C LYS IA 193 -63.97 68.62 48.32
N MET IA 194 -63.23 67.51 48.21
CA MET IA 194 -63.72 66.31 47.55
C MET IA 194 -62.86 65.13 47.97
N THR IA 195 -63.50 63.97 48.14
CA THR IA 195 -62.85 62.82 48.73
C THR IA 195 -61.90 62.14 47.74
N LYS IA 196 -60.97 61.35 48.29
CA LYS IA 196 -59.93 60.75 47.47
C LYS IA 196 -60.48 59.66 46.56
N VAL IA 197 -61.46 58.90 47.04
CA VAL IA 197 -62.03 57.85 46.20
C VAL IA 197 -62.72 58.45 44.98
N ASP IA 198 -63.36 59.62 45.16
CA ASP IA 198 -63.94 60.31 44.02
C ASP IA 198 -62.86 60.73 43.03
N ALA IA 199 -61.71 61.21 43.53
CA ALA IA 199 -60.61 61.57 42.65
C ALA IA 199 -60.10 60.37 41.88
N GLU IA 200 -60.00 59.22 42.55
CA GLU IA 200 -59.63 57.99 41.85
C GLU IA 200 -60.63 57.67 40.76
N SER IA 201 -61.92 57.85 41.04
CA SER IA 201 -62.96 57.59 40.06
C SER IA 201 -62.78 58.48 38.83
N ARG IA 202 -62.63 59.79 39.04
CA ARG IA 202 -62.48 60.70 37.90
C ARG IA 202 -61.20 60.41 37.12
N VAL IA 203 -60.10 60.10 37.81
CA VAL IA 203 -58.87 59.75 37.13
C VAL IA 203 -59.08 58.49 36.28
N ASN IA 204 -59.83 57.53 36.80
CA ASN IA 204 -60.17 56.35 36.02
C ASN IA 204 -60.99 56.71 34.79
N LYS IA 205 -61.80 57.76 34.87
CA LYS IA 205 -62.59 58.20 33.73
C LYS IA 205 -61.76 58.84 32.63
N GLY IA 206 -60.48 59.09 32.88
CA GLY IA 206 -59.67 59.88 31.98
C GLY IA 206 -59.75 61.37 32.20
N GLU IA 207 -60.58 61.81 33.14
CA GLU IA 207 -60.72 63.22 33.45
C GLU IA 207 -59.52 63.73 34.23
N LEU IA 208 -58.97 64.86 33.81
CA LEU IA 208 -57.86 65.48 34.52
C LEU IA 208 -58.43 66.48 35.52
N ILE IA 209 -58.12 66.28 36.80
CA ILE IA 209 -58.65 67.11 37.87
C ILE IA 209 -57.51 67.58 38.77
N LEU IA 210 -57.78 68.62 39.53
CA LEU IA 210 -56.82 69.17 40.48
C LEU IA 210 -57.11 68.61 41.86
N ILE IA 211 -56.08 68.07 42.51
CA ILE IA 211 -56.22 67.40 43.79
C ILE IA 211 -55.36 68.13 44.82
N LYS IA 212 -55.70 67.93 46.09
CA LYS IA 212 -54.94 68.47 47.21
C LYS IA 212 -54.26 67.34 47.96
N GLU IA 213 -52.94 67.42 48.07
CA GLU IA 213 -52.14 66.51 48.88
C GLU IA 213 -50.92 67.24 49.39
N ALA IA 214 -50.32 66.70 50.45
CA ALA IA 214 -49.10 67.23 51.06
C ALA IA 214 -49.33 68.70 51.42
N GLY IA 215 -48.29 69.51 51.33
CA GLY IA 215 -48.38 70.91 51.71
C GLY IA 215 -48.98 71.82 50.65
N ALA IA 216 -48.73 71.53 49.39
CA ALA IA 216 -49.09 72.42 48.29
C ALA IA 216 -50.06 71.75 47.34
N ILE IA 217 -50.85 72.58 46.65
CA ILE IA 217 -51.83 72.10 45.69
C ILE IA 217 -51.12 71.71 44.41
N ARG IA 218 -51.36 70.49 43.93
CA ARG IA 218 -50.63 69.97 42.79
C ARG IA 218 -51.56 69.22 41.84
N ILE IA 219 -51.21 69.24 40.56
CA ILE IA 219 -51.85 68.36 39.58
C ILE IA 219 -51.36 66.93 39.79
N ALA IA 220 -52.24 65.96 39.56
CA ALA IA 220 -51.93 64.56 39.82
C ALA IA 220 -52.05 63.75 38.54
N ARG IA 221 -50.90 63.28 38.04
CA ARG IA 221 -50.81 62.26 37.00
C ARG IA 221 -51.68 62.62 35.78
N GLY IA 222 -51.27 63.70 35.13
CA GLY IA 222 -51.93 64.11 33.90
C GLY IA 222 -51.93 63.02 32.86
N VAL IA 223 -53.11 62.68 32.34
CA VAL IA 223 -53.27 61.57 31.42
C VAL IA 223 -54.05 62.03 30.21
N ASN IA 224 -53.94 61.28 29.13
CA ASN IA 224 -54.69 61.58 27.91
C ASN IA 224 -56.16 61.28 28.10
N SER IA 225 -56.99 61.93 27.28
CA SER IA 225 -58.43 61.90 27.51
C SER IA 225 -59.05 60.56 27.15
N LEU IA 226 -58.42 59.78 26.27
CA LEU IA 226 -59.05 58.54 25.81
C LEU IA 226 -59.12 57.53 26.95
N THR IA 227 -60.21 56.78 26.99
CA THR IA 227 -60.43 55.76 28.01
C THR IA 227 -60.46 54.35 27.45
N GLU IA 228 -60.90 54.16 26.22
CA GLU IA 228 -60.95 52.82 25.62
C GLU IA 228 -59.58 52.49 25.04
N LEU IA 229 -59.11 51.28 25.34
CA LEU IA 229 -57.82 50.81 24.84
C LEU IA 229 -58.08 49.74 23.80
N THR IA 230 -57.69 50.03 22.55
CA THR IA 230 -57.81 49.05 21.48
C THR IA 230 -56.56 48.17 21.42
N ALA IA 231 -56.61 47.17 20.55
CA ALA IA 231 -55.47 46.27 20.41
C ALA IA 231 -54.22 47.01 19.93
N GLU IA 232 -54.39 47.91 18.95
CA GLU IA 232 -53.25 48.64 18.42
C GLU IA 232 -52.80 49.73 19.38
N LYS IA 233 -53.74 50.41 20.02
CA LYS IA 233 -53.41 51.51 20.92
C LYS IA 233 -53.01 50.93 22.28
N GLY IA 234 -51.73 51.01 22.60
CA GLY IA 234 -51.23 50.45 23.84
C GLY IA 234 -51.50 51.32 25.04
N GLU IA 235 -51.15 50.77 26.20
CA GLU IA 235 -51.33 51.50 27.46
C GLU IA 235 -50.48 52.76 27.49
N MET IA 236 -49.25 52.69 26.98
CA MET IA 236 -48.34 53.82 27.04
C MET IA 236 -48.84 55.03 26.25
N PHE IA 237 -49.75 54.82 25.29
CA PHE IA 237 -50.31 55.94 24.56
C PHE IA 237 -51.12 56.87 25.45
N GLN IA 238 -51.48 56.42 26.65
CA GLN IA 238 -52.36 57.19 27.51
C GLN IA 238 -51.63 58.27 28.31
N LYS IA 239 -50.29 58.28 28.27
CA LYS IA 239 -49.52 59.26 29.00
C LYS IA 239 -49.23 60.48 28.13
N ILE IA 240 -49.22 61.67 28.75
CA ILE IA 240 -49.00 62.89 28.00
C ILE IA 240 -47.56 62.98 27.52
N LYS IA 241 -46.60 62.64 28.37
CA LYS IA 241 -45.20 62.74 28.01
C LYS IA 241 -44.87 61.84 26.81
N ILE IA 242 -45.38 60.62 26.82
CA ILE IA 242 -45.08 59.67 25.75
C ILE IA 242 -45.65 60.16 24.42
N VAL IA 243 -46.92 60.58 24.42
CA VAL IA 243 -47.52 61.03 23.17
C VAL IA 243 -46.83 62.31 22.69
N ASP IA 244 -46.41 63.17 23.61
CA ASP IA 244 -45.74 64.40 23.22
C ASP IA 244 -44.40 64.11 22.54
N THR IA 245 -43.59 63.23 23.15
CA THR IA 245 -42.30 62.92 22.54
C THR IA 245 -42.49 62.16 21.23
N LEU IA 246 -43.50 61.30 21.13
CA LEU IA 246 -43.76 60.64 19.85
C LEU IA 246 -44.14 61.66 18.78
N ASP IA 247 -44.95 62.65 19.14
CA ASP IA 247 -45.34 63.67 18.17
C ASP IA 247 -44.15 64.48 17.69
N ILE IA 248 -43.27 64.87 18.62
CA ILE IA 248 -42.11 65.65 18.20
C ILE IA 248 -41.19 64.80 17.33
N ILE IA 249 -41.06 63.51 17.65
CA ILE IA 249 -40.26 62.61 16.81
C ILE IA 249 -40.85 62.56 15.40
N HIS IA 250 -42.16 62.40 15.31
CA HIS IA 250 -42.83 62.36 14.02
C HIS IA 250 -42.58 63.63 13.23
N SER IA 251 -42.75 64.78 13.87
CA SER IA 251 -42.58 66.05 13.16
C SER IA 251 -41.16 66.21 12.64
N ASP IA 252 -40.16 65.92 13.50
CA ASP IA 252 -38.77 66.09 13.08
C ASP IA 252 -38.42 65.14 11.93
N ILE IA 253 -38.84 63.88 12.04
CA ILE IA 253 -38.51 62.91 10.99
C ILE IA 253 -39.17 63.31 9.68
N ARG IA 254 -40.45 63.70 9.73
CA ARG IA 254 -41.13 64.10 8.50
C ARG IA 254 -40.46 65.30 7.86
N LYS IA 255 -40.09 66.30 8.67
CA LYS IA 255 -39.45 67.48 8.10
C LYS IA 255 -38.11 67.13 7.46
N VAL IA 256 -37.31 66.29 8.13
CA VAL IA 256 -36.01 65.92 7.58
C VAL IA 256 -36.18 65.18 6.26
N ILE IA 257 -37.10 64.22 6.23
CA ILE IA 257 -37.30 63.41 5.02
C ILE IA 257 -37.77 64.29 3.87
N ILE IA 258 -38.75 65.17 4.13
CA ILE IA 258 -39.29 65.98 3.05
C ILE IA 258 -38.26 67.00 2.57
N ASP IA 259 -37.40 67.48 3.46
CA ASP IA 259 -36.40 68.47 3.04
C ASP IA 259 -35.28 67.84 2.24
N ASP IA 260 -34.79 66.66 2.65
CA ASP IA 260 -33.54 66.14 2.11
C ASP IA 260 -33.74 65.06 1.06
N TYR IA 261 -34.46 63.99 1.39
CA TYR IA 261 -34.40 62.75 0.62
C TYR IA 261 -35.63 62.53 -0.26
N ILE IA 262 -36.28 63.59 -0.71
CA ILE IA 262 -37.47 63.48 -1.55
C ILE IA 262 -37.11 63.93 -2.96
N GLY IA 263 -37.23 63.02 -3.92
CA GLY IA 263 -37.12 63.37 -5.33
C GLY IA 263 -35.76 63.85 -5.77
N LYS IA 264 -34.75 63.68 -4.93
CA LYS IA 264 -33.39 64.11 -5.25
C LYS IA 264 -32.39 62.97 -5.36
N VAL IA 265 -32.69 61.80 -4.79
CA VAL IA 265 -31.77 60.67 -4.78
C VAL IA 265 -32.49 59.43 -5.29
N THR IA 266 -31.81 58.65 -6.12
CA THR IA 266 -32.40 57.50 -6.76
C THR IA 266 -32.72 56.40 -5.75
N ASN IA 267 -33.78 55.65 -6.02
CA ASN IA 267 -34.18 54.54 -5.17
C ASN IA 267 -33.27 53.35 -5.46
N SER IA 268 -32.40 53.04 -4.51
CA SER IA 268 -31.47 51.93 -4.65
C SER IA 268 -31.09 51.43 -3.26
N TYR IA 269 -30.49 50.24 -3.21
CA TYR IA 269 -30.17 49.64 -1.92
C TYR IA 269 -29.18 50.50 -1.13
N ASP IA 270 -28.18 51.05 -1.82
CA ASP IA 270 -27.21 51.90 -1.14
C ASP IA 270 -27.87 53.15 -0.58
N ASN IA 271 -28.77 53.76 -1.36
CA ASN IA 271 -29.48 54.94 -0.86
C ASN IA 271 -30.35 54.60 0.33
N LYS IA 272 -30.97 53.41 0.31
CA LYS IA 272 -31.76 52.97 1.46
C LYS IA 272 -30.87 52.79 2.69
N CYS IA 273 -29.67 52.25 2.50
CA CYS IA 273 -28.74 52.12 3.62
C CYS IA 273 -28.35 53.48 4.17
N LEU IA 274 -28.12 54.46 3.28
CA LEU IA 274 -27.81 55.81 3.73
C LEU IA 274 -28.96 56.42 4.52
N LEU IA 275 -30.20 56.19 4.05
CA LEU IA 275 -31.36 56.67 4.79
C LEU IA 275 -31.44 56.04 6.17
N ILE IA 276 -31.16 54.73 6.26
CA ILE IA 276 -31.15 54.06 7.55
C ILE IA 276 -30.09 54.67 8.45
N VAL IA 277 -28.92 54.97 7.90
CA VAL IA 277 -27.86 55.58 8.70
C VAL IA 277 -28.30 56.94 9.23
N ALA IA 278 -28.96 57.74 8.38
CA ALA IA 278 -29.40 59.06 8.82
C ALA IA 278 -30.43 58.95 9.94
N ILE IA 279 -31.41 58.06 9.78
CA ILE IA 279 -32.43 57.88 10.81
C ILE IA 279 -31.79 57.40 12.10
N LYS IA 280 -30.84 56.47 12.01
CA LYS IA 280 -30.17 55.98 13.21
C LYS IA 280 -29.38 57.07 13.89
N SER IA 281 -28.75 57.96 13.11
CA SER IA 281 -28.02 59.08 13.69
C SER IA 281 -28.98 60.01 14.44
N TYR IA 282 -30.14 60.30 13.85
CA TYR IA 282 -31.11 61.13 14.56
C TYR IA 282 -31.58 60.46 15.84
N LEU IA 283 -31.82 59.15 15.79
CA LEU IA 283 -32.27 58.44 16.98
C LEU IA 283 -31.18 58.42 18.05
N GLU IA 284 -29.91 58.31 17.65
CA GLU IA 284 -28.82 58.41 18.60
C GLU IA 284 -28.77 59.79 19.24
N GLU IA 285 -29.00 60.84 18.44
CA GLU IA 285 -29.05 62.19 18.99
C GLU IA 285 -30.15 62.30 20.03
N LEU IA 286 -31.33 61.75 19.73
CA LEU IA 286 -32.41 61.76 20.72
C LEU IA 286 -32.05 60.92 21.95
N GLU IA 287 -31.28 59.85 21.76
CA GLU IA 287 -30.80 59.07 22.89
C GLU IA 287 -29.93 59.91 23.80
N LYS IA 288 -29.06 60.73 23.22
CA LYS IA 288 -28.24 61.62 24.03
C LYS IA 288 -29.09 62.57 24.87
N SER IA 289 -30.27 62.95 24.35
CA SER IA 289 -31.20 63.77 25.12
C SER IA 289 -31.86 63.00 26.26
N ALA IA 290 -31.66 61.67 26.32
CA ALA IA 290 -32.16 60.82 27.39
C ALA IA 290 -33.67 60.72 27.44
N LEU IA 291 -34.36 60.97 26.31
CA LEU IA 291 -35.80 60.80 26.28
C LEU IA 291 -36.21 59.36 26.01
N ILE IA 292 -35.42 58.63 25.23
CA ILE IA 292 -35.76 57.25 24.86
C ILE IA 292 -34.66 56.31 25.35
N GLU IA 293 -34.87 55.01 25.14
CA GLU IA 293 -33.91 54.01 25.56
C GLU IA 293 -32.65 54.09 24.70
N SER IA 294 -31.56 53.52 25.22
CA SER IA 294 -30.27 53.63 24.55
C SER IA 294 -30.23 52.81 23.27
N ASP IA 295 -30.67 51.55 23.33
CA ASP IA 295 -30.51 50.62 22.23
C ASP IA 295 -31.72 50.70 21.29
N SER IA 296 -31.47 51.08 20.05
CA SER IA 296 -32.51 51.18 19.03
C SER IA 296 -32.02 50.51 17.75
N THR IA 297 -32.94 49.84 17.06
CA THR IA 297 -32.63 49.15 15.82
C THR IA 297 -33.59 49.60 14.72
N VAL IA 298 -33.04 50.05 13.59
CA VAL IA 298 -33.81 50.43 12.42
C VAL IA 298 -33.30 49.62 11.24
N GLU IA 299 -34.22 48.96 10.52
CA GLU IA 299 -33.84 48.13 9.40
C GLU IA 299 -34.96 48.13 8.37
N ILE IA 300 -34.62 47.74 7.15
CA ILE IA 300 -35.61 47.64 6.09
C ILE IA 300 -36.63 46.57 6.45
N ASP IA 301 -37.89 46.82 6.12
CA ASP IA 301 -38.95 45.88 6.43
C ASP IA 301 -39.05 44.83 5.33
N PHE IA 302 -39.02 43.56 5.73
CA PHE IA 302 -39.04 42.47 4.77
C PHE IA 302 -40.45 42.00 4.43
N GLU IA 303 -41.35 41.99 5.41
CA GLU IA 303 -42.71 41.50 5.16
C GLU IA 303 -43.43 42.38 4.15
N ALA IA 304 -43.39 43.70 4.36
CA ALA IA 304 -44.06 44.61 3.44
C ALA IA 304 -43.44 44.56 2.05
N GLN IA 305 -42.11 44.47 1.98
CA GLN IA 305 -41.46 44.38 0.67
C GLN IA 305 -41.86 43.10 -0.05
N LYS IA 306 -41.91 41.98 0.68
CA LYS IA 306 -42.35 40.72 0.07
C LYS IA 306 -43.78 40.84 -0.45
N SER IA 307 -44.67 41.44 0.35
CA SER IA 307 -46.05 41.62 -0.09
C SER IA 307 -46.14 42.49 -1.33
N TYR IA 308 -45.36 43.58 -1.36
CA TYR IA 308 -45.38 44.48 -2.52
C TYR IA 308 -44.86 43.78 -3.77
N LEU IA 309 -43.77 43.02 -3.64
CA LEU IA 309 -43.25 42.28 -4.77
C LEU IA 309 -44.25 41.24 -5.27
N LYS IA 310 -44.91 40.54 -4.34
CA LYS IA 310 -45.93 39.57 -4.72
C LYS IA 310 -47.10 40.23 -5.43
N SER IA 311 -47.46 41.44 -5.00
CA SER IA 311 -48.60 42.13 -5.60
C SER IA 311 -48.38 42.40 -7.09
N LYS IA 312 -47.13 42.55 -7.52
CA LYS IA 312 -46.82 42.70 -8.93
C LYS IA 312 -46.63 41.36 -9.64
N GLY IA 313 -46.77 40.25 -8.93
CA GLY IA 313 -46.72 38.95 -9.56
C GLY IA 313 -45.33 38.40 -9.84
N VAL IA 314 -44.29 38.99 -9.27
CA VAL IA 314 -42.95 38.49 -9.49
C VAL IA 314 -42.79 37.12 -8.85
N ASP IA 315 -41.90 36.31 -9.41
CA ASP IA 315 -41.59 34.98 -8.87
C ASP IA 315 -40.42 35.13 -7.90
N LEU IA 316 -40.74 35.27 -6.62
CA LEU IA 316 -39.74 35.45 -5.57
C LEU IA 316 -39.46 34.16 -4.80
N SER IA 317 -39.92 33.02 -5.31
CA SER IA 317 -39.76 31.77 -4.58
C SER IA 317 -38.30 31.38 -4.42
N TYR IA 318 -37.49 31.56 -5.46
CA TYR IA 318 -36.13 31.05 -5.47
C TYR IA 318 -35.07 32.07 -5.06
N MET IA 319 -35.44 33.34 -4.89
CA MET IA 319 -34.46 34.33 -4.48
C MET IA 319 -34.23 34.29 -2.97
N THR IA 320 -32.99 34.58 -2.57
CA THR IA 320 -32.62 34.56 -1.17
C THR IA 320 -33.21 35.75 -0.44
N LEU IA 321 -33.28 35.64 0.89
CA LEU IA 321 -33.72 36.76 1.72
C LEU IA 321 -32.94 38.03 1.40
N GLN IA 322 -31.61 37.93 1.32
CA GLN IA 322 -30.80 39.07 0.93
C GLN IA 322 -31.14 39.51 -0.49
N GLU IA 323 -31.38 38.57 -1.39
CA GLU IA 323 -31.77 38.91 -2.76
C GLU IA 323 -33.10 39.65 -2.77
N ILE IA 324 -34.05 39.23 -1.93
CA ILE IA 324 -35.32 39.93 -1.85
C ILE IA 324 -35.12 41.35 -1.34
N LYS IA 325 -34.28 41.51 -0.32
CA LYS IA 325 -34.02 42.86 0.20
C LYS IA 325 -33.37 43.74 -0.86
N GLU IA 326 -32.44 43.18 -1.64
CA GLU IA 326 -31.77 43.95 -2.68
C GLU IA 326 -32.62 44.15 -3.92
N ALA IA 327 -33.78 43.51 -4.02
CA ALA IA 327 -34.61 43.63 -5.20
C ALA IA 327 -35.17 45.05 -5.35
N ASN IA 328 -35.37 45.45 -6.59
CA ASN IA 328 -35.93 46.76 -6.87
C ASN IA 328 -37.41 46.80 -6.51
N THR IA 329 -37.83 47.89 -5.88
CA THR IA 329 -39.19 48.02 -5.38
C THR IA 329 -39.94 49.21 -5.97
N GLY IA 330 -39.36 49.89 -6.97
CA GLY IA 330 -40.01 51.06 -7.52
C GLY IA 330 -39.87 52.27 -6.60
N SER IA 331 -40.85 53.17 -6.69
CA SER IA 331 -40.80 54.40 -5.90
C SER IA 331 -40.97 54.13 -4.41
N LYS IA 332 -41.74 53.10 -4.06
CA LYS IA 332 -42.05 52.83 -2.66
C LYS IA 332 -40.80 52.48 -1.87
N VAL IA 333 -40.79 52.88 -0.60
CA VAL IA 333 -39.71 52.56 0.33
C VAL IA 333 -40.34 52.08 1.63
N PHE IA 334 -39.88 50.93 2.12
CA PHE IA 334 -40.41 50.32 3.34
C PHE IA 334 -39.32 50.26 4.39
N LEU IA 335 -39.67 50.58 5.64
CA LEU IA 335 -38.71 50.60 6.73
C LEU IA 335 -39.38 50.13 8.01
N LYS IA 336 -38.55 49.67 8.94
CA LYS IA 336 -39.00 49.19 10.24
C LYS IA 336 -38.02 49.67 11.31
N ALA IA 337 -38.56 49.94 12.50
CA ALA IA 337 -37.75 50.40 13.61
C ALA IA 337 -38.42 50.02 14.92
N LYS IA 338 -37.63 50.05 16.00
CA LYS IA 338 -38.16 49.80 17.34
C LYS IA 338 -37.40 50.65 18.35
N ILE IA 339 -38.14 51.29 19.25
CA ILE IA 339 -37.58 52.15 20.28
C ILE IA 339 -38.45 52.03 21.52
N LYS IA 340 -37.85 52.37 22.67
CA LYS IA 340 -38.54 52.33 23.95
C LYS IA 340 -38.55 53.72 24.55
N VAL IA 341 -39.72 54.15 25.01
CA VAL IA 341 -39.92 55.51 25.52
C VAL IA 341 -39.84 55.47 27.04
N LEU IA 342 -38.96 56.30 27.61
CA LEU IA 342 -38.84 56.39 29.05
C LEU IA 342 -39.95 57.26 29.63
N ASP IA 343 -40.13 57.15 30.94
CA ASP IA 343 -41.16 57.88 31.64
C ASP IA 343 -40.63 58.35 33.00
N ALA IA 344 -41.18 59.45 33.49
CA ALA IA 344 -40.81 59.96 34.79
C ALA IA 344 -41.38 59.07 35.90
N MET IA 345 -40.74 59.11 37.05
CA MET IA 345 -41.12 58.25 38.16
C MET IA 345 -42.50 58.65 38.69
N GLU IA 346 -43.39 57.68 38.84
CA GLU IA 346 -44.74 57.92 39.32
C GLU IA 346 -45.02 57.21 40.64
N ASP IA 347 -44.80 55.90 40.70
CA ASP IA 347 -45.06 55.11 41.90
C ASP IA 347 -43.77 54.50 42.40
N ILE IA 348 -43.54 54.62 43.71
CA ILE IA 348 -42.33 54.11 44.34
C ILE IA 348 -42.75 53.12 45.42
N ASP IA 349 -42.15 51.93 45.39
CA ASP IA 349 -42.41 50.90 46.38
C ASP IA 349 -41.13 50.65 47.17
N LEU IA 350 -41.22 50.84 48.49
CA LEU IA 350 -40.09 50.61 49.40
C LEU IA 350 -40.56 49.75 50.55
N SER IA 351 -39.85 48.64 50.78
CA SER IA 351 -40.13 47.75 51.90
C SER IA 351 -38.87 47.62 52.75
N ILE IA 352 -39.00 47.91 54.04
CA ILE IA 352 -37.91 47.83 54.99
C ILE IA 352 -38.15 46.66 55.93
N GLU IA 353 -37.08 45.96 56.28
CA GLU IA 353 -37.16 44.75 57.09
C GLU IA 353 -36.45 44.98 58.41
N ILE IA 354 -37.15 44.73 59.51
CA ILE IA 354 -36.58 44.90 60.84
C ILE IA 354 -35.55 43.81 61.11
N ARG JA 7 -44.04 -42.68 -6.97
CA ARG JA 7 -43.28 -41.48 -6.61
C ARG JA 7 -42.37 -41.06 -7.76
N ASN JA 8 -42.41 -39.78 -8.11
CA ASN JA 8 -41.64 -39.24 -9.21
C ASN JA 8 -41.06 -37.90 -8.79
N VAL JA 9 -39.96 -37.53 -9.45
CA VAL JA 9 -39.37 -36.21 -9.23
C VAL JA 9 -40.34 -35.14 -9.71
N MET JA 10 -40.56 -34.14 -8.85
CA MET JA 10 -41.52 -33.09 -9.15
C MET JA 10 -41.01 -32.21 -10.30
N SER JA 11 -41.84 -32.02 -11.31
CA SER JA 11 -41.46 -31.27 -12.49
C SER JA 11 -41.63 -29.77 -12.26
N GLY JA 12 -40.85 -28.99 -12.99
CA GLY JA 12 -40.94 -27.54 -12.87
C GLY JA 12 -42.08 -26.90 -13.63
N THR JA 13 -42.81 -27.67 -14.43
CA THR JA 13 -43.94 -27.11 -15.17
C THR JA 13 -45.00 -26.58 -14.22
N TRP JA 14 -45.29 -27.31 -13.14
CA TRP JA 14 -46.36 -26.96 -12.22
C TRP JA 14 -45.87 -25.99 -11.15
N GLY JA 15 -45.40 -24.83 -11.60
CA GLY JA 15 -44.89 -23.79 -10.72
C GLY JA 15 -45.80 -22.57 -10.75
N GLU JA 16 -46.14 -22.10 -9.55
CA GLU JA 16 -46.95 -20.89 -9.39
C GLU JA 16 -46.26 -19.93 -8.45
N LEU JA 17 -46.38 -18.64 -8.75
CA LEU JA 17 -45.69 -17.61 -7.98
C LEU JA 17 -46.65 -16.47 -7.70
N TRP JA 18 -46.73 -16.06 -6.43
CA TRP JA 18 -47.50 -14.90 -6.01
C TRP JA 18 -46.56 -13.83 -5.52
N LEU JA 19 -46.67 -12.63 -6.09
CA LEU JA 19 -45.82 -11.51 -5.73
C LEU JA 19 -46.68 -10.42 -5.11
N ASP JA 20 -46.46 -10.16 -3.82
CA ASP JA 20 -47.19 -9.12 -3.08
C ASP JA 20 -48.70 -9.36 -3.15
N GLY JA 21 -49.10 -10.63 -3.11
CA GLY JA 21 -50.49 -10.99 -3.10
C GLY JA 21 -51.17 -11.02 -4.45
N ASN JA 22 -50.44 -10.74 -5.53
CA ASN JA 22 -50.99 -10.78 -6.88
C ASN JA 22 -50.35 -11.93 -7.63
N LYS JA 23 -51.17 -12.78 -8.24
CA LYS JA 23 -50.65 -13.93 -8.95
C LYS JA 23 -49.91 -13.49 -10.20
N VAL JA 24 -48.71 -14.03 -10.39
CA VAL JA 24 -47.89 -13.73 -11.55
C VAL JA 24 -48.17 -14.82 -12.57
N ALA JA 25 -49.11 -14.54 -13.48
CA ALA JA 25 -49.53 -15.55 -14.45
C ALA JA 25 -48.40 -15.93 -15.39
N GLU JA 26 -47.61 -14.95 -15.83
CA GLU JA 26 -46.51 -15.17 -16.76
C GLU JA 26 -45.23 -15.36 -15.96
N VAL JA 27 -44.65 -16.56 -16.04
CA VAL JA 27 -43.44 -16.87 -15.30
C VAL JA 27 -42.78 -18.08 -15.95
N LYS JA 28 -41.46 -18.04 -16.03
CA LYS JA 28 -40.68 -19.12 -16.63
C LYS JA 28 -39.80 -19.85 -15.63
N LYS JA 29 -39.02 -19.12 -14.84
CA LYS JA 29 -38.17 -19.72 -13.82
C LYS JA 29 -38.30 -18.93 -12.52
N PHE JA 30 -38.09 -19.63 -11.41
CA PHE JA 30 -37.96 -19.01 -10.10
C PHE JA 30 -36.82 -19.69 -9.37
N GLN JA 31 -36.12 -18.92 -8.54
CA GLN JA 31 -34.93 -19.45 -7.89
C GLN JA 31 -34.63 -18.62 -6.65
N ALA JA 32 -34.46 -19.31 -5.51
CA ALA JA 32 -34.03 -18.68 -4.27
C ALA JA 32 -32.93 -19.54 -3.67
N LYS JA 33 -31.92 -18.90 -3.09
CA LYS JA 33 -30.74 -19.61 -2.66
C LYS JA 33 -30.12 -18.89 -1.47
N MET JA 34 -29.25 -19.60 -0.76
CA MET JA 34 -28.71 -19.14 0.51
C MET JA 34 -27.24 -19.51 0.57
N GLU JA 35 -26.37 -18.51 0.59
CA GLU JA 35 -24.92 -18.73 0.65
C GLU JA 35 -24.42 -18.43 2.06
N PHE JA 36 -23.69 -19.37 2.64
CA PHE JA 36 -23.11 -19.16 3.95
C PHE JA 36 -21.71 -18.58 3.83
N THR JA 37 -21.35 -17.74 4.78
CA THR JA 37 -20.03 -17.13 4.84
C THR JA 37 -19.19 -17.91 5.84
N LYS JA 38 -18.10 -18.50 5.37
CA LYS JA 38 -17.22 -19.30 6.20
C LYS JA 38 -15.84 -18.69 6.24
N GLU JA 39 -15.17 -18.81 7.38
CA GLU JA 39 -13.84 -18.27 7.60
C GLU JA 39 -12.89 -19.39 7.96
N ASP JA 40 -11.72 -19.41 7.31
CA ASP JA 40 -10.74 -20.46 7.58
C ASP JA 40 -10.08 -20.23 8.92
N ILE JA 41 -10.01 -21.29 9.73
CA ILE JA 41 -9.35 -21.25 11.03
C ILE JA 41 -8.41 -22.43 11.13
N ILE JA 42 -7.16 -22.16 11.48
CA ILE JA 42 -6.13 -23.18 11.61
C ILE JA 42 -5.88 -23.41 13.10
N ILE JA 43 -6.01 -24.65 13.53
CA ILE JA 43 -5.82 -25.03 14.93
C ILE JA 43 -4.46 -25.70 15.06
N ALA JA 44 -3.72 -25.32 16.11
CA ALA JA 44 -2.39 -25.86 16.32
C ALA JA 44 -2.44 -27.38 16.50
N GLY JA 45 -1.54 -28.08 15.80
CA GLY JA 45 -1.45 -29.51 15.90
C GLY JA 45 -2.35 -30.30 14.98
N GLN JA 46 -3.14 -29.64 14.14
CA GLN JA 46 -4.06 -30.31 13.23
C GLN JA 46 -3.78 -29.89 11.80
N MET JA 47 -3.53 -30.86 10.92
CA MET JA 47 -3.40 -30.56 9.50
C MET JA 47 -4.71 -30.10 8.90
N GLY JA 48 -5.83 -30.70 9.31
CA GLY JA 48 -7.11 -30.29 8.78
C GLY JA 48 -7.43 -28.85 9.10
N THR JA 49 -8.04 -28.16 8.14
CA THR JA 49 -8.39 -26.76 8.27
C THR JA 49 -9.89 -26.65 8.45
N ASP JA 50 -10.32 -26.36 9.68
CA ASP JA 50 -11.74 -26.27 9.98
C ASP JA 50 -12.23 -24.85 9.74
N THR JA 51 -13.54 -24.70 9.59
CA THR JA 51 -14.14 -23.44 9.21
C THR JA 51 -15.22 -23.05 10.21
N LYS JA 52 -15.43 -21.74 10.34
CA LYS JA 52 -16.40 -21.16 11.26
C LYS JA 52 -17.50 -20.49 10.47
N TYR JA 53 -18.75 -20.73 10.88
CA TYR JA 53 -19.92 -20.14 10.23
C TYR JA 53 -20.15 -18.74 10.77
N MET JA 54 -20.21 -17.76 9.86
CA MET JA 54 -20.28 -16.35 10.25
C MET JA 54 -21.57 -15.66 9.84
N GLY JA 55 -22.36 -16.23 8.95
CA GLY JA 55 -23.57 -15.59 8.49
C GLY JA 55 -23.95 -16.12 7.12
N TYR JA 56 -24.98 -15.51 6.55
CA TYR JA 56 -25.47 -15.92 5.25
C TYR JA 56 -25.97 -14.72 4.45
N LYS JA 57 -26.04 -14.91 3.15
CA LYS JA 57 -26.60 -13.93 2.23
C LYS JA 57 -27.55 -14.64 1.26
N GLY JA 58 -28.64 -13.97 0.92
CA GLY JA 58 -29.67 -14.55 0.07
C GLY JA 58 -29.64 -13.96 -1.33
N LYS JA 59 -29.80 -14.82 -2.33
CA LYS JA 59 -29.81 -14.41 -3.73
C LYS JA 59 -30.84 -15.20 -4.50
N GLY JA 60 -31.30 -14.63 -5.60
CA GLY JA 60 -32.27 -15.31 -6.44
C GLY JA 60 -32.62 -14.45 -7.63
N SER JA 61 -33.35 -15.06 -8.57
CA SER JA 61 -33.75 -14.36 -9.78
C SER JA 61 -35.08 -14.91 -10.27
N ILE JA 62 -35.79 -14.09 -11.06
CA ILE JA 62 -37.05 -14.46 -11.67
C ILE JA 62 -36.96 -14.20 -13.16
N THR JA 63 -37.54 -15.08 -13.96
CA THR JA 63 -37.60 -14.92 -15.41
C THR JA 63 -39.03 -15.05 -15.85
N LEU JA 64 -39.51 -14.09 -16.66
CA LEU JA 64 -40.89 -14.09 -17.09
C LEU JA 64 -40.97 -13.47 -18.48
N TYR JA 65 -42.02 -13.83 -19.21
CA TYR JA 65 -42.26 -13.26 -20.53
C TYR JA 65 -42.77 -11.82 -20.39
N HIS JA 66 -42.48 -11.01 -21.40
CA HIS JA 66 -42.81 -9.59 -21.34
C HIS JA 66 -44.23 -9.34 -21.87
N VAL JA 67 -45.20 -9.91 -21.15
CA VAL JA 67 -46.59 -9.71 -21.53
C VAL JA 67 -47.04 -8.29 -21.20
N SER JA 68 -46.67 -7.78 -20.03
CA SER JA 68 -47.12 -6.47 -19.57
C SER JA 68 -45.98 -5.77 -18.87
N SER JA 69 -46.17 -4.46 -18.63
CA SER JA 69 -45.19 -3.67 -17.91
C SER JA 69 -45.39 -3.81 -16.41
N ARG JA 70 -45.41 -5.06 -15.93
CA ARG JA 70 -45.69 -5.31 -14.52
C ARG JA 70 -44.60 -4.73 -13.63
N MET JA 71 -43.33 -4.93 -14.00
CA MET JA 71 -42.24 -4.55 -13.11
C MET JA 71 -42.08 -3.04 -13.02
N HIS JA 72 -42.49 -2.30 -14.04
CA HIS JA 72 -42.38 -0.84 -13.98
C HIS JA 72 -43.25 -0.27 -12.88
N LYS JA 73 -44.54 -0.64 -12.86
CA LYS JA 73 -45.48 -0.01 -11.94
C LYS JA 73 -45.03 -0.16 -10.49
N LEU JA 74 -44.29 -1.22 -10.18
CA LEU JA 74 -43.94 -1.48 -8.78
C LEU JA 74 -42.88 -0.50 -8.28
N ILE JA 75 -41.84 -0.25 -9.07
CA ILE JA 75 -40.64 0.38 -8.52
C ILE JA 75 -40.15 1.57 -9.32
N GLY JA 76 -40.63 1.75 -10.56
CA GLY JA 76 -40.05 2.76 -11.42
C GLY JA 76 -40.17 4.16 -10.86
N GLU JA 77 -41.36 4.52 -10.38
CA GLU JA 77 -41.55 5.87 -9.84
C GLU JA 77 -40.85 6.02 -8.50
N LYS JA 78 -40.87 4.98 -7.67
CA LYS JA 78 -40.32 5.08 -6.33
C LYS JA 78 -38.80 5.19 -6.34
N ILE JA 79 -38.14 4.50 -7.28
CA ILE JA 79 -36.68 4.47 -7.29
C ILE JA 79 -36.12 5.87 -7.54
N LYS JA 80 -36.69 6.59 -8.51
CA LYS JA 80 -36.19 7.93 -8.81
C LYS JA 80 -36.35 8.88 -7.63
N ARG JA 81 -37.39 8.67 -6.82
CA ARG JA 81 -37.62 9.53 -5.66
C ARG JA 81 -36.66 9.24 -4.52
N GLY JA 82 -36.08 8.05 -4.47
CA GLY JA 82 -35.10 7.71 -3.45
C GLY JA 82 -35.60 6.80 -2.35
N SER JA 83 -36.83 6.31 -2.43
CA SER JA 83 -37.38 5.40 -1.44
C SER JA 83 -37.42 3.99 -2.02
N GLU JA 84 -36.81 3.05 -1.31
CA GLU JA 84 -36.70 1.68 -1.83
C GLU JA 84 -37.85 0.83 -1.31
N PRO JA 85 -38.62 0.17 -2.17
CA PRO JA 85 -39.68 -0.72 -1.71
C PRO JA 85 -39.18 -2.14 -1.49
N ARG JA 86 -39.81 -2.81 -0.52
CA ARG JA 86 -39.50 -4.19 -0.18
C ARG JA 86 -40.76 -5.04 -0.35
N PHE JA 87 -40.59 -6.22 -0.94
CA PHE JA 87 -41.69 -7.05 -1.37
C PHE JA 87 -41.63 -8.41 -0.69
N VAL JA 88 -42.73 -9.16 -0.83
CA VAL JA 88 -42.86 -10.52 -0.30
C VAL JA 88 -43.38 -11.42 -1.41
N ALA JA 89 -42.74 -12.57 -1.60
CA ALA JA 89 -43.10 -13.49 -2.66
C ALA JA 89 -43.37 -14.87 -2.10
N ILE JA 90 -44.31 -15.58 -2.73
CA ILE JA 90 -44.67 -16.94 -2.35
C ILE JA 90 -44.61 -17.81 -3.59
N SER JA 91 -43.95 -18.96 -3.48
CA SER JA 91 -43.82 -19.89 -4.59
C SER JA 91 -44.38 -21.25 -4.19
N LYS JA 92 -45.31 -21.76 -4.98
CA LYS JA 92 -45.93 -23.06 -4.73
C LYS JA 92 -45.67 -23.97 -5.91
N LEU JA 93 -45.21 -25.18 -5.63
CA LEU JA 93 -44.86 -26.16 -6.66
C LEU JA 93 -45.63 -27.45 -6.37
N ASN JA 94 -46.66 -27.73 -7.17
CA ASN JA 94 -47.60 -28.81 -6.90
C ASN JA 94 -47.65 -29.71 -8.14
N ASP JA 95 -46.95 -30.85 -8.08
CA ASP JA 95 -46.94 -31.81 -9.17
C ASP JA 95 -47.95 -32.91 -8.87
N PRO JA 96 -48.92 -33.18 -9.75
CA PRO JA 96 -49.88 -34.25 -9.47
C PRO JA 96 -49.22 -35.61 -9.31
N ASP JA 97 -48.13 -35.88 -10.02
CA ASP JA 97 -47.44 -37.16 -9.88
C ASP JA 97 -46.73 -37.27 -8.54
N SER JA 98 -46.15 -36.16 -8.07
CA SER JA 98 -45.34 -36.18 -6.86
C SER JA 98 -46.19 -36.49 -5.62
N TYR JA 99 -45.50 -36.68 -4.51
CA TYR JA 99 -46.18 -37.05 -3.27
C TYR JA 99 -47.01 -35.89 -2.72
N GLY JA 100 -46.44 -34.68 -2.74
CA GLY JA 100 -47.13 -33.54 -2.19
C GLY JA 100 -46.72 -32.21 -2.80
N ALA JA 101 -47.15 -31.11 -2.19
CA ALA JA 101 -46.83 -29.77 -2.67
C ALA JA 101 -46.19 -28.98 -1.55
N GLU JA 102 -45.19 -28.17 -1.91
CA GLU JA 102 -44.48 -27.35 -0.93
C GLU JA 102 -44.63 -25.88 -1.29
N ARG JA 103 -44.64 -25.04 -0.26
CA ARG JA 103 -44.79 -23.60 -0.42
C ARG JA 103 -43.69 -22.88 0.34
N ILE JA 104 -43.13 -21.85 -0.27
CA ILE JA 104 -42.03 -21.08 0.30
C ILE JA 104 -42.47 -19.63 0.38
N ALA JA 105 -42.26 -19.01 1.53
CA ALA JA 105 -42.50 -17.59 1.72
C ALA JA 105 -41.16 -16.89 1.85
N VAL JA 106 -40.75 -16.20 0.79
CA VAL JA 106 -39.51 -15.43 0.76
C VAL JA 106 -39.86 -13.98 1.03
N LYS JA 107 -39.23 -13.39 2.04
CA LYS JA 107 -39.63 -12.09 2.54
C LYS JA 107 -38.51 -11.08 2.43
N ASN JA 108 -38.90 -9.80 2.40
CA ASN JA 108 -37.97 -8.68 2.33
C ASN JA 108 -37.10 -8.78 1.08
N ILE JA 109 -37.76 -8.71 -0.07
CA ILE JA 109 -37.10 -8.85 -1.37
C ILE JA 109 -36.75 -7.47 -1.90
N ALA JA 110 -35.51 -7.32 -2.37
CA ALA JA 110 -35.05 -6.10 -3.02
C ALA JA 110 -34.48 -6.45 -4.38
N PHE JA 111 -34.91 -5.71 -5.40
CA PHE JA 111 -34.53 -6.01 -6.78
C PHE JA 111 -33.23 -5.30 -7.15
N ASP JA 112 -32.44 -5.97 -7.99
CA ASP JA 112 -31.13 -5.45 -8.39
C ASP JA 112 -31.18 -4.54 -9.60
N ASP JA 113 -32.15 -4.71 -10.50
CA ASP JA 113 -32.17 -3.93 -11.72
C ASP JA 113 -33.58 -3.81 -12.25
N LEU JA 114 -33.78 -2.84 -13.15
CA LEU JA 114 -35.04 -2.61 -13.82
C LEU JA 114 -34.79 -2.50 -15.31
N THR JA 115 -35.55 -3.26 -16.10
CA THR JA 115 -35.39 -3.29 -17.55
C THR JA 115 -36.50 -2.49 -18.19
N LEU JA 116 -36.16 -1.30 -18.70
CA LEU JA 116 -37.18 -0.43 -19.29
C LEU JA 116 -37.70 -1.01 -20.60
N ALA JA 117 -36.81 -1.42 -21.48
CA ALA JA 117 -37.22 -1.93 -22.78
C ALA JA 117 -36.11 -2.80 -23.36
N ASP JA 118 -36.51 -3.90 -24.00
CA ASP JA 118 -35.54 -4.79 -24.65
C ASP JA 118 -36.29 -5.61 -25.69
N TRP JA 119 -35.84 -5.55 -26.94
CA TRP JA 119 -36.49 -6.29 -28.01
C TRP JA 119 -35.52 -6.49 -29.15
N GLU JA 120 -35.79 -7.53 -29.95
CA GLU JA 120 -34.97 -7.88 -31.10
C GLU JA 120 -35.88 -8.47 -32.16
N VAL JA 121 -35.52 -8.25 -33.42
CA VAL JA 121 -36.38 -8.65 -34.53
C VAL JA 121 -36.47 -10.16 -34.59
N GLY JA 122 -37.69 -10.68 -34.56
CA GLY JA 122 -37.92 -12.11 -34.66
C GLY JA 122 -37.83 -12.88 -33.36
N VAL JA 123 -37.73 -12.20 -32.23
CA VAL JA 123 -37.53 -12.84 -30.93
C VAL JA 123 -38.63 -12.37 -29.98
N LYS JA 124 -39.30 -13.31 -29.32
CA LYS JA 124 -40.30 -12.96 -28.33
C LYS JA 124 -39.64 -12.31 -27.12
N GLY JA 125 -40.33 -11.31 -26.56
CA GLY JA 125 -39.77 -10.59 -25.42
C GLY JA 125 -39.63 -11.49 -24.21
N GLU JA 126 -38.47 -11.38 -23.55
CA GLU JA 126 -38.17 -12.14 -22.35
C GLU JA 126 -37.46 -11.22 -21.36
N ILE JA 127 -37.89 -11.26 -20.10
CA ILE JA 127 -37.37 -10.37 -19.07
C ILE JA 127 -36.96 -11.21 -17.87
N GLU JA 128 -35.79 -10.90 -17.32
CA GLU JA 128 -35.31 -11.55 -16.10
C GLU JA 128 -34.83 -10.48 -15.13
N ALA JA 129 -35.00 -10.76 -13.84
CA ALA JA 129 -34.68 -9.78 -12.82
C ALA JA 129 -34.10 -10.42 -11.56
N PRO JA 130 -32.81 -10.25 -11.31
CA PRO JA 130 -32.22 -10.77 -10.07
C PRO JA 130 -32.69 -9.98 -8.86
N PHE JA 131 -32.49 -10.56 -7.69
CA PHE JA 131 -32.91 -9.92 -6.45
C PHE JA 131 -32.17 -10.55 -5.27
N THR JA 132 -32.31 -9.94 -4.10
CA THR JA 132 -31.75 -10.43 -2.86
C THR JA 132 -32.80 -10.38 -1.77
N PHE JA 133 -32.70 -11.32 -0.82
CA PHE JA 133 -33.66 -11.40 0.28
C PHE JA 133 -32.92 -11.70 1.58
N THR JA 134 -33.58 -11.38 2.69
CA THR JA 134 -32.98 -11.51 4.01
C THR JA 134 -33.44 -12.77 4.75
N GLU JA 135 -34.74 -12.94 4.93
CA GLU JA 135 -35.28 -14.03 5.73
C GLU JA 135 -36.41 -14.72 4.99
N TYR JA 136 -36.74 -15.92 5.45
CA TYR JA 136 -37.74 -16.76 4.81
C TYR JA 136 -38.56 -17.48 5.87
N ASP JA 137 -39.76 -17.88 5.46
CA ASP JA 137 -40.62 -18.75 6.27
C ASP JA 137 -41.10 -19.90 5.40
N PHE JA 138 -41.31 -21.05 6.05
CA PHE JA 138 -41.52 -22.31 5.36
C PHE JA 138 -42.91 -22.84 5.66
N LEU JA 139 -43.61 -23.29 4.62
CA LEU JA 139 -44.98 -23.77 4.74
C LEU JA 139 -45.15 -25.04 3.94
N ASP JA 140 -46.02 -25.93 4.43
CA ASP JA 140 -46.44 -27.14 3.72
C ASP JA 140 -45.23 -28.00 3.34
N ILE JA 141 -44.58 -28.52 4.38
CA ILE JA 141 -43.42 -29.38 4.18
C ILE JA 141 -43.84 -30.65 3.44
N ILE JA 142 -42.87 -31.25 2.75
CA ILE JA 142 -43.10 -32.50 2.05
C ILE JA 142 -42.56 -33.68 2.85
N ASN KA 3 -10.11 -31.06 22.38
CA ASN KA 3 -10.75 -30.03 23.18
C ASN KA 3 -11.15 -28.83 22.33
N MET KA 4 -10.15 -28.12 21.83
CA MET KA 4 -10.40 -26.95 20.99
C MET KA 4 -11.15 -27.35 19.72
N GLU KA 5 -12.19 -26.59 19.40
CA GLU KA 5 -12.93 -26.78 18.16
C GLU KA 5 -13.22 -25.40 17.58
N ALA KA 6 -13.28 -25.33 16.25
CA ALA KA 6 -13.37 -24.03 15.58
C ALA KA 6 -14.65 -23.29 15.95
N ARG KA 7 -15.74 -24.02 16.18
CA ARG KA 7 -17.02 -23.36 16.46
C ARG KA 7 -16.98 -22.51 17.72
N ASN KA 8 -16.10 -22.86 18.67
CA ASN KA 8 -16.10 -22.19 19.96
C ASN KA 8 -15.63 -20.73 19.88
N VAL KA 9 -15.00 -20.33 18.78
CA VAL KA 9 -14.49 -18.97 18.67
C VAL KA 9 -15.65 -18.00 18.57
N MET KA 10 -15.63 -16.96 19.40
CA MET KA 10 -16.73 -16.01 19.45
C MET KA 10 -16.81 -15.19 18.16
N SER KA 11 -18.02 -14.78 17.82
CA SER KA 11 -18.27 -13.93 16.66
C SER KA 11 -18.71 -12.54 17.12
N GLY KA 12 -18.23 -11.52 16.45
CA GLY KA 12 -18.59 -10.16 16.81
C GLY KA 12 -20.00 -9.76 16.43
N THR KA 13 -20.67 -10.55 15.60
CA THR KA 13 -22.04 -10.24 15.22
C THR KA 13 -22.98 -10.25 16.42
N TRP KA 14 -22.65 -11.05 17.44
CA TRP KA 14 -23.53 -11.23 18.59
C TRP KA 14 -23.33 -10.21 19.70
N GLY KA 15 -22.37 -9.30 19.56
CA GLY KA 15 -22.17 -8.30 20.60
C GLY KA 15 -23.29 -7.29 20.65
N GLU KA 16 -23.48 -6.71 21.83
CA GLU KA 16 -24.46 -5.65 22.01
C GLU KA 16 -23.96 -4.70 23.10
N LEU KA 17 -24.47 -3.48 23.07
CA LEU KA 17 -23.95 -2.41 23.92
C LEU KA 17 -25.08 -1.62 24.54
N TRP KA 18 -24.94 -1.31 25.83
CA TRP KA 18 -25.81 -0.39 26.54
C TRP KA 18 -24.98 0.82 26.96
N LEU KA 19 -25.41 2.01 26.55
CA LEU KA 19 -24.74 3.25 26.93
C LEU KA 19 -25.70 4.07 27.78
N ASP KA 20 -25.29 4.37 29.01
CA ASP KA 20 -26.10 5.14 29.95
C ASP KA 20 -27.46 4.47 30.18
N GLY KA 21 -27.47 3.15 30.21
CA GLY KA 21 -28.68 2.39 30.48
C GLY KA 21 -29.62 2.20 29.31
N ASN KA 22 -29.27 2.71 28.13
CA ASN KA 22 -30.10 2.57 26.95
C ASN KA 22 -29.41 1.64 25.95
N LYS KA 23 -30.22 0.85 25.25
CA LYS KA 23 -29.68 -0.09 24.27
C LYS KA 23 -29.37 0.65 22.97
N VAL KA 24 -28.16 0.41 22.45
CA VAL KA 24 -27.72 1.01 21.19
C VAL KA 24 -27.80 -0.06 20.12
N ALA KA 25 -28.80 0.04 19.26
CA ALA KA 25 -29.00 -0.97 18.22
C ALA KA 25 -28.01 -0.81 17.07
N GLU KA 26 -27.64 0.41 16.74
CA GLU KA 26 -26.80 0.67 15.56
C GLU KA 26 -25.31 0.66 15.90
N VAL KA 27 -24.85 -0.37 16.59
CA VAL KA 27 -23.45 -0.47 17.00
C VAL KA 27 -22.69 -1.28 15.95
N LYS KA 28 -21.48 -0.85 15.65
CA LYS KA 28 -20.60 -1.57 14.73
C LYS KA 28 -19.47 -2.30 15.44
N LYS KA 29 -18.71 -1.61 16.29
CA LYS KA 29 -17.64 -2.24 17.04
C LYS KA 29 -17.40 -1.49 18.33
N PHE KA 30 -17.04 -2.22 19.38
CA PHE KA 30 -16.73 -1.68 20.69
C PHE KA 30 -15.37 -2.20 21.12
N GLN KA 31 -14.58 -1.33 21.75
CA GLN KA 31 -13.23 -1.70 22.14
C GLN KA 31 -12.86 -0.96 23.41
N ALA KA 32 -12.27 -1.69 24.36
CA ALA KA 32 -11.76 -1.11 25.60
C ALA KA 32 -10.42 -1.78 25.92
N LYS KA 33 -9.49 -1.00 26.45
CA LYS KA 33 -8.14 -1.50 26.67
C LYS KA 33 -7.54 -0.80 27.88
N MET KA 34 -6.50 -1.42 28.44
CA MET KA 34 -5.82 -0.91 29.62
C MET KA 34 -4.32 -0.96 29.38
N GLU KA 35 -3.68 0.21 29.37
CA GLU KA 35 -2.25 0.31 29.10
C GLU KA 35 -1.52 0.56 30.41
N PHE KA 36 -0.58 -0.33 30.73
CA PHE KA 36 0.19 -0.21 31.96
C PHE KA 36 1.41 0.67 31.73
N THR KA 37 1.68 1.55 32.70
CA THR KA 37 2.85 2.42 32.67
C THR KA 37 3.98 1.73 33.42
N LYS KA 38 5.12 1.56 32.77
CA LYS KA 38 6.26 0.88 33.36
C LYS KA 38 7.52 1.72 33.18
N GLU KA 39 8.44 1.57 34.12
CA GLU KA 39 9.69 2.31 34.13
C GLU KA 39 10.86 1.32 34.09
N ASP KA 40 11.86 1.63 33.28
CA ASP KA 40 13.04 0.77 33.20
C ASP KA 40 13.91 0.95 34.43
N ILE KA 41 14.33 -0.17 35.03
CA ILE KA 41 15.17 -0.16 36.21
C ILE KA 41 16.32 -1.12 35.98
N ILE KA 42 17.55 -0.66 36.20
CA ILE KA 42 18.75 -1.46 36.01
C ILE KA 42 19.31 -1.82 37.37
N ILE KA 43 19.53 -3.11 37.60
CA ILE KA 43 20.04 -3.63 38.86
C ILE KA 43 21.52 -3.95 38.70
N ALA KA 44 22.32 -3.53 39.68
CA ALA KA 44 23.75 -3.78 39.63
C ALA KA 44 24.04 -5.27 39.57
N GLY KA 45 24.96 -5.66 38.69
CA GLY KA 45 25.36 -7.04 38.55
C GLY KA 45 24.50 -7.89 37.65
N GLN KA 46 23.41 -7.34 37.11
CA GLN KA 46 22.51 -8.10 36.24
C GLN KA 46 22.50 -7.46 34.85
N MET KA 47 22.66 -8.29 33.82
CA MET KA 47 22.53 -7.80 32.45
C MET KA 47 21.08 -7.55 32.08
N GLY KA 48 20.18 -8.45 32.49
CA GLY KA 48 18.77 -8.29 32.18
C GLY KA 48 18.17 -7.05 32.78
N THR KA 49 17.53 -6.24 31.96
CA THR KA 49 16.89 -5.01 32.41
C THR KA 49 15.47 -5.32 32.88
N ASP KA 50 15.15 -4.92 34.10
CA ASP KA 50 13.86 -5.18 34.71
C ASP KA 50 13.03 -3.90 34.73
N THR KA 51 11.72 -4.07 34.93
CA THR KA 51 10.78 -2.96 34.89
C THR KA 51 9.94 -2.94 36.15
N LYS KA 52 9.45 -1.75 36.48
CA LYS KA 52 8.56 -1.52 37.61
C LYS KA 52 7.23 -1.01 37.10
N TYR KA 53 6.14 -1.61 37.56
CA TYR KA 53 4.81 -1.22 37.12
C TYR KA 53 4.28 -0.12 38.04
N MET KA 54 3.84 0.99 37.44
CA MET KA 54 3.53 2.19 38.20
C MET KA 54 2.09 2.66 38.07
N GLY KA 55 1.40 2.35 36.99
CA GLY KA 55 0.02 2.77 36.83
C GLY KA 55 -0.53 2.24 35.53
N TYR KA 56 -1.82 2.52 35.31
CA TYR KA 56 -2.48 2.10 34.08
C TYR KA 56 -3.33 3.25 33.54
N LYS KA 57 -3.54 3.23 32.22
CA LYS KA 57 -4.35 4.20 31.52
C LYS KA 57 -5.27 3.46 30.55
N GLY KA 58 -6.53 3.83 30.52
CA GLY KA 58 -7.54 3.13 29.72
C GLY KA 58 -7.95 3.96 28.51
N LYS KA 59 -8.11 3.28 27.38
CA LYS KA 59 -8.54 3.92 26.14
C LYS KA 59 -9.50 2.99 25.40
N GLY KA 60 -10.33 3.58 24.55
CA GLY KA 60 -11.28 2.80 23.78
C GLY KA 60 -11.95 3.68 22.74
N SER KA 61 -12.81 3.05 21.95
CA SER KA 61 -13.53 3.76 20.89
C SER KA 61 -14.84 3.05 20.61
N ILE KA 62 -15.78 3.79 20.01
CA ILE KA 62 -17.08 3.29 19.63
C ILE KA 62 -17.35 3.71 18.19
N THR KA 63 -17.82 2.78 17.37
CA THR KA 63 -18.20 3.06 15.99
C THR KA 63 -19.65 2.66 15.79
N LEU KA 64 -20.40 3.51 15.08
CA LEU KA 64 -21.82 3.30 14.95
C LEU KA 64 -22.33 4.01 13.70
N TYR KA 65 -23.38 3.45 13.10
CA TYR KA 65 -23.99 4.05 11.92
C TYR KA 65 -24.74 5.32 12.29
N HIS KA 66 -24.87 6.22 11.31
CA HIS KA 66 -25.51 7.51 11.54
C HIS KA 66 -27.03 7.41 11.35
N VAL KA 67 -27.64 6.53 12.15
CA VAL KA 67 -29.09 6.37 12.10
C VAL KA 67 -29.79 7.58 12.68
N SER KA 68 -29.31 8.07 13.83
CA SER KA 68 -29.97 9.18 14.51
C SER KA 68 -28.90 10.03 15.20
N SER KA 69 -29.30 11.24 15.57
CA SER KA 69 -28.39 12.19 16.22
C SER KA 69 -28.35 11.94 17.74
N ARG KA 70 -27.88 10.75 18.09
CA ARG KA 70 -27.83 10.37 19.50
C ARG KA 70 -26.69 11.08 20.23
N MET KA 71 -25.51 11.15 19.59
CA MET KA 71 -24.33 11.63 20.30
C MET KA 71 -24.42 13.12 20.63
N HIS KA 72 -25.13 13.89 19.82
CA HIS KA 72 -25.28 15.33 20.09
C HIS KA 72 -26.01 15.56 21.41
N LYS KA 73 -27.18 14.94 21.56
CA LYS KA 73 -28.04 15.22 22.70
C LYS KA 73 -27.35 14.96 24.03
N LEU KA 74 -26.34 14.08 24.06
CA LEU KA 74 -25.68 13.75 25.31
C LEU KA 74 -24.82 14.89 25.83
N ILE KA 75 -23.97 15.48 24.98
CA ILE KA 75 -22.91 16.33 25.48
C ILE KA 75 -22.78 17.67 24.76
N GLY KA 76 -23.58 17.89 23.71
CA GLY KA 76 -23.35 19.07 22.88
C GLY KA 76 -23.45 20.37 23.65
N GLU KA 77 -24.51 20.53 24.44
CA GLU KA 77 -24.68 21.77 25.19
C GLU KA 77 -23.78 21.81 26.43
N LYS KA 78 -23.59 20.66 27.09
CA LYS KA 78 -22.80 20.64 28.31
C LYS KA 78 -21.33 20.96 28.05
N ILE KA 79 -20.81 20.61 26.86
CA ILE KA 79 -19.44 20.98 26.54
C ILE KA 79 -19.30 22.50 26.46
N LYS KA 80 -20.26 23.17 25.83
CA LYS KA 80 -20.23 24.63 25.79
C LYS KA 80 -20.38 25.22 27.18
N ARG KA 81 -21.25 24.63 28.00
CA ARG KA 81 -21.50 25.18 29.33
C ARG KA 81 -20.27 25.05 30.23
N GLY KA 82 -19.41 24.07 29.97
CA GLY KA 82 -18.25 23.85 30.80
C GLY KA 82 -18.36 22.70 31.79
N SER KA 83 -19.46 21.95 31.76
CA SER KA 83 -19.65 20.80 32.63
C SER KA 83 -19.46 19.53 31.81
N GLU KA 84 -18.50 18.69 32.21
CA GLU KA 84 -18.17 17.49 31.47
C GLU KA 84 -18.98 16.31 31.99
N PRO KA 85 -19.79 15.66 31.17
CA PRO KA 85 -20.55 14.50 31.63
C PRO KA 85 -19.69 13.26 31.71
N ARG KA 86 -20.19 12.29 32.47
CA ARG KA 86 -19.57 10.97 32.60
C ARG KA 86 -20.63 9.90 32.39
N PHE KA 87 -20.23 8.80 31.75
CA PHE KA 87 -21.16 7.77 31.36
C PHE KA 87 -20.66 6.39 31.77
N VAL KA 88 -21.58 5.43 31.78
CA VAL KA 88 -21.29 4.04 32.08
C VAL KA 88 -21.79 3.19 30.93
N ALA KA 89 -20.95 2.27 30.46
CA ALA KA 89 -21.28 1.42 29.32
C ALA KA 89 -21.16 -0.04 29.72
N ILE KA 90 -22.03 -0.87 29.14
CA ILE KA 90 -22.06 -2.30 29.41
C ILE KA 90 -22.06 -3.04 28.08
N SER KA 91 -21.12 -3.96 27.92
CA SER KA 91 -20.99 -4.74 26.70
C SER KA 91 -21.14 -6.22 27.03
N LYS KA 92 -22.03 -6.90 26.31
CA LYS KA 92 -22.30 -8.32 26.53
C LYS KA 92 -22.11 -9.05 25.22
N LEU KA 93 -21.26 -10.07 25.23
CA LEU KA 93 -20.94 -10.87 24.06
C LEU KA 93 -21.46 -12.28 24.28
N ASN KA 94 -22.41 -12.72 23.46
CA ASN KA 94 -23.13 -13.97 23.67
C ASN KA 94 -23.20 -14.74 22.35
N ASP KA 95 -22.27 -15.66 22.16
CA ASP KA 95 -22.26 -16.50 20.97
C ASP KA 95 -22.81 -17.87 21.33
N PRO KA 96 -23.88 -18.34 20.67
CA PRO KA 96 -24.48 -19.62 21.06
C PRO KA 96 -23.53 -20.79 21.05
N ASP KA 97 -22.59 -20.83 20.11
CA ASP KA 97 -21.64 -21.95 20.06
C ASP KA 97 -20.59 -21.86 21.15
N SER KA 98 -20.31 -20.66 21.64
CA SER KA 98 -19.29 -20.49 22.66
C SER KA 98 -19.73 -21.10 23.99
N TYR KA 99 -18.79 -21.18 24.93
CA TYR KA 99 -19.10 -21.76 26.23
C TYR KA 99 -20.16 -20.95 26.97
N GLY KA 100 -20.05 -19.62 26.95
CA GLY KA 100 -21.00 -18.80 27.65
C GLY KA 100 -20.78 -17.34 27.32
N ALA KA 101 -21.72 -16.52 27.78
CA ALA KA 101 -21.64 -15.08 27.55
C ALA KA 101 -20.76 -14.42 28.60
N GLU KA 102 -20.18 -13.29 28.23
CA GLU KA 102 -19.40 -12.46 29.14
C GLU KA 102 -19.91 -11.03 29.07
N ARG KA 103 -19.88 -10.35 30.21
CA ARG KA 103 -20.46 -9.01 30.32
C ARG KA 103 -19.57 -8.14 31.20
N ILE KA 104 -18.97 -7.12 30.61
CA ILE KA 104 -18.03 -6.26 31.32
C ILE KA 104 -18.60 -4.85 31.32
N ALA KA 105 -18.61 -4.22 32.48
CA ALA KA 105 -19.11 -2.86 32.64
C ALA KA 105 -17.95 -1.89 32.77
N VAL KA 106 -17.97 -0.85 31.94
CA VAL KA 106 -16.92 0.16 31.93
C VAL KA 106 -17.52 1.45 32.48
N LYS KA 107 -16.88 2.01 33.50
CA LYS KA 107 -17.41 3.15 34.22
C LYS KA 107 -16.53 4.37 34.05
N ASN KA 108 -17.12 5.54 34.30
CA ASN KA 108 -16.44 6.83 34.25
C ASN KA 108 -15.81 7.06 32.87
N ILE KA 109 -16.68 7.17 31.87
CA ILE KA 109 -16.26 7.35 30.50
C ILE KA 109 -16.30 8.83 30.15
N ALA KA 110 -15.22 9.33 29.54
CA ALA KA 110 -15.14 10.69 29.06
C ALA KA 110 -14.75 10.67 27.59
N PHE KA 111 -15.54 11.34 26.75
CA PHE KA 111 -15.34 11.29 25.32
C PHE KA 111 -14.28 12.29 24.88
N ASP KA 112 -13.63 11.96 23.76
CA ASP KA 112 -12.54 12.79 23.25
C ASP KA 112 -12.99 13.86 22.27
N ASP KA 113 -14.03 13.61 21.49
CA ASP KA 113 -14.44 14.56 20.46
C ASP KA 113 -15.89 14.32 20.07
N LEU KA 114 -16.47 15.33 19.41
CA LEU KA 114 -17.84 15.28 18.95
C LEU KA 114 -17.88 15.62 17.48
N THR KA 115 -18.59 14.81 16.69
CA THR KA 115 -18.66 14.98 15.24
C THR KA 115 -20.01 15.59 14.89
N LEU KA 116 -20.01 16.87 14.55
CA LEU KA 116 -21.26 17.56 14.22
C LEU KA 116 -21.84 17.05 12.91
N ALA KA 117 -21.02 16.96 11.86
CA ALA KA 117 -21.50 16.52 10.56
C ALA KA 117 -20.35 15.91 9.77
N ASP KA 118 -20.59 14.74 9.18
CA ASP KA 118 -19.59 14.05 8.37
C ASP KA 118 -20.34 13.25 7.30
N TRP KA 119 -20.46 13.85 6.11
CA TRP KA 119 -21.20 13.21 5.02
C TRP KA 119 -20.52 13.48 3.70
N GLU KA 120 -20.49 12.47 2.83
CA GLU KA 120 -19.93 12.57 1.49
C GLU KA 120 -20.87 11.88 0.53
N VAL KA 121 -20.95 12.40 -0.70
CA VAL KA 121 -21.87 11.86 -1.68
C VAL KA 121 -21.48 10.42 -2.02
N GLY KA 122 -22.50 9.57 -2.15
CA GLY KA 122 -22.27 8.17 -2.48
C GLY KA 122 -21.65 7.35 -1.38
N VAL KA 123 -21.63 7.85 -0.14
CA VAL KA 123 -21.00 7.17 0.98
C VAL KA 123 -21.98 7.15 2.15
N LYS KA 124 -22.20 5.96 2.71
CA LYS KA 124 -23.07 5.83 3.87
C LYS KA 124 -22.42 6.50 5.09
N GLY KA 125 -23.27 7.05 5.95
CA GLY KA 125 -22.77 7.78 7.11
C GLY KA 125 -22.32 6.85 8.22
N GLU KA 126 -21.25 7.26 8.90
CA GLU KA 126 -20.74 6.54 10.06
C GLU KA 126 -20.14 7.53 11.04
N ILE KA 127 -20.17 7.16 12.32
CA ILE KA 127 -19.64 7.99 13.39
C ILE KA 127 -18.72 7.13 14.25
N GLU KA 128 -17.54 7.66 14.58
CA GLU KA 128 -16.62 7.01 15.49
C GLU KA 128 -16.21 7.99 16.57
N ALA KA 129 -16.21 7.53 17.82
CA ALA KA 129 -15.91 8.38 18.96
C ALA KA 129 -14.96 7.64 19.90
N PRO KA 130 -13.73 8.12 20.09
CA PRO KA 130 -12.85 7.52 21.10
C PRO KA 130 -13.07 8.13 22.46
N PHE KA 131 -12.73 7.35 23.49
CA PHE KA 131 -13.01 7.75 24.87
C PHE KA 131 -11.94 7.20 25.79
N THR KA 132 -11.86 7.77 26.98
CA THR KA 132 -10.96 7.31 28.03
C THR KA 132 -11.77 6.99 29.28
N PHE KA 133 -11.42 5.90 29.95
CA PHE KA 133 -12.13 5.44 31.13
C PHE KA 133 -11.16 5.18 32.26
N THR KA 134 -11.71 4.98 33.46
CA THR KA 134 -10.90 4.84 34.66
C THR KA 134 -11.19 3.57 35.45
N GLU KA 135 -12.44 3.16 35.53
CA GLU KA 135 -12.83 2.04 36.38
C GLU KA 135 -13.64 1.03 35.59
N TYR KA 136 -13.60 -0.23 36.04
CA TYR KA 136 -14.36 -1.30 35.40
C TYR KA 136 -14.65 -2.38 36.43
N ASP KA 137 -15.68 -3.17 36.15
CA ASP KA 137 -16.05 -4.32 36.97
C ASP KA 137 -16.36 -5.51 36.07
N PHE KA 138 -16.23 -6.69 36.66
CA PHE KA 138 -16.42 -7.94 35.93
C PHE KA 138 -17.79 -8.54 36.27
N LEU KA 139 -18.45 -9.11 35.27
CA LEU KA 139 -19.74 -9.76 35.44
C LEU KA 139 -19.84 -10.96 34.53
N ASP KA 140 -20.16 -12.11 35.10
CA ASP KA 140 -20.50 -13.31 34.32
C ASP KA 140 -19.38 -13.70 33.35
N ILE KA 141 -18.14 -13.55 33.78
CA ILE KA 141 -17.01 -13.97 32.94
C ILE KA 141 -16.89 -15.48 32.98
N ILE KA 142 -16.44 -16.05 31.87
CA ILE KA 142 -16.32 -17.50 31.75
C ILE KA 142 -15.19 -18.00 32.64
N ASN LA 3 18.13 -11.05 46.15
CA ASN LA 3 17.29 -10.40 47.16
C ASN LA 3 16.65 -9.14 46.59
N MET LA 4 17.43 -8.35 45.84
CA MET LA 4 16.87 -7.17 45.20
C MET LA 4 15.97 -7.56 44.05
N GLU LA 5 14.82 -6.88 43.95
CA GLU LA 5 13.94 -7.00 42.81
C GLU LA 5 13.46 -5.60 42.44
N ALA LA 6 13.10 -5.42 41.16
CA ALA LA 6 12.61 -4.12 40.71
C ALA LA 6 11.30 -3.76 41.40
N ARG LA 7 10.49 -4.77 41.74
CA ARG LA 7 9.21 -4.51 42.39
C ARG LA 7 9.39 -3.84 43.75
N ASN LA 8 10.50 -4.11 44.42
CA ASN LA 8 10.70 -3.62 45.79
C ASN LA 8 10.84 -2.11 45.86
N VAL LA 9 11.12 -1.44 44.75
CA VAL LA 9 11.30 0.01 44.77
C VAL LA 9 9.96 0.67 45.02
N MET LA 10 9.93 1.60 45.98
CA MET LA 10 8.69 2.28 46.33
C MET LA 10 8.27 3.25 45.24
N SER LA 11 6.96 3.50 45.16
CA SER LA 11 6.38 4.43 44.22
C SER LA 11 5.75 5.59 44.98
N GLY LA 12 5.89 6.80 44.43
CA GLY LA 12 5.34 7.96 45.08
C GLY LA 12 3.82 8.10 44.97
N THR LA 13 3.19 7.29 44.13
CA THR LA 13 1.74 7.37 44.00
C THR LA 13 1.04 7.01 45.31
N TRP LA 14 1.60 6.07 46.06
CA TRP LA 14 1.00 5.60 47.31
C TRP LA 14 1.23 6.53 48.49
N GLY LA 15 2.04 7.58 48.34
CA GLY LA 15 2.27 8.48 49.45
C GLY LA 15 1.01 9.25 49.82
N GLU LA 16 0.88 9.52 51.12
CA GLU LA 16 -0.23 10.31 51.64
C GLU LA 16 0.28 11.21 52.74
N LEU LA 17 -0.40 12.35 52.93
CA LEU LA 17 0.07 13.40 53.81
C LEU LA 17 -1.03 13.81 54.78
N TRP LA 18 -0.64 13.99 56.05
CA TRP LA 18 -1.53 14.55 57.07
C TRP LA 18 -0.93 15.87 57.53
N LEU LA 19 -1.69 16.95 57.40
CA LEU LA 19 -1.26 18.27 57.78
C LEU LA 19 -2.17 18.81 58.87
N ASP LA 20 -1.58 19.16 60.01
CA ASP LA 20 -2.31 19.72 61.16
C ASP LA 20 -3.41 18.77 61.63
N GLY LA 21 -3.18 17.47 61.51
CA GLY LA 21 -4.16 16.49 61.91
C GLY LA 21 -5.28 16.26 60.94
N ASN LA 22 -5.29 16.96 59.81
CA ASN LA 22 -6.34 16.83 58.80
C ASN LA 22 -5.74 16.22 57.54
N LYS LA 23 -6.37 15.15 57.05
CA LYS LA 23 -5.86 14.48 55.87
C LYS LA 23 -5.98 15.37 54.64
N VAL LA 24 -4.94 15.37 53.81
CA VAL LA 24 -4.90 16.17 52.59
C VAL LA 24 -4.80 15.20 51.43
N ALA LA 25 -5.92 14.96 50.75
CA ALA LA 25 -5.92 14.08 49.59
C ALA LA 25 -5.44 14.78 48.32
N GLU LA 26 -5.34 16.10 48.33
CA GLU LA 26 -4.94 16.86 47.15
C GLU LA 26 -3.43 17.09 47.10
N VAL LA 27 -2.65 16.04 47.28
CA VAL LA 27 -1.20 16.15 47.41
C VAL LA 27 -0.53 15.69 46.12
N LYS LA 28 0.47 16.44 45.67
CA LYS LA 28 1.23 16.11 44.48
C LYS LA 28 2.63 15.60 44.80
N LYS LA 29 3.38 16.32 45.63
CA LYS LA 29 4.70 15.86 46.04
C LYS LA 29 5.04 16.47 47.39
N PHE LA 30 5.77 15.70 48.19
CA PHE LA 30 6.21 16.12 49.52
C PHE LA 30 7.68 15.80 49.66
N GLN LA 31 8.43 16.71 50.28
CA GLN LA 31 9.87 16.57 50.40
C GLN LA 31 10.35 17.28 51.66
N ALA LA 32 11.26 16.64 52.39
CA ALA LA 32 11.89 17.25 53.55
C ALA LA 32 13.33 16.77 53.62
N LYS LA 33 14.24 17.69 53.90
CA LYS LA 33 15.67 17.39 53.89
C LYS LA 33 16.35 18.14 55.03
N MET LA 34 17.50 17.62 55.44
CA MET LA 34 18.31 18.19 56.51
C MET LA 34 19.66 18.59 55.94
N GLU LA 35 20.07 19.83 56.18
CA GLU LA 35 21.34 20.33 55.67
C GLU LA 35 22.26 20.60 56.87
N PHE LA 36 23.32 19.82 56.98
CA PHE LA 36 24.25 19.99 58.08
C PHE LA 36 25.19 21.17 57.81
N THR LA 37 25.87 21.60 58.87
CA THR LA 37 26.84 22.69 58.79
C THR LA 37 28.21 22.14 59.14
N LYS LA 38 29.20 22.44 58.30
CA LYS LA 38 30.56 21.97 58.50
C LYS LA 38 31.54 23.13 58.35
N GLU LA 39 32.62 23.07 59.12
CA GLU LA 39 33.69 24.05 59.05
C GLU LA 39 34.99 23.35 58.71
N ASP LA 40 35.76 23.93 57.79
CA ASP LA 40 37.03 23.34 57.40
C ASP LA 40 38.05 23.52 58.51
N ILE LA 41 38.76 22.45 58.84
CA ILE LA 41 39.85 22.47 59.80
C ILE LA 41 41.10 21.92 59.13
N ILE LA 42 42.18 22.68 59.17
CA ILE LA 42 43.47 22.26 58.64
C ILE LA 42 44.36 21.93 59.82
N ILE LA 43 44.81 20.68 59.88
CA ILE LA 43 45.63 20.19 60.99
C ILE LA 43 47.06 20.06 60.48
N ALA LA 44 47.99 20.70 61.19
CA ALA LA 44 49.39 20.67 60.78
C ALA LA 44 49.93 19.25 60.83
N GLY LA 45 50.67 18.87 59.79
CA GLY LA 45 51.28 17.57 59.71
C GLY LA 45 50.60 16.58 58.78
N GLN LA 46 49.39 16.89 58.32
CA GLN LA 46 48.68 16.00 57.40
C GLN LA 46 48.16 16.81 56.22
N MET LA 47 48.15 16.17 55.04
CA MET LA 47 47.72 16.86 53.83
C MET LA 47 46.21 17.05 53.79
N GLY LA 48 45.46 16.06 54.26
CA GLY LA 48 44.02 16.12 54.13
C GLY LA 48 43.39 17.20 54.98
N THR LA 49 42.15 17.54 54.63
CA THR LA 49 41.37 18.55 55.33
C THR LA 49 40.16 17.88 55.96
N ASP LA 50 39.96 18.11 57.26
CA ASP LA 50 38.86 17.52 58.00
C ASP LA 50 37.87 18.61 58.42
N THR LA 51 36.60 18.24 58.45
CA THR LA 51 35.53 19.17 58.78
C THR LA 51 35.02 18.94 60.20
N LYS LA 52 34.29 19.93 60.71
CA LYS LA 52 33.73 19.88 62.05
C LYS LA 52 32.24 20.17 61.97
N TYR LA 53 31.43 19.33 62.60
CA TYR LA 53 29.98 19.43 62.57
C TYR LA 53 29.50 20.31 63.71
N MET LA 54 28.65 21.29 63.39
CA MET LA 54 28.19 22.23 64.40
C MET LA 54 26.68 22.32 64.48
N GLY LA 55 26.00 22.22 63.34
CA GLY LA 55 24.55 22.39 63.35
C GLY LA 55 23.93 21.90 62.06
N TYR LA 56 22.60 22.04 62.00
CA TYR LA 56 21.83 21.59 60.85
C TYR LA 56 20.64 22.52 60.64
N LYS LA 57 20.08 22.45 59.44
CA LYS LA 57 18.89 23.20 59.06
C LYS LA 57 17.81 22.26 58.55
N GLY LA 58 16.58 22.77 58.52
CA GLY LA 58 15.47 22.02 57.99
C GLY LA 58 14.83 22.69 56.79
N LYS LA 59 14.66 21.95 55.70
CA LYS LA 59 14.09 22.51 54.47
C LYS LA 59 13.11 21.51 53.88
N GLY LA 60 12.12 22.03 53.18
CA GLY LA 60 11.13 21.19 52.54
C GLY LA 60 10.16 22.03 51.74
N SER LA 61 9.28 21.32 51.03
CA SER LA 61 8.27 21.97 50.20
C SER LA 61 7.07 21.06 50.05
N ILE LA 62 5.90 21.66 49.83
CA ILE LA 62 4.67 20.94 49.59
C ILE LA 62 4.03 21.50 48.32
N THR LA 63 3.68 20.63 47.38
CA THR LA 63 2.99 21.03 46.16
C THR LA 63 1.65 20.31 46.11
N LEU LA 64 0.58 21.07 45.87
CA LEU LA 64 -0.77 20.53 45.93
C LEU LA 64 -1.61 21.15 44.82
N TYR LA 65 -2.55 20.37 44.30
CA TYR LA 65 -3.49 20.88 43.31
C TYR LA 65 -4.40 21.92 43.94
N HIS LA 66 -4.68 22.98 43.19
CA HIS LA 66 -5.50 24.08 43.69
C HIS LA 66 -6.97 23.70 43.56
N VAL LA 67 -7.45 22.98 44.58
CA VAL LA 67 -8.85 22.61 44.68
C VAL LA 67 -9.61 23.49 45.66
N SER LA 68 -9.03 23.74 46.84
CA SER LA 68 -9.66 24.56 47.86
C SER LA 68 -8.66 25.55 48.42
N SER LA 69 -9.18 26.60 49.05
CA SER LA 69 -8.34 27.67 49.59
C SER LA 69 -7.96 27.37 51.04
N ARG LA 70 -7.35 26.20 51.23
CA ARG LA 70 -6.97 25.76 52.56
C ARG LA 70 -5.78 26.56 53.11
N MET LA 71 -4.77 26.79 52.26
CA MET LA 71 -3.57 27.48 52.71
C MET LA 71 -3.88 28.90 53.18
N HIS LA 72 -4.86 29.55 52.55
CA HIS LA 72 -5.29 30.87 53.04
C HIS LA 72 -5.92 30.74 54.41
N LYS LA 73 -6.87 29.82 54.56
CA LYS LA 73 -7.54 29.65 55.84
C LYS LA 73 -6.55 29.34 56.96
N LEU LA 74 -5.41 28.74 56.62
CA LEU LA 74 -4.45 28.38 57.65
C LEU LA 74 -3.83 29.62 58.31
N ILE LA 75 -3.32 30.56 57.51
CA ILE LA 75 -2.37 31.55 58.02
C ILE LA 75 -2.70 32.98 57.59
N GLY LA 76 -3.73 33.21 56.79
CA GLY LA 76 -3.90 34.53 56.19
C GLY LA 76 -4.07 35.63 57.21
N GLU LA 77 -4.95 35.41 58.19
CA GLU LA 77 -5.18 36.45 59.19
C GLU LA 77 -4.00 36.57 60.15
N LYS LA 78 -3.43 35.43 60.56
CA LYS LA 78 -2.35 35.46 61.54
C LYS LA 78 -1.11 36.14 60.99
N ILE LA 79 -0.89 36.10 59.68
CA ILE LA 79 0.23 36.86 59.11
C ILE LA 79 0.04 38.36 59.36
N LYS LA 80 -1.17 38.87 59.07
CA LYS LA 80 -1.42 40.29 59.29
C LYS LA 80 -1.32 40.66 60.76
N ARG LA 81 -1.89 39.83 61.64
CA ARG LA 81 -1.89 40.18 63.06
C ARG LA 81 -0.48 40.26 63.61
N GLY LA 82 0.39 39.32 63.23
CA GLY LA 82 1.77 39.36 63.68
C GLY LA 82 2.19 38.17 64.51
N SER LA 83 1.34 37.13 64.53
CA SER LA 83 1.64 35.90 65.24
C SER LA 83 1.86 34.80 64.21
N GLU LA 84 3.03 34.16 64.26
CA GLU LA 84 3.39 33.14 63.29
C GLU LA 84 3.01 31.77 63.83
N PRO LA 85 2.04 31.08 63.23
CA PRO LA 85 1.66 29.76 63.72
C PRO LA 85 2.60 28.67 63.23
N ARG LA 86 2.52 27.52 63.88
CA ARG LA 86 3.30 26.35 63.52
C ARG LA 86 2.37 25.17 63.31
N PHE LA 87 2.86 24.17 62.56
CA PHE LA 87 2.05 23.02 62.22
C PHE LA 87 2.90 21.76 62.28
N VAL LA 88 2.23 20.61 62.31
CA VAL LA 88 2.88 19.31 62.34
C VAL LA 88 2.34 18.48 61.17
N ALA LA 89 3.25 17.91 60.38
CA ALA LA 89 2.89 17.13 59.21
C ALA LA 89 3.38 15.71 59.38
N ILE LA 90 2.53 14.75 59.00
CA ILE LA 90 2.84 13.33 59.07
C ILE LA 90 2.74 12.76 57.65
N SER LA 91 3.82 12.15 57.18
CA SER LA 91 3.87 11.57 55.85
C SER LA 91 3.96 10.06 55.99
N LYS LA 92 2.98 9.35 55.42
CA LYS LA 92 2.94 7.89 55.44
C LYS LA 92 3.07 7.40 54.00
N LEU LA 93 4.05 6.53 53.76
CA LEU LA 93 4.31 5.97 52.44
C LEU LA 93 4.23 4.46 52.55
N ASN LA 94 3.18 3.87 51.99
CA ASN LA 94 2.93 2.43 52.08
C ASN LA 94 2.75 1.87 50.69
N ASP LA 95 3.71 1.07 50.24
CA ASP LA 95 3.66 0.46 48.92
C ASP LA 95 3.36 -1.03 49.05
N PRO LA 96 2.26 -1.53 48.48
CA PRO LA 96 1.95 -2.96 48.62
C PRO LA 96 3.03 -3.87 48.07
N ASP LA 97 3.74 -3.46 47.02
CA ASP LA 97 4.76 -4.32 46.43
C ASP LA 97 5.98 -4.45 47.33
N SER LA 98 6.45 -3.34 47.89
CA SER LA 98 7.62 -3.37 48.75
C SER LA 98 7.27 -3.96 50.11
N TYR LA 99 8.30 -4.21 50.90
CA TYR LA 99 8.13 -4.73 52.25
C TYR LA 99 8.19 -3.59 53.26
N GLY LA 100 7.21 -3.52 54.14
CA GLY LA 100 7.18 -2.51 55.17
C GLY LA 100 6.84 -1.12 54.66
N ALA LA 101 6.42 -0.26 55.56
CA ALA LA 101 6.10 1.12 55.23
C ALA LA 101 6.73 2.04 56.27
N GLU LA 102 7.10 3.24 55.83
CA GLU LA 102 7.75 4.22 56.70
C GLU LA 102 6.84 5.43 56.88
N ARG LA 103 6.69 5.86 58.13
CA ARG LA 103 5.90 7.04 58.47
C ARG LA 103 6.76 7.96 59.31
N ILE LA 104 6.78 9.24 58.96
CA ILE LA 104 7.60 10.22 59.65
C ILE LA 104 6.75 11.43 59.99
N ALA LA 105 6.88 11.93 61.22
CA ALA LA 105 6.19 13.13 61.67
C ALA LA 105 7.18 14.28 61.73
N VAL LA 106 6.84 15.39 61.09
CA VAL LA 106 7.67 16.58 61.05
C VAL LA 106 6.99 17.65 61.88
N LYS LA 107 7.74 18.25 62.81
CA LYS LA 107 7.19 19.18 63.77
C LYS LA 107 7.84 20.56 63.63
N ASN LA 108 7.15 21.57 64.15
CA ASN LA 108 7.61 22.95 64.14
C ASN LA 108 7.86 23.44 62.70
N ILE LA 109 6.77 23.49 61.94
CA ILE LA 109 6.80 23.86 60.53
C ILE LA 109 6.35 25.31 60.39
N ALA LA 110 7.12 26.09 59.63
CA ALA LA 110 6.78 27.47 59.33
C ALA LA 110 6.92 27.69 57.83
N PHE LA 111 5.93 28.33 57.22
CA PHE LA 111 5.89 28.48 55.77
C PHE LA 111 6.64 29.73 55.33
N ASP LA 112 7.21 29.65 54.12
CA ASP LA 112 8.03 30.73 53.60
C ASP LA 112 7.25 31.73 52.77
N ASP LA 113 6.11 31.33 52.21
CA ASP LA 113 5.35 32.24 51.36
C ASP LA 113 3.87 31.86 51.40
N LEU LA 114 3.03 32.78 50.94
CA LEU LA 114 1.61 32.55 50.81
C LEU LA 114 1.16 33.05 49.44
N THR LA 115 0.38 32.23 48.73
CA THR LA 115 -0.06 32.54 47.37
C THR LA 115 -1.54 32.90 47.41
N LEU LA 116 -1.82 34.20 47.29
CA LEU LA 116 -3.22 34.64 47.29
C LEU LA 116 -3.94 34.16 46.03
N ALA LA 117 -3.35 34.40 44.85
CA ALA LA 117 -4.00 34.03 43.62
C ALA LA 117 -2.95 33.90 42.52
N ASP LA 118 -3.10 32.87 41.68
CA ASP LA 118 -2.21 32.67 40.55
C ASP LA 118 -2.94 31.79 39.55
N TRP LA 119 -3.26 32.34 38.39
CA TRP LA 119 -4.03 31.61 37.38
C TRP LA 119 -3.65 32.10 36.00
N GLU LA 120 -3.60 31.16 35.05
CA GLU LA 120 -3.30 31.48 33.67
C GLU LA 120 -4.28 30.73 32.77
N VAL LA 121 -4.71 31.39 31.69
CA VAL LA 121 -5.68 30.78 30.79
C VAL LA 121 -5.06 29.55 30.13
N GLY LA 122 -5.82 28.46 30.11
CA GLY LA 122 -5.35 27.23 29.52
C GLY LA 122 -4.44 26.40 30.39
N VAL LA 123 -4.27 26.76 31.66
CA VAL LA 123 -3.37 26.06 32.57
C VAL LA 123 -4.13 25.70 33.83
N LYS LA 124 -3.98 24.44 34.27
CA LYS LA 124 -4.54 24.04 35.55
C LYS LA 124 -3.71 24.60 36.69
N GLY LA 125 -4.38 24.90 37.80
CA GLY LA 125 -3.71 25.56 38.91
C GLY LA 125 -2.91 24.60 39.77
N GLU LA 126 -1.82 25.11 40.32
CA GLU LA 126 -0.98 24.39 41.26
C GLU LA 126 -0.44 25.36 42.31
N ILE LA 127 -0.19 24.85 43.51
CA ILE LA 127 0.37 25.64 44.60
C ILE LA 127 1.56 24.89 45.18
N GLU LA 128 2.69 25.59 45.34
CA GLU LA 128 3.85 25.04 46.01
C GLU LA 128 4.27 26.00 47.11
N ALA LA 129 4.50 25.45 48.30
CA ALA LA 129 4.82 26.26 49.48
C ALA LA 129 6.04 25.68 50.19
N PRO LA 130 7.18 26.35 50.16
CA PRO LA 130 8.34 25.88 50.94
C PRO LA 130 8.12 26.13 52.43
N PHE LA 131 8.91 25.43 53.23
CA PHE LA 131 8.80 25.54 54.68
C PHE LA 131 10.13 25.16 55.31
N THR LA 132 10.27 25.51 56.59
CA THR LA 132 11.43 25.14 57.40
C THR LA 132 10.96 24.45 58.66
N PHE LA 133 11.71 23.45 59.10
CA PHE LA 133 11.34 22.66 60.27
C PHE LA 133 12.56 22.47 61.16
N THR LA 134 12.30 22.15 62.42
CA THR LA 134 13.34 22.00 63.43
C THR LA 134 13.56 20.57 63.88
N GLU LA 135 12.49 19.85 64.25
CA GLU LA 135 12.61 18.52 64.82
C GLU LA 135 11.75 17.53 64.06
N TYR LA 136 12.15 16.26 64.12
CA TYR LA 136 11.47 15.17 63.45
C TYR LA 136 11.35 13.99 64.41
N ASP LA 137 10.48 13.05 64.05
CA ASP LA 137 10.32 11.81 64.79
C ASP LA 137 10.03 10.67 63.84
N PHE LA 138 10.44 9.47 64.24
CA PHE LA 138 10.26 8.27 63.43
C PHE LA 138 9.13 7.44 64.02
N LEU LA 139 8.11 7.15 63.21
CA LEU LA 139 6.96 6.36 63.63
C LEU LA 139 6.85 5.17 62.68
N ASP LA 140 7.29 4.01 63.14
CA ASP LA 140 7.16 2.75 62.40
C ASP LA 140 7.87 2.90 61.05
N ILE LA 141 9.21 2.94 61.11
CA ILE LA 141 10.04 2.86 59.92
C ILE LA 141 10.28 1.39 59.59
N ILE LA 142 10.85 1.12 58.42
CA ILE LA 142 11.20 -0.24 58.05
C ILE LA 142 12.15 -0.86 59.06
N ALA MA 2 -54.25 53.59 -8.64
CA ALA MA 2 -53.24 54.04 -9.59
C ALA MA 2 -52.25 54.99 -8.91
N ILE MA 3 -52.02 56.14 -9.54
CA ILE MA 3 -51.05 57.09 -9.02
C ILE MA 3 -51.66 57.88 -7.86
N GLY MA 4 -50.85 58.15 -6.84
CA GLY MA 4 -51.25 58.99 -5.74
C GLY MA 4 -50.13 59.96 -5.40
N LEU MA 5 -50.48 60.97 -4.61
CA LEU MA 5 -49.51 62.00 -4.26
C LEU MA 5 -48.39 61.39 -3.43
N PRO MA 6 -47.18 61.95 -3.51
CA PRO MA 6 -46.07 61.38 -2.73
C PRO MA 6 -46.40 61.46 -1.25
N SER MA 7 -46.65 60.30 -0.66
CA SER MA 7 -47.19 60.21 0.69
C SER MA 7 -46.17 59.50 1.56
N ILE MA 8 -45.77 60.17 2.64
CA ILE MA 8 -44.90 59.59 3.65
C ILE MA 8 -45.65 59.63 4.97
N ASN MA 9 -45.74 58.48 5.63
CA ASN MA 9 -46.48 58.37 6.87
C ASN MA 9 -45.66 57.59 7.88
N ILE MA 10 -45.85 57.92 9.15
CA ILE MA 10 -45.17 57.28 10.25
C ILE MA 10 -46.21 56.57 11.11
N SER MA 11 -45.99 55.29 11.34
CA SER MA 11 -46.95 54.46 12.07
C SER MA 11 -46.47 54.27 13.50
N PHE MA 12 -47.34 54.59 14.46
CA PHE MA 12 -47.05 54.44 15.87
C PHE MA 12 -47.79 53.21 16.37
N LYS MA 13 -47.04 52.16 16.70
CA LYS MA 13 -47.61 50.90 17.17
C LYS MA 13 -46.87 50.45 18.41
N GLU MA 14 -47.61 49.98 19.40
CA GLU MA 14 -47.04 49.44 20.63
C GLU MA 14 -47.33 47.95 20.68
N LEU MA 15 -46.27 47.16 20.83
CA LEU MA 15 -46.43 45.71 20.91
C LEU MA 15 -47.11 45.33 22.22
N ALA MA 16 -48.08 44.43 22.12
CA ALA MA 16 -48.81 43.92 23.28
C ALA MA 16 -48.65 42.42 23.36
N THR MA 17 -48.75 41.90 24.58
CA THR MA 17 -48.66 40.46 24.79
C THR MA 17 -49.83 39.77 24.11
N THR MA 18 -49.56 39.00 23.05
CA THR MA 18 -50.58 38.35 22.25
C THR MA 18 -50.59 36.87 22.57
N VAL MA 19 -51.65 36.40 23.23
CA VAL MA 19 -51.87 34.98 23.49
C VAL MA 19 -53.27 34.64 23.01
N LYS MA 20 -53.37 33.60 22.19
CA LYS MA 20 -54.68 33.18 21.69
C LYS MA 20 -55.56 32.76 22.86
N GLU MA 21 -56.77 33.32 22.91
CA GLU MA 21 -57.66 33.12 24.05
C GLU MA 21 -58.70 32.07 23.71
N ARG MA 22 -58.68 30.97 24.45
CA ARG MA 22 -59.58 29.86 24.26
C ARG MA 22 -60.76 29.98 25.23
N SER MA 23 -61.55 28.91 25.34
CA SER MA 23 -62.73 28.93 26.18
C SER MA 23 -62.37 29.30 27.61
N ALA MA 24 -63.19 30.16 28.22
CA ALA MA 24 -62.94 30.65 29.56
C ALA MA 24 -63.43 29.64 30.59
N ARG MA 25 -62.59 29.36 31.58
CA ARG MA 25 -62.89 28.41 32.64
C ARG MA 25 -63.15 29.15 33.95
N GLY MA 26 -63.78 28.46 34.88
CA GLY MA 26 -64.12 29.04 36.16
C GLY MA 26 -65.42 29.81 36.20
N ILE MA 27 -66.17 29.83 35.11
CA ILE MA 27 -67.44 30.54 35.08
C ILE MA 27 -68.50 29.73 35.82
N ILE MA 28 -69.40 30.44 36.50
CA ILE MA 28 -70.47 29.82 37.27
C ILE MA 28 -71.80 30.39 36.77
N ALA MA 29 -72.69 29.52 36.33
CA ALA MA 29 -74.05 29.91 35.98
C ALA MA 29 -74.96 29.61 37.17
N MET MA 30 -75.42 30.64 37.85
CA MET MA 30 -76.26 30.51 39.02
C MET MA 30 -77.69 30.87 38.61
N VAL MA 31 -78.62 29.96 38.89
CA VAL MA 31 -80.03 30.15 38.56
C VAL MA 31 -80.85 30.05 39.84
N LEU MA 32 -81.84 30.93 39.96
CA LEU MA 32 -82.66 30.99 41.17
C LEU MA 32 -83.96 31.69 40.81
N LYS MA 33 -84.96 31.55 41.69
CA LYS MA 33 -86.28 32.11 41.47
C LYS MA 33 -86.56 33.21 42.48
N ASP MA 34 -87.11 34.32 41.99
CA ASP MA 34 -87.49 35.46 42.81
C ASP MA 34 -88.47 36.32 42.05
N ALA MA 35 -89.14 37.22 42.77
CA ALA MA 35 -90.07 38.16 42.16
C ALA MA 35 -89.43 39.50 41.82
N LYS MA 36 -88.16 39.71 42.20
CA LYS MA 36 -87.48 40.98 41.97
C LYS MA 36 -86.27 40.77 41.07
N ALA MA 37 -85.96 41.79 40.27
CA ALA MA 37 -84.81 41.78 39.37
C ALA MA 37 -84.85 40.58 38.43
N LEU MA 38 -85.96 40.48 37.69
CA LEU MA 38 -86.17 39.34 36.81
C LEU MA 38 -85.13 39.33 35.69
N GLY MA 39 -84.81 38.12 35.23
CA GLY MA 39 -83.78 37.94 34.22
C GLY MA 39 -82.42 37.72 34.82
N LEU MA 40 -81.43 37.60 33.94
CA LEU MA 40 -80.05 37.42 34.38
C LEU MA 40 -79.57 38.68 35.10
N ASN MA 41 -78.70 38.48 36.09
CA ASN MA 41 -78.20 39.59 36.91
C ASN MA 41 -76.77 39.97 36.60
N GLU MA 42 -76.07 39.18 35.78
CA GLU MA 42 -74.73 39.48 35.28
C GLU MA 42 -73.83 40.09 36.36
N ILE MA 43 -73.67 39.34 37.45
CA ILE MA 43 -72.85 39.81 38.57
C ILE MA 43 -71.39 39.49 38.27
N HIS MA 44 -70.70 40.41 37.60
CA HIS MA 44 -69.31 40.17 37.23
C HIS MA 44 -68.37 40.30 38.42
N GLU MA 45 -68.71 41.14 39.38
CA GLU MA 45 -67.88 41.39 40.54
C GLU MA 45 -68.60 40.90 41.80
N LYS MA 46 -67.80 40.39 42.74
CA LYS MA 46 -68.37 39.79 43.95
C LYS MA 46 -69.08 40.84 44.81
N GLU MA 47 -68.49 42.03 44.94
CA GLU MA 47 -68.99 43.00 45.92
C GLU MA 47 -70.38 43.51 45.54
N ASP MA 48 -70.60 43.85 44.28
CA ASP MA 48 -71.83 44.53 43.88
C ASP MA 48 -72.96 43.52 43.71
N ILE MA 49 -74.05 43.73 44.45
CA ILE MA 49 -75.22 42.86 44.40
C ILE MA 49 -76.47 43.73 44.30
N PRO MA 50 -77.44 43.38 43.46
CA PRO MA 50 -78.71 44.11 43.47
C PRO MA 50 -79.38 44.04 44.82
N VAL MA 51 -79.99 45.16 45.24
CA VAL MA 51 -80.52 45.25 46.59
C VAL MA 51 -81.90 44.61 46.71
N ASP MA 52 -82.69 44.60 45.64
CA ASP MA 52 -84.05 44.07 45.72
C ASP MA 52 -84.09 42.56 45.94
N LEU MA 53 -82.97 41.87 45.78
CA LEU MA 53 -82.95 40.43 45.98
C LEU MA 53 -83.22 40.08 47.44
N SER MA 54 -83.78 38.90 47.66
CA SER MA 54 -84.09 38.44 49.00
C SER MA 54 -82.81 38.23 49.81
N ALA MA 55 -82.91 38.46 51.12
CA ALA MA 55 -81.75 38.33 51.98
C ALA MA 55 -81.23 36.90 51.99
N GLU MA 56 -82.13 35.91 51.98
CA GLU MA 56 -81.71 34.51 51.97
C GLU MA 56 -80.96 34.18 50.68
N ASN MA 57 -81.51 34.61 49.53
CA ASN MA 57 -80.83 34.36 48.27
C ASN MA 57 -79.56 35.18 48.15
N LYS MA 58 -79.53 36.38 48.73
CA LYS MA 58 -78.30 37.15 48.78
C LYS MA 58 -77.24 36.42 49.59
N GLU MA 59 -77.65 35.77 50.69
CA GLU MA 59 -76.71 35.00 51.50
C GLU MA 59 -76.18 33.80 50.72
N TYR MA 60 -77.05 33.11 49.97
CA TYR MA 60 -76.58 32.01 49.14
C TYR MA 60 -75.61 32.51 48.07
N ILE MA 61 -75.90 33.68 47.49
CA ILE MA 61 -74.95 34.28 46.56
C ILE MA 61 -73.62 34.54 47.26
N ASN MA 62 -73.66 34.98 48.52
CA ASN MA 62 -72.44 35.22 49.27
C ASN MA 62 -71.64 33.94 49.45
N LEU MA 63 -72.30 32.83 49.76
CA LEU MA 63 -71.62 31.54 49.76
C LEU MA 63 -70.98 31.25 48.42
N ALA MA 64 -71.70 31.52 47.33
CA ALA MA 64 -71.16 31.26 46.00
C ALA MA 64 -69.93 32.12 45.72
N LEU MA 65 -69.91 33.35 46.24
CA LEU MA 65 -68.89 34.31 45.85
C LEU MA 65 -67.51 33.92 46.40
N MET MA 66 -67.45 33.57 47.68
CA MET MA 66 -66.17 33.19 48.27
C MET MA 66 -65.68 31.87 47.70
N GLY MA 67 -64.37 31.78 47.50
CA GLY MA 67 -63.77 30.62 46.85
C GLY MA 67 -62.70 29.98 47.72
N ASN MA 68 -62.47 28.69 47.48
CA ASN MA 68 -61.47 27.95 48.25
C ASN MA 68 -60.07 28.45 47.99
N VAL MA 69 -59.69 28.56 46.72
CA VAL MA 69 -58.36 29.00 46.33
C VAL MA 69 -58.39 30.43 45.79
N ASN MA 70 -59.27 30.70 44.84
CA ASN MA 70 -59.41 32.03 44.27
C ASN MA 70 -60.90 32.33 44.10
N THR MA 71 -61.23 33.61 44.10
CA THR MA 71 -62.59 34.03 43.81
C THR MA 71 -62.94 33.63 42.39
N PRO MA 72 -64.12 33.06 42.14
CA PRO MA 72 -64.48 32.66 40.78
C PRO MA 72 -64.39 33.83 39.82
N ASN MA 73 -63.87 33.56 38.62
CA ASN MA 73 -63.58 34.63 37.68
C ASN MA 73 -64.84 35.34 37.22
N LYS MA 74 -65.89 34.59 36.94
CA LYS MA 74 -67.14 35.17 36.47
C LYS MA 74 -68.32 34.47 37.13
N LEU MA 75 -69.33 35.24 37.49
CA LEU MA 75 -70.58 34.72 38.05
C LEU MA 75 -71.75 35.26 37.24
N LEU MA 76 -72.69 34.37 36.92
CA LEU MA 76 -73.90 34.74 36.19
C LEU MA 76 -75.09 34.24 36.99
N VAL MA 77 -75.86 35.16 37.55
CA VAL MA 77 -77.00 34.84 38.40
C VAL MA 77 -78.27 35.16 37.63
N TYR MA 78 -79.18 34.19 37.56
CA TYR MA 78 -80.45 34.34 36.85
C TYR MA 78 -81.61 34.31 37.84
N VAL MA 79 -82.58 35.19 37.62
CA VAL MA 79 -83.79 35.25 38.42
C VAL MA 79 -84.98 34.94 37.53
N ILE MA 80 -85.84 34.04 37.98
CA ILE MA 80 -87.00 33.59 37.23
C ILE MA 80 -88.23 33.70 38.11
N GLU MA 81 -89.39 33.85 37.49
CA GLU MA 81 -90.65 33.88 38.24
C GLU MA 81 -90.93 32.51 38.84
N GLY MA 82 -91.69 32.51 39.93
CA GLY MA 82 -91.94 31.27 40.66
C GLY MA 82 -92.61 30.19 39.84
N GLU MA 83 -93.40 30.57 38.84
CA GLU MA 83 -94.07 29.61 37.97
C GLU MA 83 -93.20 29.30 36.76
N ALA MA 84 -93.25 28.03 36.32
CA ALA MA 84 -92.46 27.53 35.21
C ALA MA 84 -90.97 27.82 35.43
N ASP MA 85 -90.44 27.23 36.50
CA ASP MA 85 -89.08 27.52 36.93
C ASP MA 85 -88.01 26.92 36.02
N ILE MA 86 -88.37 25.99 35.14
CA ILE MA 86 -87.37 25.16 34.49
C ILE MA 86 -87.17 25.52 33.01
N GLN MA 87 -88.22 26.00 32.35
CA GLN MA 87 -88.15 26.21 30.90
C GLN MA 87 -87.11 27.23 30.48
N THR MA 88 -87.35 28.51 30.80
CA THR MA 88 -86.47 29.55 30.29
C THR MA 88 -85.09 29.52 30.90
N ALA MA 89 -84.94 28.90 32.08
CA ALA MA 89 -83.61 28.65 32.61
C ALA MA 89 -82.82 27.77 31.65
N LEU MA 90 -83.43 26.67 31.19
CA LEU MA 90 -82.80 25.81 30.21
C LEU MA 90 -82.56 26.53 28.89
N ASP MA 91 -83.51 27.35 28.45
CA ASP MA 91 -83.29 28.09 27.21
C ASP MA 91 -82.09 29.04 27.32
N PHE MA 92 -81.97 29.75 28.44
CA PHE MA 92 -80.84 30.64 28.61
C PHE MA 92 -79.53 29.89 28.78
N LEU MA 93 -79.55 28.73 29.44
CA LEU MA 93 -78.35 27.91 29.53
C LEU MA 93 -77.91 27.44 28.15
N GLU MA 94 -78.86 27.02 27.32
CA GLU MA 94 -78.53 26.65 25.95
C GLU MA 94 -77.99 27.85 25.18
N THR MA 95 -78.51 29.04 25.46
CA THR MA 95 -78.08 30.24 24.74
C THR MA 95 -76.62 30.57 25.01
N LYS MA 96 -76.17 30.48 26.27
CA LYS MA 96 -74.88 31.00 26.67
C LYS MA 96 -74.06 29.93 27.39
N GLU MA 97 -72.77 29.91 27.10
CA GLU MA 97 -71.88 28.89 27.65
C GLU MA 97 -71.65 29.12 29.14
N PHE MA 98 -71.35 28.02 29.85
CA PHE MA 98 -71.08 28.05 31.28
C PHE MA 98 -70.39 26.76 31.67
N ASN MA 99 -69.95 26.69 32.93
CA ASN MA 99 -69.23 25.54 33.44
C ASN MA 99 -69.99 24.80 34.54
N TYR MA 100 -70.40 25.49 35.58
CA TYR MA 100 -71.00 24.86 36.75
C TYR MA 100 -72.32 25.54 37.09
N LEU MA 101 -73.20 24.80 37.76
CA LEU MA 101 -74.54 25.27 38.06
C LEU MA 101 -75.06 24.60 39.32
N CYS MA 102 -75.99 25.26 40.00
CA CYS MA 102 -76.62 24.72 41.18
C CYS MA 102 -78.02 25.31 41.34
N MET MA 103 -78.87 24.58 42.05
CA MET MA 103 -80.24 25.01 42.35
C MET MA 103 -80.45 25.05 43.86
N PRO MA 104 -80.31 26.21 44.50
CA PRO MA 104 -80.58 26.27 45.95
C PRO MA 104 -82.01 25.88 46.30
N LYS MA 105 -82.98 26.23 45.47
CA LYS MA 105 -84.39 25.90 45.69
C LYS MA 105 -84.87 25.06 44.51
N ALA MA 106 -85.07 23.78 44.73
CA ALA MA 106 -85.50 22.88 43.66
C ALA MA 106 -86.44 21.82 44.20
N VAL MA 107 -87.42 21.44 43.39
CA VAL MA 107 -88.26 20.29 43.66
C VAL MA 107 -87.62 19.08 43.01
N GLU MA 108 -88.08 17.88 43.37
CA GLU MA 108 -87.51 16.66 42.81
C GLU MA 108 -87.68 16.61 41.30
N ALA MA 109 -88.84 17.03 40.80
CA ALA MA 109 -89.05 17.11 39.36
C ALA MA 109 -88.05 18.08 38.72
N ASP MA 110 -87.74 19.18 39.43
CA ASP MA 110 -86.75 20.12 38.93
C ASP MA 110 -85.38 19.45 38.78
N LYS MA 111 -84.97 18.68 39.79
CA LYS MA 111 -83.70 17.98 39.72
C LYS MA 111 -83.68 16.98 38.58
N THR MA 112 -84.77 16.22 38.42
CA THR MA 112 -84.84 15.24 37.34
C THR MA 112 -84.77 15.93 35.98
N ALA MA 113 -85.47 17.04 35.82
CA ALA MA 113 -85.44 17.77 34.55
C ALA MA 113 -84.05 18.28 34.26
N ILE MA 114 -83.36 18.84 35.27
CA ILE MA 114 -82.00 19.32 35.07
C ILE MA 114 -81.08 18.19 34.64
N LYS MA 115 -81.18 17.04 35.32
CA LYS MA 115 -80.32 15.91 34.99
C LYS MA 115 -80.57 15.41 33.57
N ASN MA 116 -81.84 15.25 33.21
CA ASN MA 116 -82.17 14.78 31.86
C ASN MA 116 -81.70 15.76 30.80
N TRP MA 117 -81.88 17.06 31.06
CA TRP MA 117 -81.43 18.06 30.10
C TRP MA 117 -79.92 18.04 29.94
N ILE MA 118 -79.17 17.87 31.04
CA ILE MA 118 -77.72 17.79 30.94
C ILE MA 118 -77.30 16.58 30.13
N ILE MA 119 -77.92 15.42 30.40
CA ILE MA 119 -77.57 14.20 29.68
C ILE MA 119 -77.87 14.38 28.19
N LYS MA 120 -79.03 14.97 27.86
CA LYS MA 120 -79.35 15.20 26.46
C LYS MA 120 -78.36 16.15 25.80
N LEU MA 121 -78.00 17.23 26.50
CA LEU MA 121 -77.19 18.27 25.87
C LEU MA 121 -75.77 17.80 25.63
N ARG MA 122 -75.15 17.16 26.64
CA ARG MA 122 -73.75 16.78 26.52
C ARG MA 122 -73.50 15.82 25.37
N ASP MA 123 -74.53 15.15 24.87
CA ASP MA 123 -74.39 14.26 23.73
C ASP MA 123 -74.92 14.88 22.43
N ILE MA 124 -76.16 15.35 22.42
CA ILE MA 124 -76.75 15.86 21.19
C ILE MA 124 -76.08 17.16 20.78
N ASP MA 125 -75.92 18.09 21.71
CA ASP MA 125 -75.37 19.40 21.39
C ASP MA 125 -73.85 19.42 21.36
N LYS MA 126 -73.20 18.36 21.84
CA LYS MA 126 -71.73 18.31 21.93
C LYS MA 126 -71.19 19.52 22.69
N VAL MA 127 -71.88 19.89 23.76
CA VAL MA 127 -71.47 20.97 24.64
C VAL MA 127 -71.20 20.38 26.02
N LYS MA 128 -70.02 20.64 26.56
CA LYS MA 128 -69.59 20.06 27.82
C LYS MA 128 -69.94 21.02 28.96
N VAL MA 129 -70.89 20.61 29.81
CA VAL MA 129 -71.28 21.39 30.98
C VAL MA 129 -71.39 20.45 32.17
N LYS MA 130 -71.34 21.04 33.36
CA LYS MA 130 -71.49 20.30 34.61
C LYS MA 130 -72.36 21.11 35.56
N ALA MA 131 -72.97 20.42 36.52
CA ALA MA 131 -73.79 21.08 37.51
C ALA MA 131 -73.78 20.26 38.80
N VAL MA 132 -74.11 20.93 39.90
CA VAL MA 132 -74.18 20.33 41.22
C VAL MA 132 -75.63 20.33 41.67
N LEU MA 133 -76.11 19.18 42.13
CA LEU MA 133 -77.49 19.06 42.56
C LEU MA 133 -77.54 18.47 43.97
N GLY MA 134 -78.62 18.79 44.69
CA GLY MA 134 -78.70 18.41 46.09
C GLY MA 134 -78.78 16.92 46.32
N LYS MA 135 -79.57 16.20 45.52
CA LYS MA 135 -79.77 14.78 45.74
C LYS MA 135 -80.17 14.14 44.40
N VAL MA 136 -79.22 13.44 43.78
CA VAL MA 136 -79.46 12.74 42.53
C VAL MA 136 -78.80 11.37 42.59
N VAL MA 137 -79.21 10.49 41.69
CA VAL MA 137 -78.67 9.14 41.58
C VAL MA 137 -78.18 8.86 40.16
N GLY MA 138 -77.88 9.90 39.40
CA GLY MA 138 -77.48 9.73 38.02
C GLY MA 138 -76.16 9.04 37.87
N ASN MA 139 -75.95 8.47 36.68
CA ASN MA 139 -74.73 7.73 36.35
C ASN MA 139 -73.82 8.50 35.39
N HIS MA 140 -74.12 9.76 35.12
CA HIS MA 140 -73.35 10.51 34.12
C HIS MA 140 -72.16 11.21 34.77
N GLU MA 141 -71.19 11.55 33.93
CA GLU MA 141 -69.98 12.22 34.41
C GLU MA 141 -70.24 13.67 34.77
N GLY MA 142 -71.15 14.34 34.06
CA GLY MA 142 -71.40 15.75 34.25
C GLY MA 142 -72.28 16.11 35.42
N ILE MA 143 -72.76 15.12 36.17
CA ILE MA 143 -73.62 15.34 37.32
C ILE MA 143 -72.85 14.99 38.59
N ILE MA 144 -72.90 15.87 39.58
CA ILE MA 144 -72.21 15.69 40.85
C ILE MA 144 -73.25 15.49 41.94
N ASN MA 145 -73.12 14.40 42.70
CA ASN MA 145 -74.04 14.05 43.76
C ASN MA 145 -73.38 14.36 45.10
N PHE MA 146 -73.70 15.53 45.66
CA PHE MA 146 -73.24 15.92 46.99
C PHE MA 146 -74.37 15.72 47.99
N THR MA 147 -74.07 15.07 49.11
CA THR MA 147 -75.11 14.75 50.09
C THR MA 147 -74.49 14.72 51.48
N THR MA 148 -74.67 15.82 52.22
CA THR MA 148 -74.25 15.89 53.61
C THR MA 148 -75.36 16.59 54.39
N GLU MA 149 -75.92 15.90 55.38
CA GLU MA 149 -77.09 16.37 56.09
C GLU MA 149 -76.72 17.26 57.28
N ASP MA 150 -77.64 18.16 57.62
CA ASP MA 150 -77.55 19.00 58.82
C ASP MA 150 -76.24 19.77 58.86
N VAL MA 151 -75.93 20.46 57.76
CA VAL MA 151 -74.77 21.36 57.74
C VAL MA 151 -75.09 22.60 58.56
N LEU MA 152 -74.20 22.96 59.47
CA LEU MA 152 -74.40 24.10 60.37
C LEU MA 152 -73.27 25.10 60.12
N VAL MA 153 -73.56 26.15 59.37
CA VAL MA 153 -72.60 27.21 59.07
C VAL MA 153 -73.23 28.54 59.41
N GLY MA 154 -72.47 29.38 60.11
CA GLY MA 154 -72.98 30.68 60.53
C GLY MA 154 -74.16 30.53 61.46
N GLU MA 155 -74.02 29.65 62.45
CA GLU MA 155 -75.07 29.28 63.41
C GLU MA 155 -76.43 29.16 62.73
N LYS MA 156 -76.46 28.53 61.56
CA LYS MA 156 -77.67 28.39 60.77
C LYS MA 156 -77.86 26.94 60.34
N LYS MA 157 -79.11 26.51 60.28
CA LYS MA 157 -79.45 25.16 59.88
C LYS MA 157 -79.56 25.11 58.36
N TYR MA 158 -78.56 24.51 57.71
CA TYR MA 158 -78.53 24.42 56.25
C TYR MA 158 -78.86 23.00 55.82
N SER MA 159 -79.82 22.86 54.92
CA SER MA 159 -80.20 21.56 54.41
C SER MA 159 -79.24 21.12 53.32
N VAL MA 160 -79.38 19.85 52.91
CA VAL MA 160 -78.44 19.26 51.96
C VAL MA 160 -78.52 19.97 50.61
N ASP MA 161 -79.73 20.38 50.20
CA ASP MA 161 -79.87 20.99 48.89
C ASP MA 161 -79.33 22.42 48.85
N GLU MA 162 -79.37 23.13 49.98
CA GLU MA 162 -78.98 24.53 49.98
C GLU MA 162 -77.46 24.71 49.89
N PHE MA 163 -76.71 23.86 50.60
CA PHE MA 163 -75.26 24.03 50.69
C PHE MA 163 -74.57 23.79 49.35
N THR MA 164 -75.27 23.18 48.38
CA THR MA 164 -74.64 22.85 47.12
C THR MA 164 -74.15 24.08 46.36
N SER MA 165 -74.70 25.26 46.64
CA SER MA 165 -74.22 26.48 46.00
C SER MA 165 -72.77 26.76 46.38
N ARG MA 166 -72.47 26.72 47.68
CA ARG MA 166 -71.10 26.88 48.13
C ARG MA 166 -70.21 25.74 47.63
N VAL MA 167 -70.76 24.53 47.53
CA VAL MA 167 -69.99 23.41 47.00
C VAL MA 167 -69.56 23.69 45.56
N ALA MA 168 -70.51 24.13 44.73
CA ALA MA 168 -70.19 24.43 43.34
C ALA MA 168 -69.22 25.60 43.23
N GLY MA 169 -69.41 26.63 44.06
CA GLY MA 169 -68.47 27.74 44.06
C GLY MA 169 -67.06 27.31 44.43
N LEU MA 170 -66.95 26.43 45.42
CA LEU MA 170 -65.65 25.91 45.83
C LEU MA 170 -65.01 25.08 44.72
N ILE MA 171 -65.82 24.26 44.03
CA ILE MA 171 -65.28 23.45 42.94
C ILE MA 171 -64.78 24.34 41.81
N ALA MA 172 -65.57 25.36 41.45
CA ALA MA 172 -65.19 26.22 40.34
C ALA MA 172 -64.04 27.16 40.69
N GLY MA 173 -63.91 27.52 41.97
CA GLY MA 173 -62.86 28.45 42.35
C GLY MA 173 -61.46 27.89 42.20
N THR MA 174 -61.29 26.60 42.50
CA THR MA 174 -59.97 26.00 42.47
C THR MA 174 -59.47 25.88 41.03
N PRO MA 175 -58.16 25.97 40.82
CA PRO MA 175 -57.62 25.83 39.47
C PRO MA 175 -57.63 24.39 39.02
N LEU MA 176 -57.33 24.20 37.73
CA LEU MA 176 -57.33 22.86 37.14
C LEU MA 176 -56.25 21.98 37.75
N SER MA 177 -55.06 22.55 38.00
CA SER MA 177 -53.94 21.74 38.45
C SER MA 177 -54.22 21.08 39.80
N GLN MA 178 -54.82 21.84 40.74
CA GLN MA 178 -55.08 21.31 42.06
C GLN MA 178 -56.36 20.47 42.05
N SER MA 179 -56.67 19.87 43.20
CA SER MA 179 -57.84 19.04 43.36
C SER MA 179 -58.59 19.43 44.63
N VAL MA 180 -59.85 18.99 44.71
CA VAL MA 180 -60.70 19.34 45.84
C VAL MA 180 -60.53 18.44 47.04
N THR MA 181 -59.83 17.32 46.89
CA THR MA 181 -59.70 16.36 47.98
C THR MA 181 -58.92 16.96 49.14
N TYR MA 182 -59.44 16.75 50.36
CA TYR MA 182 -58.85 17.30 51.59
C TYR MA 182 -58.65 18.81 51.49
N THR MA 183 -59.75 19.51 51.26
CA THR MA 183 -59.80 20.97 51.27
C THR MA 183 -60.64 21.40 52.46
N LYS MA 184 -60.06 22.24 53.32
CA LYS MA 184 -60.71 22.59 54.58
C LYS MA 184 -61.63 23.79 54.42
N LEU MA 185 -62.79 23.70 55.06
CA LEU MA 185 -63.79 24.76 55.07
C LEU MA 185 -63.88 25.29 56.50
N SER MA 186 -63.29 26.46 56.75
CA SER MA 186 -63.33 27.04 58.08
C SER MA 186 -64.75 27.40 58.50
N ASP MA 187 -65.60 27.73 57.54
CA ASP MA 187 -66.96 28.16 57.86
C ASP MA 187 -67.78 27.04 58.48
N VAL MA 188 -67.63 25.82 57.96
CA VAL MA 188 -68.37 24.68 58.51
C VAL MA 188 -67.83 24.36 59.89
N VAL MA 189 -68.73 24.23 60.87
CA VAL MA 189 -68.31 24.09 62.26
C VAL MA 189 -68.83 22.78 62.85
N ASP MA 190 -69.94 22.26 62.32
CA ASP MA 190 -70.54 21.06 62.88
C ASP MA 190 -71.10 20.18 61.77
N ILE MA 191 -70.94 18.88 61.95
CA ILE MA 191 -71.50 17.86 61.06
C ILE MA 191 -72.04 16.74 61.94
N PRO MA 192 -73.16 16.12 61.58
CA PRO MA 192 -73.58 14.91 62.31
C PRO MA 192 -72.50 13.85 62.25
N LYS MA 193 -72.29 13.17 63.38
CA LYS MA 193 -71.26 12.15 63.44
C LYS MA 193 -71.64 10.96 62.57
N MET MA 194 -70.66 10.47 61.81
CA MET MA 194 -70.88 9.34 60.92
C MET MA 194 -69.68 8.41 61.01
N THR MA 195 -69.95 7.10 61.04
CA THR MA 195 -68.86 6.14 61.15
C THR MA 195 -68.05 6.10 59.87
N LYS MA 196 -66.78 5.69 60.00
CA LYS MA 196 -65.85 5.76 58.87
C LYS MA 196 -66.19 4.73 57.81
N VAL MA 197 -66.55 3.51 58.21
CA VAL MA 197 -66.77 2.43 57.25
C VAL MA 197 -67.99 2.72 56.39
N ASP MA 198 -69.08 3.18 56.99
CA ASP MA 198 -70.27 3.47 56.20
C ASP MA 198 -70.10 4.75 55.37
N ALA MA 199 -69.32 5.71 55.86
CA ALA MA 199 -68.99 6.86 55.03
C ALA MA 199 -68.18 6.44 53.82
N GLU MA 200 -67.26 5.49 54.00
CA GLU MA 200 -66.52 4.94 52.87
C GLU MA 200 -67.43 4.22 51.91
N SER MA 201 -68.40 3.46 52.43
CA SER MA 201 -69.38 2.83 51.56
C SER MA 201 -70.16 3.87 50.77
N ARG MA 202 -70.56 4.97 51.42
CA ARG MA 202 -71.26 6.05 50.75
C ARG MA 202 -70.41 6.63 49.62
N VAL MA 203 -69.13 6.86 49.88
CA VAL MA 203 -68.24 7.34 48.83
C VAL MA 203 -68.17 6.34 47.70
N ASN MA 204 -68.14 5.04 48.03
CA ASN MA 204 -68.13 4.00 47.01
C ASN MA 204 -69.40 3.98 46.18
N LYS MA 205 -70.50 4.54 46.70
CA LYS MA 205 -71.76 4.62 45.97
C LYS MA 205 -71.72 5.67 44.86
N GLY MA 206 -70.57 6.27 44.58
CA GLY MA 206 -70.51 7.41 43.70
C GLY MA 206 -70.93 8.72 44.35
N GLU MA 207 -71.20 8.69 45.65
CA GLU MA 207 -71.75 9.83 46.37
C GLU MA 207 -70.61 10.68 46.94
N LEU MA 208 -70.80 11.99 46.91
CA LEU MA 208 -69.86 12.93 47.51
C LEU MA 208 -70.39 13.35 48.88
N ILE MA 209 -69.55 13.21 49.90
CA ILE MA 209 -69.91 13.52 51.27
C ILE MA 209 -68.81 14.36 51.89
N LEU MA 210 -69.17 15.09 52.94
CA LEU MA 210 -68.23 15.88 53.72
C LEU MA 210 -67.91 15.12 55.01
N ILE MA 211 -66.62 14.93 55.27
CA ILE MA 211 -66.17 14.12 56.40
C ILE MA 211 -65.16 14.94 57.20
N LYS MA 212 -64.98 14.54 58.46
CA LYS MA 212 -64.06 15.21 59.37
C LYS MA 212 -62.90 14.28 59.71
N GLU MA 213 -61.70 14.85 59.77
CA GLU MA 213 -60.51 14.12 60.17
C GLU MA 213 -59.40 15.13 60.46
N ALA MA 214 -58.53 14.78 61.39
CA ALA MA 214 -57.43 15.64 61.85
C ALA MA 214 -58.03 16.95 62.37
N GLY MA 215 -57.41 18.09 62.08
CA GLY MA 215 -57.79 19.33 62.76
C GLY MA 215 -58.95 20.09 62.16
N ALA MA 216 -59.30 19.81 60.91
CA ALA MA 216 -60.31 20.61 60.21
C ALA MA 216 -61.31 19.71 59.50
N ILE MA 217 -62.31 20.35 58.90
CA ILE MA 217 -63.33 19.66 58.12
C ILE MA 217 -62.91 19.74 56.65
N ARG MA 218 -62.77 18.59 55.99
CA ARG MA 218 -62.22 18.57 54.65
C ARG MA 218 -63.03 17.65 53.75
N ILE MA 219 -63.09 18.02 52.46
CA ILE MA 219 -63.77 17.21 51.45
C ILE MA 219 -63.01 15.91 51.27
N ALA MA 220 -63.75 14.82 51.02
CA ALA MA 220 -63.18 13.49 50.95
C ALA MA 220 -63.34 12.94 49.53
N ARG MA 221 -62.24 12.95 48.78
CA ARG MA 221 -62.13 12.22 47.51
C ARG MA 221 -63.27 12.58 46.55
N GLY MA 222 -63.26 13.84 46.14
CA GLY MA 222 -64.28 14.35 45.25
C GLY MA 222 -64.40 13.59 43.94
N VAL MA 223 -65.55 12.99 43.68
CA VAL MA 223 -65.79 12.16 42.51
C VAL MA 223 -67.14 12.53 41.91
N ASN MA 224 -67.35 12.11 40.67
CA ASN MA 224 -68.60 12.34 39.98
C ASN MA 224 -69.66 11.36 40.50
N SER MA 225 -70.83 11.37 39.87
CA SER MA 225 -71.92 10.47 40.23
C SER MA 225 -71.82 9.12 39.54
N LEU MA 226 -70.80 8.90 38.72
CA LEU MA 226 -70.66 7.65 37.99
C LEU MA 226 -70.51 6.48 38.96
N THR MA 227 -71.26 5.41 38.71
CA THR MA 227 -71.22 4.21 39.54
C THR MA 227 -70.87 2.95 38.78
N GLU MA 228 -71.42 2.76 37.59
CA GLU MA 228 -71.16 1.58 36.79
C GLU MA 228 -70.13 1.90 35.71
N LEU MA 229 -69.13 1.04 35.58
CA LEU MA 229 -68.03 1.25 34.66
C LEU MA 229 -68.20 0.35 33.44
N THR MA 230 -68.38 0.96 32.27
CA THR MA 230 -68.44 0.21 31.02
C THR MA 230 -67.03 0.00 30.48
N ALA MA 231 -66.92 -0.88 29.48
CA ALA MA 231 -65.62 -1.17 28.89
C ALA MA 231 -65.04 0.05 28.20
N GLU MA 232 -65.86 0.79 27.46
CA GLU MA 232 -65.34 1.91 26.68
C GLU MA 232 -64.89 3.06 27.59
N LYS MA 233 -65.68 3.39 28.60
CA LYS MA 233 -65.35 4.49 29.49
C LYS MA 233 -64.38 4.04 30.57
N GLY MA 234 -63.61 4.98 31.08
CA GLY MA 234 -62.53 4.67 32.00
C GLY MA 234 -62.92 4.76 33.46
N GLU MA 235 -62.18 4.03 34.29
CA GLU MA 235 -62.31 4.21 35.73
C GLU MA 235 -61.92 5.63 36.13
N MET MA 236 -60.93 6.20 35.44
CA MET MA 236 -60.53 7.58 35.70
C MET MA 236 -61.58 8.59 35.32
N PHE MA 237 -62.62 8.18 34.57
CA PHE MA 237 -63.68 9.12 34.20
C PHE MA 237 -64.42 9.63 35.44
N GLN MA 238 -64.70 8.75 36.39
CA GLN MA 238 -65.44 9.15 37.58
C GLN MA 238 -64.64 10.03 38.53
N LYS MA 239 -63.44 10.47 38.14
CA LYS MA 239 -62.75 11.53 38.84
C LYS MA 239 -63.14 12.89 38.25
N ILE MA 240 -63.07 13.93 39.08
CA ILE MA 240 -63.59 15.23 38.68
C ILE MA 240 -62.57 15.98 37.81
N LYS MA 241 -61.33 16.10 38.28
CA LYS MA 241 -60.33 16.89 37.58
C LYS MA 241 -60.12 16.39 36.16
N ILE MA 242 -60.15 15.08 35.97
CA ILE MA 242 -59.95 14.49 34.65
C ILE MA 242 -61.06 14.93 33.70
N VAL MA 243 -62.32 14.85 34.17
CA VAL MA 243 -63.44 15.30 33.35
C VAL MA 243 -63.29 16.78 33.02
N ASP MA 244 -62.88 17.58 34.00
CA ASP MA 244 -62.75 19.01 33.76
C ASP MA 244 -61.73 19.31 32.68
N THR MA 245 -60.55 18.68 32.77
CA THR MA 245 -59.52 18.95 31.77
C THR MA 245 -59.90 18.39 30.41
N LEU MA 246 -60.60 17.25 30.37
CA LEU MA 246 -61.08 16.73 29.10
C LEU MA 246 -62.06 17.68 28.45
N ASP MA 247 -62.97 18.26 29.25
CA ASP MA 247 -63.92 19.22 28.71
C ASP MA 247 -63.20 20.46 28.17
N ILE MA 248 -62.19 20.93 28.90
CA ILE MA 248 -61.43 22.09 28.42
C ILE MA 248 -60.78 21.78 27.08
N ILE MA 249 -60.14 20.60 26.97
CA ILE MA 249 -59.48 20.22 25.72
C ILE MA 249 -60.48 20.14 24.59
N HIS MA 250 -61.63 19.50 24.85
CA HIS MA 250 -62.67 19.36 23.84
C HIS MA 250 -63.12 20.72 23.34
N SER MA 251 -63.45 21.63 24.26
CA SER MA 251 -63.95 22.94 23.86
C SER MA 251 -62.91 23.70 23.06
N ASP MA 252 -61.64 23.67 23.50
CA ASP MA 252 -60.61 24.43 22.81
C ASP MA 252 -60.39 23.90 21.39
N ILE MA 253 -60.28 22.58 21.25
CA ILE MA 253 -60.06 22.02 19.92
C ILE MA 253 -61.25 22.30 19.01
N ARG MA 254 -62.47 22.16 19.53
CA ARG MA 254 -63.65 22.43 18.71
C ARG MA 254 -63.67 23.87 18.24
N LYS MA 255 -63.37 24.82 19.15
CA LYS MA 255 -63.38 26.22 18.76
C LYS MA 255 -62.31 26.50 17.71
N VAL MA 256 -61.10 25.97 17.89
CA VAL MA 256 -60.02 26.21 16.93
C VAL MA 256 -60.41 25.66 15.57
N ILE MA 257 -60.91 24.42 15.54
CA ILE MA 257 -61.26 23.79 14.27
C ILE MA 257 -62.34 24.59 13.56
N ILE MA 258 -63.41 24.93 14.27
CA ILE MA 258 -64.52 25.65 13.66
C ILE MA 258 -64.05 27.00 13.13
N ASP MA 259 -63.23 27.71 13.91
CA ASP MA 259 -62.83 29.05 13.51
C ASP MA 259 -61.88 29.04 12.33
N ASP MA 260 -60.99 28.05 12.26
CA ASP MA 260 -59.92 28.10 11.26
C ASP MA 260 -60.10 27.11 10.12
N TYR MA 261 -60.24 25.81 10.41
CA TYR MA 261 -59.97 24.79 9.40
C TYR MA 261 -61.21 24.27 8.68
N ILE MA 262 -62.39 24.80 8.96
CA ILE MA 262 -63.62 24.31 8.35
C ILE MA 262 -63.98 25.22 7.18
N GLY MA 263 -63.98 24.64 5.97
CA GLY MA 263 -64.45 25.34 4.80
C GLY MA 263 -63.46 26.30 4.16
N LYS MA 264 -62.28 26.47 4.74
CA LYS MA 264 -61.33 27.46 4.24
C LYS MA 264 -60.19 26.86 3.43
N VAL MA 265 -59.88 25.58 3.63
CA VAL MA 265 -58.77 24.94 2.93
C VAL MA 265 -59.23 23.60 2.36
N THR MA 266 -58.55 23.16 1.31
CA THR MA 266 -58.90 21.91 0.67
C THR MA 266 -58.48 20.72 1.52
N ASN MA 267 -59.03 19.56 1.18
CA ASN MA 267 -58.72 18.31 1.87
C ASN MA 267 -57.67 17.56 1.06
N SER MA 268 -56.43 17.58 1.54
CA SER MA 268 -55.33 16.87 0.90
C SER MA 268 -54.42 16.33 1.99
N TYR MA 269 -53.45 15.51 1.58
CA TYR MA 269 -52.54 14.92 2.55
C TYR MA 269 -51.71 15.99 3.26
N ASP MA 270 -51.24 16.99 2.51
CA ASP MA 270 -50.47 18.07 3.13
C ASP MA 270 -51.31 18.86 4.12
N ASN MA 271 -52.57 19.15 3.76
CA ASN MA 271 -53.43 19.88 4.68
C ASN MA 271 -53.73 19.06 5.92
N LYS MA 272 -53.90 17.75 5.76
CA LYS MA 272 -54.06 16.88 6.92
C LYS MA 272 -52.83 16.93 7.82
N CYS MA 273 -51.64 16.91 7.21
CA CYS MA 273 -50.41 17.01 8.00
C CYS MA 273 -50.35 18.33 8.75
N LEU MA 274 -50.73 19.43 8.09
CA LEU MA 274 -50.72 20.73 8.76
C LEU MA 274 -51.70 20.76 9.92
N LEU MA 275 -52.89 20.19 9.74
CA LEU MA 275 -53.85 20.13 10.84
C LEU MA 275 -53.32 19.32 12.00
N ILE MA 276 -52.67 18.19 11.70
CA ILE MA 276 -52.06 17.37 12.74
C ILE MA 276 -51.00 18.16 13.49
N VAL MA 277 -50.17 18.91 12.75
CA VAL MA 277 -49.12 19.71 13.39
C VAL MA 277 -49.74 20.77 14.30
N ALA MA 278 -50.82 21.42 13.85
CA ALA MA 278 -51.47 22.42 14.68
C ALA MA 278 -52.03 21.81 15.96
N ILE MA 279 -52.67 20.65 15.85
CA ILE MA 279 -53.21 19.99 17.04
C ILE MA 279 -52.08 19.59 17.99
N LYS MA 280 -50.99 19.08 17.44
CA LYS MA 280 -49.84 18.72 18.26
C LYS MA 280 -49.25 19.94 18.97
N SER MA 281 -49.21 21.08 18.27
CA SER MA 281 -48.72 22.31 18.88
C SER MA 281 -49.63 22.74 20.02
N TYR MA 282 -50.94 22.61 19.85
CA TYR MA 282 -51.86 22.94 20.94
C TYR MA 282 -51.63 22.02 22.14
N LEU MA 283 -51.43 20.72 21.89
CA LEU MA 283 -51.17 19.79 22.99
C LEU MA 283 -49.86 20.15 23.70
N GLU MA 284 -48.83 20.52 22.92
CA GLU MA 284 -47.58 20.95 23.53
C GLU MA 284 -47.78 22.19 24.39
N GLU MA 285 -48.60 23.13 23.92
CA GLU MA 285 -48.93 24.31 24.72
C GLU MA 285 -49.59 23.90 26.03
N LEU MA 286 -50.54 22.97 25.96
CA LEU MA 286 -51.20 22.50 27.17
C LEU MA 286 -50.25 21.78 28.11
N GLU MA 287 -49.19 21.18 27.55
CA GLU MA 287 -48.27 20.39 28.37
C GLU MA 287 -47.61 21.24 29.46
N LYS MA 288 -47.19 22.46 29.12
CA LYS MA 288 -46.43 23.27 30.06
C LYS MA 288 -47.24 23.62 31.30
N SER MA 289 -48.57 23.56 31.23
CA SER MA 289 -49.40 23.75 32.40
C SER MA 289 -49.45 22.51 33.30
N ALA MA 290 -48.62 21.50 33.01
CA ALA MA 290 -48.52 20.28 33.79
C ALA MA 290 -49.83 19.50 33.85
N LEU MA 291 -50.77 19.80 32.95
CA LEU MA 291 -52.03 19.07 32.94
C LEU MA 291 -51.85 17.67 32.37
N ILE MA 292 -51.14 17.54 31.26
CA ILE MA 292 -50.93 16.27 30.59
C ILE MA 292 -49.46 16.15 30.20
N GLU MA 293 -49.08 14.95 29.76
CA GLU MA 293 -47.72 14.66 29.36
C GLU MA 293 -47.51 14.98 27.89
N SER MA 294 -46.26 15.28 27.54
CA SER MA 294 -45.88 15.67 26.18
C SER MA 294 -45.67 14.48 25.24
N ASP MA 295 -45.78 13.25 25.74
CA ASP MA 295 -45.61 12.08 24.89
C ASP MA 295 -46.75 11.89 23.90
N SER MA 296 -47.82 12.68 24.03
CA SER MA 296 -49.00 12.50 23.19
C SER MA 296 -48.65 12.68 21.71
N THR MA 297 -49.24 11.83 20.87
CA THR MA 297 -49.03 11.86 19.44
C THR MA 297 -50.36 11.88 18.71
N VAL MA 298 -50.37 12.53 17.55
CA VAL MA 298 -51.54 12.62 16.70
C VAL MA 298 -51.16 12.09 15.32
N GLU MA 299 -52.00 11.21 14.77
CA GLU MA 299 -51.69 10.59 13.49
C GLU MA 299 -52.99 10.24 12.77
N ILE MA 300 -52.86 9.98 11.47
CA ILE MA 300 -54.00 9.58 10.66
C ILE MA 300 -54.51 8.22 11.15
N ASP MA 301 -55.82 8.10 11.32
CA ASP MA 301 -56.43 6.83 11.70
C ASP MA 301 -56.55 5.98 10.44
N PHE MA 302 -55.71 4.96 10.33
CA PHE MA 302 -55.68 4.16 9.11
C PHE MA 302 -56.92 3.28 8.99
N GLU MA 303 -57.42 2.77 10.12
CA GLU MA 303 -58.60 1.89 10.08
C GLU MA 303 -59.82 2.62 9.54
N ALA MA 304 -60.04 3.86 9.99
CA ALA MA 304 -61.19 4.61 9.51
C ALA MA 304 -61.08 4.90 8.01
N GLN MA 305 -59.88 5.23 7.54
CA GLN MA 305 -59.69 5.45 6.11
C GLN MA 305 -59.95 4.18 5.32
N LYS MA 306 -59.47 3.04 5.82
CA LYS MA 306 -59.74 1.78 5.14
C LYS MA 306 -61.23 1.48 5.09
N SER MA 307 -61.94 1.76 6.19
CA SER MA 307 -63.39 1.55 6.20
C SER MA 307 -64.08 2.46 5.20
N TYR MA 308 -63.65 3.72 5.11
CA TYR MA 308 -64.25 4.65 4.15
C TYR MA 308 -64.03 4.17 2.72
N LEU MA 309 -62.80 3.74 2.40
CA LEU MA 309 -62.52 3.27 1.05
C LEU MA 309 -63.30 2.00 0.72
N LYS MA 310 -63.41 1.06 1.66
CA LYS MA 310 -64.18 -0.14 1.37
C LYS MA 310 -65.67 0.17 1.26
N SER MA 311 -66.15 1.18 1.99
CA SER MA 311 -67.53 1.63 1.80
C SER MA 311 -67.72 2.20 0.40
N LYS MA 312 -66.72 2.93 -0.10
CA LYS MA 312 -66.78 3.38 -1.49
C LYS MA 312 -66.79 2.20 -2.45
N GLY MA 313 -66.06 1.14 -2.13
CA GLY MA 313 -66.04 -0.05 -2.94
C GLY MA 313 -64.86 -0.22 -3.86
N VAL MA 314 -63.86 0.67 -3.79
CA VAL MA 314 -62.69 0.51 -4.64
C VAL MA 314 -61.83 -0.64 -4.14
N ASP MA 315 -60.99 -1.16 -5.04
CA ASP MA 315 -60.09 -2.28 -4.73
C ASP MA 315 -58.73 -1.70 -4.39
N LEU MA 316 -58.32 -1.83 -3.12
CA LEU MA 316 -57.08 -1.28 -2.61
C LEU MA 316 -55.95 -2.30 -2.57
N SER MA 317 -56.15 -3.48 -3.14
CA SER MA 317 -55.11 -4.51 -3.10
C SER MA 317 -53.86 -4.07 -3.85
N TYR MA 318 -54.04 -3.45 -5.02
CA TYR MA 318 -52.88 -3.03 -5.81
C TYR MA 318 -52.11 -1.92 -5.10
N MET MA 319 -52.81 -1.00 -4.45
CA MET MA 319 -52.16 0.13 -3.81
C MET MA 319 -51.29 -0.31 -2.64
N THR MA 320 -50.13 0.32 -2.51
CA THR MA 320 -49.26 0.06 -1.38
C THR MA 320 -49.87 0.59 -0.09
N LEU MA 321 -49.48 -0.02 1.03
CA LEU MA 321 -50.06 0.35 2.33
C LEU MA 321 -49.83 1.82 2.63
N GLN MA 322 -48.64 2.34 2.33
CA GLN MA 322 -48.38 3.76 2.52
C GLN MA 322 -49.27 4.60 1.61
N GLU MA 323 -49.52 4.14 0.39
CA GLU MA 323 -50.34 4.89 -0.54
C GLU MA 323 -51.78 5.02 -0.04
N ILE MA 324 -52.29 4.00 0.64
CA ILE MA 324 -53.67 4.03 1.13
C ILE MA 324 -53.88 5.21 2.07
N LYS MA 325 -52.90 5.50 2.91
CA LYS MA 325 -53.02 6.64 3.82
C LYS MA 325 -53.11 7.95 3.05
N GLU MA 326 -52.37 8.07 1.94
CA GLU MA 326 -52.38 9.28 1.14
C GLU MA 326 -53.57 9.35 0.19
N ALA MA 327 -54.38 8.32 0.12
CA ALA MA 327 -55.51 8.30 -0.81
C ALA MA 327 -56.54 9.37 -0.45
N ASN MA 328 -57.26 9.83 -1.46
CA ASN MA 328 -58.27 10.86 -1.26
C ASN MA 328 -59.42 10.32 -0.42
N THR MA 329 -59.92 11.16 0.49
CA THR MA 329 -60.97 10.77 1.42
C THR MA 329 -62.21 11.65 1.30
N GLY MA 330 -62.33 12.43 0.24
CA GLY MA 330 -63.51 13.27 0.07
C GLY MA 330 -63.59 14.33 1.14
N SER MA 331 -64.83 14.59 1.60
CA SER MA 331 -65.04 15.62 2.61
C SER MA 331 -64.54 15.17 3.98
N LYS MA 332 -64.65 13.89 4.29
CA LYS MA 332 -64.34 13.40 5.63
C LYS MA 332 -62.85 13.49 5.92
N VAL MA 333 -62.53 13.69 7.20
CA VAL MA 333 -61.16 13.65 7.70
C VAL MA 333 -61.17 12.83 8.99
N PHE MA 334 -60.24 11.89 9.11
CA PHE MA 334 -60.15 11.01 10.26
C PHE MA 334 -58.78 11.14 10.91
N LEU MA 335 -58.77 11.27 12.23
CA LEU MA 335 -57.55 11.42 12.99
C LEU MA 335 -57.60 10.51 14.22
N LYS MA 336 -56.41 10.19 14.74
CA LYS MA 336 -56.28 9.34 15.91
C LYS MA 336 -55.19 9.92 16.81
N ALA MA 337 -55.46 9.96 18.12
CA ALA MA 337 -54.51 10.51 19.07
C ALA MA 337 -54.58 9.73 20.36
N LYS MA 338 -53.47 9.79 21.11
CA LYS MA 338 -53.37 9.17 22.43
C LYS MA 338 -52.71 10.15 23.38
N ILE MA 339 -53.27 10.28 24.59
CA ILE MA 339 -52.75 11.18 25.61
C ILE MA 339 -52.80 10.47 26.95
N LYS MA 340 -52.18 11.10 27.95
CA LYS MA 340 -52.25 10.64 29.33
C LYS MA 340 -52.55 11.84 30.22
N VAL MA 341 -53.51 11.68 31.12
CA VAL MA 341 -53.99 12.77 31.96
C VAL MA 341 -53.39 12.62 33.35
N LEU MA 342 -52.75 13.67 33.83
CA LEU MA 342 -52.14 13.66 35.15
C LEU MA 342 -53.19 13.88 36.24
N ASP MA 343 -52.77 13.69 37.49
CA ASP MA 343 -53.64 13.86 38.63
C ASP MA 343 -52.78 14.25 39.83
N ALA MA 344 -53.43 14.72 40.88
CA ALA MA 344 -52.72 15.08 42.10
C ALA MA 344 -52.52 13.85 42.97
N MET MA 345 -51.43 13.86 43.74
CA MET MA 345 -51.16 12.74 44.64
C MET MA 345 -52.19 12.67 45.75
N GLU MA 346 -52.76 11.48 45.93
CA GLU MA 346 -53.84 11.30 46.89
C GLU MA 346 -53.57 10.13 47.82
N ASP MA 347 -52.85 9.13 47.34
CA ASP MA 347 -52.51 7.96 48.13
C ASP MA 347 -51.00 7.78 48.15
N ILE MA 348 -50.42 7.68 49.33
CA ILE MA 348 -48.98 7.58 49.51
C ILE MA 348 -48.67 6.38 50.39
N ASP MA 349 -47.74 5.54 49.95
CA ASP MA 349 -47.26 4.41 50.73
C ASP MA 349 -45.77 4.57 50.97
N LEU MA 350 -45.37 4.52 52.24
CA LEU MA 350 -43.98 4.72 52.63
C LEU MA 350 -43.57 3.62 53.59
N SER MA 351 -42.45 2.97 53.30
CA SER MA 351 -41.93 1.88 54.12
C SER MA 351 -40.48 2.19 54.47
N ILE MA 352 -40.11 2.03 55.73
CA ILE MA 352 -38.76 2.28 56.20
C ILE MA 352 -38.20 1.01 56.82
N GLU MA 353 -36.91 0.79 56.62
CA GLU MA 353 -36.21 -0.38 57.15
C GLU MA 353 -35.33 0.07 58.32
N ILE MA 354 -35.59 -0.51 59.49
CA ILE MA 354 -34.84 -0.16 60.69
C ILE MA 354 -33.47 -0.79 60.64
N ALA NA 2 -40.30 44.08 -50.71
CA ALA NA 2 -38.97 43.66 -51.14
C ALA NA 2 -37.89 44.54 -50.51
N ILE NA 3 -36.97 45.03 -51.33
CA ILE NA 3 -35.89 45.86 -50.83
C ILE NA 3 -36.43 47.23 -50.45
N GLY NA 4 -36.11 47.67 -49.24
CA GLY NA 4 -36.48 48.99 -48.77
C GLY NA 4 -35.28 49.72 -48.21
N LEU NA 5 -35.54 50.92 -47.70
CA LEU NA 5 -34.48 51.71 -47.10
C LEU NA 5 -33.96 51.02 -45.84
N PRO NA 6 -32.66 51.06 -45.59
CA PRO NA 6 -32.13 50.51 -44.34
C PRO NA 6 -32.71 51.24 -43.13
N SER NA 7 -32.98 50.50 -42.08
CA SER NA 7 -33.67 51.07 -40.93
C SER NA 7 -33.24 50.35 -39.66
N ILE NA 8 -33.17 51.11 -38.58
CA ILE NA 8 -32.86 50.60 -37.25
C ILE NA 8 -33.98 51.00 -36.32
N ASN NA 9 -34.57 50.02 -35.63
CA ASN NA 9 -35.70 50.26 -34.75
C ASN NA 9 -35.40 49.73 -33.35
N ILE NA 10 -35.79 50.50 -32.34
CA ILE NA 10 -35.61 50.14 -30.94
C ILE NA 10 -36.99 50.10 -30.30
N SER NA 11 -37.26 49.03 -29.55
CA SER NA 11 -38.56 48.82 -28.95
C SER NA 11 -38.43 48.70 -27.43
N PHE NA 12 -39.34 49.36 -26.73
CA PHE NA 12 -39.45 49.26 -25.27
C PHE NA 12 -40.87 48.82 -24.94
N LYS NA 13 -40.99 47.80 -24.09
CA LYS NA 13 -42.29 47.29 -23.69
C LYS NA 13 -42.23 46.81 -22.25
N GLU NA 14 -43.39 46.79 -21.60
CA GLU NA 14 -43.48 46.33 -20.23
C GLU NA 14 -43.21 44.83 -20.15
N LEU NA 15 -42.83 44.39 -18.96
CA LEU NA 15 -42.72 42.95 -18.70
C LEU NA 15 -44.06 42.27 -18.90
N ALA NA 16 -44.03 41.09 -19.50
CA ALA NA 16 -45.26 40.35 -19.75
C ALA NA 16 -45.87 39.89 -18.42
N THR NA 17 -47.20 39.91 -18.36
CA THR NA 17 -47.90 39.43 -17.17
C THR NA 17 -47.70 37.93 -16.98
N THR NA 18 -47.53 37.20 -18.07
CA THR NA 18 -47.27 35.75 -18.05
C THR NA 18 -48.39 34.98 -17.37
N VAL NA 19 -49.63 35.45 -17.50
CA VAL NA 19 -50.81 34.70 -17.06
C VAL NA 19 -51.72 34.47 -18.26
N LYS NA 20 -52.09 33.21 -18.48
CA LYS NA 20 -52.87 32.85 -19.66
C LYS NA 20 -54.26 33.46 -19.59
N GLU NA 21 -54.90 33.32 -18.43
CA GLU NA 21 -56.21 33.84 -18.03
C GLU NA 21 -57.38 33.14 -18.71
N ARG NA 22 -57.15 32.51 -19.87
CA ARG NA 22 -58.08 31.57 -20.53
C ARG NA 22 -59.52 32.07 -20.38
N SER NA 23 -60.47 31.23 -19.99
CA SER NA 23 -61.84 31.68 -19.77
C SER NA 23 -61.96 32.47 -18.47
N ALA NA 24 -62.93 33.37 -18.43
CA ALA NA 24 -63.18 34.17 -17.24
C ALA NA 24 -63.65 33.29 -16.08
N ARG NA 25 -63.13 33.59 -14.89
CA ARG NA 25 -63.46 32.82 -13.69
C ARG NA 25 -64.64 33.42 -12.93
N GLY NA 26 -64.59 34.72 -12.65
CA GLY NA 26 -65.63 35.35 -11.86
C GLY NA 26 -66.36 36.46 -12.58
N ILE NA 27 -67.64 36.24 -12.84
CA ILE NA 27 -68.48 37.23 -13.54
C ILE NA 27 -69.94 36.92 -13.21
N ILE NA 28 -70.70 37.98 -12.94
CA ILE NA 28 -72.07 37.85 -12.48
C ILE NA 28 -73.01 38.53 -13.47
N ALA NA 29 -74.17 37.93 -13.68
CA ALA NA 29 -75.23 38.51 -14.49
C ALA NA 29 -76.50 38.59 -13.67
N MET NA 30 -77.21 39.71 -13.78
CA MET NA 30 -78.46 39.92 -13.05
C MET NA 30 -79.43 40.70 -13.92
N VAL NA 31 -80.69 40.27 -13.93
CA VAL NA 31 -81.75 40.96 -14.65
C VAL NA 31 -82.80 41.44 -13.66
N LEU NA 32 -83.28 42.65 -13.87
CA LEU NA 32 -84.27 43.29 -13.01
C LEU NA 32 -85.14 44.18 -13.90
N LYS NA 33 -86.42 44.32 -13.53
CA LYS NA 33 -87.37 45.02 -14.39
C LYS NA 33 -87.73 46.37 -13.80
N ASP NA 34 -87.47 47.43 -14.58
CA ASP NA 34 -87.85 48.79 -14.24
C ASP NA 34 -87.84 49.63 -15.51
N ALA NA 35 -88.44 50.81 -15.43
CA ALA NA 35 -88.67 51.64 -16.61
C ALA NA 35 -87.38 52.26 -17.14
N LYS NA 36 -86.49 52.69 -16.26
CA LYS NA 36 -85.37 53.55 -16.67
C LYS NA 36 -84.14 52.74 -17.03
N ALA NA 37 -83.17 53.44 -17.64
CA ALA NA 37 -81.83 52.90 -17.92
C ALA NA 37 -81.90 51.65 -18.80
N LEU NA 38 -82.75 51.70 -19.82
CA LEU NA 38 -83.03 50.51 -20.63
C LEU NA 38 -81.76 49.99 -21.30
N GLY NA 39 -81.58 48.67 -21.27
CA GLY NA 39 -80.42 48.02 -21.84
C GLY NA 39 -79.39 47.62 -20.79
N LEU NA 40 -78.32 47.02 -21.28
CA LEU NA 40 -77.23 46.58 -20.40
C LEU NA 40 -76.53 47.78 -19.78
N ASN NA 41 -76.27 47.69 -18.47
CA ASN NA 41 -75.45 48.66 -17.75
C ASN NA 41 -74.49 47.87 -16.86
N GLU NA 42 -73.33 47.53 -17.41
CA GLU NA 42 -72.33 46.82 -16.62
C GLU NA 42 -71.75 47.76 -15.57
N ILE NA 43 -71.65 47.26 -14.34
CA ILE NA 43 -71.22 48.05 -13.19
C ILE NA 43 -69.80 47.63 -12.84
N HIS NA 44 -68.85 48.55 -13.03
CA HIS NA 44 -67.45 48.25 -12.73
C HIS NA 44 -67.19 48.23 -11.23
N GLU NA 45 -67.82 49.14 -10.49
CA GLU NA 45 -67.58 49.25 -9.05
C GLU NA 45 -68.80 49.91 -8.40
N LYS NA 46 -68.73 50.04 -7.07
CA LYS NA 46 -69.89 50.52 -6.32
C LYS NA 46 -70.15 52.01 -6.52
N GLU NA 47 -69.10 52.81 -6.70
CA GLU NA 47 -69.26 54.26 -6.69
C GLU NA 47 -70.16 54.75 -7.81
N ASP NA 48 -70.04 54.15 -9.00
CA ASP NA 48 -70.80 54.59 -10.17
C ASP NA 48 -72.04 53.72 -10.33
N ILE NA 49 -73.19 54.26 -9.92
CA ILE NA 49 -74.48 53.61 -10.13
C ILE NA 49 -75.37 54.62 -10.85
N PRO NA 50 -75.98 54.26 -11.98
CA PRO NA 50 -76.87 55.21 -12.66
C PRO NA 50 -78.04 55.62 -11.78
N VAL NA 51 -78.29 56.92 -11.72
CA VAL NA 51 -79.29 57.46 -10.81
C VAL NA 51 -80.71 57.12 -11.27
N ASP NA 52 -80.90 56.84 -12.55
CA ASP NA 52 -82.24 56.56 -13.05
C ASP NA 52 -82.82 55.27 -12.48
N LEU NA 53 -81.98 54.40 -11.91
CA LEU NA 53 -82.48 53.20 -11.26
C LEU NA 53 -83.31 53.55 -10.04
N SER NA 54 -84.32 52.73 -9.78
CA SER NA 54 -85.21 52.96 -8.65
C SER NA 54 -84.53 52.60 -7.34
N ALA NA 55 -85.16 53.01 -6.23
CA ALA NA 55 -84.59 52.77 -4.90
C ALA NA 55 -84.52 51.27 -4.60
N GLU NA 56 -85.60 50.53 -4.89
CA GLU NA 56 -85.60 49.10 -4.64
C GLU NA 56 -84.54 48.40 -5.50
N ASN NA 57 -84.42 48.82 -6.76
CA ASN NA 57 -83.35 48.29 -7.60
C ASN NA 57 -81.97 48.65 -7.06
N LYS NA 58 -81.84 49.83 -6.47
CA LYS NA 58 -80.57 50.20 -5.85
C LYS NA 58 -80.25 49.28 -4.68
N GLU NA 59 -81.25 48.96 -3.86
CA GLU NA 59 -81.02 48.02 -2.76
C GLU NA 59 -80.66 46.64 -3.28
N TYR NA 60 -81.27 46.22 -4.37
CA TYR NA 60 -80.92 44.95 -5.00
C TYR NA 60 -79.47 44.96 -5.49
N ILE NA 61 -79.04 46.06 -6.11
CA ILE NA 61 -77.64 46.21 -6.48
C ILE NA 61 -76.75 46.10 -5.25
N ASN NA 62 -77.13 46.77 -4.16
CA ASN NA 62 -76.33 46.73 -2.95
C ASN NA 62 -76.22 45.32 -2.41
N LEU NA 63 -77.31 44.57 -2.42
CA LEU NA 63 -77.27 43.17 -2.01
C LEU NA 63 -76.33 42.37 -2.90
N ALA NA 64 -76.38 42.61 -4.21
CA ALA NA 64 -75.51 41.88 -5.12
C ALA NA 64 -74.06 42.34 -5.06
N LEU NA 65 -73.76 43.44 -4.38
CA LEU NA 65 -72.42 44.02 -4.45
C LEU NA 65 -71.40 43.19 -3.66
N MET NA 66 -71.58 43.09 -2.34
CA MET NA 66 -70.52 42.54 -1.51
C MET NA 66 -70.31 41.06 -1.77
N GLY NA 67 -69.03 40.66 -1.83
CA GLY NA 67 -68.66 39.28 -2.00
C GLY NA 67 -68.20 38.66 -0.70
N ASN NA 68 -68.19 37.33 -0.66
CA ASN NA 68 -67.87 36.62 0.57
C ASN NA 68 -66.45 36.90 1.01
N VAL NA 69 -65.49 36.69 0.12
CA VAL NA 69 -64.07 36.87 0.44
C VAL NA 69 -63.46 38.02 -0.35
N ASN NA 70 -63.78 38.11 -1.63
CA ASN NA 70 -63.27 39.17 -2.49
C ASN NA 70 -64.43 39.82 -3.23
N THR NA 71 -64.22 41.07 -3.63
CA THR NA 71 -65.20 41.75 -4.44
C THR NA 71 -65.33 41.05 -5.79
N PRO NA 72 -66.53 41.01 -6.37
CA PRO NA 72 -66.70 40.35 -7.67
C PRO NA 72 -65.80 40.96 -8.73
N ASN NA 73 -65.24 40.09 -9.58
CA ASN NA 73 -64.34 40.56 -10.63
C ASN NA 73 -65.09 41.39 -11.66
N LYS NA 74 -66.22 40.89 -12.15
CA LYS NA 74 -67.00 41.56 -13.17
C LYS NA 74 -68.47 41.43 -12.84
N LEU NA 75 -69.22 42.51 -13.01
CA LEU NA 75 -70.66 42.50 -12.81
C LEU NA 75 -71.33 43.00 -14.07
N LEU NA 76 -72.21 42.17 -14.64
CA LEU NA 76 -73.00 42.53 -15.81
C LEU NA 76 -74.46 42.61 -15.39
N VAL NA 77 -75.08 43.77 -15.59
CA VAL NA 77 -76.47 44.01 -15.22
C VAL NA 77 -77.25 44.32 -16.48
N TYR NA 78 -78.34 43.58 -16.68
CA TYR NA 78 -79.25 43.84 -17.77
C TYR NA 78 -80.51 44.50 -17.23
N VAL NA 79 -80.87 45.63 -17.81
CA VAL NA 79 -82.09 46.34 -17.43
C VAL NA 79 -83.20 45.98 -18.40
N ILE NA 80 -84.27 45.39 -17.87
CA ILE NA 80 -85.43 45.01 -18.66
C ILE NA 80 -86.61 45.85 -18.18
N GLU NA 81 -87.53 46.14 -19.10
CA GLU NA 81 -88.66 46.99 -18.74
C GLU NA 81 -89.56 46.28 -17.74
N GLY NA 82 -90.30 47.08 -16.97
CA GLY NA 82 -91.12 46.53 -15.92
C GLY NA 82 -92.15 45.55 -16.44
N GLU NA 83 -92.78 45.87 -17.57
CA GLU NA 83 -93.77 45.00 -18.20
C GLU NA 83 -93.14 44.11 -19.29
N ALA NA 84 -91.84 44.24 -19.50
CA ALA NA 84 -91.20 43.63 -20.66
C ALA NA 84 -91.24 42.11 -20.58
N ASP NA 85 -91.22 41.49 -21.76
CA ASP NA 85 -91.35 40.05 -21.88
C ASP NA 85 -90.19 39.34 -21.20
N ILE NA 86 -90.49 38.16 -20.67
CA ILE NA 86 -89.48 37.34 -20.01
C ILE NA 86 -88.35 36.95 -20.97
N GLN NA 87 -88.71 36.68 -22.23
CA GLN NA 87 -87.79 35.99 -23.13
C GLN NA 87 -86.62 36.87 -23.58
N THR NA 88 -86.88 38.14 -23.90
CA THR NA 88 -85.92 38.93 -24.67
C THR NA 88 -84.61 39.13 -23.92
N ALA NA 89 -84.68 39.38 -22.61
CA ALA NA 89 -83.47 39.60 -21.81
C ALA NA 89 -82.53 38.40 -21.91
N LEU NA 90 -83.10 37.21 -21.76
CA LEU NA 90 -82.33 35.99 -21.81
C LEU NA 90 -81.61 35.84 -23.14
N ASP NA 91 -82.36 35.99 -24.22
CA ASP NA 91 -81.79 35.89 -25.56
C ASP NA 91 -80.65 36.88 -25.75
N PHE NA 92 -80.85 38.12 -25.28
CA PHE NA 92 -79.77 39.10 -25.39
C PHE NA 92 -78.54 38.68 -24.61
N LEU NA 93 -78.76 38.16 -23.39
CA LEU NA 93 -77.64 37.73 -22.55
C LEU NA 93 -76.89 36.56 -23.18
N GLU NA 94 -77.58 35.72 -23.95
CA GLU NA 94 -76.94 34.60 -24.63
C GLU NA 94 -75.68 35.01 -25.38
N THR NA 95 -75.69 36.18 -26.03
CA THR NA 95 -74.51 36.64 -26.74
C THR NA 95 -73.32 36.83 -25.81
N LYS NA 96 -73.56 37.46 -24.66
CA LYS NA 96 -72.50 37.66 -23.68
C LYS NA 96 -72.18 36.35 -22.96
N GLU NA 97 -70.98 36.29 -22.40
CA GLU NA 97 -70.58 35.18 -21.56
C GLU NA 97 -70.68 35.60 -20.09
N PHE NA 98 -71.18 34.69 -19.26
CA PHE NA 98 -71.31 34.96 -17.83
C PHE NA 98 -71.24 33.64 -17.08
N ASN NA 99 -71.02 33.75 -15.77
CA ASN NA 99 -70.87 32.58 -14.91
C ASN NA 99 -72.07 32.34 -14.01
N TYR NA 100 -72.67 33.38 -13.46
CA TYR NA 100 -73.77 33.24 -12.51
C TYR NA 100 -74.90 34.19 -12.89
N LEU NA 101 -76.14 33.72 -12.72
CA LEU NA 101 -77.33 34.51 -13.01
C LEU NA 101 -78.26 34.50 -11.82
N CYS NA 102 -78.72 35.68 -11.42
CA CYS NA 102 -79.71 35.84 -10.36
C CYS NA 102 -80.77 36.82 -10.80
N MET NA 103 -82.04 36.48 -10.57
CA MET NA 103 -83.15 37.36 -10.91
C MET NA 103 -83.85 37.73 -9.62
N PRO NA 104 -83.62 38.92 -9.08
CA PRO NA 104 -84.07 39.22 -7.71
C PRO NA 104 -85.57 39.15 -7.49
N LYS NA 105 -86.39 39.50 -8.48
CA LYS NA 105 -87.83 39.28 -8.33
C LYS NA 105 -88.15 37.82 -8.13
N ALA NA 106 -87.49 36.93 -8.88
CA ALA NA 106 -87.69 35.49 -8.79
C ALA NA 106 -89.16 35.12 -8.87
N VAL NA 107 -89.87 35.76 -9.81
CA VAL NA 107 -91.29 35.48 -9.98
C VAL NA 107 -91.46 34.04 -10.45
N GLU NA 108 -92.55 33.41 -10.01
CA GLU NA 108 -92.80 32.02 -10.33
C GLU NA 108 -92.93 31.79 -11.83
N ALA NA 109 -93.32 32.82 -12.58
CA ALA NA 109 -93.37 32.70 -14.03
C ALA NA 109 -91.98 32.50 -14.62
N ASP NA 110 -90.98 33.22 -14.10
CA ASP NA 110 -89.63 33.19 -14.67
C ASP NA 110 -88.88 31.89 -14.38
N LYS NA 111 -89.26 31.18 -13.31
CA LYS NA 111 -88.46 30.05 -12.87
C LYS NA 111 -88.43 28.94 -13.91
N THR NA 112 -89.58 28.64 -14.52
CA THR NA 112 -89.64 27.54 -15.48
C THR NA 112 -88.81 27.84 -16.72
N ALA NA 113 -88.96 29.04 -17.28
CA ALA NA 113 -88.19 29.41 -18.46
C ALA NA 113 -86.70 29.47 -18.17
N ILE NA 114 -86.32 30.02 -17.01
CA ILE NA 114 -84.91 30.09 -16.66
C ILE NA 114 -84.32 28.69 -16.53
N LYS NA 115 -85.05 27.80 -15.85
CA LYS NA 115 -84.59 26.42 -15.69
C LYS NA 115 -84.42 25.73 -17.04
N ASN NA 116 -85.43 25.87 -17.90
CA ASN NA 116 -85.37 25.21 -19.21
C ASN NA 116 -84.24 25.75 -20.07
N TRP NA 117 -84.04 27.08 -20.04
CA TRP NA 117 -82.98 27.68 -20.83
C TRP NA 117 -81.61 27.23 -20.32
N ILE NA 118 -81.44 27.18 -18.99
CA ILE NA 118 -80.18 26.71 -18.42
C ILE NA 118 -79.91 25.28 -18.85
N ILE NA 119 -80.93 24.43 -18.77
CA ILE NA 119 -80.78 23.05 -19.21
C ILE NA 119 -80.41 22.98 -20.69
N LYS NA 120 -81.06 23.81 -21.51
CA LYS NA 120 -80.82 23.78 -22.95
C LYS NA 120 -79.38 24.17 -23.28
N LEU NA 121 -78.86 25.21 -22.64
CA LEU NA 121 -77.44 25.53 -22.88
C LEU NA 121 -76.53 24.43 -22.35
N ARG NA 122 -76.80 23.96 -21.13
CA ARG NA 122 -75.86 23.05 -20.48
C ARG NA 122 -75.80 21.70 -21.16
N ASP NA 123 -76.87 21.30 -21.84
CA ASP NA 123 -76.91 20.01 -22.53
C ASP NA 123 -76.73 20.17 -24.04
N ILE NA 124 -77.60 20.94 -24.69
CA ILE NA 124 -77.60 21.00 -26.15
C ILE NA 124 -76.40 21.76 -26.67
N ASP NA 125 -76.15 22.95 -26.15
CA ASP NA 125 -75.11 23.83 -26.67
C ASP NA 125 -73.77 23.66 -25.96
N LYS NA 126 -73.70 22.78 -24.95
CA LYS NA 126 -72.47 22.53 -24.21
C LYS NA 126 -71.89 23.81 -23.63
N VAL NA 127 -72.77 24.66 -23.09
CA VAL NA 127 -72.37 25.90 -22.43
C VAL NA 127 -72.67 25.75 -20.95
N LYS NA 128 -71.64 25.87 -20.12
CA LYS NA 128 -71.77 25.66 -18.68
C LYS NA 128 -72.12 26.99 -18.02
N VAL NA 129 -73.37 27.11 -17.56
CA VAL NA 129 -73.85 28.29 -16.86
C VAL NA 129 -74.67 27.84 -15.66
N LYS NA 130 -74.83 28.77 -14.71
CA LYS NA 130 -75.55 28.47 -13.48
C LYS NA 130 -76.50 29.60 -13.15
N ALA NA 131 -77.68 29.25 -12.63
CA ALA NA 131 -78.69 30.21 -12.22
C ALA NA 131 -79.20 29.86 -10.84
N VAL NA 132 -79.45 30.88 -10.02
CA VAL NA 132 -79.90 30.71 -8.64
C VAL NA 132 -81.30 31.26 -8.52
N LEU NA 133 -82.24 30.41 -8.07
CA LEU NA 133 -83.63 30.80 -7.91
C LEU NA 133 -84.15 30.24 -6.60
N GLY NA 134 -85.22 30.86 -6.10
CA GLY NA 134 -85.73 30.55 -4.78
C GLY NA 134 -86.38 29.19 -4.61
N LYS NA 135 -87.54 28.99 -5.22
CA LYS NA 135 -88.36 27.81 -4.95
C LYS NA 135 -88.36 26.81 -6.10
N VAL NA 136 -87.34 26.85 -6.97
CA VAL NA 136 -87.25 25.87 -8.05
C VAL NA 136 -86.96 24.50 -7.46
N VAL NA 137 -87.65 23.49 -7.98
CA VAL NA 137 -87.47 22.12 -7.51
C VAL NA 137 -86.58 21.31 -8.45
N GLY NA 138 -86.36 21.77 -9.67
CA GLY NA 138 -85.51 21.07 -10.62
C GLY NA 138 -84.12 20.83 -10.08
N ASN NA 139 -83.72 19.56 -10.00
CA ASN NA 139 -82.48 19.17 -9.35
C ASN NA 139 -81.35 18.94 -10.35
N HIS NA 140 -81.36 19.67 -11.47
CA HIS NA 140 -80.21 19.61 -12.37
C HIS NA 140 -79.00 20.27 -11.73
N GLU NA 141 -77.82 19.76 -12.08
CA GLU NA 141 -76.59 20.26 -11.47
C GLU NA 141 -76.37 21.74 -11.79
N GLY NA 142 -76.87 22.21 -12.92
CA GLY NA 142 -76.73 23.62 -13.24
C GLY NA 142 -77.57 24.52 -12.35
N ILE NA 143 -78.74 24.04 -11.95
CA ILE NA 143 -79.66 24.86 -11.16
C ILE NA 143 -79.23 24.85 -9.70
N ILE NA 144 -79.07 26.04 -9.13
CA ILE NA 144 -78.85 26.21 -7.69
C ILE NA 144 -80.13 26.79 -7.09
N ASN NA 145 -80.62 26.15 -6.03
CA ASN NA 145 -81.88 26.52 -5.42
C ASN NA 145 -81.65 26.84 -3.94
N PHE NA 146 -82.23 27.94 -3.48
CA PHE NA 146 -81.99 28.46 -2.13
C PHE NA 146 -83.30 28.92 -1.52
N THR NA 147 -83.47 28.66 -0.22
CA THR NA 147 -84.72 29.00 0.47
C THR NA 147 -84.40 29.45 1.89
N THR NA 148 -84.84 30.66 2.24
CA THR NA 148 -84.80 31.14 3.62
C THR NA 148 -85.81 32.26 3.76
N GLU NA 149 -86.76 32.10 4.69
CA GLU NA 149 -87.90 32.99 4.79
C GLU NA 149 -87.54 34.28 5.52
N ASP NA 150 -88.30 35.35 5.19
CA ASP NA 150 -88.42 36.60 5.92
C ASP NA 150 -87.12 37.07 6.60
N VAL NA 151 -86.02 37.06 5.86
CA VAL NA 151 -84.75 37.49 6.41
C VAL NA 151 -84.76 39.00 6.60
N LEU NA 152 -84.41 39.45 7.81
CA LEU NA 152 -84.37 40.87 8.14
C LEU NA 152 -82.90 41.30 8.22
N VAL NA 153 -82.49 42.17 7.30
CA VAL NA 153 -81.12 42.67 7.23
C VAL NA 153 -81.16 44.17 7.30
N GLY NA 154 -80.34 44.75 8.16
CA GLY NA 154 -80.25 46.20 8.27
C GLY NA 154 -81.56 46.84 8.69
N GLU NA 155 -82.11 46.38 9.81
CA GLU NA 155 -83.35 46.89 10.41
C GLU NA 155 -84.47 47.05 9.38
N LYS NA 156 -84.46 46.20 8.35
CA LYS NA 156 -85.53 46.17 7.37
C LYS NA 156 -85.72 44.73 6.90
N LYS NA 157 -86.95 44.41 6.51
CA LYS NA 157 -87.30 43.05 6.13
C LYS NA 157 -87.04 42.83 4.65
N TYR NA 158 -86.37 41.71 4.33
CA TYR NA 158 -86.14 41.30 2.96
C TYR NA 158 -86.86 40.00 2.68
N SER NA 159 -87.41 39.88 1.47
CA SER NA 159 -88.05 38.64 1.06
C SER NA 159 -86.99 37.63 0.62
N VAL NA 160 -87.44 36.39 0.43
CA VAL NA 160 -86.55 35.33 -0.02
C VAL NA 160 -85.98 35.67 -1.39
N ASP NA 161 -86.83 36.15 -2.30
CA ASP NA 161 -86.46 36.34 -3.69
C ASP NA 161 -85.37 37.40 -3.83
N GLU NA 162 -85.52 38.54 -3.15
CA GLU NA 162 -84.49 39.57 -3.23
C GLU NA 162 -83.22 39.15 -2.49
N PHE NA 163 -83.34 38.29 -1.48
CA PHE NA 163 -82.17 37.80 -0.77
C PHE NA 163 -81.41 36.77 -1.61
N THR NA 164 -82.07 36.15 -2.59
CA THR NA 164 -81.35 35.27 -3.51
C THR NA 164 -80.24 36.02 -4.25
N SER NA 165 -80.43 37.32 -4.49
CA SER NA 165 -79.37 38.11 -5.11
C SER NA 165 -78.14 38.20 -4.22
N ARG NA 166 -78.35 38.47 -2.92
CA ARG NA 166 -77.22 38.49 -2.00
C ARG NA 166 -76.56 37.14 -1.91
N VAL NA 167 -77.36 36.07 -1.92
CA VAL NA 167 -76.80 34.72 -1.88
C VAL NA 167 -75.94 34.46 -3.11
N ALA NA 168 -76.42 34.85 -4.29
CA ALA NA 168 -75.66 34.65 -5.51
C ALA NA 168 -74.37 35.45 -5.50
N GLY NA 169 -74.42 36.70 -5.01
CA GLY NA 169 -73.19 37.46 -4.87
C GLY NA 169 -72.22 36.82 -3.91
N LEU NA 170 -72.74 36.27 -2.80
CA LEU NA 170 -71.90 35.57 -1.83
C LEU NA 170 -71.20 34.39 -2.49
N ILE NA 171 -71.94 33.61 -3.28
CA ILE NA 171 -71.37 32.46 -3.97
C ILE NA 171 -70.30 32.91 -4.95
N ALA NA 172 -70.60 33.94 -5.74
CA ALA NA 172 -69.69 34.37 -6.79
C ALA NA 172 -68.41 34.97 -6.24
N GLY NA 173 -68.47 35.63 -5.08
CA GLY NA 173 -67.28 36.24 -4.52
C GLY NA 173 -66.21 35.24 -4.12
N THR NA 174 -66.61 34.06 -3.68
CA THR NA 174 -65.68 33.10 -3.12
C THR NA 174 -64.71 32.57 -4.20
N PRO NA 175 -63.42 32.47 -3.89
CA PRO NA 175 -62.49 31.89 -4.86
C PRO NA 175 -62.71 30.40 -5.03
N LEU NA 176 -62.17 29.88 -6.14
CA LEU NA 176 -62.35 28.47 -6.47
C LEU NA 176 -61.64 27.55 -5.49
N SER NA 177 -60.53 28.01 -4.90
CA SER NA 177 -59.74 27.13 -4.03
C SER NA 177 -60.55 26.66 -2.83
N GLN NA 178 -61.29 27.56 -2.19
CA GLN NA 178 -62.11 27.23 -1.05
C GLN NA 178 -63.58 27.20 -1.47
N SER NA 179 -64.45 26.89 -0.51
CA SER NA 179 -65.87 26.73 -0.78
C SER NA 179 -66.69 27.64 0.12
N VAL NA 180 -67.91 27.91 -0.30
CA VAL NA 180 -68.84 28.78 0.43
C VAL NA 180 -69.41 28.04 1.63
N THR NA 181 -69.08 26.76 1.75
CA THR NA 181 -69.67 25.92 2.78
C THR NA 181 -69.29 26.44 4.16
N TYR NA 182 -70.30 26.75 4.97
CA TYR NA 182 -70.12 27.09 6.39
C TYR NA 182 -69.22 28.32 6.55
N THR NA 183 -69.70 29.44 6.02
CA THR NA 183 -69.00 30.72 6.11
C THR NA 183 -69.89 31.75 6.80
N LYS NA 184 -69.26 32.70 7.48
CA LYS NA 184 -69.97 33.69 8.27
C LYS NA 184 -70.15 34.99 7.48
N LEU NA 185 -71.38 35.50 7.47
CA LEU NA 185 -71.71 36.78 6.87
C LEU NA 185 -72.29 37.68 7.96
N SER NA 186 -71.71 38.87 8.10
CA SER NA 186 -72.06 39.75 9.22
C SER NA 186 -73.22 40.69 8.92
N ASP NA 187 -73.59 40.86 7.66
CA ASP NA 187 -74.64 41.81 7.31
C ASP NA 187 -76.00 41.38 7.85
N VAL NA 188 -76.26 40.07 7.87
CA VAL NA 188 -77.56 39.55 8.29
C VAL NA 188 -77.58 39.58 9.81
N VAL NA 189 -78.26 40.56 10.39
CA VAL NA 189 -78.29 40.71 11.84
C VAL NA 189 -79.18 39.66 12.49
N ASP NA 190 -80.32 39.33 11.86
CA ASP NA 190 -81.32 38.48 12.49
C ASP NA 190 -81.87 37.53 11.45
N ILE NA 191 -82.26 36.33 11.91
CA ILE NA 191 -82.86 35.30 11.05
C ILE NA 191 -84.04 34.68 11.79
N PRO NA 192 -84.99 34.12 11.04
CA PRO NA 192 -86.08 33.38 11.68
C PRO NA 192 -85.55 32.17 12.44
N LYS NA 193 -86.17 31.90 13.59
CA LYS NA 193 -85.75 30.77 14.42
C LYS NA 193 -86.17 29.46 13.77
N MET NA 194 -85.25 28.49 13.77
CA MET NA 194 -85.53 27.18 13.22
C MET NA 194 -84.52 26.18 13.80
N THR NA 195 -85.02 25.00 14.16
CA THR NA 195 -84.20 24.04 14.88
C THR NA 195 -83.21 23.35 13.95
N LYS NA 196 -82.28 22.60 14.56
CA LYS NA 196 -81.27 21.88 13.81
C LYS NA 196 -81.89 20.73 13.02
N VAL NA 197 -82.86 20.03 13.59
CA VAL NA 197 -83.47 18.89 12.91
C VAL NA 197 -84.18 19.35 11.64
N ASP NA 198 -84.85 20.51 11.69
CA ASP NA 198 -85.48 21.03 10.49
C ASP NA 198 -84.45 21.35 9.41
N ALA NA 199 -83.33 21.94 9.81
CA ALA NA 199 -82.26 22.24 8.85
C ALA NA 199 -81.72 20.97 8.22
N GLU NA 200 -81.51 19.92 9.03
CA GLU NA 200 -81.02 18.66 8.49
C GLU NA 200 -82.03 18.06 7.51
N SER NA 201 -83.31 18.08 7.87
CA SER NA 201 -84.34 17.52 7.00
C SER NA 201 -84.41 18.27 5.68
N ARG NA 202 -84.24 19.59 5.72
CA ARG NA 202 -84.28 20.37 4.48
C ARG NA 202 -83.03 20.14 3.63
N VAL NA 203 -81.85 20.11 4.27
CA VAL NA 203 -80.61 19.98 3.51
C VAL NA 203 -80.50 18.59 2.89
N ASN NA 204 -80.95 17.56 3.60
CA ASN NA 204 -80.80 16.20 3.09
C ASN NA 204 -81.55 16.00 1.79
N LYS NA 205 -82.63 16.75 1.57
CA LYS NA 205 -83.42 16.63 0.35
C LYS NA 205 -83.50 17.92 -0.44
N GLY NA 206 -83.81 19.03 0.20
CA GLY NA 206 -84.16 20.26 -0.47
C GLY NA 206 -83.00 21.22 -0.63
N GLU NA 207 -83.31 22.52 -0.58
CA GLU NA 207 -82.38 23.58 -0.90
C GLU NA 207 -81.42 23.85 0.26
N LEU NA 208 -80.34 24.55 -0.05
CA LEU NA 208 -79.44 25.03 0.98
C LEU NA 208 -80.08 26.18 1.73
N ILE NA 209 -79.89 26.20 3.05
CA ILE NA 209 -80.58 27.14 3.94
C ILE NA 209 -79.59 27.72 4.93
N LEU NA 210 -80.01 28.79 5.60
CA LEU NA 210 -79.19 29.44 6.61
C LEU NA 210 -79.50 28.89 7.99
N ILE NA 211 -78.45 28.71 8.79
CA ILE NA 211 -78.59 28.24 10.17
C ILE NA 211 -77.71 29.09 11.06
N LYS NA 212 -78.02 29.08 12.36
CA LYS NA 212 -77.25 29.79 13.36
C LYS NA 212 -76.66 28.80 14.34
N GLU NA 213 -75.35 28.88 14.55
CA GLU NA 213 -74.65 28.04 15.52
C GLU NA 213 -73.40 28.74 15.98
N ALA NA 214 -73.02 28.48 17.23
CA ALA NA 214 -71.80 29.02 17.85
C ALA NA 214 -71.87 30.55 17.79
N GLY NA 215 -70.77 31.22 17.46
CA GLY NA 215 -70.73 32.67 17.59
C GLY NA 215 -71.65 33.41 16.65
N ALA NA 216 -71.67 33.02 15.38
CA ALA NA 216 -72.32 33.81 14.35
C ALA NA 216 -73.20 32.94 13.46
N ILE NA 217 -74.11 33.60 12.74
CA ILE NA 217 -74.97 32.93 11.78
C ILE NA 217 -74.16 32.64 10.53
N ARG NA 218 -74.20 31.39 10.08
CA ARG NA 218 -73.31 30.92 9.02
C ARG NA 218 -74.06 30.01 8.07
N ILE NA 219 -73.44 29.80 6.89
CA ILE NA 219 -74.00 28.87 5.92
C ILE NA 219 -73.97 27.46 6.50
N ALA NA 220 -74.90 26.62 6.04
CA ALA NA 220 -75.04 25.25 6.53
C ALA NA 220 -74.93 24.29 5.35
N ARG NA 221 -73.74 23.71 5.17
CA ARG NA 221 -73.51 22.66 4.17
C ARG NA 221 -73.97 23.12 2.79
N GLY NA 222 -73.47 24.28 2.38
CA GLY NA 222 -73.89 24.87 1.12
C GLY NA 222 -73.61 23.97 -0.07
N VAL NA 223 -74.67 23.37 -0.61
CA VAL NA 223 -74.56 22.42 -1.71
C VAL NA 223 -75.73 22.63 -2.66
N ASN NA 224 -75.48 22.40 -3.94
CA ASN NA 224 -76.56 22.34 -4.91
C ASN NA 224 -77.43 21.11 -4.62
N SER NA 225 -78.72 21.24 -4.89
CA SER NA 225 -79.69 20.18 -4.64
C SER NA 225 -79.87 19.35 -5.91
N LEU NA 226 -79.27 18.15 -5.92
CA LEU NA 226 -79.44 17.17 -6.98
C LEU NA 226 -79.81 15.86 -6.29
N THR NA 227 -81.10 15.68 -6.00
CA THR NA 227 -81.52 14.55 -5.18
C THR NA 227 -81.55 13.24 -5.95
N GLU NA 228 -81.86 13.26 -7.25
CA GLU NA 228 -81.80 12.05 -8.05
C GLU NA 228 -80.35 11.61 -8.22
N LEU NA 229 -80.16 10.30 -8.38
CA LEU NA 229 -78.82 9.73 -8.47
C LEU NA 229 -78.73 8.88 -9.72
N THR NA 230 -77.66 9.09 -10.49
CA THR NA 230 -77.37 8.30 -11.66
C THR NA 230 -75.94 7.77 -11.57
N ALA NA 231 -75.69 6.64 -12.22
CA ALA NA 231 -74.37 6.02 -12.15
C ALA NA 231 -73.29 6.92 -12.74
N GLU NA 232 -73.61 7.61 -13.83
CA GLU NA 232 -72.61 8.45 -14.49
C GLU NA 232 -72.31 9.70 -13.68
N LYS NA 233 -73.33 10.39 -13.18
CA LYS NA 233 -73.12 11.63 -12.45
C LYS NA 233 -72.51 11.38 -11.08
N GLY NA 234 -73.04 10.40 -10.35
CA GLY NA 234 -72.51 10.07 -9.04
C GLY NA 234 -72.92 11.09 -7.98
N GLU NA 235 -72.41 10.85 -6.78
CA GLU NA 235 -72.70 11.73 -5.64
C GLU NA 235 -71.92 13.04 -5.72
N MET NA 236 -70.69 13.00 -6.22
CA MET NA 236 -69.82 14.18 -6.21
C MET NA 236 -70.42 15.34 -7.00
N PHE NA 237 -71.32 15.07 -7.95
CA PHE NA 237 -71.92 16.14 -8.73
C PHE NA 237 -72.86 17.01 -7.91
N GLN NA 238 -73.26 16.54 -6.73
CA GLN NA 238 -74.21 17.30 -5.91
C GLN NA 238 -73.55 18.49 -5.23
N LYS NA 239 -72.27 18.40 -4.92
CA LYS NA 239 -71.57 19.50 -4.28
C LYS NA 239 -71.34 20.65 -5.27
N ILE NA 240 -71.51 21.88 -4.79
CA ILE NA 240 -71.47 23.04 -5.68
C ILE NA 240 -70.05 23.31 -6.16
N LYS NA 241 -69.05 23.17 -5.27
CA LYS NA 241 -67.68 23.49 -5.65
C LYS NA 241 -67.17 22.56 -6.75
N ILE NA 242 -67.49 21.27 -6.64
CA ILE NA 242 -67.01 20.30 -7.62
C ILE NA 242 -67.59 20.61 -9.00
N VAL NA 243 -68.89 20.85 -9.07
CA VAL NA 243 -69.51 21.12 -10.36
C VAL NA 243 -69.05 22.46 -10.92
N ASP NA 244 -68.81 23.45 -10.06
CA ASP NA 244 -68.29 24.72 -10.55
C ASP NA 244 -66.89 24.54 -11.15
N THR NA 245 -66.03 23.77 -10.48
CA THR NA 245 -64.70 23.52 -11.02
C THR NA 245 -64.78 22.75 -12.33
N LEU NA 246 -65.68 21.76 -12.41
CA LEU NA 246 -65.85 21.01 -13.64
C LEU NA 246 -66.32 21.91 -14.78
N ASP NA 247 -67.25 22.83 -14.49
CA ASP NA 247 -67.73 23.74 -15.52
C ASP NA 247 -66.62 24.67 -15.99
N ILE NA 248 -65.81 25.17 -15.06
CA ILE NA 248 -64.67 26.01 -15.44
C ILE NA 248 -63.73 25.24 -16.34
N ILE NA 249 -63.43 23.99 -15.98
CA ILE NA 249 -62.54 23.17 -16.78
C ILE NA 249 -63.11 22.94 -18.18
N HIS NA 250 -64.41 22.65 -18.25
CA HIS NA 250 -65.04 22.37 -19.53
C HIS NA 250 -65.01 23.60 -20.43
N SER NA 251 -65.38 24.76 -19.90
CA SER NA 251 -65.38 25.97 -20.72
C SER NA 251 -63.97 26.32 -21.18
N ASP NA 252 -62.99 26.21 -20.27
CA ASP NA 252 -61.62 26.52 -20.63
C ASP NA 252 -61.08 25.57 -21.69
N ILE NA 253 -61.34 24.28 -21.55
CA ILE NA 253 -60.85 23.33 -22.55
C ILE NA 253 -61.58 23.53 -23.87
N ARG NA 254 -62.86 23.95 -23.82
CA ARG NA 254 -63.57 24.26 -25.05
C ARG NA 254 -62.92 25.43 -25.77
N LYS NA 255 -62.54 26.47 -25.03
CA LYS NA 255 -61.83 27.60 -25.63
C LYS NA 255 -60.50 27.16 -26.23
N VAL NA 256 -59.75 26.35 -25.49
CA VAL NA 256 -58.44 25.90 -25.97
C VAL NA 256 -58.60 25.07 -27.24
N ILE NA 257 -59.59 24.18 -27.26
CA ILE NA 257 -59.83 23.35 -28.44
C ILE NA 257 -60.22 24.21 -29.63
N ILE NA 258 -61.19 25.11 -29.45
CA ILE NA 258 -61.69 25.90 -30.55
C ILE NA 258 -60.62 26.86 -31.07
N ASP NA 259 -59.62 27.17 -30.25
CA ASP NA 259 -58.56 28.07 -30.72
C ASP NA 259 -57.74 27.44 -31.84
N ASP NA 260 -57.29 26.21 -31.66
CA ASP NA 260 -56.28 25.70 -32.58
C ASP NA 260 -56.62 24.37 -33.24
N TYR NA 261 -57.21 23.43 -32.50
CA TYR NA 261 -57.30 22.04 -32.95
C TYR NA 261 -58.60 21.71 -33.66
N ILE NA 262 -59.19 22.67 -34.37
CA ILE NA 262 -60.38 22.40 -35.17
C ILE NA 262 -60.16 22.93 -36.58
N GLY NA 263 -60.36 22.07 -37.57
CA GLY NA 263 -60.27 22.45 -38.96
C GLY NA 263 -58.86 22.73 -39.47
N LYS NA 264 -57.93 22.99 -38.55
CA LYS NA 264 -56.59 23.39 -38.95
C LYS NA 264 -55.78 22.20 -39.46
N VAL NA 265 -55.85 21.05 -38.80
CA VAL NA 265 -55.02 19.92 -39.14
C VAL NA 265 -55.90 18.68 -39.32
N THR NA 266 -55.40 17.74 -40.12
CA THR NA 266 -56.10 16.47 -40.33
C THR NA 266 -56.06 15.63 -39.07
N ASN NA 267 -57.10 14.80 -38.90
CA ASN NA 267 -57.20 13.94 -37.74
C ASN NA 267 -56.59 12.58 -38.05
N SER NA 268 -55.57 12.21 -37.29
CA SER NA 268 -54.97 10.89 -37.33
C SER NA 268 -54.72 10.46 -35.90
N TYR NA 269 -54.33 9.19 -35.73
CA TYR NA 269 -54.06 8.69 -34.38
C TYR NA 269 -52.92 9.46 -33.73
N ASP NA 270 -51.91 9.85 -34.52
CA ASP NA 270 -50.83 10.66 -34.00
C ASP NA 270 -51.32 12.04 -33.58
N ASN NA 271 -52.20 12.65 -34.39
CA ASN NA 271 -52.77 13.94 -34.03
C ASN NA 271 -53.60 13.83 -32.76
N LYS NA 272 -54.34 12.73 -32.62
CA LYS NA 272 -55.09 12.50 -31.39
C LYS NA 272 -54.15 12.38 -30.20
N CYS NA 273 -53.02 11.70 -30.37
CA CYS NA 273 -52.04 11.59 -29.28
C CYS NA 273 -51.49 12.95 -28.90
N LEU NA 274 -51.20 13.79 -29.90
CA LEU NA 274 -50.71 15.14 -29.61
C LEU NA 274 -51.76 15.95 -28.86
N LEU NA 275 -53.03 15.82 -29.26
CA LEU NA 275 -54.10 16.51 -28.55
C LEU NA 275 -54.20 16.04 -27.10
N ILE NA 276 -54.08 14.72 -26.88
CA ILE NA 276 -54.12 14.19 -25.53
C ILE NA 276 -52.95 14.73 -24.71
N VAL NA 277 -51.78 14.84 -25.33
CA VAL NA 277 -50.62 15.39 -24.63
C VAL NA 277 -50.86 16.84 -24.22
N ALA NA 278 -51.43 17.63 -25.13
CA ALA NA 278 -51.73 19.03 -24.80
C ALA NA 278 -52.71 19.13 -23.64
N ILE NA 279 -53.77 18.32 -23.68
CA ILE NA 279 -54.76 18.35 -22.61
C ILE NA 279 -54.13 17.88 -21.30
N LYS NA 280 -53.23 16.89 -21.38
CA LYS NA 280 -52.53 16.41 -20.19
C LYS NA 280 -51.68 17.50 -19.57
N SER NA 281 -50.97 18.27 -20.41
CA SER NA 281 -50.17 19.37 -19.89
C SER NA 281 -51.05 20.44 -19.25
N TYR NA 282 -52.20 20.72 -19.86
CA TYR NA 282 -53.14 21.68 -19.26
C TYR NA 282 -53.62 21.18 -17.90
N LEU NA 283 -53.96 19.90 -17.81
CA LEU NA 283 -54.42 19.35 -16.54
C LEU NA 283 -53.32 19.39 -15.48
N GLU NA 284 -52.07 19.14 -15.89
CA GLU NA 284 -50.96 19.26 -14.96
C GLU NA 284 -50.81 20.69 -14.45
N GLU NA 285 -50.97 21.67 -15.34
CA GLU NA 285 -50.91 23.06 -14.90
C GLU NA 285 -52.05 23.39 -13.93
N LEU NA 286 -53.24 22.85 -14.18
CA LEU NA 286 -54.34 23.03 -13.23
C LEU NA 286 -54.01 22.39 -11.89
N GLU NA 287 -53.38 21.21 -11.92
CA GLU NA 287 -52.97 20.54 -10.69
C GLU NA 287 -51.98 21.38 -9.91
N LYS NA 288 -51.08 22.08 -10.61
CA LYS NA 288 -50.04 22.86 -9.94
C LYS NA 288 -50.64 23.84 -8.94
N SER NA 289 -51.83 24.37 -9.22
CA SER NA 289 -52.53 25.26 -8.30
C SER NA 289 -53.44 24.50 -7.33
N ALA NA 290 -53.38 23.17 -7.33
CA ALA NA 290 -54.11 22.33 -6.38
C ALA NA 290 -55.62 22.48 -6.53
N LEU NA 291 -56.09 22.79 -7.74
CA LEU NA 291 -57.53 22.81 -7.98
C LEU NA 291 -58.10 21.40 -8.09
N ILE NA 292 -57.33 20.49 -8.70
CA ILE NA 292 -57.78 19.12 -8.91
C ILE NA 292 -56.72 18.16 -8.38
N GLU NA 293 -56.94 16.86 -8.59
CA GLU NA 293 -55.96 15.87 -8.21
C GLU NA 293 -54.84 15.78 -9.26
N SER NA 294 -53.68 15.30 -8.83
CA SER NA 294 -52.50 15.28 -9.68
C SER NA 294 -52.56 14.21 -10.75
N ASP NA 295 -53.04 13.01 -10.40
CA ASP NA 295 -52.89 11.83 -11.25
C ASP NA 295 -54.07 11.61 -12.20
N SER NA 296 -54.72 12.68 -12.64
CA SER NA 296 -55.80 12.55 -13.61
C SER NA 296 -55.27 12.00 -14.93
N THR NA 297 -56.09 11.18 -15.59
CA THR NA 297 -55.70 10.54 -16.84
C THR NA 297 -56.75 10.80 -17.91
N VAL NA 298 -56.28 10.93 -19.14
CA VAL NA 298 -57.14 11.17 -20.30
C VAL NA 298 -56.80 10.14 -21.37
N GLU NA 299 -57.83 9.50 -21.92
CA GLU NA 299 -57.63 8.47 -22.94
C GLU NA 299 -58.82 8.48 -23.89
N ILE NA 300 -58.66 7.79 -25.01
CA ILE NA 300 -59.71 7.75 -26.01
C ILE NA 300 -60.94 7.05 -25.45
N ASP NA 301 -62.10 7.63 -25.70
CA ASP NA 301 -63.37 7.07 -25.23
C ASP NA 301 -63.69 5.83 -26.07
N PHE NA 302 -63.48 4.65 -25.49
CA PHE NA 302 -63.77 3.42 -26.21
C PHE NA 302 -65.27 3.26 -26.47
N GLU NA 303 -66.09 3.59 -25.48
CA GLU NA 303 -67.53 3.36 -25.61
C GLU NA 303 -68.14 4.24 -26.70
N ALA NA 304 -67.81 5.53 -26.69
CA ALA NA 304 -68.37 6.45 -27.68
C ALA NA 304 -67.93 6.08 -29.09
N GLN NA 305 -66.65 5.75 -29.27
CA GLN NA 305 -66.18 5.34 -30.59
C GLN NA 305 -66.84 4.03 -31.02
N LYS NA 306 -67.03 3.10 -30.09
CA LYS NA 306 -67.72 1.86 -30.43
C LYS NA 306 -69.13 2.14 -30.90
N SER NA 307 -69.84 3.04 -30.21
CA SER NA 307 -71.18 3.40 -30.63
C SER NA 307 -71.19 4.05 -32.01
N TYR NA 308 -70.24 4.96 -32.25
CA TYR NA 308 -70.17 5.63 -33.55
C TYR NA 308 -69.89 4.65 -34.67
N LEU NA 309 -68.95 3.74 -34.45
CA LEU NA 309 -68.63 2.72 -35.45
C LEU NA 309 -69.82 1.80 -35.68
N LYS NA 310 -70.57 1.50 -34.62
CA LYS NA 310 -71.79 0.71 -34.78
C LYS NA 310 -72.82 1.45 -35.64
N SER NA 311 -72.91 2.76 -35.47
CA SER NA 311 -73.83 3.56 -36.28
C SER NA 311 -73.44 3.53 -37.76
N LYS NA 312 -72.15 3.39 -38.06
CA LYS NA 312 -71.67 3.41 -39.44
C LYS NA 312 -71.84 2.08 -40.14
N GLY NA 313 -72.27 1.03 -39.45
CA GLY NA 313 -72.46 -0.26 -40.08
C GLY NA 313 -71.21 -1.07 -40.26
N VAL NA 314 -70.18 -0.83 -39.44
CA VAL NA 314 -68.94 -1.61 -39.54
C VAL NA 314 -69.20 -3.06 -39.13
N ASP NA 315 -70.10 -3.28 -38.18
CA ASP NA 315 -70.43 -4.61 -37.67
C ASP NA 315 -69.19 -5.26 -37.05
N LEU NA 316 -68.72 -4.64 -35.98
CA LEU NA 316 -67.55 -5.12 -35.23
C LEU NA 316 -67.96 -6.11 -34.14
N SER NA 317 -68.71 -7.13 -34.53
CA SER NA 317 -69.10 -8.17 -33.59
C SER NA 317 -67.88 -8.80 -32.93
N TYR NA 318 -66.85 -9.06 -33.72
CA TYR NA 318 -65.51 -9.37 -33.23
C TYR NA 318 -64.53 -8.40 -33.87
N MET NA 319 -63.66 -7.82 -33.04
CA MET NA 319 -62.64 -6.88 -33.50
C MET NA 319 -61.69 -6.61 -32.34
N THR NA 320 -60.42 -6.37 -32.67
CA THR NA 320 -59.40 -6.13 -31.66
C THR NA 320 -59.59 -4.76 -31.03
N LEU NA 321 -59.31 -4.69 -29.71
CA LEU NA 321 -59.47 -3.43 -28.98
C LEU NA 321 -58.54 -2.35 -29.52
N GLN NA 322 -57.28 -2.71 -29.78
CA GLN NA 322 -56.34 -1.73 -30.28
C GLN NA 322 -56.74 -1.21 -31.65
N GLU NA 323 -57.30 -2.07 -32.50
CA GLU NA 323 -57.78 -1.63 -33.80
C GLU NA 323 -58.95 -0.67 -33.65
N ILE NA 324 -59.84 -0.92 -32.69
CA ILE NA 324 -60.95 0.00 -32.44
C ILE NA 324 -60.42 1.35 -31.98
N LYS NA 325 -59.45 1.36 -31.07
CA LYS NA 325 -58.91 2.62 -30.57
C LYS NA 325 -58.21 3.42 -31.65
N GLU NA 326 -57.76 2.78 -32.73
CA GLU NA 326 -57.09 3.47 -33.82
C GLU NA 326 -57.86 3.36 -35.13
N ALA NA 327 -59.16 3.07 -35.07
CA ALA NA 327 -59.94 2.92 -36.28
C ALA NA 327 -60.14 4.27 -36.97
N ASN NA 328 -60.71 4.22 -38.16
CA ASN NA 328 -60.94 5.41 -38.98
C ASN NA 328 -62.24 6.07 -38.54
N THR NA 329 -62.15 6.98 -37.57
CA THR NA 329 -63.33 7.69 -37.09
C THR NA 329 -63.87 8.63 -38.15
N GLY NA 330 -63.00 9.40 -38.80
CA GLY NA 330 -63.42 10.31 -39.84
C GLY NA 330 -63.37 11.77 -39.42
N SER NA 331 -64.53 12.43 -39.44
CA SER NA 331 -64.59 13.85 -39.13
C SER NA 331 -64.48 14.13 -37.64
N LYS NA 332 -64.99 13.25 -36.80
CA LYS NA 332 -65.09 13.50 -35.36
C LYS NA 332 -63.96 12.84 -34.59
N VAL NA 333 -63.74 13.35 -33.38
CA VAL NA 333 -62.80 12.77 -32.43
C VAL NA 333 -63.48 12.69 -31.07
N PHE NA 334 -63.38 11.53 -30.43
CA PHE NA 334 -64.05 11.28 -29.16
C PHE NA 334 -63.02 11.06 -28.08
N LEU NA 335 -63.19 11.75 -26.94
CA LEU NA 335 -62.26 11.65 -25.82
C LEU NA 335 -63.03 11.50 -24.53
N LYS NA 336 -62.40 10.83 -23.57
CA LYS NA 336 -62.95 10.68 -22.22
C LYS NA 336 -61.85 10.95 -21.21
N ALA NA 337 -62.19 11.71 -20.17
CA ALA NA 337 -61.23 12.07 -19.14
C ALA NA 337 -61.81 11.75 -17.77
N LYS NA 338 -60.98 11.18 -16.91
CA LYS NA 338 -61.33 10.95 -15.51
C LYS NA 338 -60.43 11.81 -14.63
N ILE NA 339 -61.04 12.66 -13.81
CA ILE NA 339 -60.31 13.55 -12.92
C ILE NA 339 -60.95 13.48 -11.55
N LYS NA 340 -60.20 13.93 -10.54
CA LYS NA 340 -60.67 13.98 -9.17
C LYS NA 340 -60.56 15.40 -8.66
N VAL NA 341 -61.65 15.90 -8.09
CA VAL NA 341 -61.74 17.29 -7.66
C VAL NA 341 -61.61 17.33 -6.14
N LEU NA 342 -60.66 18.12 -5.66
CA LEU NA 342 -60.45 18.27 -4.22
C LEU NA 342 -61.59 19.06 -3.61
N ASP NA 343 -62.02 18.63 -2.43
CA ASP NA 343 -63.12 19.27 -1.71
C ASP NA 343 -62.60 19.82 -0.39
N ALA NA 344 -63.06 21.01 -0.03
CA ALA NA 344 -62.68 21.59 1.25
C ALA NA 344 -63.18 20.71 2.40
N MET NA 345 -62.38 20.65 3.47
CA MET NA 345 -62.77 19.85 4.62
C MET NA 345 -64.06 20.40 5.22
N GLU NA 346 -65.00 19.49 5.50
CA GLU NA 346 -66.29 19.89 6.04
C GLU NA 346 -66.64 19.08 7.27
N ASP NA 347 -66.16 17.84 7.36
CA ASP NA 347 -66.44 16.97 8.49
C ASP NA 347 -65.15 16.33 8.96
N ILE NA 348 -64.90 16.41 10.27
CA ILE NA 348 -63.66 15.94 10.87
C ILE NA 348 -64.00 15.01 12.03
N ASP NA 349 -63.32 13.87 12.09
CA ASP NA 349 -63.50 12.90 13.15
C ASP NA 349 -62.17 12.70 13.87
N LEU NA 350 -62.21 12.68 15.20
CA LEU NA 350 -60.99 12.54 15.99
C LEU NA 350 -61.31 11.76 17.26
N SER NA 351 -60.47 10.79 17.58
CA SER NA 351 -60.64 9.94 18.75
C SER NA 351 -59.39 9.99 19.62
N ILE NA 352 -59.59 10.05 20.93
CA ILE NA 352 -58.50 10.16 21.89
C ILE NA 352 -58.65 9.07 22.94
N GLU NA 353 -57.53 8.44 23.28
CA GLU NA 353 -57.50 7.43 24.34
C GLU NA 353 -56.81 8.02 25.56
N ILE NA 354 -57.45 7.88 26.72
CA ILE NA 354 -56.91 8.41 27.96
C ILE NA 354 -55.69 7.60 28.40
N MET OA 1 -43.11 -5.21 -55.94
CA MET OA 1 -41.70 -5.37 -55.61
C MET OA 1 -40.87 -5.72 -56.82
N LEU OA 2 -39.98 -6.68 -56.66
CA LEU OA 2 -39.11 -7.18 -57.73
C LEU OA 2 -39.63 -8.55 -58.12
N LYS OA 3 -40.40 -8.60 -59.21
CA LYS OA 3 -41.02 -9.84 -59.64
C LYS OA 3 -39.99 -10.85 -60.11
N TYR OA 4 -40.26 -12.13 -59.86
CA TYR OA 4 -39.33 -13.19 -60.25
C TYR OA 4 -39.27 -13.34 -61.76
N LYS OA 5 -40.39 -13.07 -62.46
CA LYS OA 5 -40.42 -13.20 -63.91
C LYS OA 5 -39.36 -12.31 -64.56
N GLU OA 6 -39.12 -11.13 -64.00
CA GLU OA 6 -38.11 -10.24 -64.57
C GLU OA 6 -36.72 -10.86 -64.49
N ILE OA 7 -36.38 -11.44 -63.35
CA ILE OA 7 -35.08 -12.09 -63.20
C ILE OA 7 -34.95 -13.26 -64.16
N LEU OA 8 -36.00 -14.08 -64.24
CA LEU OA 8 -35.95 -15.23 -65.12
C LEU OA 8 -35.78 -14.81 -66.58
N GLU OA 9 -36.53 -13.79 -67.00
CA GLU OA 9 -36.44 -13.31 -68.38
C GLU OA 9 -35.06 -12.71 -68.66
N THR OA 10 -34.48 -12.01 -67.68
CA THR OA 10 -33.13 -11.48 -67.89
C THR OA 10 -32.13 -12.60 -68.11
N ILE OA 11 -32.22 -13.67 -67.30
CA ILE OA 11 -31.29 -14.77 -67.48
C ILE OA 11 -31.49 -15.45 -68.83
N ILE OA 12 -32.75 -15.65 -69.22
CA ILE OA 12 -33.03 -16.26 -70.53
C ILE OA 12 -32.49 -15.38 -71.64
N GLU OA 13 -32.61 -14.06 -71.50
CA GLU OA 13 -32.11 -13.15 -72.53
C GLU OA 13 -30.60 -13.27 -72.65
N ILE OA 14 -29.89 -13.31 -71.52
CA ILE OA 14 -28.43 -13.45 -71.57
C ILE OA 14 -28.04 -14.74 -72.25
N LEU OA 15 -28.68 -15.85 -71.86
CA LEU OA 15 -28.33 -17.15 -72.45
C LEU OA 15 -28.69 -17.19 -73.92
N LYS OA 16 -29.75 -16.51 -74.33
CA LYS OA 16 -30.13 -16.46 -75.74
C LYS OA 16 -29.12 -15.67 -76.55
N LYS OA 17 -28.61 -14.57 -76.00
CA LYS OA 17 -27.59 -13.81 -76.71
C LYS OA 17 -26.31 -14.63 -76.86
N ASN OA 18 -25.89 -15.32 -75.79
CA ASN OA 18 -24.56 -15.93 -75.84
C ASN OA 18 -24.55 -17.26 -76.61
N PHE OA 19 -25.56 -18.10 -76.43
CA PHE OA 19 -25.54 -19.46 -76.98
C PHE OA 19 -26.61 -19.64 -78.04
N THR OA 20 -26.26 -20.42 -79.07
CA THR OA 20 -27.18 -20.67 -80.18
C THR OA 20 -28.23 -21.73 -79.86
N GLU OA 21 -27.91 -22.68 -78.98
CA GLU OA 21 -28.85 -23.75 -78.67
C GLU OA 21 -30.09 -23.19 -77.99
N SER OA 22 -31.21 -23.88 -78.19
CA SER OA 22 -32.48 -23.42 -77.64
C SER OA 22 -32.51 -23.55 -76.13
N ILE OA 23 -33.32 -22.70 -75.50
CA ILE OA 23 -33.50 -22.68 -74.05
C ILE OA 23 -34.97 -22.94 -73.76
N PHE OA 24 -35.24 -23.90 -72.88
CA PHE OA 24 -36.60 -24.29 -72.56
C PHE OA 24 -36.81 -24.24 -71.05
N ILE OA 25 -38.07 -24.03 -70.65
CA ILE OA 25 -38.43 -23.99 -69.25
C ILE OA 25 -39.28 -25.19 -68.83
N ASP OA 26 -40.09 -25.74 -69.73
CA ASP OA 26 -40.97 -26.85 -69.40
C ASP OA 26 -40.36 -28.18 -69.84
N ASP OA 27 -40.87 -29.25 -69.23
CA ASP OA 27 -40.25 -30.57 -69.38
C ASP OA 27 -40.58 -31.18 -70.74
N GLU OA 28 -41.77 -30.91 -71.28
CA GLU OA 28 -42.14 -31.50 -72.56
C GLU OA 28 -41.20 -31.04 -73.67
N SER OA 29 -40.71 -29.81 -73.61
CA SER OA 29 -39.81 -29.33 -74.65
C SER OA 29 -38.47 -30.06 -74.58
N VAL OA 30 -37.91 -30.22 -73.38
CA VAL OA 30 -36.62 -30.89 -73.28
C VAL OA 30 -36.73 -32.36 -73.63
N GLN OA 31 -37.90 -32.98 -73.39
CA GLN OA 31 -38.08 -34.34 -73.87
C GLN OA 31 -38.23 -34.39 -75.38
N GLY OA 32 -38.95 -33.42 -75.96
CA GLY OA 32 -39.20 -33.44 -77.39
C GLY OA 32 -38.07 -32.94 -78.26
N SER OA 33 -37.17 -32.13 -77.69
CA SER OA 33 -36.08 -31.58 -78.48
C SER OA 33 -35.19 -32.69 -79.02
N GLU OA 34 -34.74 -32.52 -80.26
CA GLU OA 34 -33.90 -33.51 -80.94
C GLU OA 34 -32.42 -33.24 -80.74
N GLY OA 35 -32.05 -32.14 -80.10
CA GLY OA 35 -30.65 -31.84 -79.84
C GLY OA 35 -30.46 -31.34 -78.42
N SER OA 36 -29.22 -30.98 -78.11
CA SER OA 36 -28.91 -30.45 -76.79
C SER OA 36 -29.63 -29.13 -76.56
N CYS OA 37 -30.18 -28.98 -75.36
CA CYS OA 37 -30.94 -27.78 -75.01
C CYS OA 37 -30.75 -27.46 -73.54
N PHE OA 38 -30.73 -26.17 -73.23
CA PHE OA 38 -30.60 -25.71 -71.86
C PHE OA 38 -31.93 -25.84 -71.12
N PHE OA 39 -31.83 -25.83 -69.79
CA PHE OA 39 -33.00 -25.82 -68.92
C PHE OA 39 -32.71 -24.82 -67.80
N VAL OA 40 -33.61 -23.86 -67.61
CA VAL OA 40 -33.42 -22.79 -66.63
C VAL OA 40 -34.65 -22.71 -65.75
N SER OA 41 -34.44 -22.67 -64.44
CA SER OA 41 -35.54 -22.56 -63.49
C SER OA 41 -35.00 -22.03 -62.18
N ILE OA 42 -35.92 -21.53 -61.35
CA ILE OA 42 -35.59 -21.07 -60.00
C ILE OA 42 -35.77 -22.25 -59.05
N LEU OA 43 -34.72 -22.58 -58.31
CA LEU OA 43 -34.75 -23.77 -57.48
C LEU OA 43 -35.48 -23.52 -56.17
N SER OA 44 -34.96 -22.60 -55.35
CA SER OA 44 -35.54 -22.36 -54.03
C SER OA 44 -35.43 -20.87 -53.70
N VAL OA 45 -36.38 -20.40 -52.89
CA VAL OA 45 -36.40 -19.04 -52.40
C VAL OA 45 -36.69 -19.07 -50.91
N ILE OA 46 -35.85 -18.40 -50.13
CA ILE OA 46 -35.99 -18.34 -48.67
C ILE OA 46 -36.12 -16.88 -48.27
N CYS OA 47 -37.20 -16.54 -47.57
CA CYS OA 47 -37.47 -15.19 -47.14
C CYS OA 47 -37.40 -15.11 -45.61
N THR OA 48 -36.66 -14.13 -45.11
CA THR OA 48 -36.47 -13.96 -43.67
C THR OA 48 -36.70 -12.49 -43.32
N PRO OA 49 -37.53 -12.21 -42.32
CA PRO OA 49 -37.76 -10.81 -41.92
C PRO OA 49 -36.61 -10.30 -41.06
N VAL OA 50 -35.97 -9.23 -41.52
CA VAL OA 50 -34.89 -8.59 -40.78
C VAL OA 50 -35.24 -7.18 -40.32
N MET OA 51 -36.34 -6.61 -40.79
CA MET OA 51 -36.74 -5.27 -40.41
C MET OA 51 -38.25 -5.23 -40.31
N LEU OA 52 -38.79 -4.11 -39.84
CA LEU OA 52 -40.24 -3.96 -39.78
C LEU OA 52 -40.85 -3.97 -41.16
N ASN OA 53 -40.11 -3.47 -42.17
CA ASN OA 53 -40.64 -3.36 -43.52
C ASN OA 53 -39.89 -4.16 -44.56
N THR OA 54 -38.63 -4.54 -44.31
CA THR OA 54 -37.82 -5.19 -45.32
C THR OA 54 -37.67 -6.67 -45.01
N ASN OA 55 -37.36 -7.44 -46.05
CA ASN OA 55 -37.13 -8.87 -45.95
C ASN OA 55 -35.79 -9.21 -46.59
N ASN OA 56 -35.15 -10.25 -46.07
CA ASN OA 56 -33.91 -10.77 -46.64
C ASN OA 56 -34.26 -12.00 -47.47
N LYS OA 57 -33.91 -11.98 -48.75
CA LYS OA 57 -34.29 -13.04 -49.68
C LYS OA 57 -33.04 -13.67 -50.28
N ASP OA 58 -33.06 -15.00 -50.35
CA ASP OA 58 -32.00 -15.77 -51.00
C ASP OA 58 -32.62 -16.58 -52.14
N ILE OA 59 -32.04 -16.46 -53.32
CA ILE OA 59 -32.55 -17.13 -54.51
C ILE OA 59 -31.46 -18.04 -55.06
N VAL OA 60 -31.82 -19.28 -55.34
CA VAL OA 60 -30.93 -20.26 -55.94
C VAL OA 60 -31.43 -20.57 -57.34
N ILE OA 61 -30.57 -20.43 -58.33
CA ILE OA 61 -30.94 -20.53 -59.74
C ILE OA 61 -30.16 -21.66 -60.37
N SER OA 62 -30.86 -22.54 -61.08
CA SER OA 62 -30.28 -23.75 -61.64
C SER OA 62 -30.30 -23.68 -63.15
N ILE OA 63 -29.16 -23.99 -63.77
CA ILE OA 63 -29.02 -24.07 -65.23
C ILE OA 63 -28.51 -25.46 -65.57
N LYS OA 64 -29.21 -26.14 -66.47
CA LYS OA 64 -28.87 -27.50 -66.86
C LYS OA 64 -28.58 -27.57 -68.35
N TYR OA 65 -27.63 -28.43 -68.71
CA TYR OA 65 -27.33 -28.71 -70.11
C TYR OA 65 -27.46 -30.21 -70.35
N LEU OA 66 -28.28 -30.57 -71.32
CA LEU OA 66 -28.60 -31.97 -71.61
C LEU OA 66 -28.18 -32.32 -73.02
N PRO OA 67 -27.02 -32.94 -73.23
CA PRO OA 67 -26.57 -33.30 -74.58
C PRO OA 67 -27.24 -34.59 -75.04
N LYS OA 68 -28.09 -34.47 -76.06
CA LYS OA 68 -28.86 -35.61 -76.56
C LYS OA 68 -28.04 -36.55 -77.45
N PRO OA 69 -27.21 -36.05 -78.37
CA PRO OA 69 -26.35 -36.98 -79.13
C PRO OA 69 -25.42 -37.78 -78.24
N GLN OA 70 -25.04 -37.22 -77.09
CA GLN OA 70 -24.31 -37.89 -76.01
C GLN OA 70 -22.87 -38.21 -76.40
N SER OA 71 -22.46 -37.94 -77.64
CA SER OA 71 -21.08 -38.09 -78.08
C SER OA 71 -20.32 -36.77 -78.00
N LYS OA 72 -20.94 -35.72 -77.46
CA LYS OA 72 -20.38 -34.38 -77.42
C LYS OA 72 -20.02 -33.96 -76.00
N SER OA 73 -19.43 -34.87 -75.23
CA SER OA 73 -19.19 -34.60 -73.82
C SER OA 73 -18.18 -33.46 -73.61
N ILE OA 74 -17.22 -33.30 -74.51
CA ILE OA 74 -16.26 -32.21 -74.38
C ILE OA 74 -16.96 -30.87 -74.52
N ARG OA 75 -18.04 -30.83 -75.31
CA ARG OA 75 -18.82 -29.60 -75.43
C ARG OA 75 -19.40 -29.19 -74.09
N MET OA 76 -19.64 -30.15 -73.19
CA MET OA 76 -20.13 -29.82 -71.86
C MET OA 76 -19.11 -28.97 -71.10
N TYR OA 77 -17.84 -29.38 -71.12
CA TYR OA 77 -16.82 -28.61 -70.44
C TYR OA 77 -16.60 -27.26 -71.13
N GLU OA 78 -16.70 -27.24 -72.46
CA GLU OA 78 -16.62 -25.97 -73.18
C GLU OA 78 -17.71 -25.01 -72.71
N ILE OA 79 -18.94 -25.51 -72.61
CA ILE OA 79 -20.06 -24.68 -72.19
C ILE OA 79 -19.89 -24.23 -70.75
N SER OA 80 -19.35 -25.10 -69.90
CA SER OA 80 -19.11 -24.72 -68.51
C SER OA 80 -18.12 -23.55 -68.43
N ASP OA 81 -17.00 -23.66 -69.14
CA ASP OA 81 -16.01 -22.59 -69.06
C ASP OA 81 -16.53 -21.30 -69.68
N GLU OA 82 -17.35 -21.40 -70.73
CA GLU OA 82 -17.98 -20.20 -71.28
C GLU OA 82 -18.96 -19.58 -70.29
N LEU OA 83 -19.74 -20.42 -69.60
CA LEU OA 83 -20.72 -19.93 -68.63
C LEU OA 83 -20.05 -19.21 -67.47
N ASN OA 84 -18.87 -19.70 -67.06
CA ASN OA 84 -18.24 -19.14 -65.87
C ASN OA 84 -17.97 -17.64 -66.00
N LYS OA 85 -17.79 -17.14 -67.23
CA LYS OA 85 -17.44 -15.73 -67.41
C LYS OA 85 -18.64 -14.80 -67.24
N LEU OA 86 -19.82 -15.23 -67.67
CA LEU OA 86 -20.96 -14.33 -67.72
C LEU OA 86 -21.46 -13.93 -66.33
N PHE OA 87 -21.29 -14.81 -65.35
CA PHE OA 87 -21.90 -14.60 -64.04
C PHE OA 87 -20.84 -14.42 -62.96
N ASN OA 88 -19.84 -13.59 -63.23
CA ASN OA 88 -18.73 -13.40 -62.30
C ASN OA 88 -19.16 -12.85 -60.95
N ARG OA 89 -19.70 -11.63 -60.93
CA ARG OA 89 -19.95 -10.95 -59.66
C ARG OA 89 -21.43 -10.66 -59.43
N ASN OA 90 -22.12 -10.06 -60.40
CA ASN OA 90 -23.51 -9.69 -60.21
C ASN OA 90 -24.22 -9.63 -61.55
N ILE OA 91 -25.55 -9.67 -61.49
CA ILE OA 91 -26.38 -9.51 -62.67
C ILE OA 91 -27.31 -8.31 -62.43
N LYS OA 92 -27.75 -7.72 -63.54
CA LYS OA 92 -28.43 -6.43 -63.51
C LYS OA 92 -29.86 -6.62 -64.01
N VAL OA 93 -30.82 -6.40 -63.12
CA VAL OA 93 -32.23 -6.53 -63.45
C VAL OA 93 -32.99 -5.34 -62.88
N THR OA 94 -33.79 -4.69 -63.73
CA THR OA 94 -34.56 -3.49 -63.37
C THR OA 94 -33.63 -2.46 -62.71
N ASP OA 95 -32.38 -2.46 -63.17
CA ASP OA 95 -31.30 -1.67 -62.56
C ASP OA 95 -31.25 -1.85 -61.05
N ARG OA 96 -31.03 -3.08 -60.61
CA ARG OA 96 -30.71 -3.35 -59.21
C ARG OA 96 -29.72 -4.51 -59.21
N LYS OA 97 -28.44 -4.19 -59.00
CA LYS OA 97 -27.40 -5.19 -59.13
C LYS OA 97 -27.42 -6.10 -57.93
N LEU OA 98 -27.59 -7.40 -58.17
CA LEU OA 98 -27.78 -8.39 -57.12
C LEU OA 98 -26.48 -9.18 -56.96
N ASN OA 99 -25.91 -9.16 -55.76
CA ASN OA 99 -24.65 -9.84 -55.51
C ASN OA 99 -24.81 -11.35 -55.67
N ILE OA 100 -23.80 -11.97 -56.26
CA ILE OA 100 -23.75 -13.42 -56.41
C ILE OA 100 -22.79 -13.96 -55.35
N THR OA 101 -23.34 -14.58 -54.31
CA THR OA 101 -22.52 -14.98 -53.18
C THR OA 101 -21.71 -16.25 -53.45
N LYS OA 102 -22.21 -17.16 -54.28
CA LYS OA 102 -21.54 -18.43 -54.45
C LYS OA 102 -21.87 -19.03 -55.81
N LEU OA 103 -20.91 -19.77 -56.35
CA LEU OA 103 -21.07 -20.49 -57.61
C LEU OA 103 -20.76 -21.96 -57.37
N GLU OA 104 -21.68 -22.84 -57.76
CA GLU OA 104 -21.50 -24.28 -57.59
C GLU OA 104 -22.01 -24.99 -58.82
N GLN OA 105 -21.23 -25.97 -59.30
CA GLN OA 105 -21.64 -26.80 -60.41
C GLN OA 105 -21.18 -28.23 -60.15
N SER OA 106 -21.85 -29.18 -60.79
CA SER OA 106 -21.50 -30.58 -60.63
C SER OA 106 -22.01 -31.36 -61.84
N ILE OA 107 -21.29 -32.44 -62.15
CA ILE OA 107 -21.67 -33.35 -63.23
C ILE OA 107 -22.04 -34.68 -62.60
N LYS OA 108 -23.31 -35.07 -62.76
CA LYS OA 108 -23.81 -36.31 -62.20
C LYS OA 108 -24.50 -37.12 -63.29
N LYS OA 109 -24.76 -38.39 -62.97
CA LYS OA 109 -25.45 -39.28 -63.88
C LYS OA 109 -26.94 -39.27 -63.58
N GLU OA 110 -27.74 -38.84 -64.55
CA GLU OA 110 -29.19 -38.84 -64.44
C GLU OA 110 -29.75 -39.75 -65.52
N GLU OA 111 -30.60 -40.70 -65.12
CA GLU OA 111 -31.18 -41.70 -66.03
C GLU OA 111 -30.01 -42.44 -66.68
N SER OA 112 -29.91 -42.49 -68.00
CA SER OA 112 -28.82 -43.17 -68.69
C SER OA 112 -27.81 -42.21 -69.30
N ILE OA 113 -27.88 -40.92 -68.97
CA ILE OA 113 -27.03 -39.92 -69.59
C ILE OA 113 -26.35 -39.09 -68.51
N TYR OA 114 -25.35 -38.32 -68.93
CA TYR OA 114 -24.62 -37.41 -68.07
C TYR OA 114 -25.00 -35.97 -68.44
N VAL OA 115 -25.35 -35.18 -67.44
CA VAL OA 115 -25.77 -33.80 -67.65
C VAL OA 115 -24.97 -32.88 -66.74
N LEU OA 116 -24.96 -31.60 -67.08
CA LEU OA 116 -24.26 -30.58 -66.33
C LEU OA 116 -25.27 -29.71 -65.59
N ASN OA 117 -25.04 -29.53 -64.29
CA ASN OA 117 -25.89 -28.68 -63.46
C ASN OA 117 -25.06 -27.51 -62.96
N PHE OA 118 -25.57 -26.30 -63.17
CA PHE OA 118 -24.86 -25.07 -62.82
C PHE OA 118 -25.78 -24.23 -61.95
N THR OA 119 -25.30 -23.86 -60.76
CA THR OA 119 -26.10 -23.13 -59.80
C THR OA 119 -25.34 -21.93 -59.26
N PHE OA 120 -26.10 -20.90 -58.88
CA PHE OA 120 -25.54 -19.76 -58.18
C PHE OA 120 -26.63 -19.16 -57.29
N THR OA 121 -26.20 -18.39 -56.31
CA THR OA 121 -27.11 -17.84 -55.31
C THR OA 121 -27.08 -16.32 -55.35
N LEU OA 122 -28.25 -15.71 -55.36
CA LEU OA 122 -28.39 -14.26 -55.28
C LEU OA 122 -28.88 -13.87 -53.90
N ASN OA 123 -28.50 -12.67 -53.46
CA ASN OA 123 -28.86 -12.18 -52.15
C ASN OA 123 -29.15 -10.69 -52.24
N TYR OA 124 -30.32 -10.27 -51.76
CA TYR OA 124 -30.70 -8.87 -51.78
C TYR OA 124 -31.82 -8.65 -50.77
N LEU OA 125 -32.02 -7.38 -50.43
CA LEU OA 125 -33.07 -6.98 -49.50
C LEU OA 125 -34.22 -6.34 -50.25
N ASP OA 126 -35.44 -6.79 -49.98
CA ASP OA 126 -36.64 -6.29 -50.63
C ASP OA 126 -37.67 -5.99 -49.56
N SER OA 127 -38.47 -4.95 -49.80
CA SER OA 127 -39.37 -4.44 -48.80
C SER OA 127 -40.73 -4.15 -49.41
N VAL OA 128 -41.76 -4.13 -48.56
CA VAL OA 128 -43.11 -3.75 -48.92
C VAL OA 128 -43.42 -2.40 -48.29
N TYR OA 129 -44.05 -1.53 -49.06
CA TYR OA 129 -44.48 -0.22 -48.57
C TYR OA 129 -46.00 -0.15 -48.65
N GLU OA 130 -46.65 -0.02 -47.51
CA GLU OA 130 -48.10 -0.03 -47.46
C GLU OA 130 -48.65 1.29 -47.99
N GLU OA 131 -49.90 1.23 -48.44
CA GLU OA 131 -50.57 2.41 -48.96
C GLU OA 131 -50.85 3.40 -47.84
N ASP OA 132 -50.83 4.68 -48.19
CA ASP OA 132 -51.12 5.76 -47.26
C ASP OA 132 -52.51 6.32 -47.57
N VAL OA 133 -53.34 6.44 -46.54
CA VAL OA 133 -54.71 6.89 -46.70
C VAL OA 133 -54.80 8.35 -46.26
N VAL OA 134 -55.68 9.09 -46.92
CA VAL OA 134 -55.88 10.50 -46.63
C VAL OA 134 -57.00 10.64 -45.60
N TYR OA 135 -56.75 11.44 -44.57
CA TYR OA 135 -57.69 11.62 -43.48
C TYR OA 135 -58.41 12.95 -43.61
N GLU OA 136 -59.64 12.98 -43.14
CA GLU OA 136 -60.41 14.21 -43.12
C GLU OA 136 -59.87 15.16 -42.05
N ASN OA 137 -60.22 16.42 -42.18
CA ASN OA 137 -59.95 17.39 -41.13
C ASN OA 137 -60.93 17.16 -39.98
N MET OA 138 -60.49 17.52 -38.77
CA MET OA 138 -61.26 17.23 -37.56
C MET OA 138 -62.04 18.46 -37.13
N LYS OA 139 -63.32 18.25 -36.83
CA LYS OA 139 -64.18 19.30 -36.30
C LYS OA 139 -65.24 18.63 -35.44
N GLU OA 140 -65.83 19.44 -34.53
CA GLU OA 140 -66.80 18.94 -33.56
C GLU OA 140 -66.19 17.80 -32.73
N ILE OA 141 -65.14 18.13 -32.00
CA ILE OA 141 -64.41 17.17 -31.18
C ILE OA 141 -64.82 17.40 -29.73
N ASN OA 142 -65.55 16.45 -29.17
CA ASN OA 142 -66.16 16.59 -27.85
C ASN OA 142 -65.57 15.59 -26.87
N LEU OA 143 -65.57 15.96 -25.59
CA LEU OA 143 -65.10 15.11 -24.53
C LEU OA 143 -66.16 15.01 -23.44
N ASN OA 144 -66.28 13.84 -22.83
CA ASN OA 144 -67.16 13.62 -21.70
C ASN OA 144 -66.35 13.30 -20.46
N LEU OA 145 -66.77 13.84 -19.33
CA LEU OA 145 -66.09 13.64 -18.06
C LEU OA 145 -66.92 12.65 -17.23
N GLY OA 146 -66.64 11.37 -17.42
CA GLY OA 146 -67.34 10.36 -16.64
C GLY OA 146 -67.06 10.47 -15.15
N GLU OA 147 -65.86 10.90 -14.79
CA GLU OA 147 -65.52 11.15 -13.40
C GLU OA 147 -64.58 12.35 -13.29
N ALA PA 2 -56.66 50.13 34.78
CA ALA PA 2 -57.16 51.34 35.42
C ALA PA 2 -56.03 52.15 36.03
N ILE PA 3 -55.90 53.39 35.59
CA ILE PA 3 -54.85 54.28 36.09
C ILE PA 3 -55.27 54.85 37.43
N GLY PA 4 -54.41 54.72 38.43
CA GLY PA 4 -54.64 55.25 39.76
C GLY PA 4 -53.74 56.43 40.04
N LEU PA 5 -54.19 57.32 40.92
CA LEU PA 5 -53.40 58.47 41.30
C LEU PA 5 -52.11 58.01 41.97
N PRO PA 6 -50.97 58.57 41.62
CA PRO PA 6 -49.69 58.04 42.11
C PRO PA 6 -49.57 58.23 43.62
N SER PA 7 -48.88 57.29 44.25
CA SER PA 7 -48.76 57.28 45.70
C SER PA 7 -47.44 56.64 46.10
N ILE PA 8 -47.00 56.96 47.30
CA ILE PA 8 -45.84 56.34 47.92
C ILE PA 8 -46.33 55.44 49.04
N ASN PA 9 -45.80 54.22 49.11
CA ASN PA 9 -46.17 53.27 50.14
C ASN PA 9 -44.93 52.82 50.90
N ILE PA 10 -45.04 52.78 52.22
CA ILE PA 10 -43.95 52.36 53.11
C ILE PA 10 -44.46 51.17 53.89
N SER PA 11 -43.75 50.04 53.77
CA SER PA 11 -44.15 48.80 54.42
C SER PA 11 -43.11 48.43 55.47
N PHE PA 12 -43.58 48.12 56.68
CA PHE PA 12 -42.72 47.73 57.78
C PHE PA 12 -42.98 46.25 58.07
N LYS PA 13 -41.93 45.44 57.98
CA LYS PA 13 -42.02 44.01 58.24
C LYS PA 13 -40.82 43.57 59.06
N GLU PA 14 -41.01 42.50 59.84
CA GLU PA 14 -39.95 41.93 60.66
C GLU PA 14 -39.65 40.53 60.18
N LEU PA 15 -38.39 40.28 59.84
CA LEU PA 15 -37.97 38.94 59.45
C LEU PA 15 -38.05 38.02 60.66
N ALA PA 16 -38.69 36.87 60.49
CA ALA PA 16 -38.90 35.92 61.57
C ALA PA 16 -38.23 34.60 61.22
N THR PA 17 -37.40 34.09 62.13
CA THR PA 17 -36.80 32.77 61.94
C THR PA 17 -37.89 31.72 61.93
N THR PA 18 -37.86 30.87 60.91
CA THR PA 18 -38.91 29.88 60.68
C THR PA 18 -38.37 28.48 60.97
N VAL PA 19 -38.99 27.80 61.92
CA VAL PA 19 -38.74 26.39 62.20
C VAL PA 19 -40.06 25.66 62.07
N LYS PA 20 -40.12 24.70 61.15
CA LYS PA 20 -41.37 23.98 60.92
C LYS PA 20 -41.84 23.32 62.21
N GLU PA 21 -43.14 23.39 62.45
CA GLU PA 21 -43.71 22.93 63.72
C GLU PA 21 -44.01 21.44 63.64
N ARG PA 22 -43.48 20.69 64.61
CA ARG PA 22 -43.68 19.26 64.68
C ARG PA 22 -44.73 18.93 65.75
N SER PA 23 -45.17 17.68 65.75
CA SER PA 23 -46.13 17.23 66.74
C SER PA 23 -45.55 17.38 68.13
N ALA PA 24 -46.32 17.98 69.04
CA ALA PA 24 -45.83 18.21 70.40
C ALA PA 24 -45.59 16.89 71.10
N ARG PA 25 -44.42 16.76 71.71
CA ARG PA 25 -44.05 15.56 72.44
C ARG PA 25 -43.70 15.92 73.88
N GLY PA 26 -44.05 15.03 74.81
CA GLY PA 26 -43.90 15.30 76.22
C GLY PA 26 -45.17 15.67 76.94
N ILE PA 27 -46.32 15.57 76.29
CA ILE PA 27 -47.60 15.89 76.91
C ILE PA 27 -48.13 14.67 77.62
N ILE PA 28 -48.94 14.89 78.67
CA ILE PA 28 -49.53 13.81 79.44
C ILE PA 28 -51.03 14.05 79.53
N ALA PA 29 -51.81 13.00 79.29
CA ALA PA 29 -53.25 13.02 79.49
C ALA PA 29 -53.60 12.02 80.58
N MET PA 30 -54.21 12.51 81.66
CA MET PA 30 -54.63 11.67 82.78
C MET PA 30 -56.13 11.74 82.92
N VAL PA 31 -56.76 10.59 83.11
CA VAL PA 31 -58.21 10.50 83.29
C VAL PA 31 -58.48 10.00 84.70
N LEU PA 32 -59.48 10.60 85.35
CA LEU PA 32 -59.85 10.24 86.71
C LEU PA 32 -61.33 10.49 86.89
N LYS PA 33 -61.92 9.78 87.85
CA LYS PA 33 -63.34 9.92 88.14
C LYS PA 33 -63.54 10.71 89.42
N ASP PA 34 -64.38 11.74 89.36
CA ASP PA 34 -64.63 12.61 90.49
C ASP PA 34 -66.01 13.25 90.32
N ALA PA 35 -66.51 13.80 91.42
CA ALA PA 35 -67.78 14.50 91.43
C ALA PA 35 -67.65 16.01 91.26
N LYS PA 36 -66.42 16.52 91.09
CA LYS PA 36 -66.19 17.95 90.99
C LYS PA 36 -65.34 18.26 89.76
N ALA PA 37 -65.57 19.44 89.20
CA ALA PA 37 -64.84 19.93 88.02
C ALA PA 37 -64.83 18.90 86.91
N LEU PA 38 -66.03 18.40 86.59
CA LEU PA 38 -66.16 17.33 85.61
C LEU PA 38 -65.69 17.81 84.23
N GLY PA 39 -65.11 16.88 83.47
CA GLY PA 39 -64.49 17.23 82.22
C GLY PA 39 -63.00 17.48 82.39
N LEU PA 40 -62.42 18.08 81.35
CA LEU PA 40 -61.01 18.42 81.39
C LEU PA 40 -60.78 19.59 82.33
N ASN PA 41 -59.58 19.60 82.95
CA ASN PA 41 -59.19 20.67 83.84
C ASN PA 41 -58.14 21.60 83.25
N GLU PA 42 -57.40 21.15 82.24
CA GLU PA 42 -56.39 21.96 81.55
C GLU PA 42 -55.35 22.49 82.53
N ILE PA 43 -54.64 21.56 83.15
CA ILE PA 43 -53.58 21.92 84.11
C ILE PA 43 -52.30 22.05 83.29
N HIS PA 44 -52.14 23.22 82.67
CA HIS PA 44 -50.93 23.48 81.89
C HIS PA 44 -49.74 23.75 82.80
N GLU PA 45 -49.98 24.44 83.92
CA GLU PA 45 -48.92 24.82 84.84
C GLU PA 45 -48.96 23.91 86.06
N LYS PA 46 -47.77 23.54 86.54
CA LYS PA 46 -47.66 22.70 87.73
C LYS PA 46 -48.29 23.34 88.96
N GLU PA 47 -48.19 24.66 89.08
CA GLU PA 47 -48.59 25.32 90.32
C GLU PA 47 -50.12 25.40 90.45
N ASP PA 48 -50.81 25.69 89.36
CA ASP PA 48 -52.25 25.93 89.43
C ASP PA 48 -53.00 24.60 89.51
N ILE PA 49 -53.75 24.42 90.60
CA ILE PA 49 -54.52 23.20 90.82
C ILE PA 49 -55.94 23.58 91.20
N PRO PA 50 -56.97 22.93 90.63
CA PRO PA 50 -58.34 23.17 91.08
C PRO PA 50 -58.52 22.79 92.54
N VAL PA 51 -59.37 23.55 93.23
CA VAL PA 51 -59.52 23.37 94.67
C VAL PA 51 -60.53 22.26 95.00
N ASP PA 52 -61.52 22.04 94.14
CA ASP PA 52 -62.62 21.14 94.49
C ASP PA 52 -62.21 19.67 94.43
N LEU PA 53 -61.15 19.33 93.71
CA LEU PA 53 -60.76 17.94 93.57
C LEU PA 53 -60.26 17.37 94.90
N SER PA 54 -60.33 16.05 95.02
CA SER PA 54 -60.01 15.38 96.27
C SER PA 54 -58.53 15.50 96.60
N ALA PA 55 -58.24 15.55 97.90
CA ALA PA 55 -56.85 15.67 98.36
C ALA PA 55 -56.02 14.47 97.94
N GLU PA 56 -56.60 13.27 97.99
CA GLU PA 56 -55.89 12.09 97.51
C GLU PA 56 -55.61 12.19 96.02
N ASN PA 57 -56.58 12.67 95.24
CA ASN PA 57 -56.35 12.91 93.83
C ASN PA 57 -55.36 14.04 93.62
N LYS PA 58 -55.35 15.03 94.52
CA LYS PA 58 -54.31 16.06 94.46
C LYS PA 58 -52.92 15.45 94.66
N GLU PA 59 -52.82 14.48 95.56
CA GLU PA 59 -51.56 13.78 95.78
C GLU PA 59 -51.14 13.00 94.53
N TYR PA 60 -52.09 12.34 93.89
CA TYR PA 60 -51.80 11.66 92.64
C TYR PA 60 -51.33 12.65 91.58
N ILE PA 61 -51.98 13.81 91.49
CA ILE PA 61 -51.53 14.86 90.59
C ILE PA 61 -50.09 15.23 90.91
N ASN PA 62 -49.78 15.41 92.20
CA ASN PA 62 -48.45 15.83 92.60
C ASN PA 62 -47.41 14.81 92.16
N LEU PA 63 -47.69 13.52 92.31
CA LEU PA 63 -46.79 12.50 91.79
C LEU PA 63 -46.66 12.60 90.28
N ALA PA 64 -47.77 12.85 89.58
CA ALA PA 64 -47.70 13.02 88.14
C ALA PA 64 -46.95 14.29 87.73
N LEU PA 65 -46.77 15.24 88.65
CA LEU PA 65 -46.12 16.50 88.32
C LEU PA 65 -44.61 16.34 88.18
N MET PA 66 -43.97 15.75 89.20
CA MET PA 66 -42.53 15.77 89.30
C MET PA 66 -41.90 15.07 88.10
N GLY PA 67 -41.11 15.81 87.34
CA GLY PA 67 -40.48 15.27 86.15
C GLY PA 67 -39.16 14.59 86.49
N ASN PA 68 -38.90 13.49 85.79
CA ASN PA 68 -37.68 12.73 86.04
C ASN PA 68 -36.44 13.58 85.77
N VAL PA 69 -36.39 14.22 84.60
CA VAL PA 69 -35.31 15.11 84.24
C VAL PA 69 -35.79 16.55 84.12
N ASN PA 70 -36.94 16.76 83.48
CA ASN PA 70 -37.50 18.08 83.27
C ASN PA 70 -39.00 18.05 83.52
N THR PA 71 -39.57 19.23 83.74
CA THR PA 71 -41.00 19.34 83.91
C THR PA 71 -41.73 18.84 82.65
N PRO PA 72 -42.81 18.08 82.79
CA PRO PA 72 -43.63 17.76 81.63
C PRO PA 72 -44.13 19.04 80.98
N ASN PA 73 -44.13 19.05 79.64
CA ASN PA 73 -44.48 20.26 78.92
C ASN PA 73 -45.93 20.66 79.17
N LYS PA 74 -46.83 19.67 79.23
CA LYS PA 74 -48.24 19.97 79.46
C LYS PA 74 -48.91 18.72 80.00
N LEU PA 75 -49.86 18.93 80.91
CA LEU PA 75 -50.63 17.85 81.53
C LEU PA 75 -52.11 18.11 81.33
N LEU PA 76 -52.82 17.09 80.87
CA LEU PA 76 -54.27 17.16 80.68
C LEU PA 76 -54.93 16.23 81.69
N VAL PA 77 -55.84 16.77 82.49
CA VAL PA 77 -56.56 16.01 83.50
C VAL PA 77 -58.04 16.07 83.17
N TYR PA 78 -58.63 14.91 82.91
CA TYR PA 78 -60.04 14.79 82.59
C TYR PA 78 -60.77 14.18 83.76
N VAL PA 79 -61.88 14.80 84.17
CA VAL PA 79 -62.70 14.31 85.26
C VAL PA 79 -63.95 13.68 84.66
N ILE PA 80 -64.21 12.43 85.06
CA ILE PA 80 -65.30 11.65 84.51
C ILE PA 80 -66.22 11.26 85.65
N GLU PA 81 -67.48 10.99 85.31
CA GLU PA 81 -68.46 10.59 86.32
C GLU PA 81 -68.25 9.13 86.71
N GLY PA 82 -68.55 8.83 87.98
CA GLY PA 82 -68.47 7.45 88.43
C GLY PA 82 -69.40 6.55 87.64
N GLU PA 83 -68.89 5.37 87.29
CA GLU PA 83 -69.58 4.34 86.52
C GLU PA 83 -69.89 4.78 85.09
N ALA PA 84 -69.35 5.91 84.63
CA ALA PA 84 -69.50 6.32 83.25
C ALA PA 84 -68.74 5.42 82.29
N ASP PA 85 -67.87 4.55 82.81
CA ASP PA 85 -67.14 3.56 82.04
C ASP PA 85 -66.14 4.25 81.12
N ILE PA 86 -65.56 3.52 80.18
CA ILE PA 86 -64.38 3.97 79.47
C ILE PA 86 -64.72 4.81 78.25
N GLN PA 87 -65.78 4.46 77.52
CA GLN PA 87 -66.00 5.04 76.19
C GLN PA 87 -66.26 6.54 76.23
N THR PA 88 -66.91 7.02 77.30
CA THR PA 88 -67.17 8.45 77.40
C THR PA 88 -65.89 9.26 77.47
N ALA PA 89 -64.91 8.78 78.23
CA ALA PA 89 -63.59 9.41 78.24
C ALA PA 89 -62.82 9.11 76.97
N LEU PA 90 -63.08 7.96 76.34
CA LEU PA 90 -62.39 7.61 75.11
C LEU PA 90 -62.72 8.58 73.99
N ASP PA 91 -63.98 9.01 73.90
CA ASP PA 91 -64.35 10.00 72.91
C ASP PA 91 -63.56 11.30 73.10
N PHE PA 92 -63.47 11.75 74.36
CA PHE PA 92 -62.69 12.94 74.66
C PHE PA 92 -61.22 12.76 74.26
N LEU PA 93 -60.63 11.62 74.63
CA LEU PA 93 -59.22 11.39 74.34
C LEU PA 93 -58.98 11.32 72.84
N GLU PA 94 -59.91 10.70 72.10
CA GLU PA 94 -59.79 10.67 70.64
C GLU PA 94 -59.90 12.07 70.06
N THR PA 95 -60.70 12.94 70.67
CA THR PA 95 -60.88 14.28 70.12
C THR PA 95 -59.60 15.09 70.16
N LYS PA 96 -58.81 14.95 71.22
CA LYS PA 96 -57.63 15.79 71.44
C LYS PA 96 -56.35 14.96 71.38
N GLU PA 97 -55.26 15.63 71.01
CA GLU PA 97 -53.96 14.99 70.94
C GLU PA 97 -53.41 14.73 72.34
N PHE PA 98 -52.66 13.63 72.45
CA PHE PA 98 -52.01 13.27 73.71
C PHE PA 98 -50.91 12.27 73.41
N ASN PA 99 -50.05 12.04 74.41
CA ASN PA 99 -48.92 11.14 74.27
C ASN PA 99 -49.01 9.94 75.20
N TYR PA 100 -49.18 10.17 76.50
CA TYR PA 100 -49.21 9.12 77.49
C TYR PA 100 -50.49 9.20 78.31
N LEU PA 101 -51.08 8.05 78.60
CA LEU PA 101 -52.34 7.97 79.33
C LEU PA 101 -52.15 7.09 80.57
N CYS PA 102 -52.67 7.57 81.70
CA CYS PA 102 -52.62 6.81 82.94
C CYS PA 102 -53.82 7.17 83.78
N MET PA 103 -54.19 6.27 84.69
CA MET PA 103 -55.33 6.53 85.55
C MET PA 103 -55.15 5.74 86.84
N PRO PA 104 -55.29 6.39 88.00
CA PRO PA 104 -55.00 5.70 89.26
C PRO PA 104 -56.00 4.61 89.62
N LYS PA 105 -57.29 4.95 89.64
CA LYS PA 105 -58.33 4.03 90.07
C LYS PA 105 -59.00 3.42 88.86
N ALA PA 106 -59.00 2.08 88.79
CA ALA PA 106 -59.66 1.39 87.69
C ALA PA 106 -59.89 -0.06 88.09
N VAL PA 107 -60.91 -0.67 87.49
CA VAL PA 107 -61.16 -2.09 87.64
C VAL PA 107 -60.41 -2.83 86.54
N GLU PA 108 -60.26 -4.15 86.70
CA GLU PA 108 -59.51 -4.94 85.73
C GLU PA 108 -60.19 -4.91 84.37
N ALA PA 109 -61.53 -4.94 84.34
CA ALA PA 109 -62.24 -4.83 83.07
C ALA PA 109 -61.97 -3.48 82.41
N ASP PA 110 -61.83 -2.43 83.21
CA ASP PA 110 -61.48 -1.12 82.66
C ASP PA 110 -60.09 -1.17 82.02
N LYS PA 111 -59.13 -1.85 82.66
CA LYS PA 111 -57.81 -1.99 82.08
C LYS PA 111 -57.86 -2.78 80.77
N THR PA 112 -58.66 -3.84 80.73
CA THR PA 112 -58.80 -4.61 79.49
C THR PA 112 -59.41 -3.75 78.38
N ALA PA 113 -60.40 -2.93 78.73
CA ALA PA 113 -60.98 -2.02 77.75
C ALA PA 113 -59.94 -1.01 77.26
N ILE PA 114 -59.11 -0.51 78.17
CA ILE PA 114 -58.03 0.39 77.77
C ILE PA 114 -57.12 -0.30 76.76
N LYS PA 115 -56.71 -1.52 77.05
CA LYS PA 115 -55.82 -2.26 76.17
C LYS PA 115 -56.44 -2.46 74.80
N ASN PA 116 -57.68 -2.94 74.77
CA ASN PA 116 -58.34 -3.21 73.49
C ASN PA 116 -58.53 -1.93 72.69
N TRP PA 117 -58.94 -0.84 73.35
CA TRP PA 117 -59.16 0.41 72.63
C TRP PA 117 -57.85 0.95 72.06
N ILE PA 118 -56.77 0.89 72.84
CA ILE PA 118 -55.50 1.41 72.34
C ILE PA 118 -55.00 0.57 71.16
N ILE PA 119 -55.09 -0.76 71.27
CA ILE PA 119 -54.63 -1.61 70.19
C ILE PA 119 -55.45 -1.35 68.92
N LYS PA 120 -56.77 -1.22 69.07
CA LYS PA 120 -57.61 -0.95 67.91
C LYS PA 120 -57.30 0.42 67.31
N LEU PA 121 -57.06 1.42 68.16
CA LEU PA 121 -56.88 2.79 67.66
C LEU PA 121 -55.54 2.97 66.98
N ARG PA 122 -54.48 2.37 67.51
CA ARG PA 122 -53.16 2.56 66.90
C ARG PA 122 -53.11 2.01 65.49
N ASP PA 123 -53.92 1.01 65.17
CA ASP PA 123 -53.94 0.42 63.84
C ASP PA 123 -55.01 1.01 62.95
N ILE PA 124 -56.24 1.17 63.46
CA ILE PA 124 -57.33 1.70 62.64
C ILE PA 124 -57.09 3.17 62.32
N ASP PA 125 -56.75 3.96 63.33
CA ASP PA 125 -56.69 5.41 63.18
C ASP PA 125 -55.30 5.92 62.84
N LYS PA 126 -54.30 5.05 62.77
CA LYS PA 126 -52.92 5.46 62.49
C LYS PA 126 -52.46 6.54 63.46
N VAL PA 127 -52.78 6.36 64.73
CA VAL PA 127 -52.39 7.28 65.79
C VAL PA 127 -51.53 6.52 66.79
N LYS PA 128 -50.35 7.05 67.08
CA LYS PA 128 -49.39 6.41 67.98
C LYS PA 128 -49.52 7.04 69.35
N VAL PA 129 -50.15 6.31 70.28
CA VAL PA 129 -50.28 6.73 71.66
C VAL PA 129 -49.94 5.53 72.54
N LYS PA 130 -49.51 5.83 73.77
CA LYS PA 130 -49.07 4.80 74.71
C LYS PA 130 -49.67 5.07 76.08
N ALA PA 131 -49.76 4.02 76.88
CA ALA PA 131 -50.32 4.11 78.22
C ALA PA 131 -49.59 3.16 79.16
N VAL PA 132 -49.65 3.47 80.44
CA VAL PA 132 -49.07 2.64 81.49
C VAL PA 132 -50.20 2.05 82.32
N LEU PA 133 -50.22 0.74 82.45
CA LEU PA 133 -51.31 0.04 83.10
C LEU PA 133 -50.81 -0.68 84.35
N GLY PA 134 -51.69 -0.79 85.34
CA GLY PA 134 -51.28 -1.32 86.64
C GLY PA 134 -50.84 -2.77 86.57
N LYS PA 135 -51.64 -3.62 85.92
CA LYS PA 135 -51.30 -5.03 85.81
C LYS PA 135 -52.03 -5.60 84.60
N VAL PA 136 -51.30 -5.78 83.50
CA VAL PA 136 -51.83 -6.38 82.28
C VAL PA 136 -50.78 -7.30 81.68
N VAL PA 137 -51.22 -8.14 80.75
CA VAL PA 137 -50.34 -9.06 80.05
C VAL PA 137 -50.40 -8.72 78.56
N GLY PA 138 -50.70 -7.46 78.25
CA GLY PA 138 -50.81 -7.05 76.87
C GLY PA 138 -49.49 -7.25 76.13
N ASN PA 139 -49.60 -7.76 74.90
CA ASN PA 139 -48.45 -8.07 74.08
C ASN PA 139 -48.24 -7.04 72.97
N HIS PA 140 -48.53 -5.78 73.24
CA HIS PA 140 -48.42 -4.73 72.25
C HIS PA 140 -47.42 -3.67 72.70
N GLU PA 141 -46.82 -2.98 71.72
CA GLU PA 141 -45.81 -1.98 72.03
C GLU PA 141 -46.40 -0.77 72.74
N GLY PA 142 -47.69 -0.52 72.56
CA GLY PA 142 -48.32 0.68 73.08
C GLY PA 142 -48.67 0.66 74.55
N ILE PA 143 -48.39 -0.42 75.25
CA ILE PA 143 -48.70 -0.55 76.67
C ILE PA 143 -47.42 -0.86 77.42
N ILE PA 144 -47.18 -0.14 78.52
CA ILE PA 144 -46.05 -0.39 79.39
C ILE PA 144 -46.58 -0.97 80.69
N ASN PA 145 -46.22 -2.22 80.97
CA ASN PA 145 -46.75 -2.96 82.11
C ASN PA 145 -45.82 -2.76 83.29
N PHE PA 146 -46.12 -1.78 84.14
CA PHE PA 146 -45.39 -1.57 85.38
C PHE PA 146 -46.07 -2.34 86.51
N THR PA 147 -45.28 -3.07 87.29
CA THR PA 147 -45.84 -3.86 88.38
C THR PA 147 -44.85 -3.90 89.53
N THR PA 148 -45.16 -3.19 90.61
CA THR PA 148 -44.37 -3.25 91.83
C THR PA 148 -45.31 -3.01 93.01
N GLU PA 149 -45.25 -3.88 94.00
CA GLU PA 149 -46.20 -3.89 95.10
C GLU PA 149 -45.62 -3.22 96.35
N ASP PA 150 -46.51 -2.67 97.17
CA ASP PA 150 -46.16 -2.10 98.47
C ASP PA 150 -45.09 -1.03 98.35
N VAL PA 151 -45.34 -0.06 97.47
CA VAL PA 151 -44.42 1.05 97.29
C VAL PA 151 -44.65 2.08 98.39
N LEU PA 152 -43.57 2.47 99.06
CA LEU PA 152 -43.64 3.43 100.17
C LEU PA 152 -43.10 4.77 99.68
N VAL PA 153 -44.01 5.72 99.46
CA VAL PA 153 -43.65 7.09 99.12
C VAL PA 153 -44.35 8.03 100.10
N GLY PA 154 -43.57 8.90 100.75
CA GLY PA 154 -44.11 9.84 101.70
C GLY PA 154 -44.91 9.20 102.81
N GLU PA 155 -44.25 8.35 103.61
CA GLU PA 155 -44.83 7.61 104.73
C GLU PA 155 -46.24 7.10 104.40
N LYS PA 156 -46.41 6.57 103.19
CA LYS PA 156 -47.72 6.13 102.72
C LYS PA 156 -47.56 4.89 101.86
N LYS PA 157 -48.56 4.02 101.92
CA LYS PA 157 -48.63 2.86 101.05
C LYS PA 157 -49.38 3.19 99.77
N TYR PA 158 -48.87 2.69 98.65
CA TYR PA 158 -49.50 2.90 97.35
C TYR PA 158 -49.62 1.57 96.64
N SER PA 159 -50.75 1.39 95.96
CA SER PA 159 -50.89 0.24 95.08
C SER PA 159 -50.12 0.47 93.78
N VAL PA 160 -49.99 -0.60 93.00
CA VAL PA 160 -49.33 -0.47 91.70
C VAL PA 160 -50.10 0.48 90.79
N ASP PA 161 -51.44 0.38 90.82
CA ASP PA 161 -52.26 1.25 89.98
C ASP PA 161 -52.07 2.71 90.35
N GLU PA 162 -52.03 3.01 91.65
CA GLU PA 162 -51.84 4.40 92.07
C GLU PA 162 -50.47 4.93 91.64
N PHE PA 163 -49.43 4.10 91.74
CA PHE PA 163 -48.09 4.54 91.40
C PHE PA 163 -47.82 4.56 89.90
N THR PA 164 -48.70 3.93 89.10
CA THR PA 164 -48.56 4.04 87.65
C THR PA 164 -48.64 5.48 87.19
N SER PA 165 -49.37 6.34 87.91
CA SER PA 165 -49.40 7.75 87.57
C SER PA 165 -48.03 8.37 87.67
N ARG PA 166 -47.33 8.13 88.79
CA ARG PA 166 -45.98 8.63 88.95
C ARG PA 166 -45.04 8.03 87.92
N VAL PA 167 -45.21 6.74 87.61
CA VAL PA 167 -44.35 6.10 86.62
C VAL PA 167 -44.52 6.75 85.26
N ALA PA 168 -45.78 7.00 84.86
CA ALA PA 168 -46.04 7.64 83.58
C ALA PA 168 -45.51 9.07 83.53
N GLY PA 169 -45.67 9.81 84.64
CA GLY PA 169 -45.10 11.14 84.68
C GLY PA 169 -43.60 11.13 84.55
N LEU PA 170 -42.94 10.17 85.21
CA LEU PA 170 -41.50 10.01 85.09
C LEU PA 170 -41.11 9.69 83.65
N ILE PA 171 -41.85 8.80 82.99
CA ILE PA 171 -41.55 8.43 81.61
C ILE PA 171 -41.69 9.63 80.70
N ALA PA 172 -42.76 10.41 80.86
CA ALA PA 172 -42.96 11.56 80.00
C ALA PA 172 -41.98 12.68 80.30
N GLY PA 173 -41.48 12.76 81.53
CA GLY PA 173 -40.57 13.84 81.89
C GLY PA 173 -39.24 13.76 81.17
N THR PA 174 -38.72 12.55 80.97
CA THR PA 174 -37.39 12.40 80.41
C THR PA 174 -37.37 12.80 78.94
N PRO PA 175 -36.24 13.33 78.45
CA PRO PA 175 -36.15 13.69 77.03
C PRO PA 175 -35.99 12.48 76.14
N LEU PA 176 -35.94 12.70 74.82
CA LEU PA 176 -35.76 11.59 73.89
C LEU PA 176 -34.33 11.09 73.87
N SER PA 177 -33.36 11.97 74.11
CA SER PA 177 -31.96 11.58 74.00
C SER PA 177 -31.59 10.53 75.03
N GLN PA 178 -31.94 10.75 76.28
CA GLN PA 178 -31.59 9.84 77.36
C GLN PA 178 -32.70 8.81 77.55
N SER PA 179 -32.31 7.62 77.99
CA SER PA 179 -33.24 6.52 78.21
C SER PA 179 -33.58 6.42 79.70
N VAL PA 180 -34.78 5.88 79.97
CA VAL PA 180 -35.25 5.74 81.34
C VAL PA 180 -34.49 4.68 82.13
N THR PA 181 -33.64 3.90 81.46
CA THR PA 181 -32.89 2.84 82.14
C THR PA 181 -31.95 3.44 83.17
N TYR PA 182 -31.97 2.86 84.38
CA TYR PA 182 -31.06 3.23 85.46
C TYR PA 182 -31.19 4.72 85.81
N THR PA 183 -32.37 5.08 86.28
CA THR PA 183 -32.64 6.42 86.79
C THR PA 183 -33.19 6.30 88.20
N LYS PA 184 -32.64 7.08 89.12
CA LYS PA 184 -32.95 6.96 90.53
C LYS PA 184 -34.16 7.80 90.91
N LEU PA 185 -34.93 7.30 91.89
CA LEU PA 185 -36.09 7.98 92.43
C LEU PA 185 -35.83 8.22 93.92
N SER PA 186 -35.50 9.47 94.27
CA SER PA 186 -35.24 9.81 95.66
C SER PA 186 -36.51 9.82 96.52
N ASP PA 187 -37.69 9.78 95.91
CA ASP PA 187 -38.93 9.83 96.67
C ASP PA 187 -39.19 8.51 97.40
N VAL PA 188 -39.00 7.38 96.70
CA VAL PA 188 -39.23 6.08 97.31
C VAL PA 188 -38.12 5.78 98.31
N VAL PA 189 -38.47 5.07 99.38
CA VAL PA 189 -37.50 4.78 100.44
C VAL PA 189 -37.33 3.28 100.62
N ASP PA 190 -38.36 2.51 100.31
CA ASP PA 190 -38.30 1.07 100.57
C ASP PA 190 -39.23 0.32 99.62
N ILE PA 191 -38.80 -0.88 99.24
CA ILE PA 191 -39.57 -1.80 98.41
C ILE PA 191 -39.43 -3.18 99.05
N PRO PA 192 -40.44 -4.04 99.01
CA PRO PA 192 -40.27 -5.41 99.52
C PRO PA 192 -39.09 -6.10 98.87
N LYS PA 193 -38.30 -6.80 99.69
CA LYS PA 193 -37.06 -7.39 99.22
C LYS PA 193 -37.34 -8.58 98.31
N MET PA 194 -36.45 -8.78 97.34
CA MET PA 194 -36.65 -9.78 96.31
C MET PA 194 -35.31 -10.07 95.64
N THR PA 195 -35.09 -11.34 95.30
CA THR PA 195 -33.79 -11.78 94.81
C THR PA 195 -33.57 -11.37 93.35
N LYS PA 196 -32.30 -11.36 92.95
CA LYS PA 196 -31.94 -10.86 91.63
C LYS PA 196 -32.40 -11.81 90.53
N VAL PA 197 -32.32 -13.12 90.78
CA VAL PA 197 -32.73 -14.08 89.76
C VAL PA 197 -34.22 -13.95 89.47
N ASP PA 198 -35.01 -13.66 90.50
CA ASP PA 198 -36.44 -13.41 90.28
C ASP PA 198 -36.64 -12.17 89.43
N ALA PA 199 -35.85 -11.12 89.68
CA ALA PA 199 -35.94 -9.91 88.87
C ALA PA 199 -35.59 -10.20 87.42
N GLU PA 200 -34.57 -11.02 87.19
CA GLU PA 200 -34.24 -11.43 85.83
C GLU PA 200 -35.41 -12.17 85.19
N SER PA 201 -36.08 -13.02 85.98
CA SER PA 201 -37.25 -13.74 85.47
C SER PA 201 -38.36 -12.78 85.04
N ARG PA 202 -38.72 -11.83 85.90
CA ARG PA 202 -39.77 -10.89 85.56
C ARG PA 202 -39.39 -10.03 84.37
N VAL PA 203 -38.13 -9.58 84.30
CA VAL PA 203 -37.69 -8.81 83.15
C VAL PA 203 -37.81 -9.65 81.88
N ASN PA 204 -37.49 -10.94 81.97
CA ASN PA 204 -37.68 -11.83 80.82
C ASN PA 204 -39.14 -11.93 80.43
N LYS PA 205 -40.05 -11.81 81.40
CA LYS PA 205 -41.48 -11.87 81.12
C LYS PA 205 -41.99 -10.65 80.39
N GLY PA 206 -41.18 -9.59 80.27
CA GLY PA 206 -41.64 -8.32 79.77
C GLY PA 206 -42.21 -7.41 80.84
N GLU PA 207 -42.27 -7.88 82.08
CA GLU PA 207 -42.80 -7.09 83.18
C GLU PA 207 -41.78 -6.04 83.61
N LEU PA 208 -42.24 -4.81 83.77
CA LEU PA 208 -41.39 -3.73 84.25
C LEU PA 208 -41.51 -3.65 85.77
N ILE PA 209 -40.39 -3.81 86.47
CA ILE PA 209 -40.37 -3.84 87.92
C ILE PA 209 -39.30 -2.89 88.43
N LEU PA 210 -39.43 -2.52 89.69
CA LEU PA 210 -38.48 -1.64 90.36
C LEU PA 210 -37.48 -2.48 91.14
N ILE PA 211 -36.19 -2.22 90.92
CA ILE PA 211 -35.12 -3.03 91.51
C ILE PA 211 -34.27 -2.11 92.37
N LYS PA 212 -33.53 -2.73 93.30
CA LYS PA 212 -32.60 -2.03 94.16
C LYS PA 212 -31.17 -2.46 93.80
N GLU PA 213 -30.35 -1.48 93.46
CA GLU PA 213 -28.92 -1.69 93.22
C GLU PA 213 -28.17 -0.41 93.57
N ALA PA 214 -26.88 -0.56 93.82
CA ALA PA 214 -25.98 0.56 94.13
C ALA PA 214 -26.54 1.31 95.34
N GLY PA 215 -26.35 2.62 95.38
CA GLY PA 215 -26.77 3.42 96.50
C GLY PA 215 -28.24 3.82 96.48
N ALA PA 216 -28.80 4.04 95.29
CA ALA PA 216 -30.13 4.60 95.15
C ALA PA 216 -31.05 3.63 94.41
N ILE PA 217 -32.34 3.75 94.69
CA ILE PA 217 -33.35 2.91 94.07
C ILE PA 217 -33.61 3.40 92.64
N ARG PA 218 -33.51 2.49 91.67
CA ARG PA 218 -33.60 2.89 90.27
C ARG PA 218 -34.43 1.89 89.49
N ILE PA 219 -35.09 2.40 88.44
CA ILE PA 219 -35.72 1.53 87.45
C ILE PA 219 -34.64 0.88 86.59
N ALA PA 220 -34.89 -0.35 86.17
CA ALA PA 220 -33.90 -1.14 85.42
C ALA PA 220 -34.46 -1.52 84.06
N ARG PA 221 -33.88 -0.93 83.01
CA ARG PA 221 -34.06 -1.35 81.63
C ARG PA 221 -35.54 -1.49 81.26
N GLY PA 222 -36.22 -0.34 81.27
CA GLY PA 222 -37.61 -0.30 80.86
C GLY PA 222 -37.79 -0.85 79.46
N VAL PA 223 -38.70 -1.81 79.32
CA VAL PA 223 -38.91 -2.51 78.05
C VAL PA 223 -40.39 -2.52 77.73
N ASN PA 224 -40.70 -2.74 76.46
CA ASN PA 224 -42.09 -2.82 76.03
C ASN PA 224 -42.73 -4.12 76.54
N SER PA 225 -44.05 -4.10 76.64
CA SER PA 225 -44.76 -5.19 77.30
C SER PA 225 -44.73 -6.48 76.49
N LEU PA 226 -44.57 -6.40 75.17
CA LEU PA 226 -44.68 -7.60 74.35
C LEU PA 226 -43.51 -8.53 74.62
N THR PA 227 -43.80 -9.83 74.65
CA THR PA 227 -42.79 -10.86 74.80
C THR PA 227 -42.65 -11.74 73.58
N GLU PA 228 -43.70 -11.90 72.78
CA GLU PA 228 -43.65 -12.70 71.57
C GLU PA 228 -43.07 -11.88 70.44
N LEU PA 229 -42.02 -12.39 69.82
CA LEU PA 229 -41.35 -11.73 68.70
C LEU PA 229 -41.69 -12.45 67.41
N THR PA 230 -42.32 -11.74 66.49
CA THR PA 230 -42.64 -12.29 65.18
C THR PA 230 -41.51 -11.99 64.19
N ALA PA 231 -41.66 -12.54 62.98
CA ALA PA 231 -40.64 -12.31 61.96
C ALA PA 231 -40.55 -10.83 61.58
N GLU PA 232 -41.69 -10.17 61.44
CA GLU PA 232 -41.68 -8.76 61.05
C GLU PA 232 -41.28 -7.87 62.22
N LYS PA 233 -41.74 -8.19 63.43
CA LYS PA 233 -41.43 -7.39 64.61
C LYS PA 233 -40.04 -7.76 65.10
N GLY PA 234 -39.08 -6.84 64.93
CA GLY PA 234 -37.72 -7.11 65.31
C GLY PA 234 -37.47 -6.95 66.79
N GLU PA 235 -36.24 -7.29 67.19
CA GLU PA 235 -35.84 -7.16 68.59
C GLU PA 235 -35.85 -5.70 69.04
N MET PA 236 -35.43 -4.78 68.16
CA MET PA 236 -35.34 -3.38 68.53
C MET PA 236 -36.70 -2.76 68.85
N PHE PA 237 -37.79 -3.37 68.36
CA PHE PA 237 -39.12 -2.87 68.71
C PHE PA 237 -39.43 -2.99 70.19
N GLN PA 238 -38.66 -3.79 70.92
CA GLN PA 238 -38.96 -4.07 72.32
C GLN PA 238 -38.49 -2.97 73.26
N LYS PA 239 -37.72 -2.00 72.77
CA LYS PA 239 -37.21 -0.91 73.59
C LYS PA 239 -38.17 0.27 73.56
N ILE PA 240 -38.29 0.96 74.71
CA ILE PA 240 -39.21 2.09 74.81
C ILE PA 240 -38.71 3.28 74.00
N LYS PA 241 -37.40 3.55 74.07
CA LYS PA 241 -36.84 4.70 73.35
C LYS PA 241 -37.04 4.55 71.85
N ILE PA 242 -36.80 3.35 71.32
CA ILE PA 242 -36.88 3.14 69.88
C ILE PA 242 -38.33 3.31 69.40
N VAL PA 243 -39.28 2.69 70.10
CA VAL PA 243 -40.67 2.81 69.69
C VAL PA 243 -41.15 4.24 69.82
N ASP PA 244 -40.68 4.95 70.85
CA ASP PA 244 -41.10 6.35 71.05
C ASP PA 244 -40.61 7.23 69.90
N THR PA 245 -39.33 7.09 69.54
CA THR PA 245 -38.82 7.92 68.45
C THR PA 245 -39.45 7.53 67.11
N LEU PA 246 -39.73 6.25 66.91
CA LEU PA 246 -40.45 5.85 65.69
C LEU PA 246 -41.83 6.47 65.64
N ASP PA 247 -42.53 6.49 66.77
CA ASP PA 247 -43.86 7.08 66.81
C ASP PA 247 -43.83 8.58 66.52
N ILE PA 248 -42.86 9.29 67.09
CA ILE PA 248 -42.79 10.73 66.83
C ILE PA 248 -42.43 10.98 65.37
N ILE PA 249 -41.56 10.13 64.79
CA ILE PA 249 -41.24 10.26 63.37
C ILE PA 249 -42.50 10.07 62.54
N HIS PA 250 -43.29 9.04 62.86
CA HIS PA 250 -44.52 8.78 62.13
C HIS PA 250 -45.46 9.97 62.20
N SER PA 251 -45.65 10.51 63.41
CA SER PA 251 -46.59 11.62 63.57
C SER PA 251 -46.14 12.84 62.77
N ASP PA 252 -44.86 13.19 62.87
CA ASP PA 252 -44.37 14.37 62.17
C ASP PA 252 -44.50 14.20 60.65
N ILE PA 253 -44.10 13.04 60.14
CA ILE PA 253 -44.16 12.81 58.70
C ILE PA 253 -45.61 12.85 58.21
N ARG PA 254 -46.52 12.20 58.94
CA ARG PA 254 -47.92 12.21 58.53
C ARG PA 254 -48.48 13.62 58.53
N LYS PA 255 -48.18 14.40 59.56
CA LYS PA 255 -48.70 15.77 59.62
C LYS PA 255 -48.16 16.60 58.46
N VAL PA 256 -46.86 16.49 58.17
CA VAL PA 256 -46.28 17.27 57.09
C VAL PA 256 -46.92 16.90 55.76
N ILE PA 257 -47.06 15.59 55.49
CA ILE PA 257 -47.62 15.14 54.22
C ILE PA 257 -49.07 15.63 54.08
N ILE PA 258 -49.87 15.46 55.13
CA ILE PA 258 -51.28 15.82 55.02
C ILE PA 258 -51.44 17.34 54.90
N ASP PA 259 -50.54 18.11 55.51
CA ASP PA 259 -50.66 19.56 55.42
C ASP PA 259 -50.24 20.09 54.06
N ASP PA 260 -49.15 19.56 53.50
CA ASP PA 260 -48.52 20.20 52.36
C ASP PA 260 -48.83 19.53 51.03
N TYR PA 261 -48.53 18.24 50.89
CA TYR PA 261 -48.45 17.59 49.58
C TYR PA 261 -49.69 16.74 49.27
N ILE PA 262 -50.85 17.09 49.80
CA ILE PA 262 -52.07 16.33 49.54
C ILE PA 262 -52.99 17.17 48.66
N GLY PA 263 -53.29 16.64 47.47
CA GLY PA 263 -54.31 17.21 46.62
C GLY PA 263 -54.01 18.59 46.08
N LYS PA 264 -52.76 19.05 46.23
CA LYS PA 264 -52.37 20.36 45.75
C LYS PA 264 -51.33 20.32 44.65
N VAL PA 265 -50.61 19.22 44.48
CA VAL PA 265 -49.54 19.12 43.50
C VAL PA 265 -49.74 17.86 42.68
N THR PA 266 -49.52 17.98 41.37
CA THR PA 266 -49.80 16.89 40.44
C THR PA 266 -48.82 15.73 40.63
N ASN PA 267 -49.32 14.52 40.40
CA ASN PA 267 -48.49 13.32 40.49
C ASN PA 267 -47.60 13.23 39.26
N SER PA 268 -46.31 13.46 39.45
CA SER PA 268 -45.34 13.40 38.36
C SER PA 268 -43.98 13.07 38.96
N TYR PA 269 -43.05 12.67 38.09
CA TYR PA 269 -41.74 12.25 38.54
C TYR PA 269 -41.01 13.38 39.26
N ASP PA 270 -41.11 14.59 38.72
CA ASP PA 270 -40.47 15.74 39.36
C ASP PA 270 -41.05 16.01 40.75
N ASN PA 271 -42.38 15.92 40.87
CA ASN PA 271 -43.00 16.12 42.17
C ASN PA 271 -42.58 15.04 43.15
N LYS PA 272 -42.43 13.80 42.67
CA LYS PA 272 -41.94 12.73 43.53
C LYS PA 272 -40.52 13.02 44.00
N CYS PA 273 -39.67 13.53 43.10
CA CYS PA 273 -38.32 13.91 43.49
C CYS PA 273 -38.34 15.00 44.56
N LEU PA 274 -39.21 15.99 44.38
CA LEU PA 274 -39.32 17.05 45.38
C LEU PA 274 -39.77 16.50 46.74
N LEU PA 275 -40.72 15.56 46.72
CA LEU PA 275 -41.17 14.94 47.96
C LEU PA 275 -40.02 14.17 48.63
N ILE PA 276 -39.23 13.47 47.83
CA ILE PA 276 -38.06 12.76 48.37
C ILE PA 276 -37.10 13.75 49.00
N VAL PA 277 -36.88 14.89 48.35
CA VAL PA 277 -35.99 15.91 48.90
C VAL PA 277 -36.51 16.41 50.24
N ALA PA 278 -37.83 16.65 50.33
CA ALA PA 278 -38.41 17.13 51.58
C ALA PA 278 -38.23 16.11 52.71
N ILE PA 279 -38.52 14.84 52.41
CA ILE PA 279 -38.37 13.80 53.43
C ILE PA 279 -36.92 13.68 53.86
N LYS PA 280 -36.00 13.75 52.90
CA LYS PA 280 -34.58 13.67 53.23
C LYS PA 280 -34.14 14.85 54.09
N SER PA 281 -34.68 16.04 53.81
CA SER PA 281 -34.37 17.20 54.64
C SER PA 281 -34.86 17.01 56.07
N TYR PA 282 -36.08 16.48 56.23
CA TYR PA 282 -36.57 16.21 57.58
C TYR PA 282 -35.71 15.17 58.29
N LEU PA 283 -35.28 14.13 57.57
CA LEU PA 283 -34.44 13.12 58.18
C LEU PA 283 -33.08 13.68 58.55
N GLU PA 284 -32.54 14.58 57.74
CA GLU PA 284 -31.29 15.26 58.09
C GLU PA 284 -31.47 16.10 59.34
N GLU PA 285 -32.61 16.79 59.46
CA GLU PA 285 -32.87 17.55 60.68
C GLU PA 285 -32.90 16.65 61.89
N LEU PA 286 -33.55 15.49 61.78
CA LEU PA 286 -33.55 14.54 62.88
C LEU PA 286 -32.15 13.99 63.16
N GLU PA 287 -31.34 13.86 62.12
CA GLU PA 287 -29.94 13.46 62.30
C GLU PA 287 -29.19 14.48 63.14
N LYS PA 288 -29.43 15.78 62.89
CA LYS PA 288 -28.80 16.81 63.71
C LYS PA 288 -29.19 16.67 65.17
N SER PA 289 -30.40 16.18 65.45
CA SER PA 289 -30.82 15.92 66.81
C SER PA 289 -30.12 14.73 67.44
N ALA PA 290 -29.36 13.96 66.64
CA ALA PA 290 -28.56 12.82 67.09
C ALA PA 290 -29.40 11.66 67.61
N LEU PA 291 -30.66 11.56 67.19
CA LEU PA 291 -31.48 10.42 67.58
C LEU PA 291 -31.27 9.22 66.68
N ILE PA 292 -30.96 9.43 65.40
CA ILE PA 292 -30.80 8.33 64.45
C ILE PA 292 -29.39 8.38 63.86
N GLU PA 293 -29.08 7.40 63.02
CA GLU PA 293 -27.77 7.32 62.39
C GLU PA 293 -27.62 8.44 61.36
N SER PA 294 -26.36 8.75 61.02
CA SER PA 294 -26.08 9.87 60.13
C SER PA 294 -26.53 9.58 58.71
N ASP PA 295 -26.19 8.41 58.18
CA ASP PA 295 -26.40 8.10 56.77
C ASP PA 295 -27.78 7.47 56.58
N SER PA 296 -28.62 8.14 55.80
CA SER PA 296 -29.96 7.67 55.48
C SER PA 296 -30.22 7.80 53.99
N THR PA 297 -30.94 6.83 53.43
CA THR PA 297 -31.27 6.82 52.01
C THR PA 297 -32.76 6.65 51.83
N VAL PA 298 -33.37 7.55 51.07
CA VAL PA 298 -34.78 7.49 50.72
C VAL PA 298 -34.90 7.53 49.20
N GLU PA 299 -35.62 6.57 48.64
CA GLU PA 299 -35.77 6.48 47.19
C GLU PA 299 -37.12 5.88 46.85
N ILE PA 300 -37.55 6.10 45.61
CA ILE PA 300 -38.80 5.52 45.15
C ILE PA 300 -38.69 3.99 45.15
N ASP PA 301 -39.78 3.33 45.50
CA ASP PA 301 -39.79 1.88 45.57
C ASP PA 301 -40.10 1.31 44.18
N PHE PA 302 -39.24 0.41 43.72
CA PHE PA 302 -39.40 -0.17 42.39
C PHE PA 302 -40.26 -1.43 42.38
N GLU PA 303 -40.15 -2.27 43.42
CA GLU PA 303 -40.91 -3.51 43.43
C GLU PA 303 -42.41 -3.24 43.47
N ALA PA 304 -42.84 -2.36 44.38
CA ALA PA 304 -44.26 -2.06 44.50
C ALA PA 304 -44.78 -1.39 43.23
N GLN PA 305 -44.00 -0.48 42.64
CA GLN PA 305 -44.42 0.17 41.41
C GLN PA 305 -44.56 -0.84 40.28
N LYS PA 306 -43.61 -1.77 40.17
CA LYS PA 306 -43.71 -2.81 39.16
C LYS PA 306 -44.96 -3.66 39.36
N SER PA 307 -45.25 -4.03 40.61
CA SER PA 307 -46.44 -4.82 40.89
C SER PA 307 -47.70 -4.06 40.54
N TYR PA 308 -47.75 -2.77 40.87
CA TYR PA 308 -48.93 -1.95 40.56
C TYR PA 308 -49.13 -1.82 39.06
N LEU PA 309 -48.05 -1.58 38.32
CA LEU PA 309 -48.16 -1.49 36.86
C LEU PA 309 -48.61 -2.81 36.26
N LYS PA 310 -48.09 -3.93 36.77
CA LYS PA 310 -48.51 -5.24 36.28
C LYS PA 310 -49.98 -5.49 36.59
N SER PA 311 -50.46 -5.02 37.74
CA SER PA 311 -51.86 -5.25 38.11
C SER PA 311 -52.82 -4.63 37.12
N LYS PA 312 -52.42 -3.56 36.44
CA LYS PA 312 -53.23 -2.96 35.39
C LYS PA 312 -52.99 -3.59 34.02
N GLY PA 313 -52.10 -4.58 33.93
CA GLY PA 313 -51.89 -5.31 32.70
C GLY PA 313 -51.01 -4.63 31.68
N VAL PA 314 -50.27 -3.60 32.06
CA VAL PA 314 -49.39 -2.94 31.11
C VAL PA 314 -48.24 -3.87 30.72
N ASP PA 315 -47.72 -3.67 29.52
CA ASP PA 315 -46.58 -4.45 29.02
C ASP PA 315 -45.30 -3.70 29.40
N LEU PA 316 -44.72 -4.07 30.53
CA LEU PA 316 -43.50 -3.43 31.03
C LEU PA 316 -42.25 -4.25 30.74
N SER PA 317 -42.35 -5.26 29.87
CA SER PA 317 -41.21 -6.14 29.62
C SER PA 317 -40.04 -5.38 29.00
N TYR PA 318 -40.33 -4.48 28.04
CA TYR PA 318 -39.28 -3.86 27.24
C TYR PA 318 -38.85 -2.49 27.75
N MET PA 319 -39.52 -1.92 28.75
CA MET PA 319 -39.11 -0.63 29.27
C MET PA 319 -37.96 -0.78 30.25
N THR PA 320 -37.08 0.22 30.26
CA THR PA 320 -35.92 0.22 31.12
C THR PA 320 -36.34 0.46 32.58
N LEU PA 321 -35.44 0.09 33.50
CA LEU PA 321 -35.66 0.37 34.91
C LEU PA 321 -35.98 1.84 35.15
N GLN PA 322 -35.18 2.73 34.55
CA GLN PA 322 -35.47 4.15 34.64
C GLN PA 322 -36.81 4.48 33.99
N GLU PA 323 -37.12 3.84 32.87
CA GLU PA 323 -38.41 4.06 32.23
C GLU PA 323 -39.55 3.61 33.12
N ILE PA 324 -39.38 2.49 33.83
CA ILE PA 324 -40.41 2.03 34.76
C ILE PA 324 -40.59 3.03 35.89
N LYS PA 325 -39.48 3.55 36.42
CA LYS PA 325 -39.58 4.54 37.49
C LYS PA 325 -40.29 5.80 37.01
N GLU PA 326 -40.00 6.24 35.79
CA GLU PA 326 -40.61 7.44 35.23
C GLU PA 326 -42.04 7.21 34.75
N ALA PA 327 -42.52 5.97 34.73
CA ALA PA 327 -43.86 5.69 34.23
C ALA PA 327 -44.92 6.27 35.16
N ASN PA 328 -46.06 6.63 34.56
CA ASN PA 328 -47.17 7.17 35.34
C ASN PA 328 -47.83 6.06 36.15
N THR PA 329 -48.16 6.37 37.41
CA THR PA 329 -48.71 5.39 38.33
C THR PA 329 -50.08 5.77 38.87
N GLY PA 330 -50.71 6.83 38.33
CA GLY PA 330 -51.98 7.26 38.86
C GLY PA 330 -51.83 8.01 40.17
N SER PA 331 -52.89 7.93 41.00
CA SER PA 331 -52.88 8.64 42.27
C SER PA 331 -51.87 8.04 43.25
N LYS PA 332 -51.63 6.74 43.18
CA LYS PA 332 -50.78 6.06 44.15
C LYS PA 332 -49.34 6.58 44.07
N VAL PA 333 -48.68 6.61 45.21
CA VAL PA 333 -47.26 6.97 45.32
C VAL PA 333 -46.57 5.95 46.21
N PHE PA 334 -45.46 5.41 45.73
CA PHE PA 334 -44.70 4.40 46.45
C PHE PA 334 -43.31 4.94 46.78
N LEU PA 335 -42.86 4.68 48.00
CA LEU PA 335 -41.57 5.17 48.47
C LEU PA 335 -40.90 4.14 49.36
N LYS PA 336 -39.57 4.24 49.46
CA LYS PA 336 -38.79 3.36 50.29
C LYS PA 336 -37.71 4.17 50.99
N ALA PA 337 -37.37 3.74 52.21
CA ALA PA 337 -36.35 4.43 53.00
C ALA PA 337 -35.72 3.44 53.97
N LYS PA 338 -34.56 3.82 54.48
CA LYS PA 338 -33.88 3.01 55.49
C LYS PA 338 -33.14 3.93 56.45
N ILE PA 339 -33.26 3.66 57.75
CA ILE PA 339 -32.62 4.44 58.81
C ILE PA 339 -32.26 3.51 59.95
N LYS PA 340 -31.30 3.93 60.75
CA LYS PA 340 -30.85 3.18 61.92
C LYS PA 340 -31.10 4.01 63.17
N VAL PA 341 -31.68 3.39 64.18
CA VAL PA 341 -32.07 4.07 65.41
C VAL PA 341 -31.00 3.82 66.47
N LEU PA 342 -30.48 4.90 67.05
CA LEU PA 342 -29.49 4.79 68.11
C LEU PA 342 -30.17 4.45 69.43
N ASP PA 343 -29.35 3.99 70.38
CA ASP PA 343 -29.85 3.62 71.71
C ASP PA 343 -28.83 4.04 72.76
N ALA PA 344 -29.34 4.31 73.96
CA ALA PA 344 -28.48 4.67 75.08
C ALA PA 344 -27.70 3.45 75.55
N MET PA 345 -26.56 3.71 76.19
CA MET PA 345 -25.68 2.65 76.63
C MET PA 345 -26.34 1.84 77.74
N GLU PA 346 -26.34 0.52 77.60
CA GLU PA 346 -26.93 -0.38 78.58
C GLU PA 346 -25.91 -1.31 79.22
N ASP PA 347 -25.14 -2.04 78.42
CA ASP PA 347 -24.17 -2.99 78.92
C ASP PA 347 -22.78 -2.58 78.46
N ILE PA 348 -21.83 -2.57 79.40
CA ILE PA 348 -20.45 -2.18 79.14
C ILE PA 348 -19.55 -3.34 79.48
N ASP PA 349 -18.67 -3.71 78.55
CA ASP PA 349 -17.70 -4.78 78.75
C ASP PA 349 -16.30 -4.19 78.73
N LEU PA 350 -15.57 -4.37 79.82
CA LEU PA 350 -14.19 -3.90 79.93
C LEU PA 350 -13.33 -5.04 80.44
N SER PA 351 -12.25 -5.31 79.71
CA SER PA 351 -11.27 -6.33 80.10
C SER PA 351 -9.91 -5.68 80.19
N ILE PA 352 -9.26 -5.82 81.34
CA ILE PA 352 -7.93 -5.27 81.59
C ILE PA 352 -6.94 -6.41 81.68
N GLU PA 353 -5.74 -6.19 81.13
CA GLU PA 353 -4.71 -7.22 81.04
C GLU PA 353 -3.51 -6.81 81.87
N ILE PA 354 -3.10 -7.68 82.78
CA ILE PA 354 -1.95 -7.42 83.64
C ILE PA 354 -0.66 -7.47 82.83
#